data_5LF0
#
_entry.id   5LF0
#
_cell.length_a   113.070
_cell.length_b   202.370
_cell.length_c   314.790
_cell.angle_alpha   90.00
_cell.angle_beta   90.00
_cell.angle_gamma   90.00
#
_symmetry.space_group_name_H-M   'P 21 21 21'
#
loop_
_entity.id
_entity.type
_entity.pdbx_description
1 polymer 'Proteasome subunit alpha type-2'
2 polymer 'Proteasome subunit alpha type-4'
3 polymer 'Proteasome subunit alpha type-7'
4 polymer 'Proteasome subunit alpha type-5'
5 polymer 'Proteasome subunit alpha type-1'
6 polymer 'Proteasome subunit alpha type-3'
7 polymer 'Proteasome subunit alpha type-6'
8 polymer 'Proteasome subunit beta type-7'
9 polymer 'Proteasome subunit beta type-3'
10 polymer 'Proteasome subunit beta type-2'
11 polymer 'Proteasome subunit beta type-5'
12 polymer 'Proteasome subunit beta type-1'
13 polymer 'Proteasome subunit beta type-4'
14 polymer 'Proteasome subunit beta type-6'
15 polymer 'EPOXOMICIN (peptide inhibitor)'
16 non-polymer 'CHLORIDE ION'
17 non-polymer 'POTASSIUM ION'
18 non-polymer 'MAGNESIUM ION'
19 non-polymer 'PENTAETHYLENE GLYCOL'
20 water water
#
loop_
_entity_poly.entity_id
_entity_poly.type
_entity_poly.pdbx_seq_one_letter_code
_entity_poly.pdbx_strand_id
1 'polypeptide(L)'
;MAERGYSFSLTTFSPSGKLVQIEYALAAVAGGAPSVGIKAANGVVLATEKKQKSILYDERSVHKVEPITKHIGLVYSGMG
PDYRVLVHRARKLAQQYYLVYQEPIPTAQLVQRVASVMQEYTQSGGVRPFGVSLLICGWNEGRPYLFQSDPSGAYFAWKA
TAMGKNYVNGKTFLEKRYNEDLELEDAIHTAILTLKESFEGQMTEDNIEVGICNEAGFRRLTPTEVKDYLAAIA
;
A,O
2 'polypeptide(L)'
;MSRRYDSRTTIFSPEGRLYQVEYAMEAIGHAGTCLGILANDGVLLAAERRNIHKLLDEVFFSEKIYKLNEDMACSVAGIT
SDANVLTNELRLIAQRYLLQYQEPIPCEQLVTALCDIKQAYTQFGGKRPFGVSLLYIGWDKHYGFQLYQSDPSGNYGGWK
ATCIGNNSAAAVSMLKQDYKEGEMTLKSALALAIKVLNKTMDVSKLSAEKVEIATLTRENGKTVIRVLKQKEVEQLIKKH
EEEEAKAEREKKEKEQKEKDK
;
B,P
3 'polypeptide(L)'
;MSYDRAITVFSPDGHLFQVEYAQEAVKKGSTAVGVRGRDIVVLGVEKKSVAKLQDERTVRKI(YCM)ALDDNVCMAFAGL
TADARIVINRARVECQSHRLTVEDPVTVEYITRYIASLKQRYTQSNGRRPFGISALIVGFDFDGTPRLYQTDPSGTYHAW
KANAIGRGAKSVREFLEKNYTDEAIETDDLTIKLVIKALLEVVQSGGKNIELAVMRRDQSLKILNPEEIEKYVAEIEKEK
EENEKKKQKKAS
;
C,Q
4 'polypeptide(L)'
;MFLTRSEYDRGVNTFSPEGRLFQVEYAIEAIKLGSTAIGIQTSEGVCLAVEKRITSPLMEPSSIEKIVEIDAHIGCAMSG
LIADAKTLIDKARVETQNHWFTYNETMTVESVTQAVSNLALQFGEEDADPGAMSRPFGVALLFGGVDEKGPQLFHMDPSG
TFVQCDARAIGSASEGAQSSLQEVYHKSMTLKEAIKSSLIILKQVMEEKLNATNIELATVQPGQNFHMFTKEELEEVIKD
I
;
D,R
5 'polypeptide(L)'
;MFRNQYDNDVTVWSPQGRIHQIEYAMEAVKQGSATVGLKSKTHAVLVALKRAQSELAAHQKKILHVDNHIGISIAGLTAD
ARLLCNFMRQECLDSRFVFDRPLPVSRLVSLIGSKTQIPTQRYGRRPYGVGLLIAGYDDMGPHIFQT(6V1)PSANYFDC
RAMSIGARSQSARTYLERHMSEFMECNLNELVKHGLRALRETLPAEQDLTTKNVSIGIVGKDLEFTIYDDDDVSPFLEGL
EERPQRKAQPAQPADEPAEKADEPMEH
;
E,S
6 'polypeptide(L)'
;MSSIGTGYDLSASTFSPDGRVFQVEYAMKAVENSSTAIGIRCKDGVVFGVEKLVLSKLYEEGSNKRLFNVDRHVGMAVAG
LLADARSLADIAREEASNFRSNFGYNIPLKHLADRVAMYVHAYTLYSAVRPFGCSFMLGSYSVNDGAQLYMIDPSGVSYG
YWGCAIGKARQAAKTEIEKLQMKEMTCRDIVKEVAKIIYIVHDEVKDKAFELELSWVGELTNGRHEIVPKDIREEAEKYA
KESLKEEDESDDDNM
;
F,T
7 'polypeptide(L)'
;MSRGSSAGFDRHITIFSPEGRLYQVEYAFKAINQGGLTSVAVRGKD(6V1)AVIVTQKKVPDKLLDSSTVTHLFKITENI
GCVMTGMTADSRSQVQRARYEAANWKYKYGYEIPVDMLCKRIADISQVYTQNAEMRPLGC(YCM)MILIGIDEEQGPQVY
KCDPAGYY(6V1)GFKATAAGVKQTESTSFLEKKVKKKFDWTFEQTVETAITCLSTVLSIDFKPSEIEVGVVTVENPKFR
ILTEAEIDAHLVALAERD
;
G,U
8 'polypeptide(L)'
;TTIAGVVYKDGIVLGADTRATEGMVVADKNCSKIHFISPNIYCCGAGTAADTDMTTQLISSNLELHSLSTGRLPRVVTAN
RMLKQMLFRYQGYIGAALVLGGVDVTGPHLYSIYPHGSTDKLPYVTMGSGSLAAMAVFEDKFRPDMEEEEAKNLVSEAIA
AGIFNDLGSGSNIDLCVISKNKLDFLRPYTVPNKKGTRLGRYRCEKGTTAVLTEKITPLEIEVLEETVQTMDTS
;
H,V
9 'polypeptide(L)'
;MSIMSYNGGAVMAMKGKNCVAIAADRRFGIQAQMVTTDFQKIFPMGDRLYIGLAGLATDVQTVAQRLKFRLNLYELKEGR
QIKPYTLMSMVANLLYEKRFGPYYTEPVIAGLDPKTFKPFICSLDLIGCPMVTDDFVVSGTCAEQMYGMCESLWEPNMDP
DHLFETISQAMLNAVDRDAVSGMGVIVHIIEKDKITTRTLKARMD
;
I,W
10 'polypeptide(L)'
;MEYLIGIQGPDYVLVASDRVAASNIVQMKDDHDKMFKMSEKILLLCVGEAGDTVQFAEYIQKNVQLYKMRNGYELSPTAA
ANFTRRNLAD(6V1)LRSRTPYHVNLLLAGYDEHEGPALYYMDYLAALAKAPFAAHGYGAFLTLSILDRYYTPTISRERA
VELLRKCLEELQKRFILNLPTFSVRIIDKNGIHDLDNISFPKQGS
;
J,X
11 'polypeptide(L)'
;TTTLAFKFRHGVIVAADSRATAGAYIASQTVKKVIEINPYLLGTMAGGAADCSFWERLLARQCRIYELRNKERISVAAAS
KLLANMVYQYKGMGLSMGTMICGWDKRGPGLYYVDSEGNRISGATFSVGSGSVYAYGVMDRGYSYDLEVEQAYDLARRAI
YQATYRDAYSGGAVNLYHVREDGWIRVSSDNVADLHEKYSGSTP
;
K,Y
12 'polypeptide(L)'
;RFSPYVFNGGTILAIAGEDFAIVASDTRLSEGFSIHTRDSPKCYKLTDKTVIGCSGFHGDCLTLTKIIEARLKMYKHSNN
KAMTTGAIAAMLSTILYSRRFFPYYVYNIIGGLDEEGKGAVYSFDPVGSYQRDSFKAGGSASAMLQPLLDNQVGFKNMQN
VEHVPLSLDRAMRLVKDVFISAAERDVYTGDALRICIVTKEGIREETVSLRKD
;
L,Z
13 'polypeptide(L)'
;TQNPMVTGTSVLGVKFEGGVVIAADMLGSYGSLARFRNISRIMRVNNSTMLGASGDYADFQYLKQVLGQMVIDEELLGDG
HSYSPRAIHSWLTRAMYSRRSKMNPLWNTMVIGGYADGESFLGYVDMLGVAYEAPSLATGYGAYLAQPLLREVLEKQPVL
SQTEARDLVERCMRVLYYRDARSYNRFQIATVTEKGVEIEGPLSTETNWDIAHMISGFE
;
M,a
14 'polypeptide(L)'
;TTIMAVQFDGGVVLGADSRTTTGSYIANRVTDKLTPIHDRIFCCRSGSAADTQAVADAVTYQLGFHSIELNEPPLVHTAA
SLFKEMCYRYREDLMAGIIIAGWDPQEGGQVYSVPMGGMMVRQSFAIGGSGSSYIYGYVDATYREGMTKEECLQFTANAL
ALAMERDGSSGGVIRLAAIAESGVERQVLLGDQIPKFAVATLPPA
;
N,b
15 'polypeptide(L)' (ACE)(IML)IT(6VO) c,d,e,f,g,h
#
loop_
_chem_comp.id
_chem_comp.type
_chem_comp.name
_chem_comp.formula
1PE non-polymer 'PENTAETHYLENE GLYCOL' 'C10 H22 O6'
6VO non-polymer (3~{R},4~{S})-4-azanyl-2,6-dimethyl-heptane-2,3-diol 'C9 H21 N O2'
ACE non-polymer 'ACETYL GROUP' 'C2 H4 O'
CL non-polymer 'CHLORIDE ION' 'Cl -1'
K non-polymer 'POTASSIUM ION' 'K 1'
MG non-polymer 'MAGNESIUM ION' 'Mg 2'
#
# COMPACT_ATOMS: atom_id res chain seq x y z
N ARG A 4 42.37 -15.15 30.83
CA ARG A 4 41.86 -13.78 30.45
C ARG A 4 42.96 -12.82 29.94
N GLY A 5 44.09 -12.75 30.65
CA GLY A 5 45.11 -11.70 30.46
C GLY A 5 45.21 -10.92 31.78
N TYR A 6 46.41 -10.53 32.19
CA TYR A 6 46.62 -9.87 33.51
C TYR A 6 46.22 -8.39 33.43
N SER A 7 45.37 -7.93 34.35
CA SER A 7 44.86 -6.54 34.32
C SER A 7 45.63 -5.53 35.17
N PHE A 8 46.60 -6.02 35.95
CA PHE A 8 47.40 -5.14 36.83
C PHE A 8 48.65 -4.63 36.11
N SER A 9 49.15 -3.47 36.50
CA SER A 9 50.41 -2.95 35.93
C SER A 9 51.60 -3.84 36.34
N LEU A 10 52.54 -4.04 35.40
CA LEU A 10 53.84 -4.68 35.65
C LEU A 10 55.00 -3.68 35.79
N THR A 11 54.77 -2.43 35.45
CA THR A 11 55.63 -1.34 35.88
C THR A 11 54.91 -0.60 36.99
N THR A 12 55.62 -0.37 38.10
CA THR A 12 55.12 0.41 39.21
C THR A 12 56.24 1.27 39.75
N PHE A 13 55.91 2.18 40.66
CA PHE A 13 56.88 3.06 41.31
C PHE A 13 57.56 2.34 42.47
N SER A 14 58.87 2.49 42.54
CA SER A 14 59.66 2.02 43.69
C SER A 14 59.64 3.10 44.76
N PRO A 15 60.07 2.78 46.00
CA PRO A 15 60.04 3.77 47.08
C PRO A 15 60.71 5.12 46.76
N SER A 16 61.76 5.08 45.95
CA SER A 16 62.53 6.27 45.56
C SER A 16 61.96 7.01 44.35
N GLY A 17 60.79 6.59 43.86
CA GLY A 17 60.09 7.27 42.78
C GLY A 17 60.49 6.89 41.37
N LYS A 18 61.28 5.84 41.23
CA LYS A 18 61.70 5.35 39.92
C LYS A 18 60.72 4.26 39.43
N LEU A 19 60.55 4.20 38.12
CA LEU A 19 59.82 3.13 37.46
C LEU A 19 60.86 2.21 36.89
N VAL A 20 61.28 1.21 37.69
CA VAL A 20 62.48 0.44 37.34
C VAL A 20 62.32 -0.38 36.06
N GLN A 21 61.12 -0.91 35.81
CA GLN A 21 60.93 -1.61 34.54
C GLN A 21 61.28 -0.76 33.31
N ILE A 22 61.13 0.56 33.38
CA ILE A 22 61.52 1.44 32.27
C ILE A 22 63.03 1.65 32.23
N GLU A 23 63.63 1.86 33.40
CA GLU A 23 65.08 1.86 33.53
C GLU A 23 65.73 0.60 32.96
N TYR A 24 65.12 -0.54 33.25
CA TYR A 24 65.62 -1.80 32.74
C TYR A 24 65.39 -1.95 31.23
N ALA A 25 64.29 -1.39 30.71
CA ALA A 25 64.10 -1.30 29.27
C ALA A 25 65.16 -0.43 28.65
N LEU A 26 65.46 0.69 29.26
CA LEU A 26 66.60 1.52 28.82
C LEU A 26 67.92 0.75 28.74
N ALA A 27 68.16 -0.17 29.68
CA ALA A 27 69.40 -0.99 29.66
C ALA A 27 69.43 -1.91 28.45
N ALA A 28 68.27 -2.47 28.08
CA ALA A 28 68.17 -3.23 26.81
C ALA A 28 68.52 -2.38 25.61
N VAL A 29 68.07 -1.13 25.60
CA VAL A 29 68.39 -0.20 24.52
C VAL A 29 69.90 0.02 24.47
N ALA A 30 70.47 0.42 25.61
CA ALA A 30 71.92 0.67 25.77
C ALA A 30 72.82 -0.50 25.37
N GLY A 31 72.32 -1.72 25.50
CA GLY A 31 73.02 -2.91 25.05
C GLY A 31 72.80 -3.26 23.60
N GLY A 32 71.94 -2.54 22.91
CA GLY A 32 71.64 -2.81 21.50
C GLY A 32 72.70 -2.25 20.59
N ALA A 33 72.63 -2.62 19.32
CA ALA A 33 73.58 -2.14 18.32
C ALA A 33 73.51 -0.62 18.13
N PRO A 34 74.64 0.03 17.84
CA PRO A 34 74.61 1.50 17.70
C PRO A 34 73.76 2.06 16.56
N SER A 35 73.06 3.16 16.84
CA SER A 35 72.33 3.95 15.85
C SER A 35 72.72 5.42 15.94
N VAL A 36 72.70 6.09 14.79
CA VAL A 36 73.07 7.49 14.67
C VAL A 36 72.01 8.23 13.84
N GLY A 37 71.75 9.49 14.21
CA GLY A 37 70.91 10.39 13.45
C GLY A 37 71.53 11.77 13.41
N ILE A 38 71.69 12.33 12.21
CA ILE A 38 72.21 13.69 12.02
C ILE A 38 71.23 14.47 11.15
N LYS A 39 70.84 15.64 11.63
CA LYS A 39 70.00 16.57 10.88
C LYS A 39 70.86 17.62 10.17
N ALA A 40 71.06 17.43 8.86
CA ALA A 40 71.70 18.46 8.03
C ALA A 40 70.71 19.62 7.79
N ALA A 41 71.21 20.70 7.22
CA ALA A 41 70.38 21.84 6.83
C ALA A 41 69.29 21.41 5.86
N ASN A 42 69.69 20.65 4.81
CA ASN A 42 68.80 20.21 3.72
C ASN A 42 68.32 18.74 3.78
N GLY A 43 68.53 18.06 4.90
CA GLY A 43 68.10 16.68 5.03
C GLY A 43 68.44 16.02 6.36
N VAL A 44 68.13 14.74 6.48
CA VAL A 44 68.43 13.96 7.66
C VAL A 44 69.00 12.62 7.22
N VAL A 45 69.94 12.09 8.02
CA VAL A 45 70.53 10.77 7.81
C VAL A 45 70.34 9.95 9.07
N LEU A 46 69.95 8.69 8.87
CA LEU A 46 69.89 7.69 9.92
C LEU A 46 70.84 6.58 9.52
N ALA A 47 71.63 6.12 10.47
CA ALA A 47 72.60 5.05 10.23
C ALA A 47 72.63 4.13 11.42
N THR A 48 72.93 2.87 11.15
CA THR A 48 72.93 1.85 12.18
C THR A 48 73.88 0.72 11.81
N GLU A 49 74.44 0.11 12.84
CA GLU A 49 75.26 -1.08 12.71
C GLU A 49 74.36 -2.30 12.63
N LYS A 50 74.63 -3.21 11.70
CA LYS A 50 74.07 -4.57 11.76
C LYS A 50 74.93 -5.47 12.65
N LYS A 51 74.37 -5.99 13.75
CA LYS A 51 75.03 -7.06 14.56
C LYS A 51 75.08 -8.43 13.78
N GLN A 52 75.55 -8.33 12.53
CA GLN A 52 75.49 -9.39 11.54
C GLN A 52 76.76 -10.16 11.71
N LYS A 53 76.67 -11.23 12.49
CA LYS A 53 77.77 -12.18 12.60
C LYS A 53 77.88 -12.90 11.24
N SER A 54 77.75 -14.23 11.25
CA SER A 54 77.77 -15.08 10.05
C SER A 54 77.68 -14.42 8.64
N ILE A 55 78.58 -14.84 7.75
CA ILE A 55 78.42 -14.63 6.30
C ILE A 55 77.12 -15.32 5.77
N LEU A 56 76.55 -16.27 6.52
CA LEU A 56 75.30 -16.95 6.17
C LEU A 56 74.04 -16.08 6.15
N TYR A 57 74.02 -14.98 6.89
CA TYR A 57 72.88 -14.08 6.90
C TYR A 57 72.66 -13.46 5.53
N ASP A 58 71.41 -13.45 5.05
CA ASP A 58 71.03 -12.65 3.90
C ASP A 58 70.75 -11.26 4.45
N GLU A 59 71.68 -10.35 4.20
N GLU A 59 71.67 -10.35 4.22
CA GLU A 59 71.66 -9.01 4.77
CA GLU A 59 71.63 -9.01 4.79
C GLU A 59 70.50 -8.12 4.29
C GLU A 59 70.48 -8.12 4.29
N ARG A 60 70.07 -8.33 3.04
CA ARG A 60 68.92 -7.65 2.45
C ARG A 60 67.54 -8.22 2.85
N SER A 61 67.50 -9.31 3.62
CA SER A 61 66.25 -9.99 3.93
C SER A 61 65.40 -9.33 5.00
N VAL A 62 66.02 -8.62 5.93
CA VAL A 62 65.28 -7.75 6.85
C VAL A 62 66.09 -6.48 7.08
N HIS A 63 65.41 -5.38 7.36
CA HIS A 63 66.04 -4.06 7.43
C HIS A 63 65.74 -3.44 8.77
N LYS A 64 66.70 -2.70 9.28
CA LYS A 64 66.54 -1.92 10.50
C LYS A 64 66.09 -0.49 10.20
N VAL A 65 66.49 0.04 9.06
CA VAL A 65 66.06 1.34 8.59
C VAL A 65 64.78 1.14 7.76
N GLU A 66 63.65 1.59 8.28
CA GLU A 66 62.36 1.36 7.60
C GLU A 66 61.61 2.65 7.26
N PRO A 67 60.94 2.68 6.10
CA PRO A 67 59.98 3.76 5.80
C PRO A 67 58.67 3.59 6.56
N ILE A 68 58.13 4.71 7.03
CA ILE A 68 56.78 4.77 7.61
C ILE A 68 55.82 5.32 6.56
N THR A 69 56.20 6.45 5.94
CA THR A 69 55.46 7.07 4.84
C THR A 69 56.47 7.42 3.75
N LYS A 70 56.01 8.05 2.67
CA LYS A 70 56.90 8.56 1.61
C LYS A 70 57.96 9.51 2.16
N HIS A 71 57.65 10.17 3.27
CA HIS A 71 58.44 11.29 3.80
C HIS A 71 59.04 11.07 5.22
N ILE A 72 58.66 9.99 5.90
CA ILE A 72 59.12 9.67 7.25
C ILE A 72 59.82 8.31 7.31
N GLY A 73 60.86 8.22 8.12
CA GLY A 73 61.65 6.99 8.27
C GLY A 73 62.13 6.72 9.68
N LEU A 74 62.40 5.45 9.96
CA LEU A 74 62.73 4.94 11.28
C LEU A 74 64.01 4.14 11.32
N VAL A 75 64.70 4.23 12.46
CA VAL A 75 65.70 3.25 12.88
C VAL A 75 65.59 3.11 14.41
N TYR A 76 66.34 2.19 15.00
CA TYR A 76 66.23 1.92 16.43
C TYR A 76 67.50 1.35 17.03
N SER A 77 67.52 1.32 18.35
CA SER A 77 68.46 0.51 19.10
C SER A 77 67.67 -0.21 20.19
N GLY A 78 68.00 -1.49 20.39
CA GLY A 78 67.35 -2.33 21.40
C GLY A 78 66.84 -3.61 20.78
N MET A 79 65.65 -4.04 21.19
CA MET A 79 65.14 -5.33 20.75
C MET A 79 64.41 -5.19 19.43
N GLY A 80 64.86 -5.95 18.44
CA GLY A 80 64.30 -5.88 17.09
C GLY A 80 62.83 -6.22 16.98
N PRO A 81 62.39 -7.34 17.60
CA PRO A 81 60.98 -7.70 17.48
C PRO A 81 60.04 -6.67 18.08
N ASP A 82 60.42 -6.06 19.20
CA ASP A 82 59.69 -4.90 19.74
C ASP A 82 59.60 -3.79 18.68
N TYR A 83 60.69 -3.54 17.99
CA TYR A 83 60.74 -2.49 16.96
C TYR A 83 59.75 -2.72 15.82
N ARG A 84 59.61 -3.98 15.40
CA ARG A 84 58.66 -4.32 14.36
C ARG A 84 57.22 -3.98 14.73
N VAL A 85 56.87 -4.14 16.01
CA VAL A 85 55.55 -3.78 16.48
C VAL A 85 55.32 -2.30 16.27
N LEU A 86 56.30 -1.49 16.65
CA LEU A 86 56.17 -0.04 16.57
C LEU A 86 56.21 0.49 15.13
N VAL A 87 56.97 -0.16 14.25
CA VAL A 87 56.99 0.18 12.82
C VAL A 87 55.58 0.01 12.22
N HIS A 88 54.96 -1.12 12.54
CA HIS A 88 53.62 -1.45 12.09
C HIS A 88 52.59 -0.44 12.62
N ARG A 89 52.66 -0.07 13.89
CA ARG A 89 51.73 0.88 14.46
CA ARG A 89 51.73 0.87 14.47
C ARG A 89 51.93 2.26 13.85
N ALA A 90 53.20 2.66 13.69
CA ALA A 90 53.56 3.95 13.10
C ALA A 90 52.94 4.10 11.72
N ARG A 91 53.08 3.06 10.92
CA ARG A 91 52.57 3.03 9.58
C ARG A 91 51.06 3.13 9.59
N LYS A 92 50.44 2.35 10.46
CA LYS A 92 48.99 2.31 10.62
C LYS A 92 48.49 3.70 11.06
N LEU A 93 49.17 4.30 12.02
CA LEU A 93 48.87 5.67 12.47
C LEU A 93 49.02 6.73 11.40
N ALA A 94 50.06 6.60 10.58
CA ALA A 94 50.27 7.52 9.49
C ALA A 94 49.08 7.49 8.49
N GLN A 95 48.57 6.30 8.18
CA GLN A 95 47.44 6.14 7.27
C GLN A 95 46.12 6.64 7.85
N GLN A 96 45.87 6.39 9.14
CA GLN A 96 44.66 6.90 9.79
C GLN A 96 44.58 8.42 9.67
N TYR A 97 45.73 9.06 9.92
CA TYR A 97 45.87 10.49 9.75
C TYR A 97 45.59 10.90 8.31
N TYR A 98 46.20 10.20 7.36
CA TYR A 98 46.07 10.57 5.95
C TYR A 98 44.63 10.48 5.45
N LEU A 99 43.90 9.47 5.94
CA LEU A 99 42.50 9.28 5.54
C LEU A 99 41.59 10.42 6.00
N VAL A 100 41.82 10.94 7.20
CA VAL A 100 41.04 12.06 7.72
C VAL A 100 41.46 13.36 7.07
N TYR A 101 42.75 13.67 7.11
CA TYR A 101 43.25 15.00 6.72
C TYR A 101 43.71 15.18 5.28
N GLN A 102 43.97 14.09 4.55
CA GLN A 102 44.38 14.15 3.14
C GLN A 102 45.65 15.01 2.94
N GLU A 103 46.56 14.87 3.90
CA GLU A 103 47.81 15.56 3.95
C GLU A 103 48.73 14.57 4.65
N PRO A 104 49.97 14.40 4.19
CA PRO A 104 50.80 13.43 4.96
C PRO A 104 51.05 13.91 6.40
N ILE A 105 51.05 12.97 7.33
CA ILE A 105 51.24 13.29 8.76
C ILE A 105 52.54 14.04 8.97
N PRO A 106 52.50 15.20 9.67
CA PRO A 106 53.75 15.85 10.06
C PRO A 106 54.57 14.95 10.99
N THR A 107 55.89 15.00 10.85
CA THR A 107 56.79 14.15 11.61
C THR A 107 56.49 14.23 13.10
N ALA A 108 56.34 15.43 13.63
CA ALA A 108 56.09 15.62 15.06
C ALA A 108 54.81 14.96 15.53
N GLN A 109 53.79 14.97 14.67
CA GLN A 109 52.51 14.32 14.99
C GLN A 109 52.63 12.82 15.01
N LEU A 110 53.38 12.26 14.07
CA LEU A 110 53.61 10.83 14.06
C LEU A 110 54.37 10.40 15.32
N VAL A 111 55.44 11.14 15.63
CA VAL A 111 56.26 10.88 16.80
C VAL A 111 55.42 10.92 18.07
N GLN A 112 54.55 11.93 18.20
CA GLN A 112 53.64 12.04 19.36
C GLN A 112 52.72 10.83 19.51
N ARG A 113 52.16 10.36 18.41
CA ARG A 113 51.23 9.24 18.46
C ARG A 113 51.93 7.92 18.75
N VAL A 114 53.13 7.75 18.21
CA VAL A 114 53.96 6.56 18.52
C VAL A 114 54.44 6.56 19.99
N ALA A 115 54.91 7.71 20.45
CA ALA A 115 55.33 7.85 21.83
C ALA A 115 54.19 7.51 22.80
N SER A 116 52.99 7.83 22.40
CA SER A 116 51.81 7.62 23.24
C SER A 116 51.52 6.13 23.44
N VAL A 117 51.81 5.35 22.41
CA VAL A 117 51.66 3.91 22.43
C VAL A 117 52.71 3.30 23.35
N MET A 118 53.93 3.83 23.26
CA MET A 118 55.01 3.40 24.13
C MET A 118 54.63 3.70 25.59
N GLN A 119 54.04 4.85 25.87
CA GLN A 119 53.57 5.15 27.24
C GLN A 119 52.57 4.11 27.72
N GLU A 120 51.70 3.61 26.84
CA GLU A 120 50.67 2.62 27.21
C GLU A 120 51.25 1.38 27.84
N TYR A 121 52.38 0.96 27.29
CA TYR A 121 53.05 -0.26 27.70
C TYR A 121 53.88 -0.09 28.98
N THR A 122 53.89 1.12 29.55
CA THR A 122 54.44 1.35 30.89
C THR A 122 53.37 1.38 31.97
N GLN A 123 52.11 1.19 31.60
CA GLN A 123 50.98 1.34 32.53
C GLN A 123 49.86 0.31 32.36
N SER A 124 49.63 -0.12 31.14
CA SER A 124 48.52 -0.99 30.84
C SER A 124 48.78 -2.37 31.47
N GLY A 125 47.74 -3.14 31.65
CA GLY A 125 47.81 -4.39 32.38
C GLY A 125 48.62 -5.45 31.66
N GLY A 126 49.43 -6.18 32.43
CA GLY A 126 50.02 -7.44 31.98
C GLY A 126 51.02 -7.39 30.85
N VAL A 127 51.62 -6.22 30.63
CA VAL A 127 52.67 -6.05 29.62
C VAL A 127 53.89 -5.37 30.22
N ARG A 128 55.03 -5.53 29.54
CA ARG A 128 56.28 -4.83 29.84
C ARG A 128 56.49 -3.72 28.82
N PRO A 129 57.31 -2.73 29.17
CA PRO A 129 57.63 -1.70 28.18
C PRO A 129 58.36 -2.25 26.98
N PHE A 130 58.36 -1.47 25.92
CA PHE A 130 59.17 -1.77 24.75
C PHE A 130 60.62 -1.54 25.15
N GLY A 131 61.50 -2.45 24.75
CA GLY A 131 62.94 -2.31 24.96
C GLY A 131 63.61 -1.74 23.72
N VAL A 132 63.06 -0.61 23.23
CA VAL A 132 63.62 0.05 22.07
C VAL A 132 63.58 1.53 22.30
N SER A 133 64.53 2.23 21.70
CA SER A 133 64.39 3.66 21.42
C SER A 133 64.38 3.79 19.90
N LEU A 134 63.57 4.74 19.42
CA LEU A 134 63.41 4.99 17.99
C LEU A 134 64.10 6.27 17.66
N LEU A 135 64.71 6.33 16.49
CA LEU A 135 65.05 7.59 15.85
C LEU A 135 64.14 7.73 14.62
N ILE A 136 63.45 8.87 14.56
CA ILE A 136 62.43 9.12 13.56
C ILE A 136 62.83 10.35 12.78
N CYS A 137 63.01 10.20 11.47
CA CYS A 137 63.33 11.33 10.58
C CYS A 137 62.16 11.62 9.62
N GLY A 138 62.04 12.88 9.25
CA GLY A 138 61.01 13.29 8.30
C GLY A 138 61.23 14.69 7.78
N TRP A 139 60.56 14.99 6.66
CA TRP A 139 60.62 16.29 6.02
C TRP A 139 59.20 16.77 5.79
N ASN A 140 58.86 17.90 6.42
CA ASN A 140 57.62 18.61 6.10
C ASN A 140 57.68 20.09 6.53
N GLU A 141 56.79 20.91 5.97
CA GLU A 141 56.88 22.38 6.06
C GLU A 141 58.25 22.86 5.56
N GLY A 142 58.75 22.20 4.51
CA GLY A 142 60.02 22.56 3.86
C GLY A 142 61.24 22.55 4.77
N ARG A 143 61.29 21.57 5.67
CA ARG A 143 62.23 21.62 6.81
C ARG A 143 62.44 20.21 7.35
N PRO A 144 63.70 19.84 7.66
CA PRO A 144 63.97 18.50 8.22
C PRO A 144 63.68 18.37 9.71
N TYR A 145 63.37 17.15 10.16
CA TYR A 145 63.10 16.85 11.55
C TYR A 145 63.80 15.53 11.97
N LEU A 146 64.44 15.51 13.13
CA LEU A 146 64.96 14.28 13.74
C LEU A 146 64.45 14.19 15.16
N PHE A 147 63.83 13.07 15.48
CA PHE A 147 63.23 12.84 16.79
C PHE A 147 63.71 11.49 17.36
N GLN A 148 63.81 11.42 18.69
CA GLN A 148 64.02 10.18 19.42
C GLN A 148 62.79 9.94 20.33
N SER A 149 62.34 8.69 20.42
CA SER A 149 61.30 8.32 21.38
C SER A 149 61.81 7.14 22.22
N ASP A 150 61.74 7.29 23.55
CA ASP A 150 62.30 6.31 24.49
CA ASP A 150 62.32 6.31 24.49
C ASP A 150 61.23 5.38 25.07
N PRO A 151 61.64 4.27 25.74
CA PRO A 151 60.66 3.33 26.29
C PRO A 151 59.59 3.89 27.22
N SER A 152 59.85 4.99 27.90
CA SER A 152 58.83 5.66 28.72
C SER A 152 57.71 6.28 27.89
N GLY A 153 57.96 6.54 26.61
CA GLY A 153 57.08 7.34 25.79
C GLY A 153 57.49 8.81 25.78
N ALA A 154 58.64 9.13 26.34
CA ALA A 154 59.17 10.49 26.24
C ALA A 154 59.79 10.64 24.87
N TYR A 155 59.66 11.84 24.29
CA TYR A 155 60.30 12.13 23.00
C TYR A 155 61.09 13.45 23.00
N PHE A 156 62.14 13.49 22.19
CA PHE A 156 63.03 14.65 22.12
C PHE A 156 63.36 14.94 20.66
N ALA A 157 63.44 16.22 20.31
CA ALA A 157 63.94 16.64 18.99
C ALA A 157 65.43 16.87 19.07
N TRP A 158 66.17 16.20 18.19
CA TRP A 158 67.64 16.30 18.15
C TRP A 158 68.14 16.93 16.85
N LYS A 159 69.24 17.66 16.93
CA LYS A 159 70.05 18.04 15.77
C LYS A 159 70.95 16.85 15.37
N ALA A 160 71.54 16.20 16.37
CA ALA A 160 72.27 14.95 16.16
C ALA A 160 72.35 14.18 17.47
N THR A 161 72.33 12.86 17.37
CA THR A 161 72.42 12.01 18.55
C THR A 161 72.85 10.58 18.21
N ALA A 162 73.10 9.80 19.24
CA ALA A 162 73.48 8.40 19.12
C ALA A 162 72.76 7.60 20.19
N MET A 163 72.50 6.34 19.91
CA MET A 163 71.87 5.45 20.89
C MET A 163 72.41 4.03 20.72
N GLY A 164 72.17 3.17 21.70
CA GLY A 164 72.74 1.82 21.71
C GLY A 164 74.12 1.75 22.38
N LYS A 165 74.83 0.62 22.23
CA LYS A 165 76.20 0.45 22.75
C LYS A 165 77.03 1.69 22.49
N ASN A 166 77.71 2.18 23.52
CA ASN A 166 78.72 3.23 23.37
C ASN A 166 78.17 4.56 22.83
N TYR A 167 76.95 4.87 23.24
CA TYR A 167 76.25 6.05 22.76
C TYR A 167 76.81 7.33 23.36
N VAL A 168 77.22 7.28 24.62
CA VAL A 168 77.70 8.45 25.35
C VAL A 168 78.92 9.04 24.65
N ASN A 169 79.82 8.18 24.21
CA ASN A 169 80.96 8.60 23.39
C ASN A 169 80.51 9.09 22.04
N GLY A 170 79.58 8.38 21.42
CA GLY A 170 78.99 8.78 20.15
C GLY A 170 78.44 10.20 20.17
N LYS A 171 77.77 10.56 21.26
CA LYS A 171 77.21 11.89 21.45
C LYS A 171 78.29 12.97 21.53
N THR A 172 79.36 12.70 22.29
CA THR A 172 80.47 13.65 22.39
C THR A 172 81.29 13.69 21.10
N PHE A 173 81.32 12.60 20.32
CA PHE A 173 81.97 12.62 19.00
C PHE A 173 81.25 13.59 18.06
N LEU A 174 79.92 13.53 18.05
CA LEU A 174 79.07 14.43 17.28
C LEU A 174 79.07 15.87 17.82
N GLU A 175 79.12 16.01 19.15
CA GLU A 175 79.18 17.32 19.83
C GLU A 175 80.38 18.14 19.36
N LYS A 176 81.47 17.45 19.04
CA LYS A 176 82.69 18.08 18.50
C LYS A 176 82.85 17.93 16.98
N ARG A 177 81.75 17.94 16.22
CA ARG A 177 81.80 17.58 14.78
C ARG A 177 80.61 17.99 13.89
N TYR A 178 79.44 18.25 14.48
CA TYR A 178 78.28 18.77 13.77
C TYR A 178 78.25 20.30 13.83
N ASN A 179 78.03 20.96 12.68
CA ASN A 179 77.59 22.37 12.66
C ASN A 179 76.20 22.49 12.02
N GLU A 180 75.50 23.59 12.34
CA GLU A 180 74.14 23.87 11.86
C GLU A 180 74.08 23.99 10.32
N ASP A 181 75.13 24.52 9.70
CA ASP A 181 75.17 24.78 8.24
C ASP A 181 75.68 23.59 7.40
N LEU A 182 75.54 22.36 7.90
CA LEU A 182 76.11 21.18 7.26
C LEU A 182 75.19 20.60 6.17
N GLU A 183 75.79 20.22 5.03
CA GLU A 183 75.07 19.57 3.92
C GLU A 183 74.82 18.11 4.25
N LEU A 184 73.84 17.52 3.56
CA LEU A 184 73.42 16.13 3.82
C LEU A 184 74.53 15.11 3.50
N GLU A 185 75.19 15.28 2.36
CA GLU A 185 76.25 14.36 1.95
C GLU A 185 77.43 14.35 2.91
N ASP A 186 77.75 15.53 3.47
CA ASP A 186 78.74 15.64 4.52
C ASP A 186 78.24 14.92 5.77
N ALA A 187 76.99 15.17 6.13
CA ALA A 187 76.33 14.52 7.28
C ALA A 187 76.34 12.98 7.23
N ILE A 188 76.15 12.42 6.04
CA ILE A 188 76.24 10.97 5.85
C ILE A 188 77.65 10.46 6.14
N HIS A 189 78.65 11.21 5.70
CA HIS A 189 80.05 10.85 5.97
C HIS A 189 80.31 10.81 7.48
N THR A 190 79.86 11.84 8.21
CA THR A 190 80.13 11.91 9.67
C THR A 190 79.27 10.90 10.44
N ALA A 191 78.10 10.57 9.91
CA ALA A 191 77.27 9.52 10.49
C ALA A 191 78.00 8.18 10.49
N ILE A 192 78.62 7.84 9.36
CA ILE A 192 79.34 6.58 9.23
C ILE A 192 80.64 6.58 10.07
N LEU A 193 81.33 7.71 10.16
CA LEU A 193 82.49 7.85 11.06
C LEU A 193 82.10 7.69 12.54
N THR A 194 80.90 8.15 12.90
CA THR A 194 80.39 8.01 14.26
C THR A 194 80.21 6.53 14.61
N LEU A 195 79.64 5.76 13.69
CA LEU A 195 79.53 4.31 13.87
C LEU A 195 80.89 3.60 13.93
N LYS A 196 81.88 4.10 13.18
CA LYS A 196 83.24 3.53 13.17
C LYS A 196 83.97 3.66 14.52
N GLU A 197 83.64 4.69 15.29
CA GLU A 197 84.16 4.88 16.65
C GLU A 197 83.87 3.68 17.55
N SER A 198 82.66 3.14 17.44
CA SER A 198 82.21 2.06 18.31
C SER A 198 81.97 0.75 17.54
N PHE A 199 82.72 0.52 16.45
CA PHE A 199 82.41 -0.63 15.58
C PHE A 199 83.00 -1.96 16.09
N GLU A 200 84.29 -2.19 15.82
CA GLU A 200 84.92 -3.53 15.96
C GLU A 200 84.38 -4.49 14.88
N GLY A 201 85.21 -4.79 13.88
CA GLY A 201 84.85 -5.75 12.83
C GLY A 201 85.29 -5.42 11.42
N GLN A 202 85.55 -4.14 11.12
CA GLN A 202 85.79 -3.64 9.75
C GLN A 202 84.44 -3.56 9.00
N MET A 203 84.15 -2.37 8.44
CA MET A 203 82.87 -2.07 7.81
C MET A 203 82.79 -2.42 6.34
N THR A 204 81.78 -3.20 5.96
CA THR A 204 81.32 -3.28 4.58
C THR A 204 79.94 -2.65 4.46
N GLU A 205 79.48 -2.53 3.21
CA GLU A 205 78.14 -2.06 2.89
C GLU A 205 77.03 -3.05 3.26
N ASP A 206 77.40 -4.30 3.55
CA ASP A 206 76.45 -5.33 3.91
C ASP A 206 76.15 -5.37 5.42
N ASN A 207 76.99 -4.74 6.25
CA ASN A 207 76.77 -4.75 7.71
C ASN A 207 76.56 -3.37 8.34
N ILE A 208 76.39 -2.34 7.53
CA ILE A 208 75.69 -1.13 8.01
C ILE A 208 74.53 -0.78 7.09
N GLU A 209 73.60 -0.02 7.62
CA GLU A 209 72.40 0.36 6.90
C GLU A 209 72.20 1.85 7.11
N VAL A 210 71.87 2.55 6.02
CA VAL A 210 71.74 3.99 6.04
C VAL A 210 70.45 4.38 5.34
N GLY A 211 69.72 5.28 5.98
CA GLY A 211 68.57 5.93 5.37
C GLY A 211 68.79 7.42 5.35
N ILE A 212 68.25 8.06 4.32
CA ILE A 212 68.30 9.52 4.19
C ILE A 212 66.89 10.05 4.02
N CYS A 213 66.71 11.31 4.39
CA CYS A 213 65.42 11.98 4.31
C CYS A 213 65.62 13.42 3.86
N ASN A 214 64.94 13.80 2.78
CA ASN A 214 65.02 15.18 2.24
C ASN A 214 63.70 15.58 1.56
N GLU A 215 63.70 16.73 0.88
CA GLU A 215 62.57 17.20 0.09
C GLU A 215 61.96 16.13 -0.84
N ALA A 216 62.79 15.29 -1.44
CA ALA A 216 62.29 14.20 -2.30
C ALA A 216 61.58 13.05 -1.55
N GLY A 217 61.72 12.99 -0.22
CA GLY A 217 61.15 11.92 0.60
C GLY A 217 62.23 11.05 1.25
N PHE A 218 61.80 10.01 1.95
CA PHE A 218 62.68 9.12 2.70
C PHE A 218 62.96 7.83 1.94
N ARG A 219 64.20 7.36 1.98
CA ARG A 219 64.57 6.07 1.39
C ARG A 219 65.84 5.47 2.03
N ARG A 220 65.94 4.15 2.01
CA ARG A 220 67.21 3.49 2.29
C ARG A 220 68.19 3.75 1.17
N LEU A 221 69.46 3.93 1.54
CA LEU A 221 70.55 3.87 0.58
C LEU A 221 70.71 2.42 0.14
N THR A 222 71.13 2.25 -1.10
CA THR A 222 71.31 0.96 -1.69
C THR A 222 72.74 0.54 -1.34
N PRO A 223 72.98 -0.77 -1.16
CA PRO A 223 74.35 -1.26 -0.97
C PRO A 223 75.43 -0.53 -1.82
N THR A 224 75.23 -0.38 -3.13
CA THR A 224 76.21 0.33 -3.99
C THR A 224 76.42 1.81 -3.62
N GLU A 225 75.41 2.46 -3.05
CA GLU A 225 75.57 3.84 -2.57
C GLU A 225 76.41 3.86 -1.30
N VAL A 226 76.11 2.97 -0.36
CA VAL A 226 76.85 2.87 0.89
C VAL A 226 78.31 2.51 0.62
N LYS A 227 78.54 1.58 -0.33
CA LYS A 227 79.89 1.21 -0.80
C LYS A 227 80.71 2.44 -1.14
N ASP A 228 80.10 3.35 -1.92
CA ASP A 228 80.71 4.64 -2.37
C ASP A 228 81.14 5.56 -1.21
N TYR A 229 80.25 5.74 -0.23
CA TYR A 229 80.58 6.53 0.97
C TYR A 229 81.69 5.86 1.79
N LEU A 230 81.63 4.52 1.90
CA LEU A 230 82.68 3.72 2.57
C LEU A 230 84.06 3.70 1.90
N ALA A 231 84.19 4.07 0.64
CA ALA A 231 85.52 4.13 0.00
C ALA A 231 86.52 5.11 0.68
N ALA A 232 86.02 6.24 1.18
CA ALA A 232 86.76 7.26 2.01
C ALA A 232 87.11 6.78 3.44
N ILE A 233 86.22 5.96 4.00
CA ILE A 233 86.28 5.41 5.37
C ILE A 233 86.76 3.95 5.35
N SER B 2 46.60 -13.20 37.95
CA SER B 2 47.46 -14.05 38.85
C SER B 2 47.96 -13.28 40.08
N ARG B 3 47.67 -13.91 41.20
CA ARG B 3 47.84 -13.27 42.48
C ARG B 3 49.29 -13.11 42.82
N ARG B 4 50.11 -14.09 42.47
CA ARG B 4 51.55 -14.06 42.74
C ARG B 4 52.23 -12.81 42.16
N TYR B 5 51.81 -12.37 40.98
CA TYR B 5 52.49 -11.31 40.23
C TYR B 5 51.87 -9.94 40.39
N ASP B 6 50.73 -9.87 41.07
CA ASP B 6 50.02 -8.60 41.24
C ASP B 6 50.68 -7.78 42.33
N SER B 7 51.26 -6.64 41.96
CA SER B 7 51.90 -5.74 42.95
C SER B 7 50.87 -4.97 43.77
N ARG B 8 49.60 -5.00 43.39
CA ARG B 8 48.49 -4.44 44.20
C ARG B 8 48.65 -2.95 44.47
N THR B 9 48.59 -2.20 43.38
CA THR B 9 48.81 -0.76 43.38
C THR B 9 47.70 0.06 44.02
N THR B 10 46.50 -0.48 44.20
CA THR B 10 45.37 0.33 44.69
C THR B 10 44.77 -0.21 45.98
N ILE B 11 45.63 -0.49 46.97
CA ILE B 11 45.16 -0.95 48.28
C ILE B 11 45.84 -0.14 49.35
N PHE B 12 45.19 -0.04 50.50
CA PHE B 12 45.78 0.61 51.64
C PHE B 12 46.91 -0.18 52.25
N SER B 13 47.91 0.55 52.73
CA SER B 13 48.90 0.01 53.69
C SER B 13 48.27 -0.07 55.09
N PRO B 14 48.96 -0.70 56.04
CA PRO B 14 48.38 -0.74 57.39
C PRO B 14 48.22 0.59 58.16
N GLU B 15 48.84 1.69 57.70
CA GLU B 15 48.65 3.00 58.35
C GLU B 15 47.66 3.91 57.60
N GLY B 16 46.93 3.36 56.62
CA GLY B 16 45.97 4.12 55.85
C GLY B 16 46.58 4.91 54.71
N ARG B 17 47.68 4.39 54.18
CA ARG B 17 48.41 5.10 53.15
C ARG B 17 48.33 4.39 51.82
N LEU B 18 48.61 5.14 50.77
CA LEU B 18 48.61 4.64 49.41
C LEU B 18 50.02 4.80 48.89
N TYR B 19 50.79 3.71 49.03
CA TYR B 19 52.20 3.76 48.77
C TYR B 19 52.56 4.20 47.35
N GLN B 20 51.85 3.71 46.33
CA GLN B 20 52.14 4.13 44.94
C GLN B 20 51.97 5.64 44.72
N VAL B 21 50.97 6.22 45.38
CA VAL B 21 50.79 7.69 45.36
C VAL B 21 52.01 8.37 46.01
N GLU B 22 52.39 7.91 47.20
CA GLU B 22 53.55 8.45 47.90
C GLU B 22 54.83 8.31 47.07
N TYR B 23 54.97 7.15 46.43
CA TYR B 23 56.17 6.87 45.66
C TYR B 23 56.19 7.70 44.39
N ALA B 24 55.02 7.93 43.80
CA ALA B 24 54.89 8.87 42.68
C ALA B 24 55.29 10.30 43.07
N MET B 25 54.86 10.74 44.25
CA MET B 25 55.21 12.07 44.76
CA MET B 25 55.21 12.07 44.78
C MET B 25 56.72 12.23 44.98
N GLU B 26 57.45 11.12 45.24
CA GLU B 26 58.90 11.17 45.25
C GLU B 26 59.48 11.42 43.85
N ALA B 27 58.90 10.78 42.84
CA ALA B 27 59.28 11.01 41.43
C ALA B 27 59.21 12.50 41.06
N ILE B 28 58.07 13.09 41.40
CA ILE B 28 57.80 14.50 41.16
C ILE B 28 58.79 15.44 41.87
N GLY B 29 59.14 15.12 43.11
CA GLY B 29 60.12 15.88 43.85
C GLY B 29 61.47 15.98 43.16
N HIS B 30 61.81 14.97 42.37
CA HIS B 30 63.07 14.95 41.64
C HIS B 30 62.98 15.63 40.27
N ALA B 31 61.78 15.85 39.76
CA ALA B 31 61.58 16.52 38.47
C ALA B 31 61.92 18.01 38.50
N GLY B 32 61.97 18.61 37.31
CA GLY B 32 62.31 20.02 37.14
C GLY B 32 61.39 20.91 37.95
N THR B 33 61.98 21.92 38.59
CA THR B 33 61.19 22.85 39.43
C THR B 33 60.21 23.64 38.55
N CYS B 34 59.03 23.89 39.09
CA CYS B 34 57.97 24.54 38.35
C CYS B 34 57.13 25.40 39.30
N LEU B 35 57.14 26.73 39.10
CA LEU B 35 56.37 27.64 39.95
C LEU B 35 55.30 28.42 39.16
N GLY B 36 54.25 28.81 39.88
CA GLY B 36 53.13 29.56 39.32
C GLY B 36 52.87 30.73 40.23
N ILE B 37 52.63 31.91 39.65
CA ILE B 37 52.37 33.14 40.45
C ILE B 37 51.17 33.93 39.91
N LEU B 38 50.17 34.10 40.79
CA LEU B 38 48.99 34.94 40.55
C LEU B 38 49.24 36.42 40.81
N ALA B 39 48.73 37.27 39.91
CA ALA B 39 48.84 38.72 40.01
C ALA B 39 47.48 39.38 39.74
N ASN B 40 47.40 40.69 39.96
CA ASN B 40 46.19 41.48 39.67
C ASN B 40 45.82 41.54 38.20
N ASP B 41 46.84 41.62 37.33
CA ASP B 41 46.65 41.72 35.87
C ASP B 41 47.10 40.50 35.08
N GLY B 42 47.18 39.33 35.72
CA GLY B 42 47.61 38.13 35.01
C GLY B 42 48.15 37.00 35.87
N VAL B 43 48.65 35.97 35.19
CA VAL B 43 49.19 34.79 35.84
C VAL B 43 50.35 34.26 35.02
N LEU B 44 51.31 33.64 35.69
CA LEU B 44 52.51 33.14 35.03
C LEU B 44 52.87 31.73 35.48
N LEU B 45 53.62 31.05 34.61
CA LEU B 45 54.29 29.81 34.93
C LEU B 45 55.74 30.00 34.58
N ALA B 46 56.63 29.64 35.50
CA ALA B 46 58.07 29.61 35.22
C ALA B 46 58.58 28.23 35.62
N ALA B 47 59.28 27.58 34.71
CA ALA B 47 59.72 26.21 34.94
C ALA B 47 61.16 25.99 34.48
N GLU B 48 61.83 25.09 35.18
CA GLU B 48 63.15 24.64 34.82
C GLU B 48 63.06 23.73 33.61
N ARG B 49 63.91 23.98 32.62
CA ARG B 49 64.07 23.05 31.50
C ARG B 49 65.05 21.92 31.88
N ARG B 50 64.65 20.68 31.61
CA ARG B 50 65.55 19.54 31.68
C ARG B 50 66.16 19.19 30.30
N ASN B 51 65.38 19.38 29.24
CA ASN B 51 65.92 19.39 27.85
C ASN B 51 66.88 20.58 27.63
N ILE B 52 68.13 20.42 28.08
CA ILE B 52 69.19 21.44 28.00
C ILE B 52 70.49 21.01 27.29
N HIS B 53 70.62 19.75 26.90
CA HIS B 53 71.80 19.28 26.13
C HIS B 53 72.04 20.15 24.91
N LYS B 54 73.31 20.29 24.52
CA LYS B 54 73.71 21.23 23.47
C LYS B 54 73.06 20.89 22.12
N LEU B 55 73.13 19.61 21.77
CA LEU B 55 72.62 19.10 20.47
C LEU B 55 71.08 18.93 20.28
N LEU B 56 70.26 19.30 21.25
CA LEU B 56 68.79 19.31 21.08
C LEU B 56 68.36 20.33 20.02
N ASP B 57 67.21 20.11 19.35
CA ASP B 57 66.84 20.89 18.13
C ASP B 57 65.93 22.08 18.29
N GLU B 58 65.04 22.09 19.28
CA GLU B 58 64.16 23.27 19.49
C GLU B 58 63.15 23.44 18.33
N VAL B 59 62.01 22.80 18.53
CA VAL B 59 61.03 22.53 17.50
C VAL B 59 59.64 22.98 17.94
N PHE B 60 59.28 22.72 19.19
CA PHE B 60 58.04 23.22 19.75
C PHE B 60 58.29 24.59 20.38
N PHE B 61 57.20 25.29 20.67
CA PHE B 61 57.25 26.62 21.31
C PHE B 61 57.54 26.54 22.82
N SER B 62 57.34 25.37 23.42
CA SER B 62 57.82 25.11 24.79
C SER B 62 58.11 23.61 25.03
N GLU B 63 58.63 23.32 26.23
CA GLU B 63 59.01 21.97 26.67
C GLU B 63 57.97 21.42 27.64
N LYS B 64 57.62 22.23 28.64
CA LYS B 64 56.73 21.84 29.74
C LYS B 64 55.50 22.74 29.93
N ILE B 65 55.32 23.78 29.11
CA ILE B 65 54.10 24.59 29.12
C ILE B 65 53.12 24.04 28.07
N TYR B 66 51.88 23.77 28.47
CA TYR B 66 50.85 23.32 27.53
C TYR B 66 49.62 24.23 27.57
N LYS B 67 49.18 24.65 26.39
CA LYS B 67 47.89 25.31 26.23
C LYS B 67 46.80 24.26 26.29
N LEU B 68 45.78 24.50 27.11
CA LEU B 68 44.67 23.55 27.31
C LEU B 68 43.40 23.88 26.50
N ASN B 69 43.11 25.17 26.42
CA ASN B 69 42.01 25.74 25.64
C ASN B 69 42.30 27.26 25.43
N GLU B 70 41.30 28.03 25.02
CA GLU B 70 41.48 29.45 24.71
C GLU B 70 41.90 30.30 25.94
N ASP B 71 41.42 29.89 27.13
CA ASP B 71 41.61 30.65 28.35
C ASP B 71 42.53 30.01 29.42
N MET B 72 43.23 28.93 29.08
CA MET B 72 43.99 28.15 30.10
C MET B 72 45.24 27.49 29.56
N ALA B 73 46.24 27.42 30.42
CA ALA B 73 47.45 26.63 30.19
C ALA B 73 47.87 25.91 31.45
N CYS B 74 48.76 24.95 31.30
CA CYS B 74 49.33 24.27 32.42
C CYS B 74 50.79 23.99 32.23
N SER B 75 51.44 23.65 33.34
CA SER B 75 52.79 23.11 33.32
C SER B 75 52.86 21.90 34.23
N VAL B 76 53.89 21.11 34.01
CA VAL B 76 53.98 19.79 34.62
C VAL B 76 55.34 19.52 35.25
N ALA B 77 55.35 18.57 36.18
CA ALA B 77 56.55 18.10 36.84
C ALA B 77 56.34 16.64 37.15
N GLY B 78 57.22 15.80 36.62
CA GLY B 78 57.13 14.36 36.81
C GLY B 78 57.43 13.58 35.52
N ILE B 79 56.76 12.47 35.33
CA ILE B 79 56.99 11.64 34.16
C ILE B 79 56.38 12.36 32.93
N THR B 80 57.21 12.69 31.93
CA THR B 80 56.77 13.44 30.75
C THR B 80 55.65 12.75 29.96
N SER B 81 55.84 11.47 29.71
CA SER B 81 54.87 10.69 28.96
C SER B 81 53.51 10.64 29.67
N ASP B 82 53.52 10.47 30.98
CA ASP B 82 52.28 10.55 31.77
C ASP B 82 51.63 11.93 31.61
N ALA B 83 52.44 12.97 31.63
CA ALA B 83 51.96 14.34 31.49
C ALA B 83 51.28 14.59 30.12
N ASN B 84 51.79 13.94 29.07
CA ASN B 84 51.20 14.02 27.73
C ASN B 84 49.82 13.37 27.63
N VAL B 85 49.65 12.22 28.28
CA VAL B 85 48.34 11.58 28.41
C VAL B 85 47.37 12.50 29.14
N LEU B 86 47.79 13.07 30.26
CA LEU B 86 46.91 13.91 31.06
C LEU B 86 46.52 15.23 30.35
N THR B 87 47.46 15.85 29.63
CA THR B 87 47.19 17.12 28.99
C THR B 87 46.32 16.94 27.79
N ASN B 88 46.50 15.82 27.09
CA ASN B 88 45.60 15.46 26.00
C ASN B 88 44.18 15.21 26.51
N GLU B 89 44.04 14.53 27.64
CA GLU B 89 42.74 14.40 28.29
C GLU B 89 42.18 15.75 28.75
N LEU B 90 43.00 16.64 29.30
CA LEU B 90 42.52 17.98 29.68
C LEU B 90 41.89 18.74 28.50
N ARG B 91 42.52 18.68 27.34
CA ARG B 91 42.01 19.32 26.15
C ARG B 91 40.65 18.74 25.75
N LEU B 92 40.54 17.43 25.82
CA LEU B 92 39.31 16.73 25.48
CA LEU B 92 39.31 16.73 25.46
C LEU B 92 38.16 17.14 26.39
N ILE B 93 38.42 17.21 27.69
CA ILE B 93 37.39 17.60 28.67
C ILE B 93 36.89 19.00 28.36
N ALA B 94 37.84 19.91 28.09
CA ALA B 94 37.55 21.30 27.82
C ALA B 94 36.66 21.47 26.59
N GLN B 95 36.92 20.69 25.55
CA GLN B 95 36.09 20.73 24.36
C GLN B 95 34.72 20.08 24.56
N ARG B 96 34.64 19.00 25.35
CA ARG B 96 33.34 18.38 25.68
C ARG B 96 32.44 19.37 26.37
N TYR B 97 32.99 20.10 27.34
CA TYR B 97 32.26 21.17 27.99
C TYR B 97 31.81 22.24 26.97
N LEU B 98 32.72 22.67 26.10
CA LEU B 98 32.42 23.74 25.14
C LEU B 98 31.32 23.32 24.15
N LEU B 99 31.41 22.07 23.69
CA LEU B 99 30.38 21.51 22.83
C LEU B 99 29.01 21.59 23.49
N GLN B 100 28.96 21.23 24.76
CA GLN B 100 27.70 21.10 25.50
C GLN B 100 27.03 22.42 25.88
N TYR B 101 27.82 23.35 26.41
CA TYR B 101 27.32 24.61 26.95
C TYR B 101 27.58 25.82 26.06
N GLN B 102 28.45 25.67 25.05
CA GLN B 102 28.90 26.75 24.16
C GLN B 102 29.48 27.92 24.97
N GLU B 103 30.23 27.57 26.01
CA GLU B 103 31.03 28.52 26.76
C GLU B 103 32.22 27.77 27.30
N PRO B 104 33.35 28.46 27.51
CA PRO B 104 34.56 27.77 28.03
C PRO B 104 34.38 27.16 29.41
N ILE B 105 35.01 26.02 29.64
CA ILE B 105 34.99 25.37 30.98
C ILE B 105 35.63 26.27 32.04
N PRO B 106 34.95 26.49 33.18
CA PRO B 106 35.59 27.21 34.25
C PRO B 106 36.81 26.48 34.75
N CYS B 107 37.86 27.23 35.07
CA CYS B 107 39.16 26.62 35.43
C CYS B 107 39.08 25.49 36.46
N GLU B 108 38.40 25.72 37.57
CA GLU B 108 38.30 24.73 38.64
C GLU B 108 37.57 23.47 38.20
N GLN B 109 36.56 23.63 37.35
CA GLN B 109 35.86 22.49 36.79
C GLN B 109 36.73 21.59 35.90
N LEU B 110 37.68 22.18 35.19
CA LEU B 110 38.61 21.37 34.39
C LEU B 110 39.59 20.57 35.27
N VAL B 111 40.12 21.23 36.29
CA VAL B 111 41.02 20.61 37.24
C VAL B 111 40.30 19.45 37.96
N THR B 112 39.11 19.73 38.49
CA THR B 112 38.31 18.72 39.20
C THR B 112 38.06 17.52 38.33
N ALA B 113 37.69 17.76 37.07
CA ALA B 113 37.41 16.67 36.14
C ALA B 113 38.61 15.75 36.00
N LEU B 114 39.80 16.33 35.82
CA LEU B 114 41.01 15.50 35.69
C LEU B 114 41.37 14.79 36.98
N CYS B 115 41.27 15.51 38.08
CA CYS B 115 41.55 14.94 39.39
C CYS B 115 40.70 13.71 39.76
N ASP B 116 39.48 13.63 39.22
CA ASP B 116 38.61 12.47 39.40
C ASP B 116 39.14 11.24 38.63
N ILE B 117 39.76 11.47 37.48
CA ILE B 117 40.45 10.42 36.73
C ILE B 117 41.65 9.92 37.56
N LYS B 118 42.47 10.86 38.01
CA LYS B 118 43.63 10.51 38.82
C LYS B 118 43.23 9.77 40.09
N GLN B 119 42.18 10.24 40.76
CA GLN B 119 41.66 9.58 41.96
C GLN B 119 41.28 8.12 41.67
N ALA B 120 40.60 7.89 40.55
CA ALA B 120 40.17 6.54 40.17
C ALA B 120 41.34 5.57 40.05
N TYR B 121 42.45 6.03 39.48
CA TYR B 121 43.67 5.24 39.36
C TYR B 121 44.25 4.83 40.71
N THR B 122 43.90 5.52 41.80
CA THR B 122 44.28 5.16 43.16
C THR B 122 43.29 4.23 43.87
N GLN B 123 42.08 4.05 43.32
CA GLN B 123 41.03 3.29 44.02
C GLN B 123 40.66 1.98 43.35
N PHE B 124 40.72 1.92 42.03
CA PHE B 124 40.43 0.67 41.33
C PHE B 124 41.25 0.55 40.07
N GLY B 125 41.24 -0.64 39.49
CA GLY B 125 41.90 -0.90 38.21
C GLY B 125 43.25 -1.56 38.29
N GLY B 126 43.85 -1.62 39.47
CA GLY B 126 45.14 -2.30 39.62
C GLY B 126 46.28 -1.75 38.77
N LYS B 127 46.21 -0.47 38.43
CA LYS B 127 47.26 0.20 37.65
C LYS B 127 48.10 1.17 38.50
N ARG B 128 49.32 1.43 38.02
CA ARG B 128 50.15 2.45 38.62
C ARG B 128 49.47 3.78 38.37
N PRO B 129 49.52 4.70 39.35
CA PRO B 129 49.04 6.05 39.06
C PRO B 129 49.94 6.82 38.09
N PHE B 130 49.47 7.98 37.67
CA PHE B 130 50.24 8.84 36.81
C PHE B 130 51.24 9.55 37.71
N GLY B 131 52.47 9.67 37.24
CA GLY B 131 53.52 10.32 38.01
C GLY B 131 53.69 11.78 37.64
N VAL B 132 52.64 12.57 37.87
CA VAL B 132 52.60 13.95 37.42
C VAL B 132 51.90 14.85 38.45
N SER B 133 52.50 16.03 38.68
CA SER B 133 51.79 17.13 39.31
C SER B 133 51.66 18.23 38.29
N LEU B 134 50.58 18.99 38.39
CA LEU B 134 50.31 20.05 37.42
C LEU B 134 50.05 21.35 38.10
N LEU B 135 50.53 22.43 37.47
CA LEU B 135 50.10 23.78 37.78
C LEU B 135 49.22 24.29 36.64
N TYR B 136 48.00 24.71 36.97
CA TYR B 136 47.05 25.21 35.95
C TYR B 136 46.90 26.70 36.15
N ILE B 137 47.10 27.49 35.08
CA ILE B 137 46.76 28.92 35.05
C ILE B 137 45.61 29.19 34.07
N GLY B 138 44.79 30.18 34.40
CA GLY B 138 43.67 30.51 33.55
C GLY B 138 42.85 31.71 33.97
N TRP B 139 41.89 32.05 33.12
CA TRP B 139 40.89 33.08 33.39
C TRP B 139 39.49 32.52 33.13
N ASP B 140 38.55 32.88 33.98
CA ASP B 140 37.16 32.69 33.65
C ASP B 140 36.30 33.80 34.22
N LYS B 141 35.06 33.86 33.74
CA LYS B 141 34.13 34.90 34.11
C LYS B 141 33.59 34.76 35.52
N HIS B 142 33.87 33.66 36.22
CA HIS B 142 33.38 33.47 37.59
C HIS B 142 34.35 33.96 38.65
N TYR B 143 35.61 33.59 38.52
CA TYR B 143 36.67 33.91 39.50
C TYR B 143 37.90 34.61 38.92
N GLY B 144 37.84 35.01 37.65
CA GLY B 144 38.95 35.72 37.01
C GLY B 144 40.22 34.89 36.97
N PHE B 145 41.34 35.57 37.19
CA PHE B 145 42.67 34.97 37.12
C PHE B 145 42.82 33.96 38.23
N GLN B 146 43.31 32.78 37.86
CA GLN B 146 43.36 31.64 38.75
C GLN B 146 44.62 30.80 38.55
N LEU B 147 45.06 30.18 39.64
CA LEU B 147 46.20 29.28 39.67
C LEU B 147 45.82 28.05 40.52
N TYR B 148 45.94 26.86 39.93
CA TYR B 148 45.60 25.61 40.63
C TYR B 148 46.77 24.68 40.64
N GLN B 149 46.77 23.77 41.60
CA GLN B 149 47.79 22.73 41.72
C GLN B 149 47.10 21.41 41.95
N SER B 150 47.50 20.40 41.17
CA SER B 150 47.01 19.03 41.40
C SER B 150 48.18 18.06 41.45
N ASP B 151 47.98 16.94 42.13
CA ASP B 151 49.03 15.93 42.25
C ASP B 151 48.46 14.48 42.09
N PRO B 152 49.32 13.45 42.09
CA PRO B 152 48.87 12.11 41.75
C PRO B 152 47.79 11.50 42.65
N SER B 153 47.60 12.01 43.86
CA SER B 153 46.56 11.50 44.74
C SER B 153 45.15 11.81 44.25
N GLY B 154 45.03 12.69 43.26
CA GLY B 154 43.73 13.19 42.83
C GLY B 154 43.34 14.46 43.56
N ASN B 155 44.25 15.00 44.37
CA ASN B 155 43.99 16.23 45.14
C ASN B 155 44.38 17.48 44.42
N TYR B 156 43.74 18.58 44.76
CA TYR B 156 44.07 19.85 44.14
C TYR B 156 43.81 20.98 45.11
N GLY B 157 44.40 22.13 44.80
CA GLY B 157 44.08 23.37 45.50
C GLY B 157 44.30 24.62 44.67
N GLY B 158 43.61 25.69 45.08
CA GLY B 158 43.83 27.03 44.54
C GLY B 158 44.97 27.70 45.28
N TRP B 159 45.82 28.41 44.55
CA TRP B 159 46.98 29.10 45.13
C TRP B 159 47.18 30.47 44.51
N LYS B 160 47.68 31.39 45.31
CA LYS B 160 48.14 32.70 44.84
C LYS B 160 49.59 32.61 44.36
N ALA B 161 50.36 31.72 44.98
CA ALA B 161 51.70 31.36 44.49
C ALA B 161 52.05 29.98 45.00
N THR B 162 52.63 29.17 44.14
CA THR B 162 53.04 27.83 44.55
C THR B 162 54.17 27.28 43.69
N CYS B 163 54.64 26.10 44.09
CA CYS B 163 55.79 25.46 43.46
C CYS B 163 55.76 23.95 43.61
N ILE B 164 56.17 23.27 42.56
CA ILE B 164 56.27 21.81 42.55
C ILE B 164 57.59 21.39 41.92
N GLY B 165 58.00 20.15 42.20
CA GLY B 165 59.30 19.65 41.73
C GLY B 165 60.49 19.92 42.64
N ASN B 166 61.68 19.96 42.04
CA ASN B 166 62.94 20.07 42.79
C ASN B 166 63.02 21.36 43.65
N ASN B 167 63.25 21.18 44.95
CA ASN B 167 63.32 22.27 45.94
C ASN B 167 62.03 23.10 46.14
N SER B 168 60.89 22.42 46.07
CA SER B 168 59.58 23.05 46.29
C SER B 168 59.45 23.76 47.61
N ALA B 169 59.82 23.04 48.67
CA ALA B 169 59.71 23.55 50.04
C ALA B 169 60.45 24.88 50.17
N ALA B 170 61.68 24.90 49.66
CA ALA B 170 62.51 26.10 49.62
C ALA B 170 61.87 27.24 48.83
N ALA B 171 61.35 26.90 47.66
CA ALA B 171 60.65 27.86 46.81
C ALA B 171 59.44 28.47 47.53
N VAL B 172 58.58 27.63 48.11
CA VAL B 172 57.37 28.12 48.79
C VAL B 172 57.67 28.99 50.00
N SER B 173 58.78 28.70 50.68
CA SER B 173 59.28 29.59 51.75
C SER B 173 59.64 30.99 51.24
N MET B 174 60.36 31.07 50.11
CA MET B 174 60.71 32.35 49.50
C MET B 174 59.51 33.15 49.04
N LEU B 175 58.53 32.47 48.43
CA LEU B 175 57.27 33.08 48.03
C LEU B 175 56.46 33.55 49.24
N LYS B 176 56.40 32.75 50.30
CA LYS B 176 55.72 33.15 51.56
C LYS B 176 56.14 34.55 52.03
N GLN B 177 57.43 34.84 51.94
CA GLN B 177 57.92 36.10 52.46
C GLN B 177 57.72 37.24 51.51
N ASP B 178 58.03 37.02 50.24
CA ASP B 178 58.06 38.11 49.25
C ASP B 178 56.72 38.44 48.58
N TYR B 179 55.74 37.55 48.65
CA TYR B 179 54.49 37.73 47.92
C TYR B 179 53.55 38.67 48.67
N LYS B 180 53.03 39.66 47.94
CA LYS B 180 52.14 40.68 48.48
C LYS B 180 50.69 40.37 48.07
N GLU B 181 49.88 39.84 49.00
CA GLU B 181 48.48 39.48 48.71
C GLU B 181 47.64 40.70 48.23
N GLY B 182 47.11 40.60 47.01
CA GLY B 182 46.32 41.67 46.42
C GLY B 182 47.10 42.86 45.85
N GLU B 183 48.44 42.81 45.88
CA GLU B 183 49.27 43.94 45.45
C GLU B 183 50.26 43.62 44.32
N MET B 184 50.21 42.43 43.75
CA MET B 184 51.18 42.01 42.73
C MET B 184 50.75 42.41 41.32
N THR B 185 51.73 42.78 40.49
CA THR B 185 51.52 42.93 39.05
C THR B 185 52.24 41.78 38.36
N LEU B 186 52.04 41.67 37.06
CA LEU B 186 52.72 40.67 36.24
C LEU B 186 54.23 40.93 36.16
N LYS B 187 54.60 42.21 36.24
CA LYS B 187 56.00 42.61 36.14
C LYS B 187 56.76 42.30 37.44
N SER B 188 56.11 42.50 38.60
CA SER B 188 56.71 42.17 39.90
C SER B 188 56.67 40.66 40.19
N ALA B 189 55.66 39.96 39.65
CA ALA B 189 55.58 38.49 39.75
C ALA B 189 56.63 37.80 38.90
N LEU B 190 56.92 38.37 37.72
CA LEU B 190 58.03 37.91 36.88
C LEU B 190 59.37 38.07 37.57
N ALA B 191 59.57 39.22 38.20
CA ALA B 191 60.78 39.48 39.00
C ALA B 191 60.93 38.46 40.13
N LEU B 192 59.84 38.20 40.86
CA LEU B 192 59.84 37.21 41.95
C LEU B 192 60.09 35.79 41.45
N ALA B 193 59.50 35.44 40.31
CA ALA B 193 59.72 34.12 39.70
C ALA B 193 61.20 33.86 39.51
N ILE B 194 61.90 34.82 38.91
CA ILE B 194 63.34 34.71 38.65
C ILE B 194 64.17 34.69 39.95
N LYS B 195 63.75 35.48 40.94
CA LYS B 195 64.38 35.45 42.26
C LYS B 195 64.31 34.03 42.86
N VAL B 196 63.13 33.41 42.78
CA VAL B 196 62.94 32.06 43.33
C VAL B 196 63.74 31.02 42.57
N LEU B 197 63.70 31.06 41.24
CA LEU B 197 64.44 30.10 40.41
C LEU B 197 65.95 30.23 40.55
N ASN B 198 66.41 31.44 40.81
CA ASN B 198 67.84 31.70 41.00
C ASN B 198 68.39 31.07 42.28
N LYS B 199 67.59 31.04 43.34
CA LYS B 199 67.96 30.34 44.56
C LYS B 199 67.80 28.82 44.40
N THR B 200 66.64 28.37 43.91
CA THR B 200 66.31 26.93 43.86
C THR B 200 66.94 26.09 42.73
N MET B 201 67.68 26.72 41.81
CA MET B 201 68.51 25.99 40.87
C MET B 201 69.95 26.18 41.35
N ASP B 202 70.27 25.61 42.52
CA ASP B 202 71.58 25.77 43.18
C ASP B 202 72.65 24.85 42.59
N VAL B 203 72.47 24.42 41.34
CA VAL B 203 73.41 23.53 40.61
C VAL B 203 73.31 23.68 39.05
N SER B 204 73.70 24.85 38.49
CA SER B 204 74.37 25.98 39.17
C SER B 204 73.89 27.40 38.73
N LYS B 205 74.61 28.09 37.83
CA LYS B 205 74.31 29.52 37.46
C LYS B 205 73.13 29.66 36.48
N LEU B 206 72.22 30.61 36.75
CA LEU B 206 70.93 30.69 36.04
C LEU B 206 71.00 31.37 34.67
N SER B 207 70.36 30.73 33.68
CA SER B 207 70.46 31.12 32.27
C SER B 207 69.08 31.15 31.63
N ALA B 208 68.99 31.80 30.47
CA ALA B 208 67.75 31.84 29.71
C ALA B 208 67.44 30.49 29.06
N GLU B 209 68.47 29.84 28.50
CA GLU B 209 68.37 28.46 27.98
C GLU B 209 67.84 27.45 29.03
N LYS B 210 68.01 27.77 30.32
CA LYS B 210 67.61 26.90 31.42
C LYS B 210 66.16 27.05 31.92
N VAL B 211 65.46 28.12 31.56
CA VAL B 211 64.03 28.33 31.99
C VAL B 211 63.06 28.67 30.88
N GLU B 212 61.79 28.43 31.20
CA GLU B 212 60.67 28.74 30.34
C GLU B 212 59.68 29.53 31.15
N ILE B 213 59.27 30.68 30.61
CA ILE B 213 58.22 31.47 31.24
C ILE B 213 57.06 31.69 30.27
N ALA B 214 55.86 31.50 30.78
CA ALA B 214 54.63 31.76 30.05
C ALA B 214 53.76 32.68 30.89
N THR B 215 53.18 33.69 30.25
CA THR B 215 52.21 34.58 30.90
C THR B 215 50.80 34.44 30.27
N LEU B 216 49.78 34.71 31.11
CA LEU B 216 48.38 34.66 30.75
C LEU B 216 47.75 35.97 31.22
N THR B 217 47.28 36.76 30.26
CA THR B 217 46.72 38.09 30.50
C THR B 217 45.42 38.27 29.72
N ARG B 218 44.75 39.40 29.93
CA ARG B 218 43.51 39.77 29.23
C ARG B 218 43.67 41.06 28.45
N GLU B 219 43.36 41.02 27.16
CA GLU B 219 43.45 42.17 26.26
C GLU B 219 42.19 42.25 25.40
N ASN B 220 41.36 43.27 25.65
CA ASN B 220 40.14 43.51 24.88
C ASN B 220 39.15 42.35 24.92
N GLY B 221 38.83 41.90 26.13
CA GLY B 221 37.88 40.79 26.35
C GLY B 221 38.29 39.43 25.82
N LYS B 222 39.59 39.22 25.64
CA LYS B 222 40.16 38.02 25.03
C LYS B 222 41.44 37.63 25.80
N THR B 223 41.65 36.34 26.03
CA THR B 223 42.78 35.85 26.84
C THR B 223 44.01 35.62 25.97
N VAL B 224 45.12 36.23 26.34
CA VAL B 224 46.38 36.08 25.60
C VAL B 224 47.28 35.19 26.42
N ILE B 225 47.85 34.17 25.78
CA ILE B 225 48.75 33.23 26.41
C ILE B 225 50.02 33.22 25.58
N ARG B 226 51.15 33.63 26.18
CA ARG B 226 52.39 33.76 25.42
C ARG B 226 53.56 33.13 26.16
N VAL B 227 54.42 32.46 25.40
CA VAL B 227 55.69 31.97 25.92
C VAL B 227 56.70 33.06 25.64
N LEU B 228 57.31 33.61 26.71
CA LEU B 228 58.34 34.63 26.56
C LEU B 228 59.50 34.12 25.71
N LYS B 229 60.03 34.98 24.84
CA LYS B 229 61.19 34.63 24.00
C LYS B 229 62.44 34.83 24.84
N GLN B 230 63.53 34.19 24.41
CA GLN B 230 64.79 34.20 25.19
C GLN B 230 65.37 35.57 25.41
N LYS B 231 65.14 36.47 24.45
CA LYS B 231 65.53 37.88 24.58
C LYS B 231 64.90 38.51 25.84
N GLU B 232 63.62 38.21 26.07
CA GLU B 232 62.91 38.74 27.25
C GLU B 232 63.41 38.15 28.55
N VAL B 233 63.62 36.82 28.55
CA VAL B 233 64.07 36.09 29.73
C VAL B 233 65.48 36.56 30.15
N GLU B 234 66.39 36.74 29.18
CA GLU B 234 67.73 37.33 29.45
C GLU B 234 67.68 38.72 30.06
N GLN B 235 66.73 39.54 29.61
CA GLN B 235 66.55 40.90 30.12
C GLN B 235 66.01 40.91 31.56
N LEU B 236 65.17 39.93 31.89
CA LEU B 236 64.64 39.79 33.27
C LEU B 236 65.70 39.30 34.25
N ILE B 237 66.57 38.39 33.79
CA ILE B 237 67.68 37.88 34.58
C ILE B 237 68.68 39.02 34.80
N LYS B 238 69.01 39.76 33.75
CA LYS B 238 69.82 40.99 33.86
C LYS B 238 69.33 41.92 34.98
N LYS B 239 68.02 42.19 35.00
CA LYS B 239 67.42 43.10 36.00
C LYS B 239 67.49 42.56 37.45
N HIS B 240 67.35 41.24 37.62
CA HIS B 240 67.54 40.59 38.91
C HIS B 240 69.00 40.68 39.42
N GLU B 241 69.97 40.53 38.51
CA GLU B 241 71.40 40.61 38.85
C GLU B 241 71.84 42.07 39.08
N GLU B 242 71.21 43.00 38.36
CA GLU B 242 71.34 44.45 38.65
C GLU B 242 70.74 44.81 40.01
N GLU B 243 69.65 44.14 40.40
CA GLU B 243 68.99 44.40 41.71
C GLU B 243 69.78 43.90 42.91
N GLU B 244 70.42 42.73 42.81
CA GLU B 244 71.32 42.21 43.87
C GLU B 244 72.65 43.01 44.07
N ALA B 245 72.97 43.88 43.11
CA ALA B 245 74.03 44.88 43.30
C ALA B 245 73.61 45.95 44.30
N LYS B 246 72.33 46.35 44.29
CA LYS B 246 71.78 47.32 45.26
C LYS B 246 71.75 46.83 46.71
N ALA B 247 71.67 45.52 46.93
CA ALA B 247 71.19 44.96 48.20
C ALA B 247 71.97 45.25 49.51
N GLU B 248 73.10 45.96 49.46
CA GLU B 248 73.92 46.28 50.65
C GLU B 248 73.95 47.81 50.88
N ARG B 249 74.40 48.52 49.85
CA ARG B 249 74.14 49.97 49.73
C ARG B 249 73.40 50.26 48.43
N SER C 2 39.41 -6.15 32.57
CA SER C 2 39.13 -5.37 33.84
C SER C 2 39.59 -6.11 35.12
N TYR C 3 40.16 -5.35 36.04
CA TYR C 3 40.78 -5.87 37.26
C TYR C 3 39.75 -6.40 38.27
N ASP C 4 39.73 -7.72 38.47
CA ASP C 4 38.79 -8.41 39.38
C ASP C 4 39.38 -8.91 40.70
N ARG C 5 40.55 -8.44 41.11
CA ARG C 5 41.16 -8.93 42.36
C ARG C 5 40.24 -8.67 43.56
N ALA C 6 40.05 -9.65 44.42
CA ALA C 6 39.38 -9.43 45.70
C ALA C 6 40.37 -8.67 46.60
N ILE C 7 40.03 -7.45 46.98
CA ILE C 7 40.93 -6.58 47.72
C ILE C 7 40.58 -6.60 49.20
N THR C 8 39.31 -6.37 49.51
CA THR C 8 38.83 -6.53 50.85
C THR C 8 38.39 -7.98 51.03
N VAL C 9 39.12 -8.69 51.89
CA VAL C 9 38.86 -10.08 52.26
C VAL C 9 38.97 -10.21 53.77
N PHE C 10 38.40 -11.30 54.29
CA PHE C 10 38.49 -11.59 55.71
C PHE C 10 39.86 -12.09 56.09
N SER C 11 40.26 -11.74 57.30
CA SER C 11 41.47 -12.29 57.92
C SER C 11 41.08 -13.22 59.04
N PRO C 12 42.05 -13.99 59.56
CA PRO C 12 41.67 -14.82 60.67
C PRO C 12 41.02 -13.87 61.76
N ASP C 13 40.04 -14.44 62.45
CA ASP C 13 39.31 -13.78 63.53
C ASP C 13 38.42 -12.66 63.10
N GLY C 14 38.06 -12.71 61.83
CA GLY C 14 36.93 -11.97 61.33
C GLY C 14 37.15 -10.52 61.00
N HIS C 15 38.40 -10.11 60.81
CA HIS C 15 38.72 -8.73 60.50
C HIS C 15 38.67 -8.53 59.00
N LEU C 16 38.33 -7.31 58.59
CA LEU C 16 38.44 -6.89 57.21
C LEU C 16 39.53 -5.83 57.18
N PHE C 17 40.77 -6.25 56.92
CA PHE C 17 41.92 -5.35 57.09
C PHE C 17 41.90 -4.10 56.23
N GLN C 18 41.44 -4.20 54.99
CA GLN C 18 41.33 -2.99 54.15
C GLN C 18 40.37 -1.92 54.71
N VAL C 19 39.32 -2.34 55.40
CA VAL C 19 38.37 -1.43 56.03
C VAL C 19 39.01 -0.79 57.26
N GLU C 20 39.66 -1.61 58.08
CA GLU C 20 40.42 -1.10 59.22
C GLU C 20 41.46 -0.09 58.81
N TYR C 21 42.17 -0.39 57.74
CA TYR C 21 43.19 0.54 57.26
C TYR C 21 42.57 1.83 56.69
N ALA C 22 41.40 1.73 56.07
CA ALA C 22 40.66 2.92 55.66
C ALA C 22 40.27 3.76 56.88
N GLN C 23 39.83 3.10 57.95
CA GLN C 23 39.54 3.77 59.22
C GLN C 23 40.77 4.51 59.76
N GLU C 24 41.97 3.96 59.55
CA GLU C 24 43.21 4.64 59.96
C GLU C 24 43.49 5.89 59.16
N ALA C 25 43.07 5.91 57.90
CA ALA C 25 43.14 7.13 57.08
C ALA C 25 42.21 8.23 57.59
N VAL C 26 41.04 7.83 58.08
CA VAL C 26 40.07 8.77 58.67
C VAL C 26 40.67 9.43 59.90
N LYS C 27 41.28 8.63 60.78
CA LYS C 27 41.84 9.15 62.02
C LYS C 27 43.02 10.12 61.82
N LYS C 28 43.69 10.04 60.67
CA LYS C 28 44.73 11.02 60.34
C LYS C 28 44.19 12.31 59.72
N GLY C 29 42.93 12.30 59.31
CA GLY C 29 42.29 13.49 58.75
C GLY C 29 42.01 14.56 59.81
N SER C 30 41.74 15.78 59.34
CA SER C 30 41.36 16.90 60.20
C SER C 30 40.07 16.61 60.93
N THR C 31 39.96 17.16 62.13
CA THR C 31 38.82 16.92 63.00
C THR C 31 37.59 17.57 62.41
N ALA C 32 36.46 16.88 62.45
CA ALA C 32 35.17 17.49 62.08
C ALA C 32 34.17 17.23 63.21
N VAL C 33 33.30 18.21 63.47
CA VAL C 33 32.31 18.13 64.57
C VAL C 33 30.94 18.53 64.06
N GLY C 34 29.92 17.81 64.56
CA GLY C 34 28.53 18.09 64.26
C GLY C 34 27.72 18.23 65.54
N VAL C 35 26.87 19.24 65.62
CA VAL C 35 25.83 19.26 66.65
C VAL C 35 24.47 19.58 66.06
N ARG C 36 23.52 18.77 66.50
CA ARG C 36 22.11 18.91 66.23
C ARG C 36 21.46 19.79 67.29
N GLY C 37 21.15 21.03 66.92
CA GLY C 37 20.42 21.95 67.80
C GLY C 37 18.92 21.71 67.86
N ARG C 38 18.22 22.62 68.53
CA ARG C 38 16.77 22.59 68.64
C ARG C 38 16.13 22.85 67.26
N ASP C 39 16.55 23.93 66.61
CA ASP C 39 16.07 24.30 65.27
C ASP C 39 17.23 24.81 64.37
N ILE C 40 18.36 24.15 64.49
CA ILE C 40 19.58 24.47 63.73
C ILE C 40 20.52 23.23 63.75
N VAL C 41 21.43 23.13 62.77
CA VAL C 41 22.49 22.12 62.78
C VAL C 41 23.79 22.77 62.36
N VAL C 42 24.87 22.43 63.06
CA VAL C 42 26.14 23.12 62.88
C VAL C 42 27.26 22.12 62.61
N LEU C 43 28.09 22.42 61.61
CA LEU C 43 29.29 21.65 61.33
C LEU C 43 30.50 22.54 61.42
N GLY C 44 31.51 22.06 62.14
CA GLY C 44 32.80 22.75 62.26
C GLY C 44 33.91 21.79 61.94
N VAL C 45 35.00 22.28 61.34
CA VAL C 45 36.13 21.43 60.95
C VAL C 45 37.47 22.15 61.08
N GLU C 46 38.50 21.36 61.40
CA GLU C 46 39.84 21.84 61.71
C GLU C 46 40.59 22.32 60.46
N LYS C 47 41.56 23.21 60.70
CA LYS C 47 42.53 23.81 59.74
C LYS C 47 42.32 23.69 58.18
N LYS C 48 42.94 22.77 57.44
CA LYS C 48 43.85 21.68 57.87
C LYS C 48 45.33 22.13 58.04
N SER C 49 45.83 22.82 57.02
CA SER C 49 47.24 23.26 56.97
C SER C 49 47.48 24.78 57.18
N VAL C 50 46.42 25.62 57.18
CA VAL C 50 46.55 27.09 57.16
C VAL C 50 47.21 27.51 55.82
N ALA C 51 48.29 28.31 55.85
CA ALA C 51 49.04 28.76 54.65
C ALA C 51 48.44 30.02 54.00
N LYS C 52 49.22 31.10 54.02
CA LYS C 52 48.77 32.43 53.54
C LYS C 52 48.51 32.45 52.03
N LEU C 53 49.21 31.60 51.28
CA LEU C 53 49.13 31.59 49.81
C LEU C 53 48.01 30.72 49.23
N GLN C 54 47.37 29.93 50.08
CA GLN C 54 46.18 29.15 49.76
C GLN C 54 44.99 30.08 49.44
N ASP C 55 44.11 29.62 48.54
CA ASP C 55 42.80 30.25 48.31
C ASP C 55 41.78 29.48 49.16
N GLU C 56 41.37 30.07 50.30
CA GLU C 56 40.46 29.43 51.30
C GLU C 56 39.28 28.67 50.62
N ARG C 57 38.62 29.36 49.68
CA ARG C 57 37.44 28.86 48.94
C ARG C 57 37.56 27.45 48.34
N THR C 58 38.75 27.14 47.80
CA THR C 58 38.96 25.92 47.01
C THR C 58 39.17 24.62 47.80
N VAL C 59 39.31 24.69 49.12
CA VAL C 59 39.65 23.52 49.94
C VAL C 59 38.66 23.21 51.07
N ARG C 60 37.50 23.88 51.08
CA ARG C 60 36.48 23.65 52.13
C ARG C 60 36.18 22.15 52.29
N LYS C 61 35.93 21.72 53.51
CA LYS C 61 35.54 20.34 53.82
C LYS C 61 34.11 20.24 54.29
N ILE C 62 33.33 21.30 54.08
CA ILE C 62 31.88 21.27 54.27
C ILE C 62 31.28 21.54 52.89
N YCM C 63 30.28 20.74 52.51
CA YCM C 63 29.84 20.63 51.13
CB YCM C 63 30.53 19.38 50.54
SG YCM C 63 32.29 19.49 50.34
CD YCM C 63 32.64 20.71 49.12
CE YCM C 63 34.10 20.58 48.65
OZ1 YCM C 63 34.75 19.53 48.67
NZ2 YCM C 63 34.62 21.72 48.21
C YCM C 63 28.35 20.44 51.08
O YCM C 63 27.83 19.54 51.74
N ALA C 64 27.67 21.24 50.27
CA ALA C 64 26.25 21.04 50.04
C ALA C 64 26.01 19.81 49.16
N LEU C 65 25.08 18.95 49.59
CA LEU C 65 24.60 17.85 48.78
C LEU C 65 23.36 18.25 47.99
N ASP C 66 22.47 18.99 48.65
CA ASP C 66 21.25 19.50 48.05
C ASP C 66 20.91 20.81 48.77
N ASP C 67 19.69 21.34 48.63
CA ASP C 67 19.30 22.56 49.34
C ASP C 67 19.10 22.33 50.83
N ASN C 68 18.65 21.13 51.19
CA ASN C 68 18.27 20.81 52.56
C ASN C 68 19.21 19.82 53.26
N VAL C 69 20.35 19.49 52.63
CA VAL C 69 21.31 18.51 53.18
C VAL C 69 22.74 18.91 52.84
N CYS C 70 23.63 18.83 53.83
CA CYS C 70 25.05 19.07 53.60
C CYS C 70 25.87 18.11 54.45
N MET C 71 27.16 18.06 54.17
CA MET C 71 28.03 17.14 54.86
C MET C 71 29.43 17.68 55.05
N ALA C 72 30.04 17.23 56.14
CA ALA C 72 31.47 17.39 56.37
C ALA C 72 32.05 16.00 56.40
N PHE C 73 33.35 15.93 56.22
CA PHE C 73 34.03 14.63 56.19
C PHE C 73 35.40 14.76 56.84
N ALA C 74 35.99 13.61 57.16
CA ALA C 74 37.40 13.53 57.58
C ALA C 74 38.01 12.36 56.88
N GLY C 75 39.19 12.55 56.31
CA GLY C 75 39.90 11.48 55.64
C GLY C 75 40.53 11.89 54.34
N LEU C 76 40.61 10.95 53.39
CA LEU C 76 41.15 11.21 52.06
C LEU C 76 40.21 12.14 51.28
N THR C 77 40.69 13.33 50.96
CA THR C 77 39.84 14.39 50.43
C THR C 77 39.41 14.04 49.01
N ALA C 78 40.31 13.40 48.25
CA ALA C 78 39.99 12.91 46.89
C ALA C 78 38.88 11.88 46.94
N ASP C 79 38.94 10.93 47.87
CA ASP C 79 37.86 9.97 48.02
C ASP C 79 36.55 10.68 48.34
N ALA C 80 36.61 11.67 49.23
CA ALA C 80 35.41 12.41 49.65
C ALA C 80 34.70 13.09 48.47
N ARG C 81 35.50 13.72 47.61
CA ARG C 81 34.98 14.41 46.44
C ARG C 81 34.12 13.45 45.60
N ILE C 82 34.59 12.21 45.43
CA ILE C 82 33.88 11.20 44.64
C ILE C 82 32.57 10.86 45.32
N VAL C 83 32.61 10.56 46.62
CA VAL C 83 31.40 10.24 47.38
C VAL C 83 30.39 11.39 47.31
N ILE C 84 30.91 12.61 47.42
CA ILE C 84 30.05 13.77 47.45
C ILE C 84 29.28 13.93 46.12
N ASN C 85 30.01 13.81 45.02
CA ASN C 85 29.40 13.92 43.70
CA ASN C 85 29.41 13.87 43.69
C ASN C 85 28.39 12.77 43.44
N ARG C 86 28.68 11.58 43.95
CA ARG C 86 27.74 10.46 43.83
C ARG C 86 26.45 10.76 44.60
N ALA C 87 26.58 11.35 45.78
CA ALA C 87 25.39 11.74 46.57
C ALA C 87 24.61 12.89 45.91
N ARG C 88 25.34 13.83 45.33
CA ARG C 88 24.73 14.94 44.64
C ARG C 88 23.88 14.48 43.45
N VAL C 89 24.39 13.52 42.69
CA VAL C 89 23.65 12.93 41.60
C VAL C 89 22.41 12.25 42.17
N GLU C 90 22.58 11.48 43.24
CA GLU C 90 21.48 10.71 43.80
C GLU C 90 20.36 11.56 44.38
N CYS C 91 20.71 12.68 45.00
CA CYS C 91 19.71 13.63 45.48
C CYS C 91 18.79 14.13 44.36
N GLN C 92 19.37 14.33 43.18
CA GLN C 92 18.58 14.72 42.02
C GLN C 92 17.73 13.57 41.42
N SER C 93 18.19 12.32 41.49
CA SER C 93 17.36 11.17 41.08
C SER C 93 16.17 10.94 42.01
N HIS C 94 16.38 11.07 43.31
CA HIS C 94 15.27 10.99 44.26
C HIS C 94 14.24 12.06 43.93
N ARG C 95 14.66 13.32 43.83
CA ARG C 95 13.75 14.43 43.45
C ARG C 95 12.98 14.13 42.16
N LEU C 96 13.64 13.48 41.20
CA LEU C 96 13.03 13.12 39.92
C LEU C 96 11.89 12.12 40.14
N THR C 97 12.18 10.99 40.79
CA THR C 97 11.22 9.85 40.91
C THR C 97 10.17 9.94 42.08
N VAL C 98 10.40 10.85 43.02
CA VAL C 98 9.54 11.04 44.22
C VAL C 98 8.98 12.45 44.40
N GLU C 99 9.55 13.46 43.72
CA GLU C 99 9.09 14.86 43.81
C GLU C 99 9.03 15.42 45.24
N ASP C 100 9.91 14.89 46.07
CA ASP C 100 10.20 15.44 47.40
C ASP C 100 11.71 15.54 47.45
N PRO C 101 12.23 16.45 48.29
CA PRO C 101 13.66 16.36 48.59
C PRO C 101 13.97 15.09 49.39
N VAL C 102 15.22 14.65 49.34
CA VAL C 102 15.64 13.46 50.09
C VAL C 102 15.44 13.76 51.57
N THR C 103 15.11 12.75 52.36
CA THR C 103 15.32 12.86 53.81
C THR C 103 16.83 12.75 54.03
N VAL C 104 17.31 13.20 55.18
CA VAL C 104 18.73 13.12 55.50
C VAL C 104 19.11 11.64 55.71
N GLU C 105 18.19 10.88 56.30
CA GLU C 105 18.39 9.45 56.45
C GLU C 105 18.50 8.73 55.11
N TYR C 106 17.64 9.07 54.15
CA TYR C 106 17.70 8.46 52.84
C TYR C 106 19.08 8.59 52.23
N ILE C 107 19.63 9.81 52.20
CA ILE C 107 20.91 10.07 51.54
C ILE C 107 22.09 9.55 52.35
N THR C 108 21.94 9.49 53.67
CA THR C 108 22.92 8.83 54.54
C THR C 108 22.94 7.34 54.20
N ARG C 109 21.75 6.75 54.17
CA ARG C 109 21.58 5.34 53.84
C ARG C 109 22.20 5.01 52.47
N TYR C 110 22.08 5.93 51.52
CA TYR C 110 22.66 5.77 50.19
C TYR C 110 24.20 5.86 50.19
N ILE C 111 24.76 6.87 50.84
CA ILE C 111 26.21 6.98 51.03
C ILE C 111 26.79 5.76 51.76
N ALA C 112 26.10 5.32 52.80
CA ALA C 112 26.55 4.16 53.58
C ALA C 112 26.61 2.87 52.75
N SER C 113 25.60 2.64 51.91
CA SER C 113 25.55 1.43 51.12
C SER C 113 26.57 1.50 49.96
N LEU C 114 26.86 2.71 49.48
CA LEU C 114 27.93 2.95 48.52
C LEU C 114 29.29 2.57 49.11
N LYS C 115 29.53 3.00 50.34
CA LYS C 115 30.76 2.65 51.05
C LYS C 115 30.83 1.14 51.29
N GLN C 116 29.74 0.54 51.74
CA GLN C 116 29.69 -0.89 52.00
C GLN C 116 30.03 -1.69 50.75
N ARG C 117 29.46 -1.29 49.62
CA ARG C 117 29.75 -1.92 48.33
C ARG C 117 31.23 -1.92 48.00
N TYR C 118 31.92 -0.83 48.30
CA TYR C 118 33.36 -0.75 48.03
C TYR C 118 34.22 -1.54 49.05
N THR C 119 33.60 -2.23 50.01
CA THR C 119 34.26 -3.18 50.86
C THR C 119 33.97 -4.63 50.48
N GLN C 120 33.14 -4.86 49.48
CA GLN C 120 32.75 -6.21 49.08
C GLN C 120 32.75 -6.41 47.55
N SER C 121 33.42 -5.55 46.80
CA SER C 121 33.44 -5.62 45.33
C SER C 121 34.84 -5.79 44.82
N ASN C 122 34.98 -6.60 43.80
CA ASN C 122 36.27 -6.86 43.21
C ASN C 122 36.88 -5.61 42.59
N GLY C 123 38.20 -5.57 42.61
CA GLY C 123 38.96 -4.52 41.98
C GLY C 123 39.06 -3.18 42.68
N ARG C 124 38.40 -3.02 43.83
CA ARG C 124 38.31 -1.75 44.55
C ARG C 124 38.77 -1.83 46.00
N ARG C 125 39.38 -0.76 46.47
CA ARG C 125 39.59 -0.56 47.91
C ARG C 125 38.43 0.23 48.48
N PRO C 126 38.20 0.16 49.79
CA PRO C 126 37.20 1.03 50.41
C PRO C 126 37.55 2.51 50.32
N PHE C 127 36.53 3.35 50.51
CA PHE C 127 36.72 4.80 50.62
C PHE C 127 37.35 5.10 51.98
N GLY C 128 38.38 5.93 51.99
CA GLY C 128 39.02 6.34 53.25
C GLY C 128 38.43 7.59 53.90
N ILE C 129 37.12 7.60 54.14
CA ILE C 129 36.45 8.75 54.75
C ILE C 129 35.32 8.33 55.68
N SER C 130 35.08 9.16 56.69
CA SER C 130 33.80 9.21 57.38
C SER C 130 33.13 10.53 57.06
N ALA C 131 31.82 10.59 57.23
CA ALA C 131 31.05 11.76 56.88
C ALA C 131 30.06 12.07 57.97
N LEU C 132 29.98 13.36 58.32
CA LEU C 132 28.90 13.87 59.14
C LEU C 132 27.91 14.51 58.19
N ILE C 133 26.69 14.00 58.19
CA ILE C 133 25.66 14.44 57.26
C ILE C 133 24.54 15.07 58.07
N VAL C 134 24.17 16.30 57.73
CA VAL C 134 23.15 17.07 58.47
C VAL C 134 22.12 17.68 57.56
N GLY C 135 20.97 17.97 58.15
CA GLY C 135 19.89 18.66 57.45
C GLY C 135 18.56 18.58 58.18
N PHE C 136 17.49 18.93 57.45
CA PHE C 136 16.13 18.92 57.96
C PHE C 136 15.20 18.13 57.06
N ASP C 137 14.24 17.44 57.67
CA ASP C 137 13.16 16.76 56.95
C ASP C 137 12.00 17.72 56.62
N PHE C 138 11.09 17.28 55.75
CA PHE C 138 9.89 18.05 55.38
C PHE C 138 9.09 18.51 56.58
N ASP C 139 9.02 17.68 57.63
CA ASP C 139 8.29 18.02 58.87
C ASP C 139 9.09 18.86 59.91
N GLY C 140 10.26 19.38 59.52
CA GLY C 140 11.04 20.31 60.35
C GLY C 140 12.05 19.71 61.33
N THR C 141 12.12 18.38 61.44
CA THR C 141 12.99 17.73 62.43
C THR C 141 14.47 17.86 62.02
N PRO C 142 15.34 18.37 62.94
CA PRO C 142 16.78 18.43 62.67
C PRO C 142 17.45 17.07 62.78
N ARG C 143 18.48 16.84 61.97
CA ARG C 143 19.09 15.52 61.83
C ARG C 143 20.60 15.61 61.68
N LEU C 144 21.31 14.77 62.44
CA LEU C 144 22.76 14.58 62.27
C LEU C 144 23.01 13.06 62.15
N TYR C 145 23.61 12.63 61.03
CA TYR C 145 24.01 11.22 60.84
C TYR C 145 25.51 11.12 60.61
N GLN C 146 26.07 9.95 60.90
CA GLN C 146 27.48 9.68 60.57
C GLN C 146 27.65 8.35 59.86
N THR C 147 28.46 8.35 58.80
CA THR C 147 28.89 7.14 58.10
C THR C 147 30.38 6.92 58.31
N ASP C 148 30.82 5.69 58.19
CA ASP C 148 32.26 5.42 58.17
C ASP C 148 32.58 4.45 57.05
N PRO C 149 33.87 4.21 56.78
CA PRO C 149 34.28 3.40 55.63
C PRO C 149 33.67 2.02 55.47
N SER C 150 33.26 1.40 56.57
CA SER C 150 32.63 0.07 56.53
C SER C 150 31.22 0.08 55.92
N GLY C 151 30.61 1.26 55.88
CA GLY C 151 29.19 1.40 55.47
C GLY C 151 28.21 1.40 56.63
N THR C 152 28.68 1.35 57.87
CA THR C 152 27.82 1.52 59.05
C THR C 152 27.40 2.97 59.15
N TYR C 153 26.19 3.19 59.64
CA TYR C 153 25.71 4.54 59.87
C TYR C 153 24.76 4.61 61.06
N HIS C 154 24.82 5.74 61.76
CA HIS C 154 23.96 6.02 62.90
C HIS C 154 23.60 7.50 62.92
N ALA C 155 22.55 7.81 63.67
CA ALA C 155 22.20 9.19 64.00
C ALA C 155 22.87 9.56 65.32
N TRP C 156 23.24 10.83 65.44
CA TRP C 156 23.88 11.36 66.64
C TRP C 156 23.24 12.69 67.05
N LYS C 157 23.22 12.95 68.35
CA LYS C 157 22.87 14.26 68.89
C LYS C 157 24.02 15.21 68.60
N ALA C 158 25.23 14.72 68.80
CA ALA C 158 26.45 15.40 68.37
C ALA C 158 27.53 14.34 68.19
N ASN C 159 28.57 14.66 67.43
CA ASN C 159 29.68 13.75 67.23
C ASN C 159 30.89 14.44 66.62
N ALA C 160 32.01 13.72 66.61
CA ALA C 160 33.22 14.16 65.96
C ALA C 160 33.89 13.00 65.24
N ILE C 161 34.63 13.31 64.20
CA ILE C 161 35.41 12.34 63.43
C ILE C 161 36.75 12.97 63.08
N GLY C 162 37.73 12.15 62.72
CA GLY C 162 39.09 12.64 62.47
C GLY C 162 39.98 12.55 63.68
N ARG C 163 41.15 13.20 63.59
CA ARG C 163 42.13 13.14 64.67
C ARG C 163 41.62 13.86 65.90
N GLY C 164 41.82 13.22 67.05
CA GLY C 164 41.27 13.73 68.31
C GLY C 164 39.75 13.69 68.43
N ALA C 165 39.11 12.83 67.65
CA ALA C 165 37.69 12.56 67.83
C ALA C 165 37.39 11.92 69.20
N LYS C 166 38.34 11.13 69.74
CA LYS C 166 38.17 10.46 71.04
C LYS C 166 37.96 11.50 72.13
N SER C 167 38.87 12.47 72.23
CA SER C 167 38.78 13.54 73.25
C SER C 167 37.57 14.48 73.02
N VAL C 168 37.34 14.85 71.76
CA VAL C 168 36.22 15.76 71.40
C VAL C 168 34.84 15.14 71.69
N ARG C 169 34.66 13.85 71.36
CA ARG C 169 33.43 13.14 71.72
C ARG C 169 33.24 13.10 73.23
N GLU C 170 34.33 12.93 73.99
CA GLU C 170 34.29 12.96 75.46
C GLU C 170 33.80 14.31 75.97
N PHE C 171 34.31 15.40 75.40
CA PHE C 171 33.87 16.75 75.75
C PHE C 171 32.37 16.95 75.45
N LEU C 172 31.94 16.56 74.25
CA LEU C 172 30.52 16.63 73.89
C LEU C 172 29.58 15.83 74.82
N GLU C 173 30.06 14.71 75.34
CA GLU C 173 29.26 13.89 76.28
C GLU C 173 28.98 14.66 77.58
N LYS C 174 30.00 15.35 78.11
CA LYS C 174 29.85 16.16 79.32
C LYS C 174 29.06 17.46 79.05
N ASN C 175 29.22 18.03 77.85
CA ASN C 175 28.76 19.38 77.56
C ASN C 175 27.46 19.53 76.74
N TYR C 176 27.07 18.52 75.99
CA TYR C 176 25.80 18.57 75.25
C TYR C 176 24.62 18.38 76.19
N THR C 177 23.94 19.49 76.49
CA THR C 177 22.76 19.52 77.36
C THR C 177 21.69 20.40 76.72
N ASP C 178 20.44 20.27 77.18
CA ASP C 178 19.34 21.16 76.73
C ASP C 178 19.73 22.63 76.79
N GLU C 179 20.39 23.04 77.88
CA GLU C 179 20.82 24.45 78.07
C GLU C 179 21.88 24.90 77.07
N ALA C 180 22.78 24.01 76.66
CA ALA C 180 23.84 24.37 75.69
C ALA C 180 23.35 24.51 74.24
N ILE C 181 22.13 24.01 73.96
CA ILE C 181 21.48 24.13 72.65
C ILE C 181 20.09 24.83 72.69
N GLU C 182 19.82 25.59 73.76
CA GLU C 182 18.54 26.30 73.87
C GLU C 182 18.42 27.36 72.76
N THR C 183 19.55 28.01 72.44
CA THR C 183 19.59 29.00 71.38
C THR C 183 20.66 28.69 70.34
N ASP C 184 20.58 29.41 69.22
CA ASP C 184 21.49 29.25 68.10
C ASP C 184 22.95 29.64 68.37
N ASP C 185 23.15 30.77 69.05
CA ASP C 185 24.52 31.22 69.37
C ASP C 185 25.28 30.25 70.30
N LEU C 186 24.55 29.60 71.22
CA LEU C 186 25.14 28.61 72.14
C LEU C 186 25.45 27.29 71.43
N THR C 187 24.59 26.90 70.50
CA THR C 187 24.81 25.72 69.64
C THR C 187 26.06 25.89 68.76
N ILE C 188 26.20 27.06 68.16
CA ILE C 188 27.39 27.39 67.39
C ILE C 188 28.62 27.44 68.30
N LYS C 189 28.47 28.01 69.49
CA LYS C 189 29.56 28.11 70.47
C LYS C 189 30.00 26.71 70.98
N LEU C 190 29.06 25.78 71.12
CA LEU C 190 29.39 24.42 71.56
C LEU C 190 30.33 23.71 70.58
N VAL C 191 30.11 23.90 69.28
CA VAL C 191 30.99 23.39 68.22
C VAL C 191 32.38 24.00 68.27
N ILE C 192 32.45 25.32 68.46
CA ILE C 192 33.74 26.02 68.53
C ILE C 192 34.51 25.59 69.77
N LYS C 193 33.85 25.57 70.93
CA LYS C 193 34.48 25.09 72.16
C LYS C 193 34.99 23.66 71.94
N ALA C 194 34.18 22.82 71.30
CA ALA C 194 34.57 21.43 71.04
C ALA C 194 35.84 21.32 70.20
N LEU C 195 35.92 22.12 69.12
CA LEU C 195 37.13 22.21 68.29
C LEU C 195 38.29 22.86 69.05
N LEU C 196 38.02 23.95 69.78
CA LEU C 196 39.05 24.82 70.36
C LEU C 196 39.90 24.10 71.40
N GLU C 197 39.36 23.01 71.93
CA GLU C 197 40.15 22.01 72.62
C GLU C 197 41.34 21.44 71.84
N VAL C 198 41.04 20.85 70.70
CA VAL C 198 42.02 20.09 69.93
C VAL C 198 42.70 20.94 68.84
N VAL C 199 42.12 22.09 68.45
CA VAL C 199 42.65 22.93 67.36
C VAL C 199 43.98 23.61 67.69
N GLN C 200 45.06 23.20 66.99
CA GLN C 200 46.44 23.71 67.26
C GLN C 200 46.63 25.20 67.65
N SER C 201 46.58 26.15 66.69
CA SER C 201 46.66 27.60 67.01
C SER C 201 45.30 28.27 66.96
N GLY C 202 44.49 28.08 68.00
CA GLY C 202 43.11 28.62 68.03
C GLY C 202 43.13 30.12 67.73
N GLY C 203 42.40 30.60 66.71
CA GLY C 203 41.46 29.84 65.89
C GLY C 203 40.57 30.79 65.09
N LYS C 204 41.07 31.42 64.02
CA LYS C 204 42.15 30.99 63.13
C LYS C 204 41.53 29.84 62.33
N ASN C 205 41.99 28.61 62.53
CA ASN C 205 41.81 27.59 61.51
C ASN C 205 40.68 26.64 61.89
N ILE C 206 39.49 27.19 62.05
CA ILE C 206 38.28 26.41 62.25
C ILE C 206 37.31 26.99 61.23
N GLU C 207 36.94 26.21 60.22
CA GLU C 207 35.93 26.63 59.25
C GLU C 207 34.60 26.17 59.82
N LEU C 208 33.57 27.00 59.71
CA LEU C 208 32.27 26.67 60.31
C LEU C 208 31.06 27.01 59.44
N ALA C 209 29.98 26.24 59.60
CA ALA C 209 28.77 26.42 58.82
C ALA C 209 27.54 25.92 59.54
N VAL C 210 26.43 26.56 59.21
CA VAL C 210 25.15 26.35 59.86
C VAL C 210 24.07 26.05 58.86
N MET C 211 23.06 25.30 59.28
CA MET C 211 21.85 25.12 58.48
C MET C 211 20.62 25.30 59.34
N ARG C 212 19.79 26.28 58.98
CA ARG C 212 18.52 26.52 59.65
C ARG C 212 17.36 25.89 58.89
N ARG C 213 16.28 25.61 59.63
CA ARG C 213 15.05 25.07 59.05
C ARG C 213 14.64 25.91 57.84
N ASP C 214 14.68 25.28 56.65
CA ASP C 214 14.34 25.93 55.36
C ASP C 214 15.39 26.90 54.78
N GLN C 215 16.17 27.61 55.61
CA GLN C 215 16.95 28.78 55.16
C GLN C 215 18.26 28.46 54.42
N SER C 216 18.62 27.18 54.28
CA SER C 216 19.81 26.74 53.49
C SER C 216 21.17 27.09 54.10
N LEU C 217 22.20 26.45 53.57
CA LEU C 217 23.58 26.49 54.12
C LEU C 217 24.15 27.91 54.14
N LYS C 218 24.59 28.36 55.33
CA LYS C 218 25.39 29.58 55.48
C LYS C 218 26.74 29.18 56.08
N ILE C 219 27.84 29.49 55.38
CA ILE C 219 29.17 29.40 55.97
C ILE C 219 29.45 30.69 56.72
N LEU C 220 30.20 30.61 57.81
CA LEU C 220 30.71 31.81 58.48
C LEU C 220 32.10 32.19 57.99
N ASN C 221 32.28 33.50 57.79
CA ASN C 221 33.57 34.08 57.39
CA ASN C 221 33.56 34.09 57.40
C ASN C 221 34.41 34.30 58.66
N PRO C 222 35.76 34.41 58.51
CA PRO C 222 36.62 34.56 59.71
C PRO C 222 36.31 35.78 60.58
N GLU C 223 35.79 36.87 59.98
CA GLU C 223 35.29 38.03 60.73
C GLU C 223 34.12 37.63 61.66
N GLU C 224 33.17 36.83 61.14
CA GLU C 224 32.01 36.35 61.91
C GLU C 224 32.38 35.27 62.96
N ILE C 225 33.45 34.51 62.73
CA ILE C 225 33.92 33.46 63.66
C ILE C 225 34.57 34.05 64.93
N GLU C 226 35.51 34.98 64.74
CA GLU C 226 36.26 35.56 65.87
C GLU C 226 35.37 36.40 66.81
N LYS C 227 34.22 36.85 66.32
CA LYS C 227 33.11 37.31 67.16
C LYS C 227 32.77 36.25 68.20
N TYR C 228 32.43 35.03 67.75
CA TYR C 228 32.09 33.92 68.66
C TYR C 228 33.26 33.43 69.50
N VAL C 229 34.48 33.51 68.97
CA VAL C 229 35.70 33.06 69.67
C VAL C 229 35.93 33.87 70.91
N ALA C 230 35.99 35.20 70.73
CA ALA C 230 36.15 36.18 71.82
C ALA C 230 34.98 36.17 72.82
N GLU C 231 33.76 36.04 72.29
CA GLU C 231 32.51 35.98 73.09
C GLU C 231 32.41 34.77 74.04
N ILE C 232 33.16 33.69 73.75
CA ILE C 232 33.30 32.50 74.63
C ILE C 232 34.58 32.49 75.47
N GLU C 233 35.64 33.12 74.95
CA GLU C 233 36.95 33.24 75.62
C GLU C 233 36.89 34.23 76.81
N LYS C 234 36.14 35.32 76.63
CA LYS C 234 35.85 36.27 77.71
C LYS C 234 34.71 35.82 78.67
N GLU C 235 33.97 34.77 78.29
CA GLU C 235 33.03 34.09 79.22
C GLU C 235 33.70 33.04 80.12
N LYS C 236 34.88 32.53 79.73
CA LYS C 236 35.64 31.55 80.54
C LYS C 236 36.74 32.18 81.42
N GLU C 237 36.43 33.29 82.10
CA GLU C 237 37.37 34.01 82.97
C GLU C 237 36.71 34.15 84.35
N GLU C 238 35.46 34.59 84.31
CA GLU C 238 34.40 34.16 85.24
C GLU C 238 34.63 32.72 85.73
N ASP D 9 49.70 -15.45 50.77
CA ASP D 9 48.37 -14.92 50.29
C ASP D 9 47.73 -15.89 49.28
N ARG D 10 46.43 -16.10 49.45
CA ARG D 10 45.66 -17.12 48.76
C ARG D 10 44.32 -16.58 48.27
N GLY D 11 43.75 -17.25 47.29
CA GLY D 11 42.48 -16.83 46.74
C GLY D 11 41.34 -17.01 47.70
N VAL D 12 40.27 -16.28 47.44
CA VAL D 12 39.11 -16.31 48.32
C VAL D 12 38.32 -17.63 48.28
N ASN D 13 38.55 -18.44 47.26
CA ASN D 13 37.90 -19.76 47.17
C ASN D 13 38.85 -20.92 47.45
N THR D 14 39.84 -20.69 48.32
CA THR D 14 40.77 -21.75 48.69
C THR D 14 40.19 -22.59 49.82
N PHE D 15 40.22 -23.90 49.64
CA PHE D 15 39.90 -24.86 50.70
C PHE D 15 41.10 -25.05 51.64
N SER D 16 40.81 -25.17 52.94
CA SER D 16 41.80 -25.60 53.95
C SER D 16 41.94 -27.09 53.90
N PRO D 17 43.03 -27.64 54.47
CA PRO D 17 43.17 -29.10 54.52
C PRO D 17 42.01 -29.85 55.20
N GLU D 18 41.29 -29.17 56.09
CA GLU D 18 40.15 -29.76 56.76
C GLU D 18 38.86 -29.69 55.96
N GLY D 19 38.88 -29.09 54.77
CA GLY D 19 37.73 -29.10 53.86
C GLY D 19 36.74 -27.97 54.08
N ARG D 20 37.26 -26.83 54.51
CA ARG D 20 36.46 -25.64 54.74
C ARG D 20 37.07 -24.48 53.97
N LEU D 21 36.22 -23.55 53.55
CA LEU D 21 36.66 -22.37 52.85
C LEU D 21 37.09 -21.35 53.87
N PHE D 22 38.37 -21.01 53.86
CA PHE D 22 38.96 -20.08 54.85
C PHE D 22 38.07 -18.85 55.07
N GLN D 23 37.66 -18.22 53.97
CA GLN D 23 36.84 -17.00 54.03
C GLN D 23 35.52 -17.18 54.77
N VAL D 24 34.91 -18.34 54.62
CA VAL D 24 33.65 -18.66 55.30
C VAL D 24 33.91 -18.86 56.80
N GLU D 25 34.97 -19.57 57.13
CA GLU D 25 35.33 -19.77 58.54
C GLU D 25 35.67 -18.45 59.21
N TYR D 26 36.45 -17.61 58.52
CA TYR D 26 36.76 -16.26 59.02
C TYR D 26 35.50 -15.39 59.13
N ALA D 27 34.58 -15.52 58.19
CA ALA D 27 33.32 -14.79 58.26
C ALA D 27 32.47 -15.21 59.47
N ILE D 28 32.49 -16.50 59.80
CA ILE D 28 31.85 -17.01 61.03
C ILE D 28 32.47 -16.42 62.33
N GLU D 29 33.77 -16.15 62.29
CA GLU D 29 34.43 -15.49 63.42
C GLU D 29 33.99 -14.05 63.59
N ALA D 30 33.66 -13.36 62.50
CA ALA D 30 33.11 -12.01 62.56
C ALA D 30 31.75 -11.95 63.25
N ILE D 31 30.96 -13.03 63.16
CA ILE D 31 29.66 -13.12 63.89
C ILE D 31 29.84 -12.97 65.40
N LYS D 32 30.93 -13.50 65.93
CA LYS D 32 31.21 -13.41 67.37
C LYS D 32 31.47 -11.97 67.85
N LEU D 33 31.82 -11.06 66.94
CA LEU D 33 31.99 -9.61 67.24
C LEU D 33 30.69 -8.81 67.30
N GLY D 34 29.58 -9.41 66.89
CA GLY D 34 28.29 -8.75 66.93
C GLY D 34 27.59 -8.92 68.25
N SER D 35 26.61 -8.05 68.49
CA SER D 35 25.72 -8.14 69.66
C SER D 35 24.89 -9.38 69.70
N THR D 36 24.45 -9.74 70.90
CA THR D 36 23.67 -10.95 71.07
C THR D 36 22.25 -10.69 70.58
N ALA D 37 21.72 -11.67 69.84
CA ALA D 37 20.32 -11.67 69.43
C ALA D 37 19.72 -13.02 69.73
N ILE D 38 18.44 -13.03 70.12
CA ILE D 38 17.73 -14.22 70.55
C ILE D 38 16.41 -14.38 69.77
N GLY D 39 16.13 -15.61 69.36
CA GLY D 39 14.89 -15.97 68.68
C GLY D 39 14.29 -17.15 69.38
N ILE D 40 12.99 -17.07 69.70
CA ILE D 40 12.25 -18.19 70.30
C ILE D 40 10.93 -18.37 69.55
N GLN D 41 10.62 -19.63 69.27
CA GLN D 41 9.44 -20.02 68.51
C GLN D 41 8.49 -20.76 69.44
N THR D 42 7.29 -20.23 69.59
CA THR D 42 6.24 -20.87 70.38
C THR D 42 5.06 -21.15 69.48
N SER D 43 4.09 -21.88 70.01
CA SER D 43 2.86 -22.18 69.26
C SER D 43 2.00 -20.93 69.04
N GLU D 44 2.17 -19.92 69.90
CA GLU D 44 1.42 -18.65 69.81
C GLU D 44 2.17 -17.52 69.07
N GLY D 45 3.33 -17.82 68.49
CA GLY D 45 4.12 -16.82 67.78
C GLY D 45 5.61 -16.98 68.02
N VAL D 46 6.39 -16.16 67.34
CA VAL D 46 7.84 -16.10 67.58
C VAL D 46 8.21 -14.70 68.02
N CYS D 47 9.20 -14.61 68.91
CA CYS D 47 9.77 -13.36 69.36
C CYS D 47 11.25 -13.24 69.00
N LEU D 48 11.70 -12.01 68.79
CA LEU D 48 13.07 -11.70 68.44
C LEU D 48 13.53 -10.60 69.37
N ALA D 49 14.65 -10.82 70.06
CA ALA D 49 15.19 -9.85 70.99
C ALA D 49 16.64 -9.63 70.62
N VAL D 50 17.11 -8.40 70.71
CA VAL D 50 18.50 -8.09 70.35
C VAL D 50 19.09 -6.99 71.25
N GLU D 51 20.31 -7.22 71.68
CA GLU D 51 21.11 -6.23 72.39
C GLU D 51 21.49 -5.15 71.40
N LYS D 52 21.22 -3.89 71.69
CA LYS D 52 21.62 -2.80 70.77
C LYS D 52 23.12 -2.54 70.83
N ARG D 53 23.66 -2.49 72.04
CA ARG D 53 25.07 -2.16 72.30
C ARG D 53 25.36 -0.69 72.03
N ILE D 54 24.88 0.15 72.95
CA ILE D 54 25.04 1.60 72.83
C ILE D 54 26.49 1.91 73.20
N THR D 55 27.18 2.64 72.34
CA THR D 55 28.60 2.98 72.55
C THR D 55 28.81 4.40 73.10
N SER D 56 27.76 5.23 73.10
CA SER D 56 27.84 6.64 73.58
C SER D 56 26.43 7.21 73.84
N PRO D 57 26.24 8.04 74.89
CA PRO D 57 24.92 8.65 75.11
C PRO D 57 24.50 9.70 74.04
N LEU D 58 25.47 10.17 73.24
CA LEU D 58 25.20 11.06 72.10
C LEU D 58 24.57 10.32 70.90
N MET D 59 24.74 9.01 70.81
CA MET D 59 24.16 8.23 69.73
C MET D 59 22.67 8.08 69.96
N GLU D 60 21.85 8.31 68.94
CA GLU D 60 20.40 8.09 69.05
C GLU D 60 20.07 6.59 68.99
N PRO D 61 19.53 6.00 70.08
CA PRO D 61 19.23 4.56 70.14
C PRO D 61 18.27 4.00 69.10
N SER D 62 17.25 4.76 68.70
CA SER D 62 16.31 4.31 67.67
C SER D 62 16.98 4.19 66.28
N SER D 63 18.08 4.90 66.05
CA SER D 63 18.87 4.77 64.81
C SER D 63 19.74 3.52 64.72
N ILE D 64 19.77 2.70 65.76
CA ILE D 64 20.28 1.34 65.66
C ILE D 64 19.08 0.47 65.31
N GLU D 65 19.18 -0.30 64.23
CA GLU D 65 18.09 -1.18 63.79
C GLU D 65 18.67 -2.55 63.47
N LYS D 66 18.46 -3.49 64.37
CA LYS D 66 19.00 -4.85 64.27
C LYS D 66 17.91 -5.90 64.20
N ILE D 67 16.66 -5.48 64.40
CA ILE D 67 15.50 -6.23 63.96
C ILE D 67 14.78 -5.40 62.90
N VAL D 68 14.46 -6.03 61.77
CA VAL D 68 13.77 -5.38 60.66
C VAL D 68 12.60 -6.25 60.17
N GLU D 69 11.62 -5.57 59.58
CA GLU D 69 10.48 -6.23 58.95
C GLU D 69 10.89 -6.68 57.55
N ILE D 70 10.65 -7.95 57.23
CA ILE D 70 10.85 -8.48 55.88
C ILE D 70 9.55 -8.28 55.07
N ASP D 71 8.47 -8.83 55.60
CA ASP D 71 7.11 -8.64 55.14
C ASP D 71 6.21 -8.65 56.40
N ALA D 72 4.90 -8.45 56.24
CA ALA D 72 3.99 -8.33 57.39
C ALA D 72 4.07 -9.53 58.35
N HIS D 73 4.47 -10.68 57.83
CA HIS D 73 4.44 -11.97 58.55
C HIS D 73 5.84 -12.50 58.88
N ILE D 74 6.89 -11.68 58.66
CA ILE D 74 8.28 -12.12 58.79
C ILE D 74 9.15 -10.99 59.27
N GLY D 75 9.84 -11.23 60.38
CA GLY D 75 10.86 -10.32 60.92
C GLY D 75 12.22 -10.96 60.81
N CYS D 76 13.26 -10.14 60.91
CA CYS D 76 14.62 -10.62 60.85
C CYS D 76 15.52 -9.92 61.87
N ALA D 77 16.17 -10.71 62.73
CA ALA D 77 17.17 -10.22 63.68
C ALA D 77 18.55 -10.60 63.16
N MET D 78 19.50 -9.69 63.27
CA MET D 78 20.82 -9.89 62.70
C MET D 78 21.93 -9.65 63.72
N SER D 79 23.08 -10.29 63.48
CA SER D 79 24.30 -10.06 64.26
C SER D 79 25.53 -10.26 63.43
N GLY D 80 26.51 -9.37 63.61
CA GLY D 80 27.78 -9.46 62.92
C GLY D 80 28.16 -8.11 62.38
N LEU D 81 28.68 -8.08 61.16
CA LEU D 81 28.95 -6.81 60.47
C LEU D 81 27.65 -6.32 59.83
N ILE D 82 26.97 -5.38 60.49
CA ILE D 82 25.59 -5.01 60.13
C ILE D 82 25.49 -4.42 58.73
N ALA D 83 26.48 -3.67 58.29
CA ALA D 83 26.47 -3.11 56.94
C ALA D 83 26.30 -4.21 55.88
N ASP D 84 26.97 -5.34 56.09
CA ASP D 84 26.82 -6.51 55.22
C ASP D 84 25.39 -7.05 55.16
N ALA D 85 24.62 -6.88 56.23
CA ALA D 85 23.24 -7.37 56.26
C ALA D 85 22.27 -6.68 55.30
N LYS D 86 22.53 -5.42 54.94
CA LYS D 86 21.57 -4.62 54.17
C LYS D 86 21.17 -5.27 52.84
N THR D 87 22.15 -5.68 52.05
CA THR D 87 21.83 -6.33 50.77
C THR D 87 21.12 -7.68 50.94
N LEU D 88 21.31 -8.36 52.07
CA LEU D 88 20.60 -9.61 52.36
C LEU D 88 19.14 -9.35 52.72
N ILE D 89 18.91 -8.32 53.53
CA ILE D 89 17.57 -7.91 53.95
C ILE D 89 16.79 -7.46 52.72
N ASP D 90 17.40 -6.60 51.91
CA ASP D 90 16.76 -6.10 50.72
C ASP D 90 16.39 -7.22 49.77
N LYS D 91 17.27 -8.22 49.66
CA LYS D 91 16.98 -9.40 48.84
C LYS D 91 15.77 -10.18 49.41
N ALA D 92 15.70 -10.36 50.73
CA ALA D 92 14.54 -11.00 51.34
C ALA D 92 13.23 -10.23 51.06
N ARG D 93 13.28 -8.91 51.15
CA ARG D 93 12.11 -8.09 50.92
C ARG D 93 11.63 -8.21 49.49
N VAL D 94 12.57 -8.05 48.57
CA VAL D 94 12.29 -8.11 47.13
C VAL D 94 11.75 -9.48 46.73
N GLU D 95 12.30 -10.53 47.29
CA GLU D 95 11.87 -11.89 47.03
C GLU D 95 10.42 -12.18 47.49
N THR D 96 10.03 -11.65 48.65
CA THR D 96 8.70 -11.91 49.18
C THR D 96 7.66 -11.14 48.35
N GLN D 97 8.05 -9.95 47.89
CA GLN D 97 7.20 -9.15 47.04
C GLN D 97 7.07 -9.75 45.63
N ASN D 98 8.16 -10.27 45.08
CA ASN D 98 8.10 -11.02 43.82
C ASN D 98 7.22 -12.25 43.95
N HIS D 99 7.37 -12.96 45.05
CA HIS D 99 6.52 -14.13 45.27
C HIS D 99 5.05 -13.74 45.35
N TRP D 100 4.75 -12.61 46.00
CA TRP D 100 3.39 -12.14 46.12
C TRP D 100 2.87 -11.73 44.72
N PHE D 101 3.69 -10.99 43.98
CA PHE D 101 3.35 -10.58 42.64
C PHE D 101 2.97 -11.76 41.76
N THR D 102 3.83 -12.77 41.75
CA THR D 102 3.66 -13.88 40.84
C THR D 102 2.57 -14.87 41.25
N TYR D 103 2.49 -15.17 42.55
CA TYR D 103 1.61 -16.25 43.04
C TYR D 103 0.43 -15.83 43.89
N ASN D 104 0.35 -14.54 44.24
CA ASN D 104 -0.76 -14.01 45.04
C ASN D 104 -0.92 -14.74 46.37
N GLU D 105 0.21 -14.89 47.05
CA GLU D 105 0.28 -15.59 48.32
C GLU D 105 1.51 -15.15 49.08
N THR D 106 1.51 -15.43 50.35
CA THR D 106 2.66 -15.13 51.18
C THR D 106 3.69 -16.22 50.97
N MET D 107 4.95 -15.80 50.87
CA MET D 107 6.11 -16.72 50.80
C MET D 107 6.34 -17.32 52.20
N THR D 108 6.66 -18.61 52.28
CA THR D 108 6.96 -19.21 53.61
C THR D 108 8.29 -18.71 54.18
N VAL D 109 8.42 -18.78 55.51
CA VAL D 109 9.65 -18.35 56.21
C VAL D 109 10.85 -19.13 55.70
N GLU D 110 10.68 -20.45 55.59
CA GLU D 110 11.69 -21.34 55.03
C GLU D 110 12.15 -20.91 53.64
N SER D 111 11.19 -20.58 52.78
CA SER D 111 11.47 -20.20 51.40
C SER D 111 12.23 -18.88 51.29
N VAL D 112 11.86 -17.91 52.12
CA VAL D 112 12.60 -16.65 52.20
C VAL D 112 14.03 -16.94 52.64
N THR D 113 14.19 -17.71 53.71
CA THR D 113 15.52 -17.97 54.26
C THR D 113 16.38 -18.66 53.18
N GLN D 114 15.80 -19.65 52.51
CA GLN D 114 16.45 -20.35 51.39
C GLN D 114 16.92 -19.42 50.27
N ALA D 115 16.09 -18.45 49.92
CA ALA D 115 16.43 -17.54 48.84
C ALA D 115 17.65 -16.71 49.21
N VAL D 116 17.61 -16.16 50.42
CA VAL D 116 18.71 -15.36 50.95
C VAL D 116 19.97 -16.21 51.04
N SER D 117 19.82 -17.46 51.45
CA SER D 117 20.98 -18.32 51.66
C SER D 117 21.68 -18.71 50.36
N ASN D 118 20.97 -18.66 49.24
CA ASN D 118 21.57 -18.93 47.95
C ASN D 118 22.55 -17.84 47.47
N LEU D 119 22.53 -16.68 48.11
CA LEU D 119 23.56 -15.66 47.90
C LEU D 119 24.90 -16.04 48.55
N ALA D 120 24.85 -16.85 49.60
CA ALA D 120 26.01 -17.09 50.48
C ALA D 120 27.43 -17.36 49.93
N LEU D 121 27.65 -18.35 49.05
CA LEU D 121 28.94 -18.65 48.51
C LEU D 121 29.16 -18.03 47.14
N GLN D 122 28.34 -17.06 46.76
CA GLN D 122 28.51 -16.39 45.47
C GLN D 122 29.52 -15.25 45.54
N PHE D 123 30.76 -15.58 45.89
CA PHE D 123 31.87 -14.65 45.83
C PHE D 123 33.00 -15.34 45.07
N GLY D 124 33.95 -14.57 44.60
CA GLY D 124 35.06 -15.11 43.84
C GLY D 124 35.64 -14.00 43.00
N GLU D 125 36.79 -14.25 42.37
CA GLU D 125 37.54 -13.18 41.71
C GLU D 125 37.96 -13.44 40.25
N GLU D 126 37.30 -14.38 39.56
CA GLU D 126 37.47 -14.50 38.08
C GLU D 126 36.38 -15.29 37.27
N ASP D 127 35.27 -15.69 37.91
CA ASP D 127 34.13 -16.28 37.18
C ASP D 127 33.21 -15.17 36.62
N ALA D 128 32.89 -14.17 37.44
CA ALA D 128 31.60 -13.41 37.36
C ALA D 128 31.68 -11.93 36.79
N ASP D 129 30.67 -11.09 37.11
CA ASP D 129 30.56 -9.71 36.57
C ASP D 129 31.71 -8.77 36.96
N PRO D 130 31.87 -7.63 36.24
CA PRO D 130 33.07 -6.77 36.38
C PRO D 130 33.52 -6.42 37.85
N GLY D 131 32.57 -6.33 38.78
CA GLY D 131 32.87 -6.40 40.21
C GLY D 131 31.76 -6.98 41.10
N ALA D 132 31.64 -8.32 41.13
CA ALA D 132 30.65 -9.02 41.99
C ALA D 132 31.27 -9.22 43.38
N MET D 133 30.59 -9.94 44.28
CA MET D 133 31.07 -10.09 45.67
C MET D 133 32.51 -10.62 45.73
N SER D 134 33.36 -9.96 46.51
CA SER D 134 34.75 -10.35 46.67
C SER D 134 34.99 -11.31 47.84
N ARG D 135 34.01 -11.38 48.73
CA ARG D 135 34.16 -12.10 49.99
C ARG D 135 32.78 -12.46 50.48
N PRO D 136 32.67 -13.42 51.40
CA PRO D 136 31.34 -13.69 51.98
C PRO D 136 30.79 -12.56 52.86
N PHE D 137 29.57 -12.77 53.35
CA PHE D 137 28.88 -11.82 54.23
C PHE D 137 29.21 -12.13 55.67
N GLY D 138 29.66 -11.14 56.44
CA GLY D 138 30.01 -11.35 57.87
C GLY D 138 28.86 -11.21 58.85
N VAL D 139 27.81 -12.00 58.63
CA VAL D 139 26.48 -11.76 59.21
C VAL D 139 25.82 -13.08 59.52
N ALA D 140 25.12 -13.15 60.64
CA ALA D 140 24.19 -14.26 60.92
C ALA D 140 22.80 -13.67 61.03
N LEU D 141 21.79 -14.46 60.69
CA LEU D 141 20.41 -13.98 60.67
C LEU D 141 19.44 -14.98 61.30
N LEU D 142 18.50 -14.43 62.08
CA LEU D 142 17.32 -15.15 62.53
C LEU D 142 16.08 -14.61 61.80
N PHE D 143 15.48 -15.42 60.92
CA PHE D 143 14.18 -15.13 60.35
C PHE D 143 13.09 -15.74 61.24
N GLY D 144 12.24 -14.88 61.81
CA GLY D 144 11.09 -15.28 62.61
C GLY D 144 9.80 -14.80 61.96
N GLY D 145 8.85 -15.72 61.82
CA GLY D 145 7.57 -15.38 61.22
C GLY D 145 6.50 -16.44 61.33
N VAL D 146 5.38 -16.20 60.64
CA VAL D 146 4.25 -17.13 60.63
C VAL D 146 3.77 -17.36 59.20
N ASP D 147 3.57 -18.64 58.86
CA ASP D 147 3.02 -19.07 57.58
C ASP D 147 2.07 -20.25 57.83
N GLU D 148 1.60 -20.91 56.77
CA GLU D 148 0.67 -22.04 56.93
C GLU D 148 1.22 -23.25 57.73
N LYS D 149 2.55 -23.36 57.86
CA LYS D 149 3.15 -24.36 58.76
C LYS D 149 3.13 -23.91 60.23
N GLY D 150 2.61 -22.71 60.51
CA GLY D 150 2.52 -22.15 61.87
C GLY D 150 3.67 -21.19 62.13
N PRO D 151 3.85 -20.76 63.40
CA PRO D 151 4.99 -19.90 63.77
C PRO D 151 6.32 -20.59 63.51
N GLN D 152 7.32 -19.83 63.06
CA GLN D 152 8.57 -20.41 62.61
C GLN D 152 9.80 -19.53 62.72
N LEU D 153 10.89 -20.12 63.18
CA LEU D 153 12.17 -19.44 63.38
C LEU D 153 13.25 -20.21 62.67
N PHE D 154 14.02 -19.52 61.82
CA PHE D 154 15.14 -20.12 61.09
C PHE D 154 16.43 -19.35 61.34
N HIS D 155 17.54 -20.08 61.41
CA HIS D 155 18.87 -19.51 61.56
C HIS D 155 19.62 -19.64 60.25
N MET D 156 20.42 -18.65 59.92
CA MET D 156 21.30 -18.72 58.76
C MET D 156 22.63 -18.09 59.10
N ASP D 157 23.73 -18.69 58.64
CA ASP D 157 25.09 -18.14 58.84
C ASP D 157 25.82 -17.91 57.50
N PRO D 158 27.05 -17.38 57.51
CA PRO D 158 27.76 -17.08 56.25
C PRO D 158 28.07 -18.26 55.32
N SER D 159 27.99 -19.47 55.83
CA SER D 159 28.17 -20.66 54.99
C SER D 159 27.06 -20.88 53.98
N GLY D 160 25.89 -20.33 54.27
CA GLY D 160 24.71 -20.57 53.46
C GLY D 160 23.85 -21.68 54.04
N THR D 161 24.29 -22.25 55.15
CA THR D 161 23.51 -23.27 55.83
C THR D 161 22.40 -22.56 56.58
N PHE D 162 21.18 -23.08 56.46
CA PHE D 162 20.05 -22.55 57.22
C PHE D 162 19.24 -23.68 57.80
N VAL D 163 18.60 -23.42 58.93
CA VAL D 163 17.89 -24.48 59.65
C VAL D 163 16.84 -23.89 60.61
N GLN D 164 15.72 -24.61 60.75
CA GLN D 164 14.66 -24.28 61.70
C GLN D 164 15.21 -24.50 63.11
N CYS D 165 14.84 -23.65 64.06
CA CYS D 165 15.28 -23.73 65.45
C CYS D 165 14.14 -23.38 66.39
N ASP D 166 13.91 -24.17 67.43
CA ASP D 166 12.90 -23.83 68.42
C ASP D 166 13.33 -22.64 69.27
N ALA D 167 14.63 -22.54 69.54
CA ALA D 167 15.22 -21.30 70.07
C ALA D 167 16.69 -21.19 69.69
N ARG D 168 17.18 -19.96 69.57
CA ARG D 168 18.54 -19.74 69.09
C ARG D 168 19.07 -18.38 69.46
N ALA D 169 20.31 -18.36 69.93
CA ALA D 169 21.04 -17.12 70.14
C ALA D 169 22.14 -17.00 69.10
N ILE D 170 22.51 -15.77 68.76
CA ILE D 170 23.63 -15.50 67.86
C ILE D 170 24.37 -14.28 68.38
N GLY D 171 25.62 -14.13 67.97
CA GLY D 171 26.48 -13.03 68.44
C GLY D 171 27.48 -13.42 69.52
N SER D 172 28.09 -12.39 70.12
CA SER D 172 29.20 -12.52 71.09
C SER D 172 28.93 -13.50 72.22
N ALA D 173 27.75 -13.42 72.83
CA ALA D 173 27.47 -14.24 74.00
C ALA D 173 26.53 -15.44 73.71
N SER D 174 26.62 -16.01 72.50
CA SER D 174 25.62 -16.99 72.07
C SER D 174 25.80 -18.38 72.69
N GLU D 175 27.04 -18.77 72.96
N GLU D 175 27.02 -18.79 73.02
CA GLU D 175 27.35 -19.85 73.85
CA GLU D 175 27.26 -20.03 73.81
C GLU D 175 27.24 -18.98 75.07
C GLU D 175 26.51 -20.12 75.16
N GLY D 176 27.00 -19.51 76.23
CA GLY D 176 26.16 -18.81 77.21
C GLY D 176 24.65 -18.72 77.02
N ALA D 177 24.19 -17.82 76.17
CA ALA D 177 22.75 -17.62 75.93
C ALA D 177 22.04 -18.90 75.47
N GLN D 178 22.66 -19.62 74.53
CA GLN D 178 22.11 -20.89 74.04
C GLN D 178 21.95 -21.90 75.17
N SER D 179 22.90 -21.92 76.11
CA SER D 179 22.81 -22.81 77.27
C SER D 179 21.58 -22.52 78.09
N SER D 180 21.36 -21.22 78.36
CA SER D 180 20.20 -20.78 79.13
C SER D 180 18.90 -21.08 78.38
N LEU D 181 18.92 -20.99 77.05
CA LEU D 181 17.75 -21.33 76.25
C LEU D 181 17.36 -22.81 76.33
N GLN D 182 18.32 -23.74 76.31
CA GLN D 182 18.00 -25.20 76.48
C GLN D 182 17.33 -25.42 77.85
N GLU D 183 17.76 -24.66 78.87
CA GLU D 183 17.20 -24.74 80.22
C GLU D 183 15.75 -24.29 80.29
N VAL D 184 15.48 -23.06 79.84
CA VAL D 184 14.13 -22.47 79.95
C VAL D 184 13.10 -22.96 78.90
N TYR D 185 13.54 -23.34 77.70
CA TYR D 185 12.58 -23.66 76.62
C TYR D 185 11.80 -24.95 76.85
N HIS D 186 10.50 -24.93 76.55
CA HIS D 186 9.72 -26.17 76.26
C HIS D 186 8.73 -25.93 75.10
N LYS D 187 8.34 -27.02 74.42
CA LYS D 187 7.44 -26.94 73.25
C LYS D 187 6.09 -26.27 73.50
N SER D 188 5.53 -26.50 74.69
CA SER D 188 4.25 -25.93 75.12
C SER D 188 4.36 -24.56 75.86
N MET D 189 5.54 -23.93 75.78
CA MET D 189 5.78 -22.58 76.32
C MET D 189 4.91 -21.52 75.63
N THR D 190 4.38 -20.54 76.39
CA THR D 190 3.59 -19.44 75.80
C THR D 190 4.51 -18.38 75.20
N LEU D 191 3.94 -17.47 74.41
CA LEU D 191 4.70 -16.36 73.84
C LEU D 191 5.16 -15.37 74.91
N LYS D 192 4.28 -15.04 75.86
CA LYS D 192 4.63 -14.03 76.86
C LYS D 192 5.77 -14.52 77.78
N GLU D 193 5.77 -15.83 78.04
CA GLU D 193 6.87 -16.51 78.74
C GLU D 193 8.17 -16.48 77.94
N ALA D 194 8.09 -16.75 76.65
CA ALA D 194 9.27 -16.67 75.76
C ALA D 194 9.85 -15.25 75.67
N ILE D 195 8.97 -14.25 75.73
CA ILE D 195 9.39 -12.84 75.76
C ILE D 195 10.21 -12.55 77.02
N LYS D 196 9.62 -12.87 78.18
CA LYS D 196 10.30 -12.73 79.50
C LYS D 196 11.66 -13.46 79.55
N SER D 197 11.64 -14.75 79.19
CA SER D 197 12.86 -15.58 79.09
C SER D 197 14.02 -14.95 78.33
N SER D 198 13.72 -14.39 77.15
CA SER D 198 14.76 -13.82 76.28
C SER D 198 15.31 -12.50 76.83
N LEU D 199 14.48 -11.73 77.52
CA LEU D 199 14.98 -10.56 78.22
C LEU D 199 15.81 -10.94 79.45
N ILE D 200 15.36 -11.96 80.19
CA ILE D 200 16.14 -12.50 81.31
C ILE D 200 17.54 -12.88 80.84
N ILE D 201 17.59 -13.61 79.73
CA ILE D 201 18.86 -14.07 79.18
C ILE D 201 19.69 -12.90 78.66
N LEU D 202 19.10 -11.98 77.92
CA LEU D 202 19.83 -10.78 77.46
C LEU D 202 20.39 -9.98 78.64
N LYS D 203 19.62 -9.88 79.72
CA LYS D 203 20.08 -9.17 80.93
C LYS D 203 21.37 -9.79 81.47
N GLN D 204 21.39 -11.12 81.61
CA GLN D 204 22.60 -11.85 82.02
C GLN D 204 23.80 -11.48 81.17
N VAL D 205 23.66 -11.61 79.86
CA VAL D 205 24.82 -11.64 78.97
C VAL D 205 25.30 -10.28 78.46
N MET D 206 24.48 -9.23 78.60
CA MET D 206 24.85 -7.89 78.16
C MET D 206 25.92 -7.34 79.09
N GLU D 207 26.86 -6.57 78.54
CA GLU D 207 27.85 -5.84 79.35
C GLU D 207 27.19 -4.72 80.16
N GLU D 208 26.22 -4.02 79.54
CA GLU D 208 25.47 -2.92 80.19
C GLU D 208 24.20 -3.37 80.94
N LYS D 209 23.78 -2.53 81.88
CA LYS D 209 22.49 -2.69 82.57
C LYS D 209 21.36 -2.57 81.54
N LEU D 210 20.57 -3.64 81.40
CA LEU D 210 19.45 -3.65 80.44
C LEU D 210 18.41 -2.59 80.81
N ASN D 211 17.88 -1.90 79.79
CA ASN D 211 16.76 -0.96 79.94
C ASN D 211 15.92 -0.89 78.65
N ALA D 212 14.91 -0.02 78.62
CA ALA D 212 14.00 0.08 77.47
C ALA D 212 14.56 0.80 76.22
N THR D 213 15.73 1.44 76.34
CA THR D 213 16.39 2.10 75.19
C THR D 213 17.47 1.24 74.50
N ASN D 214 18.22 0.42 75.24
CA ASN D 214 19.35 -0.36 74.66
C ASN D 214 19.07 -1.83 74.25
N ILE D 215 17.79 -2.14 74.04
CA ILE D 215 17.39 -3.39 73.37
C ILE D 215 16.23 -3.13 72.39
N GLU D 216 15.96 -4.12 71.54
CA GLU D 216 14.78 -4.15 70.70
C GLU D 216 14.11 -5.49 70.87
N LEU D 217 12.80 -5.48 70.82
CA LEU D 217 12.01 -6.68 70.78
C LEU D 217 10.93 -6.56 69.68
N ALA D 218 10.67 -7.67 69.01
CA ALA D 218 9.61 -7.75 68.01
C ALA D 218 8.98 -9.13 68.03
N THR D 219 7.70 -9.20 67.68
CA THR D 219 6.99 -10.47 67.63
C THR D 219 6.25 -10.62 66.32
N VAL D 220 5.93 -11.87 66.00
CA VAL D 220 5.00 -12.19 64.93
C VAL D 220 4.12 -13.33 65.43
N GLN D 221 2.81 -13.17 65.28
CA GLN D 221 1.83 -14.11 65.82
C GLN D 221 0.83 -14.51 64.74
N PRO D 222 0.19 -15.69 64.88
CA PRO D 222 -0.81 -16.11 63.88
C PRO D 222 -1.85 -15.02 63.60
N GLY D 223 -2.37 -14.42 64.66
CA GLY D 223 -3.34 -13.34 64.54
C GLY D 223 -2.78 -12.06 63.92
N GLN D 224 -1.58 -11.68 64.34
CA GLN D 224 -1.12 -10.29 64.24
C GLN D 224 0.16 -10.14 63.41
N ASN D 225 0.27 -9.01 62.71
CA ASN D 225 1.44 -8.71 61.89
C ASN D 225 2.67 -8.46 62.75
N PHE D 226 3.83 -8.58 62.10
CA PHE D 226 5.11 -8.14 62.65
C PHE D 226 4.95 -6.87 63.46
N HIS D 227 5.45 -6.90 64.69
CA HIS D 227 5.26 -5.80 65.61
C HIS D 227 6.51 -5.48 66.44
N MET D 228 7.11 -4.33 66.17
CA MET D 228 8.21 -3.80 66.96
C MET D 228 7.63 -3.23 68.25
N PHE D 229 8.23 -3.61 69.39
CA PHE D 229 7.83 -3.09 70.68
C PHE D 229 8.23 -1.62 70.84
N THR D 230 7.31 -0.83 71.39
CA THR D 230 7.52 0.57 71.75
C THR D 230 8.27 0.69 73.09
N LYS D 231 8.83 1.88 73.36
CA LYS D 231 9.47 2.19 74.66
C LYS D 231 8.55 1.80 75.81
N GLU D 232 7.28 2.22 75.71
CA GLU D 232 6.26 1.96 76.73
C GLU D 232 5.98 0.45 76.91
N GLU D 233 5.90 -0.28 75.81
CA GLU D 233 5.65 -1.74 75.85
C GLU D 233 6.85 -2.54 76.36
N LEU D 234 8.06 -2.01 76.16
CA LEU D 234 9.29 -2.63 76.68
C LEU D 234 9.35 -2.45 78.19
N GLU D 235 9.12 -1.22 78.65
CA GLU D 235 9.06 -0.91 80.09
C GLU D 235 8.09 -1.81 80.86
N GLU D 236 6.91 -2.07 80.30
CA GLU D 236 5.93 -3.01 80.90
C GLU D 236 6.52 -4.38 81.11
N VAL D 237 7.18 -4.91 80.09
CA VAL D 237 7.80 -6.25 80.15
C VAL D 237 9.02 -6.28 81.09
N ILE D 238 9.79 -5.19 81.11
CA ILE D 238 10.98 -5.09 81.97
C ILE D 238 10.67 -5.12 83.48
N LYS D 239 9.47 -4.72 83.91
CA LYS D 239 9.12 -4.65 85.36
C LYS D 239 9.39 -5.93 86.16
N ASP D 240 8.96 -7.06 85.64
CA ASP D 240 9.17 -8.39 86.27
C ASP D 240 10.65 -8.79 86.28
N ILE D 241 11.40 -8.19 85.36
CA ILE D 241 12.83 -8.43 85.20
C ILE D 241 13.55 -7.20 85.72
N ASN E 4 52.14 -27.36 50.11
CA ASN E 4 52.46 -26.00 50.69
C ASN E 4 52.40 -24.85 49.61
N GLN E 5 53.43 -24.73 48.77
CA GLN E 5 53.27 -23.91 47.52
C GLN E 5 52.39 -24.61 46.48
N TYR E 6 52.16 -25.92 46.64
CA TYR E 6 51.30 -26.69 45.77
C TYR E 6 49.87 -26.89 46.28
N ASP E 7 49.45 -26.25 47.36
CA ASP E 7 48.12 -26.58 47.88
C ASP E 7 47.06 -25.49 47.96
N ASN E 8 47.29 -24.32 47.37
CA ASN E 8 46.29 -23.27 47.40
C ASN E 8 45.47 -23.10 46.12
N ASP E 9 45.99 -23.56 44.98
CA ASP E 9 45.39 -23.35 43.67
C ASP E 9 45.03 -24.67 43.04
N VAL E 10 43.81 -24.78 42.53
CA VAL E 10 43.35 -26.02 41.91
C VAL E 10 44.03 -26.27 40.57
N THR E 11 44.66 -25.22 40.02
CA THR E 11 45.43 -25.32 38.78
C THR E 11 46.86 -25.75 38.97
N VAL E 12 47.30 -25.96 40.21
CA VAL E 12 48.70 -26.33 40.48
C VAL E 12 48.85 -27.81 40.78
N TRP E 13 49.41 -28.55 39.82
CA TRP E 13 49.79 -29.95 40.03
C TRP E 13 50.91 -29.98 41.01
N SER E 14 50.86 -30.94 41.93
CA SER E 14 52.02 -31.18 42.82
C SER E 14 53.09 -32.01 42.08
N PRO E 15 54.28 -32.10 42.66
CA PRO E 15 55.33 -32.96 42.03
C PRO E 15 55.16 -34.51 42.10
N GLN E 16 54.13 -34.97 42.85
CA GLN E 16 53.64 -36.34 42.81
C GLN E 16 52.42 -36.54 41.90
N GLY E 17 51.99 -35.52 41.13
CA GLY E 17 50.87 -35.67 40.21
C GLY E 17 49.53 -35.71 40.93
N ARG E 18 49.39 -34.83 41.91
CA ARG E 18 48.16 -34.68 42.65
C ARG E 18 47.73 -33.22 42.65
N ILE E 19 46.47 -32.98 43.02
CA ILE E 19 45.93 -31.64 43.14
C ILE E 19 45.38 -31.58 44.56
N HIS E 20 46.09 -30.87 45.41
CA HIS E 20 45.75 -30.81 46.81
C HIS E 20 44.38 -30.16 47.04
N GLN E 21 44.04 -29.11 46.29
CA GLN E 21 42.73 -28.48 46.42
C GLN E 21 41.58 -29.45 46.19
N ILE E 22 41.77 -30.40 45.28
CA ILE E 22 40.75 -31.42 45.08
C ILE E 22 40.67 -32.31 46.30
N GLU E 23 41.83 -32.82 46.75
CA GLU E 23 41.87 -33.64 47.96
C GLU E 23 41.26 -32.95 49.16
N TYR E 24 41.55 -31.67 49.34
CA TYR E 24 40.98 -30.92 50.45
C TYR E 24 39.48 -30.82 50.34
N ALA E 25 38.98 -30.53 49.13
CA ALA E 25 37.54 -30.55 48.88
C ALA E 25 36.87 -31.87 49.31
N MET E 26 37.55 -32.98 49.03
CA MET E 26 37.07 -34.29 49.45
C MET E 26 36.92 -34.46 50.98
N GLU E 27 37.76 -33.76 51.75
CA GLU E 27 37.61 -33.75 53.21
C GLU E 27 36.32 -33.15 53.67
N ALA E 28 35.81 -32.18 52.92
CA ALA E 28 34.51 -31.61 53.23
C ALA E 28 33.45 -32.70 53.28
N VAL E 29 33.50 -33.65 52.36
CA VAL E 29 32.49 -34.73 52.37
C VAL E 29 32.80 -35.74 53.47
N LYS E 30 34.07 -36.09 53.68
CA LYS E 30 34.44 -37.01 54.81
C LYS E 30 33.97 -36.56 56.20
N GLN E 31 33.93 -35.25 56.43
CA GLN E 31 33.45 -34.70 57.70
C GLN E 31 31.95 -34.42 57.77
N GLY E 32 31.22 -34.54 56.66
CA GLY E 32 29.75 -34.52 56.70
C GLY E 32 29.18 -35.73 57.42
N SER E 33 27.94 -35.65 57.85
CA SER E 33 27.32 -36.78 58.54
C SER E 33 27.09 -37.89 57.54
N ALA E 34 26.97 -39.11 58.03
CA ALA E 34 26.92 -40.27 57.15
C ALA E 34 25.60 -40.41 56.40
N THR E 35 25.68 -40.94 55.20
CA THR E 35 24.53 -41.37 54.47
C THR E 35 24.84 -42.68 53.73
N VAL E 36 23.80 -43.50 53.61
CA VAL E 36 23.87 -44.79 52.95
C VAL E 36 22.92 -44.78 51.73
N GLY E 37 23.38 -45.40 50.65
CA GLY E 37 22.57 -45.69 49.49
C GLY E 37 22.71 -47.16 49.12
N LEU E 38 21.58 -47.81 48.84
CA LEU E 38 21.57 -49.20 48.34
C LEU E 38 20.33 -49.50 47.46
N LYS E 39 20.41 -50.58 46.69
CA LYS E 39 19.37 -50.96 45.76
C LYS E 39 19.12 -52.46 45.70
N SER E 40 17.89 -52.80 45.27
CA SER E 40 17.45 -54.16 44.93
C SER E 40 17.13 -54.24 43.42
N LYS E 41 16.46 -55.30 42.98
CA LYS E 41 15.98 -55.42 41.60
C LYS E 41 14.98 -54.28 41.24
N THR E 42 14.19 -53.87 42.24
CA THR E 42 13.06 -52.97 42.04
C THR E 42 13.13 -51.58 42.67
N HIS E 43 14.02 -51.34 43.65
CA HIS E 43 14.03 -50.05 44.38
C HIS E 43 15.42 -49.54 44.69
N ALA E 44 15.56 -48.21 44.75
CA ALA E 44 16.78 -47.56 45.22
C ALA E 44 16.44 -46.76 46.47
N VAL E 45 17.16 -47.04 47.56
CA VAL E 45 16.96 -46.37 48.85
C VAL E 45 18.14 -45.52 49.23
N LEU E 46 17.84 -44.36 49.81
CA LEU E 46 18.79 -43.52 50.50
C LEU E 46 18.40 -43.42 51.97
N VAL E 47 19.40 -43.39 52.83
CA VAL E 47 19.20 -43.28 54.29
C VAL E 47 20.25 -42.31 54.83
N ALA E 48 19.85 -41.37 55.67
CA ALA E 48 20.76 -40.29 56.07
C ALA E 48 20.66 -39.93 57.53
N LEU E 49 21.80 -39.65 58.15
CA LEU E 49 21.86 -39.11 59.52
C LEU E 49 21.84 -37.61 59.44
N LYS E 50 20.93 -36.99 60.17
CA LYS E 50 20.82 -35.53 60.16
C LYS E 50 21.51 -35.00 61.42
N ARG E 51 22.55 -34.18 61.22
CA ARG E 51 23.28 -33.54 62.33
C ARG E 51 22.46 -32.34 62.87
N ALA E 52 22.19 -32.35 64.17
CA ALA E 52 21.53 -31.22 64.88
C ALA E 52 22.58 -30.36 65.59
N GLN E 53 22.63 -29.07 65.26
CA GLN E 53 23.58 -28.11 65.86
C GLN E 53 23.42 -28.05 67.40
N SER E 54 22.21 -27.74 67.86
CA SER E 54 21.84 -27.76 69.29
C SER E 54 20.75 -28.81 69.56
N GLU E 55 20.32 -28.92 70.82
CA GLU E 55 19.17 -29.77 71.21
C GLU E 55 17.85 -29.25 70.60
N LEU E 56 17.73 -27.92 70.51
CA LEU E 56 16.52 -27.24 70.02
C LEU E 56 16.45 -27.00 68.49
N ALA E 57 17.57 -27.16 67.78
CA ALA E 57 17.57 -27.16 66.31
C ALA E 57 16.80 -28.37 65.72
N ALA E 58 16.14 -28.15 64.57
CA ALA E 58 15.36 -29.20 63.84
C ALA E 58 16.15 -30.43 63.38
N HIS E 59 17.28 -30.21 62.74
CA HIS E 59 18.09 -31.28 62.13
C HIS E 59 18.17 -30.98 60.62
N GLN E 60 19.41 -30.83 60.14
CA GLN E 60 19.69 -30.44 58.75
C GLN E 60 19.03 -31.37 57.74
N LYS E 61 18.36 -30.83 56.72
CA LYS E 61 17.87 -31.65 55.62
C LYS E 61 19.06 -32.29 54.87
N LYS E 62 19.01 -33.61 54.68
CA LYS E 62 20.04 -34.34 53.93
C LYS E 62 19.56 -35.01 52.65
N ILE E 63 18.26 -35.02 52.40
CA ILE E 63 17.71 -35.69 51.22
C ILE E 63 16.86 -34.71 50.45
N LEU E 64 17.06 -34.68 49.14
CA LEU E 64 16.42 -33.71 48.24
C LEU E 64 15.79 -34.37 47.03
N HIS E 65 14.56 -33.93 46.73
CA HIS E 65 13.86 -34.32 45.50
C HIS E 65 14.54 -33.65 44.30
N VAL E 66 14.86 -34.42 43.27
CA VAL E 66 15.39 -33.89 41.98
C VAL E 66 14.32 -33.95 40.86
N ASP E 67 13.77 -35.14 40.62
CA ASP E 67 12.62 -35.35 39.75
C ASP E 67 11.81 -36.51 40.29
N ASN E 68 10.72 -36.88 39.64
CA ASN E 68 9.86 -38.01 40.10
C ASN E 68 10.59 -39.33 40.24
N HIS E 69 11.67 -39.45 39.48
CA HIS E 69 12.41 -40.69 39.34
C HIS E 69 13.83 -40.61 39.95
N ILE E 70 14.17 -39.46 40.56
CA ILE E 70 15.50 -39.21 41.08
C ILE E 70 15.44 -38.40 42.36
N GLY E 71 16.16 -38.86 43.39
CA GLY E 71 16.46 -38.04 44.56
C GLY E 71 17.90 -38.23 45.03
N ILE E 72 18.39 -37.30 45.84
CA ILE E 72 19.78 -37.26 46.23
C ILE E 72 19.96 -37.13 47.75
N SER E 73 21.09 -37.68 48.22
CA SER E 73 21.58 -37.51 49.59
C SER E 73 22.91 -36.74 49.51
N ILE E 74 23.11 -35.84 50.48
CA ILE E 74 24.23 -34.91 50.43
C ILE E 74 25.21 -35.11 51.59
N ALA E 75 26.47 -34.81 51.33
CA ALA E 75 27.49 -34.74 52.37
C ALA E 75 28.53 -33.73 51.92
N GLY E 76 28.80 -32.71 52.76
CA GLY E 76 29.71 -31.63 52.40
C GLY E 76 29.05 -30.29 52.59
N LEU E 77 29.54 -29.29 51.87
CA LEU E 77 28.99 -27.93 51.97
C LEU E 77 27.53 -27.87 51.42
N THR E 78 26.60 -27.49 52.29
CA THR E 78 25.18 -27.39 51.95
C THR E 78 24.89 -26.49 50.72
N ALA E 79 25.54 -25.33 50.67
CA ALA E 79 25.37 -24.36 49.58
C ALA E 79 25.78 -24.91 48.24
N ASP E 80 26.86 -25.69 48.23
CA ASP E 80 27.27 -26.41 47.03
C ASP E 80 26.33 -27.55 46.71
N ALA E 81 25.77 -28.19 47.73
CA ALA E 81 24.74 -29.19 47.51
C ALA E 81 23.51 -28.61 46.79
N ARG E 82 23.01 -27.46 47.27
CA ARG E 82 21.86 -26.83 46.63
C ARG E 82 22.15 -26.41 45.18
N LEU E 83 23.32 -25.83 44.92
CA LEU E 83 23.69 -25.36 43.57
C LEU E 83 23.71 -26.51 42.58
N LEU E 84 24.22 -27.64 43.02
CA LEU E 84 24.28 -28.84 42.22
C LEU E 84 22.91 -29.49 42.10
N CYS E 85 22.13 -29.49 43.17
CA CYS E 85 20.78 -30.03 43.13
C CYS E 85 19.92 -29.25 42.14
N ASN E 86 20.09 -27.92 42.14
CA ASN E 86 19.38 -27.05 41.22
C ASN E 86 19.79 -27.27 39.79
N PHE E 87 21.09 -27.49 39.57
CA PHE E 87 21.58 -27.88 38.25
C PHE E 87 20.90 -29.17 37.76
N MET E 88 20.85 -30.17 38.64
CA MET E 88 20.26 -31.47 38.33
C MET E 88 18.77 -31.36 38.02
N ARG E 89 18.05 -30.57 38.82
CA ARG E 89 16.63 -30.28 38.62
C ARG E 89 16.35 -29.71 37.25
N GLN E 90 17.23 -28.81 36.82
CA GLN E 90 17.10 -28.10 35.55
C GLN E 90 17.34 -29.03 34.39
N GLU E 91 18.40 -29.82 34.46
CA GLU E 91 18.66 -30.82 33.42
C GLU E 91 17.49 -31.81 33.26
N CYS E 92 16.87 -32.20 34.37
CA CYS E 92 15.69 -33.06 34.34
C CYS E 92 14.47 -32.39 33.67
N LEU E 93 14.24 -31.11 33.98
CA LEU E 93 13.12 -30.38 33.40
C LEU E 93 13.33 -30.19 31.90
N ASP E 94 14.54 -29.78 31.51
CA ASP E 94 14.91 -29.66 30.11
C ASP E 94 14.64 -30.96 29.35
N SER E 95 15.04 -32.10 29.91
CA SER E 95 14.82 -33.36 29.23
C SER E 95 13.34 -33.68 29.05
N ARG E 96 12.51 -33.43 30.06
CA ARG E 96 11.05 -33.59 29.92
C ARG E 96 10.40 -32.58 28.96
N PHE E 97 10.89 -31.35 28.95
CA PHE E 97 10.39 -30.34 28.05
C PHE E 97 10.65 -30.79 26.60
N VAL E 98 11.88 -31.22 26.32
CA VAL E 98 12.28 -31.50 24.96
C VAL E 98 11.75 -32.82 24.46
N PHE E 99 11.89 -33.87 25.28
CA PHE E 99 11.60 -35.26 24.88
C PHE E 99 10.38 -35.90 25.53
N ASP E 100 9.76 -35.23 26.48
CA ASP E 100 8.56 -35.74 27.14
C ASP E 100 8.80 -37.08 27.80
N ARG E 101 10.01 -37.26 28.32
CA ARG E 101 10.38 -38.48 29.04
CA ARG E 101 10.36 -38.48 29.04
C ARG E 101 11.50 -38.24 30.03
N PRO E 102 11.56 -39.07 31.11
CA PRO E 102 12.54 -38.82 32.17
C PRO E 102 13.98 -38.85 31.70
N LEU E 103 14.80 -37.94 32.20
CA LEU E 103 16.26 -37.99 31.91
C LEU E 103 16.85 -39.28 32.48
N PRO E 104 17.52 -40.09 31.65
CA PRO E 104 18.11 -41.29 32.26
C PRO E 104 19.17 -40.95 33.32
N VAL E 105 19.22 -41.78 34.36
CA VAL E 105 20.00 -41.46 35.55
C VAL E 105 21.47 -41.43 35.18
N SER E 106 21.98 -42.38 34.40
CA SER E 106 23.41 -42.37 34.00
C SER E 106 23.78 -41.11 33.21
N ARG E 107 22.85 -40.62 32.40
CA ARG E 107 23.09 -39.40 31.64
C ARG E 107 23.12 -38.18 32.52
N LEU E 108 22.22 -38.09 33.50
CA LEU E 108 22.27 -36.99 34.44
C LEU E 108 23.62 -36.97 35.14
N VAL E 109 24.03 -38.14 35.61
CA VAL E 109 25.30 -38.27 36.33
C VAL E 109 26.49 -37.83 35.47
N SER E 110 26.51 -38.20 34.20
CA SER E 110 27.53 -37.71 33.28
C SER E 110 27.62 -36.20 33.20
N LEU E 111 26.46 -35.55 33.24
CA LEU E 111 26.37 -34.11 33.17
C LEU E 111 26.96 -33.51 34.43
N ILE E 112 26.70 -34.12 35.57
CA ILE E 112 27.32 -33.68 36.84
C ILE E 112 28.85 -33.72 36.72
N GLY E 113 29.37 -34.85 36.24
CA GLY E 113 30.80 -35.02 36.05
C GLY E 113 31.43 -33.95 35.20
N SER E 114 30.82 -33.72 34.05
CA SER E 114 31.26 -32.71 33.11
C SER E 114 31.23 -31.32 33.71
N LYS E 115 30.10 -31.01 34.34
CA LYS E 115 29.94 -29.73 34.97
C LYS E 115 30.95 -29.51 36.08
N THR E 116 31.06 -30.49 36.98
CA THR E 116 31.89 -30.31 38.19
C THR E 116 33.39 -30.36 37.90
N GLN E 117 33.78 -30.92 36.76
CA GLN E 117 35.19 -30.95 36.35
C GLN E 117 35.71 -29.59 35.97
N ILE E 118 34.83 -28.76 35.39
CA ILE E 118 35.25 -27.49 34.78
C ILE E 118 36.03 -26.60 35.76
N PRO E 119 35.48 -26.35 36.95
CA PRO E 119 36.23 -25.48 37.85
C PRO E 119 37.49 -26.12 38.43
N THR E 120 37.71 -27.42 38.25
CA THR E 120 38.97 -28.03 38.73
C THR E 120 40.16 -27.69 37.85
N GLN E 121 39.94 -27.02 36.71
CA GLN E 121 41.01 -26.80 35.75
C GLN E 121 41.26 -25.33 35.47
N ARG E 122 40.53 -24.42 36.13
CA ARG E 122 40.61 -22.99 35.84
C ARG E 122 41.02 -22.20 37.07
N TYR E 123 41.94 -21.27 36.86
CA TYR E 123 42.55 -20.53 37.95
C TYR E 123 41.56 -19.66 38.67
N GLY E 124 41.64 -19.63 39.98
CA GLY E 124 40.72 -18.86 40.79
C GLY E 124 39.37 -19.52 41.01
N ARG E 125 39.14 -20.68 40.42
CA ARG E 125 37.92 -21.45 40.67
C ARG E 125 38.25 -22.54 41.69
N ARG E 126 37.23 -23.23 42.15
CA ARG E 126 37.42 -24.27 43.14
C ARG E 126 36.57 -25.50 42.87
N PRO E 127 36.99 -26.66 43.41
CA PRO E 127 36.08 -27.77 43.30
C PRO E 127 34.76 -27.53 44.04
N TYR E 128 33.73 -28.29 43.66
CA TYR E 128 32.50 -28.38 44.46
C TYR E 128 32.83 -29.16 45.72
N GLY E 129 32.45 -28.65 46.88
CA GLY E 129 32.81 -29.29 48.15
C GLY E 129 31.73 -30.22 48.67
N VAL E 130 31.24 -31.09 47.81
CA VAL E 130 30.10 -31.90 48.11
C VAL E 130 30.17 -33.21 47.38
N GLY E 131 29.68 -34.25 48.03
CA GLY E 131 29.56 -35.53 47.40
C GLY E 131 28.12 -35.93 47.55
N LEU E 132 27.64 -36.67 46.55
CA LEU E 132 26.24 -37.02 46.50
C LEU E 132 26.10 -38.51 46.36
N LEU E 133 25.10 -39.07 47.03
CA LEU E 133 24.55 -40.37 46.64
C LEU E 133 23.27 -40.10 45.91
N ILE E 134 23.13 -40.72 44.74
CA ILE E 134 22.02 -40.43 43.82
C ILE E 134 21.17 -41.69 43.64
N ALA E 135 19.89 -41.62 44.03
CA ALA E 135 18.96 -42.73 43.86
C ALA E 135 18.05 -42.42 42.68
N GLY E 136 17.91 -43.38 41.77
CA GLY E 136 17.08 -43.21 40.61
C GLY E 136 16.45 -44.49 40.13
N TYR E 137 15.39 -44.35 39.35
CA TYR E 137 14.77 -45.45 38.63
C TYR E 137 14.45 -45.05 37.19
N ASP E 138 14.85 -45.89 36.24
CA ASP E 138 14.62 -45.64 34.82
C ASP E 138 14.50 -46.96 34.04
N ASP E 139 14.63 -46.91 32.71
CA ASP E 139 14.43 -48.10 31.86
C ASP E 139 15.40 -49.23 32.18
N MET E 140 16.56 -48.89 32.74
CA MET E 140 17.58 -49.86 33.13
C MET E 140 17.49 -50.25 34.64
N GLY E 141 16.36 -49.91 35.28
CA GLY E 141 16.09 -50.31 36.66
C GLY E 141 16.54 -49.30 37.70
N PRO E 142 16.77 -49.79 38.95
CA PRO E 142 17.18 -48.89 40.02
C PRO E 142 18.65 -48.61 39.93
N HIS E 143 19.03 -47.42 40.42
CA HIS E 143 20.42 -46.98 40.44
C HIS E 143 20.82 -46.30 41.72
N ILE E 144 22.06 -46.55 42.13
CA ILE E 144 22.72 -45.78 43.15
C ILE E 144 24.03 -45.27 42.53
N PHE E 145 24.16 -43.95 42.36
CA PHE E 145 25.42 -43.35 41.96
C PHE E 145 26.01 -42.53 43.08
N GLN E 146 27.32 -42.32 42.97
CA GLN E 146 28.09 -41.51 43.90
C GLN E 146 28.89 -40.50 43.10
N THR E 147 28.86 -39.23 43.52
CA THR E 147 29.64 -38.19 42.85
C THR E 147 30.58 -37.55 43.83
N 6V1 E 148 31.70 -37.04 43.35
CA 6V1 E 148 32.78 -36.49 44.17
C 6V1 E 148 33.24 -35.11 43.75
O 6V1 E 148 33.11 -34.75 42.60
CB 6V1 E 148 34.04 -37.35 44.08
SG 6V1 E 148 33.72 -39.03 44.54
C1 6V1 E 148 34.95 -39.43 45.75
C2 6V1 E 148 34.51 -39.03 47.15
N3 6V1 E 148 34.78 -39.98 48.05
C4 6V1 E 148 35.14 -41.12 47.43
C5 6V1 E 148 35.24 -40.93 45.92
C6 6V1 E 148 34.68 -39.80 49.51
O7 6V1 E 148 33.97 -37.96 47.40
O8 6V1 E 148 35.33 -42.20 47.98
C3 6V1 E 148 35.39 -38.56 50.02
N PRO E 149 33.87 -34.37 44.67
CA PRO E 149 34.52 -33.11 44.34
C PRO E 149 35.54 -33.15 43.20
N SER E 150 36.15 -34.30 42.98
CA SER E 150 37.09 -34.52 41.90
C SER E 150 36.44 -34.59 40.52
N ALA E 151 35.09 -34.63 40.52
CA ALA E 151 34.22 -34.78 39.33
C ALA E 151 34.07 -36.21 38.86
N ASN E 152 34.72 -37.15 39.55
CA ASN E 152 34.57 -38.56 39.23
C ASN E 152 33.23 -39.04 39.82
N TYR E 153 32.72 -40.12 39.29
CA TYR E 153 31.49 -40.67 39.75
C TYR E 153 31.50 -42.15 39.58
N PHE E 154 30.62 -42.80 40.33
CA PHE E 154 30.65 -44.22 40.47
C PHE E 154 29.26 -44.77 40.44
N ASP E 155 29.13 -45.90 39.75
CA ASP E 155 27.89 -46.64 39.67
C ASP E 155 28.03 -47.73 40.71
N CYS E 156 27.11 -47.75 41.67
CA CYS E 156 27.28 -48.57 42.88
C CYS E 156 26.18 -49.59 43.09
N ARG E 157 26.55 -50.72 43.68
CA ARG E 157 25.58 -51.67 44.22
C ARG E 157 25.01 -51.12 45.52
N ALA E 158 25.89 -50.52 46.31
CA ALA E 158 25.53 -49.75 47.48
C ALA E 158 26.72 -48.87 47.81
N MET E 159 26.53 -47.88 48.67
CA MET E 159 27.62 -46.98 49.04
C MET E 159 27.29 -46.24 50.33
N SER E 160 28.34 -45.76 51.01
CA SER E 160 28.21 -44.81 52.11
C SER E 160 29.31 -43.75 52.01
N ILE E 161 28.96 -42.52 52.39
CA ILE E 161 29.90 -41.39 52.45
C ILE E 161 29.68 -40.63 53.74
N GLY E 162 30.66 -39.82 54.12
CA GLY E 162 30.59 -39.02 55.35
C GLY E 162 31.36 -39.67 56.47
N ALA E 163 31.16 -39.14 57.67
CA ALA E 163 31.99 -39.51 58.80
C ALA E 163 31.69 -40.94 59.23
N ARG E 164 32.76 -41.68 59.50
CA ARG E 164 32.71 -43.09 59.92
C ARG E 164 31.93 -43.98 58.94
N SER E 165 31.91 -43.59 57.66
CA SER E 165 31.19 -44.33 56.64
C SER E 165 31.87 -45.65 56.28
N GLN E 166 33.16 -45.79 56.61
CA GLN E 166 33.89 -47.05 56.40
C GLN E 166 33.20 -48.21 57.09
N SER E 167 32.61 -47.97 58.27
CA SER E 167 31.82 -48.99 59.00
C SER E 167 30.59 -49.41 58.21
N ALA E 168 29.88 -48.42 57.66
CA ALA E 168 28.70 -48.66 56.85
C ALA E 168 29.08 -49.38 55.55
N ARG E 169 30.17 -48.96 54.92
CA ARG E 169 30.69 -49.69 53.77
C ARG E 169 30.98 -51.17 54.08
N THR E 170 31.56 -51.45 55.24
CA THR E 170 31.88 -52.83 55.64
C THR E 170 30.62 -53.68 55.83
N TYR E 171 29.60 -53.12 56.48
CA TYR E 171 28.30 -53.81 56.63
C TYR E 171 27.70 -54.10 55.27
N LEU E 172 27.70 -53.09 54.40
CA LEU E 172 27.12 -53.24 53.08
C LEU E 172 27.83 -54.32 52.29
N GLU E 173 29.16 -54.39 52.35
CA GLU E 173 29.89 -55.51 51.72
C GLU E 173 29.49 -56.87 52.26
N ARG E 174 29.31 -56.93 53.58
CA ARG E 174 28.95 -58.18 54.26
C ARG E 174 27.63 -58.74 53.71
N HIS E 175 26.63 -57.88 53.49
CA HIS E 175 25.29 -58.32 53.12
C HIS E 175 24.83 -58.03 51.67
N MET E 176 25.72 -57.56 50.81
CA MET E 176 25.31 -57.09 49.49
C MET E 176 24.72 -58.18 48.60
N SER E 177 25.21 -59.40 48.75
CA SER E 177 24.65 -60.54 48.02
C SER E 177 23.16 -60.78 48.28
N GLU E 178 22.65 -60.28 49.41
CA GLU E 178 21.24 -60.39 49.77
C GLU E 178 20.36 -59.31 49.13
N PHE E 179 20.96 -58.20 48.68
CA PHE E 179 20.19 -56.99 48.38
C PHE E 179 19.25 -57.10 47.18
N MET E 180 19.72 -57.73 46.10
CA MET E 180 18.99 -57.73 44.82
C MET E 180 17.60 -58.38 44.92
N GLU E 181 17.48 -59.34 45.81
CA GLU E 181 16.27 -60.12 46.05
C GLU E 181 15.40 -59.64 47.22
N CYS E 182 15.74 -58.50 47.83
CA CYS E 182 15.02 -57.98 49.00
C CYS E 182 13.75 -57.25 48.61
N ASN E 183 12.69 -57.45 49.42
CA ASN E 183 11.55 -56.54 49.38
C ASN E 183 11.95 -55.18 49.96
N LEU E 184 11.07 -54.19 49.85
CA LEU E 184 11.43 -52.82 50.19
C LEU E 184 11.78 -52.67 51.67
N ASN E 185 11.00 -53.35 52.52
CA ASN E 185 11.17 -53.21 53.94
C ASN E 185 12.54 -53.72 54.37
N GLU E 186 12.88 -54.92 53.90
CA GLU E 186 14.21 -55.52 54.11
C GLU E 186 15.33 -54.60 53.63
N LEU E 187 15.16 -54.03 52.45
CA LEU E 187 16.19 -53.18 51.86
C LEU E 187 16.46 -51.93 52.68
N VAL E 188 15.41 -51.32 53.22
CA VAL E 188 15.55 -50.15 54.10
C VAL E 188 16.16 -50.56 55.45
N LYS E 189 15.66 -51.65 56.02
CA LYS E 189 16.23 -52.29 57.20
C LYS E 189 17.77 -52.36 57.06
N HIS E 190 18.24 -52.92 55.95
CA HIS E 190 19.67 -53.01 55.63
C HIS E 190 20.36 -51.65 55.58
N GLY E 191 19.73 -50.69 54.93
CA GLY E 191 20.26 -49.33 54.86
C GLY E 191 20.38 -48.68 56.23
N LEU E 192 19.36 -48.86 57.05
CA LEU E 192 19.36 -48.35 58.42
C LEU E 192 20.42 -49.03 59.29
N ARG E 193 20.54 -50.34 59.18
CA ARG E 193 21.58 -51.07 59.92
C ARG E 193 22.98 -50.57 59.56
N ALA E 194 23.25 -50.40 58.27
CA ALA E 194 24.53 -49.86 57.83
C ALA E 194 24.80 -48.47 58.44
N LEU E 195 23.81 -47.59 58.34
CA LEU E 195 23.91 -46.24 58.92
C LEU E 195 24.21 -46.30 60.43
N ARG E 196 23.51 -47.20 61.12
CA ARG E 196 23.67 -47.37 62.57
C ARG E 196 25.09 -47.76 63.02
N GLU E 197 25.86 -48.41 62.15
CA GLU E 197 27.27 -48.75 62.41
C GLU E 197 28.16 -47.50 62.57
N THR E 198 27.77 -46.41 61.91
CA THR E 198 28.54 -45.15 61.94
C THR E 198 28.42 -44.42 63.27
N LEU E 199 27.44 -44.79 64.09
CA LEU E 199 27.17 -44.10 65.35
C LEU E 199 28.08 -44.54 66.51
N PRO E 200 28.43 -43.57 67.40
CA PRO E 200 29.02 -43.94 68.68
C PRO E 200 28.12 -44.90 69.42
N ALA E 201 28.72 -45.86 70.13
CA ALA E 201 28.02 -47.00 70.74
C ALA E 201 26.85 -46.60 71.68
N GLU E 202 26.99 -45.45 72.33
CA GLU E 202 25.91 -44.85 73.12
C GLU E 202 24.65 -44.73 72.27
N GLN E 203 24.80 -44.08 71.12
CA GLN E 203 23.70 -43.48 70.38
C GLN E 203 22.95 -44.48 69.50
N ASP E 204 21.67 -44.16 69.26
CA ASP E 204 20.73 -45.00 68.51
C ASP E 204 20.11 -44.16 67.39
N LEU E 205 19.51 -44.86 66.42
CA LEU E 205 18.71 -44.21 65.40
C LEU E 205 17.38 -43.82 66.03
N THR E 206 16.94 -42.61 65.72
CA THR E 206 15.68 -42.06 66.25
C THR E 206 14.92 -41.41 65.10
N THR E 207 13.68 -41.03 65.38
CA THR E 207 12.87 -40.30 64.42
C THR E 207 13.35 -38.86 64.26
N LYS E 208 14.10 -38.32 65.24
CA LYS E 208 14.69 -36.97 65.11
C LYS E 208 15.92 -36.93 64.18
N ASN E 209 16.67 -38.03 64.05
CA ASN E 209 17.94 -38.03 63.28
C ASN E 209 18.04 -38.84 61.97
N VAL E 210 17.03 -39.66 61.66
CA VAL E 210 17.03 -40.44 60.41
C VAL E 210 16.13 -39.78 59.37
N SER E 211 16.64 -39.73 58.15
CA SER E 211 15.88 -39.36 56.97
C SER E 211 16.04 -40.49 55.96
N ILE E 212 14.95 -40.81 55.26
CA ILE E 212 14.88 -41.91 54.27
C ILE E 212 14.32 -41.38 52.94
N GLY E 213 14.88 -41.87 51.84
CA GLY E 213 14.42 -41.56 50.50
C GLY E 213 14.26 -42.83 49.71
N ILE E 214 13.15 -42.98 48.99
CA ILE E 214 12.88 -44.22 48.25
C ILE E 214 12.29 -43.92 46.86
N VAL E 215 12.88 -44.55 45.85
CA VAL E 215 12.32 -44.58 44.51
C VAL E 215 12.35 -46.01 44.01
N GLY E 216 11.34 -46.38 43.23
CA GLY E 216 11.35 -47.64 42.53
C GLY E 216 10.34 -47.77 41.42
N LYS E 217 10.19 -48.99 40.93
CA LYS E 217 9.33 -49.33 39.78
C LYS E 217 7.92 -48.79 39.93
N ASP E 218 7.37 -48.85 41.13
CA ASP E 218 5.97 -48.48 41.36
C ASP E 218 5.83 -47.18 42.18
N LEU E 219 6.93 -46.45 42.38
CA LEU E 219 7.01 -45.44 43.44
C LEU E 219 7.92 -44.26 43.04
N GLU E 220 7.34 -43.06 43.04
CA GLU E 220 8.10 -41.85 42.77
C GLU E 220 9.01 -41.56 43.95
N PHE E 221 10.10 -40.85 43.72
CA PHE E 221 11.00 -40.49 44.80
C PHE E 221 10.23 -39.77 45.91
N THR E 222 10.30 -40.32 47.12
CA THR E 222 9.57 -39.87 48.30
C THR E 222 10.52 -39.82 49.51
N ILE E 223 10.33 -38.79 50.33
CA ILE E 223 11.16 -38.52 51.48
C ILE E 223 10.32 -38.74 52.73
N TYR E 224 10.88 -39.54 53.65
CA TYR E 224 10.29 -39.81 54.95
C TYR E 224 11.14 -39.14 56.06
N ASP E 225 10.48 -38.29 56.88
CA ASP E 225 11.12 -37.58 57.99
C ASP E 225 10.26 -37.66 59.22
N ASP E 226 10.92 -37.53 60.38
CA ASP E 226 10.24 -37.39 61.66
C ASP E 226 9.27 -38.56 61.89
N ASP E 227 8.00 -38.31 62.14
CA ASP E 227 7.07 -39.41 62.43
C ASP E 227 6.91 -40.42 61.29
N ASP E 228 7.16 -40.01 60.05
CA ASP E 228 7.07 -40.93 58.89
C ASP E 228 8.17 -42.02 58.82
N VAL E 229 9.24 -41.91 59.60
CA VAL E 229 10.28 -42.97 59.63
C VAL E 229 9.96 -44.05 60.65
N SER E 230 9.15 -43.72 61.65
CA SER E 230 8.78 -44.67 62.72
C SER E 230 8.46 -46.08 62.24
N PRO E 231 7.62 -46.24 61.21
CA PRO E 231 7.38 -47.60 60.67
C PRO E 231 8.65 -48.38 60.29
N PHE E 232 9.62 -47.71 59.67
CA PHE E 232 10.88 -48.32 59.25
C PHE E 232 11.83 -48.68 60.41
N LEU E 233 11.82 -47.87 61.49
CA LEU E 233 12.66 -48.14 62.67
C LEU E 233 12.12 -49.30 63.53
N GLU E 234 10.80 -49.38 63.70
CA GLU E 234 10.14 -50.44 64.48
C GLU E 234 10.37 -51.73 63.70
N GLY E 235 10.64 -52.82 64.41
CA GLY E 235 11.07 -54.04 63.75
C GLY E 235 12.41 -53.88 63.08
N LEU E 236 13.39 -53.34 63.82
CA LEU E 236 14.81 -53.63 63.64
C LEU E 236 15.08 -54.72 64.68
N GLU E 237 14.37 -55.84 64.52
CA GLU E 237 14.20 -56.87 65.56
C GLU E 237 14.97 -58.15 65.18
N GLY F 7 60.58 -20.52 42.85
CA GLY F 7 59.78 -21.75 42.51
C GLY F 7 59.27 -21.75 41.04
N TYR F 8 60.01 -22.50 40.21
CA TYR F 8 59.84 -22.58 38.74
C TYR F 8 58.82 -23.60 38.26
N ASP F 9 58.06 -24.22 39.15
CA ASP F 9 57.14 -25.30 38.76
C ASP F 9 55.69 -25.08 39.14
N LEU F 10 55.25 -23.83 39.24
CA LEU F 10 53.89 -23.54 39.70
C LEU F 10 52.90 -23.17 38.60
N SER F 11 53.40 -22.80 37.43
CA SER F 11 52.57 -22.33 36.33
C SER F 11 53.03 -22.90 35.03
N ALA F 12 52.09 -23.38 34.21
CA ALA F 12 52.39 -23.79 32.86
C ALA F 12 52.85 -22.63 31.92
N SER F 13 52.73 -21.37 32.38
CA SER F 13 53.28 -20.22 31.68
C SER F 13 54.73 -19.84 32.08
N THR F 14 55.41 -20.74 32.80
CA THR F 14 56.76 -20.47 33.29
C THR F 14 57.70 -21.58 32.86
N PHE F 15 58.72 -21.23 32.08
CA PHE F 15 59.82 -22.16 31.82
C PHE F 15 60.74 -22.18 33.03
N SER F 16 61.28 -23.36 33.33
CA SER F 16 62.43 -23.48 34.23
C SER F 16 63.71 -23.01 33.52
N PRO F 17 64.79 -22.68 34.27
CA PRO F 17 66.05 -22.30 33.59
C PRO F 17 66.68 -23.32 32.64
N ASP F 18 66.30 -24.58 32.74
CA ASP F 18 66.75 -25.64 31.79
C ASP F 18 65.78 -25.82 30.62
N GLY F 19 64.71 -25.02 30.56
CA GLY F 19 63.78 -25.05 29.45
C GLY F 19 62.70 -26.11 29.55
N ARG F 20 62.24 -26.39 30.75
CA ARG F 20 61.20 -27.38 30.95
C ARG F 20 59.93 -26.72 31.45
N VAL F 21 58.82 -27.41 31.29
CA VAL F 21 57.59 -26.93 31.83
C VAL F 21 57.14 -27.95 32.87
N PHE F 22 57.50 -27.73 34.13
CA PHE F 22 57.28 -28.75 35.13
C PHE F 22 55.82 -29.06 35.37
N GLN F 23 54.93 -28.08 35.25
CA GLN F 23 53.50 -28.37 35.42
C GLN F 23 53.00 -29.46 34.44
N VAL F 24 53.54 -29.48 33.23
CA VAL F 24 53.17 -30.50 32.27
C VAL F 24 53.77 -31.83 32.68
N GLU F 25 55.04 -31.80 33.06
CA GLU F 25 55.70 -32.97 33.62
C GLU F 25 54.95 -33.54 34.83
N TYR F 26 54.43 -32.69 35.70
CA TYR F 26 53.67 -33.18 36.85
C TYR F 26 52.35 -33.82 36.49
N ALA F 27 51.66 -33.27 35.49
CA ALA F 27 50.47 -33.89 34.94
C ALA F 27 50.77 -35.27 34.39
N MET F 28 51.86 -35.41 33.66
CA MET F 28 52.29 -36.73 33.15
C MET F 28 52.48 -37.76 34.28
N LYS F 29 52.94 -37.29 35.45
CA LYS F 29 53.11 -38.18 36.58
C LYS F 29 51.77 -38.76 37.08
N ALA F 30 50.70 -38.00 36.95
CA ALA F 30 49.35 -38.50 37.25
C ALA F 30 48.92 -39.66 36.36
N VAL F 31 49.35 -39.59 35.11
CA VAL F 31 49.11 -40.65 34.14
C VAL F 31 49.95 -41.85 34.54
N GLU F 32 51.23 -41.62 34.82
CA GLU F 32 52.09 -42.75 35.16
C GLU F 32 51.80 -43.37 36.53
N ASN F 33 51.04 -42.70 37.39
CA ASN F 33 50.50 -43.34 38.58
C ASN F 33 49.29 -44.23 38.35
N SER F 34 48.65 -44.07 37.20
CA SER F 34 47.39 -44.73 36.92
C SER F 34 47.68 -46.16 36.51
N SER F 35 46.68 -47.04 36.56
CA SER F 35 46.86 -48.41 36.06
C SER F 35 46.93 -48.44 34.54
N THR F 36 47.34 -49.58 33.98
CA THR F 36 47.80 -49.61 32.59
C THR F 36 46.70 -49.87 31.55
N ALA F 37 46.78 -49.12 30.45
CA ALA F 37 45.93 -49.35 29.31
C ALA F 37 46.80 -49.63 28.12
N ILE F 38 46.39 -50.54 27.25
CA ILE F 38 47.16 -50.85 26.03
C ILE F 38 46.29 -50.85 24.78
N GLY F 39 46.93 -50.50 23.66
CA GLY F 39 46.29 -50.55 22.36
C GLY F 39 47.20 -51.27 21.40
N ILE F 40 46.63 -52.19 20.61
CA ILE F 40 47.37 -52.86 19.56
C ILE F 40 46.66 -52.78 18.22
N ARG F 41 47.36 -52.21 17.25
CA ARG F 41 46.91 -52.20 15.87
C ARG F 41 47.33 -53.50 15.23
N CYS F 42 46.47 -54.09 14.40
CA CYS F 42 46.78 -55.34 13.76
C CYS F 42 46.33 -55.33 12.32
N LYS F 43 46.33 -56.48 11.66
CA LYS F 43 46.07 -56.57 10.21
C LYS F 43 44.74 -55.92 9.84
N ASP F 44 43.71 -56.18 10.64
CA ASP F 44 42.34 -55.86 10.28
C ASP F 44 41.59 -55.02 11.32
N GLY F 45 42.33 -54.30 12.19
CA GLY F 45 41.72 -53.40 13.19
C GLY F 45 42.61 -53.02 14.37
N VAL F 46 41.96 -52.47 15.40
CA VAL F 46 42.63 -52.04 16.62
C VAL F 46 41.89 -52.62 17.83
N VAL F 47 42.66 -53.10 18.81
CA VAL F 47 42.12 -53.64 20.06
C VAL F 47 42.68 -52.86 21.23
N PHE F 48 41.81 -52.57 22.20
CA PHE F 48 42.20 -51.89 23.42
C PHE F 48 41.92 -52.80 24.61
N GLY F 49 42.78 -52.69 25.61
CA GLY F 49 42.58 -53.35 26.89
C GLY F 49 43.00 -52.44 28.01
N VAL F 50 42.26 -52.49 29.12
CA VAL F 50 42.58 -51.71 30.31
C VAL F 50 42.60 -52.58 31.53
N GLU F 51 43.65 -52.43 32.34
CA GLU F 51 43.72 -52.99 33.69
C GLU F 51 42.90 -52.05 34.55
N LYS F 52 41.71 -52.47 34.94
CA LYS F 52 40.81 -51.59 35.66
C LYS F 52 40.78 -51.98 37.11
N LEU F 53 41.48 -51.21 37.95
CA LEU F 53 41.64 -51.57 39.37
C LEU F 53 40.30 -51.40 40.07
N VAL F 54 39.94 -52.35 40.92
CA VAL F 54 38.65 -52.25 41.61
C VAL F 54 38.94 -51.81 43.06
N LEU F 55 38.57 -50.57 43.37
CA LEU F 55 38.86 -49.97 44.67
C LEU F 55 37.83 -50.29 45.73
N SER F 56 36.68 -50.82 45.32
CA SER F 56 35.68 -51.38 46.25
C SER F 56 34.90 -52.49 45.59
N LYS F 57 34.49 -53.45 46.39
CA LYS F 57 33.58 -54.50 45.91
C LYS F 57 32.15 -53.98 45.79
N LEU F 58 31.90 -52.80 46.36
CA LEU F 58 30.60 -52.14 46.29
C LEU F 58 30.32 -51.50 44.93
N TYR F 59 31.35 -51.23 44.14
CA TYR F 59 31.15 -50.73 42.80
C TYR F 59 30.58 -51.80 41.86
N GLU F 60 29.81 -51.36 40.86
CA GLU F 60 29.18 -52.23 39.86
C GLU F 60 30.20 -52.63 38.81
N GLU F 61 30.04 -53.84 38.27
CA GLU F 61 30.94 -54.35 37.21
C GLU F 61 30.70 -53.58 35.93
N GLY F 62 31.59 -52.65 35.58
CA GLY F 62 31.38 -51.70 34.47
C GLY F 62 31.51 -50.24 34.89
N SER F 63 31.46 -49.94 36.18
CA SER F 63 31.70 -48.58 36.66
C SER F 63 33.05 -48.05 36.20
N ASN F 64 33.20 -46.73 36.24
CA ASN F 64 34.45 -46.09 35.81
C ASN F 64 35.07 -46.67 34.56
N LYS F 65 34.28 -46.77 33.50
CA LYS F 65 34.84 -47.14 32.19
C LYS F 65 36.00 -46.24 31.82
N ARG F 66 37.04 -46.85 31.25
CA ARG F 66 38.19 -46.14 30.70
C ARG F 66 38.29 -46.34 29.19
N LEU F 67 37.25 -46.97 28.62
CA LEU F 67 37.08 -47.10 27.18
C LEU F 67 35.79 -46.37 26.77
N PHE F 68 35.90 -45.51 25.75
CA PHE F 68 34.80 -44.67 25.29
C PHE F 68 34.65 -44.78 23.79
N ASN F 69 33.41 -44.70 23.33
CA ASN F 69 33.10 -44.42 21.91
C ASN F 69 33.10 -42.91 21.75
N VAL F 70 33.99 -42.38 20.91
CA VAL F 70 33.96 -40.95 20.59
C VAL F 70 33.37 -40.62 19.23
N ASP F 71 33.37 -41.57 18.32
CA ASP F 71 32.48 -41.53 17.17
C ASP F 71 32.12 -42.97 16.92
N ARG F 72 31.17 -43.21 16.03
CA ARG F 72 30.77 -44.59 15.78
C ARG F 72 31.93 -45.46 15.29
N HIS F 73 32.89 -44.83 14.60
CA HIS F 73 34.08 -45.49 14.08
C HIS F 73 35.37 -45.34 14.92
N VAL F 74 35.32 -44.61 16.03
CA VAL F 74 36.49 -44.28 16.82
C VAL F 74 36.32 -44.64 18.30
N GLY F 75 37.29 -45.40 18.82
CA GLY F 75 37.41 -45.69 20.25
C GLY F 75 38.47 -44.86 20.94
N MET F 76 38.24 -44.59 22.20
CA MET F 76 39.19 -43.87 23.04
C MET F 76 39.52 -44.70 24.26
N ALA F 77 40.81 -44.83 24.54
CA ALA F 77 41.30 -45.57 25.73
C ALA F 77 42.17 -44.64 26.59
N VAL F 78 41.82 -44.51 27.87
CA VAL F 78 42.42 -43.48 28.74
C VAL F 78 43.23 -44.03 29.92
N ALA F 79 44.16 -43.21 30.39
CA ALA F 79 44.83 -43.40 31.67
C ALA F 79 45.07 -42.05 32.30
N GLY F 80 44.99 -41.99 33.62
CA GLY F 80 45.25 -40.77 34.37
C GLY F 80 44.06 -40.41 35.21
N LEU F 81 43.91 -39.10 35.43
CA LEU F 81 42.78 -38.56 36.16
C LEU F 81 41.49 -38.69 35.31
N LEU F 82 40.51 -39.43 35.82
CA LEU F 82 39.42 -39.89 35.00
C LEU F 82 38.46 -38.75 34.54
N ALA F 83 38.17 -37.81 35.44
CA ALA F 83 37.37 -36.63 35.11
C ALA F 83 37.98 -35.78 34.00
N ASP F 84 39.30 -35.59 34.01
CA ASP F 84 39.96 -34.95 32.88
C ASP F 84 39.79 -35.73 31.59
N ALA F 85 39.93 -37.05 31.67
CA ALA F 85 39.82 -37.91 30.49
C ALA F 85 38.42 -37.88 29.88
N ARG F 86 37.40 -37.84 30.73
CA ARG F 86 36.02 -37.83 30.29
C ARG F 86 35.66 -36.53 29.58
N SER F 87 36.17 -35.45 30.12
CA SER F 87 36.06 -34.15 29.53
C SER F 87 36.74 -34.13 28.15
N LEU F 88 37.90 -34.75 28.05
CA LEU F 88 38.57 -34.91 26.76
C LEU F 88 37.80 -35.78 25.76
N ALA F 89 37.09 -36.79 26.28
CA ALA F 89 36.23 -37.60 25.46
C ALA F 89 35.07 -36.78 24.86
N ASP F 90 34.50 -35.89 25.68
CA ASP F 90 33.49 -34.96 25.22
C ASP F 90 34.03 -34.02 24.12
N ILE F 91 35.24 -33.49 24.30
CA ILE F 91 35.87 -32.64 23.30
C ILE F 91 36.03 -33.42 22.00
N ALA F 92 36.55 -34.64 22.11
CA ALA F 92 36.71 -35.48 20.93
C ALA F 92 35.37 -35.70 20.22
N ARG F 93 34.34 -36.02 21.00
CA ARG F 93 33.01 -36.29 20.47
C ARG F 93 32.46 -35.11 19.68
N GLU F 94 32.62 -33.92 20.26
CA GLU F 94 32.18 -32.69 19.66
C GLU F 94 32.98 -32.38 18.39
N GLU F 95 34.25 -32.74 18.37
CA GLU F 95 35.07 -32.45 17.20
C GLU F 95 34.63 -33.32 16.03
N ALA F 96 34.33 -34.57 16.31
CA ALA F 96 33.85 -35.51 15.32
C ALA F 96 32.46 -35.11 14.81
N SER F 97 31.60 -34.71 15.73
CA SER F 97 30.27 -34.24 15.41
C SER F 97 30.30 -33.01 14.50
N ASN F 98 31.08 -32.01 14.87
CA ASN F 98 31.25 -30.80 14.07
C ASN F 98 31.89 -31.06 12.72
N PHE F 99 32.86 -31.96 12.71
CA PHE F 99 33.46 -32.35 11.45
C PHE F 99 32.41 -32.88 10.47
N ARG F 100 31.56 -33.79 10.92
CA ARG F 100 30.53 -34.36 10.06
C ARG F 100 29.53 -33.29 9.56
N SER F 101 29.07 -32.42 10.46
CA SER F 101 28.19 -31.33 10.07
C SER F 101 28.77 -30.37 9.02
N ASN F 102 30.08 -30.04 9.12
CA ASN F 102 30.73 -29.09 8.20
C ASN F 102 31.13 -29.69 6.87
N PHE F 103 31.75 -30.87 6.92
CA PHE F 103 32.35 -31.51 5.77
C PHE F 103 31.66 -32.75 5.28
N GLY F 104 30.69 -33.26 6.04
CA GLY F 104 29.74 -34.23 5.49
C GLY F 104 30.25 -35.64 5.33
N TYR F 105 31.20 -36.02 6.17
CA TYR F 105 31.70 -37.40 6.22
C TYR F 105 32.43 -37.63 7.53
N ASN F 106 32.71 -38.89 7.82
CA ASN F 106 33.29 -39.31 9.10
C ASN F 106 34.70 -38.80 9.24
N ILE F 107 34.98 -38.18 10.38
CA ILE F 107 36.29 -37.60 10.63
C ILE F 107 37.39 -38.66 10.51
N PRO F 108 38.46 -38.35 9.75
CA PRO F 108 39.58 -39.26 9.68
C PRO F 108 40.32 -39.23 11.00
N LEU F 109 40.81 -40.39 11.44
CA LEU F 109 41.36 -40.52 12.79
C LEU F 109 42.51 -39.58 13.02
N LYS F 110 43.45 -39.54 12.09
CA LYS F 110 44.60 -38.68 12.25
C LYS F 110 44.17 -37.24 12.49
N HIS F 111 43.20 -36.76 11.71
CA HIS F 111 42.70 -35.39 11.88
C HIS F 111 42.05 -35.20 13.25
N LEU F 112 41.26 -36.16 13.71
CA LEU F 112 40.63 -36.06 15.02
C LEU F 112 41.70 -36.03 16.12
N ALA F 113 42.68 -36.92 16.00
CA ALA F 113 43.79 -36.93 16.92
C ALA F 113 44.52 -35.58 16.92
N ASP F 114 44.84 -35.04 15.76
CA ASP F 114 45.55 -33.75 15.71
C ASP F 114 44.73 -32.61 16.34
N ARG F 115 43.41 -32.64 16.14
CA ARG F 115 42.54 -31.58 16.66
C ARG F 115 42.45 -31.64 18.17
N VAL F 116 42.11 -32.80 18.71
CA VAL F 116 42.04 -32.93 20.16
C VAL F 116 43.41 -32.63 20.83
N ALA F 117 44.51 -33.06 20.18
CA ALA F 117 45.86 -32.79 20.68
C ALA F 117 46.17 -31.29 20.82
N MET F 118 45.73 -30.47 19.85
CA MET F 118 45.90 -29.03 19.95
C MET F 118 45.06 -28.43 21.07
N TYR F 119 43.94 -29.07 21.37
CA TYR F 119 43.13 -28.66 22.52
C TYR F 119 43.90 -28.97 23.82
N VAL F 120 44.46 -30.17 23.91
CA VAL F 120 45.30 -30.55 25.02
C VAL F 120 46.47 -29.58 25.11
N HIS F 121 47.13 -29.32 24.00
CA HIS F 121 48.30 -28.42 23.97
C HIS F 121 48.02 -27.01 24.51
N ALA F 122 46.85 -26.48 24.21
CA ALA F 122 46.41 -25.15 24.66
C ALA F 122 46.38 -25.03 26.16
N TYR F 123 46.21 -26.13 26.87
CA TYR F 123 46.23 -26.08 28.32
C TYR F 123 47.66 -26.24 28.92
N THR F 124 48.68 -26.10 28.07
CA THR F 124 50.07 -26.20 28.51
C THR F 124 50.84 -24.88 28.37
N LEU F 125 50.13 -23.75 28.29
CA LEU F 125 50.76 -22.44 27.99
C LEU F 125 50.52 -21.33 29.01
N TYR F 126 49.59 -21.52 29.94
CA TYR F 126 48.97 -20.40 30.64
C TYR F 126 48.91 -20.60 32.14
N SER F 127 49.06 -19.52 32.89
CA SER F 127 48.77 -19.53 34.32
C SER F 127 47.28 -19.70 34.58
N ALA F 128 46.43 -19.34 33.60
CA ALA F 128 44.97 -19.35 33.76
C ALA F 128 44.33 -20.73 33.88
N VAL F 129 45.00 -21.75 33.33
CA VAL F 129 44.50 -23.13 33.36
C VAL F 129 45.65 -24.11 33.60
N ARG F 130 45.32 -25.33 34.04
CA ARG F 130 46.33 -26.40 34.22
C ARG F 130 46.27 -27.42 33.09
N PRO F 131 47.39 -28.15 32.87
CA PRO F 131 47.37 -29.22 31.88
C PRO F 131 46.48 -30.39 32.29
N PHE F 132 45.99 -31.12 31.29
CA PHE F 132 45.18 -32.31 31.51
C PHE F 132 46.04 -33.39 32.13
N GLY F 133 45.50 -34.07 33.13
CA GLY F 133 46.25 -35.15 33.81
C GLY F 133 45.91 -36.50 33.23
N CYS F 134 46.00 -36.60 31.91
CA CYS F 134 45.58 -37.82 31.22
CA CYS F 134 45.56 -37.79 31.20
C CYS F 134 46.30 -38.01 29.89
N SER F 135 46.54 -39.27 29.57
CA SER F 135 46.98 -39.69 28.24
C SER F 135 45.84 -40.55 27.66
N PHE F 136 45.66 -40.51 26.34
CA PHE F 136 44.65 -41.34 25.72
C PHE F 136 45.05 -41.85 24.35
N MET F 137 44.55 -43.03 24.01
CA MET F 137 44.73 -43.59 22.69
C MET F 137 43.42 -43.45 21.92
N LEU F 138 43.52 -43.23 20.62
CA LEU F 138 42.36 -43.21 19.71
C LEU F 138 42.59 -44.29 18.65
N GLY F 139 41.60 -45.14 18.44
CA GLY F 139 41.70 -46.24 17.47
C GLY F 139 40.52 -46.29 16.52
N SER F 140 40.78 -46.63 15.26
CA SER F 140 39.71 -46.80 14.29
CA SER F 140 39.72 -46.80 14.30
C SER F 140 40.12 -47.75 13.18
N TYR F 141 39.11 -48.13 12.38
CA TYR F 141 39.29 -48.91 11.17
C TYR F 141 38.26 -48.53 10.11
N SER F 142 38.73 -48.53 8.87
CA SER F 142 37.87 -48.38 7.70
C SER F 142 38.57 -49.04 6.55
N VAL F 143 37.80 -49.34 5.49
CA VAL F 143 38.33 -50.05 4.33
C VAL F 143 39.32 -49.13 3.60
N ASN F 144 39.02 -47.84 3.49
CA ASN F 144 39.90 -46.89 2.81
C ASN F 144 41.20 -46.54 3.55
N ASP F 145 41.11 -46.29 4.85
CA ASP F 145 42.26 -45.80 5.64
C ASP F 145 43.00 -46.89 6.43
N GLY F 146 42.42 -48.10 6.48
CA GLY F 146 42.97 -49.21 7.25
C GLY F 146 42.76 -49.06 8.74
N ALA F 147 43.48 -49.87 9.50
CA ALA F 147 43.56 -49.73 10.97
C ALA F 147 44.51 -48.58 11.33
N GLN F 148 44.09 -47.77 12.31
CA GLN F 148 44.91 -46.70 12.86
C GLN F 148 44.80 -46.57 14.36
N LEU F 149 45.94 -46.33 14.99
CA LEU F 149 46.05 -46.19 16.45
C LEU F 149 46.97 -45.01 16.76
N TYR F 150 46.44 -44.01 17.46
CA TYR F 150 47.19 -42.82 17.84
C TYR F 150 47.18 -42.70 19.35
N MET F 151 48.13 -41.94 19.88
CA MET F 151 48.20 -41.70 21.31
C MET F 151 48.60 -40.27 21.54
N ILE F 152 47.89 -39.61 22.44
CA ILE F 152 48.12 -38.23 22.84
C ILE F 152 48.49 -38.19 24.35
N ASP F 153 49.43 -37.30 24.71
CA ASP F 153 49.84 -37.13 26.12
C ASP F 153 49.53 -35.71 26.65
N PRO F 154 49.74 -35.47 27.95
CA PRO F 154 49.39 -34.15 28.46
C PRO F 154 50.09 -32.96 27.80
N SER F 155 51.25 -33.16 27.16
CA SER F 155 51.89 -32.02 26.46
C SER F 155 51.16 -31.66 25.17
N GLY F 156 50.40 -32.61 24.64
CA GLY F 156 49.68 -32.44 23.39
C GLY F 156 50.35 -33.08 22.19
N VAL F 157 51.38 -33.88 22.44
CA VAL F 157 52.07 -34.59 21.34
C VAL F 157 51.20 -35.79 20.94
N SER F 158 51.12 -36.02 19.63
CA SER F 158 50.29 -37.04 19.03
C SER F 158 51.17 -37.81 18.06
N TYR F 159 51.13 -39.12 18.14
CA TYR F 159 51.85 -39.98 17.19
C TYR F 159 50.99 -41.21 16.93
N GLY F 160 51.28 -41.87 15.82
CA GLY F 160 50.64 -43.11 15.44
C GLY F 160 51.51 -44.31 15.81
N TYR F 161 50.87 -45.41 16.19
CA TYR F 161 51.57 -46.58 16.74
C TYR F 161 51.05 -47.88 16.12
N TRP F 162 51.94 -48.87 16.08
CA TRP F 162 51.55 -50.26 15.94
C TRP F 162 51.13 -50.87 17.27
N GLY F 163 51.78 -50.43 18.34
CA GLY F 163 51.50 -50.89 19.69
C GLY F 163 51.81 -49.81 20.70
N CYS F 164 51.02 -49.75 21.77
CA CYS F 164 51.12 -48.64 22.69
C CYS F 164 50.60 -48.99 24.06
N ALA F 165 51.23 -48.39 25.07
CA ALA F 165 50.85 -48.55 26.46
C ALA F 165 51.07 -47.27 27.24
N ILE F 166 50.19 -47.06 28.20
CA ILE F 166 50.16 -45.86 29.03
C ILE F 166 49.76 -46.30 30.43
N GLY F 167 50.19 -45.53 31.41
CA GLY F 167 50.04 -45.92 32.80
C GLY F 167 51.33 -46.49 33.39
N LYS F 168 51.20 -47.05 34.58
CA LYS F 168 52.35 -47.33 35.46
C LYS F 168 53.24 -48.50 35.04
N ALA F 169 52.66 -49.47 34.35
CA ALA F 169 53.41 -50.59 33.79
C ALA F 169 53.65 -50.43 32.26
N ARG F 170 53.74 -49.17 31.82
CA ARG F 170 53.97 -48.82 30.42
CA ARG F 170 53.97 -48.82 30.42
C ARG F 170 55.12 -49.60 29.77
N GLN F 171 56.31 -49.59 30.41
CA GLN F 171 57.50 -50.25 29.82
C GLN F 171 57.40 -51.77 29.79
N ALA F 172 56.87 -52.34 30.86
CA ALA F 172 56.67 -53.79 30.91
C ALA F 172 55.69 -54.25 29.80
N ALA F 173 54.60 -53.53 29.64
CA ALA F 173 53.63 -53.76 28.55
C ALA F 173 54.28 -53.71 27.15
N LYS F 174 55.02 -52.63 26.89
CA LYS F 174 55.73 -52.47 25.63
C LYS F 174 56.63 -53.62 25.27
N THR F 175 57.45 -54.11 26.22
CA THR F 175 58.33 -55.26 25.92
C THR F 175 57.55 -56.57 25.63
N GLU F 176 56.33 -56.74 26.17
CA GLU F 176 55.49 -57.88 25.77
C GLU F 176 54.86 -57.66 24.39
N ILE F 177 54.36 -56.44 24.15
CA ILE F 177 53.77 -56.07 22.85
C ILE F 177 54.79 -56.27 21.71
N GLU F 178 56.05 -55.89 21.94
CA GLU F 178 57.12 -56.04 20.96
C GLU F 178 57.34 -57.47 20.48
N LYS F 179 56.93 -58.45 21.28
CA LYS F 179 57.08 -59.87 20.90
C LYS F 179 56.03 -60.36 19.91
N LEU F 180 54.96 -59.60 19.73
CA LEU F 180 53.90 -59.95 18.80
C LEU F 180 54.24 -59.47 17.41
N GLN F 181 53.98 -60.31 16.42
CA GLN F 181 54.02 -59.90 15.02
C GLN F 181 52.61 -59.40 14.66
N MET F 182 52.24 -58.22 15.16
CA MET F 182 50.85 -57.76 15.06
C MET F 182 50.36 -57.43 13.63
N LYS F 183 51.29 -57.14 12.72
CA LYS F 183 50.98 -56.83 11.32
C LYS F 183 50.31 -57.99 10.60
N GLU F 184 50.64 -59.21 10.98
CA GLU F 184 50.07 -60.41 10.38
C GLU F 184 48.93 -61.05 11.19
N MET F 185 48.44 -60.40 12.24
CA MET F 185 47.43 -61.01 13.13
C MET F 185 46.07 -60.34 13.02
N THR F 186 45.01 -61.09 13.28
CA THR F 186 43.67 -60.56 13.30
C THR F 186 43.25 -60.10 14.68
N CYS F 187 42.22 -59.29 14.71
CA CYS F 187 41.63 -58.82 15.96
C CYS F 187 41.20 -59.97 16.86
N ARG F 188 40.65 -61.04 16.28
CA ARG F 188 40.15 -62.16 17.10
C ARG F 188 41.30 -62.82 17.89
N ASP F 189 42.50 -62.86 17.30
CA ASP F 189 43.71 -63.36 17.97
C ASP F 189 44.27 -62.36 18.97
N ILE F 190 44.33 -61.07 18.59
CA ILE F 190 44.99 -60.04 19.43
C ILE F 190 44.29 -59.83 20.78
N VAL F 191 42.96 -59.96 20.84
CA VAL F 191 42.25 -59.79 22.14
C VAL F 191 42.84 -60.67 23.21
N LYS F 192 43.12 -61.90 22.85
CA LYS F 192 43.67 -62.87 23.79
C LYS F 192 45.05 -62.46 24.26
N GLU F 193 45.83 -61.87 23.35
CA GLU F 193 47.18 -61.37 23.64
C GLU F 193 47.21 -60.08 24.42
N VAL F 194 46.23 -59.21 24.19
CA VAL F 194 45.99 -58.02 25.03
C VAL F 194 45.65 -58.43 26.45
N ALA F 195 44.74 -59.38 26.59
CA ALA F 195 44.34 -59.87 27.89
C ALA F 195 45.54 -60.48 28.60
N LYS F 196 46.30 -61.27 27.88
CA LYS F 196 47.55 -61.88 28.37
C LYS F 196 48.53 -60.85 28.93
N ILE F 197 48.81 -59.81 28.15
CA ILE F 197 49.74 -58.75 28.56
C ILE F 197 49.28 -58.02 29.82
N ILE F 198 48.00 -57.67 29.88
CA ILE F 198 47.45 -56.99 31.05
C ILE F 198 47.74 -57.86 32.30
N TYR F 199 47.51 -59.17 32.21
CA TYR F 199 47.76 -60.08 33.33
C TYR F 199 49.21 -60.19 33.72
N ILE F 200 50.10 -60.12 32.73
CA ILE F 200 51.57 -60.15 32.97
C ILE F 200 52.04 -58.92 33.80
N VAL F 201 51.64 -57.74 33.37
CA VAL F 201 52.07 -56.48 33.97
C VAL F 201 51.29 -56.10 35.26
N HIS F 202 50.18 -56.76 35.50
CA HIS F 202 49.43 -56.56 36.73
C HIS F 202 50.29 -57.02 37.88
N ASP F 203 50.44 -56.15 38.85
CA ASP F 203 51.11 -56.46 40.10
C ASP F 203 50.03 -56.99 41.06
N GLU F 204 49.83 -58.32 41.04
CA GLU F 204 48.76 -58.94 41.85
C GLU F 204 49.00 -58.86 43.37
N VAL F 205 50.26 -58.69 43.80
CA VAL F 205 50.57 -58.42 45.24
C VAL F 205 50.22 -56.98 45.65
N LYS F 206 50.70 -55.97 44.90
CA LYS F 206 50.52 -54.56 45.28
C LYS F 206 49.06 -54.12 45.36
N ASP F 207 48.31 -54.31 44.28
CA ASP F 207 46.86 -53.98 44.25
C ASP F 207 46.06 -55.20 43.76
N LYS F 208 45.07 -55.59 44.56
CA LYS F 208 44.57 -56.95 44.56
C LYS F 208 43.74 -57.31 43.33
N ALA F 209 42.57 -56.72 43.25
CA ALA F 209 41.49 -57.16 42.36
C ALA F 209 41.40 -56.16 41.21
N PHE F 210 41.30 -56.67 39.98
CA PHE F 210 41.08 -55.84 38.79
C PHE F 210 40.06 -56.46 37.82
N GLU F 211 39.37 -55.60 37.08
CA GLU F 211 38.52 -56.00 35.96
C GLU F 211 39.26 -55.74 34.67
N LEU F 212 39.14 -56.68 33.74
CA LEU F 212 39.66 -56.44 32.42
C LEU F 212 38.58 -55.76 31.52
N GLU F 213 38.95 -54.64 30.94
CA GLU F 213 38.07 -53.95 30.03
C GLU F 213 38.64 -54.07 28.62
N LEU F 214 37.81 -54.50 27.66
CA LEU F 214 38.24 -54.73 26.29
C LEU F 214 37.29 -54.10 25.28
N SER F 215 37.87 -53.50 24.24
CA SER F 215 37.12 -52.98 23.10
C SER F 215 37.90 -53.18 21.80
N TRP F 216 37.19 -53.13 20.68
CA TRP F 216 37.80 -53.21 19.35
C TRP F 216 37.04 -52.46 18.24
N VAL F 217 37.76 -52.24 17.16
CA VAL F 217 37.24 -51.65 15.97
C VAL F 217 38.05 -52.25 14.82
N GLY F 218 37.38 -52.94 13.92
CA GLY F 218 38.03 -53.56 12.77
C GLY F 218 37.06 -54.09 11.73
N GLU F 219 37.57 -54.79 10.73
CA GLU F 219 36.75 -55.46 9.73
C GLU F 219 35.58 -56.19 10.40
N LEU F 220 35.86 -56.95 11.43
CA LEU F 220 34.87 -57.80 12.09
C LEU F 220 33.73 -57.05 12.75
N THR F 221 33.94 -55.79 13.09
CA THR F 221 32.87 -54.93 13.60
C THR F 221 32.31 -53.98 12.53
N ASN F 222 32.81 -54.14 11.31
CA ASN F 222 32.44 -53.34 10.16
C ASN F 222 32.74 -51.86 10.38
N GLY F 223 33.89 -51.60 10.97
CA GLY F 223 34.34 -50.23 11.20
C GLY F 223 33.71 -49.51 12.38
N ARG F 224 32.84 -50.18 13.13
CA ARG F 224 32.22 -49.63 14.33
C ARG F 224 33.12 -49.95 15.55
N HIS F 225 33.32 -49.00 16.45
CA HIS F 225 34.01 -49.29 17.72
C HIS F 225 33.00 -49.86 18.68
N GLU F 226 33.35 -51.00 19.26
CA GLU F 226 32.43 -51.77 20.10
C GLU F 226 33.17 -52.41 21.25
N ILE F 227 32.41 -52.70 22.30
CA ILE F 227 32.90 -53.49 23.41
C ILE F 227 33.16 -54.89 22.86
N VAL F 228 34.21 -55.56 23.34
CA VAL F 228 34.40 -56.96 23.01
C VAL F 228 33.24 -57.68 23.68
N PRO F 229 32.61 -58.65 22.99
CA PRO F 229 31.52 -59.36 23.65
C PRO F 229 31.95 -60.12 24.91
N LYS F 230 31.02 -60.28 25.86
CA LYS F 230 31.28 -60.92 27.16
C LYS F 230 31.91 -62.30 27.00
N ASP F 231 31.33 -63.15 26.19
CA ASP F 231 31.88 -64.50 26.01
C ASP F 231 33.33 -64.52 25.47
N ILE F 232 33.65 -63.62 24.54
CA ILE F 232 34.99 -63.51 24.00
C ILE F 232 35.95 -62.96 25.04
N ARG F 233 35.51 -61.94 25.80
CA ARG F 233 36.33 -61.39 26.89
CA ARG F 233 36.30 -61.37 26.90
C ARG F 233 36.71 -62.48 27.89
N GLU F 234 35.76 -63.33 28.24
CA GLU F 234 35.98 -64.34 29.27
C GLU F 234 36.91 -65.45 28.82
N GLU F 235 36.79 -65.81 27.55
CA GLU F 235 37.78 -66.69 26.92
C GLU F 235 39.19 -66.08 26.92
N ALA F 236 39.30 -64.78 26.62
CA ALA F 236 40.58 -64.10 26.66
C ALA F 236 41.13 -64.05 28.09
N GLU F 237 40.26 -63.81 29.08
CA GLU F 237 40.65 -63.78 30.48
C GLU F 237 41.21 -65.13 30.87
N LYS F 238 40.46 -66.19 30.56
CA LYS F 238 40.86 -67.53 30.87
C LYS F 238 42.19 -67.92 30.23
N TYR F 239 42.33 -67.64 28.94
CA TYR F 239 43.60 -67.82 28.21
C TYR F 239 44.78 -67.11 28.87
N ALA F 240 44.56 -65.87 29.33
CA ALA F 240 45.60 -65.06 29.98
C ALA F 240 45.97 -65.59 31.35
N LYS F 241 44.94 -65.98 32.10
CA LYS F 241 45.06 -66.57 33.43
C LYS F 241 45.86 -67.86 33.38
N GLU F 242 45.50 -68.77 32.48
CA GLU F 242 46.16 -70.08 32.41
C GLU F 242 47.56 -69.98 31.79
N SER F 243 47.75 -69.03 30.88
CA SER F 243 49.09 -68.66 30.36
C SER F 243 50.08 -68.20 31.44
N LEU F 244 49.56 -67.58 32.50
CA LEU F 244 50.38 -67.09 33.64
C LEU F 244 50.92 -68.24 34.56
N LYS F 245 50.08 -69.26 34.80
CA LYS F 245 50.41 -70.48 35.54
C LYS F 245 51.47 -70.29 36.66
N SER G 2 74.22 -6.13 37.92
CA SER G 2 74.42 -6.65 36.53
C SER G 2 75.41 -7.82 36.50
N ARG G 3 75.44 -8.51 35.35
CA ARG G 3 76.07 -9.83 35.13
C ARG G 3 75.28 -10.92 35.86
N GLY G 4 74.19 -11.35 35.22
CA GLY G 4 73.30 -12.34 35.76
C GLY G 4 72.43 -11.89 36.93
N SER G 5 72.24 -10.59 37.13
CA SER G 5 71.43 -10.08 38.25
C SER G 5 69.93 -10.30 38.05
N SER G 6 69.19 -10.21 39.15
CA SER G 6 67.78 -10.52 39.17
C SER G 6 67.03 -9.71 40.26
N ALA G 7 65.89 -9.15 39.86
CA ALA G 7 64.94 -8.55 40.79
C ALA G 7 63.56 -9.15 40.54
N GLY G 8 62.86 -9.44 41.63
CA GLY G 8 61.44 -9.79 41.60
C GLY G 8 61.13 -11.07 40.84
N PHE G 9 60.22 -10.95 39.88
CA PHE G 9 59.76 -12.10 39.12
C PHE G 9 60.37 -12.17 37.73
N ASP G 10 61.52 -11.53 37.51
CA ASP G 10 62.13 -11.49 36.19
C ASP G 10 62.64 -12.82 35.68
N ARG G 11 62.59 -13.87 36.49
CA ARG G 11 62.87 -15.23 36.00
C ARG G 11 61.61 -16.06 35.76
N HIS G 12 60.45 -15.62 36.24
CA HIS G 12 59.19 -16.34 36.11
C HIS G 12 58.28 -15.89 34.95
N ILE G 13 58.26 -14.58 34.70
CA ILE G 13 57.47 -13.96 33.62
C ILE G 13 58.34 -13.07 32.76
N THR G 14 57.82 -12.65 31.63
CA THR G 14 58.59 -11.83 30.71
C THR G 14 58.60 -10.33 31.05
N ILE G 15 59.25 -10.02 32.16
CA ILE G 15 59.60 -8.65 32.50
C ILE G 15 61.12 -8.56 32.42
N PHE G 16 61.62 -7.32 32.36
CA PHE G 16 63.04 -7.10 32.19
C PHE G 16 63.81 -7.40 33.46
N SER G 17 65.00 -7.95 33.29
CA SER G 17 65.96 -8.11 34.38
C SER G 17 66.73 -6.81 34.42
N PRO G 18 67.55 -6.59 35.47
CA PRO G 18 68.22 -5.30 35.54
C PRO G 18 69.13 -4.95 34.32
N GLU G 19 69.66 -6.02 33.67
CA GLU G 19 70.49 -5.89 32.48
C GLU G 19 69.66 -5.67 31.24
N GLY G 20 68.33 -5.72 31.38
CA GLY G 20 67.41 -5.58 30.26
C GLY G 20 67.28 -6.86 29.47
N ARG G 21 67.44 -8.00 30.15
CA ARG G 21 67.23 -9.29 29.52
C ARG G 21 65.84 -9.81 29.86
N LEU G 22 65.40 -10.80 29.09
CA LEU G 22 64.17 -11.51 29.35
C LEU G 22 64.50 -12.96 29.57
N TYR G 23 64.74 -13.33 30.82
CA TYR G 23 65.17 -14.69 31.13
C TYR G 23 64.19 -15.74 30.59
N GLN G 24 62.91 -15.46 30.64
CA GLN G 24 61.93 -16.44 30.17
C GLN G 24 62.08 -16.75 28.69
N VAL G 25 62.43 -15.73 27.90
CA VAL G 25 62.72 -15.91 26.47
C VAL G 25 64.00 -16.75 26.31
N GLU G 26 65.05 -16.38 27.03
CA GLU G 26 66.27 -17.17 27.01
C GLU G 26 65.97 -18.63 27.33
N TYR G 27 65.14 -18.88 28.34
CA TYR G 27 64.81 -20.27 28.71
C TYR G 27 64.03 -21.01 27.65
N ALA G 28 63.22 -20.29 26.87
CA ALA G 28 62.50 -20.90 25.75
C ALA G 28 63.47 -21.43 24.71
N PHE G 29 64.58 -20.75 24.48
CA PHE G 29 65.66 -21.28 23.63
C PHE G 29 66.26 -22.59 24.15
N LYS G 30 66.49 -22.69 25.46
CA LYS G 30 66.97 -23.95 26.05
C LYS G 30 65.96 -25.09 25.78
N ALA G 31 64.66 -24.76 25.79
CA ALA G 31 63.61 -25.75 25.56
C ALA G 31 63.62 -26.38 24.18
N ILE G 32 64.17 -25.66 23.20
CA ILE G 32 64.38 -26.17 21.83
C ILE G 32 65.26 -27.42 21.81
N ASN G 33 66.31 -27.41 22.63
CA ASN G 33 67.26 -28.51 22.66
C ASN G 33 66.78 -29.74 23.46
N GLN G 34 65.73 -29.60 24.26
CA GLN G 34 65.19 -30.75 25.01
C GLN G 34 64.81 -31.93 24.12
N GLY G 35 64.37 -31.65 22.89
CA GLY G 35 64.04 -32.68 21.91
C GLY G 35 65.21 -33.52 21.43
N GLY G 36 66.45 -33.03 21.64
CA GLY G 36 67.65 -33.73 21.25
C GLY G 36 67.93 -33.78 19.76
N LEU G 37 67.24 -32.98 18.96
CA LEU G 37 67.37 -33.07 17.50
C LEU G 37 68.01 -31.82 16.91
N THR G 38 68.61 -32.00 15.74
CA THR G 38 69.24 -30.92 14.95
C THR G 38 68.64 -30.93 13.52
N SER G 39 68.49 -29.74 12.94
CA SER G 39 67.97 -29.55 11.58
C SER G 39 68.85 -28.55 10.83
N VAL G 40 68.97 -28.74 9.54
CA VAL G 40 69.85 -27.96 8.68
C VAL G 40 69.08 -27.58 7.44
N ALA G 41 69.29 -26.35 6.96
CA ALA G 41 68.67 -25.90 5.73
C ALA G 41 69.69 -25.15 4.91
N VAL G 42 69.64 -25.34 3.59
CA VAL G 42 70.55 -24.62 2.67
C VAL G 42 69.85 -24.26 1.34
N ARG G 43 70.25 -23.14 0.76
CA ARG G 43 69.67 -22.65 -0.48
C ARG G 43 70.79 -22.53 -1.52
N GLY G 44 70.44 -22.75 -2.79
CA GLY G 44 71.32 -22.47 -3.91
C GLY G 44 70.61 -21.58 -4.91
N LYS G 45 71.16 -21.51 -6.12
CA LYS G 45 70.51 -20.80 -7.21
C LYS G 45 69.25 -21.51 -7.66
N ASP G 46 69.26 -22.84 -7.64
CA ASP G 46 68.20 -23.67 -8.21
C ASP G 46 67.20 -24.25 -7.20
N 6V1 G 47 67.60 -24.44 -5.95
CA 6V1 G 47 66.72 -25.05 -4.96
C 6V1 G 47 67.01 -24.70 -3.53
O 6V1 G 47 68.04 -24.10 -3.22
CB 6V1 G 47 66.65 -26.58 -5.16
SG 6V1 G 47 68.22 -27.31 -5.52
C1 6V1 G 47 68.38 -29.09 -5.74
C2 6V1 G 47 67.26 -29.94 -5.15
N3 6V1 G 47 66.83 -30.83 -6.06
C4 6V1 G 47 67.62 -30.82 -7.11
C5 6V1 G 47 68.38 -29.53 -7.20
C6 6V1 G 47 65.61 -31.61 -5.96
O7 6V1 G 47 66.82 -29.78 -4.01
O8 6V1 G 47 67.71 -31.70 -7.94
C3 6V1 G 47 65.93 -33.03 -5.59
N ALA G 48 66.07 -25.03 -2.66
CA ALA G 48 66.23 -24.92 -1.24
C ALA G 48 65.87 -26.25 -0.62
N VAL G 49 66.66 -26.64 0.40
CA VAL G 49 66.55 -27.95 1.03
CA VAL G 49 66.59 -27.95 1.03
C VAL G 49 66.53 -27.83 2.56
N ILE G 50 65.73 -28.68 3.18
CA ILE G 50 65.69 -28.84 4.63
C ILE G 50 65.95 -30.32 4.91
N VAL G 51 66.87 -30.58 5.83
CA VAL G 51 67.19 -31.95 6.32
C VAL G 51 67.15 -31.95 7.84
N THR G 52 66.49 -32.94 8.43
CA THR G 52 66.50 -33.08 9.89
C THR G 52 66.73 -34.54 10.25
N GLN G 53 67.10 -34.76 11.51
CA GLN G 53 67.20 -36.10 12.07
C GLN G 53 65.82 -36.72 12.21
N LYS G 54 65.79 -38.03 12.09
CA LYS G 54 64.59 -38.79 12.33
C LYS G 54 64.94 -39.90 13.32
N LYS G 55 64.68 -39.66 14.61
CA LYS G 55 64.88 -40.65 15.65
C LYS G 55 63.58 -41.39 15.90
N VAL G 56 63.62 -42.70 15.67
CA VAL G 56 62.51 -43.63 15.97
C VAL G 56 63.05 -44.65 16.99
N PRO G 57 63.22 -44.20 18.27
CA PRO G 57 63.80 -45.07 19.32
C PRO G 57 62.96 -46.31 19.63
N ASP G 58 61.66 -46.22 19.41
CA ASP G 58 60.71 -47.32 19.60
C ASP G 58 60.52 -48.16 18.30
N LYS G 59 60.52 -49.49 18.41
CA LYS G 59 60.03 -50.35 17.30
C LYS G 59 58.51 -50.22 17.00
N LEU G 60 57.74 -49.82 18.01
CA LEU G 60 56.28 -49.86 18.00
C LEU G 60 55.57 -48.60 17.46
N LEU G 61 56.33 -47.53 17.24
CA LEU G 61 55.83 -46.36 16.52
C LEU G 61 55.62 -46.65 15.05
N ASP G 62 54.56 -46.06 14.50
CA ASP G 62 54.34 -46.03 13.06
C ASP G 62 55.21 -44.88 12.62
N SER G 63 56.34 -45.22 12.02
CA SER G 63 57.38 -44.26 11.68
C SER G 63 56.98 -43.28 10.59
N SER G 64 55.98 -43.65 9.79
CA SER G 64 55.35 -42.71 8.85
C SER G 64 54.73 -41.46 9.52
N THR G 65 54.33 -41.57 10.77
CA THR G 65 53.75 -40.44 11.53
C THR G 65 54.79 -39.62 12.30
N VAL G 66 56.02 -40.13 12.39
CA VAL G 66 57.11 -39.40 13.02
C VAL G 66 57.76 -38.55 11.93
N THR G 67 57.49 -37.26 11.96
CA THR G 67 58.11 -36.31 11.02
C THR G 67 58.23 -34.95 11.69
N HIS G 68 59.24 -34.19 11.29
CA HIS G 68 59.34 -32.78 11.63
C HIS G 68 59.22 -31.88 10.41
N LEU G 69 58.85 -32.45 9.26
CA LEU G 69 58.63 -31.72 8.00
C LEU G 69 57.16 -31.53 7.74
N PHE G 70 56.79 -30.32 7.37
CA PHE G 70 55.41 -29.97 7.17
C PHE G 70 55.22 -29.09 5.95
N LYS G 71 54.16 -29.41 5.21
CA LYS G 71 53.65 -28.57 4.15
C LYS G 71 52.81 -27.43 4.75
N ILE G 72 53.15 -26.20 4.42
CA ILE G 72 52.38 -25.02 4.87
C ILE G 72 51.36 -24.61 3.80
N THR G 73 51.85 -24.45 2.57
CA THR G 73 51.03 -24.33 1.35
C THR G 73 51.61 -25.35 0.37
N GLU G 74 51.04 -25.47 -0.84
CA GLU G 74 51.65 -26.32 -1.85
C GLU G 74 53.11 -25.95 -2.14
N ASN G 75 53.46 -24.65 -2.06
CA ASN G 75 54.82 -24.17 -2.34
C ASN G 75 55.68 -23.74 -1.14
N ILE G 76 55.21 -23.93 0.09
CA ILE G 76 56.02 -23.60 1.25
C ILE G 76 56.11 -24.78 2.18
N GLY G 77 57.35 -25.19 2.46
CA GLY G 77 57.65 -26.25 3.41
C GLY G 77 58.34 -25.71 4.63
N CYS G 78 58.26 -26.45 5.73
CA CYS G 78 59.02 -26.08 6.91
C CYS G 78 59.50 -27.27 7.67
N VAL G 79 60.61 -27.10 8.36
CA VAL G 79 61.10 -28.08 9.34
C VAL G 79 60.99 -27.38 10.69
N MET G 80 60.36 -28.07 11.63
CA MET G 80 60.26 -27.61 13.01
C MET G 80 61.32 -28.26 13.91
N THR G 81 61.83 -27.47 14.86
CA THR G 81 62.79 -27.96 15.84
C THR G 81 62.40 -27.43 17.20
N GLY G 82 62.34 -28.32 18.18
CA GLY G 82 61.91 -27.95 19.49
C GLY G 82 60.68 -28.73 19.88
N MET G 83 60.03 -28.21 20.92
CA MET G 83 58.99 -28.97 21.62
C MET G 83 57.95 -29.30 20.57
N THR G 84 57.47 -30.54 20.58
CA THR G 84 56.69 -31.05 19.47
C THR G 84 55.27 -30.46 19.36
N ALA G 85 54.51 -30.46 20.46
CA ALA G 85 53.18 -29.90 20.48
C ALA G 85 53.20 -28.38 20.21
N ASP G 86 54.12 -27.67 20.83
CA ASP G 86 54.35 -26.25 20.51
C ASP G 86 54.58 -26.10 19.00
N SER G 87 55.41 -26.97 18.44
CA SER G 87 55.74 -26.90 17.03
C SER G 87 54.51 -27.11 16.15
N ARG G 88 53.69 -28.10 16.49
CA ARG G 88 52.49 -28.38 15.74
C ARG G 88 51.51 -27.22 15.73
N SER G 89 51.35 -26.60 16.89
CA SER G 89 50.54 -25.40 17.04
CA SER G 89 50.50 -25.40 17.01
C SER G 89 51.04 -24.30 16.13
N GLN G 90 52.36 -24.16 16.05
CA GLN G 90 52.92 -23.11 15.24
C GLN G 90 52.75 -23.40 13.75
N VAL G 91 52.79 -24.67 13.37
CA VAL G 91 52.50 -25.07 12.01
C VAL G 91 51.02 -24.76 11.62
N GLN G 92 50.07 -25.08 12.51
CA GLN G 92 48.67 -24.80 12.23
C GLN G 92 48.44 -23.32 12.02
N ARG G 93 49.07 -22.51 12.86
CA ARG G 93 48.96 -21.07 12.73
C ARG G 93 49.50 -20.60 11.39
N ALA G 94 50.67 -21.10 10.99
CA ALA G 94 51.29 -20.71 9.74
C ALA G 94 50.41 -21.08 8.55
N ARG G 95 49.76 -22.22 8.61
CA ARG G 95 48.88 -22.67 7.55
C ARG G 95 47.67 -21.74 7.41
N TYR G 96 47.11 -21.36 8.56
CA TYR G 96 46.00 -20.45 8.64
C TYR G 96 46.40 -19.09 8.10
N GLU G 97 47.53 -18.56 8.54
CA GLU G 97 47.99 -17.26 8.07
C GLU G 97 48.16 -17.23 6.55
N ALA G 98 48.71 -18.30 6.00
CA ALA G 98 48.98 -18.36 4.57
C ALA G 98 47.69 -18.47 3.75
N ALA G 99 46.79 -19.34 4.19
CA ALA G 99 45.51 -19.52 3.54
C ALA G 99 44.68 -18.22 3.54
N ASN G 100 44.71 -17.56 4.69
CA ASN G 100 43.99 -16.34 4.88
C ASN G 100 44.55 -15.22 3.99
N TRP G 101 45.87 -15.14 3.90
CA TRP G 101 46.55 -14.22 2.99
C TRP G 101 46.06 -14.38 1.53
N LYS G 102 46.00 -15.63 1.07
CA LYS G 102 45.62 -15.97 -0.29
C LYS G 102 44.15 -15.56 -0.58
N TYR G 103 43.31 -15.69 0.43
CA TYR G 103 41.92 -15.30 0.35
C TYR G 103 41.78 -13.78 0.28
N LYS G 104 42.51 -13.05 1.13
CA LYS G 104 42.40 -11.60 1.15
C LYS G 104 43.05 -10.94 -0.04
N TYR G 105 44.21 -11.44 -0.47
CA TYR G 105 45.05 -10.70 -1.42
C TYR G 105 45.19 -11.30 -2.81
N GLY G 106 44.76 -12.54 -2.99
CA GLY G 106 44.68 -13.11 -4.33
C GLY G 106 45.97 -13.64 -4.91
N TYR G 107 47.01 -13.77 -4.07
CA TYR G 107 48.29 -14.41 -4.43
C TYR G 107 48.87 -15.11 -3.20
N GLU G 108 49.79 -16.03 -3.43
CA GLU G 108 50.39 -16.78 -2.34
C GLU G 108 51.27 -15.90 -1.44
N ILE G 109 51.23 -16.17 -0.15
CA ILE G 109 52.11 -15.49 0.80
C ILE G 109 53.59 -15.73 0.42
N PRO G 110 54.40 -14.66 0.31
CA PRO G 110 55.84 -14.84 0.18
C PRO G 110 56.43 -15.44 1.44
N VAL G 111 57.49 -16.23 1.31
CA VAL G 111 58.06 -16.91 2.48
C VAL G 111 58.51 -15.92 3.56
N ASP G 112 59.17 -14.84 3.18
CA ASP G 112 59.58 -13.82 4.15
C ASP G 112 58.42 -13.23 4.97
N MET G 113 57.28 -13.01 4.33
CA MET G 113 56.12 -12.46 5.01
C MET G 113 55.49 -13.46 5.97
N LEU G 114 55.42 -14.72 5.56
CA LEU G 114 54.92 -15.77 6.45
C LEU G 114 55.84 -15.93 7.69
N CYS G 115 57.15 -15.89 7.47
CA CYS G 115 58.09 -15.95 8.57
C CYS G 115 57.93 -14.73 9.46
N LYS G 116 57.81 -13.56 8.85
CA LYS G 116 57.60 -12.33 9.60
C LYS G 116 56.33 -12.37 10.44
N ARG G 117 55.26 -12.93 9.91
CA ARG G 117 54.00 -12.97 10.62
C ARG G 117 54.06 -13.86 11.83
N ILE G 118 54.71 -15.02 11.68
CA ILE G 118 54.92 -15.95 12.77
C ILE G 118 55.86 -15.38 13.85
N ALA G 119 56.89 -14.69 13.41
CA ALA G 119 57.77 -13.98 14.29
C ALA G 119 57.04 -12.91 15.09
N ASP G 120 56.22 -12.11 14.40
CA ASP G 120 55.43 -11.04 15.04
C ASP G 120 54.46 -11.58 16.11
N ILE G 121 53.87 -12.75 15.85
CA ILE G 121 52.99 -13.43 16.79
C ILE G 121 53.80 -13.89 18.00
N SER G 122 54.97 -14.48 17.75
CA SER G 122 55.87 -14.94 18.81
C SER G 122 56.28 -13.78 19.71
N GLN G 123 56.50 -12.61 19.10
CA GLN G 123 56.85 -11.42 19.85
C GLN G 123 55.85 -11.13 20.93
N VAL G 124 54.56 -11.32 20.67
CA VAL G 124 53.53 -11.00 21.67
C VAL G 124 53.75 -11.82 22.94
N TYR G 125 54.19 -13.06 22.79
CA TYR G 125 54.49 -13.89 23.96
C TYR G 125 55.73 -13.43 24.76
N THR G 126 56.59 -12.58 24.19
CA THR G 126 57.71 -12.00 24.91
C THR G 126 57.35 -10.72 25.68
N GLN G 127 56.19 -10.14 25.41
CA GLN G 127 55.78 -8.86 26.03
C GLN G 127 54.57 -9.00 26.96
N ASN G 128 53.79 -10.06 26.82
CA ASN G 128 52.60 -10.25 27.62
C ASN G 128 52.85 -11.33 28.65
N ALA G 129 52.52 -11.08 29.90
CA ALA G 129 53.01 -11.90 31.02
C ALA G 129 52.33 -13.26 31.20
N GLU G 130 51.12 -13.40 30.66
CA GLU G 130 50.26 -14.53 31.03
C GLU G 130 50.50 -15.86 30.33
N MET G 131 51.24 -15.86 29.23
CA MET G 131 51.58 -17.09 28.54
C MET G 131 53.08 -17.19 28.35
N ARG G 132 53.56 -18.40 28.07
CA ARG G 132 54.98 -18.61 27.81
C ARG G 132 55.24 -18.53 26.33
N PRO G 133 56.49 -18.25 25.94
CA PRO G 133 56.85 -18.48 24.55
C PRO G 133 56.71 -19.93 24.17
N LEU G 134 56.63 -20.20 22.88
CA LEU G 134 56.67 -21.56 22.37
C LEU G 134 58.12 -21.96 22.32
N GLY G 135 58.41 -23.15 22.78
CA GLY G 135 59.78 -23.64 22.87
C GLY G 135 60.18 -24.34 21.59
N CYS G 136 60.04 -23.63 20.47
CA CYS G 136 60.33 -24.20 19.17
C CYS G 136 60.84 -23.17 18.18
N YCM G 137 61.35 -23.66 17.07
CA YCM G 137 62.06 -22.88 16.06
CB YCM G 137 63.50 -23.28 16.30
SG YCM G 137 64.63 -22.26 15.48
CD YCM G 137 65.45 -21.35 16.81
CE YCM G 137 67.01 -21.33 16.96
OZ1 YCM G 137 67.76 -20.59 16.28
NZ2 YCM G 137 67.56 -22.11 17.93
C YCM G 137 61.57 -23.38 14.72
O YCM G 137 61.47 -24.60 14.49
N MET G 138 61.23 -22.46 13.83
CA MET G 138 60.63 -22.80 12.54
C MET G 138 61.53 -22.35 11.40
N ILE G 139 61.85 -23.27 10.49
CA ILE G 139 62.61 -22.93 9.29
C ILE G 139 61.70 -23.16 8.09
N LEU G 140 61.55 -22.13 7.26
CA LEU G 140 60.67 -22.16 6.10
C LEU G 140 61.51 -22.16 4.82
N ILE G 141 61.07 -22.95 3.84
CA ILE G 141 61.61 -22.87 2.47
C ILE G 141 60.51 -22.63 1.42
N GLY G 142 60.88 -21.88 0.39
CA GLY G 142 60.02 -21.69 -0.78
C GLY G 142 60.75 -20.96 -1.88
N ILE G 143 60.21 -21.03 -3.10
CA ILE G 143 60.68 -20.22 -4.22
C ILE G 143 59.93 -18.88 -4.29
N ASP G 144 60.68 -17.80 -4.39
CA ASP G 144 60.15 -16.47 -4.69
C ASP G 144 60.36 -16.19 -6.17
N GLU G 145 59.38 -15.56 -6.80
CA GLU G 145 59.39 -15.34 -8.25
C GLU G 145 60.60 -14.50 -8.72
N GLU G 146 60.97 -13.48 -7.96
CA GLU G 146 62.09 -12.57 -8.30
C GLU G 146 63.41 -12.97 -7.62
N GLN G 147 63.38 -13.27 -6.31
CA GLN G 147 64.59 -13.49 -5.50
C GLN G 147 65.20 -14.90 -5.53
N GLY G 148 64.47 -15.88 -6.06
CA GLY G 148 64.96 -17.26 -6.14
C GLY G 148 64.52 -18.13 -4.96
N PRO G 149 65.23 -19.25 -4.70
CA PRO G 149 64.92 -20.09 -3.53
C PRO G 149 65.20 -19.35 -2.25
N GLN G 150 64.41 -19.61 -1.21
CA GLN G 150 64.51 -18.86 0.04
C GLN G 150 64.51 -19.77 1.24
N VAL G 151 65.40 -19.48 2.19
CA VAL G 151 65.37 -20.09 3.51
C VAL G 151 65.19 -19.01 4.57
N TYR G 152 64.20 -19.18 5.43
CA TYR G 152 63.91 -18.23 6.48
C TYR G 152 63.82 -18.98 7.79
N LYS G 153 64.20 -18.32 8.88
CA LYS G 153 64.04 -18.89 10.23
C LYS G 153 63.50 -17.85 11.19
N CYS G 154 62.57 -18.25 12.05
CA CYS G 154 62.17 -17.46 13.20
C CYS G 154 62.30 -18.26 14.50
N ASP G 155 62.39 -17.53 15.62
CA ASP G 155 62.74 -18.11 16.93
C ASP G 155 61.80 -17.63 18.05
N PRO G 156 61.95 -18.18 19.29
CA PRO G 156 61.01 -17.75 20.34
C PRO G 156 61.15 -16.29 20.83
N ALA G 157 62.19 -15.59 20.43
CA ALA G 157 62.31 -14.18 20.75
C ALA G 157 61.47 -13.30 19.83
N GLY G 158 61.01 -13.87 18.70
CA GLY G 158 60.43 -13.13 17.62
C GLY G 158 61.44 -12.50 16.65
N TYR G 159 62.70 -12.91 16.70
CA TYR G 159 63.66 -12.58 15.64
C TYR G 159 63.38 -13.46 14.41
N TYR G 160 63.60 -12.91 13.22
CA TYR G 160 63.53 -13.70 12.01
C TYR G 160 64.56 -13.20 11.04
N 6V1 G 161 64.96 -14.06 10.14
CA 6V1 G 161 65.95 -13.71 9.16
C 6V1 G 161 65.92 -14.65 7.99
O 6V1 G 161 65.40 -15.76 8.10
CB 6V1 G 161 67.33 -13.71 9.81
SG 6V1 G 161 68.43 -12.77 8.81
C1 6V1 G 161 68.54 -11.04 9.30
C2 6V1 G 161 68.98 -10.73 10.72
N3 6V1 G 161 70.02 -9.88 10.74
C4 6V1 G 161 70.44 -9.58 9.50
C5 6V1 G 161 69.58 -10.28 8.47
C6 6V1 G 161 70.60 -9.32 11.96
O7 6V1 G 161 68.40 -11.16 11.70
O8 6V1 G 161 71.40 -8.85 9.19
C3 6V1 G 161 71.93 -9.98 12.27
N GLY G 162 66.42 -14.18 6.86
CA GLY G 162 66.67 -15.00 5.69
C GLY G 162 68.13 -15.46 5.67
N PHE G 163 68.37 -16.60 5.05
CA PHE G 163 69.67 -17.24 5.11
C PHE G 163 70.12 -17.87 3.80
N LYS G 164 71.44 -17.92 3.59
CA LYS G 164 72.05 -18.78 2.59
C LYS G 164 71.96 -20.21 3.09
N ALA G 165 72.22 -20.39 4.38
CA ALA G 165 72.03 -21.66 5.04
C ALA G 165 71.93 -21.40 6.51
N THR G 166 71.26 -22.29 7.22
CA THR G 166 71.11 -22.13 8.66
C THR G 166 70.84 -23.45 9.32
N ALA G 167 70.75 -23.42 10.66
CA ALA G 167 70.48 -24.61 11.43
C ALA G 167 69.71 -24.32 12.71
N ALA G 168 69.27 -25.40 13.35
CA ALA G 168 68.49 -25.30 14.58
C ALA G 168 68.74 -26.51 15.46
N GLY G 169 68.58 -26.34 16.76
CA GLY G 169 68.67 -27.46 17.70
C GLY G 169 70.04 -27.70 18.30
N VAL G 170 70.28 -28.94 18.73
CA VAL G 170 71.38 -29.25 19.63
C VAL G 170 72.73 -28.80 19.05
N LYS G 171 72.99 -29.14 17.79
CA LYS G 171 74.27 -28.79 17.13
C LYS G 171 74.17 -27.59 16.17
N GLN G 172 73.34 -26.63 16.54
CA GLN G 172 73.16 -25.42 15.74
C GLN G 172 74.44 -24.61 15.55
N THR G 173 75.19 -24.40 16.63
CA THR G 173 76.46 -23.66 16.59
C THR G 173 77.49 -24.34 15.70
N GLU G 174 77.58 -25.65 15.81
CA GLU G 174 78.56 -26.44 15.07
C GLU G 174 78.19 -26.48 13.59
N SER G 175 76.90 -26.60 13.31
CA SER G 175 76.37 -26.52 11.94
C SER G 175 76.65 -25.15 11.31
N THR G 176 76.35 -24.07 12.02
CA THR G 176 76.72 -22.71 11.61
C THR G 176 78.20 -22.56 11.25
N SER G 177 79.08 -23.11 12.10
CA SER G 177 80.53 -23.11 11.86
C SER G 177 80.92 -23.85 10.59
N PHE G 178 80.38 -25.06 10.43
CA PHE G 178 80.59 -25.88 9.24
C PHE G 178 80.15 -25.13 7.96
N LEU G 179 78.93 -24.57 8.00
CA LEU G 179 78.35 -23.91 6.83
C LEU G 179 79.12 -22.65 6.47
N GLU G 180 79.43 -21.83 7.48
CA GLU G 180 80.33 -20.67 7.32
C GLU G 180 81.64 -21.04 6.58
N LYS G 181 82.39 -21.99 7.11
CA LYS G 181 83.65 -22.45 6.50
C LYS G 181 83.46 -22.88 5.04
N LYS G 182 82.32 -23.51 4.72
CA LYS G 182 82.05 -24.00 3.36
C LYS G 182 81.65 -22.87 2.37
N VAL G 183 80.83 -21.92 2.80
CA VAL G 183 80.51 -20.79 1.88
C VAL G 183 81.67 -19.88 1.45
N LYS G 184 82.71 -19.73 2.28
CA LYS G 184 83.81 -18.80 2.01
C LYS G 184 84.63 -19.25 0.80
N LYS G 185 84.96 -20.55 0.80
CA LYS G 185 85.54 -21.29 -0.35
C LYS G 185 84.82 -21.03 -1.69
N LYS G 186 83.49 -20.99 -1.64
CA LYS G 186 82.63 -20.87 -2.83
C LYS G 186 82.59 -19.43 -3.43
N PHE G 187 82.68 -19.33 -4.77
CA PHE G 187 82.61 -18.04 -5.51
C PHE G 187 81.18 -17.47 -5.51
N ASP G 188 81.10 -16.15 -5.32
CA ASP G 188 79.86 -15.41 -5.05
C ASP G 188 79.17 -15.89 -3.77
N TRP G 189 79.98 -16.35 -2.80
CA TRP G 189 79.53 -16.87 -1.49
C TRP G 189 78.19 -17.62 -1.55
N THR G 190 78.05 -18.55 -2.50
CA THR G 190 76.77 -19.22 -2.75
C THR G 190 76.97 -20.75 -2.89
N PHE G 191 76.11 -21.51 -2.19
CA PHE G 191 76.09 -22.98 -2.26
C PHE G 191 75.55 -23.42 -3.60
N GLU G 192 75.98 -24.60 -4.04
CA GLU G 192 75.68 -25.11 -5.39
C GLU G 192 75.22 -26.58 -5.37
N GLN G 193 75.88 -27.45 -4.59
CA GLN G 193 75.45 -28.84 -4.40
C GLN G 193 74.65 -28.92 -3.08
N THR G 194 73.37 -28.56 -3.17
CA THR G 194 72.67 -28.11 -1.98
C THR G 194 72.17 -29.23 -1.06
N VAL G 195 71.63 -30.30 -1.64
CA VAL G 195 71.23 -31.47 -0.84
C VAL G 195 72.44 -32.12 -0.19
N GLU G 196 73.52 -32.29 -0.96
CA GLU G 196 74.76 -32.91 -0.42
C GLU G 196 75.42 -32.10 0.71
N THR G 197 75.38 -30.77 0.63
CA THR G 197 75.89 -29.89 1.70
C THR G 197 75.09 -30.06 2.98
N ALA G 198 73.77 -30.17 2.87
CA ALA G 198 72.89 -30.25 4.05
C ALA G 198 73.10 -31.53 4.84
N ILE G 199 73.19 -32.64 4.12
CA ILE G 199 73.38 -33.96 4.74
C ILE G 199 74.80 -34.12 5.26
N THR G 200 75.78 -33.65 4.48
CA THR G 200 77.18 -33.69 4.92
C THR G 200 77.36 -32.86 6.20
N CYS G 201 76.74 -31.67 6.29
CA CYS G 201 76.84 -30.82 7.48
C CYS G 201 76.31 -31.58 8.66
N LEU G 202 75.12 -32.13 8.50
CA LEU G 202 74.43 -32.80 9.59
C LEU G 202 75.20 -34.02 10.06
N SER G 203 75.74 -34.77 9.11
CA SER G 203 76.51 -35.98 9.42
C SER G 203 77.84 -35.66 10.12
N THR G 204 78.45 -34.53 9.75
CA THR G 204 79.68 -34.07 10.37
C THR G 204 79.46 -33.71 11.83
N VAL G 205 78.54 -32.80 12.08
CA VAL G 205 78.34 -32.28 13.44
C VAL G 205 77.86 -33.34 14.44
N LEU G 206 77.05 -34.30 13.97
CA LEU G 206 76.62 -35.46 14.78
C LEU G 206 77.63 -36.63 14.81
N SER G 207 78.47 -36.75 13.77
CA SER G 207 79.39 -37.90 13.58
C SER G 207 78.63 -39.23 13.47
N ILE G 208 77.60 -39.26 12.63
CA ILE G 208 76.71 -40.44 12.51
C ILE G 208 76.87 -41.23 11.21
N ASP G 209 76.92 -40.58 10.04
CA ASP G 209 77.03 -41.32 8.75
C ASP G 209 75.75 -42.16 8.52
N PHE G 210 74.76 -41.55 7.88
CA PHE G 210 73.35 -41.94 8.05
C PHE G 210 72.91 -43.15 7.25
N LYS G 211 71.81 -43.76 7.72
CA LYS G 211 70.99 -44.65 6.91
C LYS G 211 69.85 -43.83 6.28
N PRO G 212 69.20 -44.36 5.24
CA PRO G 212 68.12 -43.56 4.63
C PRO G 212 66.88 -43.28 5.53
N SER G 213 66.64 -44.14 6.52
CA SER G 213 65.52 -43.99 7.46
C SER G 213 65.81 -43.16 8.73
N GLU G 214 67.04 -42.65 8.86
CA GLU G 214 67.47 -41.82 10.01
C GLU G 214 67.45 -40.31 9.71
N ILE G 215 67.12 -39.91 8.48
CA ILE G 215 66.90 -38.50 8.14
C ILE G 215 65.69 -38.29 7.24
N GLU G 216 65.21 -37.06 7.22
CA GLU G 216 64.10 -36.61 6.38
C GLU G 216 64.60 -35.46 5.54
N VAL G 217 64.18 -35.42 4.28
CA VAL G 217 64.59 -34.35 3.38
C VAL G 217 63.36 -33.78 2.67
N GLY G 218 63.30 -32.45 2.64
CA GLY G 218 62.28 -31.71 1.91
C GLY G 218 62.94 -30.72 0.98
N VAL G 219 62.33 -30.49 -0.20
CA VAL G 219 62.89 -29.61 -1.21
C VAL G 219 61.84 -28.74 -1.86
N VAL G 220 62.28 -27.58 -2.35
CA VAL G 220 61.58 -26.82 -3.37
C VAL G 220 62.62 -26.38 -4.39
N THR G 221 62.25 -26.37 -5.67
CA THR G 221 63.16 -25.98 -6.75
C THR G 221 62.51 -24.95 -7.65
N VAL G 222 63.34 -24.18 -8.34
CA VAL G 222 62.90 -23.18 -9.32
C VAL G 222 62.02 -23.82 -10.39
N GLU G 223 62.42 -24.97 -10.88
CA GLU G 223 61.62 -25.70 -11.86
C GLU G 223 60.38 -26.40 -11.24
N ASN G 224 60.46 -26.85 -9.99
CA ASN G 224 59.36 -27.57 -9.33
C ASN G 224 59.09 -26.96 -7.97
N PRO G 225 58.41 -25.81 -7.93
CA PRO G 225 58.29 -25.11 -6.66
C PRO G 225 57.43 -25.81 -5.62
N LYS G 226 56.64 -26.80 -6.01
CA LYS G 226 55.81 -27.49 -5.03
C LYS G 226 56.72 -28.19 -4.03
N PHE G 227 56.46 -27.97 -2.75
CA PHE G 227 57.19 -28.61 -1.67
C PHE G 227 57.09 -30.13 -1.79
N ARG G 228 58.25 -30.78 -1.74
CA ARG G 228 58.37 -32.21 -1.95
C ARG G 228 59.21 -32.86 -0.84
N ILE G 229 58.67 -33.94 -0.28
CA ILE G 229 59.37 -34.74 0.72
C ILE G 229 59.98 -35.93 -0.01
N LEU G 230 61.28 -36.16 0.20
CA LEU G 230 61.97 -37.24 -0.47
C LEU G 230 61.60 -38.56 0.17
N THR G 231 61.57 -39.60 -0.65
CA THR G 231 61.29 -40.95 -0.19
C THR G 231 62.59 -41.51 0.39
N GLU G 232 62.50 -42.71 0.95
CA GLU G 232 63.65 -43.39 1.54
C GLU G 232 64.66 -43.73 0.46
N ALA G 233 64.16 -44.24 -0.68
CA ALA G 233 64.98 -44.58 -1.83
C ALA G 233 65.71 -43.36 -2.40
N GLU G 234 64.98 -42.27 -2.60
CA GLU G 234 65.58 -41.04 -3.12
C GLU G 234 66.70 -40.50 -2.22
N ILE G 235 66.49 -40.55 -0.91
CA ILE G 235 67.51 -40.20 0.09
C ILE G 235 68.73 -41.13 0.00
N ASP G 236 68.47 -42.43 -0.16
CA ASP G 236 69.54 -43.42 -0.31
C ASP G 236 70.43 -43.12 -1.52
N ALA G 237 69.83 -42.68 -2.62
CA ALA G 237 70.60 -42.30 -3.81
C ALA G 237 71.65 -41.25 -3.49
N HIS G 238 71.27 -40.25 -2.71
CA HIS G 238 72.18 -39.19 -2.27
C HIS G 238 73.22 -39.72 -1.29
N LEU G 239 72.83 -40.59 -0.37
CA LEU G 239 73.75 -41.18 0.61
C LEU G 239 74.84 -42.05 -0.04
N VAL G 240 74.44 -42.84 -1.04
CA VAL G 240 75.35 -43.71 -1.78
C VAL G 240 76.24 -42.89 -2.72
N ALA G 241 75.68 -41.86 -3.35
CA ALA G 241 76.48 -40.95 -4.20
C ALA G 241 77.57 -40.21 -3.41
N LEU G 242 77.26 -39.83 -2.16
CA LEU G 242 78.22 -39.20 -1.25
C LEU G 242 79.26 -40.17 -0.72
N ALA G 243 78.84 -41.39 -0.42
CA ALA G 243 79.78 -42.43 0.06
C ALA G 243 80.89 -42.81 -0.95
N GLU G 244 80.64 -42.67 -2.24
CA GLU G 244 81.55 -43.13 -3.30
C GLU G 244 82.48 -42.09 -3.99
N ARG G 245 83.39 -41.43 -3.25
CA ARG G 245 84.44 -40.58 -3.89
C ARG G 245 85.89 -40.69 -3.41
N THR H 1 27.98 10.14 -15.60
CA THR H 1 29.36 9.58 -15.68
C THR H 1 29.54 8.55 -16.78
N THR H 2 30.63 8.72 -17.51
CA THR H 2 31.18 7.72 -18.39
C THR H 2 32.63 7.42 -17.98
N ILE H 3 32.89 6.18 -17.61
CA ILE H 3 34.27 5.69 -17.36
C ILE H 3 34.51 4.40 -18.11
N ALA H 4 35.78 4.18 -18.40
CA ALA H 4 36.15 3.13 -19.33
C ALA H 4 37.61 2.77 -19.22
N GLY H 5 37.91 1.56 -19.66
CA GLY H 5 39.27 1.07 -19.67
C GLY H 5 39.53 0.10 -20.78
N VAL H 6 40.81 0.02 -21.16
CA VAL H 6 41.27 -0.79 -22.26
C VAL H 6 42.66 -1.39 -21.95
N VAL H 7 42.83 -2.67 -22.27
CA VAL H 7 44.12 -3.32 -22.27
C VAL H 7 44.73 -3.17 -23.67
N TYR H 8 45.88 -2.52 -23.78
CA TYR H 8 46.62 -2.43 -25.04
C TYR H 8 47.90 -3.26 -25.01
N LYS H 9 48.67 -3.24 -26.10
CA LYS H 9 49.87 -4.09 -26.26
C LYS H 9 50.81 -4.07 -25.05
N ASP H 10 51.00 -2.90 -24.43
CA ASP H 10 52.00 -2.67 -23.40
C ASP H 10 51.47 -2.20 -22.05
N GLY H 11 50.15 -2.17 -21.87
CA GLY H 11 49.59 -1.59 -20.67
C GLY H 11 48.07 -1.41 -20.65
N ILE H 12 47.64 -0.51 -19.78
CA ILE H 12 46.24 -0.11 -19.64
C ILE H 12 46.07 1.36 -20.06
N VAL H 13 44.94 1.68 -20.66
CA VAL H 13 44.48 3.07 -20.79
C VAL H 13 43.15 3.16 -20.10
N LEU H 14 43.06 4.00 -19.07
CA LEU H 14 41.81 4.35 -18.41
C LEU H 14 41.32 5.71 -18.89
N GLY H 15 40.00 5.88 -18.87
CA GLY H 15 39.37 7.12 -19.30
C GLY H 15 38.20 7.49 -18.45
N ALA H 16 37.94 8.80 -18.38
CA ALA H 16 36.75 9.29 -17.69
C ALA H 16 36.36 10.66 -18.16
N ASP H 17 35.06 10.95 -18.01
CA ASP H 17 34.53 12.33 -18.17
C ASP H 17 34.70 13.04 -16.84
N THR H 18 34.31 14.30 -16.78
CA THR H 18 34.56 15.12 -15.59
C THR H 18 33.32 15.83 -14.99
N ARG H 19 32.13 15.37 -15.35
CA ARG H 19 30.89 15.96 -14.83
C ARG H 19 30.41 15.27 -13.57
N ALA H 20 29.94 16.07 -12.63
CA ALA H 20 29.26 15.55 -11.47
C ALA H 20 27.93 16.28 -11.30
N THR H 21 26.88 15.52 -11.02
CA THR H 21 25.53 16.06 -10.99
C THR H 21 24.90 15.92 -9.63
N GLU H 22 24.04 16.87 -9.29
CA GLU H 22 23.13 16.76 -8.16
C GLU H 22 21.76 16.81 -8.80
N GLY H 23 21.17 15.63 -8.99
CA GLY H 23 19.92 15.53 -9.71
C GLY H 23 20.16 15.74 -11.19
N MET H 24 19.37 16.60 -11.84
CA MET H 24 19.59 16.96 -13.24
C MET H 24 20.26 18.33 -13.42
N VAL H 25 21.06 18.75 -12.42
CA VAL H 25 21.92 19.94 -12.44
C VAL H 25 23.37 19.54 -12.28
N VAL H 26 24.27 20.24 -13.00
CA VAL H 26 25.72 20.02 -12.87
C VAL H 26 26.24 20.75 -11.65
N ALA H 27 26.75 19.98 -10.68
CA ALA H 27 27.40 20.54 -9.47
C ALA H 27 28.86 20.89 -9.73
N ASP H 28 29.57 19.98 -10.38
CA ASP H 28 30.97 20.17 -10.71
C ASP H 28 31.22 19.88 -12.20
N LYS H 29 31.90 20.82 -12.87
CA LYS H 29 32.24 20.68 -14.28
C LYS H 29 33.55 19.97 -14.50
N ASN H 30 34.44 20.02 -13.51
CA ASN H 30 35.78 19.45 -13.64
C ASN H 30 36.19 18.64 -12.43
N CYS H 31 35.51 17.52 -12.28
CA CYS H 31 35.67 16.65 -11.15
C CYS H 31 36.58 15.52 -11.63
N SER H 32 37.41 14.98 -10.75
CA SER H 32 38.42 13.98 -11.14
C SER H 32 37.98 12.58 -10.78
N LYS H 33 37.74 11.74 -11.78
CA LYS H 33 37.16 10.40 -11.58
C LYS H 33 38.17 9.26 -11.70
N ILE H 34 39.41 9.55 -12.11
CA ILE H 34 40.49 8.57 -12.14
C ILE H 34 41.38 8.67 -10.88
N HIS H 35 41.27 7.69 -9.99
CA HIS H 35 41.89 7.75 -8.67
C HIS H 35 43.19 6.94 -8.56
N PHE H 36 44.20 7.54 -7.92
CA PHE H 36 45.39 6.83 -7.47
C PHE H 36 45.02 5.67 -6.53
N ILE H 37 45.50 4.47 -6.85
CA ILE H 37 45.44 3.31 -5.93
C ILE H 37 46.85 2.97 -5.41
N SER H 38 47.79 2.82 -6.33
CA SER H 38 49.22 2.71 -6.06
C SER H 38 49.96 3.29 -7.28
N PRO H 39 51.29 3.48 -7.21
CA PRO H 39 51.98 4.08 -8.39
C PRO H 39 51.76 3.37 -9.73
N ASN H 40 51.41 2.07 -9.67
CA ASN H 40 51.15 1.23 -10.83
C ASN H 40 49.70 0.76 -10.99
N ILE H 41 48.78 1.30 -10.17
CA ILE H 41 47.37 0.96 -10.24
C ILE H 41 46.52 2.21 -10.07
N TYR H 42 45.58 2.41 -10.98
CA TYR H 42 44.56 3.47 -10.89
C TYR H 42 43.16 2.86 -11.01
N CYS H 43 42.17 3.66 -10.61
CA CYS H 43 40.79 3.19 -10.56
C CYS H 43 39.83 4.32 -10.92
N CYS H 44 39.06 4.16 -12.01
CA CYS H 44 37.99 5.11 -12.35
C CYS H 44 36.77 4.83 -11.51
N GLY H 45 36.09 5.89 -11.09
CA GLY H 45 34.89 5.77 -10.24
C GLY H 45 33.61 6.37 -10.82
N ALA H 46 32.53 5.61 -10.74
CA ALA H 46 31.18 6.03 -11.12
C ALA H 46 30.21 5.63 -10.01
N GLY H 47 29.14 6.42 -9.84
CA GLY H 47 28.07 6.11 -8.92
C GLY H 47 27.98 7.21 -7.90
N THR H 48 27.72 6.85 -6.64
CA THR H 48 27.72 7.81 -5.52
C THR H 48 29.11 8.36 -5.27
N ALA H 49 29.27 9.66 -5.46
CA ALA H 49 30.61 10.28 -5.51
C ALA H 49 31.41 10.08 -4.23
N ALA H 50 30.79 10.30 -3.08
CA ALA H 50 31.46 10.17 -1.81
C ALA H 50 31.93 8.73 -1.63
N ASP H 51 31.11 7.77 -2.05
CA ASP H 51 31.43 6.36 -1.94
C ASP H 51 32.63 5.95 -2.78
N THR H 52 32.74 6.51 -3.98
CA THR H 52 33.87 6.17 -4.86
C THR H 52 35.15 6.81 -4.33
N ASP H 53 35.05 8.03 -3.81
CA ASP H 53 36.18 8.71 -3.19
C ASP H 53 36.65 7.93 -1.95
N MET H 54 35.77 7.67 -1.02
CA MET H 54 36.17 7.04 0.22
C MET H 54 36.56 5.57 0.03
N THR H 55 35.93 4.86 -0.89
CA THR H 55 36.32 3.48 -1.18
C THR H 55 37.71 3.35 -1.82
N THR H 56 38.03 4.17 -2.81
CA THR H 56 39.35 4.12 -3.44
C THR H 56 40.48 4.60 -2.50
N GLN H 57 40.19 5.58 -1.67
CA GLN H 57 41.15 6.09 -0.71
C GLN H 57 41.54 5.05 0.32
N LEU H 58 40.53 4.37 0.86
CA LEU H 58 40.73 3.36 1.90
C LEU H 58 41.56 2.19 1.38
N ILE H 59 41.22 1.73 0.18
CA ILE H 59 41.91 0.59 -0.42
C ILE H 59 43.35 0.98 -0.80
N SER H 60 43.53 2.19 -1.32
CA SER H 60 44.86 2.70 -1.62
C SER H 60 45.73 2.71 -0.37
N SER H 61 45.15 3.19 0.70
CA SER H 61 45.80 3.30 1.99
C SER H 61 46.20 1.92 2.53
N ASN H 62 45.28 0.96 2.47
CA ASN H 62 45.58 -0.41 2.89
C ASN H 62 46.63 -1.07 2.00
N LEU H 63 46.63 -0.77 0.70
CA LEU H 63 47.71 -1.25 -0.19
C LEU H 63 49.05 -0.62 0.13
N GLU H 64 49.06 0.63 0.60
CA GLU H 64 50.32 1.26 0.93
C GLU H 64 50.89 0.52 2.13
N LEU H 65 50.05 0.31 3.15
CA LEU H 65 50.38 -0.58 4.28
C LEU H 65 50.91 -1.95 3.85
N HIS H 66 50.19 -2.60 2.96
CA HIS H 66 50.57 -3.88 2.40
C HIS H 66 51.95 -3.83 1.70
N SER H 67 52.13 -2.91 0.77
CA SER H 67 53.40 -2.83 0.03
C SER H 67 54.56 -2.32 0.88
N LEU H 68 54.27 -1.52 1.90
CA LEU H 68 55.27 -1.09 2.89
C LEU H 68 55.86 -2.31 3.62
N SER H 69 54.99 -3.28 3.88
CA SER H 69 55.32 -4.49 4.57
C SER H 69 56.05 -5.48 3.68
N THR H 70 55.57 -5.70 2.47
CA THR H 70 56.15 -6.68 1.56
C THR H 70 57.41 -6.21 0.85
N GLY H 71 57.61 -4.89 0.78
CA GLY H 71 58.67 -4.30 -0.03
C GLY H 71 58.49 -4.52 -1.53
N ARG H 72 57.29 -4.87 -1.97
CA ARG H 72 57.04 -5.21 -3.37
C ARG H 72 55.94 -4.32 -3.97
N LEU H 73 55.96 -4.29 -5.28
CA LEU H 73 54.98 -3.52 -6.01
C LEU H 73 53.64 -4.27 -5.89
N PRO H 74 52.58 -3.56 -5.54
CA PRO H 74 51.31 -4.23 -5.36
C PRO H 74 50.72 -4.83 -6.67
N ARG H 75 49.84 -5.81 -6.51
CA ARG H 75 49.21 -6.50 -7.63
C ARG H 75 47.77 -6.03 -7.86
N VAL H 76 47.31 -6.12 -9.11
CA VAL H 76 45.97 -5.66 -9.42
C VAL H 76 44.95 -6.59 -8.78
N VAL H 77 45.23 -7.90 -8.69
CA VAL H 77 44.31 -8.83 -8.03
C VAL H 77 44.09 -8.45 -6.59
N THR H 78 45.09 -7.85 -5.97
CA THR H 78 44.96 -7.55 -4.56
C THR H 78 44.01 -6.40 -4.41
N ALA H 79 44.21 -5.33 -5.17
CA ALA H 79 43.24 -4.22 -5.18
C ALA H 79 41.82 -4.72 -5.49
N ASN H 80 41.70 -5.63 -6.45
CA ASN H 80 40.40 -6.18 -6.87
C ASN H 80 39.69 -6.94 -5.76
N ARG H 81 40.41 -7.82 -5.08
CA ARG H 81 39.93 -8.52 -3.88
C ARG H 81 39.48 -7.63 -2.76
N MET H 82 40.33 -6.69 -2.40
CA MET H 82 40.02 -5.81 -1.29
C MET H 82 38.71 -5.06 -1.58
N LEU H 83 38.60 -4.51 -2.78
CA LEU H 83 37.42 -3.74 -3.18
C LEU H 83 36.20 -4.62 -3.19
N LYS H 84 36.29 -5.76 -3.83
CA LYS H 84 35.11 -6.60 -4.00
C LYS H 84 34.59 -7.17 -2.68
N GLN H 85 35.50 -7.55 -1.80
CA GLN H 85 35.13 -8.08 -0.49
C GLN H 85 34.49 -7.01 0.40
N MET H 86 34.96 -5.77 0.31
CA MET H 86 34.33 -4.69 1.04
C MET H 86 32.95 -4.39 0.46
N LEU H 87 32.88 -4.24 -0.86
CA LEU H 87 31.62 -3.92 -1.49
C LEU H 87 30.59 -5.00 -1.24
N PHE H 88 31.00 -6.27 -1.33
CA PHE H 88 30.11 -7.36 -1.02
C PHE H 88 29.56 -7.29 0.40
N ARG H 89 30.44 -7.00 1.34
CA ARG H 89 30.08 -6.90 2.77
C ARG H 89 28.97 -5.89 2.95
N TYR H 90 29.07 -4.77 2.25
CA TYR H 90 28.08 -3.67 2.36
C TYR H 90 26.82 -3.85 1.51
N GLN H 91 26.74 -4.96 0.78
CA GLN H 91 25.50 -5.44 0.15
C GLN H 91 24.94 -4.48 -0.91
N GLY H 92 25.80 -3.69 -1.54
CA GLY H 92 25.37 -2.71 -2.54
C GLY H 92 25.09 -1.31 -2.01
N TYR H 93 25.07 -1.13 -0.69
CA TYR H 93 24.81 0.20 -0.14
C TYR H 93 25.93 1.20 -0.34
N ILE H 94 27.11 0.74 -0.71
CA ILE H 94 28.20 1.62 -1.10
C ILE H 94 28.10 1.64 -2.59
N GLY H 95 27.64 2.76 -3.14
CA GLY H 95 27.29 2.83 -4.57
C GLY H 95 28.47 3.17 -5.42
N ALA H 96 29.45 2.27 -5.44
CA ALA H 96 30.72 2.48 -6.13
C ALA H 96 30.80 1.51 -7.30
N ALA H 97 30.94 2.04 -8.50
CA ALA H 97 31.13 1.25 -9.68
C ALA H 97 32.48 1.66 -10.23
N LEU H 98 33.35 0.69 -10.39
CA LEU H 98 34.76 0.97 -10.55
C LEU H 98 35.32 0.29 -11.79
N VAL H 99 36.26 0.96 -12.44
CA VAL H 99 37.09 0.35 -13.46
C VAL H 99 38.54 0.36 -12.95
N LEU H 100 39.04 -0.81 -12.57
CA LEU H 100 40.33 -0.96 -11.93
C LEU H 100 41.32 -1.43 -12.96
N GLY H 101 42.39 -0.67 -13.15
CA GLY H 101 43.41 -1.04 -14.12
C GLY H 101 44.81 -0.75 -13.62
N GLY H 102 45.73 -1.66 -13.90
CA GLY H 102 47.14 -1.43 -13.60
C GLY H 102 48.09 -2.41 -14.22
N VAL H 103 49.37 -2.23 -13.90
CA VAL H 103 50.42 -3.14 -14.37
C VAL H 103 51.30 -3.62 -13.22
N ASP H 104 51.44 -4.94 -13.15
CA ASP H 104 52.20 -5.58 -12.12
C ASP H 104 53.18 -6.62 -12.68
N VAL H 105 53.89 -7.34 -11.81
CA VAL H 105 54.87 -8.36 -12.24
C VAL H 105 54.28 -9.40 -13.19
N THR H 106 52.97 -9.64 -13.14
CA THR H 106 52.32 -10.53 -14.11
C THR H 106 51.71 -9.84 -15.34
N GLY H 107 52.06 -8.57 -15.58
CA GLY H 107 51.56 -7.81 -16.74
C GLY H 107 50.37 -6.88 -16.50
N PRO H 108 49.75 -6.38 -17.58
CA PRO H 108 48.57 -5.48 -17.47
C PRO H 108 47.30 -6.24 -17.13
N HIS H 109 46.49 -5.67 -16.24
CA HIS H 109 45.21 -6.26 -15.85
C HIS H 109 44.15 -5.20 -15.72
N LEU H 110 42.93 -5.55 -16.15
CA LEU H 110 41.79 -4.64 -16.10
C LEU H 110 40.55 -5.35 -15.59
N TYR H 111 39.93 -4.77 -14.56
CA TYR H 111 38.72 -5.31 -13.97
C TYR H 111 37.65 -4.25 -13.95
N SER H 112 36.39 -4.67 -14.05
CA SER H 112 35.30 -3.85 -13.65
C SER H 112 34.79 -4.41 -12.33
N ILE H 113 34.38 -3.52 -11.42
CA ILE H 113 33.90 -3.90 -10.12
C ILE H 113 32.55 -3.20 -9.89
N TYR H 114 31.54 -3.95 -9.46
CA TYR H 114 30.20 -3.42 -9.26
C TYR H 114 29.85 -3.19 -7.78
N PRO H 115 28.88 -2.30 -7.50
CA PRO H 115 28.53 -2.01 -6.10
C PRO H 115 28.25 -3.22 -5.23
N HIS H 116 27.65 -4.27 -5.77
CA HIS H 116 27.29 -5.42 -4.97
C HIS H 116 28.49 -6.39 -4.73
N GLY H 117 29.61 -6.16 -5.42
CA GLY H 117 30.84 -6.90 -5.21
C GLY H 117 31.21 -7.90 -6.29
N SER H 118 30.49 -7.90 -7.43
CA SER H 118 30.90 -8.77 -8.53
C SER H 118 31.94 -8.03 -9.33
N THR H 119 32.82 -8.79 -9.94
CA THR H 119 33.86 -8.24 -10.77
C THR H 119 33.98 -9.09 -12.03
N ASP H 120 34.50 -8.46 -13.07
CA ASP H 120 34.71 -9.09 -14.35
C ASP H 120 36.09 -8.67 -14.79
N LYS H 121 36.88 -9.65 -15.21
CA LYS H 121 38.21 -9.42 -15.70
C LYS H 121 38.13 -9.47 -17.23
N LEU H 122 38.41 -8.36 -17.88
CA LEU H 122 38.14 -8.21 -19.30
C LEU H 122 39.14 -7.27 -19.94
N PRO H 123 39.26 -7.34 -21.27
CA PRO H 123 40.18 -6.47 -22.00
C PRO H 123 39.61 -5.09 -22.32
N TYR H 124 38.29 -4.94 -22.24
CA TYR H 124 37.70 -3.61 -22.23
C TYR H 124 36.41 -3.59 -21.42
N VAL H 125 36.20 -2.51 -20.69
CA VAL H 125 35.02 -2.33 -19.87
C VAL H 125 34.55 -0.90 -19.86
N THR H 126 33.30 -0.72 -19.51
CA THR H 126 32.73 0.61 -19.34
C THR H 126 31.75 0.58 -18.17
N MET H 127 31.61 1.72 -17.50
CA MET H 127 30.65 1.86 -16.40
CA MET H 127 30.65 1.86 -16.40
C MET H 127 30.08 3.27 -16.38
N GLY H 128 29.02 3.45 -15.61
CA GLY H 128 28.32 4.72 -15.51
C GLY H 128 27.13 4.85 -16.47
N SER H 129 26.39 5.93 -16.33
CA SER H 129 25.20 6.20 -17.14
C SER H 129 25.51 6.26 -18.64
N GLY H 130 26.73 6.67 -19.01
CA GLY H 130 27.17 6.67 -20.41
C GLY H 130 27.88 5.41 -20.89
N SER H 131 27.76 4.31 -20.15
CA SER H 131 28.55 3.12 -20.46
C SER H 131 28.15 2.39 -21.73
N LEU H 132 26.89 2.48 -22.14
CA LEU H 132 26.47 1.82 -23.39
C LEU H 132 27.02 2.57 -24.61
N ALA H 133 27.03 3.91 -24.54
CA ALA H 133 27.63 4.71 -25.60
C ALA H 133 29.10 4.34 -25.75
N ALA H 134 29.85 4.42 -24.67
CA ALA H 134 31.25 4.04 -24.64
C ALA H 134 31.49 2.60 -25.10
N MET H 135 30.64 1.68 -24.66
CA MET H 135 30.76 0.27 -25.05
C MET H 135 30.50 0.05 -26.53
N ALA H 136 29.59 0.82 -27.12
CA ALA H 136 29.34 0.72 -28.55
C ALA H 136 30.61 1.04 -29.35
N VAL H 137 31.35 2.05 -28.92
CA VAL H 137 32.62 2.40 -29.56
C VAL H 137 33.59 1.23 -29.45
N PHE H 138 33.69 0.64 -28.25
CA PHE H 138 34.60 -0.52 -28.03
C PHE H 138 34.26 -1.74 -28.86
N GLU H 139 33.00 -2.13 -28.91
CA GLU H 139 32.60 -3.24 -29.80
C GLU H 139 32.86 -2.97 -31.30
N ASP H 140 32.73 -1.72 -31.71
CA ASP H 140 32.91 -1.32 -33.12
C ASP H 140 34.39 -1.33 -33.54
N LYS H 141 35.28 -0.96 -32.61
CA LYS H 141 36.66 -0.56 -32.96
C LYS H 141 37.80 -1.20 -32.21
N PHE H 142 37.54 -1.86 -31.10
CA PHE H 142 38.61 -2.44 -30.33
C PHE H 142 39.26 -3.56 -31.13
N ARG H 143 40.58 -3.56 -31.14
CA ARG H 143 41.35 -4.70 -31.60
C ARG H 143 42.32 -5.08 -30.48
N PRO H 144 42.76 -6.35 -30.44
CA PRO H 144 43.81 -6.69 -29.47
C PRO H 144 45.17 -6.11 -29.83
N ASP H 145 46.01 -5.91 -28.83
CA ASP H 145 47.40 -5.46 -28.98
C ASP H 145 47.51 -4.15 -29.75
N MET H 146 46.65 -3.22 -29.40
CA MET H 146 46.75 -1.88 -29.97
C MET H 146 48.03 -1.22 -29.47
N GLU H 147 48.56 -0.31 -30.28
CA GLU H 147 49.62 0.59 -29.84
C GLU H 147 49.04 1.62 -28.89
N GLU H 148 49.91 2.37 -28.24
CA GLU H 148 49.53 3.29 -27.18
C GLU H 148 48.60 4.38 -27.72
N GLU H 149 48.97 5.01 -28.83
CA GLU H 149 48.17 6.10 -29.37
C GLU H 149 46.81 5.64 -29.90
N GLU H 150 46.74 4.47 -30.54
CA GLU H 150 45.46 3.84 -30.91
C GLU H 150 44.54 3.65 -29.71
N ALA H 151 45.09 3.07 -28.66
CA ALA H 151 44.35 2.80 -27.43
C ALA H 151 43.84 4.09 -26.79
N LYS H 152 44.65 5.14 -26.82
CA LYS H 152 44.27 6.45 -26.28
C LYS H 152 43.19 7.12 -27.10
N ASN H 153 43.30 7.04 -28.43
CA ASN H 153 42.24 7.49 -29.36
C ASN H 153 40.93 6.78 -29.10
N LEU H 154 40.98 5.45 -28.95
CA LEU H 154 39.79 4.65 -28.76
C LEU H 154 39.11 4.98 -27.44
N VAL H 155 39.89 5.15 -26.37
CA VAL H 155 39.30 5.43 -25.06
C VAL H 155 38.72 6.83 -25.06
N SER H 156 39.40 7.81 -25.64
CA SER H 156 38.85 9.15 -25.69
C SER H 156 37.61 9.21 -26.58
N GLU H 157 37.59 8.44 -27.66
CA GLU H 157 36.37 8.31 -28.46
C GLU H 157 35.21 7.72 -27.67
N ALA H 158 35.50 6.72 -26.85
CA ALA H 158 34.48 6.06 -26.05
C ALA H 158 33.91 7.00 -25.01
N ILE H 159 34.77 7.81 -24.39
CA ILE H 159 34.31 8.77 -23.37
C ILE H 159 33.46 9.87 -24.05
N ALA H 160 33.95 10.36 -25.18
CA ALA H 160 33.22 11.33 -25.99
C ALA H 160 31.80 10.85 -26.33
N ALA H 161 31.68 9.59 -26.73
CA ALA H 161 30.37 8.99 -26.99
C ALA H 161 29.45 9.12 -25.80
N GLY H 162 29.96 8.84 -24.61
CA GLY H 162 29.20 9.05 -23.37
C GLY H 162 28.87 10.53 -23.16
N ILE H 163 29.89 11.39 -23.28
CA ILE H 163 29.75 12.84 -23.06
C ILE H 163 28.61 13.46 -23.86
N PHE H 164 28.51 13.06 -25.11
CA PHE H 164 27.60 13.69 -26.03
C PHE H 164 26.22 13.04 -26.11
N ASN H 165 26.12 11.75 -25.82
CA ASN H 165 24.86 11.04 -25.86
C ASN H 165 24.21 10.77 -24.51
N ASP H 166 24.87 11.10 -23.41
CA ASP H 166 24.33 10.86 -22.08
C ASP H 166 24.25 12.20 -21.37
N LEU H 167 23.08 12.56 -20.86
CA LEU H 167 22.92 13.80 -20.10
C LEU H 167 23.63 13.74 -18.75
N GLY H 168 23.85 12.53 -18.26
CA GLY H 168 24.67 12.28 -17.10
C GLY H 168 26.15 12.60 -17.23
N SER H 169 26.68 12.67 -18.45
CA SER H 169 28.12 12.83 -18.68
C SER H 169 28.42 14.12 -19.36
N GLY H 170 29.60 14.66 -19.14
CA GLY H 170 30.00 15.88 -19.83
C GLY H 170 31.38 16.41 -19.52
N SER H 171 31.64 17.62 -20.04
CA SER H 171 32.85 18.39 -19.84
C SER H 171 34.05 17.65 -20.43
N ASN H 172 35.17 17.50 -19.70
CA ASN H 172 36.43 17.08 -20.28
C ASN H 172 36.57 15.57 -20.37
N ILE H 173 37.56 15.13 -21.14
CA ILE H 173 38.04 13.76 -21.14
C ILE H 173 39.41 13.66 -20.41
N ASP H 174 39.49 12.84 -19.38
CA ASP H 174 40.75 12.56 -18.66
C ASP H 174 41.20 11.16 -19.04
N LEU H 175 42.49 10.98 -19.30
CA LEU H 175 43.06 9.66 -19.48
C LEU H 175 44.16 9.40 -18.47
N CYS H 176 44.39 8.11 -18.23
CA CYS H 176 45.55 7.63 -17.51
C CYS H 176 46.13 6.46 -18.28
N VAL H 177 47.41 6.56 -18.66
CA VAL H 177 48.12 5.52 -19.39
C VAL H 177 49.13 4.90 -18.42
N ILE H 178 49.04 3.58 -18.27
CA ILE H 178 49.88 2.81 -17.36
C ILE H 178 50.57 1.71 -18.15
N SER H 179 51.91 1.70 -18.11
CA SER H 179 52.74 0.60 -18.67
C SER H 179 53.82 0.17 -17.67
N LYS H 180 54.64 -0.82 -18.03
CA LYS H 180 55.79 -1.21 -17.18
C LYS H 180 56.76 -0.02 -16.95
N ASN H 181 57.00 0.77 -18.00
CA ASN H 181 57.95 1.90 -17.95
C ASN H 181 57.38 3.27 -17.61
N LYS H 182 56.07 3.44 -17.64
CA LYS H 182 55.48 4.78 -17.67
C LYS H 182 54.12 4.87 -16.96
N LEU H 183 53.88 6.03 -16.34
CA LEU H 183 52.55 6.47 -15.94
C LEU H 183 52.30 7.89 -16.42
N ASP H 184 51.38 8.03 -17.39
CA ASP H 184 50.88 9.33 -17.86
C ASP H 184 49.48 9.57 -17.33
N PHE H 185 49.35 10.55 -16.45
CA PHE H 185 48.06 10.99 -15.91
C PHE H 185 47.73 12.26 -16.66
N LEU H 186 46.83 12.13 -17.62
CA LEU H 186 46.51 13.19 -18.59
C LEU H 186 45.17 13.83 -18.24
N ARG H 187 45.25 14.89 -17.41
CA ARG H 187 44.08 15.62 -16.92
CA ARG H 187 44.08 15.62 -16.92
C ARG H 187 44.27 17.11 -17.18
N PRO H 188 43.58 17.70 -18.17
CA PRO H 188 42.68 17.07 -19.13
C PRO H 188 43.41 16.48 -20.33
N TYR H 189 42.88 15.41 -20.91
CA TYR H 189 43.33 14.93 -22.22
C TYR H 189 42.71 15.77 -23.31
N THR H 190 41.38 15.94 -23.26
CA THR H 190 40.63 16.77 -24.23
C THR H 190 39.58 17.63 -23.52
N VAL H 191 39.34 18.82 -24.08
CA VAL H 191 38.34 19.77 -23.59
C VAL H 191 37.39 19.99 -24.76
N PRO H 192 36.52 19.01 -25.06
CA PRO H 192 35.63 19.18 -26.22
C PRO H 192 34.47 20.16 -25.99
N ASN H 193 34.21 20.54 -24.74
CA ASN H 193 33.16 21.50 -24.40
C ASN H 193 33.67 22.75 -23.73
N LYS H 194 33.21 23.89 -24.21
CA LYS H 194 33.59 25.20 -23.71
C LYS H 194 32.33 26.00 -23.50
N LYS H 195 32.33 26.82 -22.45
CA LYS H 195 31.29 27.83 -22.28
C LYS H 195 31.35 28.85 -23.40
N GLY H 196 30.19 29.29 -23.89
CA GLY H 196 30.11 30.43 -24.83
C GLY H 196 30.59 31.71 -24.17
N THR H 197 30.94 32.71 -24.97
CA THR H 197 31.39 33.99 -24.39
C THR H 197 30.22 34.93 -24.04
N ARG H 198 30.47 35.71 -22.99
CA ARG H 198 29.53 36.68 -22.47
C ARG H 198 29.49 37.90 -23.40
N LEU H 199 28.34 38.13 -24.02
CA LEU H 199 28.15 39.28 -24.93
C LEU H 199 28.03 40.63 -24.19
N GLY H 200 27.28 40.66 -23.09
CA GLY H 200 27.06 41.89 -22.30
C GLY H 200 27.82 41.90 -20.99
N ARG H 201 28.18 43.08 -20.48
CA ARG H 201 28.90 43.16 -19.17
C ARG H 201 28.07 43.78 -18.02
N TYR H 202 28.13 43.10 -16.87
CA TYR H 202 27.39 43.44 -15.66
C TYR H 202 28.37 43.78 -14.49
N ARG H 203 29.37 44.63 -14.82
CA ARG H 203 30.26 45.29 -13.85
C ARG H 203 29.50 46.38 -13.07
N CYS H 204 28.88 45.94 -11.97
CA CYS H 204 28.17 46.84 -11.06
C CYS H 204 29.20 47.58 -10.19
N GLU H 205 29.17 48.91 -10.29
CA GLU H 205 30.14 49.77 -9.62
C GLU H 205 29.81 49.98 -8.15
N LYS H 206 30.81 50.43 -7.38
CA LYS H 206 30.71 50.54 -5.93
C LYS H 206 29.58 51.47 -5.51
N GLY H 207 28.71 50.99 -4.62
CA GLY H 207 27.53 51.73 -4.16
C GLY H 207 26.22 51.21 -4.73
N THR H 208 26.31 50.36 -5.75
CA THR H 208 25.16 49.76 -6.43
C THR H 208 24.30 48.95 -5.48
N THR H 209 24.96 48.14 -4.65
CA THR H 209 24.30 47.40 -3.56
C THR H 209 24.17 48.31 -2.34
N ALA H 210 22.96 48.53 -1.86
CA ALA H 210 22.73 49.25 -0.63
C ALA H 210 23.11 48.39 0.58
N VAL H 211 23.73 49.03 1.56
CA VAL H 211 24.27 48.36 2.75
C VAL H 211 23.61 48.96 3.98
N LEU H 212 23.21 48.11 4.92
CA LEU H 212 22.58 48.52 6.17
C LEU H 212 23.58 48.71 7.31
N THR H 213 24.52 47.77 7.43
CA THR H 213 25.48 47.69 8.53
C THR H 213 26.84 47.33 7.97
N GLU H 214 27.89 47.86 8.58
CA GLU H 214 29.26 47.50 8.21
C GLU H 214 30.11 47.38 9.47
N LYS H 215 30.96 46.36 9.50
CA LYS H 215 31.99 46.22 10.54
C LYS H 215 33.30 45.78 9.90
N ILE H 216 34.37 46.55 10.15
CA ILE H 216 35.71 46.17 9.76
C ILE H 216 36.42 45.64 11.02
N THR H 217 36.99 44.46 10.89
CA THR H 217 37.71 43.80 11.96
C THR H 217 39.13 43.56 11.42
N PRO H 218 40.10 44.41 11.82
CA PRO H 218 41.50 44.21 11.33
C PRO H 218 42.18 42.97 11.94
N LEU H 219 43.13 42.40 11.21
CA LEU H 219 43.86 41.20 11.61
C LEU H 219 45.39 41.44 11.60
N GLU H 220 46.19 40.48 12.08
CA GLU H 220 47.67 40.62 12.02
C GLU H 220 48.28 40.17 10.69
N SER I 2 10.07 17.75 1.33
CA SER I 2 11.56 17.58 1.30
C SER I 2 12.23 18.10 2.57
N ILE I 3 13.18 17.33 3.11
CA ILE I 3 13.86 17.65 4.37
C ILE I 3 14.64 18.95 4.25
N MET I 4 15.29 19.16 3.12
CA MET I 4 16.14 20.33 2.91
C MET I 4 15.37 21.61 2.70
N SER I 5 14.09 21.53 2.34
CA SER I 5 13.29 22.74 2.18
C SER I 5 12.55 23.14 3.46
N TYR I 6 12.74 22.39 4.55
CA TYR I 6 11.94 22.57 5.78
C TYR I 6 12.23 23.90 6.45
N ASN I 7 13.51 24.25 6.56
CA ASN I 7 13.93 25.56 7.06
C ASN I 7 14.37 26.52 5.99
N GLY I 8 14.62 26.00 4.80
CA GLY I 8 15.07 26.84 3.70
C GLY I 8 16.48 27.31 3.91
N GLY I 9 16.87 28.31 3.15
CA GLY I 9 18.15 28.96 3.32
C GLY I 9 19.09 28.76 2.16
N ALA I 10 20.06 29.65 2.07
CA ALA I 10 21.00 29.64 0.99
C ALA I 10 22.31 30.23 1.42
N VAL I 11 23.41 29.61 0.99
CA VAL I 11 24.72 30.20 1.15
C VAL I 11 25.46 30.11 -0.21
N MET I 12 26.38 31.04 -0.44
CA MET I 12 27.36 30.93 -1.51
C MET I 12 28.68 31.50 -1.09
N ALA I 13 29.71 31.13 -1.83
CA ALA I 13 31.03 31.70 -1.66
C ALA I 13 31.59 31.95 -3.03
N MET I 14 32.54 32.88 -3.08
CA MET I 14 33.02 33.40 -4.34
CA MET I 14 33.02 33.40 -4.34
C MET I 14 34.48 33.84 -4.20
N LYS I 15 35.28 33.53 -5.22
CA LYS I 15 36.71 33.80 -5.22
C LYS I 15 37.07 35.07 -5.99
N GLY I 16 38.02 35.83 -5.46
CA GLY I 16 38.57 37.02 -6.10
C GLY I 16 40.09 36.97 -6.19
N LYS I 17 40.70 38.11 -6.49
N LYS I 17 40.66 38.17 -6.45
CA LYS I 17 42.16 38.14 -6.72
CA LYS I 17 42.09 38.47 -6.41
C LYS I 17 43.14 37.52 -5.64
C LYS I 17 42.43 38.93 -5.03
N ASN I 18 43.18 38.05 -4.41
CA ASN I 18 43.74 37.88 -3.07
C ASN I 18 42.70 38.02 -1.96
N CYS I 19 41.51 37.46 -2.22
CA CYS I 19 40.37 37.62 -1.30
C CYS I 19 39.25 36.64 -1.63
N VAL I 20 38.41 36.37 -0.65
CA VAL I 20 37.22 35.56 -0.85
C VAL I 20 36.02 36.22 -0.20
N ALA I 21 34.83 35.78 -0.63
CA ALA I 21 33.59 36.26 -0.08
C ALA I 21 32.70 35.07 0.25
N ILE I 22 31.97 35.17 1.35
CA ILE I 22 30.98 34.19 1.69
C ILE I 22 29.74 34.96 2.17
N ALA I 23 28.57 34.46 1.77
CA ALA I 23 27.29 35.15 2.01
C ALA I 23 26.19 34.15 2.39
N ALA I 24 25.17 34.67 3.07
CA ALA I 24 24.07 33.83 3.53
C ALA I 24 22.81 34.64 3.78
N ASP I 25 21.66 34.01 3.57
CA ASP I 25 20.39 34.64 3.96
C ASP I 25 20.30 34.56 5.47
N ARG I 26 19.41 35.33 6.09
CA ARG I 26 19.32 35.43 7.55
CA ARG I 26 19.32 35.44 7.55
C ARG I 26 18.03 34.82 8.13
N ARG I 27 17.18 34.27 7.29
CA ARG I 27 15.90 33.73 7.74
C ARG I 27 16.07 32.43 8.51
N PHE I 28 15.39 32.31 9.63
CA PHE I 28 15.12 31.01 10.26
C PHE I 28 13.64 30.85 10.28
N GLY I 29 13.15 29.85 9.53
CA GLY I 29 11.74 29.57 9.45
C GLY I 29 11.44 28.10 9.56
N ILE I 30 10.18 27.78 9.86
CA ILE I 30 9.68 26.42 9.90
C ILE I 30 8.53 26.32 8.87
N GLN I 31 8.86 25.75 7.73
CA GLN I 31 8.01 25.73 6.55
C GLN I 31 7.62 27.16 6.19
N ALA I 32 6.33 27.48 6.10
CA ALA I 32 5.96 28.83 5.68
C ALA I 32 6.34 29.91 6.71
N GLN I 33 6.42 29.54 7.98
CA GLN I 33 6.51 30.53 9.06
C GLN I 33 7.93 30.98 9.36
N MET I 34 8.17 32.28 9.20
CA MET I 34 9.41 32.87 9.70
C MET I 34 9.30 32.92 11.23
N VAL I 35 10.36 32.47 11.88
CA VAL I 35 10.51 32.55 13.37
C VAL I 35 11.42 33.72 13.75
N THR I 36 12.45 33.94 12.93
CA THR I 36 13.54 34.82 13.28
C THR I 36 14.24 35.30 12.00
N THR I 37 14.79 36.52 12.03
CA THR I 37 15.43 37.11 10.84
C THR I 37 16.92 37.46 11.03
N ASP I 38 17.56 36.90 12.06
CA ASP I 38 19.00 37.09 12.28
C ASP I 38 19.71 35.77 12.63
N PHE I 39 19.36 34.70 11.93
CA PHE I 39 19.88 33.36 12.26
C PHE I 39 21.27 33.13 11.62
N GLN I 40 22.21 32.69 12.45
CA GLN I 40 23.57 32.48 11.98
C GLN I 40 23.75 31.20 11.19
N LYS I 41 24.29 31.36 9.99
CA LYS I 41 24.61 30.25 9.10
C LYS I 41 26.07 30.19 8.70
N ILE I 42 26.81 31.27 8.90
CA ILE I 42 28.23 31.34 8.58
C ILE I 42 29.04 31.53 9.87
N PHE I 43 30.00 30.63 10.08
CA PHE I 43 30.71 30.49 11.34
C PHE I 43 32.20 30.57 11.11
N PRO I 44 32.91 31.34 11.98
CA PRO I 44 34.37 31.41 11.86
C PRO I 44 35.03 30.10 12.25
N MET I 45 36.04 29.71 11.47
CA MET I 45 36.85 28.52 11.73
C MET I 45 38.34 28.92 11.76
N GLY I 46 38.63 30.14 12.17
CA GLY I 46 39.94 30.73 11.96
C GLY I 46 39.80 32.16 11.50
N ASP I 47 40.88 32.90 11.62
CA ASP I 47 40.84 34.34 11.40
C ASP I 47 40.51 34.71 9.95
N ARG I 48 40.90 33.84 9.01
CA ARG I 48 40.66 34.01 7.58
C ARG I 48 40.00 32.79 6.95
N LEU I 49 39.14 32.10 7.70
CA LEU I 49 38.56 30.85 7.24
C LEU I 49 37.21 30.62 7.88
N TYR I 50 36.18 30.56 7.04
CA TYR I 50 34.77 30.54 7.48
C TYR I 50 34.06 29.38 6.80
N ILE I 51 33.09 28.78 7.48
CA ILE I 51 32.24 27.73 6.91
C ILE I 51 30.80 28.23 6.92
N GLY I 52 30.11 28.06 5.79
CA GLY I 52 28.72 28.47 5.65
C GLY I 52 27.90 27.23 5.49
N LEU I 53 26.83 27.09 6.25
CA LEU I 53 26.01 25.88 6.23
C LEU I 53 24.55 26.20 5.96
N ALA I 54 24.03 25.80 4.81
CA ALA I 54 22.59 25.83 4.55
C ALA I 54 22.03 24.42 4.66
N GLY I 55 20.78 24.33 5.08
CA GLY I 55 20.11 23.04 5.27
C GLY I 55 19.24 23.05 6.51
N LEU I 56 18.99 21.86 7.05
CA LEU I 56 18.18 21.71 8.26
C LEU I 56 18.89 22.43 9.42
N ALA I 57 18.17 23.35 10.05
CA ALA I 57 18.76 24.31 10.98
C ALA I 57 19.39 23.59 12.17
N THR I 58 18.74 22.55 12.68
CA THR I 58 19.32 21.79 13.76
C THR I 58 20.71 21.26 13.41
N ASP I 59 20.90 20.76 12.19
CA ASP I 59 22.17 20.18 11.77
C ASP I 59 23.17 21.24 11.30
N VAL I 60 22.68 22.40 10.90
CA VAL I 60 23.54 23.53 10.64
C VAL I 60 24.35 23.84 11.91
N GLN I 61 23.64 23.84 13.05
CA GLN I 61 24.22 24.14 14.33
C GLN I 61 25.10 22.98 14.86
N THR I 62 24.60 21.75 14.78
CA THR I 62 25.34 20.60 15.25
C THR I 62 26.66 20.37 14.51
N VAL I 63 26.62 20.49 13.18
CA VAL I 63 27.81 20.34 12.36
C VAL I 63 28.81 21.44 12.68
N ALA I 64 28.34 22.69 12.78
CA ALA I 64 29.23 23.80 13.14
C ALA I 64 29.94 23.56 14.47
N GLN I 65 29.17 23.15 15.47
CA GLN I 65 29.63 22.93 16.81
C GLN I 65 30.62 21.74 16.91
N ARG I 66 30.24 20.61 16.31
CA ARG I 66 31.07 19.43 16.34
C ARG I 66 32.33 19.59 15.48
N LEU I 67 32.22 20.38 14.42
CA LEU I 67 33.40 20.69 13.63
C LEU I 67 34.37 21.52 14.45
N LYS I 68 33.83 22.46 15.22
CA LYS I 68 34.62 23.33 16.09
C LYS I 68 35.39 22.51 17.12
N PHE I 69 34.70 21.53 17.71
CA PHE I 69 35.27 20.60 18.66
C PHE I 69 36.53 19.97 18.04
N ARG I 70 36.37 19.41 16.85
CA ARG I 70 37.44 18.74 16.16
C ARG I 70 38.55 19.70 15.79
N LEU I 71 38.17 20.86 15.29
CA LEU I 71 39.15 21.88 14.90
C LEU I 71 39.99 22.37 16.07
N ASN I 72 39.37 22.68 17.19
CA ASN I 72 40.11 23.19 18.33
C ASN I 72 41.15 22.21 18.84
N LEU I 73 40.77 20.93 18.88
CA LEU I 73 41.69 19.85 19.25
C LEU I 73 42.82 19.74 18.28
N TYR I 74 42.52 19.78 16.98
CA TYR I 74 43.57 19.73 15.98
C TYR I 74 44.60 20.83 16.18
N GLU I 75 44.14 22.07 16.41
CA GLU I 75 45.05 23.21 16.46
C GLU I 75 45.92 23.21 17.73
N LEU I 76 45.35 22.77 18.86
CA LEU I 76 46.09 22.63 20.10
C LEU I 76 47.17 21.56 19.98
N LYS I 77 46.84 20.50 19.27
CA LYS I 77 47.70 19.33 19.14
C LYS I 77 48.81 19.51 18.10
N GLU I 78 48.45 20.13 16.98
CA GLU I 78 49.41 20.48 15.96
C GLU I 78 50.08 21.78 16.42
N GLY I 79 50.98 22.30 15.63
CA GLY I 79 51.54 23.58 15.99
C GLY I 79 50.73 24.86 15.70
N ARG I 80 49.56 24.74 15.08
CA ARG I 80 49.18 25.71 14.05
C ARG I 80 47.71 25.86 13.67
N GLN I 81 47.45 26.94 12.92
CA GLN I 81 46.16 27.17 12.30
C GLN I 81 45.97 26.23 11.11
N ILE I 82 44.79 25.66 11.03
CA ILE I 82 44.46 24.72 9.97
C ILE I 82 44.41 25.40 8.59
N LYS I 83 44.87 24.68 7.57
CA LYS I 83 44.79 25.11 6.20
C LYS I 83 43.37 24.85 5.64
N PRO I 84 42.95 25.66 4.64
CA PRO I 84 41.62 25.51 4.05
C PRO I 84 41.30 24.11 3.51
N TYR I 85 42.20 23.57 2.72
CA TYR I 85 42.07 22.22 2.18
C TYR I 85 41.92 21.17 3.28
N THR I 86 42.67 21.33 4.38
CA THR I 86 42.65 20.39 5.50
C THR I 86 41.35 20.47 6.28
N LEU I 87 40.79 21.67 6.39
CA LEU I 87 39.44 21.84 6.96
C LEU I 87 38.38 21.13 6.14
N MET I 88 38.49 21.20 4.83
CA MET I 88 37.57 20.50 3.95
C MET I 88 37.59 18.99 4.22
N SER I 89 38.77 18.42 4.25
CA SER I 89 38.94 16.98 4.51
C SER I 89 38.39 16.58 5.88
N MET I 90 38.55 17.46 6.84
CA MET I 90 38.00 17.25 8.17
C MET I 90 36.49 17.22 8.14
N VAL I 91 35.88 18.13 7.38
CA VAL I 91 34.41 18.21 7.30
C VAL I 91 33.93 16.98 6.55
N ALA I 92 34.58 16.68 5.44
CA ALA I 92 34.27 15.50 4.66
C ALA I 92 34.20 14.24 5.51
N ASN I 93 35.24 14.06 6.33
CA ASN I 93 35.35 12.91 7.20
C ASN I 93 34.22 12.88 8.21
N LEU I 94 33.91 14.03 8.80
CA LEU I 94 32.79 14.13 9.75
C LEU I 94 31.44 13.77 9.13
N LEU I 95 31.17 14.24 7.92
CA LEU I 95 29.88 13.95 7.28
C LEU I 95 29.79 12.52 6.80
N TYR I 96 30.87 11.97 6.26
CA TYR I 96 30.85 10.58 5.78
C TYR I 96 30.69 9.56 6.89
N GLU I 97 31.04 9.92 8.13
CA GLU I 97 30.78 9.04 9.27
C GLU I 97 29.30 8.79 9.43
N LYS I 98 28.51 9.77 9.02
CA LYS I 98 27.07 9.65 9.00
C LYS I 98 26.51 9.26 7.64
N ARG I 99 27.27 8.46 6.88
CA ARG I 99 26.89 8.03 5.55
C ARG I 99 25.49 7.46 5.44
N PHE I 100 25.10 6.63 6.42
CA PHE I 100 23.80 5.97 6.40
C PHE I 100 22.76 6.62 7.31
N GLY I 101 22.96 7.88 7.63
CA GLY I 101 21.95 8.66 8.36
C GLY I 101 22.49 10.07 8.50
N PRO I 102 22.57 10.78 7.38
CA PRO I 102 23.45 11.95 7.35
C PRO I 102 22.89 13.20 7.99
N TYR I 103 23.79 14.13 8.25
CA TYR I 103 23.42 15.47 8.62
C TYR I 103 22.83 16.07 7.36
N TYR I 104 21.78 16.86 7.50
CA TYR I 104 21.11 17.51 6.34
C TYR I 104 21.63 18.91 6.15
N THR I 105 22.91 18.99 5.82
CA THR I 105 23.53 20.26 5.48
C THR I 105 24.61 20.09 4.44
N GLU I 106 24.77 21.12 3.61
CA GLU I 106 25.74 21.11 2.51
C GLU I 106 26.63 22.34 2.68
N PRO I 107 27.79 22.16 3.35
CA PRO I 107 28.58 23.32 3.71
C PRO I 107 29.32 23.92 2.54
N VAL I 108 29.67 25.19 2.69
CA VAL I 108 30.61 25.86 1.80
C VAL I 108 31.69 26.41 2.69
N ILE I 109 32.92 26.37 2.22
CA ILE I 109 34.05 26.89 2.94
C ILE I 109 34.68 28.00 2.11
N ALA I 110 35.04 29.09 2.78
CA ALA I 110 35.75 30.18 2.15
C ALA I 110 36.86 30.62 3.09
N GLY I 111 38.07 30.70 2.56
CA GLY I 111 39.14 31.32 3.29
C GLY I 111 40.42 31.55 2.53
N LEU I 112 41.36 32.14 3.25
CA LEU I 112 42.72 32.35 2.79
C LEU I 112 43.64 31.39 3.55
N ASP I 113 44.64 30.83 2.86
CA ASP I 113 45.66 29.97 3.52
C ASP I 113 46.45 30.79 4.56
N PRO I 114 46.50 30.32 5.84
CA PRO I 114 47.11 31.15 6.91
C PRO I 114 48.59 31.51 6.77
N LYS I 115 49.31 30.89 5.83
CA LYS I 115 50.68 31.27 5.50
C LYS I 115 50.80 32.00 4.15
N THR I 116 50.34 31.37 3.07
CA THR I 116 50.36 31.97 1.71
C THR I 116 49.35 33.11 1.47
N PHE I 117 48.22 33.07 2.19
CA PHE I 117 47.05 33.95 1.94
C PHE I 117 46.35 33.73 0.59
N LYS I 118 46.51 32.54 0.04
CA LYS I 118 45.96 32.17 -1.25
C LYS I 118 44.46 31.92 -1.06
N PRO I 119 43.62 32.37 -2.00
CA PRO I 119 42.17 32.16 -1.82
C PRO I 119 41.72 30.71 -2.03
N PHE I 120 40.79 30.27 -1.19
CA PHE I 120 40.24 28.93 -1.27
C PHE I 120 38.73 28.98 -1.10
N ILE I 121 38.03 28.24 -1.96
CA ILE I 121 36.61 27.97 -1.75
C ILE I 121 36.28 26.54 -2.15
N CYS I 122 35.27 25.97 -1.48
CA CYS I 122 34.79 24.65 -1.83
C CYS I 122 33.40 24.47 -1.26
N SER I 123 32.77 23.38 -1.64
CA SER I 123 31.54 22.95 -1.02
C SER I 123 31.59 21.44 -0.87
N LEU I 124 30.67 20.88 -0.09
CA LEU I 124 30.57 19.46 0.07
C LEU I 124 29.13 19.05 0.08
N ASP I 125 28.82 17.87 -0.44
CA ASP I 125 27.46 17.36 -0.36
C ASP I 125 27.23 16.81 1.04
N LEU I 126 26.05 16.25 1.29
CA LEU I 126 25.69 15.98 2.69
C LEU I 126 26.31 14.74 3.30
N ILE I 127 26.95 13.91 2.46
CA ILE I 127 27.77 12.80 2.93
C ILE I 127 29.28 13.03 2.73
N GLY I 128 29.69 14.26 2.45
CA GLY I 128 31.09 14.59 2.44
C GLY I 128 31.90 14.48 1.16
N CYS I 129 31.26 14.39 0.00
CA CYS I 129 31.98 14.53 -1.28
C CYS I 129 32.46 15.97 -1.45
N PRO I 130 33.79 16.21 -1.41
CA PRO I 130 34.27 17.59 -1.54
C PRO I 130 34.37 18.04 -2.98
N MET I 131 34.35 19.35 -3.18
CA MET I 131 34.30 19.93 -4.50
C MET I 131 34.95 21.31 -4.46
N VAL I 132 36.20 21.39 -4.92
CA VAL I 132 36.95 22.64 -4.95
C VAL I 132 36.73 23.31 -6.30
N THR I 133 36.58 24.65 -6.30
CA THR I 133 36.46 25.42 -7.55
C THR I 133 37.26 26.71 -7.51
N ASP I 134 37.50 27.27 -8.70
CA ASP I 134 38.24 28.53 -8.87
C ASP I 134 37.37 29.76 -9.02
N ASP I 135 36.05 29.59 -8.92
CA ASP I 135 35.09 30.70 -9.16
C ASP I 135 34.10 30.90 -8.02
N PHE I 136 33.24 29.90 -7.79
CA PHE I 136 32.13 30.06 -6.86
C PHE I 136 31.51 28.73 -6.54
N VAL I 137 30.83 28.70 -5.41
CA VAL I 137 30.08 27.54 -5.00
C VAL I 137 28.80 28.04 -4.40
N VAL I 138 27.75 27.22 -4.50
CA VAL I 138 26.45 27.58 -3.96
C VAL I 138 25.85 26.39 -3.24
N SER I 139 24.92 26.66 -2.34
CA SER I 139 24.26 25.63 -1.59
C SER I 139 22.97 26.14 -0.97
N GLY I 140 21.87 25.39 -1.12
CA GLY I 140 20.61 25.75 -0.50
C GLY I 140 19.40 25.55 -1.41
N THR I 141 18.24 25.98 -0.93
CA THR I 141 16.97 25.74 -1.63
C THR I 141 16.84 26.45 -2.99
N CYS I 142 17.56 27.55 -3.19
CA CYS I 142 17.57 28.26 -4.45
C CYS I 142 18.90 28.12 -5.21
N ALA I 143 19.41 26.90 -5.30
CA ALA I 143 20.70 26.68 -5.92
C ALA I 143 20.72 27.01 -7.40
N GLU I 144 19.64 26.69 -8.10
CA GLU I 144 19.50 27.01 -9.52
C GLU I 144 19.46 28.53 -9.80
N GLN I 145 18.72 29.24 -8.98
CA GLN I 145 18.75 30.69 -8.99
C GLN I 145 20.15 31.25 -8.79
N MET I 146 20.85 30.75 -7.77
CA MET I 146 22.19 31.16 -7.47
C MET I 146 23.14 30.82 -8.63
N TYR I 147 23.04 29.60 -9.18
CA TYR I 147 23.85 29.25 -10.35
C TYR I 147 23.63 30.21 -11.52
N GLY I 148 22.38 30.57 -11.78
CA GLY I 148 22.06 31.52 -12.81
C GLY I 148 22.78 32.83 -12.62
N MET I 149 22.71 33.38 -11.41
CA MET I 149 23.36 34.67 -11.11
C MET I 149 24.89 34.59 -11.17
N CYS I 150 25.48 33.58 -10.54
CA CYS I 150 26.93 33.39 -10.53
C CYS I 150 27.55 33.13 -11.92
N GLU I 151 26.95 32.24 -12.71
CA GLU I 151 27.44 31.94 -14.07
C GLU I 151 27.38 33.15 -15.00
N SER I 152 26.46 34.08 -14.75
CA SER I 152 26.31 35.28 -15.57
C SER I 152 27.12 36.48 -15.08
N LEU I 153 27.38 36.61 -13.77
CA LEU I 153 28.08 37.77 -13.23
C LEU I 153 29.55 37.59 -12.88
N TRP I 154 29.92 36.43 -12.35
CA TRP I 154 31.29 36.21 -11.85
C TRP I 154 32.32 36.40 -12.94
N GLU I 155 33.37 37.14 -12.64
CA GLU I 155 34.53 37.23 -13.52
C GLU I 155 35.82 36.95 -12.71
N PRO I 156 36.91 36.60 -13.40
CA PRO I 156 38.15 36.33 -12.65
C PRO I 156 38.83 37.60 -12.14
N ASN I 157 39.66 37.42 -11.12
CA ASN I 157 40.57 38.47 -10.62
C ASN I 157 39.88 39.75 -10.15
N MET I 158 38.74 39.60 -9.50
CA MET I 158 38.01 40.76 -8.99
C MET I 158 38.64 41.26 -7.68
N ASP I 159 38.64 42.58 -7.48
CA ASP I 159 39.11 43.18 -6.22
C ASP I 159 37.98 43.15 -5.16
N PRO I 160 38.31 43.38 -3.87
CA PRO I 160 37.32 43.34 -2.79
C PRO I 160 35.98 44.09 -2.99
N ASP I 161 36.00 45.25 -3.64
CA ASP I 161 34.80 46.08 -3.86
C ASP I 161 33.90 45.48 -4.94
N HIS I 162 34.51 44.97 -6.02
CA HIS I 162 33.79 44.33 -7.14
C HIS I 162 33.28 42.94 -6.78
N LEU I 163 34.06 42.21 -6.00
CA LEU I 163 33.65 40.92 -5.45
C LEU I 163 32.48 41.08 -4.51
N PHE I 164 32.48 42.14 -3.69
CA PHE I 164 31.36 42.41 -2.79
C PHE I 164 30.06 42.68 -3.54
N GLU I 165 30.13 43.52 -4.56
CA GLU I 165 28.95 43.85 -5.39
C GLU I 165 28.41 42.60 -6.10
N THR I 166 29.30 41.80 -6.66
CA THR I 166 28.90 40.61 -7.39
C THR I 166 28.21 39.57 -6.51
N ILE I 167 28.78 39.29 -5.34
CA ILE I 167 28.24 38.25 -4.47
C ILE I 167 26.93 38.75 -3.90
N SER I 168 26.89 40.02 -3.54
CA SER I 168 25.66 40.65 -3.05
C SER I 168 24.50 40.61 -4.09
N GLN I 169 24.83 40.87 -5.35
CA GLN I 169 23.80 40.88 -6.39
C GLN I 169 23.34 39.47 -6.73
N ALA I 170 24.26 38.53 -6.72
CA ALA I 170 23.93 37.15 -6.92
C ALA I 170 23.02 36.63 -5.80
N MET I 171 23.32 36.98 -4.55
CA MET I 171 22.49 36.55 -3.43
C MET I 171 21.09 37.18 -3.48
N LEU I 172 21.03 38.51 -3.44
CA LEU I 172 19.76 39.24 -3.36
C LEU I 172 18.75 38.84 -4.46
N ASN I 173 19.23 38.77 -5.69
CA ASN I 173 18.38 38.41 -6.81
C ASN I 173 17.99 36.91 -6.85
N ALA I 174 18.89 36.05 -6.39
CA ALA I 174 18.60 34.63 -6.31
C ALA I 174 17.52 34.34 -5.28
N VAL I 175 17.72 34.86 -4.05
CA VAL I 175 16.79 34.60 -2.95
C VAL I 175 15.44 35.29 -3.14
N ASP I 176 15.40 36.37 -3.90
CA ASP I 176 14.12 37.01 -4.27
C ASP I 176 13.25 36.19 -5.21
N ARG I 177 13.79 35.11 -5.79
CA ARG I 177 12.96 34.12 -6.46
C ARG I 177 12.69 32.81 -5.66
N ASP I 178 12.96 32.80 -4.34
CA ASP I 178 12.73 31.62 -3.49
C ASP I 178 11.95 32.02 -2.25
N ALA I 179 10.77 31.42 -2.08
CA ALA I 179 9.86 31.76 -0.99
C ALA I 179 10.49 31.61 0.40
N VAL I 180 11.29 30.56 0.56
CA VAL I 180 11.80 30.16 1.86
C VAL I 180 13.27 30.52 2.08
N SER I 181 13.80 31.47 1.32
CA SER I 181 15.11 32.04 1.59
C SER I 181 15.00 33.53 1.55
N GLY I 182 15.79 34.20 2.38
CA GLY I 182 15.85 35.65 2.39
C GLY I 182 15.69 36.17 3.81
N MET I 183 14.76 37.10 3.97
CA MET I 183 14.65 37.93 5.19
C MET I 183 15.99 38.56 5.61
N GLY I 184 16.80 38.92 4.63
CA GLY I 184 18.08 39.55 4.87
C GLY I 184 19.19 38.74 4.27
N VAL I 185 20.29 39.42 3.92
CA VAL I 185 21.52 38.80 3.48
C VAL I 185 22.72 39.41 4.23
N ILE I 186 23.65 38.54 4.64
CA ILE I 186 24.90 38.94 5.30
C ILE I 186 26.08 38.52 4.41
N VAL I 187 27.09 39.38 4.31
CA VAL I 187 28.27 39.13 3.50
C VAL I 187 29.55 39.39 4.28
N HIS I 188 30.49 38.43 4.23
CA HIS I 188 31.83 38.58 4.77
C HIS I 188 32.81 38.63 3.59
N ILE I 189 33.67 39.64 3.56
CA ILE I 189 34.77 39.70 2.61
C ILE I 189 36.03 39.40 3.40
N ILE I 190 36.77 38.37 3.00
CA ILE I 190 37.97 37.94 3.71
C ILE I 190 39.20 38.41 2.94
N GLU I 191 39.95 39.34 3.54
CA GLU I 191 41.25 39.80 3.05
C GLU I 191 42.43 39.40 3.99
N LYS I 192 43.65 39.50 3.45
CA LYS I 192 44.89 39.25 4.20
C LYS I 192 44.90 40.03 5.51
N ASP I 193 44.63 41.32 5.43
CA ASP I 193 44.73 42.23 6.56
C ASP I 193 43.42 42.57 7.30
N LYS I 194 42.26 42.09 6.84
CA LYS I 194 40.97 42.44 7.50
C LYS I 194 39.75 41.60 7.07
N ILE I 195 38.73 41.62 7.94
CA ILE I 195 37.40 41.06 7.68
C ILE I 195 36.38 42.19 7.65
N THR I 196 35.67 42.33 6.52
CA THR I 196 34.56 43.29 6.36
C THR I 196 33.26 42.50 6.39
N THR I 197 32.38 42.81 7.35
CA THR I 197 31.08 42.14 7.49
C THR I 197 29.95 43.18 7.27
N ARG I 198 29.06 42.88 6.33
CA ARG I 198 27.92 43.77 5.98
C ARG I 198 26.59 43.04 5.95
N THR I 199 25.53 43.66 6.43
CA THR I 199 24.17 43.24 6.10
C THR I 199 23.66 44.15 5.00
N LEU I 200 22.92 43.57 4.06
CA LEU I 200 22.43 44.26 2.88
C LEU I 200 21.00 44.77 3.07
N LYS I 201 20.68 45.88 2.41
CA LYS I 201 19.29 46.28 2.24
C LYS I 201 18.70 45.21 1.37
N ALA I 202 17.60 44.62 1.83
CA ALA I 202 17.04 43.46 1.17
C ALA I 202 15.59 43.30 1.49
N ARG I 203 14.84 42.75 0.53
CA ARG I 203 13.43 42.43 0.72
C ARG I 203 13.20 41.59 1.98
N MET I 204 12.11 41.89 2.69
CA MET I 204 11.75 41.21 3.93
C MET I 204 10.37 40.50 3.82
N ASP I 205 10.08 40.00 2.61
CA ASP I 205 8.86 39.22 2.34
C ASP I 205 9.19 37.79 1.85
N MET J 1 -4.84 22.15 22.56
CA MET J 1 -3.40 22.09 22.04
CA MET J 1 -3.42 22.10 22.03
C MET J 1 -2.71 23.38 22.48
N GLU J 2 -1.41 23.27 22.75
CA GLU J 2 -0.75 24.10 23.75
C GLU J 2 -0.14 25.39 23.24
N TYR J 3 -0.25 26.46 24.02
CA TYR J 3 0.19 27.78 23.63
C TYR J 3 1.25 28.24 24.59
N LEU J 4 2.39 28.64 24.05
CA LEU J 4 3.44 29.33 24.80
C LEU J 4 3.78 30.66 24.15
N ILE J 5 4.10 31.65 24.97
CA ILE J 5 4.50 32.94 24.48
C ILE J 5 5.53 33.55 25.44
N GLY J 6 6.51 34.24 24.86
CA GLY J 6 7.53 34.97 25.58
C GLY J 6 7.74 36.34 24.94
N ILE J 7 7.88 37.37 25.79
CA ILE J 7 8.24 38.72 25.38
C ILE J 7 9.40 39.23 26.24
N GLN J 8 10.51 39.59 25.59
CA GLN J 8 11.71 40.08 26.26
C GLN J 8 11.75 41.57 26.15
N GLY J 9 11.75 42.26 27.29
CA GLY J 9 12.02 43.72 27.35
C GLY J 9 13.49 43.99 27.67
N PRO J 10 13.87 45.26 27.88
CA PRO J 10 15.29 45.61 28.11
C PRO J 10 15.95 44.97 29.34
N ASP J 11 15.20 44.82 30.43
CA ASP J 11 15.70 44.22 31.68
C ASP J 11 14.76 43.15 32.28
N TYR J 12 13.93 42.51 31.45
CA TYR J 12 13.08 41.40 31.92
C TYR J 12 12.63 40.51 30.76
N VAL J 13 12.05 39.36 31.11
CA VAL J 13 11.36 38.52 30.17
C VAL J 13 10.04 38.15 30.78
N LEU J 14 9.00 38.34 30.00
CA LEU J 14 7.63 38.05 30.38
C LEU J 14 7.27 36.79 29.61
N VAL J 15 6.68 35.82 30.29
CA VAL J 15 6.26 34.57 29.66
C VAL J 15 4.86 34.19 30.10
N ALA J 16 4.18 33.47 29.21
CA ALA J 16 2.87 32.95 29.52
C ALA J 16 2.63 31.68 28.76
N SER J 17 1.70 30.89 29.28
CA SER J 17 1.39 29.59 28.72
C SER J 17 -0.03 29.24 29.11
N ASP J 18 -0.73 28.49 28.26
CA ASP J 18 -2.11 28.10 28.58
C ASP J 18 -2.13 27.07 29.69
N ARG J 19 -3.31 26.86 30.26
CA ARG J 19 -3.43 26.02 31.45
C ARG J 19 -4.37 24.85 31.26
N VAL J 20 -4.43 24.35 30.04
CA VAL J 20 -5.33 23.30 29.71
C VAL J 20 -4.50 22.04 29.51
N ALA J 21 -5.03 20.93 30.00
CA ALA J 21 -4.54 19.63 29.63
C ALA J 21 -5.69 18.97 28.93
N ALA J 22 -5.53 18.69 27.66
CA ALA J 22 -6.61 18.14 26.86
C ALA J 22 -6.38 16.68 26.54
N SER J 23 -7.47 15.96 26.34
CA SER J 23 -7.44 14.59 25.89
C SER J 23 -8.70 14.29 25.08
N ASN J 24 -8.53 14.12 23.77
CA ASN J 24 -9.62 13.83 22.81
C ASN J 24 -10.51 15.07 22.70
N ILE J 25 -11.79 14.98 23.08
CA ILE J 25 -12.69 16.13 22.99
C ILE J 25 -12.83 16.94 24.29
N VAL J 26 -12.19 16.52 25.39
CA VAL J 26 -12.38 17.16 26.70
C VAL J 26 -11.14 17.85 27.23
N GLN J 27 -11.33 18.90 28.01
CA GLN J 27 -10.26 19.45 28.88
CA GLN J 27 -10.28 19.44 28.85
C GLN J 27 -10.32 18.62 30.14
N MET J 28 -9.17 18.06 30.55
CA MET J 28 -9.06 17.22 31.76
C MET J 28 -8.55 17.98 32.98
N LYS J 29 -7.89 19.11 32.70
CA LYS J 29 -7.39 20.00 33.71
C LYS J 29 -7.41 21.42 33.16
N ASP J 30 -7.88 22.37 33.98
CA ASP J 30 -7.90 23.80 33.64
C ASP J 30 -6.89 24.65 34.42
N ASP J 31 -6.17 24.05 35.38
CA ASP J 31 -5.07 24.73 36.10
C ASP J 31 -3.69 24.07 35.83
N HIS J 32 -3.47 23.62 34.60
CA HIS J 32 -2.20 23.02 34.23
C HIS J 32 -1.11 24.08 34.13
N ASP J 33 0.10 23.72 34.61
CA ASP J 33 1.28 24.58 34.51
C ASP J 33 2.28 23.95 33.55
N LYS J 34 2.72 24.71 32.56
CA LYS J 34 3.65 24.23 31.55
C LYS J 34 5.06 24.80 31.71
N MET J 35 5.30 25.44 32.85
CA MET J 35 6.56 26.10 33.15
C MET J 35 7.36 25.31 34.21
N PHE J 36 8.65 25.20 33.97
CA PHE J 36 9.57 24.48 34.86
C PHE J 36 10.67 25.43 35.30
N LYS J 37 10.85 25.55 36.61
CA LYS J 37 11.92 26.35 37.19
C LYS J 37 13.24 25.56 37.14
N MET J 38 14.21 26.04 36.36
CA MET J 38 15.53 25.39 36.26
C MET J 38 16.44 25.86 37.38
N SER J 39 16.34 27.16 37.68
CA SER J 39 17.23 27.88 38.55
C SER J 39 16.50 29.13 39.02
N GLU J 40 17.17 30.02 39.75
CA GLU J 40 16.50 31.21 40.29
C GLU J 40 16.05 32.20 39.21
N LYS J 41 16.73 32.21 38.07
CA LYS J 41 16.47 33.18 37.01
C LYS J 41 16.25 32.49 35.64
N ILE J 42 15.72 31.27 35.63
CA ILE J 42 15.48 30.54 34.41
C ILE J 42 14.19 29.72 34.47
N LEU J 43 13.31 29.96 33.50
CA LEU J 43 12.14 29.12 33.27
C LEU J 43 12.27 28.40 31.92
N LEU J 44 11.80 27.16 31.89
CA LEU J 44 11.70 26.37 30.69
C LEU J 44 10.22 26.04 30.50
N LEU J 45 9.68 26.47 29.36
CA LEU J 45 8.27 26.25 29.01
C LEU J 45 8.28 25.19 27.95
N CYS J 46 7.51 24.13 28.19
CA CYS J 46 7.64 22.92 27.41
C CYS J 46 6.28 22.38 27.03
N VAL J 47 6.13 22.09 25.73
CA VAL J 47 4.92 21.50 25.19
C VAL J 47 5.32 20.45 24.18
N GLY J 48 4.36 19.60 23.81
CA GLY J 48 4.57 18.54 22.85
C GLY J 48 3.91 17.21 23.23
N GLU J 49 4.52 16.12 22.82
CA GLU J 49 3.92 14.84 23.04
C GLU J 49 3.83 14.47 24.53
N ALA J 50 2.72 13.85 24.93
CA ALA J 50 2.58 13.35 26.29
C ALA J 50 3.73 12.42 26.65
N GLY J 51 4.16 12.49 27.90
CA GLY J 51 5.30 11.73 28.38
C GLY J 51 6.58 12.48 28.08
N ASP J 52 6.85 12.70 26.80
CA ASP J 52 8.09 13.35 26.38
C ASP J 52 8.28 14.70 27.02
N THR J 53 7.21 15.48 27.19
CA THR J 53 7.36 16.87 27.64
C THR J 53 7.86 16.92 29.06
N VAL J 54 7.22 16.17 29.97
CA VAL J 54 7.65 16.20 31.38
C VAL J 54 8.99 15.47 31.52
N GLN J 55 9.13 14.32 30.87
CA GLN J 55 10.36 13.54 31.01
C GLN J 55 11.56 14.36 30.55
N PHE J 56 11.40 15.08 29.45
CA PHE J 56 12.47 15.91 28.95
C PHE J 56 12.77 17.07 29.89
N ALA J 57 11.74 17.86 30.21
CA ALA J 57 11.88 19.07 31.02
C ALA J 57 12.51 18.78 32.40
N GLU J 58 11.99 17.78 33.08
CA GLU J 58 12.49 17.37 34.38
C GLU J 58 13.91 16.83 34.36
N TYR J 59 14.30 16.12 33.31
CA TYR J 59 15.67 15.71 33.15
C TYR J 59 16.62 16.90 33.01
N ILE J 60 16.25 17.88 32.19
CA ILE J 60 17.03 19.13 32.09
C ILE J 60 17.07 19.82 33.45
N GLN J 61 15.90 19.96 34.07
CA GLN J 61 15.76 20.59 35.37
C GLN J 61 16.74 20.01 36.39
N LYS J 62 16.68 18.69 36.59
CA LYS J 62 17.56 18.03 37.58
C LYS J 62 19.03 18.20 37.24
N ASN J 63 19.39 18.18 35.96
CA ASN J 63 20.78 18.40 35.56
C ASN J 63 21.28 19.81 35.78
N VAL J 64 20.41 20.80 35.59
CA VAL J 64 20.75 22.20 35.86
C VAL J 64 20.90 22.44 37.37
N GLN J 65 20.04 21.81 38.16
CA GLN J 65 20.15 21.88 39.60
C GLN J 65 21.43 21.18 40.09
N LEU J 66 21.75 20.03 39.50
CA LEU J 66 22.97 19.32 39.81
C LEU J 66 24.20 20.17 39.51
N TYR J 67 24.16 20.93 38.42
CA TYR J 67 25.30 21.79 38.12
C TYR J 67 25.50 22.83 39.22
N LYS J 68 24.41 23.48 39.65
CA LYS J 68 24.47 24.41 40.79
C LYS J 68 25.13 23.76 42.02
N MET J 69 24.76 22.53 42.32
CA MET J 69 25.27 21.82 43.48
C MET J 69 26.73 21.41 43.37
N ARG J 70 27.18 20.99 42.20
CA ARG J 70 28.58 20.63 41.97
C ARG J 70 29.49 21.82 41.99
N ASN J 71 29.02 22.96 41.49
CA ASN J 71 29.87 24.11 41.25
C ASN J 71 29.67 25.32 42.20
N GLY J 72 28.54 25.37 42.91
CA GLY J 72 28.19 26.50 43.77
C GLY J 72 27.62 27.75 43.09
N TYR J 73 27.43 27.73 41.78
CA TYR J 73 26.84 28.85 41.05
C TYR J 73 26.04 28.27 39.90
N GLU J 74 25.17 29.07 39.29
CA GLU J 74 24.22 28.55 38.29
C GLU J 74 24.74 28.70 36.89
N LEU J 75 24.22 27.84 36.01
CA LEU J 75 24.39 28.05 34.58
C LEU J 75 23.69 29.33 34.13
N SER J 76 24.29 30.04 33.18
CA SER J 76 23.63 31.17 32.52
C SER J 76 22.46 30.67 31.66
N PRO J 77 21.49 31.54 31.35
CA PRO J 77 20.42 31.14 30.44
C PRO J 77 20.93 30.58 29.10
N THR J 78 21.90 31.25 28.50
CA THR J 78 22.51 30.83 27.25
C THR J 78 23.15 29.44 27.37
N ALA J 79 23.87 29.19 28.45
CA ALA J 79 24.50 27.89 28.67
C ALA J 79 23.46 26.78 28.91
N ALA J 80 22.42 27.09 29.67
CA ALA J 80 21.31 26.15 29.89
C ALA J 80 20.57 25.86 28.56
N ALA J 81 20.44 26.89 27.71
CA ALA J 81 19.74 26.74 26.43
C ALA J 81 20.53 25.83 25.52
N ASN J 82 21.85 26.03 25.49
CA ASN J 82 22.72 25.17 24.69
C ASN J 82 22.87 23.77 25.26
N PHE J 83 22.77 23.63 26.56
CA PHE J 83 22.74 22.32 27.22
C PHE J 83 21.47 21.56 26.82
N THR J 84 20.33 22.24 26.90
CA THR J 84 19.04 21.69 26.47
C THR J 84 19.07 21.26 24.98
N ARG J 85 19.63 22.11 24.14
CA ARG J 85 19.74 21.80 22.72
C ARG J 85 20.58 20.56 22.45
N ARG J 86 21.74 20.49 23.09
CA ARG J 86 22.69 19.39 22.93
C ARG J 86 21.98 18.08 23.19
N ASN J 87 21.27 18.01 24.31
CA ASN J 87 20.49 16.81 24.62
C ASN J 87 19.45 16.48 23.59
N LEU J 88 18.64 17.47 23.19
CA LEU J 88 17.57 17.23 22.21
C LEU J 88 18.15 16.75 20.90
N ALA J 89 19.19 17.43 20.44
CA ALA J 89 19.82 17.13 19.16
C ALA J 89 20.51 15.78 19.18
N ASP J 90 21.22 15.48 20.27
CA ASP J 90 21.86 14.16 20.46
C ASP J 90 20.84 13.03 20.43
N 6V1 J 91 19.64 13.26 20.95
CA 6V1 J 91 18.60 12.23 21.00
C 6V1 J 91 17.82 12.10 19.69
O 6V1 J 91 17.06 11.13 19.53
CB 6V1 J 91 17.69 12.44 22.23
SG 6V1 J 91 18.34 11.60 23.66
C1 6V1 J 91 18.92 12.76 24.87
C2 6V1 J 91 17.78 13.24 25.73
N3 6V1 J 91 17.90 12.78 27.02
C4 6V1 J 91 19.10 12.22 27.17
C5 6V1 J 91 19.92 12.23 25.90
C6 6V1 J 91 16.91 12.75 28.10
O7 6V1 J 91 16.90 13.94 25.23
O8 6V1 J 91 19.50 11.71 28.21
C3 6V1 J 91 15.97 13.94 28.14
N LEU J 92 17.98 13.06 18.79
CA LEU J 92 17.11 13.20 17.61
C LEU J 92 17.14 12.00 16.67
N ARG J 93 18.32 11.45 16.42
CA ARG J 93 18.46 10.27 15.60
C ARG J 93 18.68 9.03 16.44
N SER J 94 18.29 9.06 17.71
CA SER J 94 18.46 7.93 18.61
C SER J 94 17.19 7.08 18.67
N ARG J 95 17.22 6.02 19.47
CA ARG J 95 16.03 5.25 19.82
C ARG J 95 15.04 6.02 20.70
N THR J 96 15.46 7.11 21.30
CA THR J 96 14.65 7.83 22.27
C THR J 96 14.60 9.33 21.95
N PRO J 97 14.02 9.69 20.80
CA PRO J 97 13.88 11.13 20.53
C PRO J 97 12.77 11.71 21.39
N TYR J 98 12.82 13.02 21.64
CA TYR J 98 11.78 13.70 22.42
C TYR J 98 11.03 14.68 21.53
N HIS J 99 9.73 14.52 21.42
N HIS J 99 9.71 14.51 21.37
CA HIS J 99 8.91 15.38 20.58
CA HIS J 99 8.90 15.43 20.53
C HIS J 99 8.36 16.50 21.43
C HIS J 99 8.35 16.52 21.42
N VAL J 100 9.20 17.52 21.64
CA VAL J 100 8.90 18.67 22.49
C VAL J 100 9.30 19.98 21.79
N ASN J 101 8.58 21.05 22.10
CA ASN J 101 8.93 22.39 21.64
C ASN J 101 9.04 23.24 22.88
N LEU J 102 9.95 24.20 22.86
CA LEU J 102 10.27 24.93 24.08
C LEU J 102 10.54 26.38 23.87
N LEU J 103 10.26 27.15 24.91
CA LEU J 103 10.94 28.41 25.15
C LEU J 103 11.77 28.29 26.44
N LEU J 104 12.95 28.91 26.42
CA LEU J 104 13.72 29.12 27.61
C LEU J 104 13.86 30.63 27.84
N ALA J 105 13.38 31.10 28.99
CA ALA J 105 13.48 32.49 29.41
C ALA J 105 14.39 32.58 30.62
N GLY J 106 15.17 33.65 30.69
CA GLY J 106 16.00 33.87 31.83
C GLY J 106 16.65 35.24 31.89
N TYR J 107 17.20 35.56 33.07
CA TYR J 107 17.97 36.77 33.32
C TYR J 107 19.37 36.40 33.84
N ASP J 108 20.38 37.00 33.23
CA ASP J 108 21.77 36.83 33.61
C ASP J 108 22.33 38.16 34.09
N GLU J 109 22.99 38.17 35.25
CA GLU J 109 23.58 39.38 35.81
C GLU J 109 24.32 40.24 34.76
N HIS J 110 25.00 39.60 33.81
CA HIS J 110 25.90 40.29 32.88
C HIS J 110 25.36 40.49 31.47
N GLU J 111 24.71 39.49 30.90
CA GLU J 111 24.11 39.62 29.55
C GLU J 111 22.70 40.22 29.52
N GLY J 112 22.06 40.33 30.68
CA GLY J 112 20.69 40.81 30.78
C GLY J 112 19.66 39.71 30.50
N PRO J 113 18.45 40.10 30.08
CA PRO J 113 17.39 39.13 29.85
C PRO J 113 17.51 38.43 28.51
N ALA J 114 17.06 37.18 28.44
CA ALA J 114 17.14 36.40 27.21
C ALA J 114 15.94 35.45 27.02
N LEU J 115 15.48 35.37 25.76
CA LEU J 115 14.44 34.44 25.35
C LEU J 115 14.98 33.56 24.23
N TYR J 116 14.75 32.26 24.35
CA TYR J 116 15.24 31.26 23.40
C TYR J 116 14.10 30.39 22.93
N TYR J 117 14.11 30.11 21.63
CA TYR J 117 13.12 29.27 20.96
C TYR J 117 13.81 28.01 20.48
N MET J 118 13.15 26.88 20.74
CA MET J 118 13.61 25.60 20.29
C MET J 118 12.45 24.73 19.84
N ASP J 119 12.57 24.17 18.64
CA ASP J 119 11.62 23.18 18.16
C ASP J 119 12.16 21.76 18.42
N TYR J 120 11.32 20.76 18.12
CA TYR J 120 11.64 19.36 18.42
C TYR J 120 12.86 18.86 17.65
N LEU J 121 13.15 19.46 16.51
CA LEU J 121 14.37 19.14 15.78
C LEU J 121 15.64 19.67 16.43
N ALA J 122 15.47 20.58 17.38
CA ALA J 122 16.53 21.15 18.19
C ALA J 122 17.25 22.31 17.51
N ALA J 123 16.57 23.01 16.63
CA ALA J 123 17.07 24.31 16.15
C ALA J 123 16.91 25.26 17.31
N LEU J 124 17.96 26.01 17.63
CA LEU J 124 17.89 26.98 18.71
C LEU J 124 18.05 28.36 18.14
N ALA J 125 17.15 29.26 18.50
CA ALA J 125 17.21 30.66 18.06
C ALA J 125 16.89 31.62 19.19
N LYS J 126 17.71 32.65 19.33
CA LYS J 126 17.42 33.74 20.25
C LYS J 126 16.43 34.72 19.59
N ALA J 127 15.52 35.26 20.37
CA ALA J 127 14.48 36.12 19.81
C ALA J 127 14.01 37.18 20.79
N PRO J 128 13.57 38.34 20.29
CA PRO J 128 13.00 39.34 21.16
C PRO J 128 11.62 38.94 21.69
N PHE J 129 10.89 38.13 20.91
CA PHE J 129 9.65 37.51 21.36
C PHE J 129 9.40 36.27 20.50
N ALA J 130 8.51 35.40 20.95
CA ALA J 130 8.25 34.14 20.26
C ALA J 130 7.06 33.43 20.85
N ALA J 131 6.51 32.50 20.07
CA ALA J 131 5.37 31.71 20.50
C ALA J 131 5.34 30.33 19.86
N HIS J 132 4.73 29.38 20.54
CA HIS J 132 4.61 28.00 20.09
C HIS J 132 3.14 27.59 20.11
N GLY J 133 2.81 26.59 19.30
CA GLY J 133 1.44 26.11 19.16
C GLY J 133 0.73 26.79 18.02
N TYR J 134 -0.36 26.18 17.57
CA TYR J 134 -1.31 26.82 16.65
C TYR J 134 -1.67 28.27 17.00
N GLY J 135 -1.82 28.61 18.27
CA GLY J 135 -2.11 29.96 18.69
C GLY J 135 -1.07 30.97 18.24
N ALA J 136 0.16 30.52 18.01
CA ALA J 136 1.24 31.38 17.55
C ALA J 136 0.93 31.96 16.18
N PHE J 137 0.23 31.19 15.36
CA PHE J 137 -0.18 31.65 14.03
C PHE J 137 -1.06 32.89 14.07
N LEU J 138 -1.95 32.98 15.06
CA LEU J 138 -2.79 34.16 15.25
C LEU J 138 -2.15 35.33 16.01
N THR J 139 -1.07 35.07 16.77
CA THR J 139 -0.52 36.06 17.70
C THR J 139 0.85 36.65 17.33
N LEU J 140 1.69 35.95 16.59
CA LEU J 140 2.99 36.50 16.16
C LEU J 140 2.91 37.81 15.36
N SER J 141 1.89 37.96 14.51
CA SER J 141 1.69 39.21 13.75
C SER J 141 1.25 40.36 14.64
N ILE J 142 0.51 40.05 15.71
CA ILE J 142 0.17 41.04 16.75
C ILE J 142 1.42 41.49 17.48
N LEU J 143 2.33 40.56 17.81
CA LEU J 143 3.59 40.94 18.41
C LEU J 143 4.45 41.77 17.43
N ASP J 144 4.58 41.34 16.17
CA ASP J 144 5.33 42.15 15.17
C ASP J 144 4.82 43.57 15.03
N ARG J 145 3.50 43.74 15.15
CA ARG J 145 2.84 45.04 14.95
C ARG J 145 3.11 46.03 16.09
N TYR J 146 3.03 45.56 17.33
CA TYR J 146 3.12 46.41 18.51
C TYR J 146 4.44 46.36 19.34
N TYR J 147 5.17 45.25 19.31
CA TYR J 147 6.45 45.16 20.05
C TYR J 147 7.49 46.19 19.63
N THR J 148 8.17 46.76 20.63
CA THR J 148 9.44 47.47 20.44
C THR J 148 10.44 46.95 21.48
N PRO J 149 11.76 47.01 21.16
CA PRO J 149 12.78 46.55 22.13
C PRO J 149 12.76 47.27 23.52
N THR J 150 12.33 48.52 23.55
CA THR J 150 12.21 49.28 24.80
C THR J 150 10.92 49.02 25.59
N ILE J 151 10.03 48.16 25.10
CA ILE J 151 8.73 47.93 25.74
C ILE J 151 8.84 47.71 27.25
N SER J 152 8.06 48.49 28.01
CA SER J 152 8.02 48.35 29.47
C SER J 152 7.18 47.14 29.84
N ARG J 153 7.26 46.70 31.08
CA ARG J 153 6.59 45.46 31.47
C ARG J 153 5.09 45.66 31.67
N GLU J 154 4.65 46.83 32.11
CA GLU J 154 3.22 47.15 32.12
C GLU J 154 2.61 46.98 30.73
N ARG J 155 3.30 47.52 29.72
CA ARG J 155 2.85 47.48 28.32
C ARG J 155 3.03 46.11 27.68
N ALA J 156 4.03 45.35 28.12
CA ALA J 156 4.19 43.96 27.65
C ALA J 156 3.06 43.05 28.13
N VAL J 157 2.61 43.26 29.37
CA VAL J 157 1.43 42.57 29.90
C VAL J 157 0.17 42.96 29.10
N GLU J 158 0.11 44.21 28.63
CA GLU J 158 -1.00 44.63 27.78
C GLU J 158 -0.96 43.98 26.39
N LEU J 159 0.23 43.97 25.77
CA LEU J 159 0.47 43.30 24.50
C LEU J 159 0.14 41.81 24.58
N LEU J 160 0.61 41.18 25.65
CA LEU J 160 0.23 39.80 25.95
C LEU J 160 -1.28 39.62 26.01
N ARG J 161 -1.99 40.56 26.63
CA ARG J 161 -3.43 40.46 26.79
C ARG J 161 -4.17 40.59 25.45
N LYS J 162 -3.62 41.34 24.51
CA LYS J 162 -4.16 41.45 23.17
C LYS J 162 -4.05 40.13 22.43
N CYS J 163 -2.89 39.48 22.56
CA CYS J 163 -2.66 38.15 21.99
C CYS J 163 -3.62 37.12 22.56
N LEU J 164 -3.84 37.14 23.88
CA LEU J 164 -4.70 36.15 24.52
C LEU J 164 -6.16 36.39 24.18
N GLU J 165 -6.52 37.66 23.99
CA GLU J 165 -7.85 38.06 23.53
C GLU J 165 -8.11 37.62 22.10
N GLU J 166 -7.13 37.84 21.23
CA GLU J 166 -7.19 37.29 19.89
C GLU J 166 -7.45 35.78 19.85
N LEU J 167 -6.87 35.03 20.78
CA LEU J 167 -7.16 33.59 20.88
C LEU J 167 -8.60 33.34 21.32
N GLN J 168 -9.13 34.15 22.25
CA GLN J 168 -10.53 34.04 22.62
C GLN J 168 -11.42 34.29 21.41
N LYS J 169 -11.08 35.29 20.61
CA LYS J 169 -11.95 35.73 19.53
C LYS J 169 -11.93 34.73 18.41
N ARG J 170 -10.73 34.41 17.97
CA ARG J 170 -10.47 33.84 16.66
C ARG J 170 -10.02 32.37 16.63
N PHE J 171 -9.35 31.88 17.67
CA PHE J 171 -8.86 30.50 17.73
C PHE J 171 -10.00 29.52 18.03
N ILE J 172 -10.04 28.39 17.32
CA ILE J 172 -11.12 27.39 17.54
C ILE J 172 -11.06 26.62 18.84
N LEU J 173 -9.91 26.61 19.49
CA LEU J 173 -9.82 25.97 20.80
C LEU J 173 -10.20 26.87 21.98
N ASN J 174 -10.78 26.22 22.98
CA ASN J 174 -11.17 26.79 24.26
C ASN J 174 -9.97 26.76 25.22
N LEU J 175 -9.20 27.85 25.18
CA LEU J 175 -8.10 28.12 26.07
C LEU J 175 -8.47 29.28 26.98
N PRO J 176 -9.28 29.03 28.04
CA PRO J 176 -9.80 30.14 28.83
C PRO J 176 -8.88 30.83 29.84
N THR J 177 -7.73 30.24 30.20
CA THR J 177 -6.87 30.78 31.29
C THR J 177 -5.39 30.58 30.98
N PHE J 178 -4.56 31.47 31.48
CA PHE J 178 -3.11 31.46 31.20
C PHE J 178 -2.27 31.76 32.44
N SER J 179 -1.16 31.01 32.57
CA SER J 179 -0.12 31.30 33.54
C SER J 179 0.72 32.43 33.02
N VAL J 180 1.04 33.39 33.88
CA VAL J 180 1.90 34.49 33.51
C VAL J 180 3.01 34.60 34.55
N ARG J 181 4.24 34.70 34.08
CA ARG J 181 5.38 34.92 34.93
C ARG J 181 6.36 35.85 34.26
N ILE J 182 7.19 36.49 35.07
CA ILE J 182 8.19 37.41 34.55
C ILE J 182 9.50 37.19 35.32
N ILE J 183 10.63 37.34 34.61
CA ILE J 183 11.96 37.15 35.17
C ILE J 183 12.77 38.43 35.01
N ASP J 184 13.45 38.83 36.07
CA ASP J 184 14.33 40.00 36.06
C ASP J 184 15.48 39.80 37.07
N LYS J 185 16.24 40.86 37.36
CA LYS J 185 17.30 40.86 38.37
C LYS J 185 16.96 40.14 39.68
N ASN J 186 15.72 40.25 40.15
CA ASN J 186 15.28 39.66 41.43
C ASN J 186 14.54 38.34 41.28
N GLY J 187 14.80 37.64 40.18
CA GLY J 187 14.31 36.27 40.03
C GLY J 187 13.02 36.14 39.25
N ILE J 188 12.21 35.15 39.65
CA ILE J 188 11.02 34.75 38.94
C ILE J 188 9.85 35.20 39.78
N HIS J 189 8.96 35.99 39.18
CA HIS J 189 7.76 36.48 39.83
C HIS J 189 6.52 35.88 39.18
N ASP J 190 5.54 35.50 40.00
CA ASP J 190 4.23 35.07 39.51
C ASP J 190 3.33 36.29 39.43
N LEU J 191 2.81 36.58 38.24
CA LEU J 191 1.77 37.58 38.06
C LEU J 191 0.45 36.86 38.10
N ASP J 192 -0.63 37.62 38.20
CA ASP J 192 -1.98 37.03 38.25
C ASP J 192 -2.25 36.28 36.93
N ASN J 193 -3.02 35.20 37.02
CA ASN J 193 -3.48 34.50 35.82
C ASN J 193 -4.32 35.45 34.96
N ILE J 194 -4.22 35.31 33.65
CA ILE J 194 -5.10 36.04 32.73
C ILE J 194 -6.19 35.07 32.34
N SER J 195 -7.43 35.46 32.62
CA SER J 195 -8.60 34.58 32.51
C SER J 195 -9.74 35.25 31.79
N PHE J 196 -10.66 34.41 31.30
CA PHE J 196 -11.86 34.86 30.56
C PHE J 196 -13.12 34.10 31.03
N THR K 1 -15.86 0.69 29.41
CA THR K 1 -15.45 1.16 30.80
C THR K 1 -15.80 2.60 31.02
N THR K 2 -16.36 2.83 32.21
CA THR K 2 -16.39 4.15 32.81
C THR K 2 -15.83 4.06 34.19
N THR K 3 -14.91 4.97 34.49
CA THR K 3 -14.42 5.15 35.85
C THR K 3 -14.37 6.64 36.14
N LEU K 4 -14.51 7.00 37.42
CA LEU K 4 -14.32 8.38 37.87
C LEU K 4 -13.78 8.44 39.27
N ALA K 5 -13.16 9.57 39.58
CA ALA K 5 -12.81 9.92 40.93
C ALA K 5 -12.91 11.43 41.11
N PHE K 6 -13.14 11.87 42.35
CA PHE K 6 -12.97 13.29 42.73
C PHE K 6 -12.53 13.51 44.19
N LYS K 7 -11.75 14.57 44.38
CA LYS K 7 -11.38 15.07 45.70
C LYS K 7 -12.49 15.96 46.19
N PHE K 8 -12.73 15.92 47.50
CA PHE K 8 -13.63 16.85 48.17
C PHE K 8 -13.22 16.99 49.64
N ARG K 9 -13.93 17.81 50.42
CA ARG K 9 -13.58 18.11 51.83
C ARG K 9 -13.27 16.85 52.64
N HIS K 10 -14.03 15.79 52.38
CA HIS K 10 -14.01 14.56 53.16
C HIS K 10 -13.28 13.41 52.47
N GLY K 11 -12.36 13.70 51.55
CA GLY K 11 -11.49 12.68 50.97
C GLY K 11 -11.58 12.56 49.48
N VAL K 12 -11.62 11.34 48.97
CA VAL K 12 -11.76 11.16 47.55
C VAL K 12 -12.64 9.97 47.21
N ILE K 13 -13.64 10.24 46.37
CA ILE K 13 -14.59 9.25 45.89
C ILE K 13 -14.02 8.62 44.63
N VAL K 14 -14.24 7.32 44.49
CA VAL K 14 -13.73 6.53 43.38
C VAL K 14 -14.85 5.58 43.00
N ALA K 15 -15.22 5.58 41.73
CA ALA K 15 -16.29 4.71 41.26
C ALA K 15 -16.01 4.15 39.89
N ALA K 16 -16.57 2.98 39.63
CA ALA K 16 -16.40 2.32 38.35
C ALA K 16 -17.57 1.43 37.99
N ASP K 17 -17.74 1.19 36.68
CA ASP K 17 -18.63 0.14 36.18
C ASP K 17 -17.86 -1.17 36.27
N SER K 18 -18.48 -2.27 35.84
CA SER K 18 -17.88 -3.59 36.00
C SER K 18 -17.80 -4.41 34.71
N ARG K 19 -17.96 -3.76 33.56
CA ARG K 19 -18.09 -4.48 32.29
C ARG K 19 -16.75 -4.67 31.67
N ALA K 20 -16.60 -5.83 31.04
CA ALA K 20 -15.46 -6.11 30.21
C ALA K 20 -15.94 -6.64 28.87
N THR K 21 -15.26 -6.26 27.79
CA THR K 21 -15.63 -6.71 26.44
C THR K 21 -14.45 -7.12 25.58
N ALA K 22 -14.73 -8.05 24.66
CA ALA K 22 -13.84 -8.41 23.56
C ALA K 22 -14.57 -8.04 22.29
N GLY K 23 -14.30 -6.85 21.77
CA GLY K 23 -15.09 -6.29 20.68
C GLY K 23 -16.47 -5.96 21.22
N ALA K 24 -17.50 -6.36 20.50
CA ALA K 24 -18.87 -6.19 20.99
C ALA K 24 -19.35 -7.30 21.93
N TYR K 25 -18.57 -8.37 22.12
CA TYR K 25 -18.93 -9.45 23.05
C TYR K 25 -18.69 -9.02 24.49
N ILE K 26 -19.71 -9.16 25.34
CA ILE K 26 -19.57 -8.80 26.75
C ILE K 26 -18.91 -9.97 27.44
N ALA K 27 -17.64 -9.79 27.82
CA ALA K 27 -16.82 -10.85 28.43
C ALA K 27 -17.15 -11.04 29.89
N SER K 28 -17.36 -9.94 30.61
CA SER K 28 -17.74 -10.02 32.00
C SER K 28 -18.58 -8.82 32.41
N GLN K 29 -19.43 -9.05 33.40
CA GLN K 29 -20.14 -7.99 34.09
C GLN K 29 -19.68 -7.89 35.56
N THR K 30 -18.61 -8.59 35.96
CA THR K 30 -18.20 -8.65 37.37
C THR K 30 -16.73 -8.24 37.64
N VAL K 31 -16.17 -7.39 36.80
CA VAL K 31 -14.77 -7.01 36.92
C VAL K 31 -14.62 -5.96 38.00
N LYS K 32 -13.67 -6.20 38.93
CA LYS K 32 -13.22 -5.19 39.89
C LYS K 32 -12.21 -4.24 39.23
N LYS K 33 -12.65 -3.02 38.92
CA LYS K 33 -11.77 -2.06 38.25
C LYS K 33 -11.06 -1.11 39.19
N VAL K 34 -11.41 -1.14 40.46
CA VAL K 34 -10.69 -0.40 41.49
C VAL K 34 -9.77 -1.39 42.16
N ILE K 35 -8.48 -1.08 42.17
CA ILE K 35 -7.46 -1.95 42.73
C ILE K 35 -6.91 -1.36 44.03
N GLU K 36 -6.70 -2.22 45.00
CA GLU K 36 -6.33 -1.83 46.34
C GLU K 36 -4.81 -1.90 46.39
N ILE K 37 -4.16 -0.77 46.17
CA ILE K 37 -2.70 -0.70 46.14
C ILE K 37 -2.12 -0.89 47.54
N ASN K 38 -2.65 -0.18 48.52
CA ASN K 38 -2.44 -0.47 49.93
C ASN K 38 -3.68 0.06 50.68
N PRO K 39 -3.73 -0.03 52.01
CA PRO K 39 -4.93 0.46 52.71
C PRO K 39 -5.31 1.96 52.58
N TYR K 40 -4.43 2.79 52.00
CA TYR K 40 -4.70 4.25 51.82
C TYR K 40 -4.49 4.75 50.37
N LEU K 41 -4.45 3.82 49.41
CA LEU K 41 -4.19 4.11 48.01
C LEU K 41 -5.00 3.17 47.13
N LEU K 42 -5.84 3.73 46.26
CA LEU K 42 -6.51 2.95 45.23
C LEU K 42 -5.99 3.33 43.86
N GLY K 43 -6.08 2.37 42.95
CA GLY K 43 -5.83 2.57 41.52
C GLY K 43 -7.08 2.15 40.75
N THR K 44 -7.36 2.81 39.64
CA THR K 44 -8.52 2.46 38.79
C THR K 44 -8.07 1.97 37.41
N MET K 45 -8.91 1.14 36.79
CA MET K 45 -8.58 0.49 35.53
C MET K 45 -9.56 0.83 34.39
N ALA K 46 -9.00 1.38 33.34
CA ALA K 46 -9.69 1.49 32.07
C ALA K 46 -8.66 1.21 31.00
N GLY K 47 -9.08 0.52 29.95
CA GLY K 47 -8.26 0.24 28.78
C GLY K 47 -8.12 -1.24 28.61
N GLY K 48 -6.94 -1.69 28.20
CA GLY K 48 -6.64 -3.12 28.13
C GLY K 48 -6.62 -3.67 29.53
N ALA K 49 -7.32 -4.78 29.75
CA ALA K 49 -7.51 -5.31 31.10
C ALA K 49 -6.21 -5.91 31.68
N ALA K 50 -5.55 -6.72 30.87
CA ALA K 50 -4.29 -7.30 31.24
C ALA K 50 -3.28 -6.20 31.49
N ASP K 51 -3.28 -5.16 30.65
CA ASP K 51 -2.29 -4.10 30.82
C ASP K 51 -2.48 -3.39 32.13
N CYS K 52 -3.72 -3.00 32.44
CA CYS K 52 -4.00 -2.31 33.69
C CYS K 52 -3.70 -3.16 34.93
N SER K 53 -4.15 -4.41 34.93
CA SER K 53 -3.97 -5.30 36.07
C SER K 53 -2.49 -5.51 36.36
N PHE K 54 -1.76 -5.86 35.32
CA PHE K 54 -0.34 -6.13 35.45
C PHE K 54 0.40 -4.92 36.00
N TRP K 55 0.25 -3.76 35.37
CA TRP K 55 1.07 -2.59 35.74
C TRP K 55 0.66 -2.02 37.11
N GLU K 56 -0.61 -2.12 37.46
CA GLU K 56 -1.04 -1.67 38.78
C GLU K 56 -0.67 -2.65 39.91
N ARG K 57 -0.65 -3.95 39.61
CA ARG K 57 -0.14 -4.94 40.52
C ARG K 57 1.35 -4.74 40.75
N LEU K 58 2.06 -4.32 39.70
CA LEU K 58 3.49 -4.02 39.79
C LEU K 58 3.75 -2.72 40.54
N LEU K 59 2.85 -1.74 40.37
CA LEU K 59 2.88 -0.54 41.18
C LEU K 59 2.78 -0.90 42.65
N ALA K 60 1.85 -1.79 43.00
CA ALA K 60 1.63 -2.22 44.38
C ALA K 60 2.87 -2.91 44.99
N ARG K 61 3.47 -3.84 44.23
CA ARG K 61 4.74 -4.44 44.59
C ARG K 61 5.78 -3.39 44.94
N GLN K 62 5.87 -2.37 44.09
CA GLN K 62 6.89 -1.35 44.21
C GLN K 62 6.64 -0.39 45.39
N CYS K 63 5.38 0.00 45.60
CA CYS K 63 4.99 0.79 46.76
C CYS K 63 5.28 0.10 48.10
N ARG K 64 5.15 -1.22 48.15
CA ARG K 64 5.35 -1.99 49.36
C ARG K 64 6.86 -2.10 49.70
N ILE K 65 7.68 -2.36 48.70
CA ILE K 65 9.13 -2.33 48.85
C ILE K 65 9.55 -0.97 49.34
N TYR K 66 8.99 0.07 48.74
CA TYR K 66 9.34 1.41 49.14
C TYR K 66 9.09 1.61 50.63
N GLU K 67 7.91 1.20 51.06
CA GLU K 67 7.48 1.34 52.45
C GLU K 67 8.42 0.57 53.40
N LEU K 68 8.82 -0.65 53.01
CA LEU K 68 9.78 -1.43 53.78
C LEU K 68 11.16 -0.81 53.84
N ARG K 69 11.59 -0.12 52.78
CA ARG K 69 12.91 0.49 52.72
C ARG K 69 12.99 1.83 53.43
N ASN K 70 11.93 2.62 53.33
CA ASN K 70 11.90 4.00 53.85
C ASN K 70 11.18 4.17 55.20
N LYS K 71 10.51 3.12 55.68
CA LYS K 71 9.78 3.13 56.95
C LYS K 71 8.63 4.17 56.99
N GLU K 72 8.02 4.42 55.83
CA GLU K 72 6.85 5.28 55.73
C GLU K 72 6.02 5.07 54.46
N ARG K 73 4.77 5.48 54.56
CA ARG K 73 3.80 5.45 53.47
C ARG K 73 4.40 6.17 52.27
N ILE K 74 4.31 5.58 51.09
CA ILE K 74 4.60 6.34 49.86
C ILE K 74 3.50 7.42 49.64
N SER K 75 3.91 8.59 49.15
CA SER K 75 2.96 9.64 48.78
C SER K 75 2.18 9.30 47.50
N VAL K 76 1.02 9.92 47.34
CA VAL K 76 0.22 9.76 46.13
C VAL K 76 1.00 10.26 44.91
N ALA K 77 1.71 11.38 45.04
CA ALA K 77 2.56 11.91 43.97
C ALA K 77 3.67 10.96 43.54
N ALA K 78 4.37 10.38 44.51
CA ALA K 78 5.44 9.43 44.22
C ALA K 78 4.94 8.12 43.62
N ALA K 79 3.81 7.60 44.10
CA ALA K 79 3.23 6.37 43.57
C ALA K 79 2.79 6.54 42.12
N SER K 80 2.06 7.63 41.85
CA SER K 80 1.65 7.94 40.49
C SER K 80 2.88 8.11 39.60
N LYS K 81 3.96 8.67 40.12
CA LYS K 81 5.16 8.84 39.30
C LYS K 81 5.91 7.54 39.04
N LEU K 82 5.87 6.61 39.98
CA LEU K 82 6.44 5.29 39.74
C LEU K 82 5.74 4.67 38.56
N LEU K 83 4.41 4.79 38.54
CA LEU K 83 3.63 4.20 37.45
C LEU K 83 3.93 4.86 36.10
N ALA K 84 3.97 6.19 36.07
CA ALA K 84 4.30 6.95 34.86
C ALA K 84 5.65 6.54 34.28
N ASN K 85 6.68 6.44 35.14
CA ASN K 85 8.03 6.07 34.69
C ASN K 85 8.14 4.63 34.23
N MET K 86 7.36 3.74 34.84
CA MET K 86 7.29 2.34 34.40
C MET K 86 6.74 2.26 32.97
N VAL K 87 5.59 2.88 32.73
CA VAL K 87 4.93 2.76 31.41
C VAL K 87 5.59 3.59 30.29
N TYR K 88 6.30 4.65 30.64
CA TYR K 88 6.90 5.52 29.64
C TYR K 88 7.81 4.78 28.69
N GLN K 89 8.58 3.82 29.21
CA GLN K 89 9.57 3.06 28.42
C GLN K 89 8.87 2.29 27.28
N TYR K 90 7.57 2.03 27.43
CA TYR K 90 6.74 1.27 26.47
C TYR K 90 5.84 2.12 25.55
N LYS K 91 6.03 3.42 25.44
CA LYS K 91 5.20 4.24 24.55
C LYS K 91 5.29 3.76 23.09
N GLY K 92 4.14 3.72 22.41
CA GLY K 92 4.07 3.30 21.03
C GLY K 92 4.21 1.80 20.77
N MET K 93 4.19 0.99 21.83
CA MET K 93 4.23 -0.46 21.71
C MET K 93 2.86 -1.07 21.89
N GLY K 94 1.86 -0.25 22.14
CA GLY K 94 0.48 -0.71 22.13
C GLY K 94 -0.14 -0.96 23.49
N LEU K 95 0.50 -0.54 24.58
CA LEU K 95 -0.15 -0.61 25.88
C LEU K 95 -1.28 0.36 25.85
N SER K 96 -2.38 -0.04 26.49
CA SER K 96 -3.58 0.79 26.61
C SER K 96 -4.00 0.77 28.08
N MET K 97 -3.66 1.84 28.78
CA MET K 97 -3.95 1.98 30.18
C MET K 97 -4.34 3.44 30.48
N GLY K 98 -5.47 3.61 31.14
CA GLY K 98 -5.91 4.91 31.65
C GLY K 98 -6.31 4.70 33.10
N THR K 99 -5.54 5.28 34.01
CA THR K 99 -5.68 5.01 35.43
C THR K 99 -5.74 6.29 36.27
N MET K 100 -6.42 6.20 37.41
CA MET K 100 -6.39 7.23 38.45
C MET K 100 -5.79 6.67 39.74
N ILE K 101 -4.80 7.36 40.29
CA ILE K 101 -4.17 6.98 41.57
C ILE K 101 -4.74 7.90 42.64
N CYS K 102 -5.44 7.31 43.61
CA CYS K 102 -6.26 8.02 44.58
C CYS K 102 -5.83 7.69 45.99
N GLY K 103 -5.56 8.70 46.80
CA GLY K 103 -5.10 8.47 48.16
C GLY K 103 -5.32 9.62 49.11
N TRP K 104 -4.71 9.52 50.29
CA TRP K 104 -4.65 10.57 51.27
C TRP K 104 -3.27 10.49 51.92
N ASP K 105 -2.49 11.56 51.83
CA ASP K 105 -1.14 11.60 52.41
C ASP K 105 -0.89 12.92 53.17
N LYS K 106 0.39 13.24 53.45
CA LYS K 106 0.78 14.47 54.13
C LYS K 106 0.25 15.76 53.49
N ARG K 107 0.04 15.76 52.18
CA ARG K 107 -0.57 16.88 51.47
C ARG K 107 -2.11 16.84 51.41
N GLY K 108 -2.73 15.89 52.12
CA GLY K 108 -4.19 15.74 52.15
C GLY K 108 -4.68 14.78 51.09
N PRO K 109 -5.96 14.92 50.65
CA PRO K 109 -6.49 14.07 49.57
C PRO K 109 -5.72 14.24 48.26
N GLY K 110 -5.43 13.14 47.60
CA GLY K 110 -4.60 13.12 46.39
C GLY K 110 -5.23 12.36 45.24
N LEU K 111 -5.05 12.87 44.03
CA LEU K 111 -5.69 12.30 42.84
C LEU K 111 -4.91 12.65 41.59
N TYR K 112 -4.32 11.63 40.99
CA TYR K 112 -3.56 11.78 39.75
C TYR K 112 -4.17 10.91 38.66
N TYR K 113 -4.18 11.45 37.44
CA TYR K 113 -4.51 10.68 36.25
C TYR K 113 -3.19 10.32 35.59
N VAL K 114 -3.06 9.06 35.20
CA VAL K 114 -1.82 8.52 34.62
C VAL K 114 -2.19 7.56 33.50
N ASP K 115 -1.52 7.66 32.36
CA ASP K 115 -1.87 6.79 31.23
C ASP K 115 -0.70 6.33 30.39
N SER K 116 -1.00 5.44 29.45
CA SER K 116 0.01 4.80 28.62
C SER K 116 0.60 5.72 27.59
N GLU K 117 -0.04 6.85 27.31
CA GLU K 117 0.51 7.90 26.42
C GLU K 117 1.64 8.68 27.06
N GLY K 118 1.73 8.62 28.40
CA GLY K 118 2.72 9.36 29.16
C GLY K 118 2.18 10.48 30.05
N ASN K 119 0.88 10.72 30.04
CA ASN K 119 0.30 11.78 30.87
C ASN K 119 0.36 11.41 32.33
N ARG K 120 0.71 12.39 33.15
CA ARG K 120 0.57 12.30 34.58
C ARG K 120 0.17 13.68 35.08
N ILE K 121 -1.08 13.82 35.54
CA ILE K 121 -1.56 15.11 36.01
C ILE K 121 -2.36 14.95 37.25
N SER K 122 -2.29 15.98 38.10
CA SER K 122 -3.06 16.05 39.34
C SER K 122 -4.32 16.83 39.02
N GLY K 123 -5.42 16.54 39.71
CA GLY K 123 -6.61 17.35 39.54
C GLY K 123 -7.69 17.06 40.53
N ALA K 124 -8.70 17.91 40.53
CA ALA K 124 -9.83 17.80 41.44
C ALA K 124 -10.78 16.65 41.07
N THR K 125 -11.08 16.52 39.79
CA THR K 125 -12.01 15.49 39.30
C THR K 125 -11.45 14.89 38.00
N PHE K 126 -11.73 13.62 37.76
CA PHE K 126 -11.41 12.95 36.51
C PHE K 126 -12.45 11.88 36.20
N SER K 127 -12.64 11.63 34.91
CA SER K 127 -13.36 10.44 34.43
C SER K 127 -12.56 9.86 33.28
N VAL K 128 -12.53 8.53 33.20
CA VAL K 128 -11.65 7.81 32.26
C VAL K 128 -12.39 6.60 31.71
N GLY K 129 -12.20 6.35 30.42
CA GLY K 129 -12.83 5.23 29.71
C GLY K 129 -13.76 5.67 28.58
N SER K 130 -14.29 4.68 27.87
CA SER K 130 -15.20 4.92 26.77
C SER K 130 -16.39 5.73 27.20
N GLY K 131 -16.86 5.53 28.43
CA GLY K 131 -18.01 6.27 28.95
C GLY K 131 -17.72 7.59 29.66
N SER K 132 -16.46 8.02 29.67
CA SER K 132 -16.10 9.14 30.50
C SER K 132 -16.84 10.41 30.18
N VAL K 133 -17.01 10.69 28.89
CA VAL K 133 -17.77 11.89 28.43
C VAL K 133 -19.18 12.00 29.04
N TYR K 134 -19.86 10.86 29.17
CA TYR K 134 -21.18 10.79 29.78
C TYR K 134 -21.13 11.04 31.30
N ALA K 135 -20.12 10.47 31.97
CA ALA K 135 -19.91 10.73 33.37
C ALA K 135 -19.47 12.17 33.68
N TYR K 136 -18.66 12.79 32.81
CA TYR K 136 -18.24 14.18 33.06
C TYR K 136 -19.45 15.11 33.11
N GLY K 137 -20.39 14.87 32.21
CA GLY K 137 -21.60 15.66 32.12
C GLY K 137 -22.34 15.75 33.43
N VAL K 138 -22.71 14.61 33.99
CA VAL K 138 -23.46 14.62 35.25
C VAL K 138 -22.53 14.99 36.41
N MET K 139 -21.33 14.41 36.47
CA MET K 139 -20.40 14.73 37.56
C MET K 139 -20.16 16.24 37.65
N ASP K 140 -19.85 16.86 36.51
CA ASP K 140 -19.55 18.29 36.49
C ASP K 140 -20.70 19.15 37.00
N ARG K 141 -21.93 18.76 36.69
CA ARG K 141 -23.10 19.55 37.04
C ARG K 141 -23.48 19.40 38.51
N GLY K 142 -23.14 18.27 39.12
CA GLY K 142 -23.37 18.03 40.55
C GLY K 142 -22.20 18.24 41.51
N TYR K 143 -20.98 18.38 40.99
CA TYR K 143 -19.81 18.44 41.86
C TYR K 143 -19.67 19.75 42.59
N SER K 144 -19.12 19.64 43.80
CA SER K 144 -18.69 20.77 44.64
C SER K 144 -17.74 20.22 45.69
N TYR K 145 -16.73 21.00 46.07
CA TYR K 145 -15.78 20.61 47.12
C TYR K 145 -16.50 20.37 48.46
N ASP K 146 -17.54 21.16 48.72
CA ASP K 146 -18.27 21.10 49.98
C ASP K 146 -19.50 20.19 49.93
N LEU K 147 -19.47 19.19 49.05
CA LEU K 147 -20.44 18.11 49.07
C LEU K 147 -20.41 17.38 50.41
N GLU K 148 -21.58 17.14 50.97
CA GLU K 148 -21.71 16.21 52.08
C GLU K 148 -21.45 14.79 51.58
N VAL K 149 -20.98 13.93 52.46
CA VAL K 149 -20.49 12.60 52.10
C VAL K 149 -21.54 11.79 51.32
N GLU K 150 -22.76 11.69 51.84
CA GLU K 150 -23.82 10.92 51.17
C GLU K 150 -24.21 11.52 49.80
N GLN K 151 -24.18 12.84 49.68
CA GLN K 151 -24.44 13.51 48.40
C GLN K 151 -23.36 13.14 47.39
N ALA K 152 -22.10 13.08 47.86
CA ALA K 152 -20.96 12.69 47.03
C ALA K 152 -21.05 11.23 46.55
N TYR K 153 -21.48 10.33 47.44
CA TYR K 153 -21.76 8.94 47.05
C TYR K 153 -22.87 8.85 45.98
N ASP K 154 -23.94 9.64 46.13
CA ASP K 154 -25.03 9.69 45.14
C ASP K 154 -24.60 10.21 43.77
N LEU K 155 -23.75 11.23 43.76
CA LEU K 155 -23.25 11.81 42.51
C LEU K 155 -22.38 10.85 41.70
N ALA K 156 -21.39 10.26 42.36
CA ALA K 156 -20.52 9.25 41.76
C ALA K 156 -21.30 8.09 41.18
N ARG K 157 -22.26 7.62 41.94
CA ARG K 157 -23.05 6.48 41.56
C ARG K 157 -23.96 6.80 40.35
N ARG K 158 -24.58 7.99 40.35
CA ARG K 158 -25.43 8.43 39.26
C ARG K 158 -24.60 8.67 38.00
N ALA K 159 -23.45 9.34 38.14
CA ALA K 159 -22.57 9.60 36.99
C ALA K 159 -22.13 8.32 36.25
N ILE K 160 -21.76 7.29 37.01
CA ILE K 160 -21.45 6.01 36.41
C ILE K 160 -22.71 5.41 35.81
N TYR K 161 -23.81 5.41 36.55
CA TYR K 161 -25.08 4.87 36.02
C TYR K 161 -25.44 5.45 34.64
N GLN K 162 -25.39 6.77 34.54
CA GLN K 162 -25.73 7.49 33.29
C GLN K 162 -24.78 7.13 32.17
N ALA K 163 -23.49 7.03 32.47
CA ALA K 163 -22.55 6.49 31.49
C ALA K 163 -22.94 5.10 31.00
N THR K 164 -23.38 4.20 31.90
CA THR K 164 -23.75 2.83 31.49
C THR K 164 -24.94 2.83 30.53
N TYR K 165 -25.81 3.80 30.71
CA TYR K 165 -27.00 3.96 29.86
C TYR K 165 -26.67 4.31 28.39
N ARG K 166 -25.86 5.35 28.19
CA ARG K 166 -25.50 5.82 26.85
C ARG K 166 -24.42 4.98 26.16
N ASP K 167 -23.43 4.53 26.92
CA ASP K 167 -22.24 3.88 26.35
C ASP K 167 -22.34 2.36 26.34
N ALA K 168 -22.36 1.78 25.15
CA ALA K 168 -22.50 0.34 24.96
C ALA K 168 -21.46 -0.47 25.73
N TYR K 169 -20.29 0.12 25.88
CA TYR K 169 -19.15 -0.53 26.48
C TYR K 169 -18.99 -0.30 27.96
N SER K 170 -20.01 0.24 28.63
CA SER K 170 -20.06 0.31 30.09
C SER K 170 -21.35 -0.32 30.63
N GLY K 171 -21.26 -0.90 31.82
CA GLY K 171 -22.39 -1.57 32.42
C GLY K 171 -22.01 -2.52 33.51
N GLY K 172 -22.98 -3.34 33.91
CA GLY K 172 -22.82 -4.31 34.98
C GLY K 172 -23.30 -3.75 36.31
N ALA K 173 -22.36 -3.28 37.12
CA ALA K 173 -22.67 -2.77 38.44
C ALA K 173 -21.79 -1.58 38.66
N VAL K 174 -22.23 -0.68 39.53
CA VAL K 174 -21.36 0.44 39.94
C VAL K 174 -20.79 0.13 41.33
N ASN K 175 -19.48 0.25 41.41
CA ASN K 175 -18.73 -0.08 42.61
C ASN K 175 -18.11 1.22 43.07
N LEU K 176 -18.32 1.53 44.34
CA LEU K 176 -18.04 2.84 44.89
C LEU K 176 -17.16 2.71 46.13
N TYR K 177 -16.14 3.56 46.20
CA TYR K 177 -15.14 3.58 47.25
C TYR K 177 -14.89 5.00 47.72
N HIS K 178 -14.37 5.10 48.93
CA HIS K 178 -14.13 6.36 49.59
C HIS K 178 -12.79 6.30 50.30
N VAL K 179 -11.84 7.12 49.86
CA VAL K 179 -10.56 7.24 50.53
C VAL K 179 -10.71 8.28 51.60
N ARG K 180 -10.64 7.86 52.86
CA ARG K 180 -10.66 8.75 54.03
C ARG K 180 -9.27 8.85 54.61
N GLU K 181 -9.08 9.74 55.59
CA GLU K 181 -7.75 9.99 56.19
C GLU K 181 -7.12 8.74 56.86
N ASP K 182 -7.93 7.87 57.45
CA ASP K 182 -7.46 6.64 58.07
C ASP K 182 -7.60 5.39 57.17
N GLY K 183 -7.60 5.58 55.85
CA GLY K 183 -7.71 4.47 54.88
C GLY K 183 -8.96 4.56 54.02
N TRP K 184 -9.01 3.74 52.97
CA TRP K 184 -10.18 3.68 52.10
C TRP K 184 -11.18 2.68 52.66
N ILE K 185 -12.45 2.88 52.28
CA ILE K 185 -13.50 1.89 52.51
C ILE K 185 -14.24 1.59 51.21
N ARG K 186 -14.83 0.41 51.17
CA ARG K 186 -15.70 -0.03 50.11
C ARG K 186 -17.15 0.33 50.49
N VAL K 187 -17.75 1.29 49.80
CA VAL K 187 -19.06 1.85 50.24
C VAL K 187 -20.27 1.09 49.68
N SER K 188 -20.20 0.62 48.44
CA SER K 188 -21.34 -0.11 47.83
C SER K 188 -21.02 -0.74 46.47
N SER K 189 -21.73 -1.84 46.18
CA SER K 189 -21.82 -2.44 44.84
C SER K 189 -23.30 -2.55 44.46
N ASP K 190 -23.74 -1.74 43.50
CA ASP K 190 -25.12 -1.77 43.04
C ASP K 190 -25.21 -2.16 41.56
N ASN K 191 -25.97 -3.22 41.28
CA ASN K 191 -26.24 -3.59 39.90
C ASN K 191 -27.01 -2.45 39.19
N VAL K 192 -26.61 -2.14 37.97
CA VAL K 192 -27.26 -1.12 37.15
C VAL K 192 -28.76 -1.37 36.94
N ALA K 193 -29.16 -2.64 36.84
CA ALA K 193 -30.58 -3.04 36.77
C ALA K 193 -31.37 -2.63 38.02
N ASP K 194 -30.77 -2.82 39.19
CA ASP K 194 -31.37 -2.38 40.44
C ASP K 194 -31.38 -0.83 40.56
N LEU K 195 -30.34 -0.15 40.06
CA LEU K 195 -30.31 1.34 40.07
C LEU K 195 -31.35 1.96 39.15
N HIS K 196 -31.62 1.30 38.01
CA HIS K 196 -32.65 1.75 37.07
C HIS K 196 -34.04 1.74 37.70
N GLU K 197 -34.33 0.66 38.43
CA GLU K 197 -35.54 0.56 39.25
C GLU K 197 -35.69 1.83 40.08
N LYS K 198 -34.62 2.19 40.78
CA LYS K 198 -34.61 3.31 41.72
C LYS K 198 -34.74 4.70 41.07
N TYR K 199 -33.90 5.02 40.08
CA TYR K 199 -33.89 6.37 39.49
C TYR K 199 -35.11 6.67 38.57
N SER K 200 -36.06 5.73 38.44
CA SER K 200 -37.44 6.01 37.98
C SER K 200 -38.44 5.04 38.64
N ARG L 1 4.68 -12.72 3.98
CA ARG L 1 4.23 -12.85 5.39
C ARG L 1 3.88 -14.32 5.71
N PHE L 2 4.89 -15.02 6.22
CA PHE L 2 4.68 -16.19 7.09
C PHE L 2 3.85 -15.73 8.30
N SER L 3 2.72 -16.40 8.60
CA SER L 3 1.96 -16.17 9.85
CA SER L 3 1.99 -16.15 9.87
C SER L 3 2.30 -17.24 10.87
N PRO L 4 2.73 -16.82 12.08
CA PRO L 4 3.08 -17.80 13.12
C PRO L 4 1.87 -18.37 13.86
N TYR L 5 0.65 -18.00 13.49
CA TYR L 5 -0.57 -18.50 14.11
C TYR L 5 -1.49 -19.17 13.11
N VAL L 6 -2.38 -19.98 13.65
CA VAL L 6 -3.39 -20.68 12.87
C VAL L 6 -4.45 -21.07 13.92
N PHE L 7 -5.73 -21.01 13.54
CA PHE L 7 -6.79 -21.31 14.48
C PHE L 7 -7.12 -22.81 14.42
N ASN L 8 -7.06 -23.49 15.55
CA ASN L 8 -7.33 -24.94 15.55
C ASN L 8 -8.62 -25.33 16.25
N GLY L 9 -9.37 -24.34 16.72
CA GLY L 9 -10.70 -24.61 17.25
C GLY L 9 -10.72 -25.03 18.68
N GLY L 10 -11.86 -25.55 19.11
CA GLY L 10 -12.01 -26.01 20.46
C GLY L 10 -12.82 -25.07 21.32
N THR L 11 -13.72 -25.69 22.09
CA THR L 11 -14.56 -25.02 23.04
C THR L 11 -14.29 -25.60 24.44
N ILE L 12 -14.16 -24.73 25.42
CA ILE L 12 -13.91 -25.10 26.80
C ILE L 12 -14.93 -24.47 27.70
N LEU L 13 -15.10 -25.10 28.86
CA LEU L 13 -16.13 -24.74 29.82
C LEU L 13 -15.68 -25.19 31.20
N ALA L 14 -15.84 -24.32 32.20
CA ALA L 14 -15.69 -24.73 33.60
C ALA L 14 -16.85 -24.23 34.48
N ILE L 15 -17.26 -25.08 35.42
CA ILE L 15 -18.30 -24.75 36.41
C ILE L 15 -17.76 -25.02 37.82
N ALA L 16 -17.94 -24.05 38.72
CA ALA L 16 -17.64 -24.21 40.14
C ALA L 16 -18.88 -24.60 40.93
N GLY L 17 -18.82 -25.73 41.62
CA GLY L 17 -19.81 -26.11 42.62
C GLY L 17 -19.41 -25.73 44.04
N GLU L 18 -20.26 -26.12 44.99
CA GLU L 18 -19.97 -25.90 46.41
C GLU L 18 -18.79 -26.79 46.82
N ASP L 19 -18.76 -28.03 46.33
CA ASP L 19 -17.67 -28.97 46.64
C ASP L 19 -17.11 -29.69 45.41
N PHE L 20 -17.19 -29.06 44.24
CA PHE L 20 -16.67 -29.66 43.01
C PHE L 20 -16.31 -28.61 42.00
N ALA L 21 -15.52 -29.00 41.00
CA ALA L 21 -15.30 -28.19 39.81
C ALA L 21 -15.44 -29.10 38.60
N ILE L 22 -16.02 -28.58 37.51
CA ILE L 22 -16.07 -29.28 36.22
C ILE L 22 -15.24 -28.49 35.22
N VAL L 23 -14.45 -29.20 34.42
CA VAL L 23 -13.82 -28.61 33.25
C VAL L 23 -14.08 -29.53 32.08
N ALA L 24 -14.66 -28.95 31.02
CA ALA L 24 -15.17 -29.71 29.89
C ALA L 24 -14.65 -29.09 28.60
N SER L 25 -14.44 -29.95 27.60
CA SER L 25 -13.99 -29.52 26.29
C SER L 25 -14.42 -30.51 25.23
N ASP L 26 -14.54 -30.05 23.99
CA ASP L 26 -14.76 -30.95 22.86
C ASP L 26 -13.42 -31.51 22.41
N THR L 27 -13.43 -32.56 21.60
CA THR L 27 -12.19 -33.26 21.22
C THR L 27 -11.73 -33.05 19.79
N ARG L 28 -12.34 -32.11 19.08
CA ARG L 28 -12.02 -31.90 17.67
C ARG L 28 -10.86 -30.94 17.53
N LEU L 29 -9.88 -31.29 16.70
CA LEU L 29 -8.81 -30.38 16.34
C LEU L 29 -8.89 -30.09 14.86
N SER L 30 -9.02 -28.81 14.53
CA SER L 30 -9.32 -28.37 13.17
C SER L 30 -8.18 -27.57 12.58
N GLU L 31 -8.22 -27.39 11.28
CA GLU L 31 -7.41 -26.39 10.61
C GLU L 31 -8.10 -26.11 9.29
N GLY L 32 -8.37 -24.83 9.03
CA GLY L 32 -9.09 -24.43 7.82
C GLY L 32 -10.47 -25.02 7.77
N PHE L 33 -10.74 -25.77 6.70
CA PHE L 33 -12.02 -26.51 6.58
C PHE L 33 -11.89 -28.01 6.89
N SER L 34 -10.76 -28.42 7.47
CA SER L 34 -10.41 -29.81 7.70
C SER L 34 -10.38 -30.15 9.17
N ILE L 35 -10.49 -31.45 9.45
CA ILE L 35 -10.27 -31.99 10.78
C ILE L 35 -8.92 -32.68 10.80
N HIS L 36 -8.04 -32.26 11.70
CA HIS L 36 -6.78 -32.96 11.98
C HIS L 36 -7.08 -34.30 12.66
N THR L 37 -7.78 -34.25 13.79
CA THR L 37 -8.14 -35.45 14.53
C THR L 37 -9.42 -35.24 15.30
N ARG L 38 -10.14 -36.33 15.52
CA ARG L 38 -11.36 -36.33 16.32
C ARG L 38 -11.15 -36.57 17.82
N ASP L 39 -9.89 -36.81 18.24
CA ASP L 39 -9.58 -37.21 19.59
C ASP L 39 -8.37 -36.42 20.11
N SER L 40 -8.61 -35.13 20.36
CA SER L 40 -7.59 -34.23 20.86
C SER L 40 -8.30 -33.38 21.90
N PRO L 41 -8.31 -33.85 23.16
CA PRO L 41 -8.89 -33.07 24.25
C PRO L 41 -8.07 -31.87 24.63
N LYS L 42 -8.73 -30.95 25.31
CA LYS L 42 -8.19 -29.65 25.62
C LYS L 42 -8.06 -29.43 27.10
N CYS L 43 -8.37 -30.47 27.88
CA CYS L 43 -8.20 -30.45 29.31
CA CYS L 43 -8.19 -30.47 29.32
C CYS L 43 -6.83 -31.08 29.65
N TYR L 44 -6.16 -30.51 30.65
CA TYR L 44 -4.85 -30.99 31.11
C TYR L 44 -4.84 -31.02 32.63
N LYS L 45 -4.46 -32.15 33.21
CA LYS L 45 -4.30 -32.27 34.65
C LYS L 45 -3.08 -31.48 35.12
N LEU L 46 -3.26 -30.59 36.08
CA LEU L 46 -2.12 -29.87 36.68
C LEU L 46 -1.67 -30.45 38.05
N THR L 47 -2.63 -30.63 38.95
CA THR L 47 -2.44 -31.26 40.26
C THR L 47 -3.64 -32.17 40.52
N ASP L 48 -3.62 -32.86 41.66
CA ASP L 48 -4.78 -33.62 42.13
C ASP L 48 -6.05 -32.74 42.32
N LYS L 49 -5.87 -31.42 42.50
CA LYS L 49 -6.96 -30.48 42.75
C LYS L 49 -7.24 -29.51 41.60
N THR L 50 -6.44 -29.53 40.52
CA THR L 50 -6.51 -28.47 39.49
C THR L 50 -6.37 -29.01 38.06
N VAL L 51 -7.30 -28.59 37.20
CA VAL L 51 -7.32 -28.95 35.78
C VAL L 51 -7.38 -27.64 34.99
N ILE L 52 -6.76 -27.63 33.81
CA ILE L 52 -6.80 -26.47 32.95
C ILE L 52 -7.34 -26.87 31.56
N GLY L 53 -8.16 -25.99 30.98
CA GLY L 53 -8.69 -26.17 29.64
C GLY L 53 -8.02 -25.17 28.72
N CYS L 54 -7.55 -25.61 27.56
CA CYS L 54 -6.88 -24.71 26.59
C CYS L 54 -7.34 -24.94 25.15
N SER L 55 -7.67 -23.85 24.47
CA SER L 55 -8.03 -23.85 23.06
C SER L 55 -7.42 -22.65 22.34
N GLY L 56 -7.34 -22.78 21.03
CA GLY L 56 -6.94 -21.67 20.16
C GLY L 56 -5.93 -22.23 19.20
N PHE L 57 -4.75 -21.64 19.20
CA PHE L 57 -3.68 -22.11 18.36
C PHE L 57 -3.02 -23.29 19.09
N HIS L 58 -3.11 -24.47 18.50
CA HIS L 58 -2.62 -25.69 19.14
C HIS L 58 -1.11 -25.70 19.45
N GLY L 59 -0.30 -25.13 18.57
CA GLY L 59 1.13 -24.97 18.82
C GLY L 59 1.43 -24.28 20.14
N ASP L 60 0.65 -23.24 20.45
CA ASP L 60 0.76 -22.53 21.72
C ASP L 60 0.13 -23.32 22.87
N CYS L 61 -0.95 -24.05 22.61
CA CYS L 61 -1.57 -24.86 23.66
C CYS L 61 -0.56 -25.86 24.20
N LEU L 62 0.16 -26.51 23.29
CA LEU L 62 1.12 -27.47 23.68
C LEU L 62 2.26 -26.81 24.44
N THR L 63 2.82 -25.75 23.88
CA THR L 63 3.96 -25.09 24.48
C THR L 63 3.62 -24.54 25.86
N LEU L 64 2.47 -23.89 26.00
CA LEU L 64 2.10 -23.28 27.26
C LEU L 64 1.87 -24.31 28.35
N THR L 65 1.20 -25.43 28.04
CA THR L 65 0.94 -26.44 29.05
C THR L 65 2.23 -27.16 29.53
N LYS L 66 3.21 -27.31 28.63
CA LYS L 66 4.51 -27.81 28.99
C LYS L 66 5.28 -26.84 29.87
N ILE L 67 5.17 -25.55 29.60
CA ILE L 67 5.73 -24.53 30.49
C ILE L 67 5.09 -24.59 31.89
N ILE L 68 3.77 -24.70 31.93
CA ILE L 68 3.06 -24.76 33.19
C ILE L 68 3.50 -25.97 34.01
N GLU L 69 3.62 -27.13 33.35
CA GLU L 69 4.09 -28.36 34.02
C GLU L 69 5.46 -28.17 34.68
N ALA L 70 6.40 -27.60 33.94
CA ALA L 70 7.73 -27.28 34.45
C ALA L 70 7.69 -26.28 35.60
N ARG L 71 6.86 -25.26 35.50
CA ARG L 71 6.78 -24.28 36.57
C ARG L 71 6.18 -24.82 37.87
N LEU L 72 5.28 -25.80 37.76
CA LEU L 72 4.71 -26.48 38.93
C LEU L 72 5.75 -27.31 39.68
N LYS L 73 6.60 -28.04 38.96
CA LYS L 73 7.70 -28.76 39.60
C LYS L 73 8.74 -27.83 40.22
N MET L 74 9.06 -26.75 39.52
CA MET L 74 9.98 -25.74 40.09
C MET L 74 9.41 -25.15 41.36
N TYR L 75 8.14 -24.77 41.35
CA TYR L 75 7.48 -24.28 42.55
C TYR L 75 7.59 -25.29 43.68
N LYS L 76 7.25 -26.55 43.41
CA LYS L 76 7.26 -27.59 44.42
C LYS L 76 8.67 -27.78 45.01
N HIS L 77 9.69 -27.72 44.17
CA HIS L 77 11.06 -27.79 44.61
C HIS L 77 11.50 -26.64 45.51
N SER L 78 11.09 -25.41 45.20
CA SER L 78 11.50 -24.25 46.03
C SER L 78 10.74 -24.15 47.33
N ASN L 79 9.47 -24.55 47.32
CA ASN L 79 8.56 -24.27 48.43
C ASN L 79 8.00 -25.50 49.18
N ASN L 80 8.30 -26.71 48.71
CA ASN L 80 7.90 -27.96 49.38
C ASN L 80 6.41 -28.21 49.55
N LYS L 81 5.63 -27.71 48.60
CA LYS L 81 4.19 -27.95 48.54
C LYS L 81 3.73 -27.79 47.08
N ALA L 82 2.60 -28.43 46.75
CA ALA L 82 1.98 -28.22 45.45
C ALA L 82 1.38 -26.82 45.39
N MET L 83 1.40 -26.26 44.19
CA MET L 83 0.77 -24.97 43.92
C MET L 83 -0.70 -25.09 44.14
N THR L 84 -1.29 -24.12 44.84
CA THR L 84 -2.74 -24.01 44.94
C THR L 84 -3.36 -23.60 43.61
N THR L 85 -4.67 -23.81 43.50
CA THR L 85 -5.42 -23.44 42.28
C THR L 85 -5.24 -21.94 42.03
N GLY L 86 -5.43 -21.15 43.09
CA GLY L 86 -5.28 -19.70 43.03
C GLY L 86 -3.90 -19.22 42.66
N ALA L 87 -2.88 -19.88 43.20
CA ALA L 87 -1.48 -19.58 42.82
C ALA L 87 -1.17 -19.92 41.37
N ILE L 88 -1.69 -21.05 40.88
CA ILE L 88 -1.52 -21.41 39.46
C ILE L 88 -2.13 -20.33 38.56
N ALA L 89 -3.33 -19.90 38.91
CA ALA L 89 -4.01 -18.88 38.13
C ALA L 89 -3.20 -17.57 38.12
N ALA L 90 -2.71 -17.16 39.30
CA ALA L 90 -1.89 -15.96 39.41
C ALA L 90 -0.59 -16.07 38.60
N MET L 91 0.00 -17.26 38.58
CA MET L 91 1.25 -17.49 37.84
C MET L 91 0.98 -17.45 36.37
N LEU L 92 -0.08 -18.13 35.95
CA LEU L 92 -0.42 -18.19 34.52
C LEU L 92 -0.62 -16.80 33.93
N SER L 93 -1.23 -15.92 34.70
CA SER L 93 -1.37 -14.53 34.33
C SER L 93 -0.02 -13.88 33.96
N THR L 94 1.01 -14.10 34.77
CA THR L 94 2.34 -13.56 34.50
C THR L 94 3.03 -14.21 33.29
N ILE L 95 2.79 -15.50 33.09
CA ILE L 95 3.37 -16.23 31.95
C ILE L 95 2.78 -15.68 30.67
N LEU L 96 1.45 -15.51 30.66
CA LEU L 96 0.78 -14.96 29.49
C LEU L 96 1.26 -13.54 29.18
N TYR L 97 1.45 -12.72 30.22
CA TYR L 97 1.89 -11.33 30.03
C TYR L 97 3.34 -11.26 29.58
N SER L 98 4.14 -12.26 29.92
CA SER L 98 5.54 -12.25 29.48
C SER L 98 5.65 -12.20 27.93
N ARG L 99 4.62 -12.72 27.26
CA ARG L 99 4.51 -12.67 25.81
C ARG L 99 3.48 -11.62 25.34
N ARG L 100 3.33 -10.53 26.09
CA ARG L 100 2.41 -9.46 25.73
C ARG L 100 2.58 -8.92 24.31
N PHE L 101 3.81 -8.83 23.83
CA PHE L 101 4.09 -8.37 22.48
C PHE L 101 4.29 -9.48 21.44
N PHE L 102 4.00 -10.76 21.80
CA PHE L 102 3.90 -11.89 20.83
C PHE L 102 3.08 -13.02 21.49
N PRO L 103 1.78 -12.81 21.70
CA PRO L 103 1.02 -13.60 22.63
C PRO L 103 0.91 -15.05 22.34
N TYR L 104 0.73 -15.82 23.41
CA TYR L 104 0.19 -17.16 23.32
C TYR L 104 -1.24 -16.99 22.87
N TYR L 105 -1.55 -17.50 21.69
CA TYR L 105 -2.91 -17.50 21.17
C TYR L 105 -3.66 -18.67 21.76
N VAL L 106 -4.01 -18.51 23.03
CA VAL L 106 -4.63 -19.56 23.80
C VAL L 106 -5.71 -18.94 24.68
N TYR L 107 -6.86 -19.60 24.80
CA TYR L 107 -7.89 -19.22 25.76
C TYR L 107 -7.85 -20.26 26.85
N ASN L 108 -7.62 -19.82 28.07
CA ASN L 108 -7.45 -20.73 29.20
C ASN L 108 -8.57 -20.60 30.21
N ILE L 109 -9.05 -21.74 30.70
CA ILE L 109 -9.96 -21.77 31.84
C ILE L 109 -9.45 -22.82 32.82
N ILE L 110 -9.18 -22.39 34.06
CA ILE L 110 -8.74 -23.28 35.15
C ILE L 110 -9.96 -23.66 35.98
N GLY L 111 -10.08 -24.94 36.29
CA GLY L 111 -11.09 -25.43 37.20
C GLY L 111 -10.41 -26.29 38.26
N GLY L 112 -10.77 -26.07 39.50
CA GLY L 112 -10.21 -26.83 40.60
C GLY L 112 -10.86 -26.50 41.92
N LEU L 113 -10.27 -27.02 42.99
CA LEU L 113 -10.71 -26.70 44.33
C LEU L 113 -9.78 -25.67 44.92
N ASP L 114 -10.34 -24.79 45.74
CA ASP L 114 -9.59 -23.80 46.48
C ASP L 114 -9.18 -24.38 47.83
N GLU L 115 -8.60 -23.55 48.70
CA GLU L 115 -8.06 -24.03 49.98
C GLU L 115 -9.11 -24.44 51.01
N GLU L 116 -10.34 -23.93 50.89
CA GLU L 116 -11.44 -24.35 51.75
C GLU L 116 -12.20 -25.59 51.20
N GLY L 117 -11.73 -26.18 50.10
CA GLY L 117 -12.39 -27.36 49.49
C GLY L 117 -13.50 -27.02 48.49
N LYS L 118 -13.68 -25.73 48.19
CA LYS L 118 -14.77 -25.28 47.34
C LYS L 118 -14.36 -25.15 45.87
N GLY L 119 -15.34 -25.32 44.99
CA GLY L 119 -15.14 -25.13 43.54
C GLY L 119 -14.61 -23.76 43.19
N ALA L 120 -13.67 -23.72 42.26
CA ALA L 120 -13.04 -22.50 41.81
C ALA L 120 -12.79 -22.56 40.30
N VAL L 121 -13.25 -21.52 39.61
CA VAL L 121 -13.00 -21.34 38.19
C VAL L 121 -12.29 -20.00 38.00
N TYR L 122 -11.22 -20.00 37.21
CA TYR L 122 -10.55 -18.78 36.79
C TYR L 122 -10.45 -18.78 35.28
N SER L 123 -10.82 -17.66 34.67
CA SER L 123 -10.80 -17.55 33.20
C SER L 123 -9.87 -16.43 32.71
N PHE L 124 -9.25 -16.69 31.56
CA PHE L 124 -8.16 -15.87 31.06
C PHE L 124 -8.41 -15.36 29.65
N ASP L 125 -7.85 -14.19 29.35
CA ASP L 125 -7.61 -13.77 27.98
C ASP L 125 -6.18 -14.15 27.58
N PRO L 126 -5.83 -14.03 26.27
CA PRO L 126 -4.51 -14.49 25.82
C PRO L 126 -3.29 -13.81 26.42
N VAL L 127 -3.44 -12.60 26.96
CA VAL L 127 -2.32 -11.88 27.59
C VAL L 127 -2.45 -11.81 29.12
N GLY L 128 -3.32 -12.64 29.71
CA GLY L 128 -3.33 -12.91 31.14
C GLY L 128 -4.28 -12.12 32.01
N SER L 129 -5.20 -11.36 31.40
CA SER L 129 -6.31 -10.79 32.17
C SER L 129 -7.09 -11.99 32.74
N TYR L 130 -7.40 -11.95 34.04
CA TYR L 130 -8.17 -13.01 34.65
C TYR L 130 -8.94 -12.58 35.87
N GLN L 131 -9.90 -13.43 36.24
CA GLN L 131 -10.64 -13.28 37.46
C GLN L 131 -11.28 -14.60 37.82
N ARG L 132 -11.84 -14.65 39.02
CA ARG L 132 -12.55 -15.82 39.47
C ARG L 132 -14.01 -15.69 39.02
N ASP L 133 -14.62 -16.82 38.66
CA ASP L 133 -16.00 -16.88 38.18
C ASP L 133 -16.68 -18.06 38.83
N SER L 134 -18.01 -18.03 38.90
CA SER L 134 -18.79 -19.24 39.25
C SER L 134 -18.81 -20.25 38.10
N PHE L 135 -18.79 -19.74 36.87
CA PHE L 135 -18.88 -20.56 35.66
C PHE L 135 -18.43 -19.74 34.47
N LYS L 136 -17.89 -20.41 33.46
CA LYS L 136 -17.38 -19.70 32.30
C LYS L 136 -17.19 -20.61 31.09
N ALA L 137 -17.59 -20.12 29.91
CA ALA L 137 -17.29 -20.77 28.64
C ALA L 137 -16.20 -20.00 27.93
N GLY L 138 -15.44 -20.69 27.10
CA GLY L 138 -14.33 -20.09 26.37
C GLY L 138 -14.11 -20.77 25.05
N GLY L 139 -13.40 -20.08 24.16
CA GLY L 139 -13.05 -20.66 22.87
C GLY L 139 -14.18 -20.57 21.84
N SER L 140 -14.12 -21.45 20.86
CA SER L 140 -14.84 -21.32 19.62
C SER L 140 -16.30 -21.00 19.81
N ALA L 141 -17.00 -21.82 20.58
CA ALA L 141 -18.42 -21.67 20.78
C ALA L 141 -18.83 -20.95 22.07
N SER L 142 -17.95 -20.16 22.67
CA SER L 142 -18.26 -19.51 23.96
C SER L 142 -19.50 -18.64 23.93
N ALA L 143 -19.71 -17.93 22.83
CA ALA L 143 -20.88 -17.06 22.73
C ALA L 143 -22.17 -17.87 22.66
N MET L 144 -22.09 -19.12 22.23
CA MET L 144 -23.24 -20.02 22.24
C MET L 144 -23.50 -20.59 23.62
N LEU L 145 -22.44 -20.93 24.35
CA LEU L 145 -22.58 -21.56 25.66
C LEU L 145 -22.91 -20.58 26.78
N GLN L 146 -22.26 -19.43 26.80
CA GLN L 146 -22.30 -18.55 27.96
C GLN L 146 -23.68 -18.05 28.33
N PRO L 147 -24.46 -17.57 27.34
CA PRO L 147 -25.78 -17.05 27.66
C PRO L 147 -26.70 -18.04 28.37
N LEU L 148 -26.74 -19.29 27.90
CA LEU L 148 -27.56 -20.30 28.56
C LEU L 148 -27.09 -20.53 30.01
N LEU L 149 -25.78 -20.49 30.23
CA LEU L 149 -25.25 -20.64 31.59
C LEU L 149 -25.63 -19.45 32.47
N ASP L 150 -25.50 -18.25 31.94
CA ASP L 150 -25.97 -17.05 32.63
C ASP L 150 -27.43 -17.20 33.09
N ASN L 151 -28.24 -17.77 32.21
CA ASN L 151 -29.64 -17.94 32.47
C ASN L 151 -29.91 -19.04 33.48
N GLN L 152 -29.31 -20.21 33.26
CA GLN L 152 -29.66 -21.41 34.01
C GLN L 152 -28.85 -21.63 35.30
N VAL L 153 -27.61 -21.15 35.33
CA VAL L 153 -26.76 -21.23 36.54
C VAL L 153 -26.78 -19.92 37.32
N GLY L 154 -26.73 -18.79 36.62
CA GLY L 154 -26.80 -17.47 37.24
C GLY L 154 -28.20 -17.00 37.54
N PHE L 155 -29.20 -17.71 37.04
CA PHE L 155 -30.63 -17.39 37.22
C PHE L 155 -31.00 -16.00 36.69
N LYS L 156 -30.34 -15.58 35.62
CA LYS L 156 -30.56 -14.24 35.08
C LYS L 156 -31.82 -14.11 34.21
N ASN L 157 -32.44 -12.92 34.28
CA ASN L 157 -33.70 -12.61 33.62
C ASN L 157 -34.90 -13.45 34.09
N MET L 158 -34.74 -14.19 35.19
CA MET L 158 -35.81 -15.05 35.73
C MET L 158 -36.42 -14.45 36.98
N GLN L 159 -37.75 -14.39 37.01
CA GLN L 159 -38.48 -13.95 38.19
C GLN L 159 -39.09 -15.18 38.84
N ASN L 160 -39.30 -15.09 40.15
CA ASN L 160 -40.03 -16.13 40.90
C ASN L 160 -39.43 -17.55 40.78
N VAL L 161 -38.10 -17.63 40.96
CA VAL L 161 -37.36 -18.90 41.02
C VAL L 161 -36.42 -18.88 42.24
N GLU L 162 -36.46 -19.94 43.05
CA GLU L 162 -35.54 -20.11 44.19
C GLU L 162 -34.11 -20.30 43.67
N HIS L 163 -33.18 -19.46 44.14
CA HIS L 163 -31.76 -19.51 43.74
C HIS L 163 -31.03 -20.64 44.48
N VAL L 164 -31.41 -21.88 44.18
CA VAL L 164 -30.87 -23.06 44.90
C VAL L 164 -29.39 -23.31 44.55
N PRO L 165 -28.68 -24.10 45.42
CA PRO L 165 -27.30 -24.47 45.07
C PRO L 165 -27.24 -25.44 43.89
N LEU L 166 -26.19 -25.30 43.09
CA LEU L 166 -26.04 -26.09 41.87
C LEU L 166 -25.57 -27.49 42.21
N SER L 167 -26.42 -28.49 42.00
CA SER L 167 -26.03 -29.87 42.20
C SER L 167 -25.11 -30.32 41.06
N LEU L 168 -24.29 -31.34 41.34
CA LEU L 168 -23.38 -31.91 40.34
C LEU L 168 -24.16 -32.49 39.16
N ASP L 169 -25.26 -33.19 39.45
CA ASP L 169 -26.11 -33.81 38.44
C ASP L 169 -26.67 -32.78 37.47
N ARG L 170 -27.17 -31.67 38.00
CA ARG L 170 -27.69 -30.61 37.15
C ARG L 170 -26.57 -29.90 36.41
N ALA L 171 -25.46 -29.62 37.09
CA ALA L 171 -24.28 -29.05 36.44
C ALA L 171 -23.86 -29.93 35.27
N MET L 172 -23.92 -31.23 35.48
CA MET L 172 -23.51 -32.21 34.49
C MET L 172 -24.47 -32.26 33.29
N ARG L 173 -25.78 -32.22 33.57
CA ARG L 173 -26.81 -32.22 32.53
C ARG L 173 -26.67 -30.94 31.67
N LEU L 174 -26.43 -29.79 32.31
CA LEU L 174 -26.14 -28.53 31.60
C LEU L 174 -24.94 -28.60 30.66
N VAL L 175 -23.82 -29.13 31.16
CA VAL L 175 -22.58 -29.20 30.39
C VAL L 175 -22.82 -30.01 29.12
N LYS L 176 -23.53 -31.12 29.21
CA LYS L 176 -23.83 -31.93 28.03
C LYS L 176 -24.76 -31.21 27.03
N ASP L 177 -25.81 -30.57 27.54
CA ASP L 177 -26.74 -29.83 26.69
C ASP L 177 -26.13 -28.66 25.91
N VAL L 178 -25.37 -27.78 26.59
CA VAL L 178 -24.75 -26.65 25.89
C VAL L 178 -23.78 -27.09 24.79
N PHE L 179 -23.06 -28.19 25.00
CA PHE L 179 -22.11 -28.69 23.98
C PHE L 179 -22.82 -29.31 22.78
N ILE L 180 -23.90 -30.02 23.06
CA ILE L 180 -24.78 -30.61 22.05
C ILE L 180 -25.44 -29.51 21.19
N SER L 181 -25.83 -28.41 21.84
CA SER L 181 -26.40 -27.26 21.16
C SER L 181 -25.34 -26.52 20.36
N ALA L 182 -24.14 -26.42 20.90
CA ALA L 182 -23.03 -25.81 20.18
C ALA L 182 -22.62 -26.64 18.97
N ALA L 183 -22.67 -27.96 19.13
CA ALA L 183 -22.32 -28.87 18.05
C ALA L 183 -23.26 -28.74 16.83
N GLU L 184 -24.49 -28.27 17.04
CA GLU L 184 -25.43 -28.02 15.95
C GLU L 184 -25.00 -26.90 15.01
N ARG L 185 -24.29 -25.91 15.55
CA ARG L 185 -24.10 -24.64 14.90
C ARG L 185 -22.66 -24.23 14.65
N ASP L 186 -21.80 -24.35 15.66
CA ASP L 186 -20.39 -24.05 15.47
C ASP L 186 -19.78 -25.20 14.69
N VAL L 187 -19.15 -24.91 13.55
CA VAL L 187 -18.53 -25.98 12.74
C VAL L 187 -17.31 -26.59 13.41
N TYR L 188 -16.63 -25.84 14.25
CA TYR L 188 -15.44 -26.37 14.95
C TYR L 188 -15.74 -27.34 16.10
N THR L 189 -16.92 -27.26 16.69
CA THR L 189 -17.22 -28.03 17.89
C THR L 189 -17.90 -29.32 17.55
N GLY L 190 -17.28 -30.43 17.86
CA GLY L 190 -17.90 -31.71 17.63
C GLY L 190 -17.06 -32.89 18.06
N ASP L 191 -17.49 -34.06 17.59
CA ASP L 191 -16.83 -35.37 17.77
C ASP L 191 -17.09 -35.98 19.12
N ALA L 192 -16.55 -35.39 20.18
CA ALA L 192 -16.83 -35.88 21.53
C ALA L 192 -16.65 -34.77 22.55
N LEU L 193 -17.39 -34.89 23.64
CA LEU L 193 -17.29 -34.02 24.80
C LEU L 193 -16.52 -34.79 25.88
N ARG L 194 -15.49 -34.17 26.45
CA ARG L 194 -14.70 -34.76 27.55
C ARG L 194 -14.93 -33.90 28.79
N ILE L 195 -15.38 -34.53 29.88
CA ILE L 195 -15.70 -33.85 31.12
C ILE L 195 -14.80 -34.35 32.25
N CYS L 196 -14.14 -33.44 32.95
CA CYS L 196 -13.33 -33.77 34.13
C CYS L 196 -14.07 -33.26 35.34
N ILE L 197 -14.31 -34.12 36.34
CA ILE L 197 -14.94 -33.68 37.59
C ILE L 197 -13.90 -33.71 38.73
N VAL L 198 -13.59 -32.55 39.31
CA VAL L 198 -12.63 -32.44 40.40
C VAL L 198 -13.38 -32.38 41.73
N THR L 199 -13.08 -33.33 42.61
CA THR L 199 -13.62 -33.36 43.98
C THR L 199 -12.49 -33.66 44.97
N LYS L 200 -12.80 -33.71 46.27
CA LYS L 200 -11.78 -34.08 47.27
C LYS L 200 -11.27 -35.52 47.07
N GLU L 201 -12.12 -36.41 46.56
CA GLU L 201 -11.72 -37.78 46.20
C GLU L 201 -10.75 -37.82 45.02
N GLY L 202 -10.74 -36.79 44.18
CA GLY L 202 -9.84 -36.71 43.04
C GLY L 202 -10.54 -36.27 41.76
N ILE L 203 -10.00 -36.72 40.63
CA ILE L 203 -10.45 -36.30 39.30
C ILE L 203 -10.99 -37.47 38.51
N ARG L 204 -12.27 -37.44 38.15
CA ARG L 204 -12.82 -38.47 37.27
C ARG L 204 -13.29 -37.89 35.94
N GLU L 205 -13.52 -38.79 35.01
CA GLU L 205 -13.57 -38.48 33.61
C GLU L 205 -14.81 -39.14 33.02
N GLU L 206 -15.72 -38.34 32.46
CA GLU L 206 -16.82 -38.85 31.62
C GLU L 206 -16.55 -38.41 30.18
N THR L 207 -17.04 -39.19 29.23
CA THR L 207 -17.01 -38.78 27.83
C THR L 207 -18.35 -39.10 27.09
N VAL L 208 -18.85 -38.12 26.35
CA VAL L 208 -20.12 -38.18 25.60
C VAL L 208 -19.87 -37.93 24.12
N SER L 209 -20.51 -38.72 23.28
CA SER L 209 -20.39 -38.59 21.83
C SER L 209 -21.07 -37.31 21.32
N LEU L 210 -20.44 -36.61 20.39
CA LEU L 210 -21.06 -35.48 19.67
C LEU L 210 -21.09 -35.78 18.19
N ARG L 211 -21.89 -34.99 17.46
CA ARG L 211 -21.96 -35.11 15.99
C ARG L 211 -20.58 -35.07 15.31
N LYS L 212 -20.36 -35.98 14.36
CA LYS L 212 -19.11 -36.10 13.63
C LYS L 212 -19.01 -35.25 12.35
N ASP L 213 -20.13 -34.61 11.94
CA ASP L 213 -20.14 -33.70 10.76
C ASP L 213 -19.64 -32.29 11.08
N THR M 1 13.53 -20.44 6.76
CA THR M 1 12.93 -20.28 5.40
C THR M 1 11.73 -19.35 5.42
N GLN M 2 11.85 -18.23 4.72
CA GLN M 2 10.71 -17.36 4.40
C GLN M 2 9.99 -17.81 3.10
N ASN M 3 10.77 -18.14 2.06
CA ASN M 3 10.28 -18.64 0.80
C ASN M 3 10.78 -20.03 0.45
N PRO M 4 9.91 -21.06 0.50
CA PRO M 4 10.36 -22.41 0.07
C PRO M 4 10.85 -22.47 -1.38
N MET M 5 11.75 -23.40 -1.69
CA MET M 5 12.28 -23.55 -3.04
C MET M 5 11.89 -24.92 -3.58
N VAL M 6 12.74 -25.93 -3.48
CA VAL M 6 12.36 -27.26 -3.94
C VAL M 6 11.49 -27.87 -2.85
N THR M 7 10.31 -28.36 -3.20
CA THR M 7 9.31 -28.81 -2.21
C THR M 7 8.74 -30.19 -2.54
N GLY M 8 8.26 -30.87 -1.51
CA GLY M 8 7.69 -32.18 -1.65
C GLY M 8 6.25 -32.10 -1.26
N THR M 9 5.43 -32.97 -1.83
CA THR M 9 3.99 -32.93 -1.57
C THR M 9 3.62 -33.91 -0.43
N SER M 10 2.43 -34.49 -0.47
CA SER M 10 1.88 -35.27 0.62
C SER M 10 2.76 -36.39 1.17
N VAL M 11 2.61 -36.62 2.46
CA VAL M 11 3.13 -37.82 3.11
C VAL M 11 1.91 -38.46 3.76
N LEU M 12 1.75 -39.77 3.57
CA LEU M 12 0.69 -40.53 4.21
C LEU M 12 1.26 -41.44 5.31
N GLY M 13 0.44 -41.72 6.32
CA GLY M 13 0.78 -42.67 7.35
C GLY M 13 -0.45 -43.37 7.89
N VAL M 14 -0.31 -44.66 8.18
CA VAL M 14 -1.37 -45.38 8.83
C VAL M 14 -0.83 -46.47 9.76
N LYS M 15 -1.43 -46.58 10.94
CA LYS M 15 -1.15 -47.66 11.85
C LYS M 15 -1.79 -48.98 11.41
N PHE M 16 -1.07 -50.07 11.63
CA PHE M 16 -1.60 -51.41 11.52
C PHE M 16 -1.22 -52.24 12.74
N GLU M 17 -1.80 -53.43 12.85
CA GLU M 17 -1.51 -54.31 13.96
C GLU M 17 -0.07 -54.81 13.86
N GLY M 18 0.77 -54.22 14.71
CA GLY M 18 2.19 -54.54 14.80
C GLY M 18 3.12 -53.57 14.10
N GLY M 19 2.64 -52.39 13.76
CA GLY M 19 3.48 -51.48 13.02
C GLY M 19 2.80 -50.28 12.46
N VAL M 20 3.55 -49.57 11.64
CA VAL M 20 3.11 -48.35 11.03
C VAL M 20 3.75 -48.36 9.64
N VAL M 21 2.98 -47.90 8.66
CA VAL M 21 3.46 -47.71 7.31
C VAL M 21 3.33 -46.23 6.94
N ILE M 22 4.33 -45.69 6.24
CA ILE M 22 4.22 -44.37 5.65
C ILE M 22 4.64 -44.39 4.18
N ALA M 23 4.07 -43.46 3.42
CA ALA M 23 4.32 -43.38 1.97
C ALA M 23 4.59 -41.95 1.54
N ALA M 24 5.47 -41.80 0.57
CA ALA M 24 5.77 -40.49 0.01
C ALA M 24 6.39 -40.66 -1.33
N ASP M 25 5.97 -39.82 -2.27
CA ASP M 25 6.58 -39.83 -3.58
C ASP M 25 8.02 -39.30 -3.54
N MET M 26 8.74 -39.51 -4.64
CA MET M 26 10.15 -39.26 -4.70
C MET M 26 10.49 -37.99 -5.48
N LEU M 27 9.65 -36.96 -5.37
CA LEU M 27 9.76 -35.77 -6.22
C LEU M 27 10.05 -34.49 -5.47
N GLY M 28 11.00 -33.71 -5.97
CA GLY M 28 11.26 -32.37 -5.49
C GLY M 28 10.83 -31.39 -6.56
N SER M 29 9.71 -30.71 -6.31
CA SER M 29 9.15 -29.77 -7.29
C SER M 29 9.73 -28.40 -7.08
N TYR M 30 9.95 -27.66 -8.16
CA TYR M 30 10.44 -26.29 -8.11
C TYR M 30 9.34 -25.40 -8.73
N GLY M 31 8.40 -24.96 -7.90
CA GLY M 31 7.16 -24.42 -8.38
C GLY M 31 6.41 -25.59 -9.00
N SER M 32 5.91 -25.39 -10.21
CA SER M 32 5.23 -26.46 -10.94
C SER M 32 6.19 -27.46 -11.64
N LEU M 33 7.45 -27.08 -11.84
CA LEU M 33 8.45 -27.94 -12.45
C LEU M 33 8.75 -29.16 -11.58
N ALA M 34 8.67 -30.34 -12.18
CA ALA M 34 9.04 -31.58 -11.50
C ALA M 34 10.54 -31.73 -11.71
N ARG M 35 11.31 -31.17 -10.79
CA ARG M 35 12.74 -30.94 -11.02
C ARG M 35 13.63 -32.12 -10.65
N PHE M 36 13.45 -32.66 -9.46
CA PHE M 36 14.31 -33.73 -8.93
C PHE M 36 13.42 -34.94 -8.68
N ARG M 37 13.48 -35.89 -9.60
CA ARG M 37 12.49 -36.95 -9.68
C ARG M 37 12.90 -38.24 -9.00
N ASN M 38 14.00 -38.20 -8.24
CA ASN M 38 14.48 -39.39 -7.55
C ASN M 38 15.09 -39.09 -6.18
N ILE M 39 14.35 -38.35 -5.36
CA ILE M 39 14.78 -37.96 -4.01
C ILE M 39 13.94 -38.71 -3.01
N SER M 40 14.55 -39.14 -1.90
CA SER M 40 13.80 -39.77 -0.81
C SER M 40 13.34 -38.67 0.14
N ARG M 41 12.07 -38.74 0.51
CA ARG M 41 11.48 -37.83 1.46
C ARG M 41 11.17 -38.58 2.74
N ILE M 42 11.81 -39.74 2.92
CA ILE M 42 11.66 -40.54 4.12
C ILE M 42 13.05 -40.74 4.74
N MET M 43 13.05 -40.76 6.07
CA MET M 43 14.25 -40.92 6.86
C MET M 43 14.06 -42.03 7.90
N ARG M 44 14.92 -43.03 7.85
CA ARG M 44 15.12 -43.91 9.01
C ARG M 44 15.79 -43.07 10.11
N VAL M 45 15.11 -42.86 11.22
CA VAL M 45 15.69 -42.10 12.34
C VAL M 45 16.55 -43.05 13.21
N ASN M 46 15.91 -44.07 13.76
CA ASN M 46 16.62 -45.19 14.43
C ASN M 46 15.82 -46.47 14.18
N ASN M 47 16.07 -47.52 14.96
CA ASN M 47 15.44 -48.83 14.72
C ASN M 47 13.92 -48.90 14.91
N SER M 48 13.38 -47.97 15.68
CA SER M 48 11.98 -47.95 16.06
C SER M 48 11.20 -46.79 15.42
N THR M 49 11.87 -45.91 14.67
CA THR M 49 11.29 -44.61 14.30
C THR M 49 11.69 -44.22 12.90
N MET M 50 10.68 -43.80 12.13
CA MET M 50 10.93 -43.24 10.82
C MET M 50 10.19 -41.93 10.67
N LEU M 51 10.65 -41.16 9.69
CA LEU M 51 10.15 -39.82 9.47
C LEU M 51 9.91 -39.54 7.99
N GLY M 52 8.77 -38.92 7.67
CA GLY M 52 8.46 -38.45 6.31
C GLY M 52 8.13 -36.98 6.26
N ALA M 53 8.65 -36.26 5.27
CA ALA M 53 8.52 -34.79 5.21
C ALA M 53 7.97 -34.19 3.91
N SER M 54 6.89 -33.40 4.06
CA SER M 54 6.41 -32.44 3.03
C SER M 54 7.15 -31.13 3.18
N GLY M 55 7.05 -30.29 2.17
CA GLY M 55 7.56 -28.94 2.25
C GLY M 55 8.97 -28.84 1.74
N ASP M 56 9.67 -27.78 2.14
CA ASP M 56 11.00 -27.43 1.62
C ASP M 56 12.05 -28.53 1.89
N TYR M 57 12.60 -29.09 0.80
CA TYR M 57 13.49 -30.22 0.89
C TYR M 57 14.82 -29.88 1.54
N ALA M 58 15.34 -28.68 1.33
CA ALA M 58 16.57 -28.27 2.02
C ALA M 58 16.37 -28.22 3.52
N ASP M 59 15.22 -27.75 3.99
CA ASP M 59 14.92 -27.78 5.42
C ASP M 59 14.78 -29.21 5.97
N PHE M 60 14.24 -30.11 5.16
CA PHE M 60 14.22 -31.52 5.55
C PHE M 60 15.62 -32.11 5.70
N GLN M 61 16.51 -31.77 4.77
CA GLN M 61 17.90 -32.25 4.80
C GLN M 61 18.66 -31.74 6.03
N TYR M 62 18.37 -30.51 6.42
CA TYR M 62 18.89 -29.98 7.68
C TYR M 62 18.35 -30.77 8.89
N LEU M 63 17.05 -31.02 8.95
CA LEU M 63 16.49 -31.83 10.04
C LEU M 63 17.08 -33.25 10.08
N LYS M 64 17.29 -33.86 8.91
CA LYS M 64 17.99 -35.15 8.81
C LYS M 64 19.39 -35.11 9.39
N GLN M 65 20.12 -34.04 9.08
CA GLN M 65 21.48 -33.86 9.54
C GLN M 65 21.50 -33.77 11.06
N VAL M 66 20.63 -32.91 11.59
CA VAL M 66 20.57 -32.67 13.03
C VAL M 66 20.12 -33.93 13.78
N LEU M 67 19.06 -34.54 13.28
CA LEU M 67 18.46 -35.70 13.94
C LEU M 67 19.35 -36.93 13.82
N GLY M 68 20.01 -37.09 12.68
CA GLY M 68 20.96 -38.18 12.51
C GLY M 68 22.11 -38.08 13.49
N GLN M 69 22.60 -36.86 13.72
CA GLN M 69 23.69 -36.64 14.62
C GLN M 69 23.28 -36.87 16.09
N MET M 70 22.03 -36.53 16.43
CA MET M 70 21.49 -36.81 17.77
C MET M 70 21.41 -38.28 18.09
N VAL M 71 21.02 -39.08 17.11
CA VAL M 71 20.93 -40.52 17.30
C VAL M 71 22.32 -41.16 17.45
N ILE M 72 23.29 -40.69 16.67
CA ILE M 72 24.68 -41.14 16.81
C ILE M 72 25.19 -40.81 18.21
N ASP M 73 25.08 -39.55 18.61
CA ASP M 73 25.47 -39.06 19.96
C ASP M 73 24.98 -39.98 21.06
N GLU M 74 23.73 -40.40 20.94
CA GLU M 74 23.09 -41.25 21.90
C GLU M 74 23.60 -42.69 21.83
N GLU M 75 23.76 -43.21 20.63
CA GLU M 75 24.33 -44.55 20.40
C GLU M 75 25.75 -44.69 20.94
N LEU M 76 26.51 -43.60 20.90
CA LEU M 76 27.86 -43.60 21.46
C LEU M 76 27.91 -43.99 22.92
N LEU M 77 26.87 -43.62 23.69
CA LEU M 77 26.88 -43.85 25.12
C LEU M 77 26.73 -45.32 25.47
N GLY M 78 26.08 -46.08 24.59
CA GLY M 78 25.84 -47.51 24.80
C GLY M 78 25.31 -47.83 26.19
N ASP M 79 24.30 -47.06 26.61
CA ASP M 79 23.79 -47.09 27.97
C ASP M 79 22.42 -47.78 28.14
N GLY M 80 21.87 -48.30 27.04
CA GLY M 80 20.57 -48.97 27.09
C GLY M 80 19.32 -48.09 27.00
N HIS M 81 19.49 -46.80 26.73
CA HIS M 81 18.39 -45.87 26.56
C HIS M 81 18.42 -45.40 25.11
N SER M 82 17.28 -45.45 24.44
CA SER M 82 17.14 -44.95 23.09
C SER M 82 16.00 -43.99 23.05
N TYR M 83 16.09 -43.05 22.12
CA TYR M 83 14.95 -42.19 21.80
C TYR M 83 13.78 -43.05 21.29
N SER M 84 12.64 -42.99 21.98
CA SER M 84 11.41 -43.60 21.51
C SER M 84 10.84 -42.74 20.36
N PRO M 85 9.91 -43.28 19.56
CA PRO M 85 9.26 -42.49 18.52
C PRO M 85 8.57 -41.25 19.09
N ARG M 86 7.89 -41.44 20.20
CA ARG M 86 7.25 -40.36 20.94
C ARG M 86 8.22 -39.26 21.34
N ALA M 87 9.43 -39.62 21.76
CA ALA M 87 10.42 -38.64 22.18
C ALA M 87 10.97 -37.85 21.00
N ILE M 88 11.16 -38.54 19.89
CA ILE M 88 11.57 -37.91 18.64
C ILE M 88 10.49 -36.93 18.18
N HIS M 89 9.24 -37.35 18.26
CA HIS M 89 8.09 -36.48 17.95
C HIS M 89 8.03 -35.21 18.81
N SER M 90 8.23 -35.36 20.12
CA SER M 90 8.33 -34.27 21.10
C SER M 90 9.46 -33.31 20.73
N TRP M 91 10.63 -33.86 20.46
CA TRP M 91 11.79 -33.07 20.08
C TRP M 91 11.46 -32.22 18.87
N LEU M 92 10.77 -32.85 17.91
CA LEU M 92 10.46 -32.21 16.63
C LEU M 92 9.43 -31.10 16.81
N THR M 93 8.43 -31.35 17.63
CA THR M 93 7.51 -30.31 17.98
C THR M 93 8.25 -29.09 18.52
N ARG M 94 9.16 -29.33 19.46
CA ARG M 94 9.89 -28.23 20.12
C ARG M 94 10.74 -27.44 19.15
N ALA M 95 11.39 -28.15 18.25
CA ALA M 95 12.29 -27.53 17.30
C ALA M 95 11.47 -26.70 16.33
N MET M 96 10.40 -27.27 15.79
CA MET M 96 9.52 -26.49 14.89
C MET M 96 8.93 -25.27 15.56
N TYR M 97 8.36 -25.46 16.76
CA TYR M 97 7.78 -24.35 17.53
C TYR M 97 8.81 -23.25 17.74
N SER M 98 10.01 -23.68 18.07
CA SER M 98 11.05 -22.75 18.45
C SER M 98 11.47 -21.92 17.24
N ARG M 99 11.59 -22.57 16.09
CA ARG M 99 11.95 -21.89 14.86
C ARG M 99 10.82 -20.96 14.40
N ARG M 100 9.57 -21.40 14.56
CA ARG M 100 8.37 -20.56 14.35
C ARG M 100 8.42 -19.32 15.21
N SER M 101 8.79 -19.49 16.48
CA SER M 101 8.77 -18.38 17.44
C SER M 101 9.86 -17.37 17.22
N LYS M 102 10.89 -17.73 16.45
CA LYS M 102 11.89 -16.78 15.98
C LYS M 102 11.57 -16.17 14.64
N MET M 103 10.37 -16.44 14.11
CA MET M 103 9.93 -15.95 12.80
C MET M 103 10.83 -16.44 11.68
N ASN M 104 11.27 -17.69 11.79
CA ASN M 104 12.20 -18.28 10.85
C ASN M 104 11.97 -19.78 10.81
N PRO M 105 10.80 -20.18 10.28
CA PRO M 105 10.39 -21.55 10.42
C PRO M 105 11.18 -22.46 9.54
N LEU M 106 11.15 -23.73 9.88
CA LEU M 106 11.56 -24.78 8.99
C LEU M 106 10.29 -25.14 8.24
N TRP M 107 10.32 -25.07 6.92
CA TRP M 107 9.09 -25.07 6.10
C TRP M 107 8.69 -26.50 5.75
N ASN M 108 8.25 -27.25 6.76
CA ASN M 108 7.93 -28.66 6.60
C ASN M 108 6.70 -29.04 7.40
N THR M 109 6.04 -30.09 6.93
CA THR M 109 5.00 -30.75 7.68
C THR M 109 5.41 -32.19 7.67
N MET M 110 5.40 -32.83 8.84
CA MET M 110 6.00 -34.12 9.01
C MET M 110 5.13 -35.17 9.69
N VAL M 111 5.41 -36.42 9.33
CA VAL M 111 4.74 -37.60 9.84
C VAL M 111 5.82 -38.52 10.44
N ILE M 112 5.79 -38.71 11.76
CA ILE M 112 6.66 -39.64 12.47
C ILE M 112 5.91 -40.93 12.62
N GLY M 113 6.53 -42.03 12.21
CA GLY M 113 5.97 -43.35 12.42
C GLY M 113 6.90 -44.17 13.26
N GLY M 114 6.36 -45.01 14.14
CA GLY M 114 7.21 -45.83 14.97
C GLY M 114 6.55 -47.01 15.60
N TYR M 115 7.40 -47.91 16.11
CA TYR M 115 6.96 -49.07 16.86
C TYR M 115 7.93 -49.35 18.01
N ALA M 116 7.40 -49.35 19.23
CA ALA M 116 8.20 -49.54 20.43
C ALA M 116 7.33 -50.00 21.60
N ASP M 117 7.83 -51.02 22.32
CA ASP M 117 7.14 -51.62 23.47
C ASP M 117 5.74 -52.10 23.12
N GLY M 118 5.62 -52.83 22.01
CA GLY M 118 4.32 -53.32 21.54
C GLY M 118 3.30 -52.31 21.03
N GLU M 119 3.59 -51.01 21.05
CA GLU M 119 2.61 -49.99 20.67
C GLU M 119 3.01 -49.34 19.33
N SER M 120 2.04 -49.11 18.44
CA SER M 120 2.23 -48.33 17.20
C SER M 120 2.18 -46.82 17.48
N PHE M 121 3.16 -46.07 16.99
CA PHE M 121 3.15 -44.63 17.12
C PHE M 121 3.03 -43.98 15.75
N LEU M 122 2.13 -43.00 15.65
CA LEU M 122 2.00 -42.18 14.46
C LEU M 122 1.66 -40.76 14.86
N GLY M 123 2.50 -39.80 14.47
CA GLY M 123 2.36 -38.44 14.94
C GLY M 123 2.69 -37.44 13.87
N TYR M 124 2.06 -36.26 13.98
CA TYR M 124 2.14 -35.19 12.98
C TYR M 124 2.79 -34.00 13.65
N VAL M 125 3.71 -33.33 12.94
CA VAL M 125 4.22 -32.01 13.34
C VAL M 125 4.23 -31.07 12.14
N ASP M 126 3.74 -29.84 12.30
CA ASP M 126 3.83 -28.85 11.21
C ASP M 126 4.83 -27.73 11.53
N MET M 127 4.99 -26.78 10.60
CA MET M 127 5.97 -25.70 10.75
C MET M 127 5.67 -24.71 11.83
N LEU M 128 4.45 -24.71 12.34
CA LEU M 128 4.13 -23.87 13.48
C LEU M 128 4.25 -24.55 14.85
N GLY M 129 4.62 -25.82 14.88
CA GLY M 129 4.61 -26.59 16.12
C GLY M 129 3.27 -27.19 16.50
N VAL M 130 2.35 -27.28 15.56
CA VAL M 130 1.09 -28.00 15.77
C VAL M 130 1.42 -29.48 15.68
N ALA M 131 1.05 -30.23 16.70
CA ALA M 131 1.42 -31.64 16.80
C ALA M 131 0.37 -32.48 17.53
N TYR M 132 0.20 -33.71 17.08
CA TYR M 132 -0.83 -34.56 17.63
C TYR M 132 -0.50 -35.95 17.15
N GLU M 133 -1.26 -36.91 17.69
CA GLU M 133 -1.20 -38.29 17.21
C GLU M 133 -2.58 -38.76 16.70
N ALA M 134 -2.58 -39.71 15.78
CA ALA M 134 -3.82 -40.23 15.21
C ALA M 134 -3.57 -41.53 14.48
N PRO M 135 -4.62 -42.34 14.28
CA PRO M 135 -4.43 -43.65 13.59
C PRO M 135 -4.02 -43.55 12.13
N SER M 136 -4.35 -42.44 11.47
CA SER M 136 -3.90 -42.17 10.11
C SER M 136 -3.62 -40.71 9.95
N LEU M 137 -2.66 -40.39 9.09
CA LEU M 137 -2.29 -39.02 8.83
C LEU M 137 -2.05 -38.84 7.34
N ALA M 138 -2.25 -37.62 6.88
CA ALA M 138 -1.98 -37.25 5.51
C ALA M 138 -1.73 -35.74 5.42
N THR M 139 -0.55 -35.36 4.95
CA THR M 139 -0.19 -33.96 4.83
C THR M 139 -0.50 -33.43 3.44
N GLY M 140 -0.56 -32.12 3.31
CA GLY M 140 -0.75 -31.48 2.01
C GLY M 140 -2.08 -31.82 1.41
N TYR M 141 -2.08 -32.08 0.10
CA TYR M 141 -3.28 -32.51 -0.59
C TYR M 141 -3.83 -33.82 -0.05
N GLY M 142 -2.99 -34.63 0.58
CA GLY M 142 -3.45 -35.87 1.19
C GLY M 142 -4.48 -35.64 2.27
N ALA M 143 -4.43 -34.49 2.92
CA ALA M 143 -5.43 -34.13 3.90
C ALA M 143 -6.84 -34.09 3.33
N TYR M 144 -6.94 -33.70 2.06
CA TYR M 144 -8.21 -33.56 1.35
C TYR M 144 -8.62 -34.80 0.58
N LEU M 145 -7.64 -35.53 0.05
CA LEU M 145 -7.88 -36.64 -0.88
C LEU M 145 -7.69 -38.00 -0.24
N ALA M 146 -6.60 -38.17 0.51
CA ALA M 146 -6.24 -39.46 1.10
C ALA M 146 -6.91 -39.73 2.45
N GLN M 147 -6.92 -38.72 3.33
CA GLN M 147 -7.47 -38.90 4.70
C GLN M 147 -8.93 -39.32 4.76
N PRO M 148 -9.80 -38.79 3.88
CA PRO M 148 -11.20 -39.27 3.89
C PRO M 148 -11.34 -40.77 3.62
N LEU M 149 -10.54 -41.31 2.72
CA LEU M 149 -10.54 -42.75 2.44
C LEU M 149 -9.99 -43.53 3.64
N LEU M 150 -8.85 -43.06 4.17
CA LEU M 150 -8.24 -43.70 5.34
C LEU M 150 -9.22 -43.82 6.51
N ARG M 151 -9.87 -42.71 6.86
CA ARG M 151 -10.72 -42.65 8.04
C ARG M 151 -12.00 -43.41 7.87
N GLU M 152 -12.46 -43.54 6.63
CA GLU M 152 -13.68 -44.31 6.34
C GLU M 152 -13.43 -45.80 6.59
N VAL M 153 -12.29 -46.30 6.12
CA VAL M 153 -11.86 -47.67 6.41
C VAL M 153 -11.68 -47.89 7.91
N LEU M 154 -10.82 -47.08 8.53
CA LEU M 154 -10.56 -47.12 9.99
C LEU M 154 -11.78 -47.03 10.93
N GLU M 155 -12.91 -46.53 10.44
CA GLU M 155 -14.15 -46.47 11.22
C GLU M 155 -14.88 -47.81 11.15
N LYS M 156 -15.02 -48.34 9.94
CA LYS M 156 -15.54 -49.70 9.73
C LYS M 156 -14.68 -50.81 10.36
N GLN M 157 -13.39 -50.55 10.50
CA GLN M 157 -12.41 -51.53 10.96
C GLN M 157 -11.18 -50.81 11.52
N PRO M 158 -11.16 -50.50 12.84
CA PRO M 158 -10.03 -49.76 13.44
C PRO M 158 -8.66 -50.47 13.35
N VAL M 159 -8.67 -51.79 13.53
CA VAL M 159 -7.45 -52.60 13.51
C VAL M 159 -7.25 -53.26 12.14
N LEU M 160 -6.28 -52.74 11.39
CA LEU M 160 -5.92 -53.24 10.08
C LEU M 160 -4.71 -54.13 10.19
N SER M 161 -4.64 -55.10 9.29
CA SER M 161 -3.46 -55.92 9.12
C SER M 161 -2.44 -55.13 8.30
N GLN M 162 -1.22 -55.67 8.20
CA GLN M 162 -0.16 -55.01 7.47
C GLN M 162 -0.46 -54.92 5.99
N THR M 163 -0.98 -55.97 5.38
CA THR M 163 -1.22 -55.97 3.94
C THR M 163 -2.47 -55.13 3.59
N GLU M 164 -3.47 -55.10 4.49
CA GLU M 164 -4.62 -54.20 4.36
C GLU M 164 -4.20 -52.74 4.39
N ALA M 165 -3.31 -52.39 5.32
CA ALA M 165 -2.77 -51.04 5.40
C ALA M 165 -1.94 -50.67 4.17
N ARG M 166 -1.16 -51.63 3.68
CA ARG M 166 -0.35 -51.45 2.46
C ARG M 166 -1.23 -51.21 1.20
N ASP M 167 -2.29 -52.01 1.00
CA ASP M 167 -3.20 -51.87 -0.13
CA ASP M 167 -3.21 -51.84 -0.12
C ASP M 167 -3.95 -50.50 -0.08
N LEU M 168 -4.36 -50.09 1.12
CA LEU M 168 -5.07 -48.85 1.35
C LEU M 168 -4.19 -47.64 1.03
N VAL M 169 -2.92 -47.72 1.41
CA VAL M 169 -1.94 -46.72 1.07
C VAL M 169 -1.68 -46.65 -0.44
N GLU M 170 -1.61 -47.79 -1.12
CA GLU M 170 -1.43 -47.75 -2.58
C GLU M 170 -2.62 -47.10 -3.29
N ARG M 171 -3.83 -47.45 -2.86
CA ARG M 171 -5.06 -46.81 -3.35
C ARG M 171 -5.05 -45.31 -3.17
N CYS M 172 -4.65 -44.83 -1.99
CA CYS M 172 -4.52 -43.37 -1.73
C CYS M 172 -3.47 -42.71 -2.62
N MET M 173 -2.35 -43.39 -2.83
CA MET M 173 -1.29 -42.83 -3.68
C MET M 173 -1.72 -42.72 -5.14
N ARG M 174 -2.62 -43.61 -5.57
CA ARG M 174 -3.23 -43.54 -6.91
C ARG M 174 -4.06 -42.28 -7.04
N VAL M 175 -4.98 -42.08 -6.09
CA VAL M 175 -5.87 -40.94 -6.07
C VAL M 175 -5.06 -39.64 -6.13
N LEU M 176 -4.00 -39.54 -5.33
CA LEU M 176 -3.12 -38.36 -5.35
C LEU M 176 -2.42 -38.16 -6.70
N TYR M 177 -2.04 -39.24 -7.38
CA TYR M 177 -1.45 -39.11 -8.70
C TYR M 177 -2.47 -38.59 -9.69
N TYR M 178 -3.73 -38.93 -9.47
CA TYR M 178 -4.80 -38.50 -10.33
C TYR M 178 -5.20 -37.02 -10.17
N ARG M 179 -4.99 -36.45 -8.98
CA ARG M 179 -5.62 -35.19 -8.59
C ARG M 179 -4.73 -34.11 -7.98
N ASP M 180 -3.49 -34.43 -7.66
CA ASP M 180 -2.53 -33.45 -7.16
C ASP M 180 -1.56 -33.18 -8.30
N ALA M 181 -1.55 -31.94 -8.79
CA ALA M 181 -0.70 -31.55 -9.90
C ALA M 181 0.80 -31.49 -9.56
N ARG M 182 1.14 -31.53 -8.27
CA ARG M 182 2.53 -31.62 -7.83
C ARG M 182 2.95 -33.03 -7.41
N SER M 183 2.15 -34.06 -7.70
CA SER M 183 2.51 -35.43 -7.35
C SER M 183 3.27 -36.10 -8.48
N TYR M 184 3.76 -37.31 -8.20
CA TYR M 184 4.55 -38.07 -9.17
C TYR M 184 4.36 -39.56 -8.91
N ASN M 185 4.36 -40.39 -9.96
CA ASN M 185 4.05 -41.83 -9.81
C ASN M 185 5.31 -42.67 -9.67
N ARG M 186 6.03 -42.38 -8.60
CA ARG M 186 7.27 -43.01 -8.26
C ARG M 186 7.41 -42.69 -6.78
N PHE M 187 7.15 -43.69 -5.95
CA PHE M 187 7.10 -43.46 -4.50
C PHE M 187 7.80 -44.55 -3.67
N GLN M 188 7.99 -44.23 -2.39
CA GLN M 188 8.52 -45.18 -1.43
C GLN M 188 7.47 -45.52 -0.40
N ILE M 189 7.58 -46.71 0.14
CA ILE M 189 6.80 -47.10 1.28
C ILE M 189 7.79 -47.51 2.35
N ALA M 190 7.56 -47.05 3.58
CA ALA M 190 8.42 -47.36 4.69
C ALA M 190 7.61 -47.97 5.81
N THR M 191 8.10 -49.07 6.37
CA THR M 191 7.36 -49.81 7.36
C THR M 191 8.23 -50.00 8.60
N VAL M 192 7.63 -49.80 9.77
CA VAL M 192 8.28 -50.08 11.03
C VAL M 192 7.49 -51.16 11.75
N THR M 193 8.22 -52.17 12.24
CA THR M 193 7.69 -53.25 13.04
C THR M 193 8.70 -53.58 14.15
N GLU M 194 8.38 -54.59 14.95
CA GLU M 194 9.38 -55.30 15.79
C GLU M 194 10.77 -55.49 15.16
N LYS M 195 10.80 -55.74 13.85
CA LYS M 195 12.04 -56.06 13.12
C LYS M 195 12.81 -54.81 12.64
N GLY M 196 12.30 -53.61 12.91
CA GLY M 196 12.95 -52.38 12.52
C GLY M 196 12.23 -51.64 11.40
N VAL M 197 13.00 -50.89 10.62
CA VAL M 197 12.50 -49.99 9.58
C VAL M 197 12.97 -50.45 8.21
N GLU M 198 12.03 -50.86 7.35
CA GLU M 198 12.31 -51.10 5.91
C GLU M 198 11.76 -49.95 5.05
N ILE M 199 12.57 -49.52 4.09
CA ILE M 199 12.16 -48.56 3.08
C ILE M 199 12.18 -49.28 1.73
N GLU M 200 11.00 -49.41 1.12
CA GLU M 200 10.86 -50.00 -0.22
C GLU M 200 10.66 -48.93 -1.26
N GLY M 201 11.23 -49.17 -2.43
CA GLY M 201 11.02 -48.32 -3.59
C GLY M 201 12.12 -48.53 -4.61
N PRO M 202 12.06 -47.88 -5.76
CA PRO M 202 10.90 -47.08 -6.21
C PRO M 202 9.69 -47.92 -6.60
N LEU M 203 8.50 -47.44 -6.23
CA LEU M 203 7.23 -48.08 -6.53
C LEU M 203 6.38 -47.20 -7.44
N SER M 204 5.49 -47.83 -8.20
CA SER M 204 4.51 -47.17 -9.07
C SER M 204 3.15 -47.76 -8.83
N THR M 205 2.11 -46.96 -9.01
CA THR M 205 0.73 -47.46 -9.08
C THR M 205 0.31 -47.70 -10.52
N GLU M 206 -0.56 -48.69 -10.70
CA GLU M 206 -1.35 -48.84 -11.93
C GLU M 206 -2.33 -47.67 -12.00
N THR M 207 -2.59 -47.19 -13.20
CA THR M 207 -3.59 -46.15 -13.41
C THR M 207 -4.60 -46.58 -14.49
N ASN M 208 -5.83 -46.08 -14.39
CA ASN M 208 -6.90 -46.29 -15.38
C ASN M 208 -7.26 -44.95 -16.04
N TRP M 209 -7.43 -44.96 -17.37
CA TRP M 209 -7.77 -43.78 -18.15
C TRP M 209 -8.94 -44.05 -19.11
N ASP M 210 -9.82 -44.98 -18.74
CA ASP M 210 -11.00 -45.34 -19.52
C ASP M 210 -11.89 -44.12 -19.73
N ILE M 211 -12.00 -43.28 -18.71
CA ILE M 211 -12.83 -42.08 -18.77
C ILE M 211 -12.45 -41.09 -19.89
N ALA M 212 -11.22 -41.17 -20.40
CA ALA M 212 -10.82 -40.42 -21.61
C ALA M 212 -11.71 -40.63 -22.84
N HIS M 213 -12.34 -41.81 -22.95
CA HIS M 213 -13.30 -42.13 -24.03
C HIS M 213 -14.78 -42.02 -23.62
N MET M 214 -15.06 -41.51 -22.41
CA MET M 214 -16.45 -41.31 -21.91
C MET M 214 -16.92 -39.83 -22.01
N ILE M 215 -16.57 -39.13 -23.10
CA ILE M 215 -16.97 -37.73 -23.37
C ILE M 215 -17.69 -37.63 -24.74
N SER M 216 -18.97 -37.26 -24.75
CA SER M 216 -19.67 -36.98 -26.01
C SER M 216 -21.05 -36.31 -25.82
N THR N 1 21.56 -17.22 -17.93
CA THR N 1 22.56 -18.31 -17.68
C THR N 1 21.98 -19.68 -17.88
N THR N 2 22.77 -20.54 -18.53
CA THR N 2 22.55 -21.96 -18.58
C THR N 2 23.84 -22.68 -18.13
N ILE N 3 23.71 -23.65 -17.22
CA ILE N 3 24.86 -24.45 -16.77
C ILE N 3 24.49 -25.91 -16.75
N MET N 4 25.49 -26.75 -16.91
CA MET N 4 25.29 -28.19 -17.06
C MET N 4 26.55 -28.98 -16.72
N ALA N 5 26.34 -30.16 -16.15
CA ALA N 5 27.41 -31.12 -15.85
C ALA N 5 26.94 -32.55 -16.03
N VAL N 6 27.82 -33.40 -16.50
CA VAL N 6 27.48 -34.77 -16.81
C VAL N 6 28.57 -35.67 -16.27
N GLN N 7 28.15 -36.76 -15.64
CA GLN N 7 29.06 -37.82 -15.20
C GLN N 7 29.36 -38.78 -16.32
N PHE N 8 30.61 -39.17 -16.46
CA PHE N 8 30.99 -40.36 -17.22
C PHE N 8 31.90 -41.26 -16.37
N ASP N 9 32.19 -42.46 -16.88
CA ASP N 9 33.06 -43.41 -16.17
C ASP N 9 34.50 -42.90 -16.19
N GLY N 10 34.96 -42.32 -15.08
CA GLY N 10 36.31 -41.74 -14.96
C GLY N 10 36.37 -40.23 -14.79
N GLY N 11 35.26 -39.53 -14.97
CA GLY N 11 35.31 -38.09 -14.88
C GLY N 11 33.98 -37.40 -15.05
N VAL N 12 34.08 -36.09 -15.27
CA VAL N 12 32.93 -35.25 -15.52
C VAL N 12 33.19 -34.26 -16.66
N VAL N 13 32.08 -33.82 -17.25
CA VAL N 13 32.05 -32.72 -18.19
C VAL N 13 31.18 -31.63 -17.58
N LEU N 14 31.65 -30.40 -17.67
CA LEU N 14 30.90 -29.24 -17.23
C LEU N 14 30.80 -28.28 -18.40
N GLY N 15 29.71 -27.52 -18.43
CA GLY N 15 29.49 -26.51 -19.46
C GLY N 15 28.70 -25.33 -18.95
N ALA N 16 28.97 -24.19 -19.54
CA ALA N 16 28.18 -22.99 -19.30
C ALA N 16 28.15 -22.08 -20.51
N ASP N 17 27.13 -21.23 -20.58
CA ASP N 17 27.12 -20.11 -21.54
C ASP N 17 27.98 -19.02 -20.95
N SER N 18 28.12 -17.90 -21.64
CA SER N 18 29.03 -16.86 -21.22
C SER N 18 28.36 -15.50 -21.04
N ARG N 19 27.07 -15.45 -20.72
CA ARG N 19 26.34 -14.19 -20.65
C ARG N 19 26.07 -13.70 -19.24
N THR N 20 26.45 -12.46 -18.94
CA THR N 20 26.08 -11.77 -17.72
C THR N 20 25.19 -10.58 -18.06
N THR N 21 24.00 -10.53 -17.45
CA THR N 21 23.01 -9.47 -17.75
C THR N 21 22.73 -8.59 -16.54
N THR N 22 22.43 -7.31 -16.82
CA THR N 22 21.72 -6.38 -15.91
C THR N 22 20.48 -5.96 -16.66
N GLY N 23 19.31 -6.37 -16.21
CA GLY N 23 18.08 -6.11 -16.99
C GLY N 23 18.28 -6.86 -18.27
N SER N 24 18.20 -6.17 -19.40
CA SER N 24 18.51 -6.81 -20.68
C SER N 24 19.78 -6.24 -21.40
N TYR N 25 20.63 -5.52 -20.67
CA TYR N 25 21.99 -5.20 -21.12
C TYR N 25 22.96 -6.33 -20.76
N ILE N 26 23.89 -6.62 -21.67
CA ILE N 26 24.86 -7.70 -21.48
C ILE N 26 26.17 -7.07 -20.98
N ALA N 27 26.40 -7.21 -19.67
CA ALA N 27 27.59 -6.62 -19.01
C ALA N 27 28.87 -7.39 -19.34
N ASN N 28 28.73 -8.67 -19.62
CA ASN N 28 29.85 -9.47 -20.08
C ASN N 28 29.36 -10.53 -21.04
N ARG N 29 29.88 -10.49 -22.28
CA ARG N 29 29.48 -11.47 -23.31
C ARG N 29 30.36 -12.73 -23.30
N VAL N 30 31.48 -12.68 -22.58
CA VAL N 30 32.41 -13.81 -22.55
C VAL N 30 32.76 -14.25 -21.12
N THR N 31 31.78 -14.17 -20.22
CA THR N 31 31.91 -14.60 -18.83
C THR N 31 32.39 -16.05 -18.70
N ASP N 32 33.18 -16.28 -17.66
CA ASP N 32 33.65 -17.59 -17.33
C ASP N 32 32.97 -18.07 -16.05
N LYS N 33 31.94 -18.89 -16.22
CA LYS N 33 31.07 -19.33 -15.13
C LYS N 33 31.50 -20.67 -14.55
N LEU N 34 32.54 -21.26 -15.11
CA LEU N 34 33.04 -22.49 -14.61
C LEU N 34 34.28 -22.17 -13.79
N THR N 35 34.15 -22.12 -12.46
CA THR N 35 35.30 -21.69 -11.61
C THR N 35 35.96 -22.86 -10.85
N PRO N 36 37.29 -22.93 -10.90
CA PRO N 36 38.03 -23.98 -10.17
C PRO N 36 38.03 -23.75 -8.66
N ILE N 37 37.61 -24.77 -7.91
CA ILE N 37 37.60 -24.76 -6.43
C ILE N 37 38.82 -25.52 -5.88
N HIS N 38 39.24 -26.57 -6.57
CA HIS N 38 40.50 -27.25 -6.31
C HIS N 38 41.07 -27.81 -7.63
N ASP N 39 42.24 -28.44 -7.56
CA ASP N 39 42.87 -29.11 -8.70
C ASP N 39 41.91 -29.86 -9.63
N ARG N 40 40.92 -30.56 -9.06
CA ARG N 40 39.97 -31.33 -9.88
C ARG N 40 38.49 -31.24 -9.43
N ILE N 41 38.11 -30.07 -8.95
CA ILE N 41 36.75 -29.80 -8.49
C ILE N 41 36.38 -28.39 -8.99
N PHE N 42 35.33 -28.33 -9.79
CA PHE N 42 34.82 -27.08 -10.34
C PHE N 42 33.42 -26.87 -9.82
N CYS N 43 33.02 -25.60 -9.79
CA CYS N 43 31.60 -25.26 -9.68
C CYS N 43 31.15 -24.50 -10.95
N CYS N 44 29.92 -24.76 -11.37
CA CYS N 44 29.25 -23.93 -12.38
C CYS N 44 28.34 -22.99 -11.62
N ARG N 45 28.39 -21.71 -11.95
CA ARG N 45 27.65 -20.70 -11.24
C ARG N 45 26.49 -20.09 -12.03
N SER N 46 25.32 -20.06 -11.39
CA SER N 46 24.16 -19.29 -11.86
C SER N 46 23.56 -18.45 -10.72
N GLY N 47 22.76 -17.46 -11.11
CA GLY N 47 22.16 -16.51 -10.18
C GLY N 47 22.98 -15.25 -10.07
N SER N 48 22.98 -14.62 -8.88
CA SER N 48 23.74 -13.40 -8.62
C SER N 48 25.22 -13.61 -8.85
N ALA N 49 25.82 -12.76 -9.68
CA ALA N 49 27.26 -12.81 -9.92
C ALA N 49 28.04 -12.50 -8.65
N ALA N 50 27.62 -11.50 -7.90
CA ALA N 50 28.31 -11.13 -6.69
C ALA N 50 28.24 -12.28 -5.67
N ASP N 51 27.05 -12.85 -5.51
CA ASP N 51 26.85 -13.93 -4.53
C ASP N 51 27.65 -15.17 -4.86
N THR N 52 27.58 -15.62 -6.11
CA THR N 52 28.24 -16.86 -6.46
C THR N 52 29.77 -16.72 -6.48
N GLN N 53 30.28 -15.54 -6.82
CA GLN N 53 31.71 -15.28 -6.76
C GLN N 53 32.23 -15.29 -5.28
N ALA N 54 31.50 -14.63 -4.39
CA ALA N 54 31.87 -14.53 -2.99
C ALA N 54 31.83 -15.89 -2.32
N VAL N 55 30.78 -16.65 -2.64
CA VAL N 55 30.60 -17.97 -2.06
C VAL N 55 31.69 -18.91 -2.56
N ALA N 56 31.94 -18.88 -3.87
CA ALA N 56 32.98 -19.70 -4.47
C ALA N 56 34.39 -19.39 -3.94
N ASP N 57 34.69 -18.11 -3.70
CA ASP N 57 35.97 -17.70 -3.09
C ASP N 57 36.10 -18.22 -1.66
N ALA N 58 35.00 -18.17 -0.92
CA ALA N 58 34.98 -18.66 0.46
C ALA N 58 35.15 -20.15 0.55
N VAL N 59 34.49 -20.91 -0.32
CA VAL N 59 34.62 -22.37 -0.30
C VAL N 59 36.03 -22.79 -0.75
N THR N 60 36.56 -22.09 -1.75
CA THR N 60 37.94 -22.34 -2.23
C THR N 60 38.91 -22.23 -1.05
N TYR N 61 38.79 -21.16 -0.25
CA TYR N 61 39.58 -20.98 0.96
C TYR N 61 39.39 -22.11 1.98
N GLN N 62 38.13 -22.42 2.30
CA GLN N 62 37.81 -23.48 3.25
C GLN N 62 38.39 -24.83 2.85
N LEU N 63 38.18 -25.18 1.58
CA LEU N 63 38.64 -26.45 1.04
C LEU N 63 40.18 -26.58 0.90
N GLY N 64 40.84 -25.47 0.53
CA GLY N 64 42.28 -25.46 0.39
C GLY N 64 42.98 -25.70 1.70
N PHE N 65 42.49 -25.06 2.76
CA PHE N 65 43.00 -25.22 4.11
C PHE N 65 42.74 -26.64 4.60
N HIS N 66 41.52 -27.13 4.38
CA HIS N 66 41.13 -28.52 4.74
C HIS N 66 42.07 -29.55 4.12
N SER N 67 42.31 -29.33 2.83
CA SER N 67 43.14 -30.22 2.05
C SER N 67 44.62 -30.25 2.48
N ILE N 68 45.15 -29.13 2.95
CA ILE N 68 46.52 -29.07 3.45
C ILE N 68 46.60 -29.79 4.80
N GLU N 69 45.61 -29.55 5.66
CA GLU N 69 45.47 -30.23 6.96
C GLU N 69 45.44 -31.75 6.89
N LEU N 70 44.65 -32.29 5.99
CA LEU N 70 44.56 -33.72 5.75
C LEU N 70 45.70 -34.29 4.89
N ASN N 71 46.35 -33.43 4.10
CA ASN N 71 47.42 -33.84 3.19
C ASN N 71 46.94 -34.88 2.19
N GLU N 72 45.76 -34.64 1.63
CA GLU N 72 45.17 -35.53 0.63
C GLU N 72 44.36 -34.65 -0.31
N PRO N 73 44.11 -35.12 -1.54
CA PRO N 73 43.17 -34.33 -2.38
C PRO N 73 41.77 -34.31 -1.76
N PRO N 74 41.02 -33.24 -1.94
CA PRO N 74 39.68 -33.20 -1.35
C PRO N 74 38.64 -34.04 -2.12
N LEU N 75 37.65 -34.53 -1.38
CA LEU N 75 36.53 -35.26 -1.94
C LEU N 75 35.58 -34.29 -2.65
N VAL N 76 34.94 -34.73 -3.73
CA VAL N 76 34.01 -33.85 -4.42
C VAL N 76 32.82 -33.60 -3.51
N HIS N 77 32.39 -34.64 -2.80
CA HIS N 77 31.29 -34.58 -1.82
C HIS N 77 31.56 -33.58 -0.69
N THR N 78 32.82 -33.38 -0.35
CA THR N 78 33.19 -32.37 0.65
C THR N 78 33.07 -30.94 0.11
N ALA N 79 33.50 -30.72 -1.13
CA ALA N 79 33.29 -29.41 -1.80
C ALA N 79 31.80 -29.07 -1.91
N ALA N 80 31.01 -30.04 -2.34
CA ALA N 80 29.57 -29.86 -2.42
C ALA N 80 28.97 -29.54 -1.07
N SER N 81 29.44 -30.22 -0.03
CA SER N 81 28.94 -30.01 1.35
C SER N 81 29.21 -28.60 1.82
N LEU N 82 30.39 -28.06 1.54
CA LEU N 82 30.75 -26.71 1.96
C LEU N 82 29.90 -25.67 1.25
N PHE N 83 29.68 -25.89 -0.04
CA PHE N 83 28.72 -25.06 -0.79
C PHE N 83 27.33 -25.15 -0.18
N LYS N 84 26.85 -26.36 0.05
CA LYS N 84 25.54 -26.58 0.64
C LYS N 84 25.40 -25.83 1.95
N GLU N 85 26.41 -25.91 2.82
CA GLU N 85 26.32 -25.34 4.16
C GLU N 85 26.16 -23.83 4.10
N MET N 86 26.92 -23.21 3.24
CA MET N 86 26.90 -21.77 3.13
CA MET N 86 26.90 -21.77 3.13
C MET N 86 25.63 -21.30 2.39
N CYS N 87 25.28 -21.97 1.31
CA CYS N 87 24.05 -21.66 0.55
C CYS N 87 22.78 -21.92 1.33
N TYR N 88 22.76 -22.93 2.18
CA TYR N 88 21.57 -23.17 3.04
C TYR N 88 21.48 -22.19 4.18
N ARG N 89 22.57 -21.97 4.89
CA ARG N 89 22.60 -21.07 6.06
C ARG N 89 22.23 -19.64 5.68
N TYR N 90 22.75 -19.18 4.54
CA TYR N 90 22.51 -17.84 4.03
C TYR N 90 21.48 -17.81 2.87
N ARG N 91 20.54 -18.75 2.84
CA ARG N 91 19.54 -18.88 1.75
C ARG N 91 18.66 -17.64 1.63
N GLU N 92 18.35 -16.99 2.74
CA GLU N 92 17.56 -15.80 2.69
C GLU N 92 18.36 -14.58 2.22
N ASP N 93 19.68 -14.67 2.07
CA ASP N 93 20.50 -13.52 1.70
C ASP N 93 21.29 -13.75 0.46
N LEU N 94 21.05 -14.85 -0.24
CA LEU N 94 21.84 -15.23 -1.40
C LEU N 94 20.91 -15.63 -2.52
N MET N 95 21.36 -15.42 -3.74
CA MET N 95 20.67 -15.89 -4.93
C MET N 95 21.70 -16.63 -5.78
N ALA N 96 21.74 -17.94 -5.60
CA ALA N 96 22.83 -18.77 -6.13
C ALA N 96 22.30 -20.16 -6.48
N GLY N 97 22.53 -20.58 -7.72
CA GLY N 97 22.18 -21.91 -8.17
C GLY N 97 23.44 -22.52 -8.70
N ILE N 98 23.93 -23.53 -7.99
CA ILE N 98 25.30 -24.05 -8.14
C ILE N 98 25.28 -25.52 -8.59
N ILE N 99 26.21 -25.86 -9.47
CA ILE N 99 26.52 -27.27 -9.76
C ILE N 99 27.98 -27.47 -9.40
N ILE N 100 28.26 -28.47 -8.57
CA ILE N 100 29.63 -28.80 -8.19
C ILE N 100 29.93 -30.10 -8.86
N ALA N 101 31.03 -30.14 -9.57
CA ALA N 101 31.42 -31.37 -10.24
C ALA N 101 32.93 -31.51 -10.26
N GLY N 102 33.39 -32.75 -10.17
CA GLY N 102 34.80 -33.00 -10.29
C GLY N 102 35.13 -34.47 -10.18
N TRP N 103 36.40 -34.74 -9.83
CA TRP N 103 36.91 -36.10 -9.67
C TRP N 103 37.75 -36.18 -8.39
N ASP N 104 37.58 -37.28 -7.66
CA ASP N 104 38.51 -37.66 -6.56
C ASP N 104 38.77 -39.17 -6.61
N PRO N 105 39.89 -39.60 -6.01
CA PRO N 105 40.27 -41.00 -6.10
C PRO N 105 39.31 -41.99 -5.41
N GLN N 106 38.48 -41.50 -4.50
CA GLN N 106 37.59 -42.35 -3.74
C GLN N 106 36.31 -42.70 -4.48
N GLU N 107 35.62 -41.71 -5.03
CA GLU N 107 34.33 -41.91 -5.71
C GLU N 107 34.33 -41.62 -7.23
N GLY N 108 35.46 -41.22 -7.79
CA GLY N 108 35.57 -40.93 -9.21
C GLY N 108 34.84 -39.66 -9.63
N GLY N 109 34.22 -39.71 -10.80
CA GLY N 109 33.53 -38.57 -11.36
C GLY N 109 32.19 -38.35 -10.69
N GLN N 110 31.95 -37.14 -10.20
CA GLN N 110 30.69 -36.81 -9.55
C GLN N 110 30.15 -35.45 -9.90
N VAL N 111 28.82 -35.37 -9.93
CA VAL N 111 28.05 -34.14 -10.15
C VAL N 111 27.07 -33.94 -8.99
N TYR N 112 27.11 -32.77 -8.35
CA TYR N 112 26.16 -32.43 -7.29
C TYR N 112 25.47 -31.14 -7.66
N SER N 113 24.16 -31.09 -7.48
CA SER N 113 23.38 -29.85 -7.60
C SER N 113 23.16 -29.25 -6.23
N VAL N 114 23.46 -27.96 -6.07
CA VAL N 114 23.02 -27.18 -4.92
C VAL N 114 22.18 -26.02 -5.46
N PRO N 115 20.87 -26.24 -5.62
CA PRO N 115 20.02 -25.19 -6.19
C PRO N 115 19.68 -24.17 -5.14
N MET N 116 18.98 -23.12 -5.53
CA MET N 116 18.56 -22.12 -4.58
C MET N 116 17.77 -22.74 -3.44
N GLY N 117 18.01 -22.24 -2.24
CA GLY N 117 17.51 -22.86 -1.04
C GLY N 117 18.56 -23.68 -0.32
N GLY N 118 19.50 -24.25 -1.06
CA GLY N 118 20.63 -24.94 -0.49
C GLY N 118 20.43 -26.41 -0.14
N MET N 119 19.54 -27.10 -0.85
CA MET N 119 19.58 -28.56 -0.80
C MET N 119 20.80 -29.05 -1.58
N MET N 120 21.17 -30.31 -1.39
CA MET N 120 22.22 -30.94 -2.18
C MET N 120 21.78 -32.32 -2.58
N VAL N 121 22.02 -32.65 -3.83
CA VAL N 121 21.62 -33.94 -4.36
C VAL N 121 22.62 -34.30 -5.46
N ARG N 122 23.04 -35.57 -5.44
CA ARG N 122 23.92 -36.09 -6.46
C ARG N 122 23.12 -36.54 -7.67
N GLN N 123 23.65 -36.29 -8.86
CA GLN N 123 22.94 -36.61 -10.10
C GLN N 123 23.86 -37.13 -11.22
N SER N 124 23.32 -38.00 -12.09
CA SER N 124 24.01 -38.45 -13.31
C SER N 124 24.43 -37.28 -14.13
N PHE N 125 23.49 -36.36 -14.32
CA PHE N 125 23.80 -35.08 -14.93
C PHE N 125 22.94 -34.02 -14.28
N ALA N 126 23.38 -32.77 -14.34
CA ALA N 126 22.60 -31.66 -13.80
C ALA N 126 22.56 -30.51 -14.79
N ILE N 127 21.47 -29.75 -14.74
CA ILE N 127 21.32 -28.50 -15.46
C ILE N 127 20.76 -27.44 -14.51
N GLY N 128 21.17 -26.20 -14.72
CA GLY N 128 20.66 -25.07 -13.95
C GLY N 128 20.70 -23.75 -14.69
N GLY N 129 20.23 -22.72 -14.04
CA GLY N 129 20.10 -21.39 -14.64
C GLY N 129 18.79 -21.19 -15.39
N SER N 130 18.47 -19.93 -15.65
CA SER N 130 17.25 -19.53 -16.35
C SER N 130 16.99 -20.38 -17.61
N GLY N 131 18.01 -20.51 -18.46
CA GLY N 131 17.90 -21.25 -19.70
C GLY N 131 17.62 -22.74 -19.61
N SER N 132 17.86 -23.33 -18.44
CA SER N 132 17.67 -24.76 -18.27
C SER N 132 16.22 -25.19 -18.50
N SER N 133 15.25 -24.31 -18.29
CA SER N 133 13.85 -24.64 -18.59
C SER N 133 13.65 -25.15 -20.00
N TYR N 134 14.35 -24.56 -20.96
CA TYR N 134 14.16 -24.86 -22.37
C TYR N 134 14.81 -26.14 -22.84
N ILE N 135 15.58 -26.82 -21.97
CA ILE N 135 16.24 -28.06 -22.33
C ILE N 135 15.90 -29.28 -21.47
N TYR N 136 14.96 -29.18 -20.55
CA TYR N 136 14.56 -30.39 -19.78
C TYR N 136 14.11 -31.49 -20.69
N GLY N 137 13.20 -31.18 -21.61
CA GLY N 137 12.74 -32.14 -22.56
C GLY N 137 13.86 -32.78 -23.35
N TYR N 138 14.72 -31.95 -23.93
CA TYR N 138 15.80 -32.41 -24.79
C TYR N 138 16.73 -33.36 -24.07
N VAL N 139 17.22 -32.94 -22.91
CA VAL N 139 18.13 -33.79 -22.15
C VAL N 139 17.43 -35.06 -21.65
N ASP N 140 16.15 -34.98 -21.31
CA ASP N 140 15.37 -36.20 -20.95
C ASP N 140 15.25 -37.21 -22.07
N ALA N 141 15.23 -36.73 -23.31
CA ALA N 141 15.13 -37.60 -24.48
C ALA N 141 16.49 -38.09 -24.99
N THR N 142 17.55 -37.30 -24.80
CA THR N 142 18.85 -37.60 -25.36
C THR N 142 19.73 -38.39 -24.39
N TYR N 143 19.77 -38.02 -23.10
CA TYR N 143 20.64 -38.69 -22.14
C TYR N 143 20.56 -40.22 -22.30
N ARG N 144 21.73 -40.85 -22.45
CA ARG N 144 21.90 -42.31 -22.42
C ARG N 144 22.83 -42.70 -21.28
N GLU N 145 22.50 -43.79 -20.60
CA GLU N 145 23.39 -44.38 -19.61
C GLU N 145 24.62 -44.92 -20.33
N GLY N 146 25.80 -44.62 -19.80
CA GLY N 146 27.05 -45.17 -20.33
C GLY N 146 27.75 -44.37 -21.42
N MET N 147 27.43 -43.09 -21.51
CA MET N 147 28.05 -42.23 -22.51
C MET N 147 29.54 -42.11 -22.27
N THR N 148 30.32 -42.08 -23.32
CA THR N 148 31.75 -41.80 -23.24
C THR N 148 31.94 -40.32 -22.96
N LYS N 149 33.20 -39.92 -22.78
CA LYS N 149 33.54 -38.52 -22.49
C LYS N 149 33.21 -37.61 -23.66
N GLU N 150 33.53 -38.07 -24.85
CA GLU N 150 33.33 -37.29 -26.06
C GLU N 150 31.82 -37.10 -26.32
N GLU N 151 31.05 -38.17 -26.14
CA GLU N 151 29.61 -38.12 -26.13
C GLU N 151 29.02 -37.13 -25.09
N CYS N 152 29.57 -37.10 -23.88
CA CYS N 152 29.15 -36.14 -22.85
C CYS N 152 29.40 -34.68 -23.22
N LEU N 153 30.55 -34.43 -23.86
CA LEU N 153 30.92 -33.11 -24.39
C LEU N 153 29.97 -32.64 -25.51
N GLN N 154 29.65 -33.55 -26.43
CA GLN N 154 28.74 -33.29 -27.53
C GLN N 154 27.33 -33.00 -26.99
N PHE N 155 26.85 -33.88 -26.10
CA PHE N 155 25.57 -33.74 -25.41
C PHE N 155 25.45 -32.39 -24.70
N THR N 156 26.50 -32.05 -23.93
CA THR N 156 26.56 -30.78 -23.23
C THR N 156 26.51 -29.57 -24.18
N ALA N 157 27.28 -29.60 -25.27
CA ALA N 157 27.37 -28.44 -26.17
C ALA N 157 26.07 -28.21 -26.93
N ASN N 158 25.45 -29.32 -27.35
CA ASN N 158 24.12 -29.34 -27.93
C ASN N 158 23.07 -28.72 -27.04
N ALA N 159 22.99 -29.20 -25.81
CA ALA N 159 21.99 -28.74 -24.85
C ALA N 159 22.14 -27.25 -24.59
N LEU N 160 23.37 -26.81 -24.39
CA LEU N 160 23.63 -25.40 -24.12
C LEU N 160 23.37 -24.54 -25.33
N ALA N 161 23.64 -25.08 -26.51
CA ALA N 161 23.41 -24.35 -27.75
C ALA N 161 21.92 -24.07 -27.99
N LEU N 162 21.11 -25.09 -27.68
CA LEU N 162 19.67 -25.01 -27.74
C LEU N 162 19.11 -24.01 -26.74
N ALA N 163 19.53 -24.09 -25.49
CA ALA N 163 19.10 -23.15 -24.46
C ALA N 163 19.47 -21.73 -24.86
N MET N 164 20.70 -21.55 -25.30
CA MET N 164 21.19 -20.23 -25.69
C MET N 164 20.40 -19.61 -26.83
N GLU N 165 19.93 -20.43 -27.74
CA GLU N 165 19.12 -20.01 -28.86
C GLU N 165 17.80 -19.34 -28.38
N ARG N 166 17.15 -19.98 -27.41
CA ARG N 166 15.84 -19.56 -26.90
C ARG N 166 15.82 -18.60 -25.71
N ASP N 167 16.75 -18.77 -24.78
CA ASP N 167 16.81 -17.93 -23.59
C ASP N 167 17.52 -16.64 -23.95
N GLY N 168 16.83 -15.53 -23.82
CA GLY N 168 17.45 -14.21 -23.93
C GLY N 168 18.55 -14.00 -22.90
N SER N 169 18.36 -14.61 -21.75
CA SER N 169 19.28 -14.46 -20.63
C SER N 169 20.52 -15.36 -20.71
N SER N 170 20.57 -16.25 -21.69
CA SER N 170 21.77 -17.03 -21.97
C SER N 170 22.34 -16.62 -23.34
N GLY N 171 23.60 -16.93 -23.61
CA GLY N 171 24.19 -16.62 -24.89
C GLY N 171 25.68 -16.49 -24.86
N GLY N 172 26.25 -16.14 -26.01
CA GLY N 172 27.67 -15.88 -26.16
C GLY N 172 28.43 -17.10 -26.65
N VAL N 173 29.45 -17.50 -25.91
CA VAL N 173 30.25 -18.68 -26.23
C VAL N 173 29.88 -19.82 -25.29
N ILE N 174 30.08 -21.05 -25.73
CA ILE N 174 30.00 -22.18 -24.84
C ILE N 174 31.39 -22.48 -24.30
N ARG N 175 31.51 -22.47 -22.97
CA ARG N 175 32.73 -22.95 -22.25
C ARG N 175 32.51 -24.35 -21.71
N LEU N 176 33.41 -25.26 -22.07
CA LEU N 176 33.41 -26.62 -21.57
C LEU N 176 34.67 -26.91 -20.81
N ALA N 177 34.56 -27.88 -19.90
CA ALA N 177 35.70 -28.44 -19.18
C ALA N 177 35.46 -29.93 -18.93
N ALA N 178 36.49 -30.76 -19.09
CA ALA N 178 36.44 -32.17 -18.73
C ALA N 178 37.43 -32.42 -17.61
N ILE N 179 36.99 -33.12 -16.56
CA ILE N 179 37.82 -33.36 -15.39
C ILE N 179 37.91 -34.85 -15.18
N ALA N 180 39.14 -35.36 -15.11
CA ALA N 180 39.39 -36.78 -14.83
C ALA N 180 40.66 -36.94 -13.99
N GLU N 181 41.03 -38.16 -13.66
CA GLU N 181 42.27 -38.39 -12.90
C GLU N 181 43.45 -37.63 -13.51
N SER N 182 43.55 -37.65 -14.82
CA SER N 182 44.70 -37.06 -15.52
C SER N 182 44.74 -35.52 -15.50
N GLY N 183 43.64 -34.85 -15.15
CA GLY N 183 43.62 -33.40 -15.05
C GLY N 183 42.38 -32.75 -15.67
N VAL N 184 42.52 -31.47 -16.02
CA VAL N 184 41.43 -30.63 -16.47
C VAL N 184 41.72 -30.17 -17.90
N GLU N 185 40.77 -30.38 -18.79
CA GLU N 185 40.86 -29.94 -20.18
C GLU N 185 39.74 -28.95 -20.45
N ARG N 186 40.11 -27.69 -20.71
CA ARG N 186 39.15 -26.63 -20.97
C ARG N 186 39.12 -26.26 -22.44
N GLN N 187 37.96 -25.80 -22.91
CA GLN N 187 37.82 -25.27 -24.28
C GLN N 187 36.62 -24.37 -24.47
N VAL N 188 36.67 -23.60 -25.55
CA VAL N 188 35.62 -22.67 -25.94
C VAL N 188 35.07 -23.07 -27.31
N LEU N 189 33.75 -23.24 -27.40
CA LEU N 189 33.06 -23.33 -28.68
C LEU N 189 32.47 -21.96 -28.97
N LEU N 190 32.94 -21.33 -30.04
CA LEU N 190 32.48 -20.00 -30.44
C LEU N 190 32.12 -19.90 -31.91
N GLY N 191 31.19 -19.02 -32.21
CA GLY N 191 30.75 -18.78 -33.58
C GLY N 191 30.21 -20.03 -34.26
N ASP N 192 30.83 -20.39 -35.38
CA ASP N 192 30.43 -21.57 -36.18
C ASP N 192 30.70 -22.92 -35.50
N GLN N 193 31.50 -22.92 -34.43
CA GLN N 193 31.79 -24.13 -33.67
C GLN N 193 30.63 -24.53 -32.77
N ILE N 194 29.73 -23.59 -32.45
CA ILE N 194 28.53 -23.85 -31.66
C ILE N 194 27.54 -24.65 -32.52
N PRO N 195 27.04 -25.82 -32.02
CA PRO N 195 26.07 -26.61 -32.79
C PRO N 195 24.86 -25.79 -33.27
N LYS N 196 24.49 -26.02 -34.52
CA LYS N 196 23.50 -25.21 -35.24
C LYS N 196 22.26 -26.05 -35.49
N PHE N 197 21.09 -25.45 -35.28
CA PHE N 197 19.82 -26.10 -35.63
C PHE N 197 18.98 -25.05 -36.39
N ALA N 198 18.59 -25.37 -37.62
CA ALA N 198 17.79 -24.44 -38.45
C ALA N 198 16.58 -23.81 -37.72
N VAL N 199 16.39 -22.49 -37.89
CA VAL N 199 15.07 -21.84 -37.67
C VAL N 199 14.12 -22.50 -38.67
N ALA N 200 12.91 -22.85 -38.21
CA ALA N 200 11.97 -23.62 -39.02
C ALA N 200 11.12 -22.71 -39.93
N THR N 201 11.78 -22.07 -40.91
CA THR N 201 11.12 -21.26 -41.97
C THR N 201 10.08 -22.06 -42.77
N LEU N 202 9.09 -21.36 -43.34
CA LEU N 202 8.09 -21.98 -44.21
C LEU N 202 8.69 -22.27 -45.58
N ARG O 4 -37.51 4.40 -36.39
CA ARG O 4 -38.32 4.54 -35.14
C ARG O 4 -39.74 3.90 -35.22
N GLY O 5 -40.46 4.17 -36.31
CA GLY O 5 -41.88 3.82 -36.42
C GLY O 5 -42.72 5.09 -36.41
N TYR O 6 -44.00 4.93 -36.74
CA TYR O 6 -44.97 6.02 -36.61
C TYR O 6 -45.35 6.18 -35.12
N SER O 7 -45.30 7.41 -34.60
CA SER O 7 -45.56 7.67 -33.17
C SER O 7 -47.00 8.05 -32.81
N PHE O 8 -47.83 8.25 -33.82
CA PHE O 8 -49.22 8.69 -33.62
C PHE O 8 -50.16 7.49 -33.53
N SER O 9 -51.28 7.62 -32.82
CA SER O 9 -52.25 6.51 -32.74
C SER O 9 -52.89 6.27 -34.11
N LEU O 10 -53.15 4.98 -34.39
CA LEU O 10 -53.95 4.55 -35.56
C LEU O 10 -55.39 4.14 -35.22
N THR O 11 -55.69 3.95 -33.93
CA THR O 11 -57.10 3.97 -33.50
C THR O 11 -57.36 5.30 -32.79
N THR O 12 -58.46 5.95 -33.16
CA THR O 12 -58.86 7.22 -32.59
C THR O 12 -60.36 7.17 -32.44
N PHE O 13 -60.90 8.18 -31.75
CA PHE O 13 -62.34 8.32 -31.59
C PHE O 13 -62.98 8.96 -32.82
N SER O 14 -64.09 8.38 -33.27
CA SER O 14 -64.91 8.98 -34.32
C SER O 14 -65.88 9.96 -33.65
N PRO O 15 -66.53 10.83 -34.43
CA PRO O 15 -67.44 11.85 -33.85
C PRO O 15 -68.51 11.32 -32.87
N SER O 16 -69.00 10.10 -33.14
CA SER O 16 -70.01 9.43 -32.32
C SER O 16 -69.44 8.66 -31.12
N GLY O 17 -68.15 8.76 -30.87
CA GLY O 17 -67.51 8.19 -29.69
C GLY O 17 -67.05 6.75 -29.79
N LYS O 18 -67.08 6.19 -31.00
CA LYS O 18 -66.61 4.83 -31.22
C LYS O 18 -65.14 4.85 -31.62
N LEU O 19 -64.43 3.80 -31.24
CA LEU O 19 -63.07 3.53 -31.69
C LEU O 19 -63.17 2.47 -32.78
N VAL O 20 -63.35 2.91 -34.03
CA VAL O 20 -63.76 2.00 -35.11
C VAL O 20 -62.72 0.95 -35.43
N GLN O 21 -61.43 1.27 -35.33
CA GLN O 21 -60.41 0.23 -35.50
C GLN O 21 -60.59 -0.97 -34.56
N ILE O 22 -61.13 -0.76 -33.36
CA ILE O 22 -61.43 -1.89 -32.45
C ILE O 22 -62.68 -2.67 -32.90
N GLU O 23 -63.73 -1.92 -33.26
CA GLU O 23 -64.92 -2.51 -33.89
C GLU O 23 -64.56 -3.37 -35.10
N TYR O 24 -63.66 -2.87 -35.92
CA TYR O 24 -63.22 -3.60 -37.09
C TYR O 24 -62.33 -4.82 -36.73
N ALA O 25 -61.55 -4.70 -35.65
CA ALA O 25 -60.85 -5.88 -35.10
C ALA O 25 -61.85 -6.92 -34.59
N LEU O 26 -62.89 -6.48 -33.89
CA LEU O 26 -64.00 -7.38 -33.52
C LEU O 26 -64.63 -8.12 -34.71
N ALA O 27 -64.74 -7.46 -35.86
CA ALA O 27 -65.27 -8.10 -37.07
C ALA O 27 -64.36 -9.21 -37.56
N ALA O 28 -63.05 -9.00 -37.52
CA ALA O 28 -62.10 -10.09 -37.81
C ALA O 28 -62.30 -11.30 -36.88
N VAL O 29 -62.55 -11.03 -35.59
CA VAL O 29 -62.82 -12.10 -34.61
C VAL O 29 -64.08 -12.84 -35.01
N ALA O 30 -65.17 -12.10 -35.19
CA ALA O 30 -66.48 -12.66 -35.62
C ALA O 30 -66.45 -13.49 -36.91
N GLY O 31 -65.52 -13.17 -37.81
CA GLY O 31 -65.34 -13.96 -39.03
C GLY O 31 -64.40 -15.14 -38.86
N GLY O 32 -63.79 -15.30 -37.69
CA GLY O 32 -62.87 -16.39 -37.43
C GLY O 32 -63.60 -17.69 -37.13
N ALA O 33 -62.84 -18.79 -37.06
CA ALA O 33 -63.42 -20.10 -36.76
C ALA O 33 -64.01 -20.17 -35.33
N PRO O 34 -65.09 -20.96 -35.15
CA PRO O 34 -65.75 -20.98 -33.83
C PRO O 34 -64.89 -21.53 -32.69
N SER O 35 -64.98 -20.89 -31.53
CA SER O 35 -64.40 -21.40 -30.27
C SER O 35 -65.45 -21.43 -29.17
N VAL O 36 -65.29 -22.40 -28.27
CA VAL O 36 -66.22 -22.62 -27.14
C VAL O 36 -65.41 -22.78 -25.85
N GLY O 37 -65.97 -22.27 -24.76
CA GLY O 37 -65.44 -22.50 -23.42
C GLY O 37 -66.58 -22.77 -22.45
N ILE O 38 -66.49 -23.88 -21.71
CA ILE O 38 -67.47 -24.21 -20.67
C ILE O 38 -66.73 -24.47 -19.36
N LYS O 39 -67.19 -23.80 -18.31
CA LYS O 39 -66.67 -24.01 -16.95
C LYS O 39 -67.56 -25.00 -16.19
N ALA O 40 -67.10 -26.24 -16.07
CA ALA O 40 -67.76 -27.21 -15.20
C ALA O 40 -67.46 -26.88 -13.73
N ALA O 41 -68.16 -27.57 -12.82
CA ALA O 41 -67.89 -27.47 -11.39
C ALA O 41 -66.43 -27.82 -11.06
N ASN O 42 -65.97 -28.95 -11.60
CA ASN O 42 -64.62 -29.51 -11.33
C ASN O 42 -63.56 -29.29 -12.45
N GLY O 43 -63.84 -28.45 -13.43
CA GLY O 43 -62.89 -28.21 -14.51
C GLY O 43 -63.38 -27.24 -15.57
N VAL O 44 -62.57 -27.06 -16.60
CA VAL O 44 -62.92 -26.21 -17.73
C VAL O 44 -62.55 -26.93 -19.01
N VAL O 45 -63.35 -26.71 -20.05
CA VAL O 45 -63.07 -27.24 -21.40
C VAL O 45 -63.03 -26.09 -22.40
N LEU O 46 -62.05 -26.15 -23.29
CA LEU O 46 -61.94 -25.25 -24.42
C LEU O 46 -62.00 -26.11 -25.65
N ALA O 47 -62.78 -25.68 -26.64
CA ALA O 47 -62.91 -26.40 -27.89
C ALA O 47 -62.96 -25.42 -29.05
N THR O 48 -62.47 -25.86 -30.19
CA THR O 48 -62.37 -25.01 -31.36
C THR O 48 -62.41 -25.83 -32.63
N GLU O 49 -62.98 -25.24 -33.66
CA GLU O 49 -63.01 -25.81 -35.00
C GLU O 49 -61.69 -25.50 -35.68
N LYS O 50 -61.10 -26.48 -36.35
CA LYS O 50 -60.01 -26.23 -37.30
C LYS O 50 -60.59 -25.92 -38.68
N LYS O 51 -60.33 -24.71 -39.20
CA LYS O 51 -60.62 -24.37 -40.61
C LYS O 51 -59.63 -25.12 -41.56
N GLN O 52 -59.55 -26.45 -41.37
CA GLN O 52 -58.56 -27.31 -42.01
C GLN O 52 -59.22 -27.79 -43.28
N LYS O 53 -58.97 -27.04 -44.36
CA LYS O 53 -59.39 -27.44 -45.69
C LYS O 53 -58.56 -28.67 -46.09
N SER O 54 -57.81 -28.58 -47.19
CA SER O 54 -56.91 -29.62 -47.71
C SER O 54 -56.54 -30.80 -46.80
N ILE O 55 -56.65 -32.02 -47.36
CA ILE O 55 -56.00 -33.20 -46.78
C ILE O 55 -54.46 -33.04 -46.67
N LEU O 56 -53.90 -32.09 -47.43
CA LEU O 56 -52.45 -31.81 -47.42
C LEU O 56 -51.91 -31.23 -46.10
N TYR O 57 -52.76 -30.59 -45.30
CA TYR O 57 -52.34 -30.06 -44.01
C TYR O 57 -51.91 -31.17 -43.06
N ASP O 58 -50.78 -31.00 -42.37
CA ASP O 58 -50.47 -31.81 -41.20
C ASP O 58 -51.17 -31.16 -40.01
N GLU O 59 -52.26 -31.79 -39.57
CA GLU O 59 -53.17 -31.27 -38.51
C GLU O 59 -52.49 -31.10 -37.15
N ARG O 60 -51.57 -32.01 -36.82
CA ARG O 60 -50.81 -31.94 -35.56
C ARG O 60 -49.62 -30.94 -35.56
N SER O 61 -49.35 -30.29 -36.70
CA SER O 61 -48.16 -29.43 -36.85
C SER O 61 -48.26 -28.05 -36.21
N VAL O 62 -49.48 -27.49 -36.12
CA VAL O 62 -49.72 -26.27 -35.34
C VAL O 62 -51.01 -26.48 -34.56
N HIS O 63 -51.09 -25.93 -33.36
CA HIS O 63 -52.24 -26.11 -32.48
C HIS O 63 -52.86 -24.78 -32.17
N LYS O 64 -54.18 -24.77 -32.04
CA LYS O 64 -54.92 -23.58 -31.63
C LYS O 64 -55.12 -23.56 -30.12
N VAL O 65 -55.22 -24.74 -29.53
CA VAL O 65 -55.34 -24.87 -28.09
C VAL O 65 -53.92 -24.98 -27.52
N GLU O 66 -53.46 -23.96 -26.80
CA GLU O 66 -52.08 -23.93 -26.31
C GLU O 66 -51.98 -23.79 -24.79
N PRO O 67 -50.99 -24.48 -24.18
CA PRO O 67 -50.68 -24.25 -22.77
C PRO O 67 -49.88 -22.95 -22.58
N ILE O 68 -50.20 -22.22 -21.52
CA ILE O 68 -49.41 -21.08 -21.08
C ILE O 68 -48.49 -21.51 -19.92
N THR O 69 -49.07 -22.16 -18.91
CA THR O 69 -48.34 -22.76 -17.79
C THR O 69 -48.84 -24.19 -17.61
N LYS O 70 -48.36 -24.88 -16.59
CA LYS O 70 -48.90 -26.20 -16.23
C LYS O 70 -50.40 -26.18 -15.94
N HIS O 71 -50.93 -25.04 -15.52
CA HIS O 71 -52.29 -24.91 -15.01
C HIS O 71 -53.24 -23.96 -15.83
N ILE O 72 -52.69 -23.23 -16.82
CA ILE O 72 -53.43 -22.27 -17.63
C ILE O 72 -53.34 -22.62 -19.13
N GLY O 73 -54.45 -22.43 -19.85
CA GLY O 73 -54.53 -22.74 -21.28
C GLY O 73 -55.33 -21.74 -22.08
N LEU O 74 -55.03 -21.70 -23.39
CA LEU O 74 -55.57 -20.72 -24.32
C LEU O 74 -56.21 -21.36 -25.54
N VAL O 75 -57.25 -20.69 -26.04
CA VAL O 75 -57.71 -20.84 -27.41
C VAL O 75 -58.15 -19.44 -27.91
N TYR O 76 -58.51 -19.32 -29.18
CA TYR O 76 -58.87 -18.03 -29.74
C TYR O 76 -59.85 -18.14 -30.90
N SER O 77 -60.39 -16.99 -31.29
CA SER O 77 -61.03 -16.81 -32.60
C SER O 77 -60.49 -15.52 -33.19
N GLY O 78 -60.20 -15.55 -34.49
CA GLY O 78 -59.72 -14.40 -35.22
C GLY O 78 -58.46 -14.75 -35.99
N MET O 79 -57.50 -13.83 -36.02
CA MET O 79 -56.29 -14.03 -36.82
C MET O 79 -55.26 -14.83 -36.03
N GLY O 80 -54.83 -15.95 -36.60
CA GLY O 80 -53.90 -16.86 -35.97
C GLY O 80 -52.55 -16.25 -35.65
N PRO O 81 -51.92 -15.55 -36.59
CA PRO O 81 -50.60 -15.00 -36.29
C PRO O 81 -50.60 -13.97 -35.17
N ASP O 82 -51.64 -13.14 -35.09
CA ASP O 82 -51.84 -12.27 -33.93
C ASP O 82 -51.88 -13.09 -32.65
N TYR O 83 -52.58 -14.23 -32.67
CA TYR O 83 -52.72 -15.10 -31.50
C TYR O 83 -51.39 -15.62 -31.00
N ARG O 84 -50.50 -15.96 -31.94
CA ARG O 84 -49.18 -16.45 -31.58
C ARG O 84 -48.37 -15.42 -30.80
N VAL O 85 -48.51 -14.14 -31.15
CA VAL O 85 -47.85 -13.06 -30.43
C VAL O 85 -48.34 -13.08 -28.97
N LEU O 86 -49.64 -13.16 -28.78
CA LEU O 86 -50.21 -13.12 -27.43
C LEU O 86 -49.92 -14.39 -26.61
N VAL O 87 -49.82 -15.56 -27.25
CA VAL O 87 -49.43 -16.80 -26.57
C VAL O 87 -48.03 -16.67 -25.99
N HIS O 88 -47.11 -16.15 -26.81
CA HIS O 88 -45.73 -15.89 -26.43
C HIS O 88 -45.65 -14.89 -25.27
N ARG O 89 -46.40 -13.80 -25.33
CA ARG O 89 -46.38 -12.79 -24.26
C ARG O 89 -46.96 -13.38 -22.98
N ALA O 90 -48.07 -14.11 -23.10
CA ALA O 90 -48.72 -14.75 -21.96
C ALA O 90 -47.76 -15.66 -21.21
N ARG O 91 -47.05 -16.47 -21.97
CA ARG O 91 -46.08 -17.39 -21.45
C ARG O 91 -44.95 -16.65 -20.74
N LYS O 92 -44.45 -15.62 -21.39
CA LYS O 92 -43.37 -14.78 -20.89
C LYS O 92 -43.82 -14.09 -19.60
N LEU O 93 -45.05 -13.55 -19.60
CA LEU O 93 -45.64 -12.95 -18.41
C LEU O 93 -45.84 -13.92 -17.25
N ALA O 94 -46.22 -15.14 -17.57
CA ALA O 94 -46.40 -16.15 -16.55
C ALA O 94 -45.07 -16.47 -15.84
N GLN O 95 -43.98 -16.52 -16.59
CA GLN O 95 -42.66 -16.77 -16.01
C GLN O 95 -42.10 -15.59 -15.19
N GLN O 96 -42.32 -14.37 -15.66
CA GLN O 96 -41.90 -13.18 -14.89
C GLN O 96 -42.53 -13.20 -13.50
N TYR O 97 -43.81 -13.52 -13.47
CA TYR O 97 -44.55 -13.65 -12.22
C TYR O 97 -43.95 -14.74 -11.37
N TYR O 98 -43.69 -15.89 -11.97
CA TYR O 98 -43.20 -17.05 -11.22
C TYR O 98 -41.84 -16.75 -10.56
N LEU O 99 -40.98 -16.02 -11.28
CA LEU O 99 -39.64 -15.69 -10.79
C LEU O 99 -39.68 -14.81 -9.56
N VAL O 100 -40.60 -13.87 -9.52
CA VAL O 100 -40.76 -13.00 -8.37
C VAL O 100 -41.44 -13.73 -7.21
N TYR O 101 -42.59 -14.33 -7.48
CA TYR O 101 -43.47 -14.83 -6.40
C TYR O 101 -43.33 -16.29 -6.04
N GLN O 102 -42.71 -17.09 -6.92
CA GLN O 102 -42.48 -18.53 -6.65
C GLN O 102 -43.78 -19.30 -6.38
N GLU O 103 -44.80 -18.91 -7.14
CA GLU O 103 -46.17 -19.43 -7.05
C GLU O 103 -46.66 -19.31 -8.48
N PRO O 104 -47.38 -20.32 -9.01
CA PRO O 104 -47.85 -20.10 -10.38
C PRO O 104 -48.85 -18.93 -10.44
N ILE O 105 -48.77 -18.16 -11.52
CA ILE O 105 -49.63 -16.99 -11.70
C ILE O 105 -51.11 -17.40 -11.63
N PRO O 106 -51.91 -16.68 -10.81
CA PRO O 106 -53.35 -16.94 -10.82
C PRO O 106 -53.94 -16.58 -12.18
N THR O 107 -54.93 -17.34 -12.63
CA THR O 107 -55.53 -17.15 -13.94
C THR O 107 -55.95 -15.70 -14.16
N ALA O 108 -56.64 -15.11 -13.18
CA ALA O 108 -57.11 -13.73 -13.31
C ALA O 108 -55.96 -12.73 -13.49
N GLN O 109 -54.84 -12.98 -12.83
CA GLN O 109 -53.66 -12.12 -12.96
C GLN O 109 -53.02 -12.22 -14.34
N LEU O 110 -52.97 -13.44 -14.89
CA LEU O 110 -52.45 -13.60 -16.24
C LEU O 110 -53.33 -12.90 -17.24
N VAL O 111 -54.64 -13.08 -17.10
CA VAL O 111 -55.63 -12.46 -17.99
C VAL O 111 -55.52 -10.95 -17.95
N GLN O 112 -55.40 -10.38 -16.75
CA GLN O 112 -55.19 -8.94 -16.59
C GLN O 112 -53.95 -8.41 -17.31
N ARG O 113 -52.84 -9.10 -17.17
CA ARG O 113 -51.61 -8.67 -17.80
C ARG O 113 -51.67 -8.80 -19.34
N VAL O 114 -52.32 -9.86 -19.85
CA VAL O 114 -52.48 -10.06 -21.30
C VAL O 114 -53.43 -9.02 -21.89
N ALA O 115 -54.54 -8.78 -21.20
CA ALA O 115 -55.49 -7.77 -21.60
C ALA O 115 -54.83 -6.38 -21.67
N SER O 116 -53.90 -6.12 -20.77
CA SER O 116 -53.23 -4.84 -20.69
C SER O 116 -52.32 -4.58 -21.91
N VAL O 117 -51.72 -5.65 -22.43
CA VAL O 117 -50.95 -5.62 -23.68
C VAL O 117 -51.87 -5.34 -24.88
N MET O 118 -53.04 -5.98 -24.89
CA MET O 118 -54.01 -5.76 -25.95
C MET O 118 -54.47 -4.29 -25.93
N GLN O 119 -54.67 -3.73 -24.74
CA GLN O 119 -55.00 -2.30 -24.64
C GLN O 119 -53.93 -1.41 -25.27
N GLU O 120 -52.65 -1.77 -25.11
CA GLU O 120 -51.54 -1.00 -25.66
C GLU O 120 -51.66 -0.79 -27.14
N TYR O 121 -52.08 -1.85 -27.82
CA TYR O 121 -52.19 -1.86 -29.28
C TYR O 121 -53.45 -1.13 -29.82
N THR O 122 -54.28 -0.57 -28.93
CA THR O 122 -55.37 0.33 -29.31
C THR O 122 -54.99 1.81 -29.15
N GLN O 123 -53.77 2.08 -28.69
CA GLN O 123 -53.37 3.46 -28.30
C GLN O 123 -51.92 3.83 -28.66
N SER O 124 -51.01 2.86 -28.60
CA SER O 124 -49.62 3.09 -28.88
C SER O 124 -49.42 3.47 -30.35
N GLY O 125 -48.29 4.12 -30.65
CA GLY O 125 -48.06 4.64 -31.97
C GLY O 125 -47.87 3.58 -33.05
N GLY O 126 -48.47 3.83 -34.21
CA GLY O 126 -48.13 3.12 -35.43
C GLY O 126 -48.46 1.65 -35.51
N VAL O 127 -49.41 1.20 -34.68
CA VAL O 127 -49.88 -0.17 -34.71
C VAL O 127 -51.40 -0.23 -34.77
N ARG O 128 -51.91 -1.38 -35.20
CA ARG O 128 -53.34 -1.72 -35.17
C ARG O 128 -53.62 -2.64 -33.99
N PRO O 129 -54.88 -2.71 -33.54
CA PRO O 129 -55.22 -3.70 -32.52
C PRO O 129 -55.02 -5.15 -32.96
N PHE O 130 -54.96 -6.05 -32.01
CA PHE O 130 -54.99 -7.46 -32.31
C PHE O 130 -56.38 -7.79 -32.82
N GLY O 131 -56.46 -8.61 -33.87
CA GLY O 131 -57.72 -9.14 -34.36
C GLY O 131 -57.99 -10.54 -33.81
N VAL O 132 -57.94 -10.66 -32.49
CA VAL O 132 -58.24 -11.92 -31.82
C VAL O 132 -59.03 -11.62 -30.56
N SER O 133 -59.89 -12.56 -30.18
CA SER O 133 -60.34 -12.68 -28.81
C SER O 133 -59.77 -14.00 -28.28
N LEU O 134 -59.39 -14.00 -27.01
CA LEU O 134 -58.82 -15.16 -26.34
C LEU O 134 -59.85 -15.72 -25.41
N LEU O 135 -59.90 -17.05 -25.29
CA LEU O 135 -60.51 -17.70 -24.15
C LEU O 135 -59.37 -18.33 -23.33
N ILE O 136 -59.35 -18.01 -22.04
CA ILE O 136 -58.28 -18.39 -21.13
C ILE O 136 -58.88 -19.21 -20.00
N CYS O 137 -58.41 -20.45 -19.86
CA CYS O 137 -58.85 -21.33 -18.76
C CYS O 137 -57.70 -21.59 -17.79
N GLY O 138 -58.06 -21.80 -16.53
CA GLY O 138 -57.07 -22.11 -15.50
C GLY O 138 -57.70 -22.60 -14.21
N TRP O 139 -56.87 -23.23 -13.39
CA TRP O 139 -57.29 -23.77 -12.10
C TRP O 139 -56.34 -23.27 -11.04
N ASN O 140 -56.85 -22.51 -10.08
CA ASN O 140 -56.10 -22.14 -8.88
C ASN O 140 -57.02 -21.71 -7.73
N GLU O 141 -56.49 -21.71 -6.49
CA GLU O 141 -57.30 -21.63 -5.26
C GLU O 141 -58.40 -22.72 -5.24
N GLY O 142 -58.06 -23.91 -5.73
CA GLY O 142 -58.96 -25.07 -5.77
C GLY O 142 -60.27 -24.85 -6.51
N ARG O 143 -60.21 -24.14 -7.64
CA ARG O 143 -61.41 -23.58 -8.28
C ARG O 143 -61.13 -23.27 -9.76
N PRO O 144 -62.06 -23.60 -10.68
CA PRO O 144 -61.83 -23.35 -12.10
C PRO O 144 -62.14 -21.91 -12.50
N TYR O 145 -61.51 -21.44 -13.57
CA TYR O 145 -61.73 -20.10 -14.11
C TYR O 145 -61.79 -20.15 -15.63
N LEU O 146 -62.77 -19.44 -16.24
CA LEU O 146 -62.80 -19.22 -17.68
C LEU O 146 -62.94 -17.73 -17.96
N PHE O 147 -62.05 -17.19 -18.79
CA PHE O 147 -61.99 -15.78 -19.08
C PHE O 147 -61.93 -15.56 -20.57
N GLN O 148 -62.47 -14.44 -21.00
CA GLN O 148 -62.35 -13.96 -22.37
C GLN O 148 -61.65 -12.59 -22.33
N SER O 149 -60.75 -12.34 -23.29
CA SER O 149 -60.16 -11.01 -23.47
C SER O 149 -60.33 -10.58 -24.92
N ASP O 150 -60.86 -9.38 -25.11
CA ASP O 150 -61.20 -8.87 -26.44
C ASP O 150 -60.16 -7.88 -26.99
N PRO O 151 -60.23 -7.55 -28.30
CA PRO O 151 -59.25 -6.61 -28.89
C PRO O 151 -59.08 -5.24 -28.22
N SER O 152 -60.10 -4.73 -27.53
CA SER O 152 -59.96 -3.51 -26.75
C SER O 152 -59.07 -3.66 -25.50
N GLY O 153 -58.85 -4.90 -25.05
CA GLY O 153 -58.21 -5.16 -23.77
C GLY O 153 -59.22 -5.29 -22.66
N ALA O 154 -60.50 -5.34 -23.00
CA ALA O 154 -61.54 -5.64 -21.99
C ALA O 154 -61.53 -7.16 -21.73
N TYR O 155 -61.78 -7.56 -20.48
CA TYR O 155 -61.88 -8.98 -20.13
C TYR O 155 -63.11 -9.30 -19.27
N PHE O 156 -63.62 -10.52 -19.45
CA PHE O 156 -64.85 -10.93 -18.79
C PHE O 156 -64.66 -12.36 -18.29
N ALA O 157 -65.20 -12.63 -17.11
CA ALA O 157 -65.27 -14.01 -16.57
C ALA O 157 -66.57 -14.65 -17.02
N TRP O 158 -66.47 -15.79 -17.70
CA TRP O 158 -67.62 -16.53 -18.19
C TRP O 158 -67.80 -17.89 -17.49
N LYS O 159 -69.06 -18.30 -17.32
CA LYS O 159 -69.41 -19.70 -17.00
C LYS O 159 -69.38 -20.53 -18.28
N ALA O 160 -69.91 -19.97 -19.35
CA ALA O 160 -69.78 -20.56 -20.69
C ALA O 160 -69.98 -19.48 -21.75
N THR O 161 -69.30 -19.64 -22.88
CA THR O 161 -69.44 -18.68 -23.98
C THR O 161 -68.94 -19.26 -25.31
N ALA O 162 -69.18 -18.51 -26.37
CA ALA O 162 -68.73 -18.87 -27.71
C ALA O 162 -68.20 -17.63 -28.40
N MET O 163 -67.30 -17.81 -29.35
CA MET O 163 -66.78 -16.70 -30.13
C MET O 163 -66.45 -17.17 -31.52
N GLY O 164 -66.25 -16.23 -32.45
CA GLY O 164 -66.04 -16.56 -33.88
C GLY O 164 -67.34 -16.66 -34.67
N LYS O 165 -67.27 -17.15 -35.90
CA LYS O 165 -68.49 -17.35 -36.76
C LYS O 165 -69.63 -17.98 -35.98
N ASN O 166 -70.82 -17.38 -36.09
CA ASN O 166 -72.03 -17.94 -35.51
C ASN O 166 -72.02 -18.08 -33.98
N TYR O 167 -71.40 -17.11 -33.32
CA TYR O 167 -71.23 -17.14 -31.88
C TYR O 167 -72.52 -16.83 -31.14
N VAL O 168 -73.30 -15.90 -31.70
CA VAL O 168 -74.51 -15.43 -31.04
C VAL O 168 -75.50 -16.58 -30.85
N ASN O 169 -75.61 -17.45 -31.85
CA ASN O 169 -76.37 -18.71 -31.72
C ASN O 169 -75.72 -19.67 -30.73
N GLY O 170 -74.41 -19.79 -30.82
CA GLY O 170 -73.63 -20.61 -29.89
C GLY O 170 -73.92 -20.25 -28.44
N LYS O 171 -74.01 -18.95 -28.17
CA LYS O 171 -74.29 -18.46 -26.81
C LYS O 171 -75.68 -18.84 -26.33
N THR O 172 -76.68 -18.70 -27.21
CA THR O 172 -78.06 -19.11 -26.86
C THR O 172 -78.21 -20.65 -26.81
N PHE O 173 -77.39 -21.39 -27.55
CA PHE O 173 -77.38 -22.86 -27.44
C PHE O 173 -76.91 -23.28 -26.04
N LEU O 174 -75.84 -22.65 -25.56
CA LEU O 174 -75.31 -22.89 -24.21
C LEU O 174 -76.22 -22.33 -23.11
N GLU O 175 -76.86 -21.19 -23.38
CA GLU O 175 -77.83 -20.57 -22.46
C GLU O 175 -78.99 -21.50 -22.08
N LYS O 176 -79.40 -22.36 -23.02
CA LYS O 176 -80.43 -23.38 -22.78
C LYS O 176 -79.85 -24.80 -22.58
N ARG O 177 -78.70 -24.92 -21.92
CA ARG O 177 -77.96 -26.22 -21.87
C ARG O 177 -76.85 -26.40 -20.80
N TYR O 178 -76.29 -25.31 -20.27
CA TYR O 178 -75.34 -25.38 -19.14
C TYR O 178 -76.11 -25.25 -17.81
N ASN O 179 -75.78 -26.09 -16.83
CA ASN O 179 -76.10 -25.81 -15.41
C ASN O 179 -74.83 -25.67 -14.55
N GLU O 180 -74.96 -25.00 -13.40
CA GLU O 180 -73.84 -24.74 -12.49
C GLU O 180 -73.20 -26.02 -11.93
N ASP O 181 -74.02 -27.05 -11.71
CA ASP O 181 -73.58 -28.32 -11.09
C ASP O 181 -73.04 -29.38 -12.10
N LEU O 182 -72.55 -28.94 -13.26
CA LEU O 182 -72.20 -29.84 -14.38
C LEU O 182 -70.77 -30.40 -14.22
N GLU O 183 -70.61 -31.70 -14.48
CA GLU O 183 -69.30 -32.36 -14.46
C GLU O 183 -68.51 -32.05 -15.72
N LEU O 184 -67.19 -32.21 -15.67
CA LEU O 184 -66.30 -31.87 -16.79
C LEU O 184 -66.54 -32.73 -18.03
N GLU O 185 -66.67 -34.06 -17.84
CA GLU O 185 -66.86 -35.00 -18.97
C GLU O 185 -68.21 -34.73 -19.69
N ASP O 186 -69.22 -34.31 -18.94
CA ASP O 186 -70.49 -33.84 -19.53
C ASP O 186 -70.26 -32.53 -20.29
N ALA O 187 -69.54 -31.60 -19.68
CA ALA O 187 -69.20 -30.31 -20.29
C ALA O 187 -68.44 -30.44 -21.64
N ILE O 188 -67.56 -31.43 -21.73
CA ILE O 188 -66.84 -31.71 -22.98
C ILE O 188 -67.82 -32.15 -24.07
N HIS O 189 -68.79 -32.98 -23.70
CA HIS O 189 -69.82 -33.44 -24.66
C HIS O 189 -70.60 -32.25 -25.20
N THR O 190 -71.05 -31.35 -24.32
CA THR O 190 -71.87 -30.20 -24.76
C THR O 190 -71.00 -29.16 -25.51
N ALA O 191 -69.71 -29.07 -25.19
CA ALA O 191 -68.78 -28.21 -25.93
C ALA O 191 -68.71 -28.62 -27.40
N ILE O 192 -68.60 -29.92 -27.63
CA ILE O 192 -68.50 -30.45 -28.99
C ILE O 192 -69.84 -30.33 -29.74
N LEU O 193 -70.96 -30.50 -29.04
CA LEU O 193 -72.29 -30.28 -29.64
C LEU O 193 -72.50 -28.80 -30.03
N THR O 194 -71.93 -27.89 -29.25
CA THR O 194 -72.01 -26.46 -29.54
C THR O 194 -71.28 -26.14 -30.84
N LEU O 195 -70.10 -26.71 -31.04
CA LEU O 195 -69.39 -26.57 -32.31
C LEU O 195 -70.15 -27.20 -33.50
N LYS O 196 -70.87 -28.30 -33.24
CA LYS O 196 -71.66 -29.00 -34.28
C LYS O 196 -72.82 -28.17 -34.83
N GLU O 197 -73.36 -27.29 -34.00
CA GLU O 197 -74.41 -26.34 -34.42
C GLU O 197 -73.95 -25.47 -35.59
N SER O 198 -72.71 -25.02 -35.55
CA SER O 198 -72.18 -24.11 -36.56
C SER O 198 -71.07 -24.74 -37.41
N PHE O 199 -71.11 -26.06 -37.62
CA PHE O 199 -69.98 -26.75 -38.26
C PHE O 199 -70.03 -26.68 -39.79
N GLU O 200 -70.83 -27.55 -40.42
CA GLU O 200 -70.78 -27.84 -41.87
C GLU O 200 -69.49 -28.57 -42.26
N GLY O 201 -69.61 -29.86 -42.58
CA GLY O 201 -68.47 -30.66 -43.01
C GLY O 201 -68.38 -32.09 -42.49
N GLN O 202 -69.04 -32.39 -41.36
CA GLN O 202 -68.86 -33.66 -40.64
C GLN O 202 -67.54 -33.66 -39.82
N MET O 203 -67.64 -33.95 -38.53
CA MET O 203 -66.52 -33.83 -37.59
C MET O 203 -65.69 -35.09 -37.49
N THR O 204 -64.38 -34.96 -37.66
CA THR O 204 -63.43 -35.95 -37.18
C THR O 204 -62.62 -35.35 -36.04
N GLU O 205 -61.82 -36.22 -35.42
CA GLU O 205 -60.86 -35.83 -34.37
C GLU O 205 -59.67 -35.01 -34.89
N ASP O 206 -59.47 -34.98 -36.22
CA ASP O 206 -58.38 -34.26 -36.87
C ASP O 206 -58.73 -32.81 -37.23
N ASN O 207 -60.02 -32.46 -37.22
CA ASN O 207 -60.43 -31.08 -37.50
C ASN O 207 -61.19 -30.37 -36.37
N ILE O 208 -61.22 -30.94 -35.16
CA ILE O 208 -61.45 -30.14 -33.96
C ILE O 208 -60.33 -30.36 -32.95
N GLU O 209 -60.18 -29.41 -32.05
CA GLU O 209 -59.14 -29.44 -31.04
C GLU O 209 -59.78 -29.10 -29.70
N VAL O 210 -59.44 -29.87 -28.67
CA VAL O 210 -60.04 -29.71 -27.35
C VAL O 210 -58.96 -29.69 -26.30
N GLY O 211 -59.09 -28.73 -25.39
CA GLY O 211 -58.25 -28.67 -24.20
C GLY O 211 -59.14 -28.74 -22.98
N ILE O 212 -58.61 -29.33 -21.91
CA ILE O 212 -59.28 -29.39 -20.63
C ILE O 212 -58.38 -28.84 -19.55
N CYS O 213 -58.99 -28.38 -18.47
CA CYS O 213 -58.27 -27.80 -17.35
C CYS O 213 -58.94 -28.21 -16.05
N ASN O 214 -58.15 -28.80 -15.14
CA ASN O 214 -58.66 -29.24 -13.84
C ASN O 214 -57.55 -29.19 -12.76
N GLU O 215 -57.84 -29.74 -11.58
CA GLU O 215 -56.86 -29.87 -10.49
C GLU O 215 -55.50 -30.45 -10.91
N ALA O 216 -55.49 -31.43 -11.82
CA ALA O 216 -54.23 -31.98 -12.36
C ALA O 216 -53.44 -31.03 -13.28
N GLY O 217 -54.05 -29.93 -13.74
CA GLY O 217 -53.42 -28.98 -14.68
C GLY O 217 -54.09 -28.98 -16.04
N PHE O 218 -53.52 -28.21 -16.97
CA PHE O 218 -54.09 -28.05 -18.30
C PHE O 218 -53.39 -28.94 -19.31
N ARG O 219 -54.15 -29.50 -20.25
CA ARG O 219 -53.58 -30.24 -21.38
C ARG O 219 -54.54 -30.32 -22.58
N ARG O 220 -53.97 -30.45 -23.78
CA ARG O 220 -54.76 -30.83 -24.97
C ARG O 220 -55.22 -32.28 -24.82
N LEU O 221 -56.43 -32.55 -25.29
CA LEU O 221 -56.86 -33.92 -25.51
C LEU O 221 -56.12 -34.46 -26.73
N THR O 222 -55.85 -35.76 -26.71
CA THR O 222 -55.15 -36.43 -27.80
C THR O 222 -56.21 -36.81 -28.82
N PRO O 223 -55.84 -36.85 -30.10
CA PRO O 223 -56.74 -37.37 -31.13
C PRO O 223 -57.60 -38.59 -30.71
N THR O 224 -56.99 -39.63 -30.13
CA THR O 224 -57.75 -40.83 -29.68
C THR O 224 -58.77 -40.53 -28.55
N GLU O 225 -58.52 -39.52 -27.72
CA GLU O 225 -59.50 -39.11 -26.71
C GLU O 225 -60.68 -38.39 -27.35
N VAL O 226 -60.39 -37.47 -28.27
CA VAL O 226 -61.42 -36.73 -29.00
C VAL O 226 -62.29 -37.71 -29.81
N LYS O 227 -61.64 -38.69 -30.47
CA LYS O 227 -62.33 -39.75 -31.21
C LYS O 227 -63.42 -40.40 -30.37
N ASP O 228 -63.07 -40.74 -29.13
CA ASP O 228 -63.99 -41.34 -28.15
C ASP O 228 -65.22 -40.49 -27.82
N TYR O 229 -65.02 -39.21 -27.54
CA TYR O 229 -66.14 -38.29 -27.29
C TYR O 229 -67.02 -38.14 -28.54
N LEU O 230 -66.38 -38.09 -29.71
CA LEU O 230 -67.05 -38.04 -31.02
C LEU O 230 -67.88 -39.28 -31.37
N ALA O 231 -67.68 -40.38 -30.64
CA ALA O 231 -68.64 -41.49 -30.59
C ALA O 231 -69.66 -41.13 -29.51
N ALA O 232 -70.89 -40.92 -29.99
CA ALA O 232 -72.03 -40.29 -29.32
C ALA O 232 -72.51 -39.18 -30.26
N ILE O 233 -71.56 -38.38 -30.79
CA ILE O 233 -71.85 -37.26 -31.70
C ILE O 233 -71.55 -37.65 -33.16
N SER P 2 -46.48 9.29 -43.98
CA SER P 2 -46.45 9.53 -42.49
C SER P 2 -47.24 10.74 -42.03
N ARG P 3 -46.96 11.93 -42.57
CA ARG P 3 -47.84 13.06 -42.35
C ARG P 3 -49.19 12.70 -42.94
N ARG P 4 -49.20 11.98 -44.05
CA ARG P 4 -50.44 11.55 -44.70
C ARG P 4 -51.37 10.76 -43.76
N TYR P 5 -50.80 9.92 -42.89
CA TYR P 5 -51.57 8.97 -42.07
C TYR P 5 -51.86 9.47 -40.66
N ASP P 6 -51.26 10.60 -40.28
CA ASP P 6 -51.37 11.14 -38.93
C ASP P 6 -52.73 11.84 -38.75
N SER P 7 -53.55 11.24 -37.89
CA SER P 7 -54.86 11.72 -37.47
CA SER P 7 -54.88 11.78 -37.58
C SER P 7 -54.82 13.10 -36.77
N ARG P 8 -53.67 13.42 -36.19
CA ARG P 8 -53.43 14.68 -35.46
C ARG P 8 -54.39 14.88 -34.30
N THR P 9 -54.27 13.98 -33.33
CA THR P 9 -55.12 13.95 -32.15
C THR P 9 -54.92 15.08 -31.14
N THR P 10 -53.80 15.81 -31.18
CA THR P 10 -53.50 16.82 -30.15
C THR P 10 -53.31 18.21 -30.71
N ILE P 11 -54.24 18.64 -31.56
CA ILE P 11 -54.22 19.97 -32.12
C ILE P 11 -55.56 20.61 -31.97
N PHE P 12 -55.58 21.94 -31.90
CA PHE P 12 -56.82 22.68 -31.86
C PHE P 12 -57.55 22.66 -33.17
N SER P 13 -58.88 22.63 -33.06
CA SER P 13 -59.78 22.95 -34.17
C SER P 13 -59.83 24.46 -34.34
N PRO P 14 -60.47 24.96 -35.43
CA PRO P 14 -60.55 26.42 -35.57
C PRO P 14 -61.38 27.20 -34.52
N GLU P 15 -62.19 26.53 -33.71
CA GLU P 15 -62.95 27.20 -32.66
C GLU P 15 -62.32 27.04 -31.26
N GLY P 16 -61.10 26.52 -31.19
CA GLY P 16 -60.39 26.37 -29.93
C GLY P 16 -60.76 25.09 -29.19
N ARG P 17 -61.15 24.08 -29.96
CA ARG P 17 -61.63 22.85 -29.37
C ARG P 17 -60.67 21.71 -29.61
N LEU P 18 -60.80 20.68 -28.80
CA LEU P 18 -60.01 19.50 -28.89
C LEU P 18 -60.96 18.37 -29.19
N TYR P 19 -61.09 18.08 -30.49
CA TYR P 19 -62.13 17.18 -30.97
C TYR P 19 -62.03 15.78 -30.36
N GLN P 20 -60.83 15.22 -30.23
CA GLN P 20 -60.70 13.87 -29.63
C GLN P 20 -61.22 13.82 -28.20
N VAL P 21 -61.01 14.90 -27.45
CA VAL P 21 -61.53 15.03 -26.09
C VAL P 21 -63.07 15.03 -26.15
N GLU P 22 -63.64 15.87 -27.01
CA GLU P 22 -65.09 15.92 -27.19
C GLU P 22 -65.67 14.59 -27.63
N TYR P 23 -64.98 13.92 -28.55
CA TYR P 23 -65.45 12.65 -29.08
C TYR P 23 -65.34 11.55 -28.03
N ALA P 24 -64.30 11.60 -27.19
CA ALA P 24 -64.20 10.73 -26.02
C ALA P 24 -65.35 10.94 -25.05
N MET P 25 -65.72 12.20 -24.82
CA MET P 25 -66.83 12.55 -23.92
CA MET P 25 -66.85 12.60 -23.96
C MET P 25 -68.17 11.99 -24.44
N GLU P 26 -68.30 11.81 -25.77
CA GLU P 26 -69.48 11.13 -26.34
C GLU P 26 -69.48 9.65 -25.99
N ALA P 27 -68.31 9.01 -26.07
CA ALA P 27 -68.15 7.60 -25.63
C ALA P 27 -68.65 7.40 -24.21
N ILE P 28 -68.18 8.26 -23.31
CA ILE P 28 -68.54 8.27 -21.88
C ILE P 28 -70.03 8.46 -21.67
N GLY P 29 -70.65 9.36 -22.43
CA GLY P 29 -72.09 9.57 -22.36
C GLY P 29 -72.93 8.33 -22.66
N HIS P 30 -72.38 7.42 -23.47
CA HIS P 30 -73.06 6.14 -23.79
C HIS P 30 -72.76 5.03 -22.78
N ALA P 31 -71.71 5.18 -21.98
CA ALA P 31 -71.35 4.18 -20.96
C ALA P 31 -72.36 4.12 -19.81
N GLY P 32 -72.19 3.11 -18.96
CA GLY P 32 -73.06 2.87 -17.83
C GLY P 32 -73.11 4.07 -16.90
N THR P 33 -74.31 4.39 -16.42
CA THR P 33 -74.49 5.55 -15.52
C THR P 33 -73.76 5.29 -14.20
N CYS P 34 -73.19 6.35 -13.65
CA CYS P 34 -72.38 6.25 -12.46
C CYS P 34 -72.54 7.53 -11.64
N LEU P 35 -73.08 7.42 -10.42
CA LEU P 35 -73.26 8.59 -9.54
C LEU P 35 -72.48 8.46 -8.22
N GLY P 36 -72.17 9.60 -7.63
CA GLY P 36 -71.44 9.68 -6.37
C GLY P 36 -72.16 10.67 -5.49
N ILE P 37 -72.32 10.35 -4.21
CA ILE P 37 -73.02 11.24 -3.26
C ILE P 37 -72.25 11.38 -1.94
N LEU P 38 -71.92 12.63 -1.62
CA LEU P 38 -71.32 13.03 -0.33
C LEU P 38 -72.35 13.20 0.78
N ALA P 39 -72.00 12.72 1.97
CA ALA P 39 -72.84 12.84 3.16
C ALA P 39 -71.98 13.30 4.36
N ASN P 40 -72.65 13.61 5.47
CA ASN P 40 -71.95 13.97 6.71
C ASN P 40 -71.08 12.84 7.31
N ASP P 41 -71.57 11.61 7.23
CA ASP P 41 -70.92 10.44 7.82
C ASP P 41 -70.36 9.46 6.79
N GLY P 42 -70.11 9.92 5.55
CA GLY P 42 -69.58 9.03 4.52
C GLY P 42 -69.79 9.46 3.09
N VAL P 43 -69.40 8.58 2.17
CA VAL P 43 -69.52 8.82 0.74
C VAL P 43 -69.85 7.52 0.04
N LEU P 44 -70.58 7.61 -1.06
CA LEU P 44 -70.97 6.43 -1.81
C LEU P 44 -70.74 6.59 -3.31
N LEU P 45 -70.63 5.44 -3.96
CA LEU P 45 -70.69 5.32 -5.41
C LEU P 45 -71.79 4.32 -5.73
N ALA P 46 -72.67 4.67 -6.68
CA ALA P 46 -73.64 3.75 -7.23
C ALA P 46 -73.51 3.76 -8.73
N ALA P 47 -73.35 2.59 -9.34
CA ALA P 47 -73.14 2.50 -10.78
C ALA P 47 -73.97 1.40 -11.42
N GLU P 48 -74.34 1.63 -12.68
CA GLU P 48 -75.00 0.64 -13.51
C GLU P 48 -74.01 -0.41 -13.95
N ARG P 49 -74.39 -1.67 -13.80
CA ARG P 49 -73.60 -2.76 -14.37
C ARG P 49 -73.94 -2.95 -15.85
N ARG P 50 -72.91 -3.04 -16.69
CA ARG P 50 -73.07 -3.48 -18.07
C ARG P 50 -72.76 -4.98 -18.25
N ASN P 51 -71.76 -5.48 -17.51
CA ASN P 51 -71.53 -6.93 -17.33
C ASN P 51 -72.68 -7.50 -16.50
N ILE P 52 -73.86 -7.62 -17.12
CA ILE P 52 -75.07 -7.84 -16.34
C ILE P 52 -76.24 -8.15 -17.24
N HIS P 53 -76.72 -9.40 -17.23
CA HIS P 53 -76.01 -10.58 -16.79
C HIS P 53 -75.59 -11.21 -18.16
N LYS P 54 -75.28 -12.50 -18.16
CA LYS P 54 -75.53 -13.33 -19.33
C LYS P 54 -75.42 -14.77 -18.76
N LEU P 55 -74.39 -15.53 -19.17
CA LEU P 55 -73.74 -16.58 -18.36
C LEU P 55 -72.40 -16.08 -17.73
N LEU P 56 -72.30 -14.80 -17.35
CA LEU P 56 -71.09 -14.26 -16.69
C LEU P 56 -70.87 -14.91 -15.32
N ASP P 57 -69.60 -14.96 -14.83
CA ASP P 57 -69.25 -15.83 -13.68
C ASP P 57 -69.21 -15.19 -12.30
N GLU P 58 -68.92 -13.90 -12.19
CA GLU P 58 -68.86 -13.23 -10.87
C GLU P 58 -67.70 -13.75 -10.01
N VAL P 59 -66.58 -13.06 -10.18
CA VAL P 59 -65.27 -13.51 -9.72
C VAL P 59 -64.59 -12.44 -8.88
N PHE P 60 -64.67 -11.18 -9.30
CA PHE P 60 -64.19 -10.05 -8.51
C PHE P 60 -65.30 -9.54 -7.61
N PHE P 61 -64.93 -8.72 -6.62
CA PHE P 61 -65.90 -8.16 -5.66
C PHE P 61 -66.73 -7.01 -6.27
N SER P 62 -66.26 -6.44 -7.39
CA SER P 62 -67.06 -5.49 -8.18
C SER P 62 -66.64 -5.49 -9.66
N GLU P 63 -67.37 -4.71 -10.46
CA GLU P 63 -67.19 -4.58 -11.91
C GLU P 63 -66.52 -3.26 -12.24
N LYS P 64 -67.04 -2.18 -11.67
CA LYS P 64 -66.62 -0.80 -11.95
C LYS P 64 -66.16 -0.01 -10.73
N ILE P 65 -66.20 -0.58 -9.52
CA ILE P 65 -65.66 0.06 -8.31
C ILE P 65 -64.21 -0.43 -8.11
N TYR P 66 -63.29 0.50 -7.97
CA TYR P 66 -61.90 0.16 -7.70
C TYR P 66 -61.39 0.82 -6.42
N LYS P 67 -60.77 0.01 -5.56
CA LYS P 67 -60.04 0.52 -4.40
C LYS P 67 -58.71 1.04 -4.88
N LEU P 68 -58.36 2.25 -4.48
CA LEU P 68 -57.13 2.92 -4.93
C LEU P 68 -55.99 2.84 -3.90
N ASN P 69 -56.36 2.98 -2.62
CA ASN P 69 -55.48 2.86 -1.48
C ASN P 69 -56.35 2.60 -0.22
N GLU P 70 -55.78 2.77 0.98
CA GLU P 70 -56.49 2.47 2.23
C GLU P 70 -57.72 3.39 2.47
N ASP P 71 -57.64 4.63 1.99
CA ASP P 71 -58.65 5.65 2.25
C ASP P 71 -59.48 6.10 1.02
N MET P 72 -59.36 5.42 -0.12
CA MET P 72 -59.97 5.92 -1.37
C MET P 72 -60.39 4.83 -2.32
N ALA P 73 -61.49 5.10 -3.03
CA ALA P 73 -61.95 4.28 -4.14
C ALA P 73 -62.43 5.16 -5.30
N CYS P 74 -62.58 4.55 -6.45
CA CYS P 74 -63.14 5.23 -7.58
C CYS P 74 -64.06 4.33 -8.36
N SER P 75 -64.86 4.97 -9.23
CA SER P 75 -65.63 4.28 -10.23
C SER P 75 -65.47 4.97 -11.56
N VAL P 76 -65.80 4.25 -12.62
CA VAL P 76 -65.48 4.67 -13.98
C VAL P 76 -66.65 4.54 -14.94
N ALA P 77 -66.57 5.31 -16.00
CA ALA P 77 -67.53 5.28 -17.07
C ALA P 77 -66.76 5.56 -18.34
N GLY P 78 -66.83 4.63 -19.30
CA GLY P 78 -66.15 4.77 -20.58
C GLY P 78 -65.52 3.47 -21.05
N ILE P 79 -64.40 3.57 -21.71
CA ILE P 79 -63.69 2.40 -22.22
C ILE P 79 -63.08 1.65 -21.01
N THR P 80 -63.49 0.39 -20.79
CA THR P 80 -63.03 -0.40 -19.61
C THR P 80 -61.51 -0.59 -19.55
N SER P 81 -60.92 -0.96 -20.67
CA SER P 81 -59.49 -1.18 -20.78
C SER P 81 -58.71 0.10 -20.45
N ASP P 82 -59.17 1.25 -20.95
CA ASP P 82 -58.55 2.53 -20.60
C ASP P 82 -58.65 2.78 -19.09
N ALA P 83 -59.81 2.46 -18.52
CA ALA P 83 -60.02 2.62 -17.08
C ALA P 83 -59.07 1.77 -16.21
N ASN P 84 -58.74 0.58 -16.70
CA ASN P 84 -57.78 -0.32 -16.02
C ASN P 84 -56.34 0.23 -16.00
N VAL P 85 -55.90 0.82 -17.11
CA VAL P 85 -54.64 1.55 -17.18
C VAL P 85 -54.63 2.69 -16.16
N LEU P 86 -55.70 3.50 -16.14
CA LEU P 86 -55.71 4.67 -15.27
C LEU P 86 -55.80 4.32 -13.79
N THR P 87 -56.54 3.28 -13.45
CA THR P 87 -56.67 2.88 -12.05
C THR P 87 -55.40 2.22 -11.51
N ASN P 88 -54.71 1.48 -12.36
CA ASN P 88 -53.40 0.97 -12.03
C ASN P 88 -52.40 2.09 -11.80
N GLU P 89 -52.43 3.12 -12.65
CA GLU P 89 -51.61 4.29 -12.42
C GLU P 89 -52.00 5.03 -11.14
N LEU P 90 -53.29 5.15 -10.83
CA LEU P 90 -53.73 5.78 -9.56
C LEU P 90 -53.15 5.09 -8.31
N ARG P 91 -53.12 3.77 -8.33
CA ARG P 91 -52.54 3.00 -7.24
C ARG P 91 -51.04 3.27 -7.09
N LEU P 92 -50.34 3.33 -8.22
CA LEU P 92 -48.91 3.60 -8.24
C LEU P 92 -48.60 4.98 -7.66
N ILE P 93 -49.35 6.00 -8.06
CA ILE P 93 -49.17 7.36 -7.54
C ILE P 93 -49.34 7.40 -6.03
N ALA P 94 -50.40 6.73 -5.56
CA ALA P 94 -50.73 6.71 -4.15
C ALA P 94 -49.62 6.08 -3.31
N GLN P 95 -49.01 5.02 -3.83
CA GLN P 95 -47.92 4.37 -3.14
C GLN P 95 -46.62 5.16 -3.20
N ARG P 96 -46.36 5.83 -4.32
CA ARG P 96 -45.20 6.72 -4.41
C ARG P 96 -45.27 7.80 -3.34
N TYR P 97 -46.44 8.39 -3.18
CA TYR P 97 -46.64 9.39 -2.12
C TYR P 97 -46.39 8.78 -0.75
N LEU P 98 -46.94 7.60 -0.52
CA LEU P 98 -46.84 6.96 0.78
C LEU P 98 -45.36 6.61 1.12
N LEU P 99 -44.65 6.11 0.13
CA LEU P 99 -43.23 5.83 0.26
C LEU P 99 -42.47 7.08 0.70
N GLN P 100 -42.79 8.22 0.09
CA GLN P 100 -42.06 9.47 0.29
C GLN P 100 -42.31 10.19 1.63
N TYR P 101 -43.58 10.28 1.99
CA TYR P 101 -44.01 11.03 3.18
C TYR P 101 -44.44 10.15 4.36
N GLN P 102 -44.63 8.84 4.14
CA GLN P 102 -45.17 7.90 5.12
C GLN P 102 -46.52 8.36 5.68
N GLU P 103 -47.35 8.90 4.79
CA GLU P 103 -48.73 9.22 5.10
C GLU P 103 -49.52 9.07 3.81
N PRO P 104 -50.82 8.76 3.90
CA PRO P 104 -51.63 8.62 2.69
C PRO P 104 -51.76 9.91 1.86
N ILE P 105 -51.77 9.76 0.54
CA ILE P 105 -51.97 10.89 -0.37
C ILE P 105 -53.34 11.54 -0.13
N PRO P 106 -53.39 12.87 0.04
CA PRO P 106 -54.67 13.54 0.10
C PRO P 106 -55.45 13.36 -1.19
N CYS P 107 -56.75 13.18 -1.05
CA CYS P 107 -57.60 12.84 -2.20
C CYS P 107 -57.38 13.72 -3.44
N GLU P 108 -57.42 15.03 -3.25
CA GLU P 108 -57.31 15.97 -4.37
C GLU P 108 -55.96 15.88 -5.07
N GLN P 109 -54.91 15.63 -4.28
CA GLN P 109 -53.58 15.42 -4.85
C GLN P 109 -53.49 14.20 -5.76
N LEU P 110 -54.25 13.14 -5.45
CA LEU P 110 -54.23 11.95 -6.29
C LEU P 110 -54.94 12.23 -7.63
N VAL P 111 -56.09 12.89 -7.54
CA VAL P 111 -56.87 13.25 -8.71
C VAL P 111 -56.06 14.16 -9.60
N THR P 112 -55.47 15.22 -9.03
CA THR P 112 -54.63 16.17 -9.76
C THR P 112 -53.51 15.46 -10.50
N ALA P 113 -52.86 14.54 -9.81
CA ALA P 113 -51.73 13.83 -10.38
C ALA P 113 -52.15 13.07 -11.62
N LEU P 114 -53.28 12.37 -11.56
CA LEU P 114 -53.78 11.63 -12.72
C LEU P 114 -54.22 12.57 -13.85
N CYS P 115 -54.92 13.62 -13.47
CA CYS P 115 -55.42 14.60 -14.45
C CYS P 115 -54.30 15.27 -15.27
N ASP P 116 -53.09 15.38 -14.70
CA ASP P 116 -51.93 15.90 -15.43
C ASP P 116 -51.44 14.93 -16.50
N ILE P 117 -51.57 13.63 -16.23
CA ILE P 117 -51.29 12.59 -17.24
C ILE P 117 -52.31 12.72 -18.38
N LYS P 118 -53.60 12.76 -18.02
CA LYS P 118 -54.66 12.90 -19.01
C LYS P 118 -54.51 14.18 -19.84
N GLN P 119 -54.18 15.29 -19.17
CA GLN P 119 -53.94 16.57 -19.85
C GLN P 119 -52.82 16.44 -20.88
N ALA P 120 -51.72 15.79 -20.50
CA ALA P 120 -50.58 15.59 -21.41
C ALA P 120 -50.99 14.89 -22.70
N TYR P 121 -51.84 13.88 -22.59
CA TYR P 121 -52.35 13.15 -23.76
C TYR P 121 -53.14 14.04 -24.71
N THR P 122 -53.63 15.19 -24.23
CA THR P 122 -54.31 16.17 -25.07
C THR P 122 -53.40 17.25 -25.63
N GLN P 123 -52.16 17.35 -25.14
CA GLN P 123 -51.23 18.42 -25.57
C GLN P 123 -50.01 17.97 -26.39
N PHE P 124 -49.50 16.78 -26.14
CA PHE P 124 -48.41 16.25 -26.94
C PHE P 124 -48.48 14.75 -27.03
N GLY P 125 -47.64 14.19 -27.90
CA GLY P 125 -47.53 12.74 -28.09
C GLY P 125 -48.29 12.15 -29.27
N GLY P 126 -49.22 12.90 -29.88
CA GLY P 126 -49.98 12.39 -31.03
C GLY P 126 -50.82 11.14 -30.79
N LYS P 127 -51.25 10.93 -29.55
CA LYS P 127 -52.07 9.76 -29.20
C LYS P 127 -53.52 10.13 -28.95
N ARG P 128 -54.39 9.14 -29.08
CA ARG P 128 -55.77 9.27 -28.66
C ARG P 128 -55.80 9.41 -27.13
N PRO P 129 -56.71 10.24 -26.60
CA PRO P 129 -56.82 10.32 -25.14
C PRO P 129 -57.47 9.09 -24.57
N PHE P 130 -57.49 9.00 -23.24
CA PHE P 130 -58.16 7.89 -22.56
C PHE P 130 -59.65 8.20 -22.57
N GLY P 131 -60.48 7.21 -22.86
CA GLY P 131 -61.93 7.41 -22.95
C GLY P 131 -62.63 7.10 -21.66
N VAL P 132 -62.29 7.83 -20.61
CA VAL P 132 -62.73 7.51 -19.27
C VAL P 132 -63.03 8.79 -18.49
N SER P 133 -64.16 8.77 -17.78
CA SER P 133 -64.40 9.70 -16.69
C SER P 133 -64.39 8.92 -15.39
N LEU P 134 -63.93 9.56 -14.31
CA LEU P 134 -63.86 8.89 -13.01
C LEU P 134 -64.59 9.69 -11.96
N LEU P 135 -65.20 8.97 -11.02
CA LEU P 135 -65.66 9.52 -9.77
C LEU P 135 -64.76 8.97 -8.65
N TYR P 136 -64.14 9.85 -7.86
CA TYR P 136 -63.26 9.43 -6.78
C TYR P 136 -63.94 9.76 -5.47
N ILE P 137 -64.03 8.77 -4.58
CA ILE P 137 -64.45 9.00 -3.18
C ILE P 137 -63.31 8.70 -2.21
N GLY P 138 -63.27 9.44 -1.11
CA GLY P 138 -62.23 9.23 -0.13
C GLY P 138 -62.35 10.05 1.14
N TRP P 139 -61.42 9.77 2.06
CA TRP P 139 -61.26 10.53 3.29
C TRP P 139 -59.82 10.95 3.45
N ASP P 140 -59.61 12.17 3.92
CA ASP P 140 -58.31 12.56 4.41
C ASP P 140 -58.42 13.53 5.57
N LYS P 141 -57.28 13.71 6.23
CA LYS P 141 -57.21 14.52 7.44
C LYS P 141 -57.28 16.00 7.17
N HIS P 142 -57.22 16.42 5.91
CA HIS P 142 -57.32 17.85 5.57
C HIS P 142 -58.74 18.33 5.35
N TYR P 143 -59.49 17.60 4.53
CA TYR P 143 -60.85 17.98 4.14
C TYR P 143 -61.93 16.91 4.43
N GLY P 144 -61.57 15.85 5.15
CA GLY P 144 -62.51 14.79 5.43
C GLY P 144 -63.08 14.13 4.19
N PHE P 145 -64.37 13.79 4.26
CA PHE P 145 -65.06 13.06 3.21
C PHE P 145 -65.14 13.90 1.96
N GLN P 146 -64.81 13.28 0.84
CA GLN P 146 -64.64 13.98 -0.42
C GLN P 146 -65.13 13.16 -1.61
N LEU P 147 -65.60 13.88 -2.62
CA LEU P 147 -66.05 13.32 -3.88
C LEU P 147 -65.49 14.19 -5.02
N TYR P 148 -64.80 13.55 -5.97
CA TYR P 148 -64.21 14.27 -7.11
C TYR P 148 -64.70 13.67 -8.42
N GLN P 149 -64.64 14.48 -9.46
CA GLN P 149 -64.96 14.03 -10.81
C GLN P 149 -63.86 14.47 -11.74
N SER P 150 -63.37 13.57 -12.57
CA SER P 150 -62.42 13.93 -13.62
C SER P 150 -62.89 13.37 -14.95
N ASP P 151 -62.49 14.01 -16.04
CA ASP P 151 -62.85 13.55 -17.38
C ASP P 151 -61.64 13.60 -18.35
N PRO P 152 -61.82 13.12 -19.60
CA PRO P 152 -60.66 12.99 -20.50
C PRO P 152 -59.89 14.26 -20.84
N SER P 153 -60.49 15.44 -20.65
CA SER P 153 -59.79 16.70 -20.91
C SER P 153 -58.65 16.97 -19.95
N GLY P 154 -58.58 16.21 -18.85
CA GLY P 154 -57.64 16.45 -17.77
C GLY P 154 -58.26 17.36 -16.72
N ASN P 155 -59.54 17.67 -16.85
CA ASN P 155 -60.23 18.52 -15.89
C ASN P 155 -60.81 17.74 -14.74
N TYR P 156 -60.95 18.40 -13.59
CA TYR P 156 -61.58 17.78 -12.42
C TYR P 156 -62.29 18.79 -11.58
N GLY P 157 -63.21 18.30 -10.76
CA GLY P 157 -63.87 19.14 -9.78
C GLY P 157 -64.37 18.38 -8.57
N GLY P 158 -64.52 19.13 -7.47
CA GLY P 158 -65.08 18.62 -6.23
C GLY P 158 -66.57 18.74 -6.29
N TRP P 159 -67.28 17.72 -5.82
CA TRP P 159 -68.73 17.71 -5.85
C TRP P 159 -69.29 17.15 -4.56
N LYS P 160 -70.45 17.67 -4.17
CA LYS P 160 -71.27 17.11 -3.10
C LYS P 160 -72.17 15.99 -3.64
N ALA P 161 -72.56 16.11 -4.91
CA ALA P 161 -73.22 15.01 -5.62
C ALA P 161 -73.04 15.22 -7.11
N THR P 162 -72.77 14.14 -7.84
CA THR P 162 -72.60 14.24 -9.28
C THR P 162 -72.89 12.92 -9.99
N CYS P 163 -72.84 12.96 -11.32
CA CYS P 163 -73.18 11.81 -12.17
C CYS P 163 -72.50 11.89 -13.53
N ILE P 164 -72.08 10.72 -14.00
CA ILE P 164 -71.44 10.60 -15.31
C ILE P 164 -72.03 9.38 -16.02
N GLY P 165 -71.85 9.35 -17.33
CA GLY P 165 -72.43 8.30 -18.17
C GLY P 165 -73.85 8.54 -18.66
N ASN P 166 -74.56 7.45 -18.96
CA ASN P 166 -75.89 7.50 -19.58
C ASN P 166 -76.89 8.29 -18.73
N ASN P 167 -77.49 9.32 -19.33
CA ASN P 167 -78.48 10.20 -18.70
C ASN P 167 -77.96 11.04 -17.51
N SER P 168 -76.71 11.48 -17.60
CA SER P 168 -76.09 12.34 -16.57
C SER P 168 -76.85 13.61 -16.29
N ALA P 169 -77.23 14.32 -17.36
CA ALA P 169 -77.92 15.61 -17.25
C ALA P 169 -79.20 15.44 -16.43
N ALA P 170 -79.97 14.39 -16.77
CA ALA P 170 -81.20 14.02 -16.04
C ALA P 170 -80.92 13.69 -14.57
N ALA P 171 -79.88 12.90 -14.34
CA ALA P 171 -79.47 12.56 -12.99
C ALA P 171 -79.09 13.79 -12.16
N VAL P 172 -78.24 14.67 -12.71
CA VAL P 172 -77.79 15.87 -11.97
C VAL P 172 -78.95 16.83 -11.67
N SER P 173 -79.95 16.87 -12.55
CA SER P 173 -81.20 17.61 -12.29
C SER P 173 -81.96 17.08 -11.08
N MET P 174 -82.09 15.76 -10.98
CA MET P 174 -82.74 15.12 -9.82
C MET P 174 -82.00 15.37 -8.52
N LEU P 175 -80.67 15.27 -8.55
CA LEU P 175 -79.82 15.56 -7.40
C LEU P 175 -79.92 17.03 -7.00
N LYS P 176 -79.90 17.95 -7.97
CA LYS P 176 -80.07 19.38 -7.70
C LYS P 176 -81.29 19.69 -6.81
N GLN P 177 -82.41 19.01 -7.06
CA GLN P 177 -83.64 19.28 -6.29
C GLN P 177 -83.61 18.61 -4.93
N ASP P 178 -83.21 17.33 -4.87
CA ASP P 178 -83.36 16.52 -3.65
C ASP P 178 -82.23 16.61 -2.63
N TYR P 179 -81.05 17.08 -3.05
CA TYR P 179 -79.86 17.05 -2.17
C TYR P 179 -79.88 18.20 -1.18
N LYS P 180 -79.68 17.88 0.10
CA LYS P 180 -79.71 18.83 1.20
C LYS P 180 -78.27 19.15 1.65
N GLU P 181 -77.76 20.33 1.27
CA GLU P 181 -76.37 20.73 1.62
C GLU P 181 -76.11 20.77 3.13
N GLY P 182 -75.17 19.96 3.60
CA GLY P 182 -74.83 19.86 5.02
C GLY P 182 -75.77 19.05 5.90
N GLU P 183 -76.80 18.43 5.31
CA GLU P 183 -77.81 17.70 6.09
C GLU P 183 -78.00 16.23 5.68
N MET P 184 -77.17 15.70 4.79
CA MET P 184 -77.33 14.31 4.34
C MET P 184 -76.63 13.30 5.25
N THR P 185 -77.23 12.12 5.40
CA THR P 185 -76.58 10.95 6.00
C THR P 185 -76.34 9.94 4.90
N LEU P 186 -75.62 8.88 5.26
CA LEU P 186 -75.32 7.79 4.32
C LEU P 186 -76.59 7.02 3.95
N LYS P 187 -77.53 6.98 4.88
CA LYS P 187 -78.78 6.24 4.69
C LYS P 187 -79.73 7.01 3.77
N SER P 188 -79.77 8.34 3.89
CA SER P 188 -80.59 9.17 3.00
C SER P 188 -79.95 9.36 1.62
N ALA P 189 -78.61 9.36 1.57
CA ALA P 189 -77.88 9.40 0.29
C ALA P 189 -78.04 8.10 -0.51
N LEU P 190 -78.08 6.96 0.19
CA LEU P 190 -78.35 5.67 -0.44
C LEU P 190 -79.74 5.67 -1.04
N ALA P 191 -80.71 6.17 -0.29
CA ALA P 191 -82.10 6.29 -0.75
C ALA P 191 -82.18 7.15 -2.01
N LEU P 192 -81.49 8.30 -2.00
CA LEU P 192 -81.42 9.20 -3.16
C LEU P 192 -80.71 8.56 -4.36
N ALA P 193 -79.63 7.83 -4.11
CA ALA P 193 -78.92 7.13 -5.18
C ALA P 193 -79.89 6.25 -5.97
N ILE P 194 -80.68 5.44 -5.26
CA ILE P 194 -81.62 4.51 -5.88
C ILE P 194 -82.77 5.23 -6.58
N LYS P 195 -83.22 6.33 -5.99
CA LYS P 195 -84.22 7.19 -6.63
C LYS P 195 -83.71 7.67 -8.00
N VAL P 196 -82.47 8.14 -8.06
CA VAL P 196 -81.88 8.63 -9.30
C VAL P 196 -81.67 7.52 -10.33
N LEU P 197 -81.12 6.38 -9.89
CA LEU P 197 -80.90 5.25 -10.81
C LEU P 197 -82.19 4.64 -11.34
N ASN P 198 -83.25 4.70 -10.54
CA ASN P 198 -84.56 4.21 -10.95
C ASN P 198 -85.19 5.03 -12.08
N LYS P 199 -84.99 6.35 -12.07
CA LYS P 199 -85.44 7.20 -13.18
C LYS P 199 -84.49 7.04 -14.39
N THR P 200 -83.17 7.14 -14.18
CA THR P 200 -82.19 7.17 -15.28
C THR P 200 -81.82 5.84 -15.97
N MET P 201 -82.34 4.72 -15.47
CA MET P 201 -82.20 3.43 -16.18
C MET P 201 -83.44 3.04 -16.96
N ASP P 202 -83.48 3.45 -18.23
CA ASP P 202 -84.59 3.09 -19.17
C ASP P 202 -84.77 1.57 -19.47
N VAL P 203 -83.76 0.75 -19.10
CA VAL P 203 -83.97 -0.69 -18.83
C VAL P 203 -84.94 -0.71 -17.62
N SER P 204 -86.23 -0.89 -17.91
CA SER P 204 -87.37 -0.43 -17.04
C SER P 204 -87.34 -0.86 -15.55
N LYS P 205 -87.47 -2.17 -15.30
CA LYS P 205 -87.46 -2.71 -13.94
C LYS P 205 -86.01 -2.64 -13.40
N LEU P 206 -85.76 -1.76 -12.43
CA LEU P 206 -84.47 -1.67 -11.73
C LEU P 206 -84.30 -2.87 -10.79
N SER P 207 -83.11 -3.47 -10.82
CA SER P 207 -82.81 -4.71 -10.13
C SER P 207 -81.50 -4.61 -9.37
N ALA P 208 -81.29 -5.53 -8.45
CA ALA P 208 -80.03 -5.62 -7.69
C ALA P 208 -78.88 -6.11 -8.57
N GLU P 209 -79.14 -7.12 -9.39
CA GLU P 209 -78.18 -7.61 -10.38
C GLU P 209 -77.71 -6.51 -11.36
N LYS P 210 -78.50 -5.45 -11.51
CA LYS P 210 -78.20 -4.35 -12.42
C LYS P 210 -77.33 -3.20 -11.84
N VAL P 211 -77.18 -3.10 -10.51
CA VAL P 211 -76.36 -2.03 -9.88
C VAL P 211 -75.31 -2.51 -8.89
N GLU P 212 -74.35 -1.63 -8.65
CA GLU P 212 -73.28 -1.82 -7.70
C GLU P 212 -73.22 -0.60 -6.83
N ILE P 213 -73.24 -0.80 -5.52
CA ILE P 213 -73.09 0.29 -4.58
C ILE P 213 -71.91 -0.01 -3.65
N ALA P 214 -71.09 1.03 -3.45
CA ALA P 214 -69.97 1.00 -2.53
C ALA P 214 -70.09 2.19 -1.59
N THR P 215 -69.86 1.96 -0.31
CA THR P 215 -69.80 3.04 0.68
C THR P 215 -68.40 3.16 1.28
N LEU P 216 -68.06 4.38 1.68
CA LEU P 216 -66.80 4.73 2.34
C LEU P 216 -67.12 5.52 3.61
N THR P 217 -66.76 4.94 4.75
CA THR P 217 -67.07 5.49 6.07
C THR P 217 -65.83 5.44 6.96
N ARG P 218 -65.96 5.99 8.18
CA ARG P 218 -64.89 5.99 9.18
C ARG P 218 -65.34 5.29 10.45
N GLU P 219 -64.55 4.31 10.90
CA GLU P 219 -64.83 3.54 12.11
C GLU P 219 -63.54 3.39 12.92
N ASN P 220 -63.50 4.04 14.09
CA ASN P 220 -62.36 3.95 15.01
C ASN P 220 -61.04 4.42 14.40
N GLY P 221 -61.06 5.62 13.80
CA GLY P 221 -59.87 6.21 13.16
C GLY P 221 -59.31 5.47 11.95
N LYS P 222 -60.15 4.68 11.29
CA LYS P 222 -59.76 3.83 10.18
C LYS P 222 -60.87 3.87 9.10
N THR P 223 -60.49 3.90 7.83
CA THR P 223 -61.45 4.03 6.72
C THR P 223 -61.96 2.68 6.25
N VAL P 224 -63.27 2.51 6.22
CA VAL P 224 -63.87 1.25 5.79
C VAL P 224 -64.47 1.50 4.42
N ILE P 225 -64.16 0.61 3.49
CA ILE P 225 -64.67 0.66 2.12
C ILE P 225 -65.35 -0.67 1.85
N ARG P 226 -66.67 -0.65 1.61
CA ARG P 226 -67.45 -1.89 1.46
C ARG P 226 -68.30 -1.83 0.20
N VAL P 227 -68.31 -2.93 -0.55
CA VAL P 227 -69.23 -3.13 -1.67
C VAL P 227 -70.45 -3.80 -1.07
N LEU P 228 -71.61 -3.13 -1.13
CA LEU P 228 -72.84 -3.70 -0.59
C LEU P 228 -73.14 -5.03 -1.30
N LYS P 229 -73.61 -6.01 -0.54
CA LYS P 229 -74.00 -7.30 -1.10
C LYS P 229 -75.41 -7.15 -1.67
N GLN P 230 -75.77 -8.07 -2.56
CA GLN P 230 -77.04 -8.00 -3.28
C GLN P 230 -78.27 -8.04 -2.33
N LYS P 231 -78.15 -8.70 -1.18
CA LYS P 231 -79.19 -8.70 -0.13
C LYS P 231 -79.48 -7.26 0.36
N GLU P 232 -78.44 -6.46 0.54
CA GLU P 232 -78.57 -5.05 0.98
C GLU P 232 -79.20 -4.18 -0.12
N VAL P 233 -78.74 -4.36 -1.36
CA VAL P 233 -79.24 -3.59 -2.52
C VAL P 233 -80.73 -3.86 -2.78
N GLU P 234 -81.14 -5.14 -2.73
CA GLU P 234 -82.57 -5.52 -2.82
C GLU P 234 -83.45 -4.87 -1.74
N GLN P 235 -82.90 -4.76 -0.53
CA GLN P 235 -83.62 -4.17 0.60
C GLN P 235 -83.77 -2.64 0.46
N LEU P 236 -82.80 -1.98 -0.16
CA LEU P 236 -82.91 -0.54 -0.46
C LEU P 236 -83.89 -0.23 -1.60
N ILE P 237 -83.91 -1.10 -2.62
CA ILE P 237 -84.86 -0.98 -3.72
C ILE P 237 -86.29 -1.20 -3.20
N LYS P 238 -86.48 -2.24 -2.39
CA LYS P 238 -87.77 -2.47 -1.68
C LYS P 238 -88.26 -1.20 -0.94
N LYS P 239 -87.38 -0.52 -0.21
CA LYS P 239 -87.75 0.72 0.52
C LYS P 239 -88.13 1.90 -0.36
N HIS P 240 -87.45 2.04 -1.49
CA HIS P 240 -87.79 3.06 -2.49
C HIS P 240 -89.18 2.80 -3.12
N GLU P 241 -89.49 1.53 -3.38
CA GLU P 241 -90.79 1.14 -3.98
C GLU P 241 -91.92 1.21 -2.94
N GLU P 242 -91.58 0.92 -1.67
CA GLU P 242 -92.47 1.20 -0.54
C GLU P 242 -92.72 2.71 -0.36
N GLU P 243 -91.71 3.54 -0.63
CA GLU P 243 -91.86 5.00 -0.52
C GLU P 243 -92.75 5.64 -1.60
N GLU P 244 -92.64 5.19 -2.85
CA GLU P 244 -93.51 5.67 -3.95
C GLU P 244 -94.97 5.21 -3.74
N ALA P 245 -95.83 6.12 -3.24
CA ALA P 245 -96.93 5.83 -2.29
C ALA P 245 -96.26 5.59 -0.91
N LYS P 246 -95.95 6.64 -0.12
CA LYS P 246 -96.89 7.67 0.34
C LYS P 246 -97.49 8.70 -0.65
N ALA P 247 -96.78 9.04 -1.73
CA ALA P 247 -97.21 10.09 -2.68
C ALA P 247 -98.60 9.93 -3.37
N GLU P 248 -99.33 8.83 -3.11
CA GLU P 248 -100.67 8.56 -3.69
C GLU P 248 -101.71 8.44 -2.56
N ARG P 249 -102.99 8.71 -2.82
CA ARG P 249 -104.04 8.75 -1.78
C ARG P 249 -105.30 7.93 -2.11
N SER Q 2 -40.92 8.75 -30.25
CA SER Q 2 -41.50 10.04 -29.75
C SER Q 2 -41.99 10.96 -30.88
N TYR Q 3 -43.14 11.57 -30.67
CA TYR Q 3 -43.88 12.31 -31.70
C TYR Q 3 -43.24 13.66 -32.03
N ASP Q 4 -42.66 13.79 -33.22
CA ASP Q 4 -41.96 15.01 -33.68
C ASP Q 4 -42.71 15.85 -34.73
N ARG Q 5 -44.03 15.67 -34.91
CA ARG Q 5 -44.79 16.45 -35.91
C ARG Q 5 -44.72 17.95 -35.62
N ALA Q 6 -44.43 18.77 -36.63
CA ALA Q 6 -44.53 20.21 -36.48
C ALA Q 6 -46.01 20.52 -36.45
N ILE Q 7 -46.49 21.06 -35.35
CA ILE Q 7 -47.91 21.32 -35.17
C ILE Q 7 -48.21 22.77 -35.46
N THR Q 8 -47.47 23.67 -34.81
CA THR Q 8 -47.59 25.09 -35.10
C THR Q 8 -46.62 25.41 -36.24
N VAL Q 9 -47.21 25.80 -37.38
CA VAL Q 9 -46.49 26.22 -38.57
C VAL Q 9 -47.13 27.47 -39.12
N PHE Q 10 -46.41 28.17 -39.99
CA PHE Q 10 -46.92 29.35 -40.65
C PHE Q 10 -47.91 28.98 -41.75
N SER Q 11 -48.89 29.87 -41.94
CA SER Q 11 -49.81 29.80 -43.06
C SER Q 11 -49.52 30.94 -44.01
N PRO Q 12 -50.13 30.92 -45.22
CA PRO Q 12 -49.58 31.84 -46.21
C PRO Q 12 -49.51 33.33 -45.97
N ASP Q 13 -50.31 33.89 -45.06
CA ASP Q 13 -50.24 35.35 -44.86
C ASP Q 13 -49.55 35.66 -43.54
N GLY Q 14 -48.63 34.79 -43.14
CA GLY Q 14 -47.86 34.97 -41.91
C GLY Q 14 -48.58 34.66 -40.62
N HIS Q 15 -49.66 33.90 -40.68
CA HIS Q 15 -50.40 33.53 -39.49
C HIS Q 15 -49.85 32.27 -38.90
N LEU Q 16 -50.01 32.12 -37.60
CA LEU Q 16 -49.74 30.86 -36.91
C LEU Q 16 -51.10 30.37 -36.44
N PHE Q 17 -51.77 29.56 -37.26
CA PHE Q 17 -53.14 29.15 -36.95
C PHE Q 17 -53.36 28.42 -35.61
N GLN Q 18 -52.44 27.54 -35.20
CA GLN Q 18 -52.59 26.88 -33.90
C GLN Q 18 -52.58 27.84 -32.70
N VAL Q 19 -51.86 28.96 -32.83
CA VAL Q 19 -51.84 30.01 -31.80
C VAL Q 19 -53.17 30.78 -31.82
N GLU Q 20 -53.62 31.14 -33.02
CA GLU Q 20 -54.92 31.81 -33.17
C GLU Q 20 -56.02 30.93 -32.60
N TYR Q 21 -55.95 29.63 -32.85
CA TYR Q 21 -57.00 28.74 -32.37
C TYR Q 21 -56.93 28.60 -30.87
N ALA Q 22 -55.73 28.63 -30.30
CA ALA Q 22 -55.56 28.66 -28.85
C ALA Q 22 -56.18 29.93 -28.27
N GLN Q 23 -55.97 31.07 -28.95
CA GLN Q 23 -56.63 32.32 -28.59
C GLN Q 23 -58.16 32.20 -28.61
N GLU Q 24 -58.72 31.40 -29.52
CA GLU Q 24 -60.17 31.18 -29.56
C GLU Q 24 -60.66 30.36 -28.35
N ALA Q 25 -59.82 29.48 -27.84
CA ALA Q 25 -60.13 28.77 -26.60
C ALA Q 25 -60.16 29.72 -25.40
N VAL Q 26 -59.27 30.71 -25.39
CA VAL Q 26 -59.23 31.73 -24.34
C VAL Q 26 -60.54 32.51 -24.35
N LYS Q 27 -61.00 32.91 -25.53
CA LYS Q 27 -62.21 33.72 -25.65
C LYS Q 27 -63.49 32.98 -25.24
N LYS Q 28 -63.49 31.65 -25.26
CA LYS Q 28 -64.61 30.87 -24.75
C LYS Q 28 -64.56 30.65 -23.23
N GLY Q 29 -63.41 30.93 -22.61
CA GLY Q 29 -63.28 30.83 -21.16
C GLY Q 29 -64.05 31.90 -20.41
N SER Q 30 -64.23 31.69 -19.11
CA SER Q 30 -64.87 32.66 -18.23
C SER Q 30 -64.05 33.95 -18.18
N THR Q 31 -64.74 35.06 -18.00
CA THR Q 31 -64.12 36.37 -18.00
C THR Q 31 -63.26 36.53 -16.76
N ALA Q 32 -62.07 37.10 -16.91
CA ALA Q 32 -61.23 37.48 -15.76
C ALA Q 32 -60.81 38.92 -15.90
N VAL Q 33 -60.76 39.64 -14.78
CA VAL Q 33 -60.41 41.07 -14.79
C VAL Q 33 -59.36 41.35 -13.74
N GLY Q 34 -58.45 42.24 -14.08
CA GLY Q 34 -57.40 42.70 -13.17
C GLY Q 34 -57.40 44.21 -13.10
N VAL Q 35 -57.28 44.75 -11.89
CA VAL Q 35 -57.03 46.16 -11.73
C VAL Q 35 -55.92 46.42 -10.73
N ARG Q 36 -55.00 47.26 -11.17
CA ARG Q 36 -53.88 47.71 -10.40
C ARG Q 36 -54.29 49.01 -9.68
N GLY Q 37 -54.53 48.92 -8.37
CA GLY Q 37 -54.81 50.10 -7.54
C GLY Q 37 -53.58 50.91 -7.16
N ARG Q 38 -53.78 51.88 -6.28
CA ARG Q 38 -52.69 52.69 -5.74
C ARG Q 38 -51.74 51.84 -4.87
N ASP Q 39 -52.32 51.12 -3.90
CA ASP Q 39 -51.57 50.22 -3.01
C ASP Q 39 -52.32 48.89 -2.78
N ILE Q 40 -52.92 48.40 -3.86
CA ILE Q 40 -53.68 47.15 -3.85
C ILE Q 40 -53.80 46.64 -5.29
N VAL Q 41 -54.02 45.34 -5.45
CA VAL Q 41 -54.24 44.79 -6.76
C VAL Q 41 -55.37 43.75 -6.64
N VAL Q 42 -56.33 43.79 -7.56
CA VAL Q 42 -57.57 43.01 -7.44
C VAL Q 42 -57.79 42.15 -8.68
N LEU Q 43 -58.13 40.88 -8.47
CA LEU Q 43 -58.51 39.97 -9.56
C LEU Q 43 -59.91 39.47 -9.31
N GLY Q 44 -60.75 39.55 -10.35
CA GLY Q 44 -62.13 39.05 -10.30
C GLY Q 44 -62.36 38.17 -11.50
N VAL Q 45 -63.17 37.13 -11.32
CA VAL Q 45 -63.43 36.18 -12.41
C VAL Q 45 -64.85 35.64 -12.38
N GLU Q 46 -65.38 35.35 -13.56
CA GLU Q 46 -66.77 34.96 -13.78
C GLU Q 46 -67.05 33.54 -13.30
N LYS Q 47 -68.33 33.30 -12.98
CA LYS Q 47 -68.92 32.01 -12.56
C LYS Q 47 -67.97 30.84 -12.38
N LYS Q 48 -67.38 30.37 -13.49
CA LYS Q 48 -67.06 28.94 -13.75
C LYS Q 48 -68.43 28.32 -14.16
N SER Q 49 -69.10 27.55 -13.30
CA SER Q 49 -70.41 26.96 -13.61
C SER Q 49 -71.62 27.57 -12.87
N VAL Q 50 -71.36 28.24 -11.75
CA VAL Q 50 -72.33 28.24 -10.64
C VAL Q 50 -72.50 26.76 -10.24
N ALA Q 51 -73.73 26.27 -10.10
CA ALA Q 51 -74.04 24.87 -9.74
C ALA Q 51 -74.00 24.62 -8.24
N LYS Q 52 -75.16 24.27 -7.67
CA LYS Q 52 -75.31 24.09 -6.23
C LYS Q 52 -74.50 22.92 -5.66
N LEU Q 53 -74.28 21.89 -6.48
CA LEU Q 53 -73.65 20.66 -6.04
C LEU Q 53 -72.11 20.67 -6.10
N GLN Q 54 -71.56 21.70 -6.72
CA GLN Q 54 -70.12 21.94 -6.82
C GLN Q 54 -69.54 22.27 -5.45
N ASP Q 55 -68.28 21.89 -5.23
CA ASP Q 55 -67.49 22.32 -4.06
C ASP Q 55 -66.69 23.52 -4.54
N GLU Q 56 -67.14 24.71 -4.16
CA GLU Q 56 -66.53 25.99 -4.59
C GLU Q 56 -65.00 25.98 -4.58
N ARG Q 57 -64.44 25.54 -3.44
CA ARG Q 57 -63.00 25.51 -3.17
C ARG Q 57 -62.15 24.89 -4.30
N THR Q 58 -62.65 23.83 -4.91
CA THR Q 58 -61.87 22.99 -5.84
C THR Q 58 -61.70 23.54 -7.27
N VAL Q 59 -62.42 24.60 -7.61
CA VAL Q 59 -62.44 25.10 -9.00
C VAL Q 59 -62.03 26.56 -9.15
N ARG Q 60 -61.50 27.18 -8.09
CA ARG Q 60 -61.05 28.57 -8.15
C ARG Q 60 -60.14 28.79 -9.36
N LYS Q 61 -60.29 29.95 -10.00
CA LYS Q 61 -59.50 30.33 -11.15
C LYS Q 61 -58.53 31.47 -10.76
N ILE Q 62 -58.36 31.71 -9.46
CA ILE Q 62 -57.31 32.58 -8.94
C ILE Q 62 -56.41 31.71 -8.06
N YCM Q 63 -55.09 31.83 -8.25
CA YCM Q 63 -54.11 30.84 -7.79
CB YCM Q 63 -53.78 29.93 -8.99
SG YCM Q 63 -54.93 28.58 -8.85
CD YCM Q 63 -55.95 28.13 -10.19
CE YCM Q 63 -56.38 26.73 -9.75
OZ1 YCM Q 63 -56.30 25.81 -10.54
NZ2 YCM Q 63 -56.82 26.53 -8.50
C YCM Q 63 -52.85 31.50 -7.36
O YCM Q 63 -52.29 32.32 -8.08
N ALA Q 64 -52.40 31.19 -6.14
CA ALA Q 64 -51.12 31.72 -5.65
C ALA Q 64 -49.96 31.01 -6.35
N LEU Q 65 -49.01 31.80 -6.84
CA LEU Q 65 -47.75 31.28 -7.41
C LEU Q 65 -46.66 31.24 -6.34
N ASP Q 66 -46.62 32.27 -5.51
CA ASP Q 66 -45.70 32.40 -4.39
C ASP Q 66 -46.40 33.24 -3.30
N ASP Q 67 -45.68 33.75 -2.31
CA ASP Q 67 -46.26 34.63 -1.28
C ASP Q 67 -46.64 36.01 -1.81
N ASN Q 68 -45.85 36.50 -2.77
CA ASN Q 68 -45.99 37.85 -3.28
C ASN Q 68 -46.52 37.94 -4.74
N VAL Q 69 -46.96 36.82 -5.31
CA VAL Q 69 -47.44 36.79 -6.70
C VAL Q 69 -48.58 35.80 -6.82
N CYS Q 70 -49.62 36.20 -7.54
CA CYS Q 70 -50.72 35.31 -7.86
C CYS Q 70 -51.22 35.58 -9.26
N MET Q 71 -52.06 34.69 -9.77
CA MET Q 71 -52.55 34.81 -11.12
C MET Q 71 -53.99 34.30 -11.28
N ALA Q 72 -54.68 34.92 -12.23
CA ALA Q 72 -55.94 34.41 -12.71
C ALA Q 72 -55.70 34.07 -14.17
N PHE Q 73 -56.57 33.26 -14.72
CA PHE Q 73 -56.46 32.85 -16.12
C PHE Q 73 -57.83 32.72 -16.74
N ALA Q 74 -57.85 32.67 -18.06
CA ALA Q 74 -59.05 32.31 -18.81
C ALA Q 74 -58.64 31.35 -19.88
N GLY Q 75 -59.42 30.28 -20.05
CA GLY Q 75 -59.16 29.31 -21.11
C GLY Q 75 -59.30 27.89 -20.63
N LEU Q 76 -58.50 26.99 -21.22
CA LEU Q 76 -58.50 25.59 -20.84
C LEU Q 76 -57.91 25.43 -19.42
N THR Q 77 -58.75 24.95 -18.49
CA THR Q 77 -58.38 24.94 -17.07
C THR Q 77 -57.29 23.92 -16.80
N ALA Q 78 -57.34 22.80 -17.52
CA ALA Q 78 -56.30 21.79 -17.46
C ALA Q 78 -54.97 22.34 -17.92
N ASP Q 79 -54.94 23.07 -19.03
CA ASP Q 79 -53.70 23.68 -19.48
C ASP Q 79 -53.19 24.66 -18.41
N ALA Q 80 -54.09 25.42 -17.80
CA ALA Q 80 -53.70 26.41 -16.80
C ALA Q 80 -52.99 25.79 -15.59
N ARG Q 81 -53.54 24.66 -15.13
CA ARG Q 81 -52.99 23.94 -14.00
C ARG Q 81 -51.53 23.59 -14.24
N ILE Q 82 -51.22 23.15 -15.46
CA ILE Q 82 -49.87 22.79 -15.85
C ILE Q 82 -48.97 24.03 -15.80
N VAL Q 83 -49.40 25.12 -16.43
CA VAL Q 83 -48.63 26.37 -16.43
C VAL Q 83 -48.39 26.85 -15.01
N ILE Q 84 -49.42 26.75 -14.18
CA ILE Q 84 -49.34 27.26 -12.82
C ILE Q 84 -48.31 26.50 -12.01
N ASN Q 85 -48.34 25.17 -12.10
CA ASN Q 85 -47.36 24.34 -11.45
C ASN Q 85 -45.92 24.59 -11.93
N ARG Q 86 -45.75 24.81 -13.22
CA ARG Q 86 -44.44 25.12 -13.78
C ARG Q 86 -43.93 26.43 -13.19
N ALA Q 87 -44.81 27.43 -13.06
CA ALA Q 87 -44.44 28.70 -12.44
C ALA Q 87 -44.12 28.57 -10.94
N ARG Q 88 -44.89 27.74 -10.26
CA ARG Q 88 -44.70 27.49 -8.86
C ARG Q 88 -43.31 26.88 -8.58
N VAL Q 89 -42.91 25.92 -9.42
CA VAL Q 89 -41.60 25.32 -9.35
C VAL Q 89 -40.56 26.39 -9.59
N GLU Q 90 -40.76 27.21 -10.60
CA GLU Q 90 -39.77 28.23 -10.98
C GLU Q 90 -39.57 29.31 -9.93
N CYS Q 91 -40.65 29.71 -9.26
CA CYS Q 91 -40.57 30.67 -8.16
C CYS Q 91 -39.65 30.17 -7.06
N GLN Q 92 -39.69 28.86 -6.81
CA GLN Q 92 -38.80 28.25 -5.84
C GLN Q 92 -37.33 28.11 -6.30
N SER Q 93 -37.08 27.89 -7.60
CA SER Q 93 -35.71 27.92 -8.14
C SER Q 93 -35.07 29.29 -8.12
N HIS Q 94 -35.83 30.33 -8.46
CA HIS Q 94 -35.35 31.71 -8.32
C HIS Q 94 -34.95 31.96 -6.84
N ARG Q 95 -35.86 31.72 -5.89
CA ARG Q 95 -35.55 31.89 -4.45
C ARG Q 95 -34.29 31.15 -4.03
N LEU Q 96 -34.08 29.97 -4.62
CA LEU Q 96 -32.91 29.14 -4.33
C LEU Q 96 -31.63 29.86 -4.79
N THR Q 97 -31.56 30.22 -6.07
CA THR Q 97 -30.30 30.74 -6.68
C THR Q 97 -30.01 32.26 -6.48
N VAL Q 98 -31.02 33.02 -6.07
CA VAL Q 98 -30.91 34.48 -5.90
C VAL Q 98 -31.31 35.00 -4.51
N GLU Q 99 -31.95 34.17 -3.68
CA GLU Q 99 -32.31 34.52 -2.28
C GLU Q 99 -33.15 35.80 -2.15
N ASP Q 100 -33.95 36.07 -3.18
CA ASP Q 100 -35.00 37.09 -3.20
C ASP Q 100 -36.22 36.41 -3.77
N PRO Q 101 -37.43 36.92 -3.43
CA PRO Q 101 -38.59 36.47 -4.18
C PRO Q 101 -38.51 36.96 -5.62
N VAL Q 102 -39.23 36.28 -6.50
CA VAL Q 102 -39.31 36.70 -7.90
C VAL Q 102 -39.92 38.10 -7.95
N THR Q 103 -39.52 38.92 -8.92
CA THR Q 103 -40.36 40.07 -9.31
C THR Q 103 -41.54 39.50 -10.09
N VAL Q 104 -42.61 40.28 -10.20
CA VAL Q 104 -43.78 39.86 -10.96
C VAL Q 104 -43.42 39.76 -12.45
N GLU Q 105 -42.59 40.69 -12.91
CA GLU Q 105 -42.10 40.67 -14.28
C GLU Q 105 -41.29 39.42 -14.57
N TYR Q 106 -40.39 39.04 -13.65
CA TYR Q 106 -39.56 37.85 -13.83
C TYR Q 106 -40.41 36.61 -14.12
N ILE Q 107 -41.41 36.37 -13.29
CA ILE Q 107 -42.25 35.19 -13.43
C ILE Q 107 -43.24 35.30 -14.60
N THR Q 108 -43.65 36.51 -14.95
CA THR Q 108 -44.44 36.75 -16.16
C THR Q 108 -43.59 36.39 -17.37
N ARG Q 109 -42.38 36.93 -17.38
CA ARG Q 109 -41.42 36.64 -18.44
C ARG Q 109 -41.15 35.12 -18.60
N TYR Q 110 -41.13 34.40 -17.51
CA TYR Q 110 -40.92 32.96 -17.53
C TYR Q 110 -42.14 32.20 -18.10
N ILE Q 111 -43.34 32.52 -17.62
CA ILE Q 111 -44.59 31.97 -18.15
C ILE Q 111 -44.71 32.27 -19.65
N ALA Q 112 -44.41 33.49 -20.05
CA ALA Q 112 -44.51 33.88 -21.45
C ALA Q 112 -43.59 33.07 -22.37
N SER Q 113 -42.36 32.84 -21.93
CA SER Q 113 -41.38 32.12 -22.76
C SER Q 113 -41.70 30.61 -22.81
N LEU Q 114 -42.32 30.10 -21.73
CA LEU Q 114 -42.89 28.76 -21.71
C LEU Q 114 -43.99 28.58 -22.74
N LYS Q 115 -44.90 29.55 -22.78
CA LYS Q 115 -45.94 29.56 -23.80
C LYS Q 115 -45.36 29.68 -25.22
N GLN Q 116 -44.43 30.59 -25.43
CA GLN Q 116 -43.80 30.76 -26.73
C GLN Q 116 -43.17 29.49 -27.22
N ARG Q 117 -42.45 28.80 -26.34
CA ARG Q 117 -41.81 27.50 -26.66
C ARG Q 117 -42.82 26.48 -27.20
N TYR Q 118 -44.01 26.47 -26.62
CA TYR Q 118 -45.03 25.52 -27.05
C TYR Q 118 -45.69 25.91 -28.36
N THR Q 119 -45.27 27.02 -28.96
CA THR Q 119 -45.71 27.42 -30.31
C THR Q 119 -44.64 27.19 -31.36
N GLN Q 120 -43.47 26.72 -30.94
CA GLN Q 120 -42.35 26.52 -31.85
C GLN Q 120 -41.62 25.18 -31.61
N SER Q 121 -42.25 24.22 -30.92
CA SER Q 121 -41.63 22.94 -30.63
C SER Q 121 -42.42 21.80 -31.22
N ASN Q 122 -41.70 20.81 -31.71
CA ASN Q 122 -42.32 19.63 -32.29
C ASN Q 122 -43.14 18.83 -31.29
N GLY Q 123 -44.20 18.22 -31.79
CA GLY Q 123 -45.05 17.34 -31.02
C GLY Q 123 -46.07 17.96 -30.08
N ARG Q 124 -46.10 19.29 -29.99
CA ARG Q 124 -46.94 20.00 -29.03
C ARG Q 124 -47.86 21.02 -29.69
N ARG Q 125 -49.06 21.16 -29.13
CA ARG Q 125 -49.89 22.32 -29.40
C ARG Q 125 -49.60 23.43 -28.38
N PRO Q 126 -49.93 24.68 -28.70
CA PRO Q 126 -49.85 25.74 -27.68
C PRO Q 126 -50.80 25.55 -26.51
N PHE Q 127 -50.50 26.23 -25.40
CA PHE Q 127 -51.39 26.27 -24.25
C PHE Q 127 -52.56 27.16 -24.60
N GLY Q 128 -53.76 26.70 -24.28
CA GLY Q 128 -54.98 27.49 -24.54
C GLY Q 128 -55.41 28.39 -23.39
N ILE Q 129 -54.52 29.25 -22.93
CA ILE Q 129 -54.82 30.15 -21.83
C ILE Q 129 -54.13 31.50 -21.98
N SER Q 130 -54.78 32.52 -21.43
CA SER Q 130 -54.12 33.76 -21.05
C SER Q 130 -54.13 33.87 -19.55
N ALA Q 131 -53.22 34.68 -19.02
CA ALA Q 131 -53.07 34.83 -17.59
C ALA Q 131 -52.95 36.29 -17.23
N LEU Q 132 -53.67 36.68 -16.19
CA LEU Q 132 -53.43 37.95 -15.50
C LEU Q 132 -52.59 37.64 -14.26
N ILE Q 133 -51.40 38.23 -14.21
CA ILE Q 133 -50.45 37.97 -13.15
C ILE Q 133 -50.23 39.25 -12.37
N VAL Q 134 -50.42 39.18 -11.05
CA VAL Q 134 -50.34 40.36 -10.20
C VAL Q 134 -49.47 40.13 -8.99
N GLY Q 135 -48.99 41.22 -8.43
CA GLY Q 135 -48.23 41.19 -7.21
C GLY Q 135 -47.53 42.50 -6.91
N PHE Q 136 -46.58 42.44 -5.97
CA PHE Q 136 -45.78 43.58 -5.57
C PHE Q 136 -44.29 43.24 -5.61
N ASP Q 137 -43.49 44.23 -5.99
CA ASP Q 137 -42.03 44.16 -5.94
C ASP Q 137 -41.50 44.55 -4.56
N PHE Q 138 -40.21 44.27 -4.32
CA PHE Q 138 -39.52 44.63 -3.07
C PHE Q 138 -39.69 46.10 -2.68
N ASP Q 139 -39.69 46.99 -3.67
CA ASP Q 139 -39.85 48.45 -3.45
C ASP Q 139 -41.31 48.95 -3.35
N GLY Q 140 -42.27 48.02 -3.25
CA GLY Q 140 -43.67 48.36 -3.00
C GLY Q 140 -44.55 48.68 -4.21
N THR Q 141 -43.99 48.66 -5.42
CA THR Q 141 -44.77 49.01 -6.62
C THR Q 141 -45.78 47.90 -6.98
N PRO Q 142 -47.07 48.26 -7.15
CA PRO Q 142 -48.08 47.29 -7.59
C PRO Q 142 -47.94 46.98 -9.08
N ARG Q 143 -48.24 45.73 -9.47
CA ARG Q 143 -47.96 45.24 -10.83
C ARG Q 143 -49.07 44.35 -11.35
N LEU Q 144 -49.51 44.62 -12.57
CA LEU Q 144 -50.45 43.75 -13.28
C LEU Q 144 -49.86 43.47 -14.65
N TYR Q 145 -49.62 42.19 -14.97
CA TYR Q 145 -49.12 41.75 -16.29
C TYR Q 145 -50.10 40.79 -16.91
N GLN Q 146 -50.05 40.69 -18.23
CA GLN Q 146 -50.85 39.71 -18.93
C GLN Q 146 -50.03 38.94 -19.95
N THR Q 147 -50.21 37.62 -19.99
CA THR Q 147 -49.65 36.75 -21.03
C THR Q 147 -50.75 36.19 -21.88
N ASP Q 148 -50.45 35.84 -23.13
CA ASP Q 148 -51.41 35.10 -23.94
C ASP Q 148 -50.70 33.92 -24.62
N PRO Q 149 -51.46 33.05 -25.31
CA PRO Q 149 -50.91 31.78 -25.83
C PRO Q 149 -49.70 31.91 -26.74
N SER Q 150 -49.54 33.05 -27.41
CA SER Q 150 -48.39 33.28 -28.29
C SER Q 150 -47.05 33.44 -27.53
N GLY Q 151 -47.12 33.73 -26.24
CA GLY Q 151 -45.94 34.10 -25.44
C GLY Q 151 -45.67 35.57 -25.34
N THR Q 152 -46.53 36.39 -25.90
CA THR Q 152 -46.49 37.84 -25.75
C THR Q 152 -46.89 38.22 -24.35
N TYR Q 153 -46.29 39.26 -23.79
CA TYR Q 153 -46.68 39.76 -22.49
C TYR Q 153 -46.48 41.27 -22.35
N HIS Q 154 -47.37 41.89 -21.58
CA HIS Q 154 -47.34 43.33 -21.32
C HIS Q 154 -47.83 43.59 -19.91
N ALA Q 155 -47.51 44.78 -19.42
CA ALA Q 155 -48.07 45.32 -18.18
C ALA Q 155 -49.31 46.14 -18.51
N TRP Q 156 -50.29 46.11 -17.60
CA TRP Q 156 -51.54 46.84 -17.76
C TRP Q 156 -51.93 47.55 -16.46
N LYS Q 157 -52.60 48.70 -16.61
CA LYS Q 157 -53.23 49.40 -15.49
C LYS Q 157 -54.44 48.60 -15.05
N ALA Q 158 -55.18 48.12 -16.03
CA ALA Q 158 -56.26 47.18 -15.82
C ALA Q 158 -56.44 46.43 -17.12
N ASN Q 159 -57.07 45.27 -17.06
CA ASN Q 159 -57.37 44.50 -18.26
C ASN Q 159 -58.39 43.40 -17.98
N ALA Q 160 -58.87 42.79 -19.06
CA ALA Q 160 -59.74 41.65 -18.99
C ALA Q 160 -59.37 40.64 -20.07
N ILE Q 161 -59.65 39.38 -19.78
CA ILE Q 161 -59.43 38.26 -20.70
C ILE Q 161 -60.62 37.31 -20.59
N GLY Q 162 -60.80 36.47 -21.58
CA GLY Q 162 -61.98 35.60 -21.64
C GLY Q 162 -63.14 36.19 -22.41
N ARG Q 163 -64.30 35.56 -22.29
CA ARG Q 163 -65.48 35.97 -23.05
C ARG Q 163 -65.97 37.33 -22.62
N GLY Q 164 -66.26 38.17 -23.60
CA GLY Q 164 -66.61 39.55 -23.36
C GLY Q 164 -65.47 40.42 -22.83
N ALA Q 165 -64.23 40.02 -23.07
CA ALA Q 165 -63.09 40.89 -22.77
C ALA Q 165 -63.11 42.18 -23.61
N LYS Q 166 -63.64 42.11 -24.84
CA LYS Q 166 -63.73 43.28 -25.75
C LYS Q 166 -64.57 44.40 -25.11
N SER Q 167 -65.78 44.06 -24.67
CA SER Q 167 -66.64 45.03 -23.99
C SER Q 167 -66.12 45.49 -22.62
N VAL Q 168 -65.61 44.55 -21.82
CA VAL Q 168 -65.08 44.86 -20.47
C VAL Q 168 -63.86 45.79 -20.52
N ARG Q 169 -62.94 45.54 -21.46
CA ARG Q 169 -61.80 46.43 -21.65
C ARG Q 169 -62.26 47.84 -22.04
N GLU Q 170 -63.32 47.91 -22.86
CA GLU Q 170 -63.93 49.19 -23.26
C GLU Q 170 -64.46 49.95 -22.02
N PHE Q 171 -65.14 49.23 -21.13
CA PHE Q 171 -65.65 49.80 -19.88
C PHE Q 171 -64.51 50.32 -18.99
N LEU Q 172 -63.47 49.52 -18.81
CA LEU Q 172 -62.28 49.92 -18.03
C LEU Q 172 -61.57 51.15 -18.61
N GLU Q 173 -61.56 51.30 -19.93
CA GLU Q 173 -60.96 52.49 -20.57
C GLU Q 173 -61.68 53.77 -20.18
N LYS Q 174 -63.01 53.75 -20.17
CA LYS Q 174 -63.81 54.92 -19.78
C LYS Q 174 -63.80 55.12 -18.25
N ASN Q 175 -63.71 54.04 -17.48
CA ASN Q 175 -63.94 54.07 -16.03
C ASN Q 175 -62.70 54.04 -15.12
N TYR Q 176 -61.56 53.54 -15.59
CA TYR Q 176 -60.31 53.57 -14.81
C TYR Q 176 -59.76 55.00 -14.77
N THR Q 177 -59.95 55.65 -13.63
CA THR Q 177 -59.45 57.01 -13.39
C THR Q 177 -58.82 57.04 -12.01
N ASP Q 178 -58.00 58.07 -11.74
CA ASP Q 178 -57.41 58.28 -10.41
C ASP Q 178 -58.46 58.21 -9.31
N GLU Q 179 -59.62 58.82 -9.55
CA GLU Q 179 -60.70 58.85 -8.58
C GLU Q 179 -61.40 57.48 -8.33
N ALA Q 180 -61.45 56.60 -9.33
CA ALA Q 180 -62.01 55.24 -9.15
C ALA Q 180 -61.07 54.26 -8.38
N ILE Q 181 -59.79 54.62 -8.25
CA ILE Q 181 -58.79 53.83 -7.49
C ILE Q 181 -58.13 54.61 -6.33
N GLU Q 182 -58.78 55.69 -5.87
CA GLU Q 182 -58.26 56.50 -4.76
C GLU Q 182 -58.23 55.67 -3.49
N THR Q 183 -59.24 54.83 -3.31
CA THR Q 183 -59.31 53.93 -2.16
C THR Q 183 -59.50 52.46 -2.57
N ASP Q 184 -59.31 51.58 -1.59
CA ASP Q 184 -59.41 50.13 -1.78
C ASP Q 184 -60.82 49.64 -2.13
N ASP Q 185 -61.84 50.15 -1.44
CA ASP Q 185 -63.24 49.75 -1.69
C ASP Q 185 -63.73 50.12 -3.12
N LEU Q 186 -63.25 51.25 -3.64
CA LEU Q 186 -63.59 51.68 -5.01
C LEU Q 186 -62.85 50.87 -6.06
N THR Q 187 -61.60 50.49 -5.76
CA THR Q 187 -60.79 49.59 -6.61
C THR Q 187 -61.44 48.21 -6.73
N ILE Q 188 -61.88 47.68 -5.59
CA ILE Q 188 -62.61 46.41 -5.58
C ILE Q 188 -63.95 46.55 -6.30
N LYS Q 189 -64.62 47.67 -6.10
CA LYS Q 189 -65.90 47.95 -6.78
C LYS Q 189 -65.76 48.11 -8.31
N LEU Q 190 -64.64 48.69 -8.76
CA LEU Q 190 -64.39 48.83 -10.20
C LEU Q 190 -64.32 47.47 -10.91
N VAL Q 191 -63.69 46.47 -10.27
CA VAL Q 191 -63.64 45.09 -10.78
C VAL Q 191 -65.02 44.45 -10.85
N ILE Q 192 -65.82 44.63 -9.81
CA ILE Q 192 -67.17 44.04 -9.75
C ILE Q 192 -68.09 44.69 -10.80
N LYS Q 193 -68.06 46.02 -10.88
CA LYS Q 193 -68.81 46.73 -11.93
C LYS Q 193 -68.37 46.23 -13.31
N ALA Q 194 -67.05 46.08 -13.51
CA ALA Q 194 -66.53 45.59 -14.79
C ALA Q 194 -67.05 44.21 -15.15
N LEU Q 195 -67.04 43.29 -14.20
CA LEU Q 195 -67.61 41.94 -14.40
C LEU Q 195 -69.11 41.95 -14.64
N LEU Q 196 -69.84 42.80 -13.90
CA LEU Q 196 -71.30 42.91 -14.08
C LEU Q 196 -71.69 43.40 -15.49
N GLU Q 197 -70.73 44.05 -16.17
CA GLU Q 197 -70.88 44.39 -17.59
C GLU Q 197 -71.21 43.21 -18.51
N VAL Q 198 -70.66 42.03 -18.23
CA VAL Q 198 -70.96 40.80 -19.03
C VAL Q 198 -71.56 39.60 -18.30
N VAL Q 199 -71.36 39.52 -16.98
CA VAL Q 199 -71.66 38.30 -16.21
C VAL Q 199 -73.17 38.04 -16.11
N GLN Q 200 -73.60 36.95 -16.77
CA GLN Q 200 -74.97 36.47 -16.91
C GLN Q 200 -75.55 36.04 -15.56
N SER Q 201 -75.92 37.04 -14.75
CA SER Q 201 -76.67 36.92 -13.45
C SER Q 201 -76.20 38.03 -12.51
N GLY Q 202 -74.89 38.06 -12.29
CA GLY Q 202 -74.22 39.12 -11.55
C GLY Q 202 -73.81 38.81 -10.12
N GLY Q 203 -74.72 38.20 -9.35
CA GLY Q 203 -74.56 38.00 -7.90
C GLY Q 203 -73.42 37.10 -7.45
N LYS Q 204 -73.67 35.78 -7.45
CA LYS Q 204 -72.70 34.78 -6.96
C LYS Q 204 -72.80 33.36 -7.60
N ASN Q 205 -72.10 33.03 -8.70
CA ASN Q 205 -71.35 33.89 -9.66
C ASN Q 205 -70.18 34.72 -9.07
N ILE Q 206 -69.36 35.35 -9.91
CA ILE Q 206 -68.16 36.15 -9.48
C ILE Q 206 -67.34 35.67 -8.20
N GLU Q 207 -66.11 35.19 -8.42
CA GLU Q 207 -65.09 34.99 -7.35
C GLU Q 207 -64.13 36.16 -7.38
N LEU Q 208 -63.73 36.64 -6.20
CA LEU Q 208 -62.86 37.81 -6.13
C LEU Q 208 -61.77 37.71 -5.08
N ALA Q 209 -60.65 38.37 -5.35
CA ALA Q 209 -59.48 38.33 -4.48
C ALA Q 209 -58.62 39.59 -4.61
N VAL Q 210 -57.97 39.92 -3.49
CA VAL Q 210 -57.16 41.13 -3.36
C VAL Q 210 -55.76 40.77 -2.87
N MET Q 211 -54.78 41.59 -3.26
CA MET Q 211 -53.44 41.49 -2.72
C MET Q 211 -52.98 42.86 -2.30
N ARG Q 212 -52.69 43.01 -1.01
CA ARG Q 212 -52.15 44.26 -0.46
C ARG Q 212 -50.64 44.16 -0.32
N ARG Q 213 -49.98 45.32 -0.33
CA ARG Q 213 -48.52 45.42 -0.14
C ARG Q 213 -48.11 44.63 1.10
N ASP Q 214 -47.33 43.57 0.90
CA ASP Q 214 -46.84 42.66 1.97
C ASP Q 214 -47.89 41.67 2.56
N GLN Q 215 -49.17 42.03 2.60
CA GLN Q 215 -50.16 41.28 3.41
C GLN Q 215 -50.67 39.96 2.79
N SER Q 216 -50.24 39.61 1.58
CA SER Q 216 -50.57 38.32 0.95
C SER Q 216 -52.04 38.14 0.54
N LEU Q 217 -52.28 37.13 -0.30
CA LEU Q 217 -53.57 36.90 -0.99
C LEU Q 217 -54.72 36.70 -0.01
N LYS Q 218 -55.76 37.52 -0.14
CA LYS Q 218 -57.05 37.32 0.56
C LYS Q 218 -58.14 37.14 -0.49
N ILE Q 219 -58.82 35.99 -0.45
CA ILE Q 219 -60.04 35.79 -1.24
C ILE Q 219 -61.22 36.38 -0.45
N LEU Q 220 -62.21 36.94 -1.14
CA LEU Q 220 -63.50 37.28 -0.52
C LEU Q 220 -64.37 36.10 -1.03
N ASN Q 221 -65.34 35.49 -0.34
CA ASN Q 221 -66.20 35.90 0.79
C ASN Q 221 -67.58 36.31 0.25
N PRO Q 222 -68.45 35.32 -0.06
CA PRO Q 222 -69.72 35.63 -0.75
C PRO Q 222 -70.67 36.58 -0.01
N GLU Q 223 -70.63 36.57 1.32
CA GLU Q 223 -71.36 37.57 2.13
C GLU Q 223 -70.90 39.02 1.82
N GLU Q 224 -69.59 39.20 1.79
CA GLU Q 224 -68.98 40.51 1.54
C GLU Q 224 -69.12 40.96 0.07
N ILE Q 225 -69.24 40.00 -0.86
CA ILE Q 225 -69.39 40.28 -2.29
C ILE Q 225 -70.77 40.82 -2.64
N GLU Q 226 -71.83 40.15 -2.16
CA GLU Q 226 -73.21 40.58 -2.47
C GLU Q 226 -73.56 41.97 -1.95
N LYS Q 227 -72.83 42.41 -0.92
CA LYS Q 227 -72.80 43.83 -0.52
C LYS Q 227 -72.51 44.72 -1.74
N TYR Q 228 -71.36 44.49 -2.36
CA TYR Q 228 -70.93 45.27 -3.52
C TYR Q 228 -71.82 45.02 -4.78
N VAL Q 229 -72.38 43.81 -4.92
CA VAL Q 229 -73.24 43.45 -6.06
C VAL Q 229 -74.50 44.29 -6.09
N ALA Q 230 -75.22 44.28 -4.96
CA ALA Q 230 -76.45 45.06 -4.77
C ALA Q 230 -76.20 46.59 -4.84
N GLU Q 231 -75.08 47.02 -4.24
CA GLU Q 231 -74.66 48.45 -4.22
C GLU Q 231 -74.35 49.06 -5.61
N ILE Q 232 -74.04 48.20 -6.59
CA ILE Q 232 -73.84 48.60 -8.02
C ILE Q 232 -75.06 48.27 -8.93
N GLU Q 233 -75.85 47.27 -8.55
CA GLU Q 233 -77.10 46.87 -9.26
C GLU Q 233 -78.24 47.88 -9.03
N LYS Q 234 -78.33 48.40 -7.80
CA LYS Q 234 -79.26 49.48 -7.47
C LYS Q 234 -78.77 50.87 -7.91
N GLU Q 235 -77.49 51.01 -8.27
CA GLU Q 235 -76.97 52.22 -8.93
C GLU Q 235 -77.18 52.28 -10.46
N LYS Q 236 -77.41 51.12 -11.11
CA LYS Q 236 -77.72 51.04 -12.55
C LYS Q 236 -79.24 50.87 -12.88
N GLU Q 237 -80.11 51.13 -11.90
CA GLU Q 237 -81.57 51.22 -12.10
C GLU Q 237 -82.02 52.67 -11.93
N GLU Q 238 -81.45 53.34 -10.92
CA GLU Q 238 -81.29 54.79 -10.84
C GLU Q 238 -81.09 55.44 -12.23
N ASN Q 239 -80.13 54.89 -12.99
CA ASN Q 239 -79.63 55.46 -14.25
C ASN Q 239 -80.49 55.14 -15.51
N GLU Q 240 -81.82 55.24 -15.40
CA GLU Q 240 -82.75 54.92 -16.50
C GLU Q 240 -84.07 55.70 -16.37
N ASP R 9 -51.47 18.74 -47.48
CA ASP R 9 -50.59 19.11 -46.31
C ASP R 9 -49.16 18.62 -46.56
N ARG R 10 -48.21 19.50 -46.24
CA ARG R 10 -46.81 19.34 -46.61
C ARG R 10 -45.89 19.63 -45.43
N GLY R 11 -44.69 19.06 -45.50
CA GLY R 11 -43.71 19.25 -44.45
C GLY R 11 -43.15 20.65 -44.41
N VAL R 12 -42.57 21.00 -43.27
CA VAL R 12 -42.04 22.35 -43.06
C VAL R 12 -40.79 22.67 -43.89
N ASN R 13 -40.13 21.64 -44.42
CA ASN R 13 -38.97 21.82 -45.29
C ASN R 13 -39.25 21.57 -46.77
N THR R 14 -40.47 21.85 -47.21
CA THR R 14 -40.84 21.66 -48.60
C THR R 14 -40.44 22.89 -49.41
N PHE R 15 -39.76 22.67 -50.52
CA PHE R 15 -39.50 23.72 -51.52
C PHE R 15 -40.75 23.94 -52.43
N SER R 16 -41.01 25.20 -52.76
CA SER R 16 -42.01 25.56 -53.79
C SER R 16 -41.40 25.39 -55.16
N PRO R 17 -42.24 25.35 -56.21
CA PRO R 17 -41.71 25.26 -57.56
C PRO R 17 -40.74 26.39 -57.96
N GLU R 18 -40.88 27.54 -57.30
CA GLU R 18 -40.01 28.67 -57.58
C GLU R 18 -38.68 28.60 -56.82
N GLY R 19 -38.48 27.57 -55.99
CA GLY R 19 -37.20 27.38 -55.31
C GLY R 19 -37.04 28.10 -53.99
N ARG R 20 -38.14 28.26 -53.27
CA ARG R 20 -38.15 28.87 -51.95
C ARG R 20 -38.85 27.95 -50.95
N LEU R 21 -38.46 28.06 -49.68
CA LEU R 21 -39.08 27.28 -48.62
C LEU R 21 -40.33 27.99 -48.20
N PHE R 22 -41.47 27.34 -48.41
CA PHE R 22 -42.78 27.94 -48.10
C PHE R 22 -42.80 28.64 -46.73
N GLN R 23 -42.35 27.92 -45.69
CA GLN R 23 -42.34 28.42 -44.31
C GLN R 23 -41.53 29.71 -44.14
N VAL R 24 -40.42 29.82 -44.86
CA VAL R 24 -39.59 31.02 -44.81
C VAL R 24 -40.32 32.19 -45.50
N GLU R 25 -40.91 31.93 -46.66
CA GLU R 25 -41.68 32.97 -47.37
C GLU R 25 -42.88 33.41 -46.56
N TYR R 26 -43.59 32.47 -45.96
CA TYR R 26 -44.68 32.81 -45.04
C TYR R 26 -44.20 33.56 -43.79
N ALA R 27 -43.03 33.19 -43.24
CA ALA R 27 -42.46 33.90 -42.10
C ALA R 27 -42.13 35.33 -42.47
N ILE R 28 -41.65 35.56 -43.70
CA ILE R 28 -41.39 36.92 -44.22
C ILE R 28 -42.69 37.76 -44.34
N GLU R 29 -43.80 37.10 -44.62
CA GLU R 29 -45.11 37.76 -44.66
C GLU R 29 -45.56 38.19 -43.27
N ALA R 30 -45.17 37.44 -42.23
CA ALA R 30 -45.45 37.85 -40.84
C ALA R 30 -44.72 39.13 -40.44
N ILE R 31 -43.54 39.38 -41.00
CA ILE R 31 -42.78 40.62 -40.74
C ILE R 31 -43.59 41.86 -41.17
N LYS R 32 -44.36 41.75 -42.24
CA LYS R 32 -45.19 42.88 -42.73
C LYS R 32 -46.34 43.23 -41.78
N LEU R 33 -46.72 42.33 -40.89
CA LEU R 33 -47.72 42.60 -39.85
C LEU R 33 -47.13 43.32 -38.61
N GLY R 34 -45.80 43.45 -38.51
CA GLY R 34 -45.15 44.09 -37.36
C GLY R 34 -45.09 45.59 -37.58
N SER R 35 -44.86 46.30 -36.48
CA SER R 35 -44.62 47.74 -36.49
C SER R 35 -43.38 48.12 -37.24
N THR R 36 -43.35 49.35 -37.70
CA THR R 36 -42.23 49.84 -38.44
C THR R 36 -41.06 50.11 -37.46
N ALA R 37 -39.85 49.69 -37.88
CA ALA R 37 -38.62 50.05 -37.19
C ALA R 37 -37.62 50.57 -38.20
N ILE R 38 -36.84 51.55 -37.79
CA ILE R 38 -35.86 52.23 -38.64
C ILE R 38 -34.45 52.20 -38.00
N GLY R 39 -33.45 51.93 -38.83
CA GLY R 39 -32.06 51.95 -38.43
C GLY R 39 -31.31 52.85 -39.40
N ILE R 40 -30.49 53.76 -38.87
CA ILE R 40 -29.60 54.58 -39.69
C ILE R 40 -28.19 54.56 -39.08
N GLN R 41 -27.20 54.41 -39.95
CA GLN R 41 -25.79 54.34 -39.59
C GLN R 41 -25.09 55.60 -40.10
N THR R 42 -24.52 56.35 -39.17
CA THR R 42 -23.73 57.53 -39.50
C THR R 42 -22.31 57.30 -39.01
N SER R 43 -21.42 58.21 -39.37
CA SER R 43 -20.03 58.15 -38.91
C SER R 43 -19.91 58.46 -37.41
N GLU R 44 -20.91 59.13 -36.84
CA GLU R 44 -20.93 59.47 -35.40
C GLU R 44 -21.77 58.52 -34.55
N GLY R 45 -22.24 57.43 -35.13
CA GLY R 45 -23.05 56.44 -34.39
C GLY R 45 -24.21 55.90 -35.22
N VAL R 46 -24.93 54.95 -34.64
CA VAL R 46 -26.15 54.44 -35.25
C VAL R 46 -27.32 54.66 -34.32
N CYS R 47 -28.49 54.97 -34.93
CA CYS R 47 -29.74 55.15 -34.21
C CYS R 47 -30.78 54.12 -34.64
N LEU R 48 -31.65 53.76 -33.70
CA LEU R 48 -32.71 52.78 -33.90
C LEU R 48 -34.00 53.41 -33.40
N ALA R 49 -35.02 53.44 -34.25
CA ALA R 49 -36.32 54.03 -33.92
C ALA R 49 -37.38 53.01 -34.25
N VAL R 50 -38.39 52.90 -33.40
CA VAL R 50 -39.42 51.90 -33.61
C VAL R 50 -40.78 52.43 -33.17
N GLU R 51 -41.78 52.16 -34.00
CA GLU R 51 -43.18 52.39 -33.67
C GLU R 51 -43.59 51.37 -32.62
N LYS R 52 -44.10 51.82 -31.46
CA LYS R 52 -44.59 50.87 -30.44
C LYS R 52 -45.88 50.19 -30.84
N ARG R 53 -46.83 50.98 -31.37
CA ARG R 53 -48.16 50.50 -31.73
C ARG R 53 -49.00 50.14 -30.49
N ILE R 54 -49.46 51.20 -29.81
CA ILE R 54 -50.24 51.06 -28.58
C ILE R 54 -51.62 50.63 -29.02
N THR R 55 -52.13 49.55 -28.42
CA THR R 55 -53.46 49.01 -28.77
C THR R 55 -54.57 49.43 -27.78
N SER R 56 -54.20 50.00 -26.63
CA SER R 56 -55.17 50.44 -25.60
C SER R 56 -54.50 51.41 -24.62
N PRO R 57 -55.24 52.45 -24.14
CA PRO R 57 -54.64 53.34 -23.11
C PRO R 57 -54.39 52.70 -21.73
N LEU R 58 -55.01 51.53 -21.47
CA LEU R 58 -54.75 50.74 -20.27
C LEU R 58 -53.39 50.01 -20.29
N MET R 59 -52.84 49.77 -21.46
CA MET R 59 -51.56 49.10 -21.58
C MET R 59 -50.45 50.06 -21.16
N GLU R 60 -49.51 49.60 -20.33
CA GLU R 60 -48.34 50.42 -19.95
C GLU R 60 -47.33 50.48 -21.10
N PRO R 61 -47.10 51.67 -21.68
CA PRO R 61 -46.19 51.81 -22.83
C PRO R 61 -44.73 51.37 -22.65
N SER R 62 -44.16 51.59 -21.46
CA SER R 62 -42.78 51.14 -21.17
C SER R 62 -42.64 49.60 -21.17
N SER R 63 -43.73 48.88 -20.92
CA SER R 63 -43.74 47.41 -21.01
C SER R 63 -43.74 46.84 -22.43
N ILE R 64 -43.82 47.69 -23.46
CA ILE R 64 -43.50 47.29 -24.84
C ILE R 64 -42.03 47.57 -25.02
N GLU R 65 -41.28 46.56 -25.44
CA GLU R 65 -39.86 46.69 -25.61
C GLU R 65 -39.48 46.07 -26.95
N LYS R 66 -39.22 46.92 -27.93
CA LYS R 66 -38.90 46.50 -29.29
C LYS R 66 -37.50 46.94 -29.72
N ILE R 67 -36.84 47.73 -28.89
CA ILE R 67 -35.41 47.92 -28.95
C ILE R 67 -34.85 47.36 -27.63
N VAL R 68 -33.81 46.53 -27.73
CA VAL R 68 -33.14 45.95 -26.56
C VAL R 68 -31.62 46.08 -26.69
N GLU R 69 -30.97 46.06 -25.53
CA GLU R 69 -29.50 46.05 -25.45
C GLU R 69 -29.00 44.63 -25.63
N ILE R 70 -28.05 44.43 -26.55
CA ILE R 70 -27.39 43.13 -26.70
C ILE R 70 -26.17 43.08 -25.77
N ASP R 71 -25.30 44.08 -25.93
CA ASP R 71 -24.16 44.34 -25.06
C ASP R 71 -24.00 45.87 -25.04
N ALA R 72 -23.05 46.40 -24.28
CA ALA R 72 -22.89 47.84 -24.15
C ALA R 72 -22.74 48.59 -25.49
N HIS R 73 -22.25 47.90 -26.51
CA HIS R 73 -21.88 48.48 -27.80
C HIS R 73 -22.82 48.04 -28.92
N ILE R 74 -23.94 47.37 -28.60
CA ILE R 74 -24.83 46.80 -29.60
C ILE R 74 -26.25 46.82 -29.10
N GLY R 75 -27.13 47.44 -29.90
CA GLY R 75 -28.58 47.43 -29.68
C GLY R 75 -29.23 46.63 -30.78
N CYS R 76 -30.47 46.23 -30.53
CA CYS R 76 -31.25 45.48 -31.50
C CYS R 76 -32.70 45.97 -31.56
N ALA R 77 -33.16 46.36 -32.74
CA ALA R 77 -34.57 46.70 -33.01
C ALA R 77 -35.22 45.57 -33.77
N MET R 78 -36.43 45.22 -33.39
CA MET R 78 -37.12 44.06 -33.98
C MET R 78 -38.51 44.41 -34.51
N SER R 79 -38.97 43.62 -35.48
CA SER R 79 -40.33 43.72 -35.98
C SER R 79 -40.84 42.36 -36.41
N GLY R 80 -42.11 42.09 -36.09
CA GLY R 80 -42.77 40.86 -36.52
C GLY R 80 -43.49 40.28 -35.34
N LEU R 81 -43.37 38.96 -35.16
CA LEU R 81 -43.90 38.28 -33.99
C LEU R 81 -42.87 38.37 -32.87
N ILE R 82 -43.08 39.29 -31.96
CA ILE R 82 -42.09 39.68 -30.96
C ILE R 82 -41.71 38.54 -30.00
N ALA R 83 -42.67 37.71 -29.61
CA ALA R 83 -42.37 36.57 -28.74
C ALA R 83 -41.28 35.68 -29.35
N ASP R 84 -41.32 35.47 -30.67
CA ASP R 84 -40.28 34.74 -31.38
C ASP R 84 -38.89 35.36 -31.23
N ALA R 85 -38.82 36.68 -31.07
CA ALA R 85 -37.53 37.38 -30.96
C ALA R 85 -36.73 37.04 -29.71
N LYS R 86 -37.40 36.66 -28.62
CA LYS R 86 -36.74 36.50 -27.32
C LYS R 86 -35.57 35.54 -27.36
N THR R 87 -35.78 34.35 -27.91
CA THR R 87 -34.71 33.38 -27.98
C THR R 87 -33.55 33.84 -28.88
N LEU R 88 -33.84 34.70 -29.87
CA LEU R 88 -32.81 35.23 -30.73
C LEU R 88 -31.96 36.27 -30.02
N ILE R 89 -32.63 37.12 -29.25
CA ILE R 89 -31.98 38.16 -28.45
C ILE R 89 -31.09 37.50 -27.38
N ASP R 90 -31.65 36.53 -26.66
CA ASP R 90 -30.90 35.82 -25.65
C ASP R 90 -29.67 35.14 -26.23
N LYS R 91 -29.80 34.57 -27.43
CA LYS R 91 -28.66 33.96 -28.11
C LYS R 91 -27.60 35.02 -28.45
N ALA R 92 -28.01 36.19 -28.93
CA ALA R 92 -27.06 37.27 -29.17
C ALA R 92 -26.33 37.72 -27.89
N ARG R 93 -27.05 37.85 -26.80
CA ARG R 93 -26.46 38.24 -25.53
C ARG R 93 -25.41 37.21 -25.03
N VAL R 94 -25.81 35.96 -25.03
CA VAL R 94 -25.00 34.87 -24.59
C VAL R 94 -23.75 34.73 -25.44
N GLU R 95 -23.87 34.88 -26.74
CA GLU R 95 -22.70 34.82 -27.63
C GLU R 95 -21.69 35.91 -27.39
N THR R 96 -22.15 37.13 -27.11
CA THR R 96 -21.23 38.26 -26.95
C THR R 96 -20.46 38.05 -25.64
N GLN R 97 -21.13 37.51 -24.63
CA GLN R 97 -20.50 37.24 -23.35
C GLN R 97 -19.54 36.04 -23.43
N ASN R 98 -19.90 35.02 -24.20
CA ASN R 98 -18.98 33.94 -24.49
C ASN R 98 -17.77 34.43 -25.24
N HIS R 99 -17.97 35.29 -26.22
CA HIS R 99 -16.85 35.84 -26.97
C HIS R 99 -15.92 36.65 -26.07
N TRP R 100 -16.50 37.41 -25.15
CA TRP R 100 -15.74 38.17 -24.20
C TRP R 100 -14.94 37.22 -23.28
N PHE R 101 -15.63 36.20 -22.77
CA PHE R 101 -15.03 35.21 -21.89
C PHE R 101 -13.79 34.59 -22.55
N THR R 102 -13.95 34.13 -23.77
CA THR R 102 -12.92 33.35 -24.43
C THR R 102 -11.76 34.21 -24.95
N TYR R 103 -12.07 35.37 -25.53
CA TYR R 103 -11.09 36.18 -26.24
C TYR R 103 -10.72 37.51 -25.59
N ASN R 104 -11.42 37.89 -24.52
CA ASN R 104 -11.17 39.15 -23.82
C ASN R 104 -11.26 40.38 -24.72
N GLU R 105 -12.33 40.42 -25.52
CA GLU R 105 -12.56 41.47 -26.48
C GLU R 105 -14.05 41.55 -26.80
N THR R 106 -14.46 42.67 -27.37
CA THR R 106 -15.83 42.83 -27.81
C THR R 106 -16.01 42.11 -29.14
N MET R 107 -17.14 41.41 -29.26
CA MET R 107 -17.54 40.75 -30.50
C MET R 107 -18.00 41.82 -31.50
N THR R 108 -17.66 41.67 -32.77
CA THR R 108 -18.13 42.65 -33.77
C THR R 108 -19.65 42.52 -34.02
N VAL R 109 -20.26 43.61 -34.50
CA VAL R 109 -21.69 43.63 -34.84
C VAL R 109 -22.02 42.56 -35.87
N GLU R 110 -21.19 42.50 -36.91
CA GLU R 110 -21.31 41.49 -37.98
C GLU R 110 -21.30 40.07 -37.42
N SER R 111 -20.35 39.80 -36.51
CA SER R 111 -20.18 38.48 -35.93
C SER R 111 -21.36 38.06 -35.05
N VAL R 112 -21.91 39.01 -34.26
CA VAL R 112 -23.14 38.75 -33.50
C VAL R 112 -24.27 38.42 -34.45
N THR R 113 -24.46 39.25 -35.51
CA THR R 113 -25.58 39.04 -36.44
C THR R 113 -25.45 37.66 -37.07
N GLN R 114 -24.23 37.32 -37.49
CA GLN R 114 -23.92 36.00 -38.10
C GLN R 114 -24.26 34.84 -37.18
N ALA R 115 -23.97 34.99 -35.91
CA ALA R 115 -24.24 33.92 -34.95
C ALA R 115 -25.74 33.66 -34.82
N VAL R 116 -26.48 34.75 -34.65
CA VAL R 116 -27.93 34.70 -34.59
C VAL R 116 -28.52 34.13 -35.88
N SER R 117 -27.97 34.53 -37.02
CA SER R 117 -28.52 34.11 -38.30
C SER R 117 -28.30 32.63 -38.58
N ASN R 118 -27.32 32.01 -37.93
CA ASN R 118 -27.12 30.58 -38.06
C ASN R 118 -28.20 29.72 -37.38
N LEU R 119 -29.03 30.33 -36.54
CA LEU R 119 -30.24 29.67 -36.03
C LEU R 119 -31.38 29.57 -37.07
N ALA R 120 -31.32 30.48 -38.04
N ALA R 120 -31.48 30.44 -38.08
CA ALA R 120 -32.23 30.51 -39.12
CA ALA R 120 -32.80 30.63 -38.81
C ALA R 120 -31.73 29.34 -39.88
C ALA R 120 -33.48 29.46 -39.61
N LEU R 121 -32.72 28.64 -40.34
CA LEU R 121 -33.16 27.43 -41.06
C LEU R 121 -33.02 26.14 -40.22
N GLN R 122 -32.71 26.26 -38.93
CA GLN R 122 -32.66 25.08 -38.06
C GLN R 122 -34.02 24.73 -37.48
N PHE R 123 -34.97 24.39 -38.38
CA PHE R 123 -36.25 23.83 -38.01
C PHE R 123 -36.48 22.61 -38.88
N GLY R 124 -37.40 21.75 -38.47
CA GLY R 124 -37.66 20.51 -39.18
C GLY R 124 -38.30 19.52 -38.23
N GLU R 125 -38.79 18.39 -38.76
CA GLU R 125 -39.61 17.44 -37.98
C GLU R 125 -39.20 15.96 -38.06
N GLU R 126 -37.95 15.66 -38.45
CA GLU R 126 -37.42 14.26 -38.45
C GLU R 126 -35.90 14.02 -38.24
N ASP R 127 -35.08 15.08 -38.18
CA ASP R 127 -33.71 14.99 -37.61
C ASP R 127 -33.81 15.21 -36.09
N ALA R 128 -34.12 16.46 -35.71
CA ALA R 128 -34.84 16.83 -34.47
C ALA R 128 -34.51 16.13 -33.13
N ASP R 129 -33.64 16.76 -32.31
CA ASP R 129 -33.11 16.17 -31.08
C ASP R 129 -34.13 16.19 -29.91
N PRO R 130 -34.24 17.30 -29.12
CA PRO R 130 -35.43 17.55 -28.25
C PRO R 130 -36.80 17.41 -28.94
N GLY R 131 -37.76 18.23 -28.51
CA GLY R 131 -38.69 18.86 -29.47
C GLY R 131 -37.99 20.14 -29.95
N ALA R 132 -37.22 20.11 -31.05
CA ALA R 132 -36.47 21.30 -31.53
C ALA R 132 -37.41 22.17 -32.38
N MET R 133 -36.91 23.27 -32.96
CA MET R 133 -37.78 24.23 -33.66
C MET R 133 -38.65 23.55 -34.73
N SER R 134 -39.94 23.83 -34.71
CA SER R 134 -40.90 23.28 -35.66
C SER R 134 -41.09 24.14 -36.91
N ARG R 135 -40.67 25.40 -36.84
CA ARG R 135 -40.97 26.39 -37.84
C ARG R 135 -39.92 27.47 -37.72
N PRO R 136 -39.79 28.31 -38.75
CA PRO R 136 -38.87 29.45 -38.62
C PRO R 136 -39.36 30.52 -37.63
N PHE R 137 -38.51 31.54 -37.43
CA PHE R 137 -38.82 32.69 -36.56
C PHE R 137 -39.51 33.78 -37.37
N GLY R 138 -40.67 34.26 -36.92
CA GLY R 138 -41.43 35.30 -37.66
C GLY R 138 -41.02 36.73 -37.33
N VAL R 139 -39.73 37.02 -37.50
CA VAL R 139 -39.07 38.20 -36.93
C VAL R 139 -38.03 38.73 -37.88
N ALA R 140 -37.93 40.03 -37.99
CA ALA R 140 -36.79 40.66 -38.65
C ALA R 140 -36.07 41.47 -37.59
N LEU R 141 -34.76 41.63 -37.75
CA LEU R 141 -33.94 42.35 -36.77
C LEU R 141 -32.96 43.33 -37.43
N LEU R 142 -32.84 44.49 -36.79
CA LEU R 142 -31.77 45.43 -37.03
C LEU R 142 -30.80 45.42 -35.84
N PHE R 143 -29.57 44.92 -36.04
CA PHE R 143 -28.47 45.09 -35.08
C PHE R 143 -27.71 46.39 -35.42
N GLY R 144 -27.73 47.33 -34.48
CA GLY R 144 -26.98 48.59 -34.57
C GLY R 144 -25.97 48.68 -33.44
N GLY R 145 -24.72 48.96 -33.79
CA GLY R 145 -23.68 49.09 -32.81
C GLY R 145 -22.37 49.67 -33.30
N VAL R 146 -21.36 49.63 -32.42
CA VAL R 146 -20.03 50.15 -32.73
C VAL R 146 -18.95 49.13 -32.34
N ASP R 147 -18.03 48.90 -33.28
CA ASP R 147 -16.85 48.05 -33.08
C ASP R 147 -15.65 48.70 -33.78
N GLU R 148 -14.52 48.01 -33.87
CA GLU R 148 -13.30 48.57 -34.52
C GLU R 148 -13.45 48.94 -36.01
N LYS R 149 -14.46 48.41 -36.70
CA LYS R 149 -14.82 48.87 -38.06
C LYS R 149 -15.64 50.17 -38.05
N GLY R 150 -15.95 50.70 -36.86
CA GLY R 150 -16.72 51.93 -36.70
C GLY R 150 -18.19 51.62 -36.42
N PRO R 151 -19.07 52.65 -36.47
CA PRO R 151 -20.52 52.43 -36.32
C PRO R 151 -21.08 51.52 -37.41
N GLN R 152 -22.05 50.66 -37.05
CA GLN R 152 -22.51 49.64 -37.97
C GLN R 152 -23.94 49.16 -37.73
N LEU R 153 -24.67 48.99 -38.84
CA LEU R 153 -26.06 48.56 -38.84
C LEU R 153 -26.20 47.38 -39.76
N PHE R 154 -26.79 46.29 -39.24
CA PHE R 154 -27.05 45.08 -40.04
C PHE R 154 -28.51 44.68 -39.97
N HIS R 155 -29.02 44.17 -41.09
CA HIS R 155 -30.39 43.67 -41.18
C HIS R 155 -30.38 42.16 -41.25
N MET R 156 -31.33 41.52 -40.61
CA MET R 156 -31.48 40.07 -40.72
C MET R 156 -32.95 39.72 -40.81
N ASP R 157 -33.31 38.74 -41.65
CA ASP R 157 -34.70 38.28 -41.79
C ASP R 157 -34.82 36.77 -41.50
N PRO R 158 -36.05 36.20 -41.54
CA PRO R 158 -36.23 34.76 -41.25
C PRO R 158 -35.51 33.76 -42.16
N SER R 159 -35.06 34.20 -43.34
CA SER R 159 -34.27 33.35 -44.24
C SER R 159 -32.88 33.00 -43.67
N GLY R 160 -32.35 33.85 -42.78
CA GLY R 160 -31.00 33.73 -42.29
C GLY R 160 -30.05 34.59 -43.06
N THR R 161 -30.56 35.32 -44.04
CA THR R 161 -29.74 36.26 -44.79
C THR R 161 -29.53 37.48 -43.90
N PHE R 162 -28.29 37.96 -43.80
CA PHE R 162 -28.00 39.19 -43.10
C PHE R 162 -27.06 40.06 -43.91
N VAL R 163 -27.15 41.37 -43.73
CA VAL R 163 -26.38 42.30 -44.55
C VAL R 163 -26.25 43.67 -43.87
N GLN R 164 -25.10 44.32 -44.07
CA GLN R 164 -24.84 45.69 -43.62
C GLN R 164 -25.72 46.65 -44.44
N CYS R 165 -26.25 47.70 -43.79
CA CYS R 165 -27.13 48.68 -44.43
C CYS R 165 -26.83 50.05 -43.89
N ASP R 166 -26.70 51.03 -44.78
CA ASP R 166 -26.50 52.42 -44.33
C ASP R 166 -27.77 52.95 -43.67
N ALA R 167 -28.93 52.56 -44.20
CA ALA R 167 -30.21 52.78 -43.53
C ALA R 167 -31.23 51.74 -43.96
N ARG R 168 -32.16 51.43 -43.08
CA ARG R 168 -33.09 50.36 -43.32
C ARG R 168 -34.33 50.46 -42.47
N ALA R 169 -35.48 50.25 -43.10
CA ALA R 169 -36.74 50.13 -42.41
C ALA R 169 -37.23 48.68 -42.50
N ILE R 170 -37.97 48.24 -41.48
CA ILE R 170 -38.59 46.91 -41.46
C ILE R 170 -39.94 47.04 -40.86
N GLY R 171 -40.81 46.07 -41.15
CA GLY R 171 -42.21 46.11 -40.70
C GLY R 171 -43.19 46.55 -41.76
N SER R 172 -44.42 46.83 -41.31
CA SER R 172 -45.58 47.06 -42.20
C SER R 172 -45.31 48.10 -43.25
N ALA R 173 -44.70 49.22 -42.86
CA ALA R 173 -44.60 50.36 -43.78
C ALA R 173 -43.18 50.54 -44.36
N SER R 174 -42.47 49.43 -44.54
CA SER R 174 -41.05 49.50 -44.81
C SER R 174 -40.72 49.88 -46.26
N GLU R 175 -41.55 49.49 -47.22
CA GLU R 175 -41.37 49.95 -48.63
C GLU R 175 -41.36 51.50 -48.70
N GLY R 176 -42.41 52.10 -48.12
CA GLY R 176 -42.59 53.57 -48.03
C GLY R 176 -41.45 54.23 -47.28
N ALA R 177 -41.20 53.74 -46.07
CA ALA R 177 -40.13 54.26 -45.21
C ALA R 177 -38.77 54.16 -45.88
N GLN R 178 -38.49 53.00 -46.50
CA GLN R 178 -37.23 52.82 -47.22
C GLN R 178 -37.06 53.83 -48.36
N SER R 179 -38.15 54.17 -49.05
CA SER R 179 -38.16 55.17 -50.11
C SER R 179 -37.73 56.54 -49.55
N SER R 180 -38.31 56.94 -48.42
CA SER R 180 -37.96 58.20 -47.77
C SER R 180 -36.50 58.17 -47.26
N LEU R 181 -36.03 57.00 -46.78
CA LEU R 181 -34.63 56.87 -46.35
C LEU R 181 -33.60 57.04 -47.49
N GLN R 182 -33.85 56.50 -48.69
CA GLN R 182 -32.93 56.77 -49.84
C GLN R 182 -32.86 58.28 -50.11
N GLU R 183 -33.97 58.98 -49.94
CA GLU R 183 -34.05 60.43 -50.17
C GLU R 183 -33.21 61.23 -49.18
N VAL R 184 -33.46 61.04 -47.90
CA VAL R 184 -32.80 61.85 -46.85
C VAL R 184 -31.35 61.42 -46.53
N TYR R 185 -31.00 60.15 -46.71
CA TYR R 185 -29.67 59.68 -46.29
C TYR R 185 -28.54 60.22 -47.15
N HIS R 186 -27.43 60.61 -46.50
CA HIS R 186 -26.11 60.76 -47.16
C HIS R 186 -24.99 60.27 -46.22
N LYS R 187 -23.86 59.87 -46.81
CA LYS R 187 -22.71 59.29 -46.08
C LYS R 187 -22.17 60.20 -44.95
N SER R 188 -22.13 61.50 -45.24
CA SER R 188 -21.64 62.53 -44.32
C SER R 188 -22.71 63.11 -43.37
N MET R 189 -23.86 62.47 -43.29
CA MET R 189 -24.94 62.86 -42.40
C MET R 189 -24.54 62.72 -40.92
N THR R 190 -24.95 63.67 -40.06
CA THR R 190 -24.67 63.57 -38.62
C THR R 190 -25.66 62.64 -37.94
N LEU R 191 -25.33 62.25 -36.71
CA LEU R 191 -26.24 61.42 -35.91
C LEU R 191 -27.53 62.17 -35.55
N LYS R 192 -27.43 63.43 -35.14
CA LYS R 192 -28.63 64.16 -34.68
C LYS R 192 -29.62 64.39 -35.84
N GLU R 193 -29.07 64.58 -37.04
CA GLU R 193 -29.84 64.62 -38.28
C GLU R 193 -30.54 63.29 -38.58
N ALA R 194 -29.79 62.19 -38.42
CA ALA R 194 -30.36 60.85 -38.61
C ALA R 194 -31.48 60.53 -37.62
N ILE R 195 -31.34 61.04 -36.40
CA ILE R 195 -32.38 60.90 -35.38
C ILE R 195 -33.67 61.59 -35.84
N LYS R 196 -33.55 62.86 -36.20
CA LYS R 196 -34.67 63.68 -36.71
C LYS R 196 -35.34 63.00 -37.91
N SER R 197 -34.53 62.67 -38.91
CA SER R 197 -35.00 61.98 -40.14
C SER R 197 -35.88 60.76 -39.87
N SER R 198 -35.47 59.92 -38.94
CA SER R 198 -36.18 58.68 -38.65
C SER R 198 -37.48 58.94 -37.93
N LEU R 199 -37.53 59.99 -37.10
CA LEU R 199 -38.79 60.37 -36.48
C LEU R 199 -39.74 61.00 -37.49
N ILE R 200 -39.20 61.82 -38.41
CA ILE R 200 -39.97 62.39 -39.50
C ILE R 200 -40.63 61.28 -40.30
N ILE R 201 -39.85 60.27 -40.64
CA ILE R 201 -40.34 59.14 -41.41
C ILE R 201 -41.34 58.29 -40.61
N LEU R 202 -41.05 57.99 -39.35
CA LEU R 202 -42.02 57.28 -38.48
C LEU R 202 -43.34 58.04 -38.34
N LYS R 203 -43.26 59.37 -38.23
CA LYS R 203 -44.46 60.20 -38.16
C LYS R 203 -45.36 60.01 -39.40
N GLN R 204 -44.76 60.06 -40.60
CA GLN R 204 -45.48 59.81 -41.85
C GLN R 204 -46.22 58.48 -41.79
N VAL R 205 -45.50 57.41 -41.47
CA VAL R 205 -45.98 56.06 -41.75
C VAL R 205 -46.81 55.43 -40.63
N MET R 206 -46.77 55.97 -39.43
CA MET R 206 -47.54 55.44 -38.31
C MET R 206 -49.01 55.71 -38.54
N GLU R 207 -49.88 54.77 -38.15
CA GLU R 207 -51.35 55.00 -38.14
C GLU R 207 -51.74 56.03 -37.06
N GLU R 208 -51.06 55.99 -35.90
CA GLU R 208 -51.30 56.94 -34.80
C GLU R 208 -50.49 58.23 -34.89
N LYS R 209 -51.01 59.27 -34.26
CA LYS R 209 -50.28 60.53 -34.07
C LYS R 209 -49.04 60.25 -33.20
N LEU R 210 -47.85 60.49 -33.74
CA LEU R 210 -46.61 60.26 -33.01
C LEU R 210 -46.51 61.12 -31.75
N ASN R 211 -46.02 60.53 -30.65
CA ASN R 211 -45.70 61.25 -29.41
C ASN R 211 -44.57 60.57 -28.64
N ALA R 212 -44.24 61.08 -27.46
CA ALA R 212 -43.11 60.54 -26.67
C ALA R 212 -43.36 59.20 -25.95
N THR R 213 -44.61 58.74 -25.92
CA THR R 213 -44.97 57.45 -25.29
C THR R 213 -45.07 56.30 -26.27
N ASN R 214 -45.52 56.53 -27.50
CA ASN R 214 -45.74 55.44 -28.48
C ASN R 214 -44.61 55.17 -29.51
N ILE R 215 -43.40 55.62 -29.20
CA ILE R 215 -42.19 55.21 -29.92
C ILE R 215 -41.04 54.94 -28.95
N GLU R 216 -39.99 54.30 -29.45
CA GLU R 216 -38.73 54.16 -28.72
C GLU R 216 -37.61 54.60 -29.65
N LEU R 217 -36.59 55.20 -29.05
CA LEU R 217 -35.39 55.53 -29.77
C LEU R 217 -34.18 55.12 -28.91
N ALA R 218 -33.14 54.62 -29.58
CA ALA R 218 -31.88 54.30 -28.93
C ALA R 218 -30.73 54.59 -29.87
N THR R 219 -29.57 54.91 -29.29
CA THR R 219 -28.36 55.15 -30.06
C THR R 219 -27.17 54.37 -29.52
N VAL R 220 -26.17 54.19 -30.37
CA VAL R 220 -24.87 53.72 -29.97
C VAL R 220 -23.83 54.55 -30.74
N GLN R 221 -22.84 55.05 -30.01
CA GLN R 221 -21.84 55.97 -30.56
C GLN R 221 -20.45 55.49 -30.21
N PRO R 222 -19.43 55.85 -31.02
CA PRO R 222 -18.06 55.51 -30.65
C PRO R 222 -17.71 55.84 -29.19
N GLY R 223 -18.05 57.04 -28.75
CA GLY R 223 -17.78 57.46 -27.39
C GLY R 223 -18.59 56.72 -26.33
N GLN R 224 -19.87 56.49 -26.62
CA GLN R 224 -20.86 56.24 -25.58
C GLN R 224 -21.55 54.89 -25.75
N ASN R 225 -21.91 54.28 -24.64
CA ASN R 225 -22.61 52.99 -24.66
C ASN R 225 -24.03 53.13 -25.19
N PHE R 226 -24.59 52.00 -25.60
CA PHE R 226 -26.02 51.85 -25.89
C PHE R 226 -26.86 52.68 -24.95
N HIS R 227 -27.76 53.49 -25.53
CA HIS R 227 -28.55 54.41 -24.74
C HIS R 227 -30.00 54.53 -25.23
N MET R 228 -30.93 54.04 -24.42
CA MET R 228 -32.36 54.20 -24.63
C MET R 228 -32.74 55.62 -24.26
N PHE R 229 -33.48 56.28 -25.14
CA PHE R 229 -33.98 57.63 -24.88
C PHE R 229 -35.07 57.60 -23.82
N THR R 230 -35.00 58.58 -22.92
CA THR R 230 -36.04 58.83 -21.91
C THR R 230 -37.25 59.61 -22.51
N LYS R 231 -38.38 59.62 -21.80
CA LYS R 231 -39.56 60.44 -22.19
C LYS R 231 -39.13 61.87 -22.44
N GLU R 232 -38.35 62.43 -21.52
CA GLU R 232 -37.87 63.82 -21.62
C GLU R 232 -36.99 64.07 -22.85
N GLU R 233 -36.08 63.13 -23.13
CA GLU R 233 -35.19 63.23 -24.29
C GLU R 233 -35.91 63.06 -25.63
N LEU R 234 -37.02 62.31 -25.61
CA LEU R 234 -37.85 62.13 -26.80
C LEU R 234 -38.63 63.40 -27.10
N GLU R 235 -39.26 63.96 -26.07
CA GLU R 235 -39.96 65.24 -26.16
C GLU R 235 -39.09 66.34 -26.77
N GLU R 236 -37.83 66.45 -26.35
CA GLU R 236 -36.89 67.42 -26.91
C GLU R 236 -36.73 67.27 -28.42
N VAL R 237 -36.54 66.03 -28.86
CA VAL R 237 -36.35 65.74 -30.29
C VAL R 237 -37.64 65.92 -31.07
N ILE R 238 -38.79 65.60 -30.46
CA ILE R 238 -40.10 65.74 -31.12
C ILE R 238 -40.50 67.19 -31.44
N LYS R 239 -39.97 68.19 -30.72
CA LYS R 239 -40.36 69.61 -30.93
C LYS R 239 -40.28 70.12 -32.39
N ASP R 240 -39.17 69.81 -33.05
CA ASP R 240 -38.98 70.15 -34.48
C ASP R 240 -39.99 69.41 -35.38
N ILE R 241 -40.56 68.34 -34.81
CA ILE R 241 -41.80 67.64 -35.24
C ILE R 241 -41.64 66.86 -36.56
N PHE S 2 -50.86 13.82 -62.17
CA PHE S 2 -49.58 13.92 -62.94
C PHE S 2 -48.40 14.65 -62.21
N ARG S 3 -48.63 15.33 -61.09
CA ARG S 3 -47.60 16.20 -60.45
C ARG S 3 -47.73 16.50 -58.93
N ASN S 4 -48.92 16.98 -58.52
CA ASN S 4 -49.17 17.58 -57.20
C ASN S 4 -48.92 16.62 -56.05
N GLN S 5 -49.35 15.35 -56.17
CA GLN S 5 -49.07 14.35 -55.12
C GLN S 5 -47.61 13.85 -55.10
N TYR S 6 -46.87 14.06 -56.19
CA TYR S 6 -45.45 13.72 -56.28
C TYR S 6 -44.46 14.85 -56.01
N ASP S 7 -44.89 16.02 -55.56
CA ASP S 7 -43.93 17.13 -55.49
C ASP S 7 -43.63 17.75 -54.13
N ASN S 8 -44.14 17.17 -53.06
CA ASN S 8 -43.89 17.75 -51.75
C ASN S 8 -42.83 17.04 -50.92
N ASP S 9 -42.56 15.78 -51.22
CA ASP S 9 -41.66 14.94 -50.42
C ASP S 9 -40.47 14.53 -51.26
N VAL S 10 -39.27 14.71 -50.72
CA VAL S 10 -38.05 14.32 -51.43
C VAL S 10 -37.89 12.80 -51.54
N THR S 11 -38.63 12.05 -50.71
CA THR S 11 -38.69 10.61 -50.80
C THR S 11 -39.66 10.04 -51.83
N VAL S 12 -40.41 10.87 -52.55
CA VAL S 12 -41.42 10.39 -53.50
C VAL S 12 -40.91 10.52 -54.93
N TRP S 13 -40.60 9.39 -55.54
CA TRP S 13 -40.32 9.31 -56.98
C TRP S 13 -41.59 9.62 -57.75
N SER S 14 -41.47 10.42 -58.80
CA SER S 14 -42.59 10.64 -59.72
C SER S 14 -42.72 9.46 -60.70
N PRO S 15 -43.83 9.42 -61.46
CA PRO S 15 -43.96 8.35 -62.47
C PRO S 15 -43.08 8.43 -63.73
N GLN S 16 -42.35 9.55 -63.88
CA GLN S 16 -41.31 9.69 -64.89
C GLN S 16 -39.89 9.45 -64.33
N GLY S 17 -39.77 9.02 -63.07
CA GLY S 17 -38.47 8.73 -62.47
C GLY S 17 -37.67 9.96 -62.10
N ARG S 18 -38.39 10.94 -61.53
N ARG S 18 -38.29 10.94 -61.46
CA ARG S 18 -37.83 12.22 -61.12
CA ARG S 18 -37.50 12.01 -60.90
C ARG S 18 -38.22 12.50 -59.68
C ARG S 18 -38.22 12.55 -59.69
N ILE S 19 -37.52 13.45 -59.04
CA ILE S 19 -37.85 13.87 -57.69
C ILE S 19 -38.03 15.37 -57.80
N HIS S 20 -39.28 15.80 -57.72
CA HIS S 20 -39.62 17.18 -57.94
C HIS S 20 -38.98 18.09 -56.87
N GLN S 21 -38.92 17.64 -55.62
CA GLN S 21 -38.25 18.43 -54.57
C GLN S 21 -36.79 18.74 -54.90
N ILE S 22 -36.11 17.82 -55.57
CA ILE S 22 -34.76 18.09 -55.99
C ILE S 22 -34.80 19.17 -57.08
N GLU S 23 -35.62 18.96 -58.11
CA GLU S 23 -35.75 19.95 -59.17
C GLU S 23 -36.13 21.34 -58.68
N TYR S 24 -37.06 21.40 -57.73
CA TYR S 24 -37.44 22.67 -57.14
C TYR S 24 -36.25 23.31 -56.41
N ALA S 25 -35.50 22.52 -55.63
CA ALA S 25 -34.28 23.02 -55.00
C ALA S 25 -33.31 23.65 -56.02
N MET S 26 -33.20 23.03 -57.18
CA MET S 26 -32.35 23.55 -58.26
C MET S 26 -32.80 24.93 -58.76
N GLU S 27 -34.09 25.23 -58.69
CA GLU S 27 -34.59 26.56 -59.04
C GLU S 27 -34.05 27.63 -58.12
N ALA S 28 -33.81 27.27 -56.86
CA ALA S 28 -33.19 28.21 -55.91
C ALA S 28 -31.87 28.73 -56.46
N VAL S 29 -31.08 27.86 -57.07
CA VAL S 29 -29.79 28.29 -57.60
C VAL S 29 -30.00 29.08 -58.90
N LYS S 30 -30.91 28.62 -59.77
CA LYS S 30 -31.22 29.36 -61.03
C LYS S 30 -31.65 30.80 -60.83
N GLN S 31 -32.34 31.08 -59.73
CA GLN S 31 -32.76 32.45 -59.41
C GLN S 31 -31.77 33.27 -58.61
N GLY S 32 -30.68 32.66 -58.12
CA GLY S 32 -29.57 33.42 -57.54
C GLY S 32 -28.84 34.26 -58.58
N SER S 33 -28.10 35.27 -58.13
CA SER S 33 -27.38 36.10 -59.08
C SER S 33 -26.26 35.29 -59.69
N ALA S 34 -25.80 35.69 -60.86
CA ALA S 34 -24.84 34.89 -61.61
C ALA S 34 -23.44 34.89 -60.99
N THR S 35 -22.75 33.77 -61.17
CA THR S 35 -21.33 33.68 -60.88
C THR S 35 -20.64 32.82 -61.94
N VAL S 36 -19.39 33.18 -62.21
CA VAL S 36 -18.55 32.51 -63.20
C VAL S 36 -17.32 31.94 -62.49
N GLY S 37 -16.94 30.74 -62.91
CA GLY S 37 -15.69 30.12 -62.52
C GLY S 37 -14.96 29.66 -63.76
N LEU S 38 -13.66 29.94 -63.81
CA LEU S 38 -12.77 29.44 -64.87
C LEU S 38 -11.32 29.29 -64.39
N LYS S 39 -10.54 28.53 -65.16
CA LYS S 39 -9.14 28.24 -64.82
C LYS S 39 -8.20 28.23 -66.03
N SER S 40 -6.92 28.44 -65.73
CA SER S 40 -5.79 28.31 -66.66
C SER S 40 -4.91 27.15 -66.20
N LYS S 41 -3.70 27.04 -66.76
CA LYS S 41 -2.67 26.09 -66.26
C LYS S 41 -2.29 26.35 -64.80
N THR S 42 -2.30 27.63 -64.38
CA THR S 42 -1.76 28.05 -63.09
C THR S 42 -2.73 28.63 -62.07
N HIS S 43 -3.94 29.04 -62.47
CA HIS S 43 -4.88 29.73 -61.54
C HIS S 43 -6.33 29.32 -61.74
N ALA S 44 -7.09 29.37 -60.65
CA ALA S 44 -8.55 29.20 -60.68
C ALA S 44 -9.17 30.50 -60.20
N VAL S 45 -10.03 31.11 -61.05
CA VAL S 45 -10.73 32.36 -60.70
C VAL S 45 -12.25 32.16 -60.57
N LEU S 46 -12.82 32.84 -59.58
CA LEU S 46 -14.24 32.99 -59.41
C LEU S 46 -14.59 34.47 -59.60
N VAL S 47 -15.73 34.72 -60.21
CA VAL S 47 -16.24 36.07 -60.43
C VAL S 47 -17.72 36.06 -60.11
N ALA S 48 -18.22 37.04 -59.37
CA ALA S 48 -19.62 36.99 -58.91
C ALA S 48 -20.30 38.34 -58.96
N LEU S 49 -21.58 38.32 -59.35
CA LEU S 49 -22.46 39.49 -59.26
C LEU S 49 -23.12 39.52 -57.89
N LYS S 50 -23.01 40.64 -57.19
CA LYS S 50 -23.61 40.76 -55.87
C LYS S 50 -24.88 41.52 -55.97
N ARG S 51 -25.99 40.91 -55.51
CA ARG S 51 -27.28 41.61 -55.48
C ARG S 51 -27.38 42.55 -54.30
N ALA S 52 -27.71 43.82 -54.54
CA ALA S 52 -28.06 44.79 -53.50
C ALA S 52 -29.59 44.89 -53.39
N GLN S 53 -30.13 44.60 -52.20
CA GLN S 53 -31.58 44.65 -51.96
C GLN S 53 -32.16 46.04 -52.26
N SER S 54 -31.58 47.07 -51.62
CA SER S 54 -31.91 48.48 -51.88
C SER S 54 -30.65 49.24 -52.34
N GLU S 55 -30.81 50.55 -52.58
CA GLU S 55 -29.69 51.45 -52.93
C GLU S 55 -28.67 51.59 -51.77
N LEU S 56 -29.18 51.61 -50.53
CA LEU S 56 -28.40 51.80 -49.29
C LEU S 56 -27.88 50.52 -48.63
N ALA S 57 -28.38 49.35 -49.06
CA ALA S 57 -27.78 48.08 -48.67
C ALA S 57 -26.36 47.95 -49.25
N ALA S 58 -25.51 47.23 -48.50
CA ALA S 58 -24.27 46.71 -49.04
C ALA S 58 -24.71 45.50 -49.83
N HIS S 59 -23.85 45.11 -50.77
CA HIS S 59 -24.11 43.99 -51.64
C HIS S 59 -23.77 42.66 -50.93
N GLN S 60 -24.64 41.67 -51.14
CA GLN S 60 -24.53 40.36 -50.53
C GLN S 60 -23.17 39.74 -50.84
N LYS S 61 -22.48 39.21 -49.81
CA LYS S 61 -21.25 38.47 -50.06
C LYS S 61 -21.58 37.21 -50.87
N LYS S 62 -20.84 37.00 -51.96
CA LYS S 62 -20.99 35.81 -52.79
C LYS S 62 -19.77 34.89 -52.84
N ILE S 63 -18.66 35.33 -52.27
CA ILE S 63 -17.44 34.54 -52.33
C ILE S 63 -16.92 34.35 -50.91
N LEU S 64 -16.54 33.12 -50.59
CA LEU S 64 -16.15 32.73 -49.22
C LEU S 64 -14.84 31.96 -49.18
N HIS S 65 -13.98 32.33 -48.23
CA HIS S 65 -12.74 31.59 -47.96
CA HIS S 65 -12.74 31.61 -47.91
C HIS S 65 -13.12 30.25 -47.32
N VAL S 66 -12.55 29.15 -47.84
CA VAL S 66 -12.69 27.80 -47.22
C VAL S 66 -11.36 27.37 -46.52
N ASP S 67 -10.27 27.39 -47.29
CA ASP S 67 -8.93 27.19 -46.76
C ASP S 67 -7.96 28.03 -47.61
N ASN S 68 -6.67 27.98 -47.34
CA ASN S 68 -5.66 28.72 -48.14
C ASN S 68 -5.67 28.40 -49.63
N HIS S 69 -6.10 27.20 -49.95
CA HIS S 69 -6.03 26.66 -51.29
C HIS S 69 -7.42 26.49 -51.96
N ILE S 70 -8.49 26.91 -51.26
CA ILE S 70 -9.86 26.69 -51.71
C ILE S 70 -10.74 27.85 -51.32
N GLY S 71 -11.50 28.36 -52.28
CA GLY S 71 -12.61 29.27 -51.99
C GLY S 71 -13.82 28.95 -52.84
N ILE S 72 -14.97 29.48 -52.44
CA ILE S 72 -16.23 29.13 -53.09
C ILE S 72 -17.07 30.34 -53.46
N SER S 73 -17.85 30.17 -54.54
CA SER S 73 -18.87 31.12 -54.98
C SER S 73 -20.25 30.46 -54.80
N ILE S 74 -21.22 31.24 -54.34
CA ILE S 74 -22.51 30.69 -53.95
C ILE S 74 -23.66 31.21 -54.84
N ALA S 75 -24.68 30.37 -55.01
CA ALA S 75 -25.93 30.76 -55.65
C ALA S 75 -27.03 29.90 -55.05
N GLY S 76 -28.06 30.55 -54.50
CA GLY S 76 -29.13 29.85 -53.80
C GLY S 76 -29.32 30.40 -52.40
N LEU S 77 -29.89 29.59 -51.52
CA LEU S 77 -30.16 30.00 -50.16
C LEU S 77 -28.85 30.25 -49.38
N THR S 78 -28.68 31.48 -48.90
CA THR S 78 -27.50 31.89 -48.15
C THR S 78 -27.19 31.00 -46.94
N ALA S 79 -28.23 30.72 -46.14
CA ALA S 79 -28.11 29.93 -44.92
C ALA S 79 -27.61 28.54 -45.19
N ASP S 80 -28.06 27.94 -46.30
CA ASP S 80 -27.53 26.66 -46.76
C ASP S 80 -26.13 26.81 -47.29
N ALA S 81 -25.81 27.94 -47.91
CA ALA S 81 -24.45 28.20 -48.34
C ALA S 81 -23.50 28.22 -47.13
N ARG S 82 -23.87 28.92 -46.06
CA ARG S 82 -23.03 28.98 -44.88
C ARG S 82 -22.84 27.58 -44.21
N LEU S 83 -23.91 26.81 -44.11
CA LEU S 83 -23.87 25.49 -43.50
C LEU S 83 -22.90 24.55 -44.23
N LEU S 84 -22.94 24.63 -45.54
CA LEU S 84 -22.07 23.86 -46.39
C LEU S 84 -20.65 24.40 -46.37
N CYS S 85 -20.50 25.72 -46.38
CA CYS S 85 -19.19 26.32 -46.30
C CYS S 85 -18.50 25.92 -44.99
N ASN S 86 -19.27 25.92 -43.89
CA ASN S 86 -18.76 25.54 -42.59
C ASN S 86 -18.37 24.06 -42.57
N PHE S 87 -19.16 23.23 -43.22
CA PHE S 87 -18.82 21.83 -43.38
C PHE S 87 -17.48 21.66 -44.11
N MET S 88 -17.32 22.38 -45.20
CA MET S 88 -16.10 22.36 -46.00
C MET S 88 -14.87 22.83 -45.22
N ARG S 89 -15.04 23.91 -44.46
CA ARG S 89 -13.99 24.45 -43.60
C ARG S 89 -13.49 23.44 -42.59
N GLN S 90 -14.43 22.67 -42.03
CA GLN S 90 -14.16 21.68 -41.02
C GLN S 90 -13.41 20.49 -41.62
N GLU S 91 -13.86 19.98 -42.76
CA GLU S 91 -13.15 18.90 -43.44
C GLU S 91 -11.70 19.30 -43.79
N CYS S 92 -11.49 20.55 -44.15
CA CYS S 92 -10.15 21.09 -44.46
C CYS S 92 -9.25 21.17 -43.22
N LEU S 93 -9.82 21.60 -42.09
CA LEU S 93 -9.09 21.63 -40.81
C LEU S 93 -8.72 20.24 -40.31
N ASP S 94 -9.68 19.31 -40.34
CA ASP S 94 -9.46 17.92 -40.02
C ASP S 94 -8.30 17.33 -40.84
N SER S 95 -8.29 17.59 -42.15
CA SER S 95 -7.24 17.03 -42.97
C SER S 95 -5.87 17.57 -42.57
N ARG S 96 -5.78 18.87 -42.28
CA ARG S 96 -4.51 19.48 -41.83
C ARG S 96 -4.10 19.01 -40.44
N PHE S 97 -5.06 18.79 -39.55
CA PHE S 97 -4.79 18.28 -38.22
C PHE S 97 -4.20 16.88 -38.32
N VAL S 98 -4.83 16.03 -39.10
CA VAL S 98 -4.45 14.62 -39.17
C VAL S 98 -3.18 14.40 -39.97
N PHE S 99 -3.10 15.01 -41.14
CA PHE S 99 -2.03 14.73 -42.11
C PHE S 99 -1.01 15.86 -42.32
N ASP S 100 -1.26 17.04 -41.74
CA ASP S 100 -0.37 18.19 -41.91
C ASP S 100 -0.19 18.60 -43.36
N ARG S 101 -1.24 18.46 -44.16
CA ARG S 101 -1.23 18.85 -45.57
C ARG S 101 -2.62 19.15 -46.11
N PRO S 102 -2.71 20.00 -47.17
CA PRO S 102 -4.04 20.47 -47.65
C PRO S 102 -4.94 19.35 -48.14
N LEU S 103 -6.23 19.41 -47.82
CA LEU S 103 -7.19 18.43 -48.33
C LEU S 103 -7.27 18.58 -49.86
N PRO S 104 -7.07 17.47 -50.59
CA PRO S 104 -7.19 17.65 -52.04
C PRO S 104 -8.59 18.04 -52.47
N VAL S 105 -8.66 18.87 -53.50
CA VAL S 105 -9.91 19.52 -53.86
C VAL S 105 -10.93 18.47 -54.30
N SER S 106 -10.54 17.50 -55.13
CA SER S 106 -11.49 16.45 -55.58
C SER S 106 -12.05 15.66 -54.41
N ARG S 107 -11.24 15.43 -53.39
CA ARG S 107 -11.69 14.72 -52.18
C ARG S 107 -12.66 15.52 -51.36
N LEU S 108 -12.40 16.81 -51.21
CA LEU S 108 -13.36 17.67 -50.54
C LEU S 108 -14.71 17.58 -51.25
N VAL S 109 -14.67 17.72 -52.58
CA VAL S 109 -15.89 17.74 -53.39
C VAL S 109 -16.70 16.45 -53.24
N SER S 110 -16.00 15.31 -53.24
CA SER S 110 -16.65 14.03 -52.96
C SER S 110 -17.40 14.00 -51.64
N LEU S 111 -16.83 14.64 -50.61
CA LEU S 111 -17.42 14.70 -49.27
C LEU S 111 -18.68 15.53 -49.32
N ILE S 112 -18.67 16.62 -50.09
CA ILE S 112 -19.88 17.41 -50.31
C ILE S 112 -20.98 16.55 -50.92
N GLY S 113 -20.64 15.81 -51.95
CA GLY S 113 -21.58 14.93 -52.63
C GLY S 113 -22.24 13.94 -51.68
N SER S 114 -21.39 13.25 -50.90
CA SER S 114 -21.85 12.26 -49.91
C SER S 114 -22.77 12.90 -48.93
N LYS S 115 -22.31 14.03 -48.39
CA LYS S 115 -23.04 14.73 -47.37
C LYS S 115 -24.37 15.20 -47.90
N THR S 116 -24.36 15.87 -49.07
CA THR S 116 -25.58 16.52 -49.58
C THR S 116 -26.60 15.53 -50.12
N GLN S 117 -26.15 14.31 -50.44
CA GLN S 117 -27.07 13.26 -50.93
C GLN S 117 -27.99 12.76 -49.82
N ILE S 118 -27.48 12.75 -48.59
CA ILE S 118 -28.15 12.07 -47.48
C ILE S 118 -29.56 12.57 -47.30
N PRO S 119 -29.75 13.89 -47.17
CA PRO S 119 -31.13 14.35 -47.00
C PRO S 119 -32.05 14.18 -48.21
N THR S 120 -31.52 13.87 -49.39
CA THR S 120 -32.39 13.62 -50.54
C THR S 120 -33.09 12.26 -50.49
N GLN S 121 -32.78 11.43 -49.50
CA GLN S 121 -33.32 10.09 -49.44
C GLN S 121 -34.13 9.78 -48.18
N ARG S 122 -34.29 10.77 -47.29
CA ARG S 122 -34.91 10.54 -46.00
C ARG S 122 -36.11 11.45 -45.82
N TYR S 123 -37.19 10.86 -45.32
CA TYR S 123 -38.48 11.51 -45.25
C TYR S 123 -38.44 12.68 -44.29
N GLY S 124 -39.07 13.78 -44.68
CA GLY S 124 -39.06 14.99 -43.87
C GLY S 124 -37.80 15.82 -43.96
N ARG S 125 -36.78 15.37 -44.69
CA ARG S 125 -35.58 16.16 -44.94
C ARG S 125 -35.72 16.82 -46.29
N ARG S 126 -34.78 17.69 -46.62
CA ARG S 126 -34.83 18.41 -47.89
C ARG S 126 -33.50 18.53 -48.56
N PRO S 127 -33.48 18.77 -49.87
CA PRO S 127 -32.17 19.04 -50.46
C PRO S 127 -31.57 20.34 -49.96
N TYR S 128 -30.25 20.46 -50.11
CA TYR S 128 -29.58 21.75 -49.90
C TYR S 128 -29.98 22.65 -51.06
N GLY S 129 -30.42 23.87 -50.78
CA GLY S 129 -30.90 24.76 -51.82
C GLY S 129 -29.84 25.70 -52.31
N VAL S 130 -28.67 25.14 -52.62
CA VAL S 130 -27.52 25.93 -52.99
C VAL S 130 -26.65 25.17 -53.96
N GLY S 131 -26.04 25.92 -54.87
CA GLY S 131 -25.08 25.38 -55.79
C GLY S 131 -23.84 26.20 -55.60
N LEU S 132 -22.70 25.56 -55.76
CA LEU S 132 -21.43 26.18 -55.52
C LEU S 132 -20.56 26.05 -56.75
N LEU S 133 -19.81 27.10 -57.03
CA LEU S 133 -18.60 26.97 -57.84
C LEU S 133 -17.40 26.98 -56.89
N ILE S 134 -16.51 26.01 -57.04
CA ILE S 134 -15.41 25.75 -56.08
C ILE S 134 -14.07 25.95 -56.77
N ALA S 135 -13.29 26.93 -56.33
CA ALA S 135 -11.97 27.19 -56.90
C ALA S 135 -10.92 26.65 -55.96
N GLY S 136 -10.00 25.87 -56.50
CA GLY S 136 -8.95 25.28 -55.69
C GLY S 136 -7.66 25.10 -56.42
N TYR S 137 -6.56 24.97 -55.66
CA TYR S 137 -5.26 24.60 -56.19
C TYR S 137 -4.61 23.55 -55.31
N ASP S 138 -4.12 22.48 -55.94
CA ASP S 138 -3.47 21.38 -55.23
C ASP S 138 -2.42 20.71 -56.13
N ASP S 139 -1.98 19.50 -55.78
CA ASP S 139 -0.89 18.83 -56.51
C ASP S 139 -1.24 18.57 -57.97
N MET S 140 -2.54 18.47 -58.26
CA MET S 140 -3.02 18.25 -59.62
C MET S 140 -3.36 19.54 -60.34
N GLY S 141 -2.94 20.68 -59.79
CA GLY S 141 -3.12 21.99 -60.42
C GLY S 141 -4.40 22.74 -60.03
N PRO S 142 -4.86 23.68 -60.90
CA PRO S 142 -6.03 24.45 -60.54
C PRO S 142 -7.27 23.65 -60.84
N HIS S 143 -8.32 23.93 -60.07
CA HIS S 143 -9.62 23.28 -60.25
C HIS S 143 -10.81 24.24 -60.17
N ILE S 144 -11.81 23.96 -60.99
CA ILE S 144 -13.13 24.55 -60.86
C ILE S 144 -14.11 23.41 -60.76
N PHE S 145 -14.77 23.28 -59.62
CA PHE S 145 -15.87 22.31 -59.46
C PHE S 145 -17.20 23.02 -59.28
N GLN S 146 -18.26 22.29 -59.59
CA GLN S 146 -19.63 22.77 -59.45
C GLN S 146 -20.41 21.74 -58.66
N THR S 147 -21.15 22.18 -57.64
CA THR S 147 -21.97 21.26 -56.86
C THR S 147 -23.42 21.69 -56.94
N 6V1 S 148 -24.34 20.73 -56.81
CA 6V1 S 148 -25.79 20.95 -56.99
C 6V1 S 148 -26.64 20.43 -55.88
O 6V1 S 148 -26.24 19.51 -55.19
CB 6V1 S 148 -26.30 20.21 -58.23
SG 6V1 S 148 -25.43 20.67 -59.68
C1 6V1 S 148 -26.70 21.09 -60.88
C2 6V1 S 148 -27.16 22.53 -60.75
N3 6V1 S 148 -27.30 23.12 -61.94
C4 6V1 S 148 -26.75 22.35 -62.91
C5 6V1 S 148 -26.28 21.01 -62.35
C6 6V1 S 148 -27.88 24.45 -62.16
O7 6V1 S 148 -27.34 23.08 -59.66
O8 6V1 S 148 -26.57 22.69 -64.09
C3 6V1 S 148 -29.24 24.64 -61.49
N PRO S 149 -27.86 20.95 -55.74
CA PRO S 149 -28.84 20.42 -54.80
C PRO S 149 -29.15 18.92 -54.92
N SER S 150 -28.96 18.38 -56.11
CA SER S 150 -29.13 16.96 -56.37
C SER S 150 -28.04 16.07 -55.78
N ALA S 151 -26.96 16.72 -55.28
CA ALA S 151 -25.74 16.12 -54.72
C ALA S 151 -24.73 15.69 -55.78
N ASN S 152 -25.07 15.90 -57.06
CA ASN S 152 -24.12 15.65 -58.14
CA ASN S 152 -24.14 15.68 -58.17
C ASN S 152 -23.11 16.80 -58.18
N TYR S 153 -21.97 16.54 -58.79
CA TYR S 153 -20.94 17.54 -58.90
C TYR S 153 -20.15 17.29 -60.14
N PHE S 154 -19.44 18.33 -60.56
CA PHE S 154 -18.88 18.37 -61.87
C PHE S 154 -17.52 19.01 -61.80
N ASP S 155 -16.61 18.43 -62.56
CA ASP S 155 -15.27 18.95 -62.72
C ASP S 155 -15.27 19.71 -64.02
N CYS S 156 -14.96 21.00 -63.95
CA CYS S 156 -15.21 21.92 -65.05
C CYS S 156 -13.95 22.60 -65.57
N ARG S 157 -13.92 22.85 -66.86
CA ARG S 157 -12.93 23.76 -67.47
C ARG S 157 -13.31 25.19 -67.12
N ALA S 158 -14.61 25.46 -67.16
CA ALA S 158 -15.21 26.69 -66.67
C ALA S 158 -16.68 26.42 -66.46
N MET S 159 -17.38 27.32 -65.77
CA MET S 159 -18.80 27.14 -65.51
C MET S 159 -19.44 28.46 -65.09
N SER S 160 -20.76 28.55 -65.28
CA SER S 160 -21.57 29.62 -64.69
C SER S 160 -22.89 29.06 -64.17
N ILE S 161 -23.35 29.63 -63.07
CA ILE S 161 -24.64 29.27 -62.45
C ILE S 161 -25.37 30.54 -62.04
N GLY S 162 -26.67 30.44 -61.84
CA GLY S 162 -27.51 31.59 -61.46
C GLY S 162 -28.27 32.17 -62.64
N ALA S 163 -28.88 33.32 -62.43
CA ALA S 163 -29.81 33.87 -63.39
C ALA S 163 -29.10 34.32 -64.65
N ARG S 164 -29.68 33.97 -65.79
CA ARG S 164 -29.13 34.25 -67.10
C ARG S 164 -27.69 33.75 -67.29
N SER S 165 -27.33 32.68 -66.58
CA SER S 165 -25.99 32.11 -66.68
C SER S 165 -25.74 31.39 -68.00
N GLN S 166 -26.81 31.03 -68.71
CA GLN S 166 -26.70 30.42 -70.04
C GLN S 166 -25.88 31.29 -71.00
N SER S 167 -26.03 32.61 -70.87
CA SER S 167 -25.24 33.57 -71.67
C SER S 167 -23.77 33.48 -71.36
N ALA S 168 -23.46 33.40 -70.07
CA ALA S 168 -22.09 33.27 -69.59
C ALA S 168 -21.50 31.94 -70.04
N ARG S 169 -22.28 30.87 -69.92
CA ARG S 169 -21.86 29.56 -70.42
C ARG S 169 -21.50 29.61 -71.92
N THR S 170 -22.31 30.32 -72.71
CA THR S 170 -22.06 30.43 -74.16
C THR S 170 -20.77 31.17 -74.46
N TYR S 171 -20.52 32.27 -73.74
CA TYR S 171 -19.26 33.01 -73.90
C TYR S 171 -18.08 32.10 -73.54
N LEU S 172 -18.21 31.40 -72.42
CA LEU S 172 -17.13 30.54 -71.93
C LEU S 172 -16.82 29.47 -72.96
N GLU S 173 -17.85 28.85 -73.56
CA GLU S 173 -17.63 27.88 -74.65
C GLU S 173 -16.90 28.46 -75.84
N ARG S 174 -17.29 29.68 -76.20
CA ARG S 174 -16.67 30.39 -77.33
C ARG S 174 -15.16 30.56 -77.15
N HIS S 175 -14.71 30.93 -75.94
CA HIS S 175 -13.29 31.27 -75.69
C HIS S 175 -12.47 30.25 -74.86
N MET S 176 -13.02 29.08 -74.55
CA MET S 176 -12.36 28.18 -73.60
C MET S 176 -11.02 27.64 -74.08
N SER S 177 -10.88 27.46 -75.38
CA SER S 177 -9.60 27.07 -75.97
C SER S 177 -8.46 28.04 -75.68
N GLU S 178 -8.77 29.30 -75.36
CA GLU S 178 -7.77 30.31 -74.98
C GLU S 178 -7.34 30.25 -73.50
N PHE S 179 -8.15 29.62 -72.64
CA PHE S 179 -8.00 29.80 -71.18
C PHE S 179 -6.71 29.23 -70.59
N MET S 180 -6.32 28.03 -71.02
CA MET S 180 -5.22 27.28 -70.37
C MET S 180 -3.86 28.03 -70.40
N GLU S 181 -3.64 28.83 -71.43
CA GLU S 181 -2.38 29.60 -71.59
C GLU S 181 -2.49 31.08 -71.23
N CYS S 182 -3.59 31.48 -70.57
CA CYS S 182 -3.78 32.88 -70.17
C CYS S 182 -2.99 33.21 -68.92
N ASN S 183 -2.41 34.42 -68.90
CA ASN S 183 -1.93 35.01 -67.64
C ASN S 183 -3.13 35.36 -66.76
N LEU S 184 -2.88 35.76 -65.54
CA LEU S 184 -3.96 35.94 -64.55
C LEU S 184 -4.93 37.06 -64.98
N ASN S 185 -4.38 38.15 -65.51
CA ASN S 185 -5.19 39.30 -65.86
C ASN S 185 -6.16 38.96 -66.97
N GLU S 186 -5.65 38.34 -68.03
CA GLU S 186 -6.46 37.83 -69.13
C GLU S 186 -7.57 36.89 -68.63
N LEU S 187 -7.21 35.98 -67.75
CA LEU S 187 -8.17 34.98 -67.26
C LEU S 187 -9.33 35.62 -66.51
N VAL S 188 -9.04 36.65 -65.70
CA VAL S 188 -10.06 37.38 -64.96
C VAL S 188 -10.91 38.22 -65.95
N LYS S 189 -10.23 38.92 -66.86
CA LYS S 189 -10.88 39.64 -67.96
C LYS S 189 -11.94 38.74 -68.60
N HIS S 190 -11.57 37.51 -68.97
CA HIS S 190 -12.51 36.53 -69.53
C HIS S 190 -13.68 36.21 -68.58
N GLY S 191 -13.38 35.99 -67.30
CA GLY S 191 -14.41 35.74 -66.31
C GLY S 191 -15.40 36.89 -66.20
N LEU S 192 -14.86 38.11 -66.18
CA LEU S 192 -15.66 39.31 -66.10
C LEU S 192 -16.53 39.51 -67.35
N ARG S 193 -15.96 39.28 -68.53
CA ARG S 193 -16.71 39.35 -69.77
C ARG S 193 -17.89 38.36 -69.78
N ALA S 194 -17.65 37.12 -69.37
CA ALA S 194 -18.71 36.14 -69.28
C ALA S 194 -19.84 36.59 -68.33
N LEU S 195 -19.46 37.03 -67.13
CA LEU S 195 -20.41 37.57 -66.16
C LEU S 195 -21.23 38.73 -66.75
N ARG S 196 -20.56 39.63 -67.45
CA ARG S 196 -21.19 40.80 -68.07
C ARG S 196 -22.29 40.47 -69.09
N GLU S 197 -22.20 39.29 -69.71
CA GLU S 197 -23.25 38.80 -70.62
C GLU S 197 -24.60 38.55 -69.94
N THR S 198 -24.55 38.21 -68.65
CA THR S 198 -25.74 37.92 -67.85
C THR S 198 -26.56 39.18 -67.53
N LEU S 199 -25.96 40.36 -67.71
CA LEU S 199 -26.60 41.62 -67.36
C LEU S 199 -27.57 42.11 -68.43
N PRO S 200 -28.69 42.73 -68.02
CA PRO S 200 -29.48 43.50 -68.97
C PRO S 200 -28.60 44.52 -69.68
N ALA S 201 -28.86 44.75 -70.97
CA ALA S 201 -28.00 45.55 -71.86
C ALA S 201 -27.67 46.97 -71.33
N GLU S 202 -28.61 47.56 -70.59
CA GLU S 202 -28.42 48.83 -69.85
C GLU S 202 -27.25 48.76 -68.84
N GLN S 203 -27.22 47.67 -68.07
CA GLN S 203 -26.42 47.52 -66.87
C GLN S 203 -24.95 47.25 -67.19
N ASP S 204 -24.05 47.70 -66.31
CA ASP S 204 -22.60 47.52 -66.46
C ASP S 204 -22.01 46.90 -65.22
N LEU S 205 -20.80 46.34 -65.34
CA LEU S 205 -20.04 45.89 -64.16
C LEU S 205 -19.47 47.11 -63.47
N THR S 206 -19.58 47.14 -62.15
CA THR S 206 -19.07 48.23 -61.33
C THR S 206 -18.30 47.66 -60.14
N THR S 207 -17.65 48.54 -59.40
CA THR S 207 -16.97 48.14 -58.18
C THR S 207 -17.95 47.83 -57.06
N LYS S 208 -19.19 48.33 -57.16
CA LYS S 208 -20.23 47.98 -56.18
C LYS S 208 -20.77 46.56 -56.35
N ASN S 209 -20.79 46.02 -57.55
CA ASN S 209 -21.48 44.75 -57.82
C ASN S 209 -20.64 43.53 -58.21
N VAL S 210 -19.35 43.71 -58.45
CA VAL S 210 -18.47 42.59 -58.78
C VAL S 210 -17.67 42.18 -57.56
N SER S 211 -17.58 40.86 -57.38
CA SER S 211 -16.67 40.24 -56.42
C SER S 211 -15.83 39.23 -57.20
N ILE S 212 -14.53 39.16 -56.86
CA ILE S 212 -13.57 38.27 -57.53
C ILE S 212 -12.83 37.43 -56.47
N GLY S 213 -12.58 36.18 -56.80
CA GLY S 213 -11.81 35.25 -55.96
C GLY S 213 -10.74 34.58 -56.80
N ILE S 214 -9.51 34.51 -56.29
CA ILE S 214 -8.39 33.94 -57.06
C ILE S 214 -7.51 33.05 -56.18
N VAL S 215 -7.25 31.84 -56.68
CA VAL S 215 -6.26 30.96 -56.11
C VAL S 215 -5.37 30.43 -57.24
N GLY S 216 -4.09 30.23 -56.95
CA GLY S 216 -3.19 29.58 -57.87
C GLY S 216 -1.87 29.12 -57.29
N LYS S 217 -0.97 28.72 -58.18
CA LYS S 217 0.36 28.16 -57.86
C LYS S 217 1.14 29.03 -56.87
N ASP S 218 1.09 30.35 -57.01
CA ASP S 218 1.88 31.26 -56.17
C ASP S 218 1.01 32.08 -55.21
N LEU S 219 -0.28 31.72 -55.07
CA LEU S 219 -1.27 32.64 -54.49
C LEU S 219 -2.36 31.90 -53.71
N GLU S 220 -2.48 32.23 -52.43
CA GLU S 220 -3.54 31.70 -51.60
C GLU S 220 -4.88 32.30 -52.02
N PHE S 221 -5.97 31.59 -51.74
CA PHE S 221 -7.30 32.09 -52.07
C PHE S 221 -7.50 33.46 -51.45
N THR S 222 -7.80 34.44 -52.31
CA THR S 222 -7.93 35.85 -51.95
C THR S 222 -9.19 36.42 -52.62
N ILE S 223 -9.89 37.30 -51.89
CA ILE S 223 -11.15 37.89 -52.31
C ILE S 223 -10.93 39.38 -52.52
N TYR S 224 -11.35 39.85 -53.69
CA TYR S 224 -11.30 41.26 -54.07
C TYR S 224 -12.72 41.84 -54.13
N ASP S 225 -12.97 42.90 -53.36
CA ASP S 225 -14.27 43.60 -53.30
C ASP S 225 -14.07 45.09 -53.37
N ASP S 226 -15.10 45.78 -53.85
CA ASP S 226 -15.19 47.23 -53.84
C ASP S 226 -13.97 47.83 -54.54
N ASP S 227 -13.20 48.70 -53.89
CA ASP S 227 -12.07 49.35 -54.57
C ASP S 227 -10.99 48.39 -55.07
N ASP S 228 -10.86 47.21 -54.46
CA ASP S 228 -9.89 46.21 -54.91
C ASP S 228 -10.19 45.52 -56.26
N VAL S 229 -11.41 45.68 -56.82
CA VAL S 229 -11.70 45.13 -58.16
C VAL S 229 -11.37 46.12 -59.28
N SER S 230 -11.30 47.40 -58.95
CA SER S 230 -10.99 48.45 -59.94
C SER S 230 -9.88 48.11 -60.92
N PRO S 231 -8.74 47.60 -60.43
CA PRO S 231 -7.67 47.19 -61.37
C PRO S 231 -8.13 46.20 -62.44
N PHE S 232 -8.96 45.24 -62.06
CA PHE S 232 -9.46 44.21 -62.98
C PHE S 232 -10.50 44.73 -64.00
N LEU S 233 -11.32 45.70 -63.59
CA LEU S 233 -12.33 46.28 -64.47
C LEU S 233 -11.73 47.19 -65.52
N GLU S 234 -10.71 47.95 -65.16
CA GLU S 234 -10.07 48.78 -66.18
C GLU S 234 -8.65 48.35 -66.54
N GLY S 235 -8.44 47.54 -67.60
CA GLY S 235 -9.45 46.64 -68.19
C GLY S 235 -10.43 47.30 -69.15
N LEU S 236 -11.62 46.71 -69.24
CA LEU S 236 -12.82 47.30 -69.90
C LEU S 236 -12.83 47.20 -71.44
N GLU S 237 -12.52 46.00 -71.95
CA GLU S 237 -12.63 45.72 -73.38
C GLU S 237 -14.10 45.54 -73.71
N GLU S 238 -14.67 46.51 -74.44
CA GLU S 238 -16.07 46.52 -74.95
C GLU S 238 -16.85 47.75 -74.44
N ARG S 239 -18.04 48.09 -74.99
CA ARG S 239 -18.71 47.49 -76.20
C ARG S 239 -19.04 45.99 -76.16
N THR T 6 -50.19 3.66 -60.12
CA THR T 6 -51.66 3.72 -60.27
C THR T 6 -52.35 4.60 -59.20
N GLY T 7 -51.99 4.48 -57.90
CA GLY T 7 -52.88 5.07 -56.85
C GLY T 7 -52.70 5.54 -55.39
N TYR T 8 -51.93 4.93 -54.47
CA TYR T 8 -51.14 3.65 -54.43
C TYR T 8 -49.64 3.67 -54.76
N ASP T 9 -49.09 4.79 -55.21
CA ASP T 9 -47.69 4.84 -55.66
C ASP T 9 -46.82 5.87 -54.93
N LEU T 10 -47.14 6.22 -53.70
CA LEU T 10 -46.44 7.33 -53.01
C LEU T 10 -45.40 6.85 -51.99
N SER T 11 -45.51 5.61 -51.56
CA SER T 11 -44.68 5.08 -50.52
C SER T 11 -44.22 3.68 -50.86
N ALA T 12 -42.93 3.42 -50.67
CA ALA T 12 -42.40 2.07 -50.77
C ALA T 12 -42.93 1.11 -49.69
N SER T 13 -43.64 1.61 -48.67
CA SER T 13 -44.36 0.77 -47.70
C SER T 13 -45.83 0.43 -48.08
N THR T 14 -46.21 0.69 -49.33
CA THR T 14 -47.57 0.47 -49.81
C THR T 14 -47.59 -0.40 -51.06
N PHE T 15 -48.24 -1.56 -50.97
CA PHE T 15 -48.49 -2.37 -52.16
C PHE T 15 -49.67 -1.76 -52.89
N SER T 16 -49.62 -1.81 -54.22
CA SER T 16 -50.81 -1.60 -55.06
C SER T 16 -51.72 -2.83 -54.98
N PRO T 17 -53.01 -2.72 -55.36
CA PRO T 17 -53.87 -3.92 -55.33
C PRO T 17 -53.43 -5.11 -56.19
N ASP T 18 -52.56 -4.87 -57.18
CA ASP T 18 -52.01 -5.93 -58.05
C ASP T 18 -50.71 -6.47 -57.49
N GLY T 19 -50.28 -5.97 -56.33
CA GLY T 19 -49.09 -6.49 -55.67
C GLY T 19 -47.79 -5.90 -56.19
N ARG T 20 -47.81 -4.64 -56.57
CA ARG T 20 -46.60 -3.99 -57.06
C ARG T 20 -46.16 -2.90 -56.06
N VAL T 21 -44.90 -2.53 -56.15
CA VAL T 21 -44.40 -1.44 -55.36
C VAL T 21 -43.99 -0.39 -56.37
N PHE T 22 -44.91 0.53 -56.69
CA PHE T 22 -44.65 1.49 -57.76
C PHE T 22 -43.45 2.41 -57.47
N GLN T 23 -43.19 2.77 -56.20
CA GLN T 23 -42.03 3.61 -55.92
C GLN T 23 -40.72 2.97 -56.38
N VAL T 24 -40.62 1.65 -56.28
CA VAL T 24 -39.46 0.95 -56.77
C VAL T 24 -39.43 0.98 -58.28
N GLU T 25 -40.58 0.70 -58.89
CA GLU T 25 -40.74 0.81 -60.35
C GLU T 25 -40.40 2.21 -60.87
N TYR T 26 -40.75 3.24 -60.13
CA TYR T 26 -40.38 4.60 -60.54
C TYR T 26 -38.89 4.90 -60.45
N ALA T 27 -38.25 4.38 -59.42
CA ALA T 27 -36.81 4.46 -59.32
C ALA T 27 -36.12 3.79 -60.50
N MET T 28 -36.61 2.61 -60.90
CA MET T 28 -36.09 1.91 -62.08
C MET T 28 -36.19 2.77 -63.34
N LYS T 29 -37.25 3.59 -63.43
CA LYS T 29 -37.41 4.48 -64.57
C LYS T 29 -36.30 5.52 -64.66
N ALA T 30 -35.80 5.97 -63.51
CA ALA T 30 -34.63 6.88 -63.46
C ALA T 30 -33.35 6.26 -64.05
N VAL T 31 -33.21 4.95 -63.84
CA VAL T 31 -32.11 4.18 -64.41
C VAL T 31 -32.33 4.07 -65.91
N GLU T 32 -33.55 3.72 -66.31
CA GLU T 32 -33.81 3.57 -67.74
C GLU T 32 -33.85 4.89 -68.51
N ASN T 33 -33.91 6.03 -67.83
CA ASN T 33 -33.67 7.35 -68.48
C ASN T 33 -32.19 7.71 -68.68
N SER T 34 -31.33 7.02 -67.97
CA SER T 34 -29.91 7.33 -67.98
C SER T 34 -29.27 6.74 -69.24
N SER T 35 -28.10 7.25 -69.64
CA SER T 35 -27.39 6.69 -70.79
C SER T 35 -26.82 5.32 -70.45
N THR T 36 -26.37 4.58 -71.45
CA THR T 36 -26.15 3.14 -71.30
C THR T 36 -24.74 2.76 -70.79
N ALA T 37 -24.72 1.79 -69.88
CA ALA T 37 -23.47 1.19 -69.41
C ALA T 37 -23.54 -0.30 -69.69
N ILE T 38 -22.43 -0.89 -70.09
CA ILE T 38 -22.38 -2.33 -70.35
C ILE T 38 -21.21 -3.01 -69.63
N GLY T 39 -21.42 -4.26 -69.26
CA GLY T 39 -20.36 -5.10 -68.73
C GLY T 39 -20.31 -6.42 -69.47
N ILE T 40 -19.11 -6.86 -69.83
CA ILE T 40 -18.94 -8.16 -70.44
C ILE T 40 -17.86 -8.97 -69.69
N ARG T 41 -18.27 -10.13 -69.20
CA ARG T 41 -17.36 -11.13 -68.67
C ARG T 41 -16.79 -11.93 -69.83
N CYS T 42 -15.50 -12.24 -69.77
CA CYS T 42 -14.87 -13.04 -70.81
C CYS T 42 -13.93 -14.08 -70.23
N LYS T 43 -13.10 -14.72 -71.06
CA LYS T 43 -12.27 -15.87 -70.64
C LYS T 43 -11.38 -15.51 -69.44
N ASP T 44 -10.79 -14.31 -69.49
CA ASP T 44 -9.75 -13.92 -68.54
C ASP T 44 -10.02 -12.60 -67.80
N GLY T 45 -11.28 -12.18 -67.70
CA GLY T 45 -11.66 -10.98 -66.93
C GLY T 45 -13.01 -10.38 -67.25
N VAL T 46 -13.20 -9.14 -66.82
CA VAL T 46 -14.43 -8.37 -67.04
C VAL T 46 -14.05 -7.00 -67.59
N VAL T 47 -14.84 -6.55 -68.57
CA VAL T 47 -14.69 -5.21 -69.15
C VAL T 47 -15.99 -4.43 -68.98
N PHE T 48 -15.86 -3.15 -68.65
CA PHE T 48 -16.97 -2.22 -68.57
C PHE T 48 -16.81 -1.11 -69.58
N GLY T 49 -17.94 -0.65 -70.10
CA GLY T 49 -17.99 0.54 -70.94
C GLY T 49 -19.21 1.36 -70.61
N VAL T 50 -19.07 2.68 -70.68
CA VAL T 50 -20.18 3.59 -70.43
C VAL T 50 -20.27 4.64 -71.52
N GLU T 51 -21.50 4.82 -72.03
CA GLU T 51 -21.82 5.91 -72.93
C GLU T 51 -21.98 7.10 -72.02
N LYS T 52 -21.00 7.99 -72.02
CA LYS T 52 -21.02 9.11 -71.08
C LYS T 52 -21.40 10.37 -71.84
N LEU T 53 -22.66 10.80 -71.69
CA LEU T 53 -23.17 11.94 -72.46
C LEU T 53 -22.51 13.22 -71.96
N VAL T 54 -22.14 14.09 -72.90
CA VAL T 54 -21.48 15.32 -72.50
C VAL T 54 -22.48 16.46 -72.65
N LEU T 55 -22.96 16.95 -71.51
CA LEU T 55 -24.02 17.97 -71.48
C LEU T 55 -23.47 19.39 -71.66
N SER T 56 -22.16 19.55 -71.52
CA SER T 56 -21.50 20.82 -71.83
C SER T 56 -20.08 20.55 -72.30
N LYS T 57 -19.61 21.40 -73.21
CA LYS T 57 -18.21 21.41 -73.62
C LYS T 57 -17.32 22.04 -72.52
N LEU T 58 -17.93 22.70 -71.54
CA LEU T 58 -17.24 23.27 -70.39
C LEU T 58 -16.80 22.23 -69.34
N TYR T 59 -17.39 21.05 -69.31
CA TYR T 59 -16.94 19.99 -68.42
C TYR T 59 -15.58 19.41 -68.85
N GLU T 60 -14.78 18.95 -67.87
CA GLU T 60 -13.45 18.35 -68.10
C GLU T 60 -13.60 16.91 -68.55
N GLU T 61 -12.67 16.46 -69.39
CA GLU T 61 -12.67 15.09 -69.87
C GLU T 61 -12.33 14.12 -68.74
N GLY T 62 -13.34 13.44 -68.20
CA GLY T 62 -13.19 12.62 -66.98
C GLY T 62 -14.15 13.00 -65.87
N SER T 63 -14.79 14.17 -65.96
CA SER T 63 -15.87 14.53 -65.01
C SER T 63 -16.98 13.48 -64.97
N ASN T 64 -17.78 13.50 -63.91
CA ASN T 64 -18.88 12.55 -63.73
C ASN T 64 -18.55 11.14 -64.14
N LYS T 65 -17.47 10.59 -63.60
CA LYS T 65 -17.16 9.18 -63.81
C LYS T 65 -18.36 8.32 -63.41
N ARG T 66 -18.63 7.30 -64.21
CA ARG T 66 -19.64 6.31 -63.89
C ARG T 66 -19.00 4.93 -63.71
N LEU T 67 -17.66 4.90 -63.70
CA LEU T 67 -16.87 3.73 -63.32
C LEU T 67 -16.07 4.04 -62.05
N PHE T 68 -16.15 3.13 -61.08
CA PHE T 68 -15.51 3.29 -59.76
C PHE T 68 -14.73 2.04 -59.37
N ASN T 69 -13.62 2.25 -58.66
CA ASN T 69 -12.92 1.21 -57.92
C ASN T 69 -13.60 1.11 -56.56
N VAL T 70 -14.20 -0.04 -56.23
CA VAL T 70 -14.76 -0.24 -54.89
C VAL T 70 -13.90 -1.14 -54.00
N ASP T 71 -13.05 -1.96 -54.58
CA ASP T 71 -11.91 -2.53 -53.88
C ASP T 71 -10.82 -2.62 -54.93
N ARG T 72 -9.60 -2.92 -54.53
CA ARG T 72 -8.52 -3.00 -55.51
C ARG T 72 -8.79 -4.07 -56.61
N HIS T 73 -9.54 -5.10 -56.25
CA HIS T 73 -9.95 -6.16 -57.19
C HIS T 73 -11.37 -6.06 -57.79
N VAL T 74 -12.14 -5.03 -57.42
CA VAL T 74 -13.54 -4.89 -57.83
C VAL T 74 -13.82 -3.54 -58.47
N GLY T 75 -14.40 -3.59 -59.66
CA GLY T 75 -14.95 -2.41 -60.37
C GLY T 75 -16.45 -2.30 -60.25
N MET T 76 -16.93 -1.06 -60.24
CA MET T 76 -18.38 -0.76 -60.21
C MET T 76 -18.75 0.11 -61.40
N ALA T 77 -19.80 -0.28 -62.13
CA ALA T 77 -20.28 0.48 -63.30
C ALA T 77 -21.75 0.85 -63.09
N VAL T 78 -22.07 2.13 -63.18
CA VAL T 78 -23.38 2.63 -62.73
C VAL T 78 -24.22 3.27 -63.84
N ALA T 79 -25.53 3.25 -63.62
CA ALA T 79 -26.46 4.04 -64.42
C ALA T 79 -27.56 4.52 -63.51
N GLY T 80 -28.08 5.71 -63.78
CA GLY T 80 -29.18 6.26 -63.00
C GLY T 80 -28.82 7.61 -62.42
N LEU T 81 -29.43 7.92 -61.29
CA LEU T 81 -29.11 9.12 -60.54
C LEU T 81 -27.70 8.99 -59.90
N LEU T 82 -26.80 9.88 -60.29
CA LEU T 82 -25.37 9.68 -60.05
C LEU T 82 -25.02 9.78 -58.55
N ALA T 83 -25.63 10.73 -57.84
CA ALA T 83 -25.41 10.88 -56.40
C ALA T 83 -25.83 9.65 -55.60
N ASP T 84 -26.95 9.02 -55.98
CA ASP T 84 -27.33 7.74 -55.37
C ASP T 84 -26.29 6.67 -55.65
N ALA T 85 -25.79 6.62 -56.88
CA ALA T 85 -24.81 5.62 -57.28
C ALA T 85 -23.49 5.78 -56.53
N ARG T 86 -23.05 7.02 -56.33
CA ARG T 86 -21.82 7.31 -55.62
C ARG T 86 -21.89 6.92 -54.13
N SER T 87 -23.04 7.18 -53.55
CA SER T 87 -23.35 6.76 -52.21
C SER T 87 -23.32 5.23 -52.09
N LEU T 88 -23.86 4.55 -53.09
CA LEU T 88 -23.77 3.07 -53.13
C LEU T 88 -22.36 2.54 -53.33
N ALA T 89 -21.53 3.30 -54.05
CA ALA T 89 -20.13 3.00 -54.19
C ALA T 89 -19.40 3.08 -52.84
N ASP T 90 -19.74 4.09 -52.04
CA ASP T 90 -19.24 4.23 -50.68
C ASP T 90 -19.64 3.04 -49.80
N ILE T 91 -20.91 2.64 -49.87
CA ILE T 91 -21.38 1.48 -49.13
C ILE T 91 -20.58 0.24 -49.52
N ALA T 92 -20.43 0.04 -50.83
CA ALA T 92 -19.68 -1.11 -51.32
C ALA T 92 -18.25 -1.07 -50.78
N ARG T 93 -17.62 0.09 -50.85
CA ARG T 93 -16.24 0.27 -50.40
C ARG T 93 -16.07 -0.10 -48.94
N GLU T 94 -17.00 0.37 -48.13
CA GLU T 94 -17.00 0.09 -46.72
C GLU T 94 -17.25 -1.38 -46.43
N GLU T 95 -18.06 -2.03 -47.25
CA GLU T 95 -18.35 -3.45 -47.04
C GLU T 95 -17.12 -4.31 -47.32
N ALA T 96 -16.39 -3.96 -48.38
CA ALA T 96 -15.16 -4.62 -48.73
C ALA T 96 -14.06 -4.37 -47.70
N SER T 97 -13.95 -3.13 -47.23
CA SER T 97 -13.02 -2.75 -46.19
C SER T 97 -13.26 -3.51 -44.88
N ASN T 98 -14.51 -3.53 -44.43
CA ASN T 98 -14.89 -4.27 -43.21
C ASN T 98 -14.70 -5.76 -43.35
N PHE T 99 -15.01 -6.30 -44.54
CA PHE T 99 -14.81 -7.72 -44.80
C PHE T 99 -13.35 -8.10 -44.60
N ARG T 100 -12.43 -7.32 -45.15
CA ARG T 100 -11.00 -7.59 -44.98
C ARG T 100 -10.55 -7.50 -43.50
N SER T 101 -10.98 -6.47 -42.79
CA SER T 101 -10.68 -6.34 -41.37
C SER T 101 -11.19 -7.50 -40.50
N ASN T 102 -12.40 -8.01 -40.77
CA ASN T 102 -12.99 -9.09 -39.96
C ASN T 102 -12.48 -10.48 -40.32
N PHE T 103 -12.43 -10.77 -41.62
CA PHE T 103 -12.09 -12.11 -42.12
C PHE T 103 -10.73 -12.28 -42.78
N GLY T 104 -10.02 -11.16 -43.01
CA GLY T 104 -8.58 -11.22 -43.30
C GLY T 104 -8.23 -11.66 -44.69
N TYR T 105 -9.11 -11.38 -45.64
CA TYR T 105 -8.84 -11.61 -47.06
C TYR T 105 -9.83 -10.82 -47.91
N ASN T 106 -9.53 -10.73 -49.21
CA ASN T 106 -10.31 -9.92 -50.14
C ASN T 106 -11.69 -10.46 -50.30
N ILE T 107 -12.68 -9.57 -50.19
CA ILE T 107 -14.09 -9.96 -50.31
C ILE T 107 -14.39 -10.63 -51.64
N PRO T 108 -15.04 -11.81 -51.60
CA PRO T 108 -15.45 -12.45 -52.85
C PRO T 108 -16.58 -11.66 -53.47
N LEU T 109 -16.56 -11.55 -54.78
CA LEU T 109 -17.47 -10.64 -55.49
C LEU T 109 -18.93 -10.96 -55.22
N LYS T 110 -19.29 -12.22 -55.33
CA LYS T 110 -20.65 -12.63 -55.05
C LYS T 110 -21.12 -12.15 -53.67
N HIS T 111 -20.29 -12.35 -52.65
CA HIS T 111 -20.64 -11.92 -51.32
C HIS T 111 -20.78 -10.40 -51.24
N LEU T 112 -19.89 -9.64 -51.88
CA LEU T 112 -20.00 -8.17 -51.87
C LEU T 112 -21.29 -7.74 -52.57
N ALA T 113 -21.58 -8.36 -53.71
CA ALA T 113 -22.82 -8.10 -54.42
C ALA T 113 -24.03 -8.41 -53.55
N ASP T 114 -24.06 -9.56 -52.90
CA ASP T 114 -25.20 -9.91 -52.04
C ASP T 114 -25.38 -8.96 -50.85
N ARG T 115 -24.27 -8.51 -50.27
CA ARG T 115 -24.33 -7.57 -49.15
C ARG T 115 -24.85 -6.19 -49.58
N VAL T 116 -24.26 -5.60 -50.61
CA VAL T 116 -24.73 -4.30 -51.09
C VAL T 116 -26.19 -4.37 -51.56
N ALA T 117 -26.58 -5.46 -52.21
CA ALA T 117 -27.96 -5.68 -52.65
C ALA T 117 -28.97 -5.65 -51.52
N MET T 118 -28.64 -6.24 -50.37
CA MET T 118 -29.54 -6.19 -49.20
C MET T 118 -29.63 -4.78 -48.63
N TYR T 119 -28.59 -4.00 -48.83
CA TYR T 119 -28.61 -2.60 -48.44
C TYR T 119 -29.59 -1.84 -49.36
N VAL T 120 -29.46 -2.08 -50.65
CA VAL T 120 -30.39 -1.53 -51.63
C VAL T 120 -31.80 -1.99 -51.30
N HIS T 121 -31.98 -3.28 -51.03
CA HIS T 121 -33.30 -3.82 -50.69
C HIS T 121 -34.00 -3.19 -49.50
N ALA T 122 -33.22 -2.87 -48.48
CA ALA T 122 -33.72 -2.21 -47.28
C ALA T 122 -34.38 -0.85 -47.57
N TYR T 123 -34.01 -0.18 -48.65
CA TYR T 123 -34.65 1.09 -49.00
C TYR T 123 -35.93 0.88 -49.87
N THR T 124 -36.43 -0.36 -49.94
CA THR T 124 -37.62 -0.66 -50.70
C THR T 124 -38.80 -1.13 -49.82
N LEU T 125 -38.77 -0.80 -48.53
CA LEU T 125 -39.77 -1.28 -47.58
C LEU T 125 -40.56 -0.24 -46.79
N TYR T 126 -40.12 1.02 -46.83
CA TYR T 126 -40.51 1.99 -45.81
C TYR T 126 -40.98 3.32 -46.39
N SER T 127 -41.94 3.95 -45.71
CA SER T 127 -42.27 5.33 -46.02
C SER T 127 -41.12 6.27 -45.63
N ALA T 128 -40.28 5.86 -44.69
CA ALA T 128 -39.25 6.73 -44.11
C ALA T 128 -38.11 7.07 -45.08
N VAL T 129 -37.87 6.20 -46.06
CA VAL T 129 -36.83 6.43 -47.07
C VAL T 129 -37.35 6.06 -48.46
N ARG T 130 -36.68 6.54 -49.51
CA ARG T 130 -37.00 6.14 -50.89
C ARG T 130 -36.00 5.14 -51.44
N PRO T 131 -36.42 4.36 -52.46
CA PRO T 131 -35.45 3.47 -53.15
C PRO T 131 -34.35 4.21 -53.89
N PHE T 132 -33.21 3.56 -54.06
CA PHE T 132 -32.10 4.12 -54.82
C PHE T 132 -32.52 4.21 -56.28
N GLY T 133 -32.19 5.31 -56.93
CA GLY T 133 -32.49 5.50 -58.34
C GLY T 133 -31.31 5.12 -59.19
N CYS T 134 -30.78 3.92 -58.97
CA CYS T 134 -29.59 3.48 -59.71
CA CYS T 134 -29.55 3.47 -59.63
C CYS T 134 -29.51 1.95 -59.80
N SER T 135 -28.94 1.50 -60.92
CA SER T 135 -28.52 0.11 -61.11
C SER T 135 -27.02 0.14 -61.27
N PHE T 136 -26.36 -0.92 -60.81
CA PHE T 136 -24.90 -1.00 -60.95
C PHE T 136 -24.40 -2.42 -61.16
N MET T 137 -23.28 -2.52 -61.90
CA MET T 137 -22.63 -3.78 -62.13
C MET T 137 -21.39 -3.78 -61.28
N LEU T 138 -21.03 -4.96 -60.77
CA LEU T 138 -19.77 -5.18 -60.05
C LEU T 138 -19.01 -6.24 -60.82
N GLY T 139 -17.72 -5.99 -61.10
CA GLY T 139 -16.88 -6.94 -61.83
C GLY T 139 -15.54 -7.19 -61.14
N SER T 140 -15.07 -8.44 -61.19
CA SER T 140 -13.75 -8.76 -60.66
C SER T 140 -13.14 -9.96 -61.34
N TYR T 141 -11.87 -10.19 -61.04
CA TYR T 141 -11.14 -11.35 -61.47
C TYR T 141 -10.09 -11.76 -60.43
N SER T 142 -9.93 -13.06 -60.28
CA SER T 142 -8.84 -13.65 -59.51
C SER T 142 -8.58 -15.02 -60.07
N VAL T 143 -7.41 -15.58 -59.74
CA VAL T 143 -7.03 -16.89 -60.27
C VAL T 143 -7.92 -17.97 -59.65
N ASN T 144 -8.25 -17.87 -58.37
CA ASN T 144 -9.12 -18.85 -57.69
C ASN T 144 -10.61 -18.83 -58.07
N ASP T 145 -11.20 -17.63 -58.17
CA ASP T 145 -12.64 -17.48 -58.43
C ASP T 145 -13.02 -17.20 -59.91
N GLY T 146 -12.01 -16.93 -60.74
CA GLY T 146 -12.23 -16.58 -62.15
C GLY T 146 -12.76 -15.17 -62.33
N ALA T 147 -13.24 -14.90 -63.55
CA ALA T 147 -13.96 -13.65 -63.86
C ALA T 147 -15.38 -13.74 -63.35
N GLN T 148 -15.86 -12.66 -62.74
CA GLN T 148 -17.24 -12.55 -62.30
C GLN T 148 -17.84 -11.17 -62.54
N LEU T 149 -19.10 -11.17 -62.96
CA LEU T 149 -19.86 -9.95 -63.28
C LEU T 149 -21.28 -10.06 -62.72
N TYR T 150 -21.63 -9.17 -61.81
CA TYR T 150 -22.95 -9.17 -61.15
C TYR T 150 -23.62 -7.85 -61.46
N MET T 151 -24.94 -7.82 -61.33
CA MET T 151 -25.67 -6.60 -61.52
C MET T 151 -26.78 -6.53 -60.48
N ILE T 152 -26.91 -5.35 -59.87
CA ILE T 152 -27.94 -5.06 -58.88
C ILE T 152 -28.85 -3.92 -59.40
N ASP T 153 -30.16 -4.04 -59.14
CA ASP T 153 -31.15 -3.02 -59.54
C ASP T 153 -31.82 -2.38 -58.32
N PRO T 154 -32.60 -1.31 -58.51
CA PRO T 154 -33.23 -0.66 -57.37
C PRO T 154 -34.10 -1.53 -56.46
N SER T 155 -34.63 -2.66 -56.92
CA SER T 155 -35.38 -3.54 -56.01
C SER T 155 -34.45 -4.31 -55.05
N GLY T 156 -33.18 -4.44 -55.42
CA GLY T 156 -32.20 -5.17 -54.62
C GLY T 156 -31.91 -6.58 -55.13
N VAL T 157 -32.40 -6.90 -56.32
CA VAL T 157 -32.13 -8.20 -56.93
C VAL T 157 -30.72 -8.17 -57.52
N SER T 158 -30.02 -9.28 -57.34
CA SER T 158 -28.64 -9.45 -57.72
C SER T 158 -28.54 -10.77 -58.48
N TYR T 159 -27.89 -10.73 -59.63
CA TYR T 159 -27.63 -11.93 -60.42
C TYR T 159 -26.27 -11.77 -61.08
N GLY T 160 -25.71 -12.91 -61.48
CA GLY T 160 -24.44 -12.97 -62.18
C GLY T 160 -24.67 -13.13 -63.67
N TYR T 161 -23.82 -12.51 -64.48
CA TYR T 161 -24.04 -12.41 -65.91
C TYR T 161 -22.76 -12.75 -66.67
N TRP T 162 -22.95 -13.27 -67.88
CA TRP T 162 -21.91 -13.26 -68.91
C TRP T 162 -21.85 -11.90 -69.62
N GLY T 163 -23.01 -11.28 -69.79
CA GLY T 163 -23.11 -9.99 -70.43
C GLY T 163 -24.30 -9.21 -69.90
N CYS T 164 -24.18 -7.90 -69.83
CA CYS T 164 -25.17 -7.10 -69.15
C CYS T 164 -25.15 -5.66 -69.60
N ALA T 165 -26.35 -5.06 -69.59
CA ALA T 165 -26.53 -3.68 -69.96
C ALA T 165 -27.64 -3.04 -69.12
N ILE T 166 -27.46 -1.76 -68.87
CA ILE T 166 -28.34 -0.96 -68.02
C ILE T 166 -28.40 0.43 -68.59
N GLY T 167 -29.50 1.11 -68.33
CA GLY T 167 -29.76 2.39 -68.99
C GLY T 167 -30.75 2.27 -70.15
N LYS T 168 -30.85 3.35 -70.91
CA LYS T 168 -31.94 3.53 -71.87
C LYS T 168 -31.90 2.68 -73.13
N ALA T 169 -30.70 2.32 -73.58
CA ALA T 169 -30.53 1.41 -74.71
C ALA T 169 -30.19 -0.03 -74.27
N ARG T 170 -30.68 -0.40 -73.09
CA ARG T 170 -30.47 -1.72 -72.49
C ARG T 170 -30.71 -2.89 -73.46
N GLN T 171 -31.90 -2.92 -74.08
CA GLN T 171 -32.28 -4.05 -74.97
C GLN T 171 -31.47 -4.10 -76.26
N ALA T 172 -31.19 -2.93 -76.82
CA ALA T 172 -30.37 -2.84 -78.02
C ALA T 172 -28.95 -3.36 -77.75
N ALA T 173 -28.38 -2.94 -76.63
CA ALA T 173 -27.07 -3.42 -76.18
C ALA T 173 -27.04 -4.94 -76.02
N LYS T 174 -28.01 -5.50 -75.31
CA LYS T 174 -28.11 -6.93 -75.11
C LYS T 174 -28.10 -7.73 -76.39
N THR T 175 -28.88 -7.33 -77.41
CA THR T 175 -28.90 -8.09 -78.67
C THR T 175 -27.57 -8.01 -79.42
N GLU T 176 -26.77 -6.96 -79.22
CA GLU T 176 -25.40 -6.95 -79.78
C GLU T 176 -24.45 -7.83 -78.97
N ILE T 177 -24.53 -7.73 -77.63
CA ILE T 177 -23.73 -8.56 -76.72
C ILE T 177 -23.95 -10.05 -77.01
N GLU T 178 -25.21 -10.44 -77.24
CA GLU T 178 -25.56 -11.84 -77.54
C GLU T 178 -24.84 -12.42 -78.74
N LYS T 179 -24.40 -11.58 -79.67
CA LYS T 179 -23.67 -12.03 -80.86
C LYS T 179 -22.20 -12.40 -80.60
N LEU T 180 -21.67 -12.01 -79.45
CA LEU T 180 -20.29 -12.33 -79.09
C LEU T 180 -20.22 -13.69 -78.42
N GLN T 181 -19.20 -14.46 -78.80
CA GLN T 181 -18.82 -15.67 -78.07
C GLN T 181 -17.81 -15.28 -76.98
N MET T 182 -18.30 -14.61 -75.93
CA MET T 182 -17.40 -14.01 -74.93
C MET T 182 -16.59 -14.99 -74.07
N LYS T 183 -17.10 -16.22 -73.91
CA LYS T 183 -16.43 -17.29 -73.13
C LYS T 183 -15.05 -17.62 -73.69
N GLU T 184 -14.88 -17.51 -75.01
CA GLU T 184 -13.61 -17.81 -75.65
C GLU T 184 -12.75 -16.58 -75.99
N MET T 185 -13.12 -15.40 -75.50
CA MET T 185 -12.42 -14.16 -75.88
C MET T 185 -11.65 -13.54 -74.71
N THR T 186 -10.58 -12.83 -75.03
CA THR T 186 -9.80 -12.15 -74.01
C THR T 186 -10.28 -10.73 -73.81
N CYS T 187 -9.88 -10.16 -72.68
CA CYS T 187 -10.14 -8.77 -72.39
C CYS T 187 -9.60 -7.83 -73.46
N ARG T 188 -8.42 -8.12 -74.03
CA ARG T 188 -7.83 -7.21 -75.02
C ARG T 188 -8.72 -7.11 -76.28
N ASP T 189 -9.39 -8.21 -76.63
CA ASP T 189 -10.39 -8.24 -77.72
C ASP T 189 -11.73 -7.58 -77.34
N ILE T 190 -12.25 -7.87 -76.15
CA ILE T 190 -13.59 -7.43 -75.73
C ILE T 190 -13.70 -5.90 -75.62
N VAL T 191 -12.64 -5.21 -75.22
CA VAL T 191 -12.68 -3.73 -75.14
C VAL T 191 -13.17 -3.12 -76.44
N LYS T 192 -12.65 -3.63 -77.53
CA LYS T 192 -13.00 -3.14 -78.86
C LYS T 192 -14.48 -3.39 -79.15
N GLU T 193 -14.99 -4.53 -78.70
CA GLU T 193 -16.38 -4.92 -78.90
C GLU T 193 -17.35 -4.19 -78.00
N VAL T 194 -16.91 -3.86 -76.78
CA VAL T 194 -17.64 -2.96 -75.88
C VAL T 194 -17.76 -1.58 -76.49
N ALA T 195 -16.65 -1.05 -77.00
CA ALA T 195 -16.64 0.25 -77.63
C ALA T 195 -17.57 0.26 -78.83
N LYS T 196 -17.48 -0.80 -79.64
CA LYS T 196 -18.35 -0.99 -80.79
C LYS T 196 -19.84 -0.91 -80.42
N ILE T 197 -20.25 -1.69 -79.42
CA ILE T 197 -21.65 -1.75 -79.00
C ILE T 197 -22.16 -0.40 -78.51
N ILE T 198 -21.36 0.29 -77.71
CA ILE T 198 -21.74 1.63 -77.22
C ILE T 198 -22.05 2.53 -78.43
N TYR T 199 -21.20 2.50 -79.46
CA TYR T 199 -21.42 3.31 -80.67
C TYR T 199 -22.66 2.93 -81.49
N ILE T 200 -23.00 1.64 -81.51
CA ILE T 200 -24.20 1.15 -82.18
C ILE T 200 -25.49 1.68 -81.51
N VAL T 201 -25.57 1.54 -80.19
CA VAL T 201 -26.77 1.91 -79.43
C VAL T 201 -26.86 3.43 -79.14
N HIS T 202 -25.78 4.16 -79.34
CA HIS T 202 -25.79 5.61 -79.17
C HIS T 202 -26.71 6.17 -80.22
N ASP T 203 -27.64 7.00 -79.76
CA ASP T 203 -28.50 7.75 -80.64
C ASP T 203 -27.80 9.08 -80.93
N GLU T 204 -26.99 9.10 -82.01
CA GLU T 204 -26.18 10.29 -82.37
C GLU T 204 -27.00 11.52 -82.78
N VAL T 205 -28.24 11.28 -83.24
CA VAL T 205 -29.17 12.36 -83.54
C VAL T 205 -29.81 12.94 -82.26
N LYS T 206 -30.39 12.09 -81.40
CA LYS T 206 -30.99 12.53 -80.13
C LYS T 206 -29.87 12.42 -79.12
N ASP T 207 -29.29 13.57 -78.77
CA ASP T 207 -28.06 13.72 -77.95
C ASP T 207 -26.74 13.47 -78.75
N LYS T 208 -26.26 14.53 -79.41
CA LYS T 208 -24.86 14.59 -79.91
C LYS T 208 -23.86 14.49 -78.74
N ALA T 209 -22.58 14.30 -79.10
CA ALA T 209 -21.41 14.26 -78.20
C ALA T 209 -21.47 13.40 -76.93
N PHE T 210 -20.65 12.35 -76.94
CA PHE T 210 -20.44 11.50 -75.78
C PHE T 210 -18.95 11.12 -75.65
N GLU T 211 -18.53 10.87 -74.41
CA GLU T 211 -17.22 10.30 -74.10
C GLU T 211 -17.41 8.83 -73.86
N LEU T 212 -16.48 8.02 -74.35
CA LEU T 212 -16.46 6.62 -74.00
C LEU T 212 -15.58 6.38 -72.73
N GLU T 213 -16.17 5.75 -71.72
CA GLU T 213 -15.46 5.45 -70.49
C GLU T 213 -15.29 3.94 -70.44
N LEU T 214 -14.05 3.49 -70.23
CA LEU T 214 -13.72 2.06 -70.26
C LEU T 214 -12.86 1.65 -69.09
N SER T 215 -13.17 0.49 -68.51
CA SER T 215 -12.36 -0.08 -67.42
C SER T 215 -12.35 -1.59 -67.54
N TRP T 216 -11.37 -2.22 -66.89
CA TRP T 216 -11.26 -3.67 -66.86
C TRP T 216 -10.57 -4.23 -65.62
N VAL T 217 -10.80 -5.52 -65.42
CA VAL T 217 -10.19 -6.29 -64.37
C VAL T 217 -10.06 -7.69 -64.93
N GLY T 218 -8.83 -8.18 -65.01
CA GLY T 218 -8.55 -9.53 -65.48
C GLY T 218 -7.12 -9.97 -65.26
N GLU T 219 -6.76 -11.13 -65.79
CA GLU T 219 -5.38 -11.59 -65.77
C GLU T 219 -4.40 -10.46 -66.12
N LEU T 220 -4.68 -9.76 -67.20
CA LEU T 220 -3.77 -8.74 -67.72
C LEU T 220 -3.51 -7.57 -66.76
N THR T 221 -4.42 -7.32 -65.82
CA THR T 221 -4.23 -6.31 -64.78
C THR T 221 -3.81 -6.92 -63.45
N ASN T 222 -3.62 -8.24 -63.46
CA ASN T 222 -3.26 -9.02 -62.29
C ASN T 222 -4.31 -8.92 -61.19
N GLY T 223 -5.57 -8.98 -61.59
CA GLY T 223 -6.68 -8.95 -60.65
C GLY T 223 -7.01 -7.59 -60.06
N ARG T 224 -6.31 -6.53 -60.51
CA ARG T 224 -6.60 -5.14 -60.13
C ARG T 224 -7.65 -4.54 -61.10
N HIS T 225 -8.65 -3.82 -60.58
CA HIS T 225 -9.57 -3.06 -61.45
C HIS T 225 -8.92 -1.74 -61.80
N GLU T 226 -8.86 -1.45 -63.09
CA GLU T 226 -8.14 -0.29 -63.62
C GLU T 226 -8.90 0.34 -64.81
N ILE T 227 -8.62 1.61 -65.06
CA ILE T 227 -9.05 2.23 -66.29
C ILE T 227 -8.32 1.56 -67.44
N VAL T 228 -8.98 1.45 -68.59
CA VAL T 228 -8.31 1.00 -69.81
C VAL T 228 -7.32 2.12 -70.17
N PRO T 229 -6.09 1.78 -70.58
CA PRO T 229 -5.14 2.84 -70.96
C PRO T 229 -5.61 3.68 -72.14
N LYS T 230 -5.21 4.95 -72.18
CA LYS T 230 -5.65 5.91 -73.21
C LYS T 230 -5.42 5.41 -74.63
N ASP T 231 -4.21 4.94 -74.93
CA ASP T 231 -3.91 4.41 -76.29
C ASP T 231 -4.80 3.23 -76.71
N ILE T 232 -5.10 2.32 -75.78
CA ILE T 232 -6.01 1.19 -76.05
C ILE T 232 -7.45 1.66 -76.23
N ARG T 233 -7.91 2.58 -75.38
CA ARG T 233 -9.24 3.17 -75.52
C ARG T 233 -9.42 3.78 -76.92
N GLU T 234 -8.42 4.53 -77.38
CA GLU T 234 -8.53 5.27 -78.63
C GLU T 234 -8.55 4.35 -79.83
N GLU T 235 -7.77 3.26 -79.77
CA GLU T 235 -7.85 2.16 -80.74
C GLU T 235 -9.25 1.52 -80.76
N ALA T 236 -9.83 1.30 -79.59
CA ALA T 236 -11.20 0.77 -79.50
C ALA T 236 -12.24 1.76 -80.04
N GLU T 237 -12.06 3.05 -79.76
CA GLU T 237 -12.94 4.11 -80.29
C GLU T 237 -12.88 4.11 -81.81
N LYS T 238 -11.67 4.14 -82.34
CA LYS T 238 -11.46 4.14 -83.77
C LYS T 238 -12.06 2.90 -84.45
N TYR T 239 -11.81 1.72 -83.89
CA TYR T 239 -12.41 0.46 -84.36
C TYR T 239 -13.94 0.49 -84.40
N ALA T 240 -14.54 1.07 -83.36
CA ALA T 240 -16.00 1.18 -83.24
C ALA T 240 -16.58 2.19 -84.23
N LYS T 241 -15.89 3.32 -84.36
CA LYS T 241 -16.22 4.39 -85.30
C LYS T 241 -16.20 3.90 -86.75
N GLU T 242 -15.11 3.24 -87.15
CA GLU T 242 -14.96 2.80 -88.56
C GLU T 242 -15.86 1.57 -88.84
N SER T 243 -16.12 0.75 -87.83
CA SER T 243 -17.15 -0.32 -87.90
C SER T 243 -18.56 0.18 -88.20
N LEU T 244 -18.88 1.40 -87.75
CA LEU T 244 -20.20 2.03 -87.95
C LEU T 244 -20.39 2.60 -89.38
N LYS T 245 -19.39 3.34 -89.88
CA LYS T 245 -19.38 3.83 -91.27
C LYS T 245 -18.92 2.74 -92.21
N SER U 2 -69.91 -3.59 -45.75
CA SER U 2 -69.22 -4.92 -45.90
C SER U 2 -69.41 -5.52 -47.31
N ARG U 3 -68.62 -6.56 -47.60
CA ARG U 3 -68.38 -7.11 -48.95
C ARG U 3 -67.51 -6.15 -49.79
N GLY U 4 -66.21 -6.17 -49.53
CA GLY U 4 -65.24 -5.29 -50.18
C GLY U 4 -65.29 -3.82 -49.77
N SER U 5 -65.87 -3.51 -48.61
CA SER U 5 -65.95 -2.11 -48.16
C SER U 5 -64.60 -1.54 -47.69
N SER U 6 -64.55 -0.22 -47.61
CA SER U 6 -63.31 0.49 -47.30
C SER U 6 -63.58 1.84 -46.61
N ALA U 7 -62.82 2.11 -45.55
CA ALA U 7 -62.77 3.42 -44.88
C ALA U 7 -61.31 3.86 -44.73
N GLY U 8 -61.07 5.14 -44.99
CA GLY U 8 -59.81 5.79 -44.69
C GLY U 8 -58.64 5.23 -45.46
N PHE U 9 -57.60 4.85 -44.74
CA PHE U 9 -56.36 4.38 -45.34
C PHE U 9 -56.21 2.86 -45.25
N ASP U 10 -57.32 2.12 -45.11
CA ASP U 10 -57.25 0.66 -44.98
C ASP U 10 -56.80 -0.07 -46.24
N ARG U 11 -56.59 0.61 -47.35
CA ARG U 11 -55.94 0.01 -48.53
C ARG U 11 -54.48 0.37 -48.66
N HIS U 12 -54.01 1.35 -47.92
CA HIS U 12 -52.61 1.84 -48.00
C HIS U 12 -51.66 1.32 -46.92
N ILE U 13 -52.17 1.16 -45.71
CA ILE U 13 -51.42 0.63 -44.59
C ILE U 13 -52.17 -0.50 -43.93
N THR U 14 -51.49 -1.22 -43.03
CA THR U 14 -52.09 -2.37 -42.37
C THR U 14 -52.97 -2.03 -41.18
N ILE U 15 -54.08 -1.37 -41.48
CA ILE U 15 -55.16 -1.19 -40.51
C ILE U 15 -56.34 -2.00 -41.03
N PHE U 16 -57.29 -2.26 -40.14
CA PHE U 16 -58.45 -3.08 -40.48
C PHE U 16 -59.42 -2.37 -41.39
N SER U 17 -59.99 -3.11 -42.34
CA SER U 17 -61.10 -2.64 -43.14
C SER U 17 -62.35 -2.92 -42.34
N PRO U 18 -63.51 -2.42 -42.77
CA PRO U 18 -64.69 -2.63 -41.92
C PRO U 18 -65.04 -4.12 -41.64
N GLU U 19 -64.67 -4.98 -42.62
CA GLU U 19 -64.88 -6.42 -42.53
C GLU U 19 -63.84 -7.08 -41.65
N GLY U 20 -62.86 -6.32 -41.19
CA GLY U 20 -61.77 -6.86 -40.41
C GLY U 20 -60.73 -7.55 -41.26
N ARG U 21 -60.56 -7.08 -42.50
CA ARG U 21 -59.50 -7.57 -43.38
C ARG U 21 -58.31 -6.63 -43.34
N LEU U 22 -57.18 -7.10 -43.84
CA LEU U 22 -55.99 -6.30 -44.04
C LEU U 22 -55.63 -6.32 -45.51
N TYR U 23 -56.16 -5.36 -46.26
CA TYR U 23 -55.96 -5.34 -47.70
C TYR U 23 -54.48 -5.38 -48.07
N GLN U 24 -53.64 -4.67 -47.33
CA GLN U 24 -52.23 -4.63 -47.65
C GLN U 24 -51.57 -6.02 -47.58
N VAL U 25 -52.02 -6.84 -46.64
CA VAL U 25 -51.55 -8.24 -46.54
C VAL U 25 -52.07 -9.03 -47.74
N GLU U 26 -53.34 -8.91 -48.04
CA GLU U 26 -53.89 -9.55 -49.23
C GLU U 26 -53.08 -9.18 -50.47
N TYR U 27 -52.72 -7.91 -50.61
CA TYR U 27 -51.96 -7.45 -51.78
C TYR U 27 -50.55 -7.99 -51.83
N ALA U 28 -49.95 -8.27 -50.67
CA ALA U 28 -48.63 -8.91 -50.60
C ALA U 28 -48.68 -10.32 -51.19
N PHE U 29 -49.79 -11.03 -51.00
CA PHE U 29 -50.01 -12.32 -51.68
C PHE U 29 -50.02 -12.18 -53.21
N LYS U 30 -50.70 -11.16 -53.73
CA LYS U 30 -50.70 -10.93 -55.19
C LYS U 30 -49.26 -10.69 -55.69
N ALA U 31 -48.42 -10.04 -54.89
CA ALA U 31 -47.02 -9.76 -55.25
C ALA U 31 -46.16 -11.01 -55.44
N ILE U 32 -46.55 -12.11 -54.78
CA ILE U 32 -45.89 -13.41 -54.94
C ILE U 32 -45.96 -13.90 -56.39
N ASN U 33 -47.10 -13.69 -57.05
CA ASN U 33 -47.29 -14.16 -58.42
C ASN U 33 -46.64 -13.28 -59.48
N GLN U 34 -46.22 -12.07 -59.12
CA GLN U 34 -45.53 -11.18 -60.09
C GLN U 34 -44.28 -11.83 -60.72
N GLY U 35 -43.60 -12.69 -59.97
CA GLY U 35 -42.45 -13.44 -60.48
C GLY U 35 -42.75 -14.44 -61.59
N GLY U 36 -44.02 -14.82 -61.72
CA GLY U 36 -44.46 -15.75 -62.75
C GLY U 36 -44.08 -17.22 -62.54
N LEU U 37 -43.63 -17.56 -61.33
CA LEU U 37 -43.08 -18.90 -61.08
C LEU U 37 -43.94 -19.68 -60.11
N THR U 38 -43.83 -21.01 -60.20
CA THR U 38 -44.51 -21.96 -59.32
C THR U 38 -43.47 -22.90 -58.68
N SER U 39 -43.71 -23.29 -57.42
CA SER U 39 -42.83 -24.23 -56.69
C SER U 39 -43.69 -25.26 -55.97
N VAL U 40 -43.16 -26.47 -55.86
CA VAL U 40 -43.87 -27.63 -55.31
C VAL U 40 -42.95 -28.33 -54.32
N ALA U 41 -43.52 -28.79 -53.21
CA ALA U 41 -42.77 -29.57 -52.24
C ALA U 41 -43.59 -30.76 -51.79
N VAL U 42 -42.92 -31.90 -51.58
CA VAL U 42 -43.60 -33.11 -51.07
C VAL U 42 -42.69 -33.91 -50.12
N ARG U 43 -43.29 -34.57 -49.13
CA ARG U 43 -42.57 -35.37 -48.15
C ARG U 43 -43.07 -36.82 -48.23
N GLY U 44 -42.18 -37.76 -47.93
CA GLY U 44 -42.55 -39.16 -47.73
C GLY U 44 -42.05 -39.64 -46.38
N LYS U 45 -42.04 -40.95 -46.22
CA LYS U 45 -41.44 -41.55 -45.03
C LYS U 45 -39.89 -41.41 -45.03
N ASP U 46 -39.25 -41.46 -46.21
CA ASP U 46 -37.78 -41.45 -46.35
C ASP U 46 -37.15 -40.10 -46.71
N 6V1 U 47 -37.88 -39.22 -47.38
CA 6V1 U 47 -37.29 -37.94 -47.83
C 6V1 U 47 -38.27 -36.82 -48.03
O 6V1 U 47 -39.48 -37.03 -48.01
CB 6V1 U 47 -36.42 -38.14 -49.10
SG 6V1 U 47 -37.14 -39.27 -50.27
C1 6V1 U 47 -36.40 -39.33 -51.92
C2 6V1 U 47 -35.11 -40.10 -52.17
N3 6V1 U 47 -34.46 -39.59 -53.24
C4 6V1 U 47 -34.99 -38.39 -53.58
C5 6V1 U 47 -36.05 -37.98 -52.56
C6 6V1 U 47 -33.31 -40.19 -53.93
O7 6V1 U 47 -34.73 -41.03 -51.49
O8 6V1 U 47 -34.64 -37.72 -54.55
C3 6V1 U 47 -32.06 -39.39 -53.60
N ALA U 48 -37.73 -35.62 -48.18
CA ALA U 48 -38.50 -34.45 -48.54
C ALA U 48 -37.83 -33.81 -49.72
N VAL U 49 -38.66 -33.33 -50.65
CA VAL U 49 -38.20 -32.76 -51.92
C VAL U 49 -38.86 -31.40 -52.20
N ILE U 50 -38.08 -30.50 -52.79
CA ILE U 50 -38.59 -29.23 -53.30
C ILE U 50 -38.19 -29.16 -54.78
N VAL U 51 -39.15 -28.80 -55.64
CA VAL U 51 -38.88 -28.55 -57.06
C VAL U 51 -39.51 -27.22 -57.47
N THR U 52 -38.78 -26.43 -58.23
CA THR U 52 -39.30 -25.15 -58.74
C THR U 52 -38.91 -24.99 -60.19
N GLN U 53 -39.59 -24.07 -60.87
CA GLN U 53 -39.24 -23.68 -62.22
C GLN U 53 -37.94 -22.91 -62.23
N LYS U 54 -37.22 -23.04 -63.33
CA LYS U 54 -36.02 -22.27 -63.57
C LYS U 54 -36.14 -21.64 -64.95
N LYS U 55 -36.59 -20.39 -64.99
CA LYS U 55 -36.66 -19.65 -66.26
C LYS U 55 -35.36 -18.89 -66.45
N VAL U 56 -34.62 -19.20 -67.53
CA VAL U 56 -33.42 -18.45 -67.95
C VAL U 56 -33.73 -17.91 -69.36
N PRO U 57 -34.62 -16.88 -69.46
CA PRO U 57 -35.02 -16.33 -70.77
C PRO U 57 -33.86 -15.71 -71.57
N ASP U 58 -32.83 -15.22 -70.86
CA ASP U 58 -31.67 -14.58 -71.48
C ASP U 58 -30.65 -15.54 -72.14
N LYS U 59 -29.71 -16.08 -71.37
CA LYS U 59 -28.53 -16.79 -71.89
C LYS U 59 -27.26 -15.94 -71.75
N LEU U 60 -27.42 -14.61 -71.62
CA LEU U 60 -26.35 -13.75 -71.13
C LEU U 60 -26.26 -13.81 -69.60
N LEU U 61 -27.27 -14.42 -68.96
CA LEU U 61 -27.21 -14.72 -67.54
C LEU U 61 -26.27 -15.87 -67.25
N ASP U 62 -25.56 -15.79 -66.14
CA ASP U 62 -24.81 -16.91 -65.59
C ASP U 62 -25.88 -17.71 -64.87
N SER U 63 -26.31 -18.80 -65.48
CA SER U 63 -27.47 -19.56 -65.01
C SER U 63 -27.22 -20.24 -63.66
N SER U 64 -25.96 -20.45 -63.30
CA SER U 64 -25.61 -20.92 -61.95
C SER U 64 -26.04 -19.97 -60.82
N THR U 65 -26.20 -18.68 -61.12
CA THR U 65 -26.64 -17.69 -60.14
C THR U 65 -28.16 -17.50 -60.13
N VAL U 66 -28.85 -18.08 -61.12
CA VAL U 66 -30.32 -18.07 -61.15
C VAL U 66 -30.78 -19.31 -60.41
N THR U 67 -31.22 -19.10 -59.17
CA THR U 67 -31.76 -20.18 -58.36
C THR U 67 -32.78 -19.61 -57.41
N HIS U 68 -33.75 -20.42 -57.04
CA HIS U 68 -34.65 -20.12 -55.94
C HIS U 68 -34.50 -21.11 -54.80
N LEU U 69 -33.46 -21.96 -54.86
CA LEU U 69 -33.15 -22.93 -53.79
C LEU U 69 -32.01 -22.39 -52.94
N PHE U 70 -32.16 -22.50 -51.62
CA PHE U 70 -31.15 -21.98 -50.72
C PHE U 70 -30.92 -22.95 -49.56
N LYS U 71 -29.64 -23.09 -49.22
CA LYS U 71 -29.23 -23.75 -47.99
C LYS U 71 -29.37 -22.78 -46.81
N ILE U 72 -30.09 -23.19 -45.77
CA ILE U 72 -30.25 -22.39 -44.55
C ILE U 72 -29.22 -22.82 -43.48
N THR U 73 -29.17 -24.12 -43.21
CA THR U 73 -28.12 -24.77 -42.47
C THR U 73 -27.66 -25.95 -43.34
N GLU U 74 -26.67 -26.72 -42.91
CA GLU U 74 -26.30 -27.92 -43.64
C GLU U 74 -27.49 -28.87 -43.84
N ASN U 75 -28.42 -28.94 -42.86
CA ASN U 75 -29.58 -29.85 -42.92
C ASN U 75 -30.95 -29.20 -43.19
N ILE U 76 -30.99 -27.90 -43.48
CA ILE U 76 -32.26 -27.26 -43.84
C ILE U 76 -32.12 -26.55 -45.17
N GLY U 77 -32.98 -26.96 -46.12
CA GLY U 77 -33.11 -26.28 -47.41
C GLY U 77 -34.42 -25.52 -47.52
N CYS U 78 -34.46 -24.56 -48.43
CA CYS U 78 -35.71 -23.87 -48.73
C CYS U 78 -35.82 -23.51 -50.18
N VAL U 79 -37.05 -23.44 -50.67
CA VAL U 79 -37.36 -22.84 -51.97
C VAL U 79 -38.15 -21.57 -51.68
N MET U 80 -37.71 -20.47 -52.27
CA MET U 80 -38.42 -19.18 -52.19
CA MET U 80 -38.40 -19.17 -52.19
C MET U 80 -39.30 -18.95 -53.42
N THR U 81 -40.46 -18.33 -53.20
CA THR U 81 -41.37 -17.98 -54.28
C THR U 81 -41.86 -16.57 -54.01
N GLY U 82 -41.77 -15.71 -55.01
CA GLY U 82 -42.15 -14.34 -54.84
C GLY U 82 -40.98 -13.41 -55.15
N MET U 83 -41.15 -12.17 -54.68
CA MET U 83 -40.29 -11.08 -55.10
C MET U 83 -38.89 -11.50 -54.65
N THR U 84 -37.92 -11.29 -55.54
CA THR U 84 -36.61 -11.93 -55.37
C THR U 84 -35.79 -11.33 -54.24
N ALA U 85 -35.64 -10.01 -54.24
CA ALA U 85 -34.90 -9.31 -53.20
C ALA U 85 -35.55 -9.50 -51.82
N ASP U 86 -36.87 -9.39 -51.74
CA ASP U 86 -37.60 -9.75 -50.52
C ASP U 86 -37.25 -11.17 -50.08
N SER U 87 -37.21 -12.10 -51.02
CA SER U 87 -36.93 -13.49 -50.73
C SER U 87 -35.51 -13.67 -50.19
N ARG U 88 -34.53 -13.02 -50.83
CA ARG U 88 -33.14 -13.09 -50.42
C ARG U 88 -32.95 -12.55 -48.99
N SER U 89 -33.63 -11.45 -48.66
CA SER U 89 -33.67 -10.88 -47.31
C SER U 89 -34.25 -11.86 -46.30
N GLN U 90 -35.31 -12.56 -46.68
CA GLN U 90 -35.90 -13.52 -45.78
C GLN U 90 -35.01 -14.76 -45.58
N VAL U 91 -34.26 -15.15 -46.62
CA VAL U 91 -33.27 -16.21 -46.50
C VAL U 91 -32.13 -15.82 -45.53
N GLN U 92 -31.62 -14.59 -45.63
CA GLN U 92 -30.55 -14.13 -44.73
C GLN U 92 -31.01 -14.15 -43.31
N ARG U 93 -32.24 -13.70 -43.08
CA ARG U 93 -32.81 -13.72 -41.75
C ARG U 93 -32.92 -15.13 -41.21
N ALA U 94 -33.42 -16.05 -42.02
CA ALA U 94 -33.54 -17.45 -41.61
C ALA U 94 -32.19 -18.07 -41.25
N ARG U 95 -31.15 -17.74 -42.00
CA ARG U 95 -29.82 -18.26 -41.75
C ARG U 95 -29.30 -17.78 -40.41
N TYR U 96 -29.52 -16.48 -40.16
CA TYR U 96 -29.12 -15.84 -38.92
C TYR U 96 -29.88 -16.46 -37.75
N GLU U 97 -31.19 -16.61 -37.88
CA GLU U 97 -32.00 -17.21 -36.80
C GLU U 97 -31.53 -18.61 -36.44
N ALA U 98 -31.18 -19.40 -37.46
CA ALA U 98 -30.79 -20.79 -37.26
C ALA U 98 -29.38 -20.89 -36.62
N ALA U 99 -28.45 -20.10 -37.14
CA ALA U 99 -27.11 -20.03 -36.59
C ALA U 99 -27.12 -19.59 -35.11
N ASN U 100 -27.94 -18.59 -34.85
CA ASN U 100 -28.06 -18.02 -33.53
C ASN U 100 -28.67 -19.01 -32.56
N TRP U 101 -29.68 -19.74 -33.01
CA TRP U 101 -30.28 -20.84 -32.24
C TRP U 101 -29.24 -21.90 -31.80
N LYS U 102 -28.41 -22.30 -32.75
CA LYS U 102 -27.37 -23.29 -32.53
C LYS U 102 -26.31 -22.82 -31.52
N TYR U 103 -26.01 -21.54 -31.57
CA TYR U 103 -25.09 -20.91 -30.62
C TYR U 103 -25.69 -20.84 -29.21
N LYS U 104 -26.94 -20.43 -29.09
CA LYS U 104 -27.57 -20.31 -27.76
C LYS U 104 -27.90 -21.64 -27.13
N TYR U 105 -28.40 -22.59 -27.93
CA TYR U 105 -29.01 -23.80 -27.39
C TYR U 105 -28.25 -25.10 -27.59
N GLY U 106 -27.25 -25.11 -28.46
CA GLY U 106 -26.38 -26.26 -28.58
C GLY U 106 -26.89 -27.41 -29.39
N TYR U 107 -27.97 -27.18 -30.15
CA TYR U 107 -28.48 -28.14 -31.14
C TYR U 107 -29.10 -27.39 -32.30
N GLU U 108 -29.27 -28.08 -33.43
CA GLU U 108 -29.80 -27.45 -34.64
C GLU U 108 -31.27 -27.05 -34.48
N ILE U 109 -31.62 -25.92 -35.06
CA ILE U 109 -33.02 -25.50 -35.06
C ILE U 109 -33.90 -26.55 -35.77
N PRO U 110 -35.02 -26.96 -35.14
CA PRO U 110 -35.98 -27.81 -35.85
C PRO U 110 -36.65 -27.02 -36.94
N VAL U 111 -37.05 -27.68 -38.03
CA VAL U 111 -37.63 -26.96 -39.17
C VAL U 111 -38.89 -26.20 -38.77
N ASP U 112 -39.76 -26.82 -37.98
CA ASP U 112 -40.99 -26.16 -37.53
C ASP U 112 -40.73 -24.86 -36.76
N MET U 113 -39.68 -24.85 -35.93
CA MET U 113 -39.32 -23.67 -35.15
C MET U 113 -38.75 -22.56 -36.01
N LEU U 114 -37.93 -22.91 -36.99
CA LEU U 114 -37.40 -21.94 -37.93
C LEU U 114 -38.53 -21.29 -38.77
N CYS U 115 -39.45 -22.11 -39.23
CA CYS U 115 -40.61 -21.63 -39.95
C CYS U 115 -41.45 -20.74 -39.05
N LYS U 116 -41.68 -21.17 -37.82
CA LYS U 116 -42.42 -20.38 -36.84
C LYS U 116 -41.77 -19.03 -36.57
N ARG U 117 -40.46 -19.01 -36.49
CA ARG U 117 -39.76 -17.75 -36.17
C ARG U 117 -39.89 -16.74 -37.30
N ILE U 118 -39.77 -17.22 -38.54
CA ILE U 118 -39.91 -16.38 -39.75
C ILE U 118 -41.34 -15.89 -39.90
N ALA U 119 -42.28 -16.77 -39.59
CA ALA U 119 -43.68 -16.41 -39.57
C ALA U 119 -43.98 -15.32 -38.54
N ASP U 120 -43.47 -15.50 -37.34
CA ASP U 120 -43.63 -14.52 -36.25
C ASP U 120 -43.07 -13.13 -36.61
N ILE U 121 -41.94 -13.11 -37.32
CA ILE U 121 -41.30 -11.88 -37.81
C ILE U 121 -42.19 -11.21 -38.87
N SER U 122 -42.70 -12.03 -39.80
CA SER U 122 -43.60 -11.55 -40.84
C SER U 122 -44.87 -10.95 -40.23
N GLN U 123 -45.36 -11.54 -39.15
CA GLN U 123 -46.52 -10.99 -38.45
C GLN U 123 -46.34 -9.54 -38.04
N VAL U 124 -45.15 -9.16 -37.59
CA VAL U 124 -44.91 -7.77 -37.17
C VAL U 124 -45.21 -6.79 -38.32
N TYR U 125 -44.88 -7.17 -39.55
CA TYR U 125 -45.18 -6.33 -40.70
C TYR U 125 -46.67 -6.22 -41.02
N THR U 126 -47.51 -7.11 -40.48
CA THR U 126 -48.97 -7.02 -40.63
C THR U 126 -49.64 -6.15 -39.58
N GLN U 127 -48.91 -5.79 -38.52
CA GLN U 127 -49.47 -4.99 -37.43
C GLN U 127 -48.86 -3.60 -37.31
N ASN U 128 -47.67 -3.37 -37.86
CA ASN U 128 -46.99 -2.09 -37.73
C ASN U 128 -47.07 -1.34 -39.04
N ALA U 129 -47.46 -0.06 -39.01
CA ALA U 129 -47.92 0.63 -40.23
C ALA U 129 -46.81 1.07 -41.18
N GLU U 130 -45.58 1.16 -40.69
CA GLU U 130 -44.52 1.89 -41.41
C GLU U 130 -43.77 1.10 -42.49
N MET U 131 -43.89 -0.23 -42.49
CA MET U 131 -43.27 -1.05 -43.52
C MET U 131 -44.28 -1.95 -44.16
N ARG U 132 -43.95 -2.47 -45.33
CA ARG U 132 -44.83 -3.40 -46.04
C ARG U 132 -44.46 -4.82 -45.67
N PRO U 133 -45.39 -5.76 -45.87
CA PRO U 133 -44.99 -7.16 -45.82
C PRO U 133 -44.01 -7.47 -46.93
N LEU U 134 -43.28 -8.57 -46.77
CA LEU U 134 -42.45 -9.06 -47.85
C LEU U 134 -43.35 -9.82 -48.80
N GLY U 135 -43.15 -9.61 -50.08
CA GLY U 135 -44.01 -10.21 -51.10
C GLY U 135 -43.48 -11.56 -51.54
N CYS U 136 -43.28 -12.45 -50.56
CA CYS U 136 -42.66 -13.73 -50.83
C CYS U 136 -43.15 -14.80 -49.87
N YCM U 137 -42.85 -16.03 -50.24
CA YCM U 137 -43.35 -17.23 -49.61
CB YCM U 137 -44.37 -17.74 -50.62
SG YCM U 137 -45.41 -19.00 -49.96
CD YCM U 137 -46.98 -18.15 -49.85
CE YCM U 137 -48.16 -18.80 -50.52
OZ1 YCM U 137 -48.64 -18.32 -51.54
NZ2 YCM U 137 -48.67 -19.85 -49.88
C YCM U 137 -42.18 -18.19 -49.48
O YCM U 137 -41.43 -18.39 -50.45
N MET U 138 -42.02 -18.77 -48.30
CA MET U 138 -40.86 -19.63 -48.00
C MET U 138 -41.32 -21.04 -47.69
N ILE U 139 -40.74 -22.02 -48.39
CA ILE U 139 -40.99 -23.42 -48.08
C ILE U 139 -39.69 -24.06 -47.61
N LEU U 140 -39.74 -24.67 -46.43
CA LEU U 140 -38.58 -25.26 -45.79
C LEU U 140 -38.68 -26.77 -45.79
N ILE U 141 -37.54 -27.46 -46.03
CA ILE U 141 -37.43 -28.89 -45.82
C ILE U 141 -36.27 -29.28 -44.90
N GLY U 142 -36.48 -30.33 -44.12
CA GLY U 142 -35.44 -30.91 -43.28
C GLY U 142 -35.91 -32.18 -42.61
N ILE U 143 -34.96 -32.97 -42.12
CA ILE U 143 -35.26 -34.16 -41.32
C ILE U 143 -35.28 -33.80 -39.83
N ASP U 144 -36.35 -34.23 -39.15
CA ASP U 144 -36.45 -34.20 -37.70
C ASP U 144 -36.15 -35.59 -37.15
N GLU U 145 -35.41 -35.65 -36.03
CA GLU U 145 -34.94 -36.93 -35.46
C GLU U 145 -36.10 -37.86 -35.07
N GLU U 146 -37.18 -37.31 -34.51
CA GLU U 146 -38.34 -38.08 -34.08
C GLU U 146 -39.49 -38.15 -35.13
N GLN U 147 -39.82 -37.01 -35.75
CA GLN U 147 -40.99 -36.90 -36.66
C GLN U 147 -40.77 -37.31 -38.14
N GLY U 148 -39.51 -37.45 -38.58
CA GLY U 148 -39.20 -37.82 -39.97
C GLY U 148 -38.92 -36.61 -40.87
N PRO U 149 -39.02 -36.78 -42.20
CA PRO U 149 -38.88 -35.65 -43.12
C PRO U 149 -40.00 -34.64 -42.92
N GLN U 150 -39.68 -33.36 -43.13
CA GLN U 150 -40.64 -32.29 -42.86
C GLN U 150 -40.67 -31.27 -44.01
N VAL U 151 -41.88 -30.87 -44.41
CA VAL U 151 -42.05 -29.66 -45.26
C VAL U 151 -42.93 -28.64 -44.52
N TYR U 152 -42.44 -27.42 -44.45
CA TYR U 152 -43.13 -26.34 -43.78
C TYR U 152 -43.21 -25.16 -44.72
N LYS U 153 -44.27 -24.38 -44.60
CA LYS U 153 -44.42 -23.16 -45.39
C LYS U 153 -44.89 -22.04 -44.48
N CYS U 154 -44.35 -20.85 -44.69
CA CYS U 154 -44.93 -19.62 -44.15
C CYS U 154 -45.20 -18.58 -45.26
N ASP U 155 -46.05 -17.62 -44.96
CA ASP U 155 -46.55 -16.65 -45.95
C ASP U 155 -46.51 -15.21 -45.44
N PRO U 156 -46.87 -14.23 -46.30
CA PRO U 156 -46.80 -12.84 -45.80
C PRO U 156 -47.81 -12.45 -44.71
N ALA U 157 -48.81 -13.27 -44.44
CA ALA U 157 -49.72 -13.00 -43.34
C ALA U 157 -49.15 -13.38 -42.00
N GLY U 158 -48.05 -14.14 -42.01
CA GLY U 158 -47.51 -14.76 -40.82
C GLY U 158 -48.16 -16.08 -40.43
N TYR U 159 -48.96 -16.67 -41.33
CA TYR U 159 -49.42 -18.05 -41.14
C TYR U 159 -48.27 -19.01 -41.48
N TYR U 160 -48.22 -20.12 -40.76
CA TYR U 160 -47.28 -21.18 -41.11
C TYR U 160 -47.93 -22.51 -40.83
N 6V1 U 161 -47.45 -23.53 -41.52
CA 6V1 U 161 -47.98 -24.87 -41.34
C 6V1 U 161 -47.02 -25.90 -41.85
O 6V1 U 161 -46.15 -25.59 -42.66
CB 6V1 U 161 -49.34 -24.97 -42.05
SG 6V1 U 161 -50.22 -26.36 -41.38
C1 6V1 U 161 -51.29 -25.91 -40.01
C2 6V1 U 161 -52.38 -24.89 -40.27
N3 6V1 U 161 -53.60 -25.37 -39.93
C4 6V1 U 161 -53.53 -26.68 -39.62
C5 6V1 U 161 -52.10 -27.14 -39.55
C6 6V1 U 161 -54.81 -24.56 -39.82
O7 6V1 U 161 -52.16 -23.77 -40.71
O8 6V1 U 161 -54.48 -27.43 -39.39
C3 6V1 U 161 -55.79 -24.83 -40.94
N GLY U 162 -47.17 -27.12 -41.33
CA GLY U 162 -46.49 -28.30 -41.86
C GLY U 162 -47.39 -29.00 -42.87
N PHE U 163 -46.77 -29.66 -43.84
CA PHE U 163 -47.50 -30.23 -44.96
C PHE U 163 -46.99 -31.62 -45.36
N LYS U 164 -47.91 -32.43 -45.85
CA LYS U 164 -47.57 -33.66 -46.56
C LYS U 164 -47.02 -33.28 -47.94
N ALA U 165 -47.65 -32.30 -48.56
CA ALA U 165 -47.15 -31.66 -49.76
C ALA U 165 -47.81 -30.31 -49.89
N THR U 166 -47.16 -29.40 -50.58
CA THR U 166 -47.72 -28.06 -50.76
C THR U 166 -47.12 -27.41 -51.99
N ALA U 167 -47.62 -26.20 -52.27
CA ALA U 167 -47.14 -25.42 -53.40
C ALA U 167 -47.22 -23.91 -53.16
N ALA U 168 -46.61 -23.17 -54.08
CA ALA U 168 -46.55 -21.71 -54.00
C ALA U 168 -46.51 -21.11 -55.39
N GLY U 169 -47.01 -19.88 -55.54
CA GLY U 169 -46.91 -19.13 -56.80
C GLY U 169 -48.10 -19.26 -57.74
N VAL U 170 -47.85 -19.05 -59.04
CA VAL U 170 -48.93 -18.84 -60.04
C VAL U 170 -49.93 -19.99 -60.08
N LYS U 171 -49.46 -21.24 -60.16
CA LYS U 171 -50.34 -22.45 -60.20
C LYS U 171 -50.47 -23.17 -58.84
N GLN U 172 -50.46 -22.41 -57.74
CA GLN U 172 -50.58 -22.97 -56.38
C GLN U 172 -51.89 -23.73 -56.15
N THR U 173 -53.02 -23.14 -56.58
CA THR U 173 -54.34 -23.76 -56.43
C THR U 173 -54.47 -25.08 -57.24
N GLU U 174 -53.91 -25.08 -58.45
CA GLU U 174 -53.96 -26.27 -59.33
C GLU U 174 -53.04 -27.37 -58.82
N SER U 175 -51.86 -26.98 -58.32
CA SER U 175 -50.94 -27.90 -57.65
C SER U 175 -51.57 -28.54 -56.41
N THR U 176 -52.16 -27.71 -55.54
CA THR U 176 -52.95 -28.19 -54.39
C THR U 176 -54.02 -29.24 -54.77
N SER U 177 -54.77 -28.95 -55.84
CA SER U 177 -55.79 -29.88 -56.38
C SER U 177 -55.19 -31.20 -56.82
N PHE U 178 -54.12 -31.12 -57.61
CA PHE U 178 -53.38 -32.29 -58.09
C PHE U 178 -52.88 -33.16 -56.93
N LEU U 179 -52.23 -32.51 -55.95
CA LEU U 179 -51.64 -33.21 -54.82
C LEU U 179 -52.71 -33.83 -53.93
N GLU U 180 -53.76 -33.08 -53.60
CA GLU U 180 -54.95 -33.61 -52.91
C GLU U 180 -55.49 -34.93 -53.55
N LYS U 181 -55.81 -34.88 -54.85
CA LYS U 181 -56.29 -36.05 -55.58
C LYS U 181 -55.33 -37.25 -55.46
N LYS U 182 -54.02 -36.98 -55.47
CA LYS U 182 -53.00 -38.04 -55.40
C LYS U 182 -52.80 -38.62 -53.99
N VAL U 183 -52.75 -37.74 -52.97
CA VAL U 183 -52.56 -38.10 -51.56
C VAL U 183 -53.83 -38.72 -50.92
N LYS U 184 -54.99 -38.57 -51.55
CA LYS U 184 -56.21 -39.21 -51.06
C LYS U 184 -56.16 -40.73 -50.87
N LYS U 185 -55.34 -41.44 -51.66
CA LYS U 185 -55.15 -42.91 -51.55
C LYS U 185 -54.22 -43.36 -50.39
N LYS U 186 -54.49 -44.56 -49.86
CA LYS U 186 -53.64 -45.25 -48.84
C LYS U 186 -52.89 -46.50 -49.38
N GLN U 193 -43.35 -42.57 -54.82
CA GLN U 193 -42.12 -41.88 -55.19
C GLN U 193 -42.21 -40.35 -55.04
N THR U 194 -41.45 -39.78 -54.11
CA THR U 194 -41.62 -38.37 -53.72
C THR U 194 -41.05 -37.36 -54.73
N VAL U 195 -39.87 -37.63 -55.27
CA VAL U 195 -39.28 -36.79 -56.31
C VAL U 195 -40.12 -36.85 -57.61
N GLU U 196 -40.58 -38.04 -58.02
CA GLU U 196 -41.44 -38.19 -59.19
C GLU U 196 -42.82 -37.49 -59.07
N THR U 197 -43.42 -37.49 -57.86
CA THR U 197 -44.69 -36.77 -57.62
C THR U 197 -44.53 -35.25 -57.77
N ALA U 198 -43.41 -34.72 -57.30
CA ALA U 198 -43.18 -33.27 -57.31
C ALA U 198 -43.02 -32.71 -58.72
N ILE U 199 -42.25 -33.42 -59.53
CA ILE U 199 -41.94 -32.96 -60.89
C ILE U 199 -43.16 -33.28 -61.83
N THR U 200 -43.87 -34.40 -61.60
CA THR U 200 -45.13 -34.70 -62.31
C THR U 200 -46.21 -33.65 -62.02
N CYS U 201 -46.36 -33.25 -60.75
CA CYS U 201 -47.34 -32.20 -60.38
C CYS U 201 -47.05 -30.91 -61.13
N LEU U 202 -45.80 -30.49 -61.06
CA LEU U 202 -45.38 -29.23 -61.67
C LEU U 202 -45.55 -29.24 -63.17
N SER U 203 -45.21 -30.37 -63.80
CA SER U 203 -45.33 -30.53 -65.25
C SER U 203 -46.80 -30.56 -65.71
N THR U 204 -47.67 -31.14 -64.89
CA THR U 204 -49.11 -31.19 -65.17
C THR U 204 -49.70 -29.78 -65.16
N VAL U 205 -49.56 -29.08 -64.04
CA VAL U 205 -50.21 -27.78 -63.87
C VAL U 205 -49.73 -26.71 -64.86
N LEU U 206 -48.45 -26.76 -65.25
CA LEU U 206 -47.89 -25.89 -66.30
C LEU U 206 -48.08 -26.41 -67.74
N SER U 207 -48.24 -27.73 -67.91
CA SER U 207 -48.30 -28.38 -69.23
C SER U 207 -47.03 -28.15 -70.05
N ILE U 208 -45.86 -28.38 -69.42
CA ILE U 208 -44.56 -28.09 -70.06
C ILE U 208 -43.76 -29.34 -70.47
N ASP U 209 -43.65 -30.36 -69.61
CA ASP U 209 -42.84 -31.57 -69.94
C ASP U 209 -41.36 -31.19 -70.09
N PHE U 210 -40.64 -31.23 -68.99
CA PHE U 210 -39.44 -30.42 -68.80
C PHE U 210 -38.18 -30.93 -69.46
N LYS U 211 -37.23 -30.02 -69.67
CA LYS U 211 -35.82 -30.34 -69.89
C LYS U 211 -35.10 -30.31 -68.54
N PRO U 212 -33.90 -30.93 -68.43
CA PRO U 212 -33.21 -30.91 -67.13
C PRO U 212 -32.76 -29.51 -66.63
N SER U 213 -32.56 -28.56 -67.55
CA SER U 213 -32.18 -27.17 -67.22
C SER U 213 -33.34 -26.17 -66.95
N GLU U 214 -34.59 -26.65 -67.04
CA GLU U 214 -35.78 -25.84 -66.79
C GLU U 214 -36.39 -26.04 -65.39
N ILE U 215 -35.82 -26.93 -64.57
CA ILE U 215 -36.21 -27.06 -63.16
C ILE U 215 -35.02 -27.25 -62.23
N GLU U 216 -35.26 -27.00 -60.95
CA GLU U 216 -34.29 -27.16 -59.87
C GLU U 216 -34.88 -28.08 -58.84
N VAL U 217 -34.06 -28.98 -58.30
CA VAL U 217 -34.54 -29.94 -57.30
C VAL U 217 -33.59 -29.95 -56.12
N GLY U 218 -34.17 -29.93 -54.93
CA GLY U 218 -33.44 -30.03 -53.68
C GLY U 218 -34.05 -31.12 -52.85
N VAL U 219 -33.21 -31.84 -52.10
CA VAL U 219 -33.65 -32.98 -51.27
C VAL U 219 -32.98 -33.01 -49.90
N VAL U 220 -33.70 -33.60 -48.95
CA VAL U 220 -33.10 -34.11 -47.72
C VAL U 220 -33.70 -35.50 -47.52
N THR U 221 -32.88 -36.43 -47.01
CA THR U 221 -33.34 -37.81 -46.75
C THR U 221 -32.96 -38.25 -45.33
N VAL U 222 -33.70 -39.23 -44.81
CA VAL U 222 -33.45 -39.82 -43.50
C VAL U 222 -32.00 -40.36 -43.43
N GLU U 223 -31.58 -41.01 -44.51
CA GLU U 223 -30.23 -41.53 -44.74
C GLU U 223 -29.17 -40.42 -44.84
N ASN U 224 -29.50 -39.36 -45.58
CA ASN U 224 -28.57 -38.28 -45.90
C ASN U 224 -29.23 -36.94 -45.61
N PRO U 225 -29.27 -36.53 -44.32
CA PRO U 225 -30.03 -35.33 -44.00
C PRO U 225 -29.43 -34.01 -44.51
N LYS U 226 -28.17 -34.00 -44.96
CA LYS U 226 -27.58 -32.78 -45.51
C LYS U 226 -28.37 -32.36 -46.77
N PHE U 227 -28.81 -31.10 -46.80
CA PHE U 227 -29.53 -30.55 -47.93
C PHE U 227 -28.67 -30.66 -49.19
N ARG U 228 -29.28 -31.19 -50.25
CA ARG U 228 -28.59 -31.48 -51.50
C ARG U 228 -29.38 -30.96 -52.69
N ILE U 229 -28.69 -30.21 -53.55
CA ILE U 229 -29.25 -29.70 -54.81
C ILE U 229 -28.82 -30.67 -55.89
N LEU U 230 -29.79 -31.13 -56.68
CA LEU U 230 -29.50 -32.11 -57.73
C LEU U 230 -28.83 -31.42 -58.90
N THR U 231 -27.94 -32.16 -59.56
CA THR U 231 -27.26 -31.68 -60.75
C THR U 231 -28.21 -31.83 -61.93
N GLU U 232 -27.79 -31.33 -63.09
CA GLU U 232 -28.58 -31.39 -64.30
C GLU U 232 -28.73 -32.85 -64.75
N ALA U 233 -27.64 -33.59 -64.67
CA ALA U 233 -27.63 -35.02 -64.98
C ALA U 233 -28.56 -35.82 -64.07
N GLU U 234 -28.46 -35.58 -62.77
CA GLU U 234 -29.31 -36.30 -61.80
C GLU U 234 -30.81 -36.06 -62.03
N ILE U 235 -31.16 -34.82 -62.36
CA ILE U 235 -32.52 -34.44 -62.74
C ILE U 235 -32.95 -35.16 -64.02
N ASP U 236 -32.06 -35.22 -65.00
CA ASP U 236 -32.34 -35.90 -66.27
C ASP U 236 -32.67 -37.38 -66.06
N ALA U 237 -31.98 -38.03 -65.14
CA ALA U 237 -32.28 -39.42 -64.81
C ALA U 237 -33.75 -39.61 -64.41
N HIS U 238 -34.27 -38.70 -63.59
CA HIS U 238 -35.66 -38.74 -63.15
C HIS U 238 -36.62 -38.39 -64.28
N LEU U 239 -36.24 -37.43 -65.13
CA LEU U 239 -37.05 -37.05 -66.29
C LEU U 239 -37.21 -38.17 -67.32
N VAL U 240 -36.11 -38.87 -67.59
CA VAL U 240 -36.08 -40.00 -68.51
C VAL U 240 -36.81 -41.22 -67.93
N ALA U 241 -36.64 -41.47 -66.63
CA ALA U 241 -37.35 -42.55 -65.94
C ALA U 241 -38.89 -42.35 -65.95
N LEU U 242 -39.32 -41.10 -65.82
CA LEU U 242 -40.75 -40.73 -65.94
C LEU U 242 -41.29 -40.78 -67.37
N ALA U 243 -40.49 -40.37 -68.35
CA ALA U 243 -40.88 -40.40 -69.77
C ALA U 243 -41.14 -41.82 -70.31
N GLU U 244 -40.50 -42.83 -69.71
CA GLU U 244 -40.60 -44.22 -70.16
C GLU U 244 -41.51 -45.03 -69.21
N ARG U 245 -42.60 -44.37 -68.77
CA ARG U 245 -43.63 -44.82 -67.76
C ARG U 245 -43.29 -46.11 -67.01
N THR V 1 -20.27 -27.15 1.59
CA THR V 1 -21.07 -27.89 0.56
C THR V 1 -20.27 -28.96 -0.10
N THR V 2 -20.92 -30.12 -0.23
CA THR V 2 -20.49 -31.19 -1.10
C THR V 2 -21.62 -31.54 -2.05
N ILE V 3 -21.36 -31.41 -3.35
CA ILE V 3 -22.27 -31.89 -4.38
C ILE V 3 -21.53 -32.73 -5.39
N ALA V 4 -22.27 -33.60 -6.06
CA ALA V 4 -21.67 -34.63 -6.86
C ALA V 4 -22.67 -35.26 -7.82
N GLY V 5 -22.13 -35.85 -8.88
CA GLY V 5 -22.93 -36.50 -9.87
C GLY V 5 -22.20 -37.64 -10.54
N VAL V 6 -23.00 -38.58 -11.04
CA VAL V 6 -22.50 -39.79 -11.65
C VAL V 6 -23.40 -40.21 -12.83
N VAL V 7 -22.78 -40.62 -13.93
CA VAL V 7 -23.47 -41.29 -15.03
C VAL V 7 -23.44 -42.81 -14.79
N TYR V 8 -24.60 -43.43 -14.67
CA TYR V 8 -24.71 -44.88 -14.54
C TYR V 8 -25.32 -45.51 -15.79
N LYS V 9 -25.47 -46.83 -15.79
CA LYS V 9 -25.89 -47.59 -16.99
C LYS V 9 -27.11 -47.01 -17.69
N ASP V 10 -28.08 -46.52 -16.90
CA ASP V 10 -29.38 -46.09 -17.40
C ASP V 10 -29.75 -44.64 -17.13
N GLY V 11 -28.82 -43.85 -16.60
CA GLY V 11 -29.16 -42.49 -16.19
C GLY V 11 -28.10 -41.74 -15.42
N ILE V 12 -28.56 -40.75 -14.66
CA ILE V 12 -27.74 -39.93 -13.78
C ILE V 12 -28.16 -40.15 -12.32
N VAL V 13 -27.20 -40.11 -11.41
CA VAL V 13 -27.48 -39.94 -9.99
C VAL V 13 -26.77 -38.69 -9.55
N LEU V 14 -27.53 -37.72 -9.04
CA LEU V 14 -27.00 -36.52 -8.39
C LEU V 14 -27.08 -36.67 -6.88
N GLY V 15 -26.17 -36.01 -6.19
CA GLY V 15 -26.13 -36.02 -4.73
C GLY V 15 -25.74 -34.68 -4.14
N ALA V 16 -26.18 -34.44 -2.91
CA ALA V 16 -25.79 -33.25 -2.18
C ALA V 16 -25.99 -33.40 -0.70
N ASP V 17 -25.20 -32.64 0.05
CA ASP V 17 -25.39 -32.48 1.50
C ASP V 17 -26.40 -31.37 1.70
N THR V 18 -26.75 -31.09 2.95
CA THR V 18 -27.82 -30.15 3.26
C THR V 18 -27.44 -29.02 4.23
N ARG V 19 -26.16 -28.74 4.40
CA ARG V 19 -25.70 -27.66 5.27
C ARG V 19 -25.51 -26.33 4.52
N ALA V 20 -25.92 -25.24 5.16
CA ALA V 20 -25.62 -23.93 4.66
C ALA V 20 -25.02 -23.09 5.79
N THR V 21 -23.95 -22.37 5.48
CA THR V 21 -23.18 -21.67 6.49
C THR V 21 -23.18 -20.17 6.28
N GLU V 22 -23.11 -19.42 7.37
CA GLU V 22 -22.83 -18.00 7.35
C GLU V 22 -21.54 -17.87 8.11
N GLY V 23 -20.44 -17.82 7.39
CA GLY V 23 -19.12 -17.86 8.01
C GLY V 23 -18.82 -19.28 8.48
N MET V 24 -18.36 -19.42 9.73
CA MET V 24 -18.13 -20.74 10.33
C MET V 24 -19.25 -21.15 11.34
N VAL V 25 -20.46 -20.65 11.09
CA VAL V 25 -21.69 -21.02 11.78
C VAL V 25 -22.68 -21.62 10.78
N VAL V 26 -23.40 -22.66 11.19
CA VAL V 26 -24.46 -23.26 10.38
C VAL V 26 -25.71 -22.40 10.49
N ALA V 27 -26.13 -21.84 9.35
CA ALA V 27 -27.40 -21.09 9.26
C ALA V 27 -28.58 -22.04 9.06
N ASP V 28 -28.42 -23.01 8.15
CA ASP V 28 -29.47 -23.96 7.82
C ASP V 28 -28.93 -25.36 7.87
N LYS V 29 -29.63 -26.23 8.60
CA LYS V 29 -29.26 -27.65 8.71
C LYS V 29 -29.85 -28.51 7.62
N ASN V 30 -30.98 -28.09 7.05
CA ASN V 30 -31.66 -28.88 6.01
C ASN V 30 -32.08 -28.03 4.81
N CYS V 31 -31.07 -27.63 4.07
CA CYS V 31 -31.22 -26.75 2.93
C CYS V 31 -31.17 -27.66 1.73
N SER V 32 -31.88 -27.31 0.66
CA SER V 32 -32.02 -28.19 -0.51
C SER V 32 -31.15 -27.70 -1.66
N LYS V 33 -30.17 -28.49 -2.05
CA LYS V 33 -29.17 -28.08 -3.02
C LYS V 33 -29.34 -28.70 -4.39
N ILE V 34 -30.30 -29.62 -4.54
CA ILE V 34 -30.62 -30.22 -5.84
C ILE V 34 -31.87 -29.53 -6.43
N HIS V 35 -31.66 -28.73 -7.48
CA HIS V 35 -32.70 -27.88 -8.07
C HIS V 35 -33.34 -28.45 -9.34
N PHE V 36 -34.66 -28.34 -9.41
CA PHE V 36 -35.42 -28.57 -10.64
C PHE V 36 -34.96 -27.62 -11.76
N ILE V 37 -34.60 -28.18 -12.92
CA ILE V 37 -34.36 -27.41 -14.14
C ILE V 37 -35.52 -27.65 -15.14
N SER V 38 -35.79 -28.93 -15.40
CA SER V 38 -36.94 -29.38 -16.16
C SER V 38 -37.30 -30.78 -15.62
N PRO V 39 -38.43 -31.37 -16.04
CA PRO V 39 -38.77 -32.70 -15.47
C PRO V 39 -37.68 -33.78 -15.62
N ASN V 40 -36.81 -33.61 -16.62
CA ASN V 40 -35.75 -34.55 -16.96
C ASN V 40 -34.34 -34.00 -16.74
N ILE V 41 -34.24 -32.82 -16.12
CA ILE V 41 -32.93 -32.19 -15.82
C ILE V 41 -32.96 -31.56 -14.43
N TYR V 42 -31.95 -31.90 -13.62
CA TYR V 42 -31.76 -31.29 -12.32
C TYR V 42 -30.34 -30.73 -12.24
N CYS V 43 -30.11 -29.88 -11.24
CA CYS V 43 -28.85 -29.20 -11.08
C CYS V 43 -28.51 -29.00 -9.61
N CYS V 44 -27.40 -29.59 -9.14
CA CYS V 44 -26.91 -29.33 -7.78
C CYS V 44 -26.18 -28.00 -7.75
N GLY V 45 -26.34 -27.25 -6.65
CA GLY V 45 -25.71 -25.95 -6.47
C GLY V 45 -24.76 -25.84 -5.29
N ALA V 46 -23.59 -25.28 -5.54
CA ALA V 46 -22.61 -24.93 -4.52
C ALA V 46 -22.11 -23.51 -4.77
N GLY V 47 -21.75 -22.80 -3.70
CA GLY V 47 -21.10 -21.48 -3.77
C GLY V 47 -21.99 -20.50 -3.04
N THR V 48 -22.12 -19.29 -3.59
CA THR V 48 -23.03 -18.29 -3.05
C THR V 48 -24.49 -18.74 -3.22
N ALA V 49 -25.19 -18.91 -2.11
CA ALA V 49 -26.49 -19.55 -2.12
C ALA V 49 -27.52 -18.82 -2.95
N ALA V 50 -27.60 -17.50 -2.80
CA ALA V 50 -28.56 -16.71 -3.55
C ALA V 50 -28.30 -16.84 -5.05
N ASP V 51 -27.02 -16.86 -5.42
CA ASP V 51 -26.62 -16.98 -6.83
C ASP V 51 -27.00 -18.32 -7.43
N THR V 52 -26.89 -19.40 -6.67
CA THR V 52 -27.27 -20.73 -7.19
C THR V 52 -28.78 -20.86 -7.28
N ASP V 53 -29.51 -20.29 -6.32
CA ASP V 53 -30.97 -20.26 -6.35
C ASP V 53 -31.47 -19.45 -7.55
N MET V 54 -31.02 -18.21 -7.70
CA MET V 54 -31.51 -17.34 -8.76
C MET V 54 -31.02 -17.76 -10.13
N THR V 55 -29.82 -18.29 -10.23
CA THR V 55 -29.33 -18.80 -11.53
C THR V 55 -30.09 -20.05 -12.04
N THR V 56 -30.33 -21.04 -11.17
CA THR V 56 -31.08 -22.23 -11.61
C THR V 56 -32.56 -21.94 -11.90
N GLN V 57 -33.16 -21.03 -11.15
CA GLN V 57 -34.55 -20.65 -11.34
C GLN V 57 -34.74 -19.97 -12.68
N LEU V 58 -33.84 -19.03 -13.01
CA LEU V 58 -33.91 -18.28 -14.25
C LEU V 58 -33.77 -19.18 -15.48
N ILE V 59 -32.80 -20.08 -15.43
CA ILE V 59 -32.57 -20.99 -16.55
C ILE V 59 -33.70 -22.00 -16.68
N SER V 60 -34.23 -22.48 -15.56
CA SER V 60 -35.38 -23.39 -15.58
C SER V 60 -36.57 -22.73 -16.24
N SER V 61 -36.79 -21.49 -15.86
CA SER V 61 -37.87 -20.67 -16.39
C SER V 61 -37.72 -20.46 -17.90
N ASN V 62 -36.52 -20.10 -18.35
CA ASN V 62 -36.28 -19.93 -19.78
C ASN V 62 -36.39 -21.25 -20.54
N LEU V 63 -36.00 -22.36 -19.92
CA LEU V 63 -36.24 -23.68 -20.53
C LEU V 63 -37.71 -24.06 -20.61
N GLU V 64 -38.52 -23.60 -19.65
CA GLU V 64 -39.94 -23.91 -19.70
C GLU V 64 -40.51 -23.16 -20.89
N LEU V 65 -40.21 -21.87 -21.02
CA LEU V 65 -40.48 -21.10 -22.24
C LEU V 65 -40.04 -21.80 -23.50
N HIS V 66 -38.79 -22.23 -23.53
CA HIS V 66 -38.23 -22.94 -24.67
C HIS V 66 -39.01 -24.21 -25.03
N SER V 67 -39.22 -25.08 -24.05
CA SER V 67 -39.94 -26.34 -24.29
C SER V 67 -41.45 -26.17 -24.56
N LEU V 68 -42.04 -25.11 -23.98
CA LEU V 68 -43.42 -24.71 -24.30
C LEU V 68 -43.57 -24.40 -25.80
N SER V 69 -42.54 -23.78 -26.35
CA SER V 69 -42.51 -23.36 -27.72
C SER V 69 -42.22 -24.52 -28.66
N THR V 70 -41.22 -25.33 -28.34
CA THR V 70 -40.82 -26.43 -29.22
C THR V 70 -41.72 -27.65 -29.13
N GLY V 71 -42.51 -27.78 -28.06
CA GLY V 71 -43.26 -29.00 -27.77
C GLY V 71 -42.39 -30.24 -27.55
N ARG V 72 -41.13 -30.04 -27.20
CA ARG V 72 -40.17 -31.14 -27.01
C ARG V 72 -39.53 -31.10 -25.62
N LEU V 73 -39.00 -32.25 -25.27
CA LEU V 73 -38.35 -32.38 -24.00
C LEU V 73 -36.99 -31.64 -24.11
N PRO V 74 -36.67 -30.82 -23.12
CA PRO V 74 -35.42 -30.06 -23.24
C PRO V 74 -34.16 -30.92 -23.17
N ARG V 75 -33.07 -30.39 -23.72
CA ARG V 75 -31.78 -31.10 -23.76
C ARG V 75 -30.81 -30.61 -22.69
N VAL V 76 -29.91 -31.48 -22.25
CA VAL V 76 -28.96 -31.08 -21.22
C VAL V 76 -27.97 -30.06 -21.78
N VAL V 77 -27.59 -30.19 -23.06
CA VAL V 77 -26.69 -29.24 -23.70
C VAL V 77 -27.28 -27.82 -23.72
N THR V 78 -28.59 -27.73 -23.76
CA THR V 78 -29.22 -26.42 -23.78
C THR V 78 -29.11 -25.77 -22.43
N ALA V 79 -29.48 -26.50 -21.37
CA ALA V 79 -29.27 -26.00 -20.00
C ALA V 79 -27.80 -25.60 -19.77
N ASN V 80 -26.88 -26.41 -20.27
CA ASN V 80 -25.45 -26.15 -20.08
C ASN V 80 -24.99 -24.87 -20.74
N ARG V 81 -25.39 -24.67 -22.00
CA ARG V 81 -25.15 -23.42 -22.72
C ARG V 81 -25.69 -22.18 -22.06
N MET V 82 -26.95 -22.24 -21.67
CA MET V 82 -27.61 -21.09 -21.08
C MET V 82 -26.87 -20.69 -19.81
N LEU V 83 -26.55 -21.66 -18.96
CA LEU V 83 -25.84 -21.41 -17.71
C LEU V 83 -24.46 -20.84 -17.99
N LYS V 84 -23.70 -21.50 -18.84
CA LYS V 84 -22.31 -21.11 -19.04
C LYS V 84 -22.16 -19.73 -19.68
N GLN V 85 -23.06 -19.42 -20.61
CA GLN V 85 -23.05 -18.11 -21.28
C GLN V 85 -23.42 -16.98 -20.33
N MET V 86 -24.33 -17.25 -19.42
CA MET V 86 -24.68 -16.26 -18.41
C MET V 86 -23.53 -16.08 -17.43
N LEU V 87 -23.02 -17.18 -16.90
CA LEU V 87 -21.94 -17.12 -15.95
C LEU V 87 -20.71 -16.44 -16.55
N PHE V 88 -20.38 -16.75 -17.80
CA PHE V 88 -19.28 -16.10 -18.48
C PHE V 88 -19.47 -14.60 -18.59
N ARG V 89 -20.68 -14.18 -18.94
CA ARG V 89 -21.03 -12.78 -19.08
C ARG V 89 -20.72 -12.01 -17.78
N TYR V 90 -21.05 -12.63 -16.65
CA TYR V 90 -20.87 -12.01 -15.32
C TYR V 90 -19.47 -12.16 -14.73
N GLN V 91 -18.56 -12.80 -15.47
CA GLN V 91 -17.13 -12.77 -15.19
C GLN V 91 -16.75 -13.38 -13.84
N GLY V 92 -17.54 -14.33 -13.35
CA GLY V 92 -17.28 -14.96 -12.05
C GLY V 92 -17.96 -14.29 -10.87
N TYR V 93 -18.56 -13.11 -11.05
CA TYR V 93 -19.24 -12.44 -9.94
C TYR V 93 -20.54 -13.10 -9.47
N ILE V 94 -21.07 -14.01 -10.27
CA ILE V 94 -22.16 -14.87 -9.84
C ILE V 94 -21.47 -16.13 -9.37
N GLY V 95 -21.44 -16.35 -8.06
CA GLY V 95 -20.64 -17.42 -7.47
C GLY V 95 -21.40 -18.72 -7.44
N ALA V 96 -21.69 -19.28 -8.61
CA ALA V 96 -22.49 -20.48 -8.75
C ALA V 96 -21.61 -21.55 -9.31
N ALA V 97 -21.48 -22.65 -8.58
CA ALA V 97 -20.76 -23.82 -9.02
C ALA V 97 -21.80 -24.92 -9.09
N LEU V 98 -21.96 -25.51 -10.27
CA LEU V 98 -23.12 -26.34 -10.56
C LEU V 98 -22.70 -27.73 -11.06
N VAL V 99 -23.48 -28.74 -10.67
CA VAL V 99 -23.41 -30.07 -11.25
C VAL V 99 -24.74 -30.30 -11.97
N LEU V 100 -24.70 -30.26 -13.31
CA LEU V 100 -25.90 -30.33 -14.15
C LEU V 100 -26.01 -31.74 -14.70
N GLY V 101 -27.13 -32.40 -14.42
CA GLY V 101 -27.34 -33.76 -14.89
C GLY V 101 -28.76 -34.00 -15.37
N GLY V 102 -28.92 -34.71 -16.47
CA GLY V 102 -30.23 -35.13 -16.90
C GLY V 102 -30.23 -36.18 -18.00
N VAL V 103 -31.43 -36.51 -18.48
CA VAL V 103 -31.61 -37.44 -19.58
C VAL V 103 -32.53 -36.88 -20.68
N ASP V 104 -32.02 -36.92 -21.91
CA ASP V 104 -32.78 -36.47 -23.10
CA ASP V 104 -32.71 -36.43 -23.09
C ASP V 104 -32.77 -37.50 -24.20
N VAL V 105 -33.30 -37.11 -25.36
CA VAL V 105 -33.35 -37.91 -26.57
C VAL V 105 -32.00 -38.51 -26.99
N THR V 106 -30.88 -37.84 -26.66
CA THR V 106 -29.53 -38.42 -26.88
C THR V 106 -28.92 -39.14 -25.66
N GLY V 107 -29.71 -39.46 -24.64
CA GLY V 107 -29.26 -40.25 -23.47
C GLY V 107 -28.90 -39.43 -22.24
N PRO V 108 -28.22 -40.07 -21.26
CA PRO V 108 -27.79 -39.36 -20.03
C PRO V 108 -26.61 -38.45 -20.27
N HIS V 109 -26.61 -37.27 -19.65
CA HIS V 109 -25.47 -36.34 -19.73
C HIS V 109 -25.23 -35.65 -18.40
N LEU V 110 -23.96 -35.41 -18.09
CA LEU V 110 -23.52 -34.82 -16.84
C LEU V 110 -22.42 -33.79 -17.09
N TYR V 111 -22.63 -32.58 -16.60
CA TYR V 111 -21.67 -31.50 -16.72
C TYR V 111 -21.38 -30.93 -15.35
N SER V 112 -20.17 -30.42 -15.18
CA SER V 112 -19.88 -29.49 -14.10
C SER V 112 -19.70 -28.11 -14.72
N ILE V 113 -20.19 -27.10 -14.02
CA ILE V 113 -20.19 -25.73 -14.52
C ILE V 113 -19.63 -24.85 -13.45
N TYR V 114 -18.66 -24.03 -13.81
CA TYR V 114 -17.94 -23.19 -12.85
C TYR V 114 -18.38 -21.72 -12.90
N PRO V 115 -18.18 -20.96 -11.80
CA PRO V 115 -18.62 -19.58 -11.76
C PRO V 115 -18.15 -18.73 -12.94
N HIS V 116 -16.94 -18.97 -13.46
CA HIS V 116 -16.43 -18.14 -14.57
C HIS V 116 -16.98 -18.55 -15.95
N GLY V 117 -17.68 -19.68 -16.01
CA GLY V 117 -18.37 -20.10 -17.22
C GLY V 117 -17.72 -21.26 -17.98
N SER V 118 -16.72 -21.91 -17.39
CA SER V 118 -16.16 -23.09 -18.00
C SER V 118 -17.02 -24.25 -17.57
N THR V 119 -17.09 -25.25 -18.45
CA THR V 119 -17.81 -26.47 -18.17
C THR V 119 -16.99 -27.67 -18.61
N ASP V 120 -17.25 -28.78 -17.96
CA ASP V 120 -16.58 -30.02 -18.26
C ASP V 120 -17.67 -31.05 -18.35
N LYS V 121 -17.63 -31.83 -19.43
CA LYS V 121 -18.57 -32.90 -19.64
C LYS V 121 -17.88 -34.20 -19.26
N LEU V 122 -18.38 -34.86 -18.22
CA LEU V 122 -17.68 -35.98 -17.61
C LEU V 122 -18.64 -36.99 -17.04
N PRO V 123 -18.16 -38.23 -16.80
CA PRO V 123 -18.97 -39.28 -16.20
C PRO V 123 -19.08 -39.23 -14.68
N TYR V 124 -18.17 -38.52 -14.03
CA TYR V 124 -18.38 -38.16 -12.62
C TYR V 124 -17.73 -36.82 -12.30
N VAL V 125 -18.40 -36.05 -11.45
CA VAL V 125 -17.91 -34.75 -11.04
C VAL V 125 -18.26 -34.47 -9.59
N THR V 126 -17.51 -33.55 -8.99
CA THR V 126 -17.80 -33.07 -7.65
C THR V 126 -17.51 -31.58 -7.59
N MET V 127 -18.23 -30.89 -6.72
CA MET V 127 -18.02 -29.46 -6.50
CA MET V 127 -18.01 -29.45 -6.49
C MET V 127 -18.27 -29.10 -5.04
N GLY V 128 -17.85 -27.91 -4.67
CA GLY V 128 -17.96 -27.41 -3.29
C GLY V 128 -16.73 -27.67 -2.44
N SER V 129 -16.75 -27.14 -1.21
CA SER V 129 -15.62 -27.28 -0.28
C SER V 129 -15.26 -28.74 0.07
N GLY V 130 -16.25 -29.62 0.04
CA GLY V 130 -16.03 -31.06 0.20
C GLY V 130 -15.77 -31.88 -1.06
N SER V 131 -15.44 -31.23 -2.17
CA SER V 131 -15.34 -31.93 -3.43
C SER V 131 -14.17 -32.86 -3.56
N LEU V 132 -13.06 -32.59 -2.88
CA LEU V 132 -11.90 -33.50 -2.96
C LEU V 132 -12.18 -34.79 -2.19
N ALA V 133 -12.88 -34.68 -1.05
CA ALA V 133 -13.31 -35.87 -0.32
C ALA V 133 -14.20 -36.74 -1.21
N ALA V 134 -15.27 -36.13 -1.74
CA ALA V 134 -16.18 -36.82 -2.65
C ALA V 134 -15.46 -37.40 -3.88
N MET V 135 -14.51 -36.63 -4.45
CA MET V 135 -13.78 -37.10 -5.62
C MET V 135 -12.88 -38.27 -5.31
N ALA V 136 -12.33 -38.32 -4.09
CA ALA V 136 -11.48 -39.45 -3.72
C ALA V 136 -12.27 -40.73 -3.75
N VAL V 137 -13.52 -40.67 -3.28
CA VAL V 137 -14.40 -41.84 -3.33
C VAL V 137 -14.61 -42.27 -4.79
N PHE V 138 -14.88 -41.30 -5.67
CA PHE V 138 -15.12 -41.61 -7.10
C PHE V 138 -13.90 -42.24 -7.77
N GLU V 139 -12.73 -41.68 -7.57
CA GLU V 139 -11.51 -42.28 -8.14
C GLU V 139 -11.21 -43.70 -7.61
N ASP V 140 -11.56 -43.94 -6.35
CA ASP V 140 -11.34 -45.24 -5.73
C ASP V 140 -12.31 -46.31 -6.22
N LYS V 141 -13.56 -45.94 -6.54
CA LYS V 141 -14.67 -46.90 -6.67
C LYS V 141 -15.56 -46.82 -7.91
N PHE V 142 -15.48 -45.74 -8.68
CA PHE V 142 -16.35 -45.63 -9.84
C PHE V 142 -15.99 -46.67 -10.88
N ARG V 143 -17.01 -47.32 -11.44
CA ARG V 143 -16.86 -48.15 -12.62
C ARG V 143 -17.89 -47.68 -13.64
N PRO V 144 -17.64 -47.92 -14.94
CA PRO V 144 -18.66 -47.54 -15.93
C PRO V 144 -19.84 -48.50 -15.90
N ASP V 145 -20.99 -48.02 -16.34
CA ASP V 145 -22.20 -48.83 -16.47
C ASP V 145 -22.63 -49.50 -15.17
N MET V 146 -22.54 -48.76 -14.07
CA MET V 146 -23.06 -49.25 -12.80
C MET V 146 -24.57 -49.40 -12.87
N GLU V 147 -25.09 -50.33 -12.09
CA GLU V 147 -26.52 -50.43 -11.85
C GLU V 147 -26.97 -49.28 -10.97
N GLU V 148 -28.28 -49.11 -10.86
CA GLU V 148 -28.87 -47.97 -10.18
C GLU V 148 -28.46 -47.94 -8.72
N GLU V 149 -28.60 -49.09 -8.02
CA GLU V 149 -28.29 -49.14 -6.59
C GLU V 149 -26.81 -48.97 -6.27
N GLU V 150 -25.92 -49.52 -7.10
CA GLU V 150 -24.47 -49.23 -7.04
C GLU V 150 -24.16 -47.75 -7.14
N ALA V 151 -24.73 -47.10 -8.16
CA ALA V 151 -24.54 -45.67 -8.41
C ALA V 151 -25.05 -44.82 -7.26
N LYS V 152 -26.17 -45.23 -6.66
CA LYS V 152 -26.73 -44.52 -5.51
C LYS V 152 -25.89 -44.69 -4.25
N ASN V 153 -25.39 -45.90 -4.03
CA ASN V 153 -24.41 -46.15 -2.97
C ASN V 153 -23.18 -45.29 -3.10
N LEU V 154 -22.62 -45.25 -4.31
CA LEU V 154 -21.38 -44.55 -4.57
C LEU V 154 -21.55 -43.06 -4.35
N VAL V 155 -22.66 -42.51 -4.82
CA VAL V 155 -22.87 -41.08 -4.66
C VAL V 155 -23.10 -40.75 -3.19
N SER V 156 -23.88 -41.56 -2.48
CA SER V 156 -24.11 -41.27 -1.07
C SER V 156 -22.81 -41.46 -0.26
N GLU V 157 -21.96 -42.41 -0.64
CA GLU V 157 -20.65 -42.54 -0.04
C GLU V 157 -19.79 -41.31 -0.29
N ALA V 158 -19.84 -40.77 -1.51
CA ALA V 158 -19.07 -39.58 -1.85
C ALA V 158 -19.52 -38.36 -1.06
N ILE V 159 -20.83 -38.19 -0.89
CA ILE V 159 -21.37 -37.05 -0.13
C ILE V 159 -20.97 -37.20 1.35
N ALA V 160 -21.11 -38.42 1.87
CA ALA V 160 -20.70 -38.72 3.24
C ALA V 160 -19.24 -38.33 3.50
N ALA V 161 -18.36 -38.65 2.55
CA ALA V 161 -16.96 -38.27 2.64
C ALA V 161 -16.81 -36.78 2.83
N GLY V 162 -17.55 -35.99 2.05
CA GLY V 162 -17.58 -34.54 2.23
C GLY V 162 -18.13 -34.14 3.58
N ILE V 163 -19.29 -34.70 3.94
CA ILE V 163 -19.97 -34.41 5.21
C ILE V 163 -19.07 -34.53 6.43
N PHE V 164 -18.30 -35.60 6.48
CA PHE V 164 -17.52 -35.92 7.66
C PHE V 164 -16.10 -35.33 7.68
N ASN V 165 -15.52 -35.08 6.50
CA ASN V 165 -14.18 -34.53 6.40
C ASN V 165 -14.09 -33.04 6.07
N ASP V 166 -15.21 -32.39 5.78
CA ASP V 166 -15.23 -30.96 5.44
C ASP V 166 -16.11 -30.25 6.43
N LEU V 167 -15.57 -29.26 7.11
CA LEU V 167 -16.35 -28.48 8.06
C LEU V 167 -17.43 -27.66 7.34
N GLY V 168 -17.20 -27.39 6.06
CA GLY V 168 -18.19 -26.76 5.20
C GLY V 168 -19.43 -27.58 4.89
N SER V 169 -19.38 -28.89 5.06
CA SER V 169 -20.48 -29.79 4.68
C SER V 169 -21.06 -30.48 5.88
N GLY V 170 -22.33 -30.83 5.81
CA GLY V 170 -22.96 -31.56 6.92
C GLY V 170 -24.41 -31.94 6.74
N SER V 171 -24.97 -32.47 7.83
CA SER V 171 -26.37 -32.89 7.94
C SER V 171 -26.70 -34.03 6.95
N ASN V 172 -27.78 -33.93 6.16
CA ASN V 172 -28.30 -35.09 5.43
C ASN V 172 -27.64 -35.29 4.10
N ILE V 173 -27.91 -36.45 3.50
CA ILE V 173 -27.59 -36.73 2.09
C ILE V 173 -28.90 -36.76 1.27
N ASP V 174 -28.98 -35.91 0.23
CA ASP V 174 -30.09 -35.92 -0.73
C ASP V 174 -29.59 -36.54 -2.03
N LEU V 175 -30.40 -37.40 -2.64
CA LEU V 175 -30.11 -37.88 -3.98
C LEU V 175 -31.25 -37.54 -4.94
N CYS V 176 -30.90 -37.50 -6.22
CA CYS V 176 -31.85 -37.45 -7.32
C CYS V 176 -31.40 -38.45 -8.37
N VAL V 177 -32.28 -39.39 -8.71
CA VAL V 177 -32.04 -40.41 -9.72
C VAL V 177 -32.91 -40.08 -10.93
N ILE V 178 -32.26 -39.96 -12.10
CA ILE V 178 -32.91 -39.59 -13.35
C ILE V 178 -32.57 -40.64 -14.40
N SER V 179 -33.61 -41.28 -14.97
CA SER V 179 -33.47 -42.19 -16.11
C SER V 179 -34.50 -41.87 -17.17
N LYS V 180 -34.50 -42.63 -18.27
CA LYS V 180 -35.54 -42.48 -19.32
C LYS V 180 -36.95 -42.70 -18.73
N ASN V 181 -37.09 -43.71 -17.85
CA ASN V 181 -38.39 -44.09 -17.27
C ASN V 181 -38.78 -43.48 -15.92
N LYS V 182 -37.83 -42.85 -15.22
CA LYS V 182 -38.04 -42.51 -13.81
C LYS V 182 -37.33 -41.22 -13.39
N LEU V 183 -37.97 -40.53 -12.44
CA LEU V 183 -37.32 -39.51 -11.63
C LEU V 183 -37.62 -39.76 -10.15
N ASP V 184 -36.59 -40.15 -9.40
CA ASP V 184 -36.66 -40.27 -7.94
C ASP V 184 -35.90 -39.11 -7.30
N PHE V 185 -36.64 -38.24 -6.62
CA PHE V 185 -36.08 -37.14 -5.86
C PHE V 185 -36.15 -37.60 -4.41
N LEU V 186 -35.00 -38.00 -3.89
CA LEU V 186 -34.88 -38.65 -2.59
C LEU V 186 -34.31 -37.66 -1.57
N ARG V 187 -35.22 -36.94 -0.90
CA ARG V 187 -34.87 -35.93 0.10
C ARG V 187 -35.64 -36.19 1.41
N PRO V 188 -35.00 -36.69 2.48
CA PRO V 188 -33.59 -37.13 2.56
C PRO V 188 -33.40 -38.54 2.05
N TYR V 189 -32.24 -38.83 1.48
CA TYR V 189 -31.83 -40.20 1.21
C TYR V 189 -31.30 -40.84 2.51
N THR V 190 -30.39 -40.15 3.19
CA THR V 190 -29.81 -40.60 4.47
C THR V 190 -29.73 -39.44 5.47
N VAL V 191 -29.89 -39.77 6.75
CA VAL V 191 -29.77 -38.84 7.85
C VAL V 191 -28.67 -39.41 8.74
N PRO V 192 -27.39 -39.26 8.33
CA PRO V 192 -26.31 -39.81 9.17
C PRO V 192 -25.99 -39.02 10.45
N ASN V 193 -26.50 -37.80 10.56
CA ASN V 193 -26.27 -36.96 11.73
C ASN V 193 -27.57 -36.64 12.43
N LYS V 194 -27.60 -36.84 13.74
CA LYS V 194 -28.80 -36.66 14.55
C LYS V 194 -28.40 -35.79 15.73
N LYS V 195 -29.22 -34.79 16.04
CA LYS V 195 -29.00 -33.91 17.20
C LYS V 195 -29.12 -34.73 18.48
N GLY V 196 -28.20 -34.53 19.41
CA GLY V 196 -28.17 -35.29 20.68
C GLY V 196 -29.39 -34.98 21.53
N THR V 197 -29.73 -35.90 22.43
CA THR V 197 -31.00 -35.84 23.15
C THR V 197 -30.92 -34.91 24.39
N ARG V 198 -31.97 -34.10 24.57
CA ARG V 198 -31.97 -32.95 25.49
C ARG V 198 -32.09 -33.46 26.92
N LEU V 199 -31.01 -33.33 27.69
CA LEU V 199 -30.90 -33.99 29.00
C LEU V 199 -31.65 -33.33 30.15
N GLY V 200 -31.57 -31.99 30.26
CA GLY V 200 -32.22 -31.27 31.35
C GLY V 200 -33.57 -30.71 30.94
N ARG V 201 -34.50 -30.59 31.88
CA ARG V 201 -35.73 -29.82 31.67
C ARG V 201 -35.51 -28.36 32.15
N TYR V 202 -35.92 -27.41 31.31
CA TYR V 202 -35.80 -25.97 31.55
C TYR V 202 -37.21 -25.36 31.65
N ARG V 203 -38.13 -26.08 32.29
CA ARG V 203 -39.57 -25.76 32.20
C ARG V 203 -39.83 -24.34 32.72
N CYS V 204 -39.78 -23.34 31.81
CA CYS V 204 -39.93 -21.93 32.17
C CYS V 204 -41.42 -21.70 32.42
N GLU V 205 -41.80 -21.61 33.69
CA GLU V 205 -43.22 -21.48 34.10
C GLU V 205 -43.74 -20.07 33.79
N LYS V 206 -45.04 -19.95 33.49
CA LYS V 206 -45.68 -18.66 33.13
C LYS V 206 -45.48 -17.61 34.23
N GLY V 207 -44.97 -16.44 33.86
CA GLY V 207 -44.65 -15.36 34.82
C GLY V 207 -43.17 -15.17 35.07
N THR V 208 -42.37 -16.12 34.60
CA THR V 208 -40.90 -16.11 34.71
C THR V 208 -40.29 -14.87 34.06
N THR V 209 -40.75 -14.54 32.85
CA THR V 209 -40.39 -13.31 32.16
C THR V 209 -41.23 -12.16 32.68
N ALA V 210 -40.59 -11.13 33.22
CA ALA V 210 -41.27 -9.91 33.64
C ALA V 210 -41.65 -9.08 32.41
N VAL V 211 -42.84 -8.50 32.47
CA VAL V 211 -43.42 -7.75 31.37
C VAL V 211 -43.67 -6.31 31.85
N LEU V 212 -43.32 -5.33 31.04
CA LEU V 212 -43.57 -3.89 31.32
C LEU V 212 -44.89 -3.37 30.73
N THR V 213 -45.15 -3.77 29.48
CA THR V 213 -46.20 -3.23 28.62
C THR V 213 -46.91 -4.38 27.95
N GLU V 214 -48.22 -4.26 27.78
CA GLU V 214 -49.01 -5.25 27.03
C GLU V 214 -50.11 -4.56 26.22
N LYS V 215 -50.32 -5.03 24.99
CA LYS V 215 -51.46 -4.63 24.17
C LYS V 215 -52.01 -5.85 23.45
N ILE V 216 -53.32 -6.09 23.60
CA ILE V 216 -54.01 -7.11 22.85
C ILE V 216 -54.77 -6.42 21.71
N THR V 217 -54.59 -6.92 20.49
CA THR V 217 -55.23 -6.41 19.30
C THR V 217 -56.02 -7.60 18.70
N PRO V 218 -57.36 -7.62 18.91
CA PRO V 218 -58.15 -8.75 18.38
C PRO V 218 -58.33 -8.69 16.88
N LEU V 219 -58.52 -9.86 16.25
CA LEU V 219 -58.70 -9.99 14.79
C LEU V 219 -60.03 -10.71 14.44
N GLU V 220 -60.42 -10.68 13.15
CA GLU V 220 -61.74 -11.21 12.70
C GLU V 220 -61.65 -12.03 11.40
N SER W 2 -16.91 -3.17 10.96
CA SER W 2 -17.97 -3.94 10.22
C SER W 2 -19.26 -3.12 10.07
N ILE W 3 -19.82 -3.14 8.86
CA ILE W 3 -21.03 -2.37 8.52
C ILE W 3 -22.22 -2.81 9.37
N MET W 4 -22.36 -4.11 9.58
CA MET W 4 -23.51 -4.67 10.31
C MET W 4 -23.43 -4.43 11.82
N SER W 5 -22.26 -4.12 12.37
CA SER W 5 -22.16 -3.80 13.79
C SER W 5 -22.31 -2.32 14.11
N TYR W 6 -22.52 -1.49 13.09
CA TYR W 6 -22.52 -0.01 13.23
C TYR W 6 -23.67 0.47 14.09
N ASN W 7 -24.86 -0.05 13.83
CA ASN W 7 -26.05 0.22 14.67
C ASN W 7 -26.41 -0.91 15.62
N GLY W 8 -25.87 -2.09 15.36
CA GLY W 8 -26.17 -3.25 16.19
C GLY W 8 -27.56 -3.75 15.96
N GLY W 9 -28.04 -4.57 16.88
CA GLY W 9 -29.43 -5.00 16.89
C GLY W 9 -29.56 -6.48 16.65
N ALA W 10 -30.72 -7.01 17.05
CA ALA W 10 -30.99 -8.43 16.93
C ALA W 10 -32.47 -8.67 16.81
N VAL W 11 -32.84 -9.59 15.92
CA VAL W 11 -34.21 -10.07 15.84
C VAL W 11 -34.18 -11.60 15.79
N MET W 12 -35.26 -12.21 16.29
CA MET W 12 -35.52 -13.61 16.04
C MET W 12 -37.00 -13.85 15.85
N ALA W 13 -37.32 -15.00 15.27
CA ALA W 13 -38.69 -15.51 15.21
C ALA W 13 -38.69 -17.00 15.56
N MET W 14 -39.84 -17.48 16.02
CA MET W 14 -39.95 -18.79 16.61
C MET W 14 -41.36 -19.36 16.38
N LYS W 15 -41.40 -20.65 16.04
CA LYS W 15 -42.64 -21.34 15.69
C LYS W 15 -43.23 -22.13 16.86
N GLY W 16 -44.56 -22.11 16.98
CA GLY W 16 -45.31 -22.91 17.96
C GLY W 16 -46.42 -23.73 17.31
N LYS W 17 -47.33 -24.20 18.19
N LYS W 17 -47.43 -24.18 18.05
CA LYS W 17 -48.59 -24.86 17.84
CA LYS W 17 -48.44 -25.10 17.45
C LYS W 17 -49.65 -23.77 17.75
C LYS W 17 -49.23 -24.53 16.26
N ASN W 18 -50.07 -23.52 16.53
CA ASN W 18 -50.94 -22.71 15.71
C ASN W 18 -50.65 -21.22 15.96
N CYS W 19 -49.36 -20.89 16.04
CA CYS W 19 -48.93 -19.55 16.44
C CYS W 19 -47.46 -19.33 16.13
N VAL W 20 -47.07 -18.07 16.00
CA VAL W 20 -45.66 -17.68 15.84
C VAL W 20 -45.32 -16.49 16.71
N ALA W 21 -44.02 -16.31 16.93
CA ALA W 21 -43.52 -15.21 17.73
C ALA W 21 -42.41 -14.54 16.97
N ILE W 22 -42.34 -13.24 17.10
CA ILE W 22 -41.21 -12.51 16.56
C ILE W 22 -40.83 -11.47 17.63
N ALA W 23 -39.51 -11.25 17.78
CA ALA W 23 -38.97 -10.38 18.83
C ALA W 23 -37.80 -9.55 18.33
N ALA W 24 -37.55 -8.44 19.03
CA ALA W 24 -36.47 -7.54 18.64
C ALA W 24 -35.99 -6.70 19.80
N ASP W 25 -34.71 -6.34 19.79
CA ASP W 25 -34.23 -5.36 20.74
C ASP W 25 -34.75 -4.00 20.32
N ARG W 26 -34.68 -2.99 21.19
CA ARG W 26 -35.26 -1.66 20.92
CA ARG W 26 -35.26 -1.66 20.91
C ARG W 26 -34.21 -0.54 20.75
N ARG W 27 -32.93 -0.88 20.84
CA ARG W 27 -31.86 0.12 20.79
C ARG W 27 -31.67 0.67 19.40
N PHE W 28 -31.58 1.99 19.27
CA PHE W 28 -30.99 2.61 18.08
C PHE W 28 -29.75 3.34 18.57
N GLY W 29 -28.58 2.86 18.12
CA GLY W 29 -27.31 3.48 18.47
C GLY W 29 -26.40 3.65 17.27
N ILE W 30 -25.42 4.53 17.43
CA ILE W 30 -24.40 4.80 16.44
C ILE W 30 -23.04 4.47 17.11
N GLN W 31 -22.52 3.30 16.76
CA GLN W 31 -21.37 2.68 17.43
C GLN W 31 -21.61 2.59 18.93
N ALA W 32 -20.76 3.18 19.77
CA ALA W 32 -20.97 3.07 21.24
C ALA W 32 -22.21 3.82 21.76
N GLN W 33 -22.63 4.86 21.03
CA GLN W 33 -23.64 5.76 21.56
C GLN W 33 -25.07 5.30 21.30
N MET W 34 -25.83 5.10 22.35
CA MET W 34 -27.28 4.95 22.24
C MET W 34 -27.85 6.32 21.93
N VAL W 35 -28.75 6.38 20.94
CA VAL W 35 -29.48 7.59 20.56
C VAL W 35 -30.90 7.53 21.12
N THR W 36 -31.48 6.33 21.09
CA THR W 36 -32.88 6.14 21.30
C THR W 36 -33.12 4.69 21.75
N THR W 37 -34.14 4.49 22.57
CA THR W 37 -34.43 3.16 23.13
C THR W 37 -35.81 2.61 22.76
N ASP W 38 -36.45 3.17 21.73
CA ASP W 38 -37.75 2.69 21.24
C ASP W 38 -37.80 2.60 19.71
N PHE W 39 -36.72 2.13 19.10
CA PHE W 39 -36.60 2.10 17.64
C PHE W 39 -37.28 0.85 17.05
N GLN W 40 -38.15 1.09 16.07
CA GLN W 40 -38.92 0.01 15.45
C GLN W 40 -38.08 -0.82 14.47
N LYS W 41 -38.07 -2.11 14.70
CA LYS W 41 -37.41 -3.08 13.83
C LYS W 41 -38.35 -4.13 13.26
N ILE W 42 -39.52 -4.27 13.85
CA ILE W 42 -40.51 -5.25 13.41
C ILE W 42 -41.74 -4.50 12.90
N PHE W 43 -42.14 -4.81 11.67
CA PHE W 43 -43.16 -4.06 10.92
C PHE W 43 -44.28 -4.97 10.43
N PRO W 44 -45.53 -4.53 10.57
CA PRO W 44 -46.65 -5.35 10.08
C PRO W 44 -46.68 -5.38 8.56
N MET W 45 -46.95 -6.56 8.02
CA MET W 45 -47.10 -6.77 6.59
C MET W 45 -48.45 -7.47 6.32
N GLY W 46 -49.44 -7.20 7.16
CA GLY W 46 -50.66 -8.00 7.16
C GLY W 46 -51.05 -8.28 8.58
N ASP W 47 -52.31 -8.66 8.76
CA ASP W 47 -52.87 -8.78 10.09
C ASP W 47 -52.17 -9.87 10.91
N ARG W 48 -51.67 -10.90 10.23
CA ARG W 48 -51.01 -12.03 10.86
C ARG W 48 -49.65 -12.32 10.23
N LEU W 49 -48.97 -11.27 9.78
CA LEU W 49 -47.72 -11.43 9.05
C LEU W 49 -46.83 -10.22 9.25
N TYR W 50 -45.66 -10.45 9.84
CA TYR W 50 -44.73 -9.41 10.31
C TYR W 50 -43.32 -9.70 9.77
N ILE W 51 -42.57 -8.65 9.47
CA ILE W 51 -41.17 -8.77 9.07
C ILE W 51 -40.32 -8.06 10.11
N GLY W 52 -39.25 -8.71 10.54
CA GLY W 52 -38.30 -8.14 11.49
C GLY W 52 -36.99 -7.94 10.79
N LEU W 53 -36.40 -6.75 10.91
CA LEU W 53 -35.18 -6.41 10.19
C LEU W 53 -34.10 -5.91 11.15
N ALA W 54 -33.03 -6.69 11.31
CA ALA W 54 -31.84 -6.19 12.00
C ALA W 54 -30.79 -5.85 10.96
N GLY W 55 -29.92 -4.90 11.30
CA GLY W 55 -28.85 -4.47 10.38
C GLY W 55 -28.69 -2.97 10.43
N LEU W 56 -28.15 -2.41 9.37
CA LEU W 56 -27.94 -0.98 9.25
C LEU W 56 -29.31 -0.28 9.28
N ALA W 57 -29.46 0.68 10.20
CA ALA W 57 -30.77 1.24 10.55
C ALA W 57 -31.42 1.94 9.36
N THR W 58 -30.61 2.66 8.58
CA THR W 58 -31.12 3.28 7.39
C THR W 58 -31.77 2.28 6.44
N ASP W 59 -31.16 1.12 6.26
CA ASP W 59 -31.72 0.10 5.35
C ASP W 59 -32.82 -0.77 5.97
N VAL W 60 -32.83 -0.84 7.30
CA VAL W 60 -33.95 -1.44 8.01
C VAL W 60 -35.23 -0.73 7.61
N GLN W 61 -35.16 0.60 7.61
CA GLN W 61 -36.31 1.45 7.29
C GLN W 61 -36.63 1.43 5.78
N THR W 62 -35.61 1.57 4.95
CA THR W 62 -35.79 1.59 3.51
C THR W 62 -36.38 0.30 2.95
N VAL W 63 -35.88 -0.83 3.40
CA VAL W 63 -36.40 -2.13 2.99
C VAL W 63 -37.86 -2.28 3.46
N ALA W 64 -38.13 -1.93 4.71
CA ALA W 64 -39.50 -2.03 5.24
C ALA W 64 -40.50 -1.20 4.39
N GLN W 65 -40.12 0.03 4.08
CA GLN W 65 -40.92 0.98 3.34
C GLN W 65 -41.11 0.56 1.89
N ARG W 66 -40.03 0.18 1.22
CA ARG W 66 -40.09 -0.27 -0.17
C ARG W 66 -40.77 -1.62 -0.32
N LEU W 67 -40.63 -2.49 0.67
CA LEU W 67 -41.40 -3.73 0.68
C LEU W 67 -42.90 -3.45 0.81
N LYS W 68 -43.26 -2.48 1.65
CA LYS W 68 -44.64 -2.08 1.81
C LYS W 68 -45.26 -1.56 0.51
N PHE W 69 -44.49 -0.74 -0.20
CA PHE W 69 -44.86 -0.22 -1.50
C PHE W 69 -45.27 -1.40 -2.38
N ARG W 70 -44.38 -2.37 -2.50
CA ARG W 70 -44.61 -3.54 -3.35
C ARG W 70 -45.76 -4.38 -2.86
N LEU W 71 -45.84 -4.59 -1.54
CA LEU W 71 -46.95 -5.36 -0.95
C LEU W 71 -48.33 -4.73 -1.17
N ASN W 72 -48.47 -3.43 -0.94
CA ASN W 72 -49.76 -2.77 -1.12
C ASN W 72 -50.28 -2.87 -2.55
N LEU W 73 -49.38 -2.70 -3.51
CA LEU W 73 -49.71 -2.85 -4.91
C LEU W 73 -50.14 -4.27 -5.21
N TYR W 74 -49.39 -5.24 -4.72
CA TYR W 74 -49.77 -6.63 -4.91
C TYR W 74 -51.20 -6.91 -4.43
N GLU W 75 -51.53 -6.44 -3.23
CA GLU W 75 -52.82 -6.77 -2.60
C GLU W 75 -54.02 -6.08 -3.26
N LEU W 76 -53.82 -4.83 -3.70
CA LEU W 76 -54.84 -4.13 -4.51
C LEU W 76 -55.09 -4.80 -5.86
N LYS W 77 -54.03 -5.29 -6.47
CA LYS W 77 -54.05 -5.88 -7.82
C LYS W 77 -54.58 -7.33 -7.83
N GLU W 78 -54.14 -8.10 -6.84
CA GLU W 78 -54.64 -9.45 -6.63
C GLU W 78 -55.96 -9.33 -5.88
N GLY W 79 -56.59 -10.44 -5.58
CA GLY W 79 -57.83 -10.36 -4.82
C GLY W 79 -57.70 -10.19 -3.30
N ARG W 80 -56.48 -10.14 -2.76
CA ARG W 80 -56.24 -10.84 -1.50
C ARG W 80 -55.04 -10.43 -0.67
N GLN W 81 -55.04 -10.92 0.57
CA GLN W 81 -53.88 -10.81 1.44
C GLN W 81 -52.78 -11.77 0.98
N ILE W 82 -51.56 -11.30 0.99
CA ILE W 82 -50.40 -12.12 0.61
C ILE W 82 -50.13 -13.28 1.58
N LYS W 83 -49.73 -14.41 1.02
CA LYS W 83 -49.30 -15.56 1.79
C LYS W 83 -47.85 -15.39 2.30
N PRO W 84 -47.51 -16.01 3.45
CA PRO W 84 -46.17 -15.89 4.02
C PRO W 84 -45.04 -16.26 3.07
N TYR W 85 -45.16 -17.41 2.43
CA TYR W 85 -44.16 -17.88 1.46
C TYR W 85 -43.97 -16.89 0.30
N THR W 86 -45.08 -16.29 -0.16
CA THR W 86 -45.05 -15.33 -1.26
C THR W 86 -44.40 -14.01 -0.83
N LEU W 87 -44.60 -13.61 0.42
CA LEU W 87 -43.89 -12.43 0.95
C LEU W 87 -42.39 -12.66 0.98
N MET W 88 -41.97 -13.85 1.36
CA MET W 88 -40.56 -14.20 1.35
C MET W 88 -39.96 -14.02 -0.04
N SER W 89 -40.60 -14.60 -1.04
CA SER W 89 -40.14 -14.51 -2.43
C SER W 89 -40.08 -13.06 -2.93
N MET W 90 -41.04 -12.26 -2.49
CA MET W 90 -41.07 -10.83 -2.79
C MET W 90 -39.87 -10.12 -2.16
N VAL W 91 -39.53 -10.45 -0.91
CA VAL W 91 -38.39 -9.82 -0.22
C VAL W 91 -37.10 -10.28 -0.90
N ALA W 92 -37.01 -11.58 -1.14
CA ALA W 92 -35.88 -12.17 -1.84
C ALA W 92 -35.56 -11.43 -3.13
N ASN W 93 -36.62 -11.22 -3.93
CA ASN W 93 -36.51 -10.56 -5.22
C ASN W 93 -36.02 -9.14 -5.04
N LEU W 94 -36.56 -8.43 -4.05
CA LEU W 94 -36.14 -7.05 -3.75
C LEU W 94 -34.66 -6.96 -3.35
N LEU W 95 -34.20 -7.86 -2.50
CA LEU W 95 -32.82 -7.81 -2.05
C LEU W 95 -31.85 -8.26 -3.15
N TYR W 96 -32.20 -9.27 -3.93
CA TYR W 96 -31.32 -9.72 -5.00
C TYR W 96 -31.15 -8.71 -6.13
N GLU W 97 -32.09 -7.79 -6.28
CA GLU W 97 -31.90 -6.69 -7.24
C GLU W 97 -30.67 -5.86 -6.90
N LYS W 98 -30.38 -5.77 -5.63
CA LYS W 98 -29.22 -5.07 -5.15
C LYS W 98 -28.04 -6.02 -4.91
N ARG W 99 -27.94 -7.09 -5.69
CA ARG W 99 -26.91 -8.11 -5.54
C ARG W 99 -25.51 -7.54 -5.43
N PHE W 100 -25.20 -6.53 -6.23
CA PHE W 100 -23.86 -5.95 -6.29
C PHE W 100 -23.72 -4.63 -5.53
N GLY W 101 -24.62 -4.38 -4.58
CA GLY W 101 -24.54 -3.22 -3.69
C GLY W 101 -25.69 -3.31 -2.74
N PRO W 102 -25.67 -4.32 -1.87
CA PRO W 102 -26.90 -4.72 -1.21
C PRO W 102 -27.34 -3.85 -0.05
N TYR W 103 -28.59 -4.02 0.33
CA TYR W 103 -29.11 -3.45 1.56
C TYR W 103 -28.42 -4.23 2.66
N TYR W 104 -28.02 -3.55 3.73
CA TYR W 104 -27.35 -4.22 4.87
C TYR W 104 -28.36 -4.59 5.93
N THR W 105 -29.26 -5.50 5.56
CA THR W 105 -30.21 -6.05 6.52
C THR W 105 -30.53 -7.49 6.21
N GLU W 106 -30.80 -8.25 7.25
CA GLU W 106 -31.12 -9.67 7.15
C GLU W 106 -32.48 -9.92 7.80
N PRO W 107 -33.54 -9.93 6.99
CA PRO W 107 -34.87 -9.97 7.58
C PRO W 107 -35.25 -11.32 8.15
N VAL W 108 -36.18 -11.32 9.08
CA VAL W 108 -36.89 -12.52 9.47
C VAL W 108 -38.38 -12.26 9.28
N ILE W 109 -39.11 -13.26 8.83
CA ILE W 109 -40.54 -13.17 8.63
C ILE W 109 -41.22 -14.16 9.54
N ALA W 110 -42.29 -13.71 10.18
CA ALA W 110 -43.12 -14.57 11.02
C ALA W 110 -44.58 -14.27 10.70
N GLY W 111 -45.33 -15.32 10.39
CA GLY W 111 -46.76 -15.17 10.27
C GLY W 111 -47.56 -16.44 10.14
N LEU W 112 -48.87 -16.24 10.07
CA LEU W 112 -49.84 -17.29 9.82
C LEU W 112 -50.39 -17.11 8.41
N ASP W 113 -50.61 -18.21 7.69
CA ASP W 113 -51.24 -18.16 6.36
C ASP W 113 -52.69 -17.60 6.49
N PRO W 114 -53.02 -16.53 5.73
CA PRO W 114 -54.33 -15.86 5.91
C PRO W 114 -55.59 -16.69 5.64
N LYS W 115 -55.45 -17.87 5.00
CA LYS W 115 -56.58 -18.84 4.84
C LYS W 115 -56.49 -20.02 5.81
N THR W 116 -55.38 -20.76 5.75
CA THR W 116 -55.17 -21.95 6.61
C THR W 116 -54.77 -21.64 8.09
N PHE W 117 -54.19 -20.46 8.33
CA PHE W 117 -53.61 -20.08 9.66
C PHE W 117 -52.41 -20.93 10.11
N LYS W 118 -51.72 -21.53 9.14
CA LYS W 118 -50.59 -22.40 9.38
C LYS W 118 -49.38 -21.51 9.73
N PRO W 119 -48.58 -21.91 10.75
CA PRO W 119 -47.43 -21.07 11.11
C PRO W 119 -46.30 -21.09 10.08
N PHE W 120 -45.70 -19.92 9.86
CA PHE W 120 -44.58 -19.76 8.93
C PHE W 120 -43.51 -18.90 9.56
N ILE W 121 -42.26 -19.34 9.45
CA ILE W 121 -41.12 -18.48 9.73
C ILE W 121 -39.99 -18.72 8.73
N CYS W 122 -39.23 -17.67 8.47
CA CYS W 122 -38.07 -17.77 7.62
C CYS W 122 -37.14 -16.62 7.91
N SER W 123 -35.96 -16.69 7.31
CA SER W 123 -35.07 -15.54 7.26
C SER W 123 -34.44 -15.49 5.89
N LEU W 124 -33.80 -14.38 5.58
CA LEU W 124 -33.09 -14.24 4.33
C LEU W 124 -31.76 -13.56 4.60
N ASP W 125 -30.74 -13.90 3.82
CA ASP W 125 -29.47 -13.19 3.93
C ASP W 125 -29.60 -11.89 3.16
N LEU W 126 -28.54 -11.10 3.09
CA LEU W 126 -28.72 -9.72 2.65
C LEU W 126 -28.85 -9.55 1.15
N ILE W 127 -28.58 -10.62 0.39
CA ILE W 127 -28.84 -10.64 -1.05
C ILE W 127 -30.00 -11.57 -1.43
N GLY W 128 -30.81 -11.94 -0.45
CA GLY W 128 -32.08 -12.60 -0.74
C GLY W 128 -32.12 -14.11 -0.83
N CYS W 129 -31.11 -14.82 -0.32
CA CYS W 129 -31.21 -16.28 -0.17
C CYS W 129 -32.23 -16.60 0.92
N PRO W 130 -33.38 -17.20 0.55
CA PRO W 130 -34.36 -17.51 1.58
C PRO W 130 -34.06 -18.81 2.33
N MET W 131 -34.59 -18.93 3.53
CA MET W 131 -34.28 -20.04 4.41
C MET W 131 -35.47 -20.28 5.33
N VAL W 132 -36.28 -21.28 5.01
CA VAL W 132 -37.47 -21.62 5.79
C VAL W 132 -37.10 -22.67 6.82
N THR W 133 -37.61 -22.53 8.04
CA THR W 133 -37.38 -23.55 9.10
C THR W 133 -38.65 -23.87 9.87
N ASP W 134 -38.64 -25.01 10.56
CA ASP W 134 -39.76 -25.45 11.41
C ASP W 134 -39.62 -25.12 12.90
N ASP W 135 -38.56 -24.39 13.28
CA ASP W 135 -38.26 -24.11 14.69
C ASP W 135 -38.03 -22.62 14.99
N PHE W 136 -36.96 -22.05 14.45
CA PHE W 136 -36.57 -20.68 14.78
C PHE W 136 -35.57 -20.15 13.79
N VAL W 137 -35.50 -18.84 13.72
CA VAL W 137 -34.52 -18.13 12.89
C VAL W 137 -34.04 -16.96 13.70
N VAL W 138 -32.80 -16.57 13.47
CA VAL W 138 -32.18 -15.45 14.19
C VAL W 138 -31.41 -14.59 13.21
N SER W 139 -31.19 -13.34 13.59
CA SER W 139 -30.50 -12.38 12.74
C SER W 139 -30.01 -11.18 13.55
N GLY W 140 -28.74 -10.82 13.39
CA GLY W 140 -28.19 -9.65 14.07
C GLY W 140 -26.80 -9.86 14.65
N THR W 141 -26.31 -8.86 15.39
CA THR W 141 -24.93 -8.86 15.90
C THR W 141 -24.61 -9.97 16.91
N CYS W 142 -25.62 -10.44 17.62
CA CYS W 142 -25.47 -11.54 18.57
C CYS W 142 -26.13 -12.84 18.08
N ALA W 143 -25.91 -13.20 16.83
CA ALA W 143 -26.52 -14.40 16.26
C ALA W 143 -26.08 -15.69 16.94
N GLU W 144 -24.80 -15.78 17.31
CA GLU W 144 -24.29 -16.95 18.02
C GLU W 144 -24.90 -17.13 19.41
N GLN W 145 -25.01 -16.02 20.14
CA GLN W 145 -25.72 -15.99 21.41
C GLN W 145 -27.17 -16.48 21.26
N MET W 146 -27.87 -15.94 20.27
CA MET W 146 -29.23 -16.33 19.98
C MET W 146 -29.34 -17.81 19.59
N TYR W 147 -28.43 -18.29 18.74
CA TYR W 147 -28.39 -19.72 18.39
C TYR W 147 -28.21 -20.61 19.63
N GLY W 148 -27.33 -20.21 20.53
CA GLY W 148 -27.15 -20.92 21.78
C GLY W 148 -28.44 -21.07 22.57
N MET W 149 -29.15 -19.96 22.72
CA MET W 149 -30.39 -19.95 23.50
C MET W 149 -31.50 -20.76 22.84
N CYS W 150 -31.71 -20.52 21.54
CA CYS W 150 -32.73 -21.22 20.77
C CYS W 150 -32.52 -22.73 20.64
N GLU W 151 -31.30 -23.15 20.32
CA GLU W 151 -30.97 -24.60 20.24
C GLU W 151 -31.19 -25.34 21.54
N SER W 152 -31.05 -24.63 22.67
CA SER W 152 -31.17 -25.25 23.99
C SER W 152 -32.61 -25.20 24.57
N LEU W 153 -33.39 -24.17 24.25
CA LEU W 153 -34.71 -23.97 24.86
C LEU W 153 -35.90 -24.38 23.98
N TRP W 154 -35.82 -24.14 22.68
CA TRP W 154 -36.95 -24.40 21.79
C TRP W 154 -37.38 -25.85 21.83
N GLU W 155 -38.69 -26.07 21.94
CA GLU W 155 -39.29 -27.39 21.77
C GLU W 155 -40.44 -27.32 20.77
N PRO W 156 -40.83 -28.48 20.21
CA PRO W 156 -41.94 -28.46 19.28
C PRO W 156 -43.28 -28.31 19.99
N ASN W 157 -44.27 -27.85 19.22
CA ASN W 157 -45.67 -27.79 19.65
C ASN W 157 -45.94 -26.96 20.92
N MET W 158 -45.26 -25.83 21.07
CA MET W 158 -45.47 -24.97 22.24
C MET W 158 -46.73 -24.12 22.05
N ASP W 159 -47.45 -23.90 23.15
CA ASP W 159 -48.64 -23.02 23.13
C ASP W 159 -48.19 -21.55 23.29
N PRO W 160 -49.09 -20.57 23.00
CA PRO W 160 -48.75 -19.15 23.10
C PRO W 160 -48.01 -18.65 24.35
N ASP W 161 -48.32 -19.19 25.52
CA ASP W 161 -47.70 -18.77 26.79
C ASP W 161 -46.26 -19.31 26.96
N HIS W 162 -46.04 -20.55 26.54
CA HIS W 162 -44.72 -21.19 26.59
C HIS W 162 -43.80 -20.67 25.48
N LEU W 163 -44.39 -20.41 24.31
CA LEU W 163 -43.67 -19.77 23.20
C LEU W 163 -43.22 -18.37 23.59
N PHE W 164 -44.07 -17.62 24.28
CA PHE W 164 -43.70 -16.28 24.74
C PHE W 164 -42.51 -16.30 25.72
N GLU W 165 -42.57 -17.19 26.71
CA GLU W 165 -41.49 -17.34 27.68
C GLU W 165 -40.16 -17.72 27.02
N THR W 166 -40.22 -18.68 26.09
CA THR W 166 -39.04 -19.16 25.41
C THR W 166 -38.35 -18.11 24.54
N ILE W 167 -39.14 -17.38 23.75
CA ILE W 167 -38.57 -16.38 22.85
C ILE W 167 -38.03 -15.23 23.68
N SER W 168 -38.77 -14.86 24.73
CA SER W 168 -38.33 -13.80 25.64
C SER W 168 -37.02 -14.15 26.36
N GLN W 169 -36.89 -15.39 26.78
CA GLN W 169 -35.66 -15.81 27.49
C GLN W 169 -34.48 -15.93 26.54
N ALA W 170 -34.74 -16.40 25.34
CA ALA W 170 -33.72 -16.48 24.34
C ALA W 170 -33.23 -15.08 23.96
N MET W 171 -34.13 -14.11 23.82
CA MET W 171 -33.72 -12.73 23.49
C MET W 171 -32.95 -12.06 24.62
N LEU W 172 -33.57 -11.96 25.78
CA LEU W 172 -32.98 -11.25 26.94
C LEU W 172 -31.56 -11.73 27.31
N ASN W 173 -31.39 -13.05 27.37
CA ASN W 173 -30.08 -13.63 27.71
C ASN W 173 -29.05 -13.54 26.57
N ALA W 174 -29.51 -13.60 25.33
CA ALA W 174 -28.63 -13.45 24.18
C ALA W 174 -28.08 -12.02 24.10
N VAL W 175 -28.98 -11.04 24.16
CA VAL W 175 -28.59 -9.64 24.03
C VAL W 175 -27.80 -9.11 25.23
N ASP W 176 -27.99 -9.72 26.39
CA ASP W 176 -27.16 -9.37 27.57
C ASP W 176 -25.69 -9.79 27.43
N ARG W 177 -25.35 -10.59 26.42
CA ARG W 177 -23.96 -10.82 26.09
C ARG W 177 -23.42 -10.04 24.87
N ASP W 178 -24.14 -9.01 24.43
CA ASP W 178 -23.75 -8.22 23.25
C ASP W 178 -23.86 -6.73 23.59
N ALA W 179 -22.73 -6.03 23.50
CA ALA W 179 -22.63 -4.63 23.88
C ALA W 179 -23.60 -3.71 23.14
N VAL W 180 -23.78 -4.00 21.84
CA VAL W 180 -24.51 -3.12 20.94
C VAL W 180 -25.91 -3.63 20.59
N SER W 181 -26.48 -4.54 21.38
CA SER W 181 -27.89 -4.92 21.27
C SER W 181 -28.51 -4.84 22.64
N GLY W 182 -29.77 -4.47 22.70
CA GLY W 182 -30.54 -4.44 23.92
C GLY W 182 -31.29 -3.12 24.07
N MET W 183 -31.11 -2.49 25.22
CA MET W 183 -31.90 -1.34 25.65
C MET W 183 -33.41 -1.60 25.55
N GLY W 184 -33.81 -2.84 25.78
CA GLY W 184 -35.20 -3.23 25.73
C GLY W 184 -35.40 -4.34 24.73
N VAL W 185 -36.44 -5.15 24.97
CA VAL W 185 -36.92 -6.16 24.02
C VAL W 185 -38.45 -6.06 23.85
N ILE W 186 -38.91 -6.17 22.60
CA ILE W 186 -40.33 -6.20 22.26
C ILE W 186 -40.67 -7.56 21.64
N VAL W 187 -41.85 -8.09 21.98
CA VAL W 187 -42.29 -9.40 21.49
C VAL W 187 -43.72 -9.33 20.97
N HIS W 188 -43.94 -9.86 19.76
CA HIS W 188 -45.27 -10.04 19.20
C HIS W 188 -45.60 -11.54 19.14
N ILE W 189 -46.74 -11.95 19.67
CA ILE W 189 -47.22 -13.32 19.56
C ILE W 189 -48.37 -13.27 18.56
N ILE W 190 -48.27 -14.02 17.47
CA ILE W 190 -49.27 -13.99 16.43
C ILE W 190 -50.14 -15.24 16.51
N GLU W 191 -51.41 -15.03 16.84
CA GLU W 191 -52.43 -16.10 16.86
C GLU W 191 -53.53 -15.87 15.79
N LYS W 192 -54.29 -16.92 15.51
CA LYS W 192 -55.45 -16.85 14.58
C LYS W 192 -56.34 -15.70 14.92
N ASP W 193 -56.73 -15.60 16.19
CA ASP W 193 -57.72 -14.63 16.65
C ASP W 193 -57.18 -13.33 17.27
N LYS W 194 -55.86 -13.18 17.44
CA LYS W 194 -55.31 -11.97 18.12
C LYS W 194 -53.80 -11.78 18.01
N ILE W 195 -53.38 -10.53 18.21
CA ILE W 195 -51.97 -10.13 18.33
C ILE W 195 -51.70 -9.60 19.73
N THR W 196 -50.78 -10.24 20.44
CA THR W 196 -50.33 -9.82 21.79
C THR W 196 -48.94 -9.21 21.64
N THR W 197 -48.81 -7.94 22.03
CA THR W 197 -47.55 -7.18 21.92
C THR W 197 -47.10 -6.80 23.33
N ARG W 198 -45.86 -7.19 23.69
CA ARG W 198 -45.30 -6.91 25.01
C ARG W 198 -43.90 -6.31 24.92
N THR W 199 -43.60 -5.35 25.81
CA THR W 199 -42.20 -5.00 26.09
C THR W 199 -41.79 -5.66 27.39
N LEU W 200 -40.54 -6.13 27.42
CA LEU W 200 -40.03 -6.90 28.56
C LEU W 200 -39.26 -6.02 29.52
N LYS W 201 -39.29 -6.39 30.80
CA LYS W 201 -38.36 -5.85 31.78
C LYS W 201 -37.01 -6.37 31.35
N ALA W 202 -36.07 -5.47 31.15
CA ALA W 202 -34.79 -5.81 30.53
C ALA W 202 -33.71 -4.82 30.92
N ARG W 203 -32.46 -5.32 31.01
CA ARG W 203 -31.30 -4.49 31.28
C ARG W 203 -31.24 -3.31 30.30
N MET W 204 -30.83 -2.15 30.82
CA MET W 204 -30.72 -0.92 30.03
C MET W 204 -29.27 -0.38 30.00
N ASP W 205 -28.31 -1.30 30.00
CA ASP W 205 -26.88 -0.96 29.87
C ASP W 205 -26.24 -1.54 28.59
N MET X 1 -16.41 22.62 15.33
CA MET X 1 -17.31 21.52 14.97
C MET X 1 -18.64 21.63 15.71
N GLU X 2 -19.70 21.25 15.00
CA GLU X 2 -21.01 21.86 15.18
C GLU X 2 -21.88 21.14 16.21
N TYR X 3 -22.62 21.93 16.99
CA TYR X 3 -23.48 21.39 18.05
C TYR X 3 -24.92 21.73 17.74
N LEU X 4 -25.76 20.71 17.74
CA LEU X 4 -27.22 20.87 17.72
C LEU X 4 -27.85 20.19 18.93
N ILE X 5 -28.92 20.78 19.45
CA ILE X 5 -29.68 20.20 20.53
C ILE X 5 -31.17 20.54 20.39
N GLY X 6 -32.01 19.58 20.76
CA GLY X 6 -33.45 19.73 20.75
C GLY X 6 -34.02 19.12 22.01
N ILE X 7 -35.01 19.80 22.61
CA ILE X 7 -35.78 19.31 23.75
C ILE X 7 -37.28 19.51 23.47
N GLN X 8 -38.03 18.41 23.48
CA GLN X 8 -39.47 18.42 23.23
C GLN X 8 -40.20 18.34 24.56
N GLY X 9 -40.99 19.36 24.87
CA GLY X 9 -41.96 19.32 25.99
C GLY X 9 -43.35 18.90 25.53
N PRO X 10 -44.35 18.95 26.42
CA PRO X 10 -45.71 18.47 26.08
C PRO X 10 -46.41 19.21 24.92
N ASP X 11 -46.19 20.52 24.82
CA ASP X 11 -46.77 21.35 23.76
C ASP X 11 -45.78 22.31 23.07
N TYR X 12 -44.50 21.96 23.07
CA TYR X 12 -43.49 22.75 22.33
C TYR X 12 -42.25 21.92 22.04
N VAL X 13 -41.39 22.47 21.18
CA VAL X 13 -40.05 21.95 21.00
C VAL X 13 -39.10 23.13 21.09
N LEU X 14 -38.07 22.96 21.92
CA LEU X 14 -37.03 23.95 22.13
C LEU X 14 -35.82 23.43 21.38
N VAL X 15 -35.17 24.28 20.60
CA VAL X 15 -33.97 23.91 19.86
C VAL X 15 -32.89 24.97 20.01
N ALA X 16 -31.65 24.50 19.90
CA ALA X 16 -30.51 25.38 19.88
C ALA X 16 -29.39 24.79 19.06
N SER X 17 -28.51 25.67 18.61
CA SER X 17 -27.39 25.30 17.76
C SER X 17 -26.29 26.33 17.94
N ASP X 18 -25.03 25.90 17.79
CA ASP X 18 -23.91 26.84 17.93
C ASP X 18 -23.85 27.81 16.77
N ARG X 19 -23.07 28.88 16.92
CA ARG X 19 -23.07 29.94 15.93
C ARG X 19 -21.71 30.19 15.33
N VAL X 20 -20.91 29.14 15.24
CA VAL X 20 -19.56 29.24 14.77
C VAL X 20 -19.49 28.62 13.39
N ALA X 21 -18.76 29.27 12.50
CA ALA X 21 -18.35 28.68 11.24
C ALA X 21 -16.85 28.63 11.31
N ALA X 22 -16.30 27.42 11.35
CA ALA X 22 -14.86 27.24 11.53
C ALA X 22 -14.20 26.80 10.24
N SER X 23 -12.93 27.16 10.11
CA SER X 23 -12.12 26.73 8.98
C SER X 23 -10.67 26.62 9.44
N ASN X 24 -10.19 25.38 9.56
CA ASN X 24 -8.84 25.08 9.98
C ASN X 24 -8.69 25.44 11.47
N ILE X 25 -7.81 26.37 11.83
CA ILE X 25 -7.64 26.76 13.24
C ILE X 25 -8.45 28.00 13.68
N VAL X 26 -9.19 28.64 12.77
CA VAL X 26 -9.88 29.90 13.09
C VAL X 26 -11.40 29.76 13.03
N GLN X 27 -12.08 30.54 13.84
CA GLN X 27 -13.51 30.77 13.69
C GLN X 27 -13.61 31.92 12.63
N MET X 28 -14.38 31.70 11.56
CA MET X 28 -14.59 32.69 10.47
C MET X 28 -15.87 33.52 10.60
N LYS X 29 -16.81 32.98 11.37
CA LYS X 29 -18.04 33.66 11.69
C LYS X 29 -18.50 33.22 13.08
N ASP X 30 -18.93 34.18 13.89
CA ASP X 30 -19.46 33.94 15.24
C ASP X 30 -20.97 34.16 15.37
N ASP X 31 -21.62 34.62 14.30
CA ASP X 31 -23.10 34.74 14.26
C ASP X 31 -23.72 33.82 13.20
N HIS X 32 -23.17 32.63 13.03
CA HIS X 32 -23.70 31.67 12.09
C HIS X 32 -25.02 31.10 12.59
N ASP X 33 -25.96 30.92 11.67
CA ASP X 33 -27.25 30.28 11.96
C ASP X 33 -27.30 28.94 11.25
N LYS X 34 -27.59 27.87 11.99
CA LYS X 34 -27.65 26.52 11.43
C LYS X 34 -29.08 26.01 11.27
N MET X 35 -30.05 26.90 11.43
CA MET X 35 -31.47 26.57 11.41
C MET X 35 -32.12 27.09 10.14
N PHE X 36 -32.97 26.25 9.57
CA PHE X 36 -33.69 26.55 8.33
C PHE X 36 -35.17 26.44 8.57
N LYS X 37 -35.89 27.49 8.26
CA LYS X 37 -37.35 27.50 8.35
C LYS X 37 -37.95 26.80 7.14
N MET X 38 -38.61 25.66 7.36
CA MET X 38 -39.25 24.90 6.26
C MET X 38 -40.65 25.43 6.00
N SER X 39 -41.33 25.78 7.09
CA SER X 39 -42.75 26.15 7.11
C SER X 39 -43.00 26.99 8.36
N GLU X 40 -44.25 27.31 8.66
CA GLU X 40 -44.55 28.14 9.85
C GLU X 40 -44.27 27.46 11.18
N LYS X 41 -44.31 26.11 11.20
CA LYS X 41 -44.14 25.34 12.42
C LYS X 41 -43.09 24.22 12.26
N ILE X 42 -42.08 24.44 11.42
CA ILE X 42 -41.01 23.46 11.22
C ILE X 42 -39.64 24.12 11.05
N LEU X 43 -38.68 23.70 11.88
CA LEU X 43 -37.27 24.05 11.72
C LEU X 43 -36.46 22.79 11.40
N LEU X 44 -35.49 22.96 10.51
CA LEU X 44 -34.53 21.95 10.17
C LEU X 44 -33.15 22.50 10.57
N LEU X 45 -32.47 21.76 11.45
CA LEU X 45 -31.14 22.13 11.93
C LEU X 45 -30.21 21.15 11.27
N CYS X 46 -29.20 21.69 10.59
CA CYS X 46 -28.35 20.91 9.72
CA CYS X 46 -28.32 20.92 9.70
C CYS X 46 -26.87 21.24 9.96
N VAL X 47 -26.09 20.19 10.10
CA VAL X 47 -24.63 20.27 10.22
C VAL X 47 -24.01 19.16 9.38
N GLY X 48 -22.71 19.28 9.13
CA GLY X 48 -21.94 18.30 8.37
C GLY X 48 -20.94 18.92 7.41
N GLU X 49 -20.70 18.24 6.30
CA GLU X 49 -19.70 18.68 5.37
C GLU X 49 -20.06 20.02 4.70
N ALA X 50 -19.07 20.88 4.51
CA ALA X 50 -19.27 22.14 3.81
C ALA X 50 -19.85 21.89 2.43
N GLY X 51 -20.74 22.78 2.02
CA GLY X 51 -21.45 22.64 0.74
C GLY X 51 -22.67 21.77 0.93
N ASP X 52 -22.46 20.51 1.32
CA ASP X 52 -23.55 19.55 1.47
C ASP X 52 -24.62 20.05 2.39
N THR X 53 -24.24 20.72 3.48
CA THR X 53 -25.24 21.08 4.51
C THR X 53 -26.26 22.07 3.95
N VAL X 54 -25.78 23.13 3.32
CA VAL X 54 -26.69 24.15 2.83
C VAL X 54 -27.42 23.66 1.58
N GLN X 55 -26.69 23.02 0.67
CA GLN X 55 -27.30 22.51 -0.55
C GLN X 55 -28.43 21.56 -0.20
N PHE X 56 -28.19 20.67 0.77
CA PHE X 56 -29.25 19.74 1.18
C PHE X 56 -30.43 20.45 1.83
N ALA X 57 -30.17 21.23 2.85
CA ALA X 57 -31.20 21.93 3.63
C ALA X 57 -32.11 22.82 2.78
N GLU X 58 -31.49 23.64 1.95
CA GLU X 58 -32.21 24.52 1.04
C GLU X 58 -33.02 23.81 -0.03
N TYR X 59 -32.54 22.68 -0.56
CA TYR X 59 -33.32 21.85 -1.46
C TYR X 59 -34.57 21.31 -0.77
N ILE X 60 -34.44 20.80 0.44
CA ILE X 60 -35.60 20.37 1.25
C ILE X 60 -36.54 21.57 1.48
N GLN X 61 -35.97 22.67 1.95
CA GLN X 61 -36.71 23.89 2.23
C GLN X 61 -37.59 24.32 1.03
N LYS X 62 -36.98 24.47 -0.14
CA LYS X 62 -37.71 24.87 -1.35
C LYS X 62 -38.80 23.86 -1.73
N ASN X 63 -38.53 22.58 -1.57
CA ASN X 63 -39.54 21.56 -1.87
C ASN X 63 -40.71 21.55 -0.89
N VAL X 64 -40.44 21.82 0.37
CA VAL X 64 -41.49 21.92 1.39
C VAL X 64 -42.35 23.17 1.13
N GLN X 65 -41.73 24.26 0.72
CA GLN X 65 -42.45 25.47 0.37
C GLN X 65 -43.29 25.26 -0.90
N LEU X 66 -42.72 24.58 -1.88
CA LEU X 66 -43.42 24.23 -3.11
C LEU X 66 -44.65 23.39 -2.79
N TYR X 67 -44.56 22.47 -1.84
CA TYR X 67 -45.73 21.69 -1.48
C TYR X 67 -46.84 22.59 -0.95
N LYS X 68 -46.51 23.50 -0.03
CA LYS X 68 -47.48 24.49 0.47
C LYS X 68 -48.18 25.22 -0.68
N MET X 69 -47.41 25.63 -1.68
CA MET X 69 -47.94 26.38 -2.81
C MET X 69 -48.81 25.57 -3.76
N ARG X 70 -48.45 24.32 -4.00
CA ARG X 70 -49.25 23.43 -4.84
C ARG X 70 -50.56 23.04 -4.17
N ASN X 71 -50.55 22.87 -2.85
CA ASN X 71 -51.67 22.26 -2.15
C ASN X 71 -52.50 23.22 -1.26
N GLY X 72 -51.96 24.39 -0.93
CA GLY X 72 -52.62 25.35 -0.03
C GLY X 72 -52.51 25.06 1.46
N TYR X 73 -51.82 24.00 1.87
CA TYR X 73 -51.59 23.68 3.29
C TYR X 73 -50.23 23.06 3.40
N GLU X 74 -49.71 22.98 4.62
CA GLU X 74 -48.30 22.54 4.83
C GLU X 74 -48.17 21.07 5.11
N LEU X 75 -47.00 20.53 4.82
CA LEU X 75 -46.65 19.22 5.30
C LEU X 75 -46.59 19.20 6.82
N SER X 76 -47.02 18.10 7.44
CA SER X 76 -46.78 17.86 8.86
C SER X 76 -45.29 17.65 9.15
N PRO X 77 -44.84 17.86 10.40
CA PRO X 77 -43.44 17.60 10.74
C PRO X 77 -43.00 16.18 10.40
N THR X 78 -43.84 15.20 10.71
CA THR X 78 -43.58 13.80 10.40
C THR X 78 -43.42 13.56 8.90
N ALA X 79 -44.31 14.13 8.11
CA ALA X 79 -44.24 13.98 6.66
C ALA X 79 -42.99 14.68 6.08
N ALA X 80 -42.67 15.86 6.58
CA ALA X 80 -41.45 16.56 6.17
C ALA X 80 -40.19 15.75 6.57
N ALA X 81 -40.24 15.11 7.74
CA ALA X 81 -39.10 14.33 8.23
C ALA X 81 -38.89 13.13 7.35
N ASN X 82 -39.98 12.47 6.99
CA ASN X 82 -39.89 11.32 6.08
C ASN X 82 -39.53 11.69 4.66
N PHE X 83 -39.95 12.88 4.24
CA PHE X 83 -39.55 13.40 2.94
C PHE X 83 -38.02 13.60 2.94
N THR X 84 -37.52 14.24 3.99
CA THR X 84 -36.10 14.53 4.13
C THR X 84 -35.28 13.22 4.12
N ARG X 85 -35.77 12.23 4.87
CA ARG X 85 -35.12 10.93 4.91
C ARG X 85 -35.06 10.25 3.55
N ARG X 86 -36.18 10.25 2.84
CA ARG X 86 -36.30 9.61 1.52
C ARG X 86 -35.22 10.13 0.60
N ASN X 87 -35.10 11.45 0.55
CA ASN X 87 -34.06 12.07 -0.25
C ASN X 87 -32.66 11.65 0.19
N LEU X 88 -32.37 11.72 1.49
CA LEU X 88 -31.03 11.39 1.98
C LEU X 88 -30.68 9.93 1.66
N ALA X 89 -31.62 9.05 1.94
CA ALA X 89 -31.46 7.62 1.73
C ALA X 89 -31.34 7.25 0.26
N ASP X 90 -32.18 7.85 -0.59
CA ASP X 90 -32.08 7.69 -2.04
C ASP X 90 -30.72 8.13 -2.60
N 6V1 X 91 -30.13 9.18 -2.03
CA 6V1 X 91 -28.83 9.71 -2.48
C 6V1 X 91 -27.64 8.98 -1.90
O 6V1 X 91 -26.52 9.11 -2.42
CB 6V1 X 91 -28.75 11.23 -2.24
SG 6V1 X 91 -29.42 12.12 -3.62
C1 6V1 X 91 -30.95 12.93 -3.17
C2 6V1 X 91 -30.68 14.27 -2.51
N3 6V1 X 91 -31.10 15.31 -3.30
C4 6V1 X 91 -31.82 14.85 -4.32
C5 6V1 X 91 -31.89 13.33 -4.32
C6 6V1 X 91 -30.76 16.75 -3.19
O7 6V1 X 91 -30.13 14.28 -1.40
O8 6V1 X 91 -32.28 15.53 -5.21
C3 6V1 X 91 -30.62 17.28 -1.77
N LEU X 92 -27.87 8.13 -0.90
CA LEU X 92 -26.78 7.50 -0.12
C LEU X 92 -25.83 6.60 -0.92
N ARG X 93 -26.37 5.78 -1.81
CA ARG X 93 -25.54 4.97 -2.70
C ARG X 93 -25.45 5.55 -4.11
N SER X 94 -25.69 6.85 -4.27
CA SER X 94 -25.64 7.51 -5.58
C SER X 94 -24.28 8.13 -5.79
N ARG X 95 -24.12 8.79 -6.92
CA ARG X 95 -22.94 9.67 -7.20
C ARG X 95 -22.92 10.94 -6.33
N THR X 96 -24.05 11.30 -5.72
CA THR X 96 -24.18 12.56 -5.03
C THR X 96 -24.74 12.36 -3.62
N PRO X 97 -24.00 11.66 -2.77
CA PRO X 97 -24.49 11.55 -1.37
C PRO X 97 -24.28 12.86 -0.64
N TYR X 98 -25.05 13.11 0.41
CA TYR X 98 -24.91 14.30 1.25
C TYR X 98 -24.45 13.91 2.66
N HIS X 99 -23.28 14.41 3.09
CA HIS X 99 -22.76 14.08 4.46
CA HIS X 99 -22.74 14.08 4.41
C HIS X 99 -23.25 15.15 5.41
N VAL X 100 -24.48 14.96 5.87
CA VAL X 100 -25.17 15.89 6.77
C VAL X 100 -25.82 15.12 7.93
N ASN X 101 -25.94 15.77 9.09
CA ASN X 101 -26.69 15.26 10.21
C ASN X 101 -27.70 16.31 10.59
N LEU X 102 -28.89 15.87 11.02
CA LEU X 102 -29.98 16.80 11.22
C LEU X 102 -30.81 16.53 12.46
N LEU X 103 -31.41 17.61 12.97
CA LEU X 103 -32.66 17.54 13.72
C LEU X 103 -33.76 18.24 12.92
N LEU X 104 -34.97 17.68 12.97
CA LEU X 104 -36.15 18.34 12.52
C LEU X 104 -37.09 18.49 13.70
N ALA X 105 -37.43 19.75 14.00
CA ALA X 105 -38.37 20.12 15.07
C ALA X 105 -39.61 20.73 14.45
N GLY X 106 -40.78 20.42 15.02
CA GLY X 106 -42.00 21.05 14.57
C GLY X 106 -43.19 20.82 15.46
N TYR X 107 -44.25 21.60 15.21
CA TYR X 107 -45.54 21.48 15.86
C TYR X 107 -46.64 21.24 14.82
N ASP X 108 -47.47 20.23 15.07
CA ASP X 108 -48.61 19.89 14.24
C ASP X 108 -49.88 20.07 15.05
N GLU X 109 -50.87 20.75 14.47
CA GLU X 109 -52.17 20.99 15.12
C GLU X 109 -52.72 19.74 15.83
N HIS X 110 -52.54 18.56 15.24
CA HIS X 110 -53.18 17.33 15.73
C HIS X 110 -52.27 16.34 16.50
N GLU X 111 -51.04 16.12 16.05
CA GLU X 111 -50.09 15.22 16.74
C GLU X 111 -49.25 15.92 17.84
N GLY X 112 -49.33 17.25 17.93
CA GLY X 112 -48.57 18.03 18.91
C GLY X 112 -47.14 18.28 18.46
N PRO X 113 -46.23 18.52 19.42
CA PRO X 113 -44.85 18.80 19.09
C PRO X 113 -44.06 17.55 18.78
N ALA X 114 -43.05 17.68 17.91
CA ALA X 114 -42.21 16.53 17.53
C ALA X 114 -40.75 16.92 17.27
N LEU X 115 -39.84 16.05 17.71
CA LEU X 115 -38.41 16.15 17.43
C LEU X 115 -37.94 14.87 16.73
N TYR X 116 -37.16 15.06 15.67
CA TYR X 116 -36.64 13.98 14.84
C TYR X 116 -35.13 14.10 14.69
N TYR X 117 -34.48 12.96 14.77
CA TYR X 117 -33.06 12.84 14.63
C TYR X 117 -32.77 12.06 13.35
N MET X 118 -31.80 12.55 12.59
CA MET X 118 -31.33 11.90 11.39
C MET X 118 -29.82 12.04 11.23
N ASP X 119 -29.15 10.91 11.02
CA ASP X 119 -27.73 10.92 10.70
C ASP X 119 -27.54 10.85 9.16
N TYR X 120 -26.29 10.97 8.73
CA TYR X 120 -25.95 11.02 7.29
C TYR X 120 -26.31 9.74 6.53
N LEU X 121 -26.36 8.62 7.23
CA LEU X 121 -26.83 7.38 6.65
C LEU X 121 -28.33 7.37 6.40
N ALA X 122 -29.05 8.31 7.01
CA ALA X 122 -30.49 8.50 6.84
C ALA X 122 -31.34 7.58 7.72
N ALA X 123 -30.80 7.17 8.87
CA ALA X 123 -31.63 6.55 9.90
C ALA X 123 -32.45 7.66 10.51
N LEU X 124 -33.76 7.45 10.63
CA LEU X 124 -34.64 8.46 11.20
C LEU X 124 -35.24 7.92 12.48
N ALA X 125 -35.15 8.72 13.56
CA ALA X 125 -35.69 8.33 14.86
C ALA X 125 -36.38 9.51 15.51
N LYS X 126 -37.57 9.27 16.05
CA LYS X 126 -38.24 10.25 16.91
C LYS X 126 -37.69 10.16 18.33
N ALA X 127 -37.57 11.31 19.00
CA ALA X 127 -36.97 11.34 20.31
C ALA X 127 -37.52 12.46 21.17
N PRO X 128 -37.55 12.26 22.51
CA PRO X 128 -38.01 13.33 23.39
C PRO X 128 -36.97 14.45 23.49
N PHE X 129 -35.70 14.10 23.28
CA PHE X 129 -34.63 15.08 23.15
C PHE X 129 -33.49 14.43 22.38
N ALA X 130 -32.55 15.23 21.89
CA ALA X 130 -31.44 14.71 21.10
C ALA X 130 -30.40 15.77 20.84
N ALA X 131 -29.20 15.32 20.47
CA ALA X 131 -28.11 16.24 20.13
C ALA X 131 -27.15 15.67 19.11
N HIS X 132 -26.47 16.55 18.38
CA HIS X 132 -25.50 16.17 17.35
C HIS X 132 -24.20 16.86 17.62
N GLY X 133 -23.14 16.27 17.08
CA GLY X 133 -21.79 16.82 17.24
C GLY X 133 -21.11 16.18 18.43
N TYR X 134 -19.79 16.29 18.47
CA TYR X 134 -18.99 15.99 19.66
C TYR X 134 -19.60 16.51 20.97
N GLY X 135 -20.17 17.70 20.97
CA GLY X 135 -20.80 18.25 22.17
C GLY X 135 -21.89 17.37 22.76
N ALA X 136 -22.49 16.54 21.92
CA ALA X 136 -23.56 15.63 22.35
C ALA X 136 -23.07 14.61 23.33
N PHE X 137 -21.81 14.22 23.17
CA PHE X 137 -21.16 13.29 24.09
C PHE X 137 -21.11 13.81 25.52
N LEU X 138 -20.90 15.11 25.71
CA LEU X 138 -20.89 15.73 27.04
C LEU X 138 -22.27 16.13 27.60
N THR X 139 -23.28 16.24 26.72
CA THR X 139 -24.58 16.82 27.10
C THR X 139 -25.77 15.83 27.16
N LEU X 140 -25.74 14.74 26.40
CA LEU X 140 -26.84 13.76 26.44
C LEU X 140 -27.10 13.16 27.83
N SER X 141 -26.04 12.94 28.61
CA SER X 141 -26.22 12.39 29.97
C SER X 141 -26.83 13.42 30.90
N ILE X 142 -26.54 14.70 30.65
CA ILE X 142 -27.18 15.79 31.39
C ILE X 142 -28.69 15.84 31.07
N LEU X 143 -29.05 15.62 29.82
CA LEU X 143 -30.47 15.54 29.45
C LEU X 143 -31.12 14.30 30.07
N ASP X 144 -30.48 13.15 29.99
CA ASP X 144 -31.04 11.92 30.63
C ASP X 144 -31.27 12.07 32.11
N ARG X 145 -30.39 12.82 32.78
CA ARG X 145 -30.47 13.03 34.23
C ARG X 145 -31.66 13.90 34.66
N TYR X 146 -31.89 15.00 33.95
CA TYR X 146 -32.86 16.02 34.39
C TYR X 146 -34.18 16.10 33.58
N TYR X 147 -34.19 15.68 32.32
CA TYR X 147 -35.40 15.70 31.51
C TYR X 147 -36.54 14.85 32.09
N THR X 148 -37.75 15.39 32.05
CA THR X 148 -38.98 14.63 32.17
C THR X 148 -39.94 15.03 31.03
N PRO X 149 -40.86 14.13 30.63
CA PRO X 149 -41.81 14.46 29.53
C PRO X 149 -42.71 15.70 29.80
N THR X 150 -43.00 15.98 31.07
CA THR X 150 -43.80 17.15 31.46
C THR X 150 -42.99 18.45 31.58
N ILE X 151 -41.69 18.43 31.31
CA ILE X 151 -40.85 19.63 31.48
C ILE X 151 -41.47 20.90 30.84
N SER X 152 -41.58 21.96 31.64
CA SER X 152 -42.07 23.25 31.16
C SER X 152 -40.98 23.93 30.36
N ARG X 153 -41.34 24.95 29.61
CA ARG X 153 -40.38 25.59 28.72
C ARG X 153 -39.38 26.47 29.47
N GLU X 154 -39.81 27.10 30.56
CA GLU X 154 -38.92 27.86 31.45
C GLU X 154 -37.75 26.95 31.92
N ARG X 155 -38.11 25.74 32.36
CA ARG X 155 -37.19 24.72 32.86
C ARG X 155 -36.37 24.05 31.76
N ALA X 156 -36.94 23.93 30.55
CA ALA X 156 -36.20 23.41 29.40
C ALA X 156 -35.09 24.35 28.94
N VAL X 157 -35.36 25.66 28.98
CA VAL X 157 -34.32 26.68 28.75
C VAL X 157 -33.22 26.63 29.81
N GLU X 158 -33.59 26.27 31.04
CA GLU X 158 -32.59 26.09 32.10
C GLU X 158 -31.73 24.84 31.88
N LEU X 159 -32.38 23.73 31.54
CA LEU X 159 -31.72 22.48 31.20
C LEU X 159 -30.77 22.66 30.02
N LEU X 160 -31.25 23.34 28.98
CA LEU X 160 -30.40 23.76 27.85
C LEU X 160 -29.19 24.55 28.31
N ARG X 161 -29.37 25.47 29.25
CA ARG X 161 -28.25 26.30 29.73
C ARG X 161 -27.21 25.49 30.49
N LYS X 162 -27.63 24.43 31.18
CA LYS X 162 -26.69 23.54 31.86
C LYS X 162 -25.83 22.80 30.85
N CYS X 163 -26.46 22.31 29.78
CA CYS X 163 -25.76 21.67 28.67
C CYS X 163 -24.74 22.61 28.02
N LEU X 164 -25.12 23.86 27.79
CA LEU X 164 -24.23 24.80 27.11
C LEU X 164 -23.09 25.24 28.02
N GLU X 165 -23.35 25.29 29.32
CA GLU X 165 -22.34 25.56 30.33
C GLU X 165 -21.34 24.40 30.40
N GLU X 166 -21.84 23.17 30.41
CA GLU X 166 -20.96 22.01 30.33
C GLU X 166 -20.02 22.06 29.14
N LEU X 167 -20.48 22.57 28.00
CA LEU X 167 -19.59 22.76 26.84
C LEU X 167 -18.55 23.85 27.11
N GLN X 168 -18.92 24.93 27.79
CA GLN X 168 -17.93 25.94 28.18
C GLN X 168 -16.87 25.33 29.07
N LYS X 169 -17.30 24.50 30.02
CA LYS X 169 -16.40 24.00 31.04
C LYS X 169 -15.44 22.97 30.43
N ARG X 170 -16.02 21.98 29.77
CA ARG X 170 -15.40 20.71 29.51
C ARG X 170 -15.02 20.42 28.05
N PHE X 171 -15.75 20.98 27.08
CA PHE X 171 -15.50 20.73 25.65
C PHE X 171 -14.25 21.50 25.18
N ILE X 172 -13.39 20.86 24.40
CA ILE X 172 -12.13 21.47 23.92
C ILE X 172 -12.29 22.56 22.85
N LEU X 173 -13.44 22.60 22.19
CA LEU X 173 -13.74 23.71 21.28
C LEU X 173 -14.40 24.94 21.91
N ASN X 174 -14.06 26.07 21.30
CA ASN X 174 -14.57 27.38 21.63
C ASN X 174 -15.86 27.66 20.87
N LEU X 175 -16.96 27.29 21.53
CA LEU X 175 -18.31 27.56 21.09
C LEU X 175 -18.97 28.59 22.03
N PRO X 176 -18.68 29.90 21.86
CA PRO X 176 -19.14 30.88 22.86
C PRO X 176 -20.62 31.33 22.82
N THR X 177 -21.36 31.07 21.73
CA THR X 177 -22.71 31.62 21.57
C THR X 177 -23.61 30.62 20.86
N PHE X 178 -24.91 30.68 21.16
CA PHE X 178 -25.89 29.73 20.62
C PHE X 178 -27.21 30.39 20.21
N SER X 179 -27.75 29.94 19.08
CA SER X 179 -29.08 30.30 18.63
C SER X 179 -30.06 29.46 19.39
N VAL X 180 -31.13 30.06 19.86
CA VAL X 180 -32.18 29.35 20.57
C VAL X 180 -33.52 29.75 19.96
N ARG X 181 -34.32 28.74 19.65
CA ARG X 181 -35.66 28.94 19.14
C ARG X 181 -36.59 27.91 19.72
N ILE X 182 -37.87 28.23 19.72
CA ILE X 182 -38.87 27.33 20.24
C ILE X 182 -40.07 27.34 19.29
N ILE X 183 -40.72 26.19 19.13
CA ILE X 183 -41.87 26.01 18.25
C ILE X 183 -43.07 25.52 19.06
N ASP X 184 -44.23 26.13 18.85
CA ASP X 184 -45.48 25.73 19.51
C ASP X 184 -46.66 26.03 18.59
N LYS X 185 -47.88 25.93 19.12
CA LYS X 185 -49.12 26.25 18.39
C LYS X 185 -49.09 27.59 17.63
N ASN X 186 -48.40 28.60 18.14
CA ASN X 186 -48.27 29.91 17.46
C ASN X 186 -46.98 30.10 16.62
N GLY X 187 -46.37 29.02 16.17
CA GLY X 187 -45.26 29.10 15.24
C GLY X 187 -43.87 29.05 15.88
N ILE X 188 -42.95 29.77 15.26
CA ILE X 188 -41.55 29.72 15.60
C ILE X 188 -41.22 31.03 16.26
N HIS X 189 -40.65 30.94 17.47
CA HIS X 189 -40.26 32.12 18.25
C HIS X 189 -38.74 32.13 18.42
N ASP X 190 -38.13 33.32 18.30
CA ASP X 190 -36.71 33.51 18.59
C ASP X 190 -36.60 33.90 20.04
N LEU X 191 -35.86 33.10 20.81
CA LEU X 191 -35.48 33.49 22.18
C LEU X 191 -34.09 34.13 22.09
N ASP X 192 -33.69 34.78 23.18
CA ASP X 192 -32.40 35.48 23.20
C ASP X 192 -31.28 34.45 22.97
N ASN X 193 -30.21 34.86 22.30
CA ASN X 193 -29.01 34.01 22.16
C ASN X 193 -28.46 33.71 23.58
N ILE X 194 -27.95 32.51 23.79
CA ILE X 194 -27.26 32.16 25.04
C ILE X 194 -25.77 32.32 24.78
N SER X 195 -25.14 33.21 25.55
CA SER X 195 -23.78 33.66 25.29
C SER X 195 -22.93 33.63 26.53
N PHE X 196 -21.60 33.62 26.31
CA PHE X 196 -20.61 33.54 27.39
C PHE X 196 -19.45 34.53 27.12
N THR Y 1 -0.15 33.42 -0.65
CA THR Y 1 -1.35 34.31 -0.68
C THR Y 1 -1.89 34.82 0.61
N THR Y 2 -2.08 36.14 0.72
CA THR Y 2 -2.94 36.72 1.74
C THR Y 2 -3.91 37.68 1.06
N THR Y 3 -5.19 37.54 1.41
CA THR Y 3 -6.22 38.49 1.01
C THR Y 3 -7.07 38.77 2.22
N LEU Y 4 -7.67 39.96 2.25
CA LEU Y 4 -8.68 40.29 3.26
C LEU Y 4 -9.70 41.27 2.72
N ALA Y 5 -10.87 41.26 3.37
CA ALA Y 5 -11.87 42.29 3.17
C ALA Y 5 -12.63 42.54 4.46
N PHE Y 6 -13.17 43.76 4.61
CA PHE Y 6 -14.12 44.04 5.69
C PHE Y 6 -15.16 45.11 5.33
N LYS Y 7 -16.36 44.94 5.89
CA LYS Y 7 -17.42 45.93 5.84
C LYS Y 7 -17.18 46.95 6.96
N PHE Y 8 -17.50 48.20 6.67
CA PHE Y 8 -17.55 49.25 7.69
C PHE Y 8 -18.52 50.34 7.25
N ARG Y 9 -18.69 51.38 8.07
CA ARG Y 9 -19.70 52.46 7.82
C ARG Y 9 -19.66 53.00 6.38
N HIS Y 10 -18.45 53.09 5.83
CA HIS Y 10 -18.22 53.72 4.54
C HIS Y 10 -17.96 52.74 3.41
N GLY Y 11 -18.43 51.50 3.52
CA GLY Y 11 -18.35 50.53 2.43
C GLY Y 11 -17.59 49.26 2.75
N VAL Y 12 -16.77 48.78 1.82
CA VAL Y 12 -15.98 47.58 2.09
C VAL Y 12 -14.60 47.69 1.51
N ILE Y 13 -13.61 47.45 2.38
CA ILE Y 13 -12.21 47.46 2.01
C ILE Y 13 -11.83 46.08 1.57
N VAL Y 14 -10.97 46.02 0.55
CA VAL Y 14 -10.53 44.76 -0.05
C VAL Y 14 -9.03 44.94 -0.32
N ALA Y 15 -8.22 44.00 0.18
CA ALA Y 15 -6.78 44.09 -0.02
C ALA Y 15 -6.16 42.74 -0.25
N ALA Y 16 -5.05 42.76 -0.96
CA ALA Y 16 -4.35 41.54 -1.28
C ALA Y 16 -2.84 41.77 -1.49
N ASP Y 17 -2.06 40.70 -1.31
CA ASP Y 17 -0.67 40.67 -1.73
C ASP Y 17 -0.66 40.33 -3.22
N SER Y 18 0.53 40.22 -3.81
CA SER Y 18 0.66 40.03 -5.25
C SER Y 18 1.57 38.87 -5.64
N ARG Y 19 1.86 37.98 -4.70
CA ARG Y 19 2.77 36.88 -4.95
C ARG Y 19 2.07 35.67 -5.53
N ALA Y 20 2.76 35.01 -6.46
CA ALA Y 20 2.37 33.71 -6.94
C ALA Y 20 3.56 32.75 -6.86
N THR Y 21 3.31 31.49 -6.53
CA THR Y 21 4.39 30.48 -6.41
C THR Y 21 4.04 29.14 -7.04
N ALA Y 22 5.09 28.45 -7.51
CA ALA Y 22 5.06 27.05 -7.87
C ALA Y 22 5.96 26.32 -6.90
N GLY Y 23 5.40 25.79 -5.83
CA GLY Y 23 6.15 25.23 -4.74
C GLY Y 23 6.83 26.38 -4.04
N ALA Y 24 8.11 26.26 -3.76
CA ALA Y 24 8.88 27.36 -3.19
C ALA Y 24 9.40 28.37 -4.22
N TYR Y 25 9.26 28.10 -5.52
CA TYR Y 25 9.70 29.05 -6.54
C TYR Y 25 8.70 30.22 -6.64
N ILE Y 26 9.18 31.46 -6.54
CA ILE Y 26 8.30 32.62 -6.67
C ILE Y 26 8.08 32.86 -8.17
N ALA Y 27 6.87 32.58 -8.62
CA ALA Y 27 6.50 32.66 -10.04
C ALA Y 27 6.24 34.10 -10.44
N SER Y 28 5.57 34.85 -9.57
CA SER Y 28 5.31 36.26 -9.86
C SER Y 28 5.18 37.05 -8.60
N GLN Y 29 5.55 38.33 -8.69
CA GLN Y 29 5.29 39.31 -7.65
C GLN Y 29 4.28 40.37 -8.14
N THR Y 30 3.63 40.16 -9.29
CA THR Y 30 2.76 41.19 -9.91
C THR Y 30 1.34 40.72 -10.23
N VAL Y 31 0.83 39.76 -9.50
CA VAL Y 31 -0.49 39.20 -9.77
C VAL Y 31 -1.56 40.10 -9.18
N LYS Y 32 -2.54 40.44 -10.02
CA LYS Y 32 -3.79 41.10 -9.57
C LYS Y 32 -4.75 40.07 -9.00
N LYS Y 33 -4.87 40.03 -7.68
CA LYS Y 33 -5.73 39.05 -7.02
C LYS Y 33 -7.13 39.56 -6.74
N VAL Y 34 -7.37 40.85 -6.95
CA VAL Y 34 -8.70 41.42 -6.85
C VAL Y 34 -9.22 41.55 -8.27
N ILE Y 35 -10.36 40.91 -8.52
CA ILE Y 35 -10.95 40.88 -9.86
C ILE Y 35 -12.19 41.76 -9.90
N GLU Y 36 -12.33 42.47 -11.00
CA GLU Y 36 -13.37 43.48 -11.16
C GLU Y 36 -14.51 42.78 -11.86
N ILE Y 37 -15.47 42.30 -11.09
CA ILE Y 37 -16.63 41.56 -11.63
C ILE Y 37 -17.59 42.48 -12.41
N ASN Y 38 -17.92 43.62 -11.81
CA ASN Y 38 -18.52 44.75 -12.51
C ASN Y 38 -18.17 46.01 -11.71
N PRO Y 39 -18.64 47.19 -12.11
CA PRO Y 39 -18.20 48.41 -11.39
C PRO Y 39 -18.58 48.53 -9.90
N TYR Y 40 -19.41 47.62 -9.38
CA TYR Y 40 -19.83 47.65 -7.97
C TYR Y 40 -19.65 46.29 -7.25
N LEU Y 41 -18.84 45.41 -7.84
CA LEU Y 41 -18.58 44.06 -7.33
C LEU Y 41 -17.15 43.65 -7.59
N LEU Y 42 -16.42 43.31 -6.51
CA LEU Y 42 -15.11 42.73 -6.64
C LEU Y 42 -15.12 41.30 -6.15
N GLY Y 43 -14.20 40.52 -6.71
CA GLY Y 43 -13.89 39.16 -6.27
C GLY Y 43 -12.42 39.09 -5.92
N THR Y 44 -12.07 38.26 -4.94
CA THR Y 44 -10.64 38.08 -4.55
C THR Y 44 -10.20 36.65 -4.80
N MET Y 45 -8.90 36.48 -5.01
CA MET Y 45 -8.30 35.21 -5.39
C MET Y 45 -7.25 34.72 -4.41
N ALA Y 46 -7.51 33.53 -3.88
CA ALA Y 46 -6.52 32.76 -3.17
C ALA Y 46 -6.73 31.31 -3.55
N GLY Y 47 -5.64 30.58 -3.73
CA GLY Y 47 -5.65 29.15 -4.00
C GLY Y 47 -4.94 28.86 -5.31
N GLY Y 48 -5.47 27.92 -6.07
CA GLY Y 48 -4.99 27.70 -7.42
C GLY Y 48 -5.33 28.91 -8.28
N ALA Y 49 -4.35 29.42 -9.02
CA ALA Y 49 -4.48 30.67 -9.77
C ALA Y 49 -5.40 30.54 -10.98
N ALA Y 50 -5.17 29.47 -11.74
CA ALA Y 50 -6.02 29.15 -12.83
C ALA Y 50 -7.45 28.89 -12.36
N ASP Y 51 -7.61 28.18 -11.25
CA ASP Y 51 -8.96 27.88 -10.75
C ASP Y 51 -9.71 29.14 -10.38
N CYS Y 52 -9.07 30.02 -9.60
CA CYS Y 52 -9.70 31.28 -9.23
C CYS Y 52 -10.05 32.17 -10.44
N SER Y 53 -9.10 32.37 -11.36
CA SER Y 53 -9.26 33.25 -12.49
C SER Y 53 -10.40 32.76 -13.36
N PHE Y 54 -10.36 31.49 -13.71
CA PHE Y 54 -11.36 30.89 -14.53
C PHE Y 54 -12.74 31.06 -13.94
N TRP Y 55 -12.94 30.62 -12.70
CA TRP Y 55 -14.30 30.60 -12.10
C TRP Y 55 -14.83 32.00 -11.80
N GLU Y 56 -13.96 32.94 -11.47
CA GLU Y 56 -14.38 34.31 -11.24
C GLU Y 56 -14.66 35.08 -12.53
N ARG Y 57 -13.92 34.76 -13.58
CA ARG Y 57 -14.22 35.26 -14.91
C ARG Y 57 -15.57 34.73 -15.41
N LEU Y 58 -15.87 33.49 -15.06
CA LEU Y 58 -17.15 32.86 -15.39
C LEU Y 58 -18.28 33.43 -14.56
N LEU Y 59 -18.01 33.76 -13.31
CA LEU Y 59 -18.95 34.51 -12.50
C LEU Y 59 -19.31 35.84 -13.15
N ALA Y 60 -18.31 36.56 -13.63
CA ALA Y 60 -18.48 37.84 -14.29
C ALA Y 60 -19.35 37.76 -15.56
N ARG Y 61 -19.06 36.77 -16.39
CA ARG Y 61 -19.89 36.45 -17.55
C ARG Y 61 -21.34 36.29 -17.15
N GLN Y 62 -21.56 35.53 -16.11
CA GLN Y 62 -22.90 35.18 -15.67
C GLN Y 62 -23.67 36.38 -15.07
N CYS Y 63 -22.96 37.20 -14.28
CA CYS Y 63 -23.55 38.42 -13.71
C CYS Y 63 -23.99 39.42 -14.77
N ARG Y 64 -23.24 39.47 -15.87
CA ARG Y 64 -23.53 40.39 -16.95
C ARG Y 64 -24.77 39.94 -17.75
N ILE Y 65 -24.85 38.65 -18.05
CA ILE Y 65 -26.06 38.07 -18.66
C ILE Y 65 -27.26 38.34 -17.77
N TYR Y 66 -27.08 38.15 -16.48
CA TYR Y 66 -28.17 38.38 -15.54
C TYR Y 66 -28.69 39.82 -15.67
N GLU Y 67 -27.76 40.76 -15.66
CA GLU Y 67 -28.08 42.16 -15.74
C GLU Y 67 -28.82 42.48 -17.05
N LEU Y 68 -28.37 41.91 -18.17
CA LEU Y 68 -29.04 42.08 -19.45
C LEU Y 68 -30.43 41.48 -19.51
N ARG Y 69 -30.65 40.37 -18.81
CA ARG Y 69 -31.96 39.70 -18.78
C ARG Y 69 -32.96 40.35 -17.83
N ASN Y 70 -32.48 40.83 -16.69
CA ASN Y 70 -33.33 41.34 -15.60
C ASN Y 70 -33.41 42.86 -15.51
N LYS Y 71 -32.57 43.57 -16.27
CA LYS Y 71 -32.54 45.04 -16.31
C LYS Y 71 -32.18 45.67 -14.96
N GLU Y 72 -31.36 44.96 -14.18
CA GLU Y 72 -30.83 45.47 -12.90
C GLU Y 72 -29.56 44.74 -12.40
N ARG Y 73 -28.82 45.45 -11.56
CA ARG Y 73 -27.60 44.98 -10.90
C ARG Y 73 -27.93 43.67 -10.19
N ILE Y 74 -27.08 42.66 -10.34
CA ILE Y 74 -27.19 41.48 -9.47
C ILE Y 74 -26.77 41.83 -8.02
N SER Y 75 -27.47 41.27 -7.05
CA SER Y 75 -27.09 41.44 -5.65
C SER Y 75 -25.79 40.69 -5.27
N VAL Y 76 -25.13 41.14 -4.21
CA VAL Y 76 -23.95 40.47 -3.69
C VAL Y 76 -24.29 39.03 -3.26
N ALA Y 77 -25.43 38.85 -2.61
CA ALA Y 77 -25.91 37.51 -2.21
C ALA Y 77 -26.12 36.56 -3.39
N ALA Y 78 -26.78 37.06 -4.43
CA ALA Y 78 -27.02 36.24 -5.61
C ALA Y 78 -25.73 35.90 -6.38
N ALA Y 79 -24.82 36.87 -6.49
CA ALA Y 79 -23.57 36.65 -7.22
C ALA Y 79 -22.72 35.60 -6.49
N SER Y 80 -22.59 35.75 -5.18
CA SER Y 80 -21.85 34.78 -4.38
C SER Y 80 -22.50 33.40 -4.48
N LYS Y 81 -23.82 33.34 -4.59
CA LYS Y 81 -24.47 32.06 -4.71
C LYS Y 81 -24.28 31.44 -6.08
N LEU Y 82 -24.19 32.24 -7.14
CA LEU Y 82 -23.90 31.70 -8.48
C LEU Y 82 -22.55 31.00 -8.42
N LEU Y 83 -21.59 31.60 -7.74
CA LEU Y 83 -20.24 31.05 -7.64
C LEU Y 83 -20.22 29.76 -6.82
N ALA Y 84 -20.88 29.77 -5.67
CA ALA Y 84 -21.03 28.58 -4.85
C ALA Y 84 -21.63 27.39 -5.62
N ASN Y 85 -22.74 27.63 -6.32
CA ASN Y 85 -23.41 26.57 -7.09
C ASN Y 85 -22.59 26.07 -8.28
N MET Y 86 -21.82 26.95 -8.90
CA MET Y 86 -20.91 26.54 -9.98
C MET Y 86 -19.85 25.57 -9.46
N VAL Y 87 -19.13 25.93 -8.40
CA VAL Y 87 -18.05 25.10 -7.87
C VAL Y 87 -18.50 23.84 -7.10
N TYR Y 88 -19.72 23.84 -6.56
CA TYR Y 88 -20.20 22.70 -5.79
C TYR Y 88 -20.13 21.40 -6.56
N GLN Y 89 -20.45 21.44 -7.85
CA GLN Y 89 -20.49 20.24 -8.70
C GLN Y 89 -19.14 19.55 -8.76
N TYR Y 90 -18.07 20.33 -8.51
CA TYR Y 90 -16.69 19.88 -8.59
C TYR Y 90 -16.02 19.56 -7.26
N LYS Y 91 -16.77 19.42 -6.17
CA LYS Y 91 -16.14 19.07 -4.89
C LYS Y 91 -15.38 17.72 -4.97
N GLY Y 92 -14.18 17.71 -4.36
CA GLY Y 92 -13.35 16.51 -4.31
C GLY Y 92 -12.63 16.17 -5.60
N MET Y 93 -12.66 17.07 -6.58
CA MET Y 93 -11.95 16.89 -7.85
C MET Y 93 -10.67 17.70 -7.87
N GLY Y 94 -10.41 18.45 -6.81
CA GLY Y 94 -9.12 19.09 -6.63
C GLY Y 94 -9.06 20.56 -6.96
N LEU Y 95 -10.21 21.21 -7.16
CA LEU Y 95 -10.22 22.66 -7.30
C LEU Y 95 -9.80 23.22 -5.97
N SER Y 96 -9.02 24.29 -6.02
CA SER Y 96 -8.56 24.99 -4.84
C SER Y 96 -8.84 26.46 -5.07
N MET Y 97 -9.90 26.94 -4.44
CA MET Y 97 -10.35 28.33 -4.57
CA MET Y 97 -10.31 28.35 -4.54
C MET Y 97 -10.89 28.83 -3.22
N GLY Y 98 -10.41 29.99 -2.80
CA GLY Y 98 -10.90 30.67 -1.61
C GLY Y 98 -11.08 32.12 -2.02
N THR Y 99 -12.34 32.56 -2.07
CA THR Y 99 -12.68 33.86 -2.62
C THR Y 99 -13.59 34.65 -1.68
N MET Y 100 -13.49 35.97 -1.78
CA MET Y 100 -14.46 36.88 -1.18
C MET Y 100 -15.19 37.69 -2.25
N ILE Y 101 -16.52 37.71 -2.18
CA ILE Y 101 -17.35 38.53 -3.09
C ILE Y 101 -17.79 39.78 -2.33
N CYS Y 102 -17.36 40.95 -2.82
CA CYS Y 102 -17.46 42.21 -2.12
C CYS Y 102 -18.23 43.23 -2.97
N GLY Y 103 -19.25 43.84 -2.39
CA GLY Y 103 -20.04 44.79 -3.14
C GLY Y 103 -20.84 45.76 -2.30
N TRP Y 104 -21.74 46.50 -2.97
CA TRP Y 104 -22.70 47.36 -2.33
C TRP Y 104 -23.99 47.23 -3.14
N ASP Y 105 -25.08 46.82 -2.51
CA ASP Y 105 -26.36 46.65 -3.18
C ASP Y 105 -27.51 47.23 -2.33
N LYS Y 106 -28.77 46.92 -2.66
CA LYS Y 106 -29.91 47.47 -1.93
C LYS Y 106 -29.89 47.15 -0.43
N ARG Y 107 -29.21 46.08 -0.01
CA ARG Y 107 -29.02 45.76 1.42
C ARG Y 107 -27.78 46.44 2.05
N GLY Y 108 -27.12 47.31 1.29
CA GLY Y 108 -25.93 48.03 1.76
C GLY Y 108 -24.63 47.32 1.40
N PRO Y 109 -23.54 47.59 2.14
CA PRO Y 109 -22.27 46.89 1.92
C PRO Y 109 -22.40 45.37 2.13
N GLY Y 110 -21.82 44.61 1.21
CA GLY Y 110 -21.97 43.16 1.19
C GLY Y 110 -20.64 42.44 1.08
N LEU Y 111 -20.55 41.31 1.76
CA LEU Y 111 -19.28 40.55 1.83
C LEU Y 111 -19.52 39.08 2.14
N TYR Y 112 -19.23 38.23 1.17
CA TYR Y 112 -19.40 36.79 1.31
C TYR Y 112 -18.07 36.09 1.07
N TYR Y 113 -17.81 35.07 1.87
CA TYR Y 113 -16.67 34.18 1.66
C TYR Y 113 -17.22 32.91 1.00
N VAL Y 114 -16.53 32.46 -0.05
CA VAL Y 114 -17.00 31.36 -0.88
C VAL Y 114 -15.78 30.54 -1.25
N ASP Y 115 -15.85 29.22 -1.16
CA ASP Y 115 -14.70 28.40 -1.48
C ASP Y 115 -15.02 27.07 -2.14
N SER Y 116 -13.96 26.37 -2.55
CA SER Y 116 -14.09 25.14 -3.32
C SER Y 116 -14.55 23.97 -2.50
N GLU Y 117 -14.50 24.09 -1.16
CA GLU Y 117 -15.07 23.08 -0.26
C GLU Y 117 -16.57 23.12 -0.18
N GLY Y 118 -17.15 24.23 -0.62
CA GLY Y 118 -18.60 24.45 -0.59
C GLY Y 118 -19.13 25.53 0.34
N ASN Y 119 -18.23 26.16 1.11
CA ASN Y 119 -18.65 27.19 2.05
C ASN Y 119 -19.11 28.41 1.33
N ARG Y 120 -20.18 28.99 1.84
CA ARG Y 120 -20.64 30.31 1.43
C ARG Y 120 -21.22 30.96 2.66
N ILE Y 121 -20.53 31.97 3.17
CA ILE Y 121 -20.98 32.67 4.37
C ILE Y 121 -20.81 34.16 4.22
N SER Y 122 -21.73 34.89 4.86
CA SER Y 122 -21.69 36.34 4.93
C SER Y 122 -20.96 36.71 6.21
N GLY Y 123 -20.27 37.84 6.23
CA GLY Y 123 -19.68 38.29 7.47
C GLY Y 123 -19.10 39.68 7.40
N ALA Y 124 -18.72 40.19 8.57
CA ALA Y 124 -18.19 41.53 8.70
C ALA Y 124 -16.75 41.65 8.17
N THR Y 125 -15.92 40.66 8.51
CA THR Y 125 -14.52 40.66 8.13
C THR Y 125 -14.14 39.25 7.71
N PHE Y 126 -13.19 39.14 6.79
CA PHE Y 126 -12.59 37.86 6.41
C PHE Y 126 -11.13 38.06 6.02
N SER Y 127 -10.33 37.00 6.21
CA SER Y 127 -9.01 36.88 5.58
C SER Y 127 -8.86 35.45 5.04
N VAL Y 128 -8.20 35.33 3.89
CA VAL Y 128 -8.16 34.06 3.14
C VAL Y 128 -6.78 33.90 2.50
N GLY Y 129 -6.26 32.67 2.54
CA GLY Y 129 -4.94 32.34 2.00
C GLY Y 129 -3.96 31.83 3.06
N SER Y 130 -2.78 31.45 2.60
CA SER Y 130 -1.74 30.91 3.46
C SER Y 130 -1.38 31.88 4.57
N GLY Y 131 -1.42 33.18 4.27
CA GLY Y 131 -1.14 34.23 5.26
C GLY Y 131 -2.30 34.73 6.10
N SER Y 132 -3.48 34.15 5.95
CA SER Y 132 -4.68 34.73 6.57
C SER Y 132 -4.59 34.83 8.10
N VAL Y 133 -4.06 33.80 8.74
CA VAL Y 133 -3.86 33.80 10.20
C VAL Y 133 -3.07 35.02 10.73
N TYR Y 134 -2.05 35.43 9.99
CA TYR Y 134 -1.25 36.61 10.33
C TYR Y 134 -2.04 37.91 10.13
N ALA Y 135 -2.82 37.98 9.04
CA ALA Y 135 -3.66 39.13 8.81
C ALA Y 135 -4.84 39.22 9.81
N TYR Y 136 -5.42 38.10 10.23
CA TYR Y 136 -6.53 38.17 11.20
C TYR Y 136 -6.07 38.80 12.49
N GLY Y 137 -4.86 38.46 12.92
CA GLY Y 137 -4.28 39.00 14.12
C GLY Y 137 -4.30 40.51 14.15
N VAL Y 138 -3.69 41.15 13.16
CA VAL Y 138 -3.63 42.62 13.17
C VAL Y 138 -4.98 43.21 12.80
N MET Y 139 -5.64 42.68 11.76
CA MET Y 139 -6.97 43.19 11.38
C MET Y 139 -7.92 43.19 12.57
N ASP Y 140 -8.00 42.07 13.30
CA ASP Y 140 -8.93 41.95 14.40
C ASP Y 140 -8.66 42.98 15.49
N ARG Y 141 -7.37 43.27 15.76
CA ARG Y 141 -7.02 44.18 16.85
CA ARG Y 141 -6.99 44.18 16.85
C ARG Y 141 -7.25 45.65 16.48
N GLY Y 142 -7.22 45.97 15.19
CA GLY Y 142 -7.51 47.33 14.71
C GLY Y 142 -8.91 47.63 14.14
N TYR Y 143 -9.71 46.59 13.90
CA TYR Y 143 -11.00 46.77 13.25
C TYR Y 143 -12.03 47.41 14.15
N SER Y 144 -12.91 48.19 13.52
CA SER Y 144 -14.13 48.75 14.12
C SER Y 144 -15.02 49.18 12.97
N TYR Y 145 -16.33 49.07 13.16
CA TYR Y 145 -17.31 49.52 12.15
C TYR Y 145 -17.17 51.03 11.89
N ASP Y 146 -16.85 51.79 12.94
CA ASP Y 146 -16.76 53.23 12.85
C ASP Y 146 -15.37 53.75 12.57
N LEU Y 147 -14.55 52.94 11.89
CA LEU Y 147 -13.27 53.37 11.35
C LEU Y 147 -13.48 54.50 10.35
N GLU Y 148 -12.69 55.55 10.47
CA GLU Y 148 -12.58 56.57 9.42
C GLU Y 148 -11.88 55.95 8.21
N VAL Y 149 -12.19 56.48 7.03
CA VAL Y 149 -11.78 55.87 5.76
C VAL Y 149 -10.28 55.65 5.68
N GLU Y 150 -9.49 56.68 5.97
CA GLU Y 150 -8.03 56.58 5.91
C GLU Y 150 -7.47 55.60 6.96
N GLN Y 151 -8.09 55.53 8.13
CA GLN Y 151 -7.70 54.55 9.15
C GLN Y 151 -7.93 53.14 8.63
N ALA Y 152 -9.06 52.93 7.95
CA ALA Y 152 -9.41 51.64 7.37
C ALA Y 152 -8.45 51.22 6.26
N TYR Y 153 -8.05 52.17 5.42
CA TYR Y 153 -7.01 51.91 4.42
C TYR Y 153 -5.68 51.50 5.09
N ASP Y 154 -5.29 52.18 6.17
CA ASP Y 154 -4.06 51.86 6.90
C ASP Y 154 -4.10 50.46 7.52
N LEU Y 155 -5.24 50.06 8.06
CA LEU Y 155 -5.40 48.78 8.70
C LEU Y 155 -5.24 47.62 7.73
N ALA Y 156 -6.00 47.69 6.64
CA ALA Y 156 -5.95 46.71 5.55
C ALA Y 156 -4.53 46.54 5.02
N ARG Y 157 -3.87 47.67 4.80
CA ARG Y 157 -2.55 47.70 4.23
C ARG Y 157 -1.50 47.09 5.21
N ARG Y 158 -1.62 47.42 6.50
CA ARG Y 158 -0.73 46.89 7.53
C ARG Y 158 -0.96 45.39 7.75
N ALA Y 159 -2.22 44.97 7.83
CA ALA Y 159 -2.56 43.54 7.98
C ALA Y 159 -1.95 42.67 6.87
N ILE Y 160 -2.05 43.13 5.63
CA ILE Y 160 -1.43 42.40 4.52
C ILE Y 160 0.08 42.47 4.66
N TYR Y 161 0.62 43.64 4.94
CA TYR Y 161 2.06 43.78 5.13
C TYR Y 161 2.62 42.77 6.14
N GLN Y 162 1.99 42.71 7.32
CA GLN Y 162 2.41 41.82 8.40
C GLN Y 162 2.32 40.35 7.98
N ALA Y 163 1.25 39.99 7.27
CA ALA Y 163 1.19 38.66 6.65
C ALA Y 163 2.36 38.38 5.72
N THR Y 164 2.75 39.34 4.88
CA THR Y 164 3.90 39.12 3.96
C THR Y 164 5.23 38.86 4.73
N TYR Y 165 5.36 39.48 5.90
CA TYR Y 165 6.54 39.33 6.76
C TYR Y 165 6.74 37.91 7.33
N ARG Y 166 5.70 37.36 7.95
CA ARG Y 166 5.74 36.00 8.50
C ARG Y 166 5.61 34.86 7.50
N ASP Y 167 4.75 35.03 6.50
CA ASP Y 167 4.35 33.94 5.59
C ASP Y 167 5.19 33.94 4.33
N ALA Y 168 5.99 32.89 4.15
CA ALA Y 168 6.85 32.75 2.99
C ALA Y 168 6.12 32.90 1.65
N TYR Y 169 4.86 32.47 1.64
CA TYR Y 169 4.08 32.41 0.43
C TYR Y 169 3.24 33.64 0.17
N SER Y 170 3.50 34.73 0.89
CA SER Y 170 2.88 36.03 0.58
C SER Y 170 3.95 37.10 0.40
N GLY Y 171 3.67 38.09 -0.44
CA GLY Y 171 4.61 39.17 -0.68
C GLY Y 171 4.32 39.92 -1.95
N GLY Y 172 5.30 40.70 -2.38
CA GLY Y 172 5.19 41.53 -3.57
C GLY Y 172 4.75 42.93 -3.23
N ALA Y 173 3.47 43.20 -3.44
CA ALA Y 173 2.91 44.51 -3.19
C ALA Y 173 1.54 44.34 -2.60
N VAL Y 174 1.10 45.33 -1.86
CA VAL Y 174 -0.22 45.32 -1.32
C VAL Y 174 -1.09 46.20 -2.22
N ASN Y 175 -2.21 45.63 -2.68
CA ASN Y 175 -3.12 46.30 -3.56
C ASN Y 175 -4.42 46.45 -2.79
N LEU Y 176 -4.92 47.68 -2.75
CA LEU Y 176 -6.01 48.05 -1.87
C LEU Y 176 -7.15 48.68 -2.68
N TYR Y 177 -8.38 48.26 -2.38
CA TYR Y 177 -9.58 48.72 -3.04
C TYR Y 177 -10.63 49.10 -2.01
N HIS Y 178 -11.59 49.92 -2.47
CA HIS Y 178 -12.67 50.39 -1.64
C HIS Y 178 -13.97 50.37 -2.44
N VAL Y 179 -14.92 49.53 -2.00
CA VAL Y 179 -16.24 49.50 -2.58
C VAL Y 179 -17.09 50.54 -1.88
N ARG Y 180 -17.46 51.59 -2.61
CA ARG Y 180 -18.35 52.66 -2.13
C ARG Y 180 -19.70 52.49 -2.81
N GLU Y 181 -20.68 53.29 -2.38
CA GLU Y 181 -22.08 53.15 -2.84
C GLU Y 181 -22.24 53.38 -4.35
N ASP Y 182 -21.42 54.25 -4.92
CA ASP Y 182 -21.43 54.53 -6.37
C ASP Y 182 -20.34 53.78 -7.17
N GLY Y 183 -19.88 52.64 -6.66
CA GLY Y 183 -18.87 51.82 -7.33
C GLY Y 183 -17.59 51.69 -6.51
N TRP Y 184 -16.72 50.76 -6.92
CA TRP Y 184 -15.43 50.55 -6.26
C TRP Y 184 -14.41 51.49 -6.86
N ILE Y 185 -13.40 51.81 -6.06
CA ILE Y 185 -12.20 52.50 -6.55
C ILE Y 185 -10.94 51.72 -6.16
N ARG Y 186 -9.89 51.92 -6.95
CA ARG Y 186 -8.57 51.38 -6.70
CA ARG Y 186 -8.55 51.37 -6.67
C ARG Y 186 -7.79 52.42 -5.89
N VAL Y 187 -7.51 52.13 -4.62
CA VAL Y 187 -6.96 53.13 -3.70
C VAL Y 187 -5.44 53.24 -3.76
N SER Y 188 -4.73 52.10 -3.86
CA SER Y 188 -3.26 52.13 -3.86
C SER Y 188 -2.65 50.78 -4.19
N SER Y 189 -1.44 50.84 -4.79
CA SER Y 189 -0.53 49.71 -4.92
C SER Y 189 0.84 50.10 -4.31
N ASP Y 190 1.15 49.52 -3.16
CA ASP Y 190 2.43 49.77 -2.49
C ASP Y 190 3.32 48.51 -2.38
N ASN Y 191 4.53 48.60 -2.90
CA ASN Y 191 5.48 47.52 -2.74
C ASN Y 191 5.79 47.33 -1.26
N VAL Y 192 5.84 46.07 -0.84
CA VAL Y 192 6.19 45.68 0.55
C VAL Y 192 7.54 46.22 1.01
N ALA Y 193 8.51 46.29 0.09
CA ALA Y 193 9.81 46.89 0.35
C ALA Y 193 9.73 48.37 0.73
N ASP Y 194 8.89 49.12 0.00
CA ASP Y 194 8.62 50.52 0.34
C ASP Y 194 7.83 50.67 1.66
N LEU Y 195 6.88 49.76 1.93
CA LEU Y 195 6.14 49.77 3.21
C LEU Y 195 7.02 49.46 4.43
N HIS Y 196 8.00 48.58 4.27
CA HIS Y 196 8.95 48.23 5.35
C HIS Y 196 9.79 49.44 5.77
N GLU Y 197 10.24 50.19 4.77
CA GLU Y 197 10.90 51.48 5.00
C GLU Y 197 10.07 52.31 5.97
N LYS Y 198 8.78 52.43 5.65
CA LYS Y 198 7.85 53.26 6.40
C LYS Y 198 7.55 52.77 7.83
N TYR Y 199 7.12 51.54 8.01
CA TYR Y 199 6.61 51.07 9.32
C TYR Y 199 7.67 50.81 10.42
N SER Y 200 7.37 50.68 11.74
CA SER Y 200 6.31 51.37 12.59
C SER Y 200 5.84 50.59 13.89
N GLY Y 201 6.78 50.14 14.73
CA GLY Y 201 6.40 49.54 16.02
C GLY Y 201 5.81 50.63 16.98
N ARG Z 1 0.84 0.64 -13.98
CA ARG Z 1 0.67 2.09 -14.27
C ARG Z 1 1.47 2.50 -15.53
N PHE Z 2 0.78 2.44 -16.67
CA PHE Z 2 1.12 3.25 -17.82
C PHE Z 2 1.05 4.71 -17.39
N SER Z 3 2.11 5.51 -17.62
CA SER Z 3 2.02 6.98 -17.47
C SER Z 3 1.92 7.66 -18.83
N PRO Z 4 0.91 8.55 -18.98
CA PRO Z 4 0.70 9.28 -20.23
C PRO Z 4 1.61 10.48 -20.42
N TYR Z 5 2.51 10.76 -19.48
CA TYR Z 5 3.45 11.88 -19.58
C TYR Z 5 4.88 11.41 -19.55
N VAL Z 6 5.74 12.27 -20.04
CA VAL Z 6 7.18 12.08 -19.99
C VAL Z 6 7.76 13.49 -20.14
N PHE Z 7 8.87 13.79 -19.47
CA PHE Z 7 9.45 15.11 -19.54
C PHE Z 7 10.45 15.17 -20.69
N ASN Z 8 10.29 16.11 -21.62
CA ASN Z 8 11.20 16.16 -22.77
C ASN Z 8 12.10 17.40 -22.78
N GLY Z 9 12.01 18.22 -21.74
CA GLY Z 9 12.95 19.31 -21.56
C GLY Z 9 12.58 20.56 -22.30
N GLY Z 10 13.53 21.47 -22.37
CA GLY Z 10 13.31 22.71 -23.08
C GLY Z 10 13.13 23.89 -22.16
N THR Z 11 13.82 24.97 -22.53
CA THR Z 11 13.77 26.24 -21.84
C THR Z 11 13.29 27.31 -22.84
N ILE Z 12 12.36 28.14 -22.39
CA ILE Z 12 11.78 29.22 -23.19
C ILE Z 12 11.89 30.54 -22.46
N LEU Z 13 11.87 31.60 -23.25
CA LEU Z 13 12.09 32.95 -22.78
C LEU Z 13 11.40 33.92 -23.73
N ALA Z 14 10.69 34.91 -23.19
CA ALA Z 14 10.19 36.05 -23.98
C ALA Z 14 10.46 37.39 -23.30
N ILE Z 15 10.83 38.37 -24.12
CA ILE Z 15 11.07 39.74 -23.67
C ILE Z 15 10.22 40.69 -24.53
N ALA Z 16 9.51 41.61 -23.87
CA ALA Z 16 8.78 42.71 -24.52
C ALA Z 16 9.59 44.00 -24.56
N GLY Z 17 9.81 44.51 -25.75
CA GLY Z 17 10.36 45.86 -25.93
C GLY Z 17 9.27 46.90 -26.15
N GLU Z 18 9.72 48.13 -26.40
CA GLU Z 18 8.84 49.23 -26.70
C GLU Z 18 8.22 48.99 -28.08
N ASP Z 19 8.99 48.48 -29.04
CA ASP Z 19 8.50 48.20 -30.40
C ASP Z 19 8.90 46.81 -30.93
N PHE Z 20 9.14 45.86 -30.03
CA PHE Z 20 9.54 44.52 -30.44
C PHE Z 20 9.16 43.51 -29.38
N ALA Z 21 9.15 42.24 -29.78
CA ALA Z 21 9.08 41.12 -28.84
C ALA Z 21 10.13 40.09 -29.26
N ILE Z 22 10.74 39.43 -28.27
CA ILE Z 22 11.65 38.30 -28.50
C ILE Z 22 11.04 37.05 -27.87
N VAL Z 23 11.10 35.93 -28.59
CA VAL Z 23 10.80 34.65 -28.01
C VAL Z 23 11.95 33.75 -28.40
N ALA Z 24 12.54 33.13 -27.37
CA ALA Z 24 13.75 32.34 -27.53
C ALA Z 24 13.57 30.99 -26.86
N SER Z 25 14.21 29.98 -27.42
CA SER Z 25 14.20 28.62 -26.88
C SER Z 25 15.45 27.87 -27.27
N ASP Z 26 15.82 26.87 -26.47
CA ASP Z 26 16.90 25.95 -26.87
C ASP Z 26 16.31 24.88 -27.81
N THR Z 27 17.16 24.13 -28.50
CA THR Z 27 16.70 23.17 -29.52
C THR Z 27 16.82 21.70 -29.13
N ARG Z 28 17.11 21.40 -27.86
CA ARG Z 28 17.34 20.02 -27.45
C ARG Z 28 16.03 19.38 -27.07
N LEU Z 29 15.79 18.17 -27.56
CA LEU Z 29 14.68 17.37 -27.11
C LEU Z 29 15.22 16.12 -26.42
N SER Z 30 14.82 15.93 -25.17
CA SER Z 30 15.39 14.89 -24.31
C SER Z 30 14.36 13.87 -23.90
N GLU Z 31 14.83 12.77 -23.37
CA GLU Z 31 14.01 11.81 -22.67
C GLU Z 31 14.93 10.97 -21.79
N GLY Z 32 14.64 10.94 -20.50
CA GLY Z 32 15.48 10.26 -19.51
C GLY Z 32 16.87 10.87 -19.46
N PHE Z 33 17.88 10.07 -19.73
CA PHE Z 33 19.26 10.57 -19.82
C PHE Z 33 19.73 10.70 -21.27
N SER Z 34 18.82 10.62 -22.23
CA SER Z 34 19.13 10.59 -23.67
C SER Z 34 18.66 11.84 -24.37
N ILE Z 35 19.28 12.09 -25.53
CA ILE Z 35 18.85 13.14 -26.42
C ILE Z 35 18.15 12.48 -27.62
N HIS Z 36 16.91 12.89 -27.85
CA HIS Z 36 16.16 12.48 -29.05
C HIS Z 36 16.75 13.16 -30.27
N THR Z 37 16.82 14.49 -30.22
CA THR Z 37 17.40 15.28 -31.32
C THR Z 37 17.97 16.57 -30.82
N ARG Z 38 18.98 17.06 -31.53
CA ARG Z 38 19.58 18.35 -31.22
C ARG Z 38 18.92 19.56 -31.91
N ASP Z 39 17.91 19.31 -32.75
CA ASP Z 39 17.31 20.35 -33.61
C ASP Z 39 15.77 20.27 -33.56
N SER Z 40 15.21 20.65 -32.43
CA SER Z 40 13.78 20.59 -32.17
C SER Z 40 13.49 21.86 -31.41
N PRO Z 41 13.22 22.95 -32.15
CA PRO Z 41 12.85 24.22 -31.52
C PRO Z 41 11.46 24.19 -30.91
N LYS Z 42 11.27 25.13 -30.01
CA LYS Z 42 10.09 25.21 -29.18
C LYS Z 42 9.28 26.48 -29.45
N CYS Z 43 9.72 27.25 -30.44
CA CYS Z 43 9.00 28.42 -30.89
CA CYS Z 43 9.04 28.44 -30.94
C CYS Z 43 8.10 28.01 -32.07
N TYR Z 44 6.90 28.58 -32.13
CA TYR Z 44 5.95 28.30 -33.22
C TYR Z 44 5.34 29.63 -33.67
N LYS Z 45 5.37 29.90 -34.98
CA LYS Z 45 4.71 31.08 -35.53
C LYS Z 45 3.19 30.93 -35.47
N LEU Z 46 2.50 31.90 -34.88
CA LEU Z 46 1.03 31.89 -34.86
C LEU Z 46 0.41 32.86 -35.91
N THR Z 47 0.89 34.10 -35.94
CA THR Z 47 0.50 35.11 -36.92
C THR Z 47 1.75 35.87 -37.30
N ASP Z 48 1.62 36.83 -38.19
CA ASP Z 48 2.71 37.78 -38.51
C ASP Z 48 3.17 38.59 -37.29
N LYS Z 49 2.32 38.71 -36.26
CA LYS Z 49 2.58 39.50 -35.06
C LYS Z 49 2.80 38.67 -33.78
N THR Z 50 2.63 37.34 -33.83
CA THR Z 50 2.57 36.54 -32.62
C THR Z 50 3.31 35.18 -32.75
N VAL Z 51 4.17 34.91 -31.76
CA VAL Z 51 4.95 33.67 -31.69
C VAL Z 51 4.69 33.05 -30.32
N ILE Z 52 4.66 31.74 -30.25
CA ILE Z 52 4.47 31.05 -28.98
C ILE Z 52 5.66 30.10 -28.73
N GLY Z 53 6.11 30.02 -27.48
CA GLY Z 53 7.16 29.09 -27.05
C GLY Z 53 6.51 28.02 -26.21
N CYS Z 54 6.84 26.75 -26.47
CA CYS Z 54 6.29 25.61 -25.72
C CYS Z 54 7.33 24.56 -25.34
N SER Z 55 7.30 24.16 -24.07
CA SER Z 55 8.16 23.11 -23.54
C SER Z 55 7.42 22.24 -22.56
N GLY Z 56 7.95 21.06 -22.34
CA GLY Z 56 7.43 20.14 -21.33
C GLY Z 56 7.31 18.78 -22.00
N PHE Z 57 6.12 18.22 -21.97
CA PHE Z 57 5.86 16.93 -22.59
C PHE Z 57 5.63 17.20 -24.08
N HIS Z 58 6.51 16.67 -24.92
CA HIS Z 58 6.47 16.97 -26.35
C HIS Z 58 5.20 16.51 -27.05
N GLY Z 59 4.65 15.37 -26.67
CA GLY Z 59 3.38 14.91 -27.18
C GLY Z 59 2.29 15.98 -27.07
N ASP Z 60 2.26 16.66 -25.92
CA ASP Z 60 1.30 17.73 -25.68
C ASP Z 60 1.70 19.01 -26.38
N CYS Z 61 3.00 19.28 -26.49
CA CYS Z 61 3.43 20.44 -27.23
C CYS Z 61 2.93 20.39 -28.67
N LEU Z 62 3.06 19.23 -29.30
CA LEU Z 62 2.63 19.07 -30.66
C LEU Z 62 1.11 19.22 -30.77
N THR Z 63 0.38 18.51 -29.93
CA THR Z 63 -1.07 18.51 -29.98
C THR Z 63 -1.63 19.88 -29.73
N LEU Z 64 -1.12 20.57 -28.72
CA LEU Z 64 -1.64 21.88 -28.37
C LEU Z 64 -1.39 22.91 -29.47
N THR Z 65 -0.21 22.91 -30.07
CA THR Z 65 0.07 23.90 -31.11
C THR Z 65 -0.79 23.66 -32.38
N LYS Z 66 -1.10 22.41 -32.69
CA LYS Z 66 -1.98 22.08 -33.79
C LYS Z 66 -3.41 22.48 -33.51
N ILE Z 67 -3.85 22.34 -32.25
CA ILE Z 67 -5.14 22.90 -31.82
C ILE Z 67 -5.19 24.43 -31.98
N ILE Z 68 -4.14 25.10 -31.52
CA ILE Z 68 -4.08 26.57 -31.63
C ILE Z 68 -4.16 27.00 -33.09
N GLU Z 69 -3.41 26.32 -33.97
CA GLU Z 69 -3.42 26.63 -35.42
C GLU Z 69 -4.81 26.53 -36.02
N ALA Z 70 -5.52 25.46 -35.70
CA ALA Z 70 -6.91 25.27 -36.07
C ALA Z 70 -7.84 26.34 -35.50
N ARG Z 71 -7.67 26.70 -34.24
CA ARG Z 71 -8.52 27.73 -33.64
C ARG Z 71 -8.32 29.12 -34.24
N LEU Z 72 -7.11 29.44 -34.70
CA LEU Z 72 -6.81 30.70 -35.35
C LEU Z 72 -7.49 30.82 -36.71
N LYS Z 73 -7.47 29.75 -37.51
CA LYS Z 73 -8.21 29.74 -38.77
C LYS Z 73 -9.72 29.83 -38.55
N MET Z 74 -10.25 29.10 -37.57
CA MET Z 74 -11.67 29.18 -37.26
C MET Z 74 -12.04 30.59 -36.86
N TYR Z 75 -11.24 31.22 -35.98
CA TYR Z 75 -11.47 32.59 -35.60
C TYR Z 75 -11.51 33.49 -36.81
N LYS Z 76 -10.52 33.37 -37.69
CA LYS Z 76 -10.44 34.21 -38.87
C LYS Z 76 -11.68 34.04 -39.78
N HIS Z 77 -12.14 32.81 -39.93
CA HIS Z 77 -13.34 32.53 -40.70
C HIS Z 77 -14.63 33.10 -40.11
N SER Z 78 -14.80 33.07 -38.79
CA SER Z 78 -16.01 33.64 -38.17
C SER Z 78 -16.00 35.14 -38.09
N ASN Z 79 -14.82 35.74 -37.89
CA ASN Z 79 -14.71 37.17 -37.56
C ASN Z 79 -13.99 38.05 -38.63
N ASN Z 80 -13.43 37.45 -39.68
CA ASN Z 80 -12.76 38.18 -40.78
C ASN Z 80 -11.58 39.06 -40.42
N LYS Z 81 -10.82 38.64 -39.41
CA LYS Z 81 -9.58 39.28 -39.03
C LYS Z 81 -8.71 38.24 -38.32
N ALA Z 82 -7.40 38.47 -38.30
CA ALA Z 82 -6.50 37.64 -37.49
C ALA Z 82 -6.70 37.92 -36.00
N MET Z 83 -6.50 36.88 -35.21
CA MET Z 83 -6.53 36.99 -33.74
C MET Z 83 -5.41 37.88 -33.27
N THR Z 84 -5.72 38.80 -32.35
CA THR Z 84 -4.72 39.63 -31.71
C THR Z 84 -3.90 38.80 -30.76
N THR Z 85 -2.75 39.34 -30.38
CA THR Z 85 -1.87 38.64 -29.43
C THR Z 85 -2.63 38.39 -28.13
N GLY Z 86 -3.30 39.43 -27.64
CA GLY Z 86 -4.09 39.36 -26.43
C GLY Z 86 -5.24 38.37 -26.49
N ALA Z 87 -5.94 38.33 -27.63
CA ALA Z 87 -7.01 37.36 -27.83
C ALA Z 87 -6.49 35.91 -27.86
N ILE Z 88 -5.35 35.69 -28.49
CA ILE Z 88 -4.71 34.36 -28.50
C ILE Z 88 -4.40 33.93 -27.06
N ALA Z 89 -3.84 34.84 -26.27
CA ALA Z 89 -3.50 34.54 -24.89
C ALA Z 89 -4.76 34.17 -24.09
N ALA Z 90 -5.81 34.98 -24.26
CA ALA Z 90 -7.07 34.72 -23.58
C ALA Z 90 -7.69 33.38 -24.00
N MET Z 91 -7.58 33.05 -25.28
CA MET Z 91 -8.11 31.79 -25.79
C MET Z 91 -7.31 30.61 -25.25
N LEU Z 92 -5.99 30.75 -25.25
CA LEU Z 92 -5.13 29.66 -24.80
C LEU Z 92 -5.41 29.29 -23.38
N SER Z 93 -5.67 30.30 -22.55
CA SER Z 93 -6.10 30.07 -21.17
C SER Z 93 -7.29 29.12 -21.07
N THR Z 94 -8.31 29.33 -21.89
CA THR Z 94 -9.51 28.48 -21.91
C THR Z 94 -9.22 27.07 -22.44
N ILE Z 95 -8.32 26.96 -23.41
CA ILE Z 95 -7.95 25.66 -23.97
C ILE Z 95 -7.23 24.84 -22.90
N LEU Z 96 -6.30 25.47 -22.20
CA LEU Z 96 -5.57 24.80 -21.15
C LEU Z 96 -6.48 24.37 -20.02
N TYR Z 97 -7.46 25.21 -19.67
CA TYR Z 97 -8.40 24.87 -18.60
C TYR Z 97 -9.38 23.80 -19.02
N SER Z 98 -9.65 23.65 -20.32
CA SER Z 98 -10.56 22.60 -20.76
C SER Z 98 -10.05 21.19 -20.33
N ARG Z 99 -8.74 21.08 -20.19
CA ARG Z 99 -8.08 19.86 -19.72
C ARG Z 99 -7.62 20.00 -18.26
N ARG Z 100 -8.33 20.77 -17.45
CA ARG Z 100 -7.99 20.95 -16.05
C ARG Z 100 -7.80 19.65 -15.27
N PHE Z 101 -8.60 18.64 -15.58
CA PHE Z 101 -8.50 17.34 -14.91
C PHE Z 101 -7.69 16.29 -15.69
N PHE Z 102 -7.00 16.68 -16.77
CA PHE Z 102 -5.98 15.83 -17.45
C PHE Z 102 -5.08 16.76 -18.29
N PRO Z 103 -4.23 17.57 -17.62
CA PRO Z 103 -3.62 18.75 -18.25
C PRO Z 103 -2.70 18.49 -19.40
N TYR Z 104 -2.63 19.48 -20.29
CA TYR Z 104 -1.53 19.61 -21.19
C TYR Z 104 -0.34 19.91 -20.35
N TYR Z 105 0.63 19.00 -20.34
CA TYR Z 105 1.89 19.21 -19.65
C TYR Z 105 2.81 20.05 -20.52
N VAL Z 106 2.49 21.35 -20.59
CA VAL Z 106 3.16 22.27 -21.45
C VAL Z 106 3.34 23.57 -20.71
N TYR Z 107 4.49 24.21 -20.87
CA TYR Z 107 4.71 25.56 -20.35
C TYR Z 107 4.75 26.46 -21.54
N ASN Z 108 3.87 27.45 -21.55
CA ASN Z 108 3.72 28.34 -22.70
C ASN Z 108 4.11 29.76 -22.40
N ILE Z 109 4.84 30.36 -23.32
CA ILE Z 109 5.05 31.82 -23.28
C ILE Z 109 4.77 32.37 -24.67
N ILE Z 110 3.86 33.34 -24.74
CA ILE Z 110 3.51 34.05 -25.99
C ILE Z 110 4.27 35.36 -26.05
N GLY Z 111 4.87 35.64 -27.21
CA GLY Z 111 5.53 36.90 -27.46
C GLY Z 111 5.01 37.45 -28.76
N GLY Z 112 4.67 38.73 -28.75
CA GLY Z 112 4.16 39.38 -29.95
C GLY Z 112 3.96 40.86 -29.77
N LEU Z 113 3.33 41.49 -30.76
CA LEU Z 113 2.97 42.89 -30.67
C LEU Z 113 1.48 42.99 -30.31
N ASP Z 114 1.16 44.02 -29.53
CA ASP Z 114 -0.20 44.34 -29.19
C ASP Z 114 -0.76 45.29 -30.25
N GLU Z 115 -1.97 45.81 -30.00
CA GLU Z 115 -2.67 46.62 -31.00
C GLU Z 115 -2.07 48.02 -31.19
N GLU Z 116 -1.33 48.52 -30.22
CA GLU Z 116 -0.61 49.80 -30.39
C GLU Z 116 0.80 49.63 -31.00
N GLY Z 117 1.18 48.42 -31.39
CA GLY Z 117 2.50 48.15 -31.97
C GLY Z 117 3.58 47.82 -30.95
N LYS Z 118 3.20 47.71 -29.67
CA LYS Z 118 4.17 47.53 -28.58
C LYS Z 118 4.39 46.06 -28.23
N GLY Z 119 5.58 45.77 -27.71
CA GLY Z 119 5.91 44.43 -27.25
C GLY Z 119 4.96 43.92 -26.19
N ALA Z 120 4.60 42.65 -26.30
CA ALA Z 120 3.72 41.99 -25.36
C ALA Z 120 4.18 40.54 -25.11
N VAL Z 121 4.30 40.20 -23.82
CA VAL Z 121 4.58 38.86 -23.38
C VAL Z 121 3.47 38.41 -22.47
N TYR Z 122 2.98 37.20 -22.69
CA TYR Z 122 2.02 36.54 -21.78
C TYR Z 122 2.55 35.18 -21.41
N SER Z 123 2.54 34.84 -20.12
CA SER Z 123 3.08 33.57 -19.65
C SER Z 123 2.04 32.73 -18.92
N PHE Z 124 2.16 31.42 -19.08
CA PHE Z 124 1.12 30.47 -18.67
C PHE Z 124 1.65 29.34 -17.79
N ASP Z 125 0.78 28.86 -16.90
CA ASP Z 125 0.95 27.59 -16.26
C ASP Z 125 0.19 26.52 -17.06
N PRO Z 126 0.40 25.23 -16.76
CA PRO Z 126 -0.21 24.17 -17.61
C PRO Z 126 -1.74 24.13 -17.68
N VAL Z 127 -2.44 24.74 -16.72
CA VAL Z 127 -3.89 24.75 -16.71
C VAL Z 127 -4.45 26.16 -16.98
N GLY Z 128 -3.62 27.05 -17.50
CA GLY Z 128 -4.06 28.30 -18.10
C GLY Z 128 -4.04 29.57 -17.26
N SER Z 129 -3.46 29.52 -16.06
CA SER Z 129 -3.19 30.75 -15.32
C SER Z 129 -2.25 31.58 -16.17
N TYR Z 130 -2.56 32.86 -16.35
CA TYR Z 130 -1.70 33.74 -17.15
C TYR Z 130 -1.81 35.19 -16.76
N GLN Z 131 -0.82 35.94 -17.20
CA GLN Z 131 -0.84 37.38 -17.10
C GLN Z 131 0.14 37.96 -18.10
N ARG Z 132 0.09 39.28 -18.25
CA ARG Z 132 1.03 39.96 -19.08
C ARG Z 132 2.29 40.29 -18.26
N ASP Z 133 3.45 40.25 -18.89
CA ASP Z 133 4.75 40.51 -18.25
C ASP Z 133 5.60 41.35 -19.18
N SER Z 134 6.56 42.06 -18.64
CA SER Z 134 7.60 42.70 -19.45
C SER Z 134 8.58 41.66 -20.01
N PHE Z 135 8.84 40.60 -19.23
CA PHE Z 135 9.82 39.56 -19.57
C PHE Z 135 9.62 38.35 -18.69
N LYS Z 136 9.91 37.17 -19.24
CA LYS Z 136 9.62 35.93 -18.55
C LYS Z 136 10.40 34.75 -19.10
N ALA Z 137 10.94 33.93 -18.20
CA ALA Z 137 11.52 32.67 -18.55
C ALA Z 137 10.56 31.54 -18.15
N GLY Z 138 10.64 30.42 -18.85
CA GLY Z 138 9.82 29.25 -18.55
C GLY Z 138 10.53 27.94 -18.87
N GLY Z 139 10.01 26.85 -18.34
CA GLY Z 139 10.55 25.54 -18.63
C GLY Z 139 11.76 25.18 -17.80
N SER Z 140 12.55 24.26 -18.35
CA SER Z 140 13.56 23.53 -17.59
C SER Z 140 14.48 24.43 -16.75
N ALA Z 141 15.09 25.42 -17.38
CA ALA Z 141 16.05 26.31 -16.73
C ALA Z 141 15.49 27.66 -16.28
N SER Z 142 14.17 27.79 -16.12
CA SER Z 142 13.59 29.09 -15.77
C SER Z 142 14.14 29.71 -14.50
N ALA Z 143 14.41 28.88 -13.51
CA ALA Z 143 14.91 29.39 -12.23
C ALA Z 143 16.33 29.91 -12.38
N MET Z 144 17.06 29.44 -13.39
CA MET Z 144 18.36 29.99 -13.72
C MET Z 144 18.28 31.30 -14.48
N LEU Z 145 17.32 31.41 -15.41
CA LEU Z 145 17.21 32.60 -16.26
C LEU Z 145 16.55 33.79 -15.58
N GLN Z 146 15.47 33.53 -14.85
CA GLN Z 146 14.60 34.60 -14.35
C GLN Z 146 15.31 35.63 -13.46
N PRO Z 147 16.11 35.16 -12.47
CA PRO Z 147 16.72 36.10 -11.55
C PRO Z 147 17.63 37.12 -12.23
N LEU Z 148 18.44 36.68 -13.17
CA LEU Z 148 19.30 37.63 -13.89
C LEU Z 148 18.45 38.66 -14.66
N LEU Z 149 17.32 38.22 -15.23
CA LEU Z 149 16.43 39.14 -15.96
C LEU Z 149 15.80 40.14 -15.01
N ASP Z 150 15.34 39.65 -13.85
CA ASP Z 150 14.84 40.53 -12.81
C ASP Z 150 15.85 41.63 -12.49
N ASN Z 151 17.11 41.24 -12.41
CA ASN Z 151 18.18 42.14 -12.05
C ASN Z 151 18.49 43.11 -13.17
N GLN Z 152 18.69 42.60 -14.37
CA GLN Z 152 19.24 43.38 -15.47
C GLN Z 152 18.19 44.10 -16.32
N VAL Z 153 16.98 43.55 -16.42
CA VAL Z 153 15.88 44.16 -17.17
C VAL Z 153 14.95 44.92 -16.23
N GLY Z 154 14.65 44.33 -15.08
CA GLY Z 154 13.82 44.95 -14.07
C GLY Z 154 14.55 45.93 -13.16
N PHE Z 155 15.89 45.95 -13.25
CA PHE Z 155 16.76 46.81 -12.42
C PHE Z 155 16.60 46.57 -10.92
N LYS Z 156 16.30 45.34 -10.54
CA LYS Z 156 16.04 45.02 -9.13
C LYS Z 156 17.32 44.91 -8.28
N ASN Z 157 17.20 45.31 -7.01
CA ASN Z 157 18.29 45.36 -6.04
C ASN Z 157 19.44 46.30 -6.42
N MET Z 158 19.24 47.15 -7.42
CA MET Z 158 20.27 48.11 -7.87
C MET Z 158 19.91 49.52 -7.42
N GLN Z 159 20.86 50.22 -6.82
CA GLN Z 159 20.69 51.63 -6.44
C GLN Z 159 21.48 52.51 -7.39
N ASN Z 160 21.04 53.78 -7.55
CA ASN Z 160 21.76 54.79 -8.32
C ASN Z 160 22.07 54.35 -9.78
N VAL Z 161 21.02 53.84 -10.46
CA VAL Z 161 21.09 53.41 -11.87
C VAL Z 161 19.86 53.93 -12.63
N GLU Z 162 20.08 54.60 -13.77
CA GLU Z 162 18.99 55.13 -14.60
C GLU Z 162 18.19 53.98 -15.23
N HIS Z 163 16.88 53.99 -15.00
CA HIS Z 163 15.96 52.96 -15.53
C HIS Z 163 15.62 53.22 -17.03
N VAL Z 164 16.62 53.10 -17.89
CA VAL Z 164 16.48 53.41 -19.33
C VAL Z 164 15.60 52.37 -20.06
N PRO Z 165 15.08 52.71 -21.26
CA PRO Z 165 14.33 51.72 -22.05
C PRO Z 165 15.25 50.60 -22.61
N LEU Z 166 14.70 49.40 -22.72
CA LEU Z 166 15.46 48.23 -23.13
C LEU Z 166 15.64 48.24 -24.65
N SER Z 167 16.88 48.41 -25.11
CA SER Z 167 17.16 48.35 -26.54
C SER Z 167 17.11 46.89 -27.00
N LEU Z 168 16.88 46.69 -28.29
CA LEU Z 168 16.88 45.37 -28.89
C LEU Z 168 18.25 44.68 -28.75
N ASP Z 169 19.32 45.44 -29.01
CA ASP Z 169 20.70 44.93 -28.93
C ASP Z 169 21.01 44.40 -27.53
N ARG Z 170 20.63 45.17 -26.50
CA ARG Z 170 20.86 44.74 -25.14
C ARG Z 170 19.95 43.57 -24.79
N ALA Z 171 18.68 43.64 -25.17
CA ALA Z 171 17.76 42.51 -24.97
C ALA Z 171 18.34 41.25 -25.60
N MET Z 172 18.93 41.41 -26.77
CA MET Z 172 19.51 40.29 -27.51
C MET Z 172 20.75 39.70 -26.83
N ARG Z 173 21.63 40.58 -26.32
CA ARG Z 173 22.85 40.16 -25.61
C ARG Z 173 22.48 39.40 -24.34
N LEU Z 174 21.50 39.92 -23.62
CA LEU Z 174 20.94 39.22 -22.45
C LEU Z 174 20.43 37.82 -22.76
N VAL Z 175 19.62 37.69 -23.82
CA VAL Z 175 19.01 36.40 -24.20
C VAL Z 175 20.10 35.35 -24.44
N LYS Z 176 21.15 35.73 -25.14
CA LYS Z 176 22.25 34.83 -25.40
C LYS Z 176 23.02 34.44 -24.12
N ASP Z 177 23.30 35.43 -23.26
CA ASP Z 177 24.03 35.19 -22.01
C ASP Z 177 23.31 34.26 -21.04
N VAL Z 178 22.02 34.51 -20.76
CA VAL Z 178 21.27 33.64 -19.85
C VAL Z 178 21.19 32.18 -20.32
N PHE Z 179 21.08 31.97 -21.63
CA PHE Z 179 21.01 30.60 -22.16
C PHE Z 179 22.36 29.87 -22.10
N ILE Z 180 23.43 30.60 -22.36
CA ILE Z 180 24.80 30.12 -22.24
C ILE Z 180 25.13 29.74 -20.79
N SER Z 181 24.65 30.54 -19.85
CA SER Z 181 24.79 30.26 -18.42
C SER Z 181 23.93 29.07 -18.00
N ALA Z 182 22.73 28.98 -18.55
CA ALA Z 182 21.87 27.83 -18.25
C ALA Z 182 22.47 26.55 -18.81
N ALA Z 183 23.10 26.66 -19.98
CA ALA Z 183 23.70 25.51 -20.64
C ALA Z 183 24.83 24.89 -19.83
N GLU Z 184 25.46 25.68 -18.97
CA GLU Z 184 26.51 25.20 -18.08
C GLU Z 184 26.00 24.23 -17.01
N ARG Z 185 24.75 24.41 -16.59
CA ARG Z 185 24.24 23.77 -15.38
C ARG Z 185 23.01 22.89 -15.55
N ASP Z 186 22.00 23.34 -16.28
CA ASP Z 186 20.84 22.50 -16.56
C ASP Z 186 21.23 21.48 -17.61
N VAL Z 187 21.08 20.19 -17.30
CA VAL Z 187 21.47 19.12 -18.25
C VAL Z 187 20.54 19.06 -19.48
N TYR Z 188 19.30 19.51 -19.33
CA TYR Z 188 18.38 19.54 -20.47
C TYR Z 188 18.63 20.64 -21.52
N THR Z 189 19.26 21.74 -21.12
CA THR Z 189 19.38 22.90 -21.97
C THR Z 189 20.67 22.87 -22.72
N GLY Z 190 20.60 22.79 -24.04
CA GLY Z 190 21.81 22.85 -24.82
C GLY Z 190 21.57 22.75 -26.30
N ASP Z 191 22.66 22.50 -27.03
CA ASP Z 191 22.72 22.31 -28.49
C ASP Z 191 22.68 23.61 -29.27
N ALA Z 192 21.55 24.29 -29.25
CA ALA Z 192 21.44 25.58 -29.94
C ALA Z 192 20.34 26.43 -29.33
N LEU Z 193 20.55 27.74 -29.41
CA LEU Z 193 19.56 28.74 -29.01
C LEU Z 193 18.91 29.29 -30.29
N ARG Z 194 17.58 29.31 -30.34
CA ARG Z 194 16.82 29.86 -31.48
C ARG Z 194 16.06 31.08 -30.97
N ILE Z 195 16.29 32.22 -31.64
CA ILE Z 195 15.69 33.50 -31.24
C ILE Z 195 14.79 34.03 -32.36
N CYS Z 196 13.54 34.34 -32.03
CA CYS Z 196 12.59 34.95 -32.99
C CYS Z 196 12.40 36.40 -32.56
N ILE Z 197 12.62 37.35 -33.46
CA ILE Z 197 12.37 38.76 -33.16
C ILE Z 197 11.12 39.24 -33.94
N VAL Z 198 10.08 39.63 -33.21
CA VAL Z 198 8.85 40.14 -33.80
C VAL Z 198 8.86 41.66 -33.81
N THR Z 199 8.75 42.27 -35.00
CA THR Z 199 8.63 43.72 -35.16
C THR Z 199 7.50 44.02 -36.16
N LYS Z 200 7.23 45.28 -36.44
CA LYS Z 200 6.21 45.64 -37.45
C LYS Z 200 6.59 45.19 -38.86
N GLU Z 201 7.89 45.10 -39.13
CA GLU Z 201 8.39 44.54 -40.41
C GLU Z 201 8.17 43.03 -40.53
N GLY Z 202 8.03 42.33 -39.41
CA GLY Z 202 7.75 40.90 -39.39
C GLY Z 202 8.61 40.15 -38.38
N ILE Z 203 8.86 38.88 -38.68
CA ILE Z 203 9.52 37.95 -37.76
C ILE Z 203 10.85 37.48 -38.35
N ARG Z 204 11.96 37.80 -37.70
CA ARG Z 204 13.25 37.26 -38.13
C ARG Z 204 13.86 36.36 -37.06
N GLU Z 205 14.86 35.61 -37.50
CA GLU Z 205 15.31 34.43 -36.84
C GLU Z 205 16.82 34.50 -36.75
N GLU Z 206 17.35 34.49 -35.52
CA GLU Z 206 18.80 34.28 -35.27
C GLU Z 206 18.96 32.92 -34.62
N THR Z 207 20.11 32.29 -34.84
CA THR Z 207 20.46 31.05 -34.11
C THR Z 207 21.93 31.03 -33.66
N VAL Z 208 22.14 30.66 -32.40
CA VAL Z 208 23.49 30.56 -31.85
C VAL Z 208 23.74 29.20 -31.21
N SER Z 209 24.97 28.74 -31.38
CA SER Z 209 25.40 27.45 -30.90
C SER Z 209 25.50 27.39 -29.37
N LEU Z 210 25.03 26.29 -28.78
CA LEU Z 210 25.25 26.01 -27.36
C LEU Z 210 26.03 24.71 -27.20
N ARG Z 211 26.57 24.50 -26.00
CA ARG Z 211 27.27 23.25 -25.67
C ARG Z 211 26.48 21.99 -26.02
N LYS Z 212 27.14 21.02 -26.64
CA LYS Z 212 26.52 19.77 -27.07
C LYS Z 212 26.53 18.62 -26.03
N ASP Z 213 27.22 18.81 -24.90
CA ASP Z 213 27.26 17.80 -23.83
C ASP Z 213 26.03 17.87 -22.90
N THR AA 1 -3.38 -1.53 -25.09
CA THR AA 1 -2.44 -2.42 -24.34
C THR AA 1 -1.98 -1.76 -23.05
N GLN AA 2 -2.32 -2.37 -21.93
CA GLN AA 2 -1.73 -2.05 -20.63
C GLN AA 2 -0.43 -2.85 -20.42
N ASN AA 3 -0.46 -4.15 -20.74
CA ASN AA 3 0.67 -5.05 -20.60
C ASN AA 3 1.12 -5.69 -21.89
N PRO AA 4 2.27 -5.28 -22.45
CA PRO AA 4 2.75 -5.94 -23.69
C PRO AA 4 3.00 -7.46 -23.55
N MET AA 5 2.86 -8.21 -24.63
CA MET AA 5 3.07 -9.66 -24.62
C MET AA 5 4.24 -9.99 -25.54
N VAL AA 6 4.05 -10.37 -26.79
CA VAL AA 6 5.18 -10.62 -27.66
C VAL AA 6 5.70 -9.26 -28.13
N THR AA 7 7.00 -9.02 -28.01
CA THR AA 7 7.58 -7.69 -28.25
C THR AA 7 8.83 -7.77 -29.11
N GLY AA 8 9.13 -6.65 -29.77
CA GLY AA 8 10.28 -6.55 -30.65
C GLY AA 8 11.19 -5.49 -30.10
N THR AA 9 12.47 -5.60 -30.39
CA THR AA 9 13.46 -4.67 -29.85
C THR AA 9 13.73 -3.53 -30.84
N SER AA 10 14.96 -3.03 -30.87
CA SER AA 10 15.33 -1.84 -31.61
C SER AA 10 14.96 -1.84 -33.10
N VAL AA 11 14.64 -0.65 -33.60
CA VAL AA 11 14.58 -0.37 -35.01
C VAL AA 11 15.53 0.78 -35.27
N LEU AA 12 16.37 0.63 -36.29
CA LEU AA 12 17.31 1.66 -36.69
C LEU AA 12 16.88 2.31 -37.98
N GLY AA 13 17.24 3.58 -38.17
CA GLY AA 13 17.03 4.28 -39.43
C GLY AA 13 18.10 5.31 -39.67
N VAL AA 14 18.53 5.44 -40.93
CA VAL AA 14 19.45 6.50 -41.30
C VAL AA 14 19.22 6.98 -42.74
N LYS AA 15 19.27 8.30 -42.91
CA LYS AA 15 19.18 8.91 -44.22
C LYS AA 15 20.49 8.76 -44.98
N PHE AA 16 20.36 8.55 -46.28
CA PHE AA 16 21.48 8.66 -47.22
C PHE AA 16 21.08 9.49 -48.43
N GLU AA 17 22.06 9.83 -49.26
CA GLU AA 17 21.83 10.63 -50.45
C GLU AA 17 21.01 9.82 -51.44
N GLY AA 18 19.71 10.18 -51.51
CA GLY AA 18 18.75 9.54 -52.37
C GLY AA 18 17.85 8.51 -51.71
N GLY AA 19 17.78 8.50 -50.40
CA GLY AA 19 16.97 7.50 -49.75
C GLY AA 19 17.15 7.40 -48.27
N VAL AA 20 16.54 6.35 -47.73
CA VAL AA 20 16.51 6.09 -46.32
C VAL AA 20 16.58 4.58 -46.20
N VAL AA 21 17.36 4.13 -45.21
CA VAL AA 21 17.46 2.70 -44.89
C VAL AA 21 17.01 2.50 -43.45
N ILE AA 22 16.26 1.43 -43.20
CA ILE AA 22 15.93 1.02 -41.84
C ILE AA 22 16.21 -0.47 -41.62
N ALA AA 23 16.47 -0.82 -40.37
CA ALA AA 23 16.81 -2.19 -40.02
C ALA AA 23 16.07 -2.63 -38.79
N ALA AA 24 15.72 -3.90 -38.74
CA ALA AA 24 15.09 -4.49 -37.58
C ALA AA 24 15.24 -5.97 -37.62
N ASP AA 25 15.56 -6.55 -36.46
CA ASP AA 25 15.62 -8.00 -36.36
C ASP AA 25 14.24 -8.66 -36.45
N MET AA 26 14.23 -9.96 -36.64
CA MET AA 26 13.04 -10.70 -37.01
C MET AA 26 12.46 -11.49 -35.84
N LEU AA 27 12.58 -10.95 -34.62
CA LEU AA 27 12.28 -11.70 -33.40
C LEU AA 27 11.13 -11.12 -32.59
N GLY AA 28 10.22 -12.00 -32.18
CA GLY AA 28 9.15 -11.66 -31.25
C GLY AA 28 9.45 -12.34 -29.94
N SER AA 29 9.91 -11.55 -28.96
CA SER AA 29 10.27 -12.09 -27.65
C SER AA 29 9.05 -12.13 -26.74
N TYR AA 30 8.95 -13.14 -25.89
CA TYR AA 30 7.88 -13.29 -24.91
C TYR AA 30 8.55 -13.27 -23.53
N GLY AA 31 8.72 -12.08 -22.99
CA GLY AA 31 9.61 -11.86 -21.88
C GLY AA 31 11.00 -12.07 -22.43
N SER AA 32 11.79 -12.88 -21.74
CA SER AA 32 13.15 -13.21 -22.19
C SER AA 32 13.18 -14.33 -23.25
N LEU AA 33 12.11 -15.11 -23.36
CA LEU AA 33 12.02 -16.16 -24.38
C LEU AA 33 12.03 -15.59 -25.80
N ALA AA 34 12.90 -16.13 -26.65
CA ALA AA 34 12.93 -15.77 -28.04
C ALA AA 34 11.92 -16.67 -28.74
N ARG AA 35 10.68 -16.23 -28.82
CA ARG AA 35 9.57 -17.12 -29.12
C ARG AA 35 9.32 -17.30 -30.62
N PHE AA 36 9.24 -16.19 -31.33
CA PHE AA 36 8.89 -16.19 -32.75
C PHE AA 36 10.06 -15.59 -33.50
N ARG AA 37 10.86 -16.46 -34.11
CA ARG AA 37 12.16 -16.10 -34.63
C ARG AA 37 12.17 -15.75 -36.12
N ASN AA 38 11.01 -15.63 -36.73
CA ASN AA 38 10.92 -15.31 -38.14
C ASN AA 38 9.71 -14.40 -38.50
N ILE AA 39 9.60 -13.28 -37.77
CA ILE AA 39 8.55 -12.30 -38.00
C ILE AA 39 9.17 -11.06 -38.58
N SER AA 40 8.46 -10.39 -39.50
CA SER AA 40 8.89 -9.08 -40.01
C SER AA 40 8.32 -7.99 -39.12
N ARG AA 41 9.18 -7.06 -38.75
CA ARG AA 41 8.80 -5.90 -37.98
C ARG AA 41 8.89 -4.66 -38.85
N ILE AA 42 8.88 -4.86 -40.17
CA ILE AA 42 8.93 -3.77 -41.14
C ILE AA 42 7.73 -3.91 -42.06
N MET AA 43 7.19 -2.76 -42.43
CA MET AA 43 6.00 -2.65 -43.26
C MET AA 43 6.28 -1.70 -44.41
N ARG AA 44 6.13 -2.20 -45.63
CA ARG AA 44 5.91 -1.31 -46.80
C ARG AA 44 4.53 -0.62 -46.65
N VAL AA 45 4.50 0.69 -46.49
CA VAL AA 45 3.24 1.41 -46.34
C VAL AA 45 2.67 1.72 -47.76
N ASN AA 46 3.44 2.47 -48.54
CA ASN AA 46 3.19 2.65 -49.96
C ASN AA 46 4.53 2.78 -50.70
N ASN AA 47 4.53 3.30 -51.91
CA ASN AA 47 5.75 3.31 -52.74
C ASN AA 47 6.88 4.20 -52.23
N SER AA 48 6.53 5.16 -51.40
CA SER AA 48 7.46 6.17 -50.96
C SER AA 48 7.76 6.05 -49.45
N THR AA 49 7.11 5.13 -48.75
CA THR AA 49 7.07 5.14 -47.29
C THR AA 49 7.13 3.74 -46.72
N MET AA 50 8.00 3.57 -45.74
CA MET AA 50 8.08 2.32 -44.99
C MET AA 50 8.08 2.61 -43.53
N LEU AA 51 7.74 1.58 -42.75
CA LEU AA 51 7.56 1.69 -41.31
C LEU AA 51 8.19 0.53 -40.56
N GLY AA 52 8.91 0.83 -39.48
CA GLY AA 52 9.48 -0.19 -38.59
C GLY AA 52 9.05 -0.01 -37.13
N ALA AA 53 8.71 -1.10 -36.45
CA ALA AA 53 8.11 -1.04 -35.10
C ALA AA 53 8.78 -1.88 -34.00
N SER AA 54 9.17 -1.21 -32.92
CA SER AA 54 9.50 -1.84 -31.63
C SER AA 54 8.22 -2.00 -30.81
N GLY AA 55 8.30 -2.81 -29.78
CA GLY AA 55 7.20 -2.95 -28.83
C GLY AA 55 6.27 -4.08 -29.19
N ASP AA 56 5.04 -4.02 -28.66
CA ASP AA 56 4.06 -5.10 -28.75
C ASP AA 56 3.68 -5.43 -30.21
N TYR AA 57 3.98 -6.65 -30.62
CA TYR AA 57 3.80 -7.07 -32.00
C TYR AA 57 2.34 -7.15 -32.42
N ALA AA 58 1.43 -7.53 -31.53
CA ALA AA 58 0.00 -7.50 -31.84
C ALA AA 58 -0.51 -6.08 -32.11
N ASP AA 59 -0.02 -5.08 -31.38
CA ASP AA 59 -0.35 -3.68 -31.69
C ASP AA 59 0.24 -3.20 -33.04
N PHE AA 60 1.42 -3.69 -33.39
CA PHE AA 60 1.98 -3.39 -34.69
C PHE AA 60 1.12 -3.97 -35.83
N GLN AA 61 0.62 -5.19 -35.64
CA GLN AA 61 -0.21 -5.87 -36.64
C GLN AA 61 -1.54 -5.15 -36.83
N TYR AA 62 -2.09 -4.62 -35.75
CA TYR AA 62 -3.26 -3.75 -35.83
C TYR AA 62 -2.94 -2.47 -36.65
N LEU AA 63 -1.84 -1.79 -36.34
CA LEU AA 63 -1.46 -0.61 -37.12
C LEU AA 63 -1.26 -0.92 -38.59
N LYS AA 64 -0.64 -2.07 -38.89
CA LYS AA 64 -0.49 -2.55 -40.27
C LYS AA 64 -1.83 -2.72 -40.98
N GLN AA 65 -2.77 -3.31 -40.27
CA GLN AA 65 -4.11 -3.56 -40.78
C GLN AA 65 -4.79 -2.22 -41.10
N VAL AA 66 -4.78 -1.30 -40.14
CA VAL AA 66 -5.40 0.02 -40.29
C VAL AA 66 -4.73 0.83 -41.42
N LEU AA 67 -3.41 0.89 -41.40
CA LEU AA 67 -2.66 1.71 -42.34
C LEU AA 67 -2.68 1.10 -43.75
N GLY AA 68 -2.67 -0.22 -43.84
CA GLY AA 68 -2.80 -0.91 -45.12
C GLY AA 68 -4.15 -0.62 -45.78
N GLN AA 69 -5.20 -0.59 -44.97
CA GLN AA 69 -6.54 -0.29 -45.44
C GLN AA 69 -6.68 1.18 -45.87
N MET AA 70 -6.00 2.10 -45.18
CA MET AA 70 -5.96 3.52 -45.57
C MET AA 70 -5.32 3.76 -46.92
N VAL AA 71 -4.22 3.06 -47.22
CA VAL AA 71 -3.57 3.25 -48.53
C VAL AA 71 -4.40 2.64 -49.67
N ILE AA 72 -5.05 1.51 -49.41
CA ILE AA 72 -5.99 0.95 -50.38
C ILE AA 72 -7.13 1.95 -50.68
N ASP AA 73 -7.80 2.41 -49.63
CA ASP AA 73 -8.88 3.42 -49.72
C ASP AA 73 -8.51 4.59 -50.64
N GLU AA 74 -7.29 5.06 -50.47
CA GLU AA 74 -6.77 6.17 -51.24
C GLU AA 74 -6.47 5.80 -52.69
N GLU AA 75 -5.87 4.63 -52.89
CA GLU AA 75 -5.60 4.10 -54.22
C GLU AA 75 -6.88 3.92 -55.05
N LEU AA 76 -7.97 3.58 -54.37
CA LEU AA 76 -9.25 3.42 -55.04
C LEU AA 76 -9.70 4.67 -55.78
N LEU AA 77 -9.34 5.85 -55.27
CA LEU AA 77 -9.79 7.10 -55.86
C LEU AA 77 -9.09 7.41 -57.15
N GLY AA 78 -7.87 6.89 -57.33
CA GLY AA 78 -7.08 7.10 -58.55
C GLY AA 78 -7.06 8.55 -59.00
N ASP AA 79 -6.81 9.44 -58.03
CA ASP AA 79 -6.94 10.88 -58.23
C ASP AA 79 -5.59 11.63 -58.34
N GLY AA 80 -4.48 10.90 -58.27
CA GLY AA 80 -3.16 11.50 -58.35
C GLY AA 80 -2.60 12.11 -57.07
N HIS AA 81 -3.24 11.85 -55.93
CA HIS AA 81 -2.72 12.30 -54.63
C HIS AA 81 -2.40 11.06 -53.83
N SER AA 82 -1.21 11.04 -53.23
CA SER AA 82 -0.79 9.94 -52.36
C SER AA 82 -0.34 10.49 -51.04
N TYR AA 83 -0.50 9.69 -50.00
CA TYR AA 83 0.04 10.02 -48.67
C TYR AA 83 1.56 10.09 -48.77
N SER AA 84 2.12 11.24 -48.45
CA SER AA 84 3.57 11.40 -48.40
C SER AA 84 4.05 10.74 -47.11
N PRO AA 85 5.36 10.49 -47.00
CA PRO AA 85 5.90 9.92 -45.75
C PRO AA 85 5.57 10.80 -44.55
N ARG AA 86 5.73 12.10 -44.74
CA ARG AA 86 5.42 13.10 -43.74
C ARG AA 86 3.98 13.06 -43.27
N ALA AA 87 3.06 12.82 -44.19
CA ALA AA 87 1.63 12.72 -43.85
C ALA AA 87 1.31 11.46 -43.06
N ILE AA 88 1.92 10.37 -43.46
CA ILE AA 88 1.81 9.12 -42.73
C ILE AA 88 2.35 9.28 -41.30
N HIS AA 89 3.49 9.94 -41.18
CA HIS AA 89 4.10 10.25 -39.87
C HIS AA 89 3.17 11.07 -38.97
N SER AA 90 2.57 12.12 -39.56
CA SER AA 90 1.56 12.96 -38.90
C SER AA 90 0.35 12.13 -38.43
N TRP AA 91 -0.19 11.32 -39.35
CA TRP AA 91 -1.33 10.46 -39.02
C TRP AA 91 -0.99 9.59 -37.83
N LEU AA 92 0.22 9.08 -37.83
CA LEU AA 92 0.66 8.14 -36.80
C LEU AA 92 0.83 8.83 -35.45
N THR AA 93 1.39 10.03 -35.47
CA THR AA 93 1.48 10.82 -34.27
C THR AA 93 0.09 10.98 -33.64
N ARG AA 94 -0.89 11.33 -34.47
CA ARG AA 94 -2.25 11.59 -33.98
C ARG AA 94 -2.88 10.35 -33.38
N ALA AA 95 -2.69 9.22 -34.04
CA ALA AA 95 -3.30 7.97 -33.62
C ALA AA 95 -2.68 7.55 -32.31
N MET AA 96 -1.35 7.57 -32.21
CA MET AA 96 -0.66 7.26 -30.94
C MET AA 96 -1.10 8.21 -29.81
N TYR AA 97 -1.08 9.52 -30.07
CA TYR AA 97 -1.48 10.52 -29.08
C TYR AA 97 -2.90 10.28 -28.59
N SER AA 98 -3.76 9.96 -29.55
CA SER AA 98 -5.16 9.77 -29.27
C SER AA 98 -5.40 8.54 -28.38
N ARG AA 99 -4.69 7.46 -28.69
CA ARG AA 99 -4.77 6.25 -27.90
C ARG AA 99 -4.17 6.43 -26.51
N ARG AA 100 -3.06 7.18 -26.43
CA ARG AA 100 -2.46 7.60 -25.15
C ARG AA 100 -3.46 8.37 -24.31
N SER AA 101 -4.19 9.28 -24.95
CA SER AA 101 -5.10 10.18 -24.24
C SER AA 101 -6.35 9.50 -23.72
N LYS AA 102 -6.66 8.31 -24.24
CA LYS AA 102 -7.69 7.44 -23.69
C LYS AA 102 -7.18 6.45 -22.66
N MET AA 103 -5.89 6.58 -22.26
CA MET AA 103 -5.23 5.67 -21.32
C MET AA 103 -5.24 4.23 -21.81
N ASN AA 104 -5.02 4.07 -23.12
CA ASN AA 104 -5.08 2.76 -23.76
C ASN AA 104 -4.15 2.80 -24.97
N PRO AA 105 -2.86 2.91 -24.70
CA PRO AA 105 -1.93 3.16 -25.78
C PRO AA 105 -1.74 1.96 -26.66
N LEU AA 106 -1.21 2.21 -27.83
CA LEU AA 106 -0.67 1.18 -28.67
C LEU AA 106 0.79 1.14 -28.27
N TRP AA 107 1.26 -0.04 -27.86
CA TRP AA 107 2.54 -0.15 -27.15
C TRP AA 107 3.69 -0.34 -28.14
N ASN AA 108 3.99 0.73 -28.87
CA ASN AA 108 5.00 0.71 -29.90
C ASN AA 108 5.80 1.98 -29.94
N THR AA 109 7.01 1.86 -30.47
CA THR AA 109 7.83 3.00 -30.82
C THR AA 109 8.24 2.73 -32.23
N MET AA 110 8.11 3.75 -33.09
CA MET AA 110 8.19 3.54 -34.53
C MET AA 110 9.11 4.51 -35.26
N VAL AA 111 9.64 4.00 -36.38
CA VAL AA 111 10.49 4.73 -37.28
C VAL AA 111 9.85 4.69 -38.67
N ILE AA 112 9.45 5.85 -39.19
CA ILE AA 112 8.94 6.00 -40.56
C ILE AA 112 10.09 6.48 -41.45
N GLY AA 113 10.30 5.78 -42.55
CA GLY AA 113 11.31 6.14 -43.51
C GLY AA 113 10.65 6.38 -44.84
N GLY AA 114 11.12 7.39 -45.58
CA GLY AA 114 10.54 7.67 -46.86
C GLY AA 114 11.38 8.46 -47.81
N TYR AA 115 10.97 8.46 -49.07
CA TYR AA 115 11.58 9.27 -50.12
C TYR AA 115 10.50 9.80 -51.08
N ALA AA 116 10.40 11.13 -51.19
CA ALA AA 116 9.38 11.77 -52.01
C ALA AA 116 9.82 13.19 -52.38
N ASP AA 117 9.64 13.52 -53.67
CA ASP AA 117 10.01 14.82 -54.26
C ASP AA 117 11.48 15.17 -54.00
N GLY AA 118 12.37 14.22 -54.28
CA GLY AA 118 13.80 14.44 -54.05
C GLY AA 118 14.32 14.54 -52.61
N GLU AA 119 13.46 14.47 -51.59
CA GLU AA 119 13.83 14.67 -50.18
C GLU AA 119 13.74 13.34 -49.39
N SER AA 120 14.74 13.06 -48.55
CA SER AA 120 14.70 11.91 -47.61
C SER AA 120 13.90 12.24 -46.36
N PHE AA 121 12.98 11.37 -45.97
CA PHE AA 121 12.23 11.55 -44.74
C PHE AA 121 12.54 10.45 -43.76
N LEU AA 122 12.80 10.85 -42.51
CA LEU AA 122 12.98 9.91 -41.42
C LEU AA 122 12.38 10.49 -40.15
N GLY AA 123 11.43 9.78 -39.56
CA GLY AA 123 10.68 10.32 -38.42
C GLY AA 123 10.36 9.28 -37.39
N TYR AA 124 10.22 9.73 -36.14
CA TYR AA 124 10.04 8.89 -34.98
C TYR AA 124 8.70 9.18 -34.38
N VAL AA 125 7.95 8.14 -33.98
CA VAL AA 125 6.74 8.30 -33.15
C VAL AA 125 6.74 7.26 -32.01
N ASP AA 126 6.45 7.68 -30.77
CA ASP AA 126 6.35 6.73 -29.65
C ASP AA 126 4.90 6.56 -29.20
N MET AA 127 4.69 5.72 -28.18
CA MET AA 127 3.35 5.41 -27.68
C MET AA 127 2.65 6.56 -26.99
N LEU AA 128 3.37 7.61 -26.61
CA LEU AA 128 2.76 8.79 -26.04
C LEU AA 128 2.45 9.90 -27.07
N GLY AA 129 2.76 9.68 -28.35
CA GLY AA 129 2.64 10.73 -29.34
C GLY AA 129 3.81 11.70 -29.39
N VAL AA 130 4.95 11.32 -28.81
CA VAL AA 130 6.18 12.09 -29.01
C VAL AA 130 6.68 11.79 -30.42
N ALA AA 131 6.90 12.85 -31.21
CA ALA AA 131 7.31 12.70 -32.60
C ALA AA 131 8.25 13.81 -33.09
N TYR AA 132 9.17 13.45 -33.98
CA TYR AA 132 10.14 14.40 -34.48
C TYR AA 132 10.74 13.77 -35.70
N GLU AA 133 11.60 14.55 -36.36
CA GLU AA 133 12.48 14.05 -37.44
C GLU AA 133 13.97 14.20 -37.08
N ALA AA 134 14.80 13.40 -37.73
CA ALA AA 134 16.22 13.48 -37.52
C ALA AA 134 16.96 12.66 -38.58
N PRO AA 135 18.25 12.96 -38.82
CA PRO AA 135 19.01 12.21 -39.84
C PRO AA 135 19.24 10.72 -39.53
N SER AA 136 19.19 10.36 -38.25
CA SER AA 136 19.29 8.97 -37.83
C SER AA 136 18.38 8.76 -36.64
N LEU AA 137 17.82 7.57 -36.52
CA LEU AA 137 16.98 7.20 -35.39
C LEU AA 137 17.29 5.80 -34.94
N ALA AA 138 17.05 5.54 -33.66
CA ALA AA 138 17.23 4.23 -33.07
C ALA AA 138 16.36 4.10 -31.84
N THR AA 139 15.44 3.14 -31.88
CA THR AA 139 14.54 2.90 -30.76
C THR AA 139 15.12 1.85 -29.80
N GLY AA 140 14.58 1.82 -28.58
CA GLY AA 140 14.92 0.79 -27.62
C GLY AA 140 16.37 0.91 -27.20
N TYR AA 141 17.01 -0.25 -27.08
CA TYR AA 141 18.45 -0.28 -26.74
C TYR AA 141 19.30 0.41 -27.81
N GLY AA 142 18.78 0.53 -29.03
CA GLY AA 142 19.48 1.24 -30.10
C GLY AA 142 19.72 2.69 -29.79
N ALA AA 143 18.85 3.28 -29.00
CA ALA AA 143 19.05 4.64 -28.52
C ALA AA 143 20.37 4.80 -27.75
N TYR AA 144 20.77 3.76 -27.02
CA TYR AA 144 21.97 3.77 -26.17
C TYR AA 144 23.19 3.25 -26.86
N LEU AA 145 23.00 2.29 -27.76
CA LEU AA 145 24.11 1.54 -28.39
C LEU AA 145 24.36 1.96 -29.84
N ALA AA 146 23.30 2.07 -30.64
CA ALA AA 146 23.41 2.35 -32.07
C ALA AA 146 23.50 3.83 -32.38
N GLN AA 147 22.67 4.66 -31.75
CA GLN AA 147 22.64 6.10 -32.05
C GLN AA 147 23.95 6.87 -31.83
N PRO AA 148 24.72 6.57 -30.75
CA PRO AA 148 26.03 7.23 -30.61
C PRO AA 148 26.97 6.98 -31.78
N LEU AA 149 26.96 5.78 -32.35
CA LEU AA 149 27.77 5.48 -33.52
C LEU AA 149 27.24 6.22 -34.75
N LEU AA 150 25.93 6.15 -34.96
CA LEU AA 150 25.28 6.84 -36.09
C LEU AA 150 25.59 8.34 -36.11
N ARG AA 151 25.42 9.01 -34.98
CA ARG AA 151 25.62 10.45 -34.89
C ARG AA 151 27.09 10.89 -34.96
N GLU AA 152 28.00 10.02 -34.53
CA GLU AA 152 29.43 10.29 -34.64
C GLU AA 152 29.87 10.31 -36.12
N VAL AA 153 29.41 9.32 -36.90
CA VAL AA 153 29.65 9.31 -38.35
C VAL AA 153 29.01 10.53 -39.03
N LEU AA 154 27.70 10.70 -38.85
CA LEU AA 154 26.95 11.84 -39.39
C LEU AA 154 27.49 13.25 -39.06
N GLU AA 155 28.31 13.38 -38.03
CA GLU AA 155 28.97 14.66 -37.69
C GLU AA 155 30.22 14.86 -38.56
N LYS AA 156 31.06 13.84 -38.64
CA LYS AA 156 32.21 13.84 -39.55
C LYS AA 156 31.82 13.92 -41.04
N GLN AA 157 30.63 13.45 -41.39
CA GLN AA 157 30.18 13.34 -42.77
C GLN AA 157 28.64 13.28 -42.81
N PRO AA 158 27.96 14.45 -42.93
CA PRO AA 158 26.49 14.45 -42.87
C PRO AA 158 25.81 13.66 -43.99
N VAL AA 159 26.40 13.75 -45.20
CA VAL AA 159 25.83 13.15 -46.40
C VAL AA 159 26.53 11.83 -46.68
N LEU AA 160 25.81 10.74 -46.41
CA LEU AA 160 26.29 9.38 -46.67
C LEU AA 160 25.74 8.86 -47.98
N SER AA 161 26.52 8.01 -48.61
CA SER AA 161 26.06 7.25 -49.76
C SER AA 161 25.21 6.08 -49.28
N GLN AA 162 24.59 5.38 -50.21
CA GLN AA 162 23.72 4.26 -49.87
C GLN AA 162 24.50 3.10 -49.25
N THR AA 163 25.66 2.76 -49.81
CA THR AA 163 26.44 1.62 -49.31
C THR AA 163 27.15 1.97 -47.99
N GLU AA 164 27.54 3.24 -47.80
CA GLU AA 164 28.04 3.74 -46.51
C GLU AA 164 27.00 3.64 -45.40
N ALA AA 165 25.78 4.03 -45.70
CA ALA AA 165 24.67 3.91 -44.76
C ALA AA 165 24.35 2.46 -44.45
N ARG AA 166 24.43 1.62 -45.46
CA ARG AA 166 24.20 0.20 -45.28
C ARG AA 166 25.28 -0.48 -44.36
N ASP AA 167 26.57 -0.20 -44.61
CA ASP AA 167 27.66 -0.74 -43.79
CA ASP AA 167 27.69 -0.72 -43.77
C ASP AA 167 27.57 -0.25 -42.32
N LEU AA 168 27.17 1.01 -42.14
CA LEU AA 168 26.99 1.61 -40.80
C LEU AA 168 25.85 0.96 -40.01
N VAL AA 169 24.76 0.68 -40.71
CA VAL AA 169 23.65 -0.07 -40.14
C VAL AA 169 24.04 -1.50 -39.78
N GLU AA 170 24.83 -2.19 -40.60
CA GLU AA 170 25.27 -3.55 -40.25
C GLU AA 170 26.15 -3.54 -39.01
N ARG AA 171 27.07 -2.59 -38.92
CA ARG AA 171 27.91 -2.41 -37.74
C ARG AA 171 27.07 -2.20 -36.49
N CYS AA 172 26.06 -1.35 -36.56
CA CYS AA 172 25.18 -1.13 -35.42
C CYS AA 172 24.43 -2.38 -35.03
N MET AA 173 23.97 -3.16 -36.02
CA MET AA 173 23.20 -4.36 -35.74
C MET AA 173 24.08 -5.41 -35.07
N ARG AA 174 25.38 -5.40 -35.36
CA ARG AA 174 26.35 -6.26 -34.69
C ARG AA 174 26.46 -5.92 -33.21
N VAL AA 175 26.68 -4.64 -32.92
CA VAL AA 175 26.79 -4.14 -31.55
C VAL AA 175 25.55 -4.54 -30.74
N LEU AA 176 24.36 -4.34 -31.30
CA LEU AA 176 23.12 -4.73 -30.64
C LEU AA 176 23.02 -6.24 -30.40
N TYR AA 177 23.52 -7.05 -31.32
CA TYR AA 177 23.55 -8.48 -31.09
C TYR AA 177 24.49 -8.83 -29.92
N TYR AA 178 25.55 -8.04 -29.76
CA TYR AA 178 26.51 -8.28 -28.72
C TYR AA 178 26.04 -7.88 -27.32
N ARG AA 179 25.12 -6.91 -27.23
CA ARG AA 179 24.80 -6.20 -25.97
C ARG AA 179 23.34 -6.06 -25.55
N ASP AA 180 22.41 -6.38 -26.45
CA ASP AA 180 20.99 -6.38 -26.12
C ASP AA 180 20.57 -7.83 -25.96
N ALA AA 181 20.15 -8.20 -24.76
CA ALA AA 181 19.76 -9.57 -24.46
C ALA AA 181 18.45 -10.02 -25.12
N ARG AA 182 17.68 -9.06 -25.66
CA ARG AA 182 16.47 -9.37 -26.43
C ARG AA 182 16.66 -9.25 -27.95
N SER AA 183 17.90 -9.16 -28.43
CA SER AA 183 18.16 -9.11 -29.87
C SER AA 183 18.36 -10.52 -30.45
N TYR AA 184 18.46 -10.57 -31.78
CA TYR AA 184 18.61 -11.84 -32.50
C TYR AA 184 19.37 -11.59 -33.78
N ASN AA 185 20.24 -12.53 -34.19
CA ASN AA 185 21.10 -12.30 -35.38
C ASN AA 185 20.47 -12.82 -36.67
N ARG AA 186 19.34 -12.22 -37.00
CA ARG AA 186 18.54 -12.57 -38.16
C ARG AA 186 17.68 -11.32 -38.33
N PHE AA 187 18.02 -10.50 -39.32
CA PHE AA 187 17.35 -9.21 -39.50
C PHE AA 187 17.03 -8.86 -40.93
N GLN AA 188 16.21 -7.83 -41.08
CA GLN AA 188 15.86 -7.29 -42.40
C GLN AA 188 16.41 -5.89 -42.54
N ILE AA 189 16.71 -5.52 -43.78
CA ILE AA 189 17.03 -4.17 -44.11
C ILE AA 189 16.02 -3.72 -45.16
N ALA AA 190 15.50 -2.52 -45.00
CA ALA AA 190 14.52 -1.97 -45.92
C ALA AA 190 15.00 -0.63 -46.40
N THR AA 191 14.91 -0.42 -47.71
CA THR AA 191 15.46 0.77 -48.33
C THR AA 191 14.36 1.41 -49.17
N VAL AA 192 14.25 2.73 -49.07
CA VAL AA 192 13.37 3.50 -49.91
C VAL AA 192 14.21 4.45 -50.75
N THR AA 193 13.94 4.47 -52.05
CA THR AA 193 14.58 5.38 -53.01
C THR AA 193 13.52 5.82 -54.03
N GLU AA 194 13.95 6.61 -55.01
CA GLU AA 194 13.22 6.85 -56.26
C GLU AA 194 12.47 5.63 -56.81
N LYS AA 195 13.09 4.45 -56.69
CA LYS AA 195 12.55 3.20 -57.25
C LYS AA 195 11.53 2.48 -56.37
N GLY AA 196 11.25 3.01 -55.18
CA GLY AA 196 10.28 2.40 -54.27
C GLY AA 196 10.93 1.82 -53.02
N VAL AA 197 10.28 0.80 -52.48
CA VAL AA 197 10.65 0.19 -51.21
C VAL AA 197 11.07 -1.27 -51.41
N GLU AA 198 12.34 -1.57 -51.16
CA GLU AA 198 12.82 -2.96 -51.08
C GLU AA 198 13.01 -3.39 -49.62
N ILE AA 199 12.57 -4.61 -49.30
CA ILE AA 199 12.85 -5.26 -48.03
C ILE AA 199 13.74 -6.48 -48.30
N GLU AA 200 14.98 -6.44 -47.78
CA GLU AA 200 15.91 -7.56 -47.89
C GLU AA 200 15.95 -8.34 -46.59
N GLY AA 201 16.11 -9.65 -46.71
N GLY AA 201 16.01 -9.66 -46.71
CA GLY AA 201 16.34 -10.53 -45.57
CA GLY AA 201 16.22 -10.52 -45.56
C GLY AA 201 16.02 -11.95 -45.94
C GLY AA 201 15.95 -11.96 -45.94
N PRO AA 202 16.23 -12.90 -45.02
CA PRO AA 202 16.89 -12.72 -43.71
C PRO AA 202 18.40 -12.49 -43.86
N LEU AA 203 18.92 -11.58 -43.07
CA LEU AA 203 20.35 -11.25 -43.02
C LEU AA 203 20.94 -11.60 -41.65
N SER AA 204 22.24 -11.83 -41.63
CA SER AA 204 23.04 -12.09 -40.41
C SER AA 204 24.29 -11.26 -40.45
N THR AA 205 24.77 -10.87 -39.29
CA THR AA 205 26.09 -10.25 -39.16
C THR AA 205 27.12 -11.31 -38.83
N GLU AA 206 28.36 -11.09 -39.30
CA GLU AA 206 29.53 -11.78 -38.78
C GLU AA 206 29.80 -11.30 -37.35
N THR AA 207 30.26 -12.20 -36.50
CA THR AA 207 30.58 -11.86 -35.11
C THR AA 207 31.98 -12.31 -34.78
N ASN AA 208 32.62 -11.60 -33.87
CA ASN AA 208 33.94 -11.94 -33.37
C ASN AA 208 33.83 -12.28 -31.89
N TRP AA 209 34.51 -13.36 -31.48
CA TRP AA 209 34.53 -13.81 -30.06
C TRP AA 209 35.97 -14.06 -29.58
N ASP AA 210 36.94 -13.35 -30.16
CA ASP AA 210 38.35 -13.42 -29.78
C ASP AA 210 38.52 -13.11 -28.30
N ILE AA 211 37.74 -12.14 -27.81
CA ILE AA 211 37.84 -11.72 -26.41
C ILE AA 211 37.55 -12.85 -25.39
N ALA AA 212 36.87 -13.90 -25.80
CA ALA AA 212 36.69 -15.10 -24.95
C ALA AA 212 38.00 -15.72 -24.44
N HIS AA 213 39.10 -15.55 -25.18
CA HIS AA 213 40.44 -16.00 -24.77
C HIS AA 213 41.34 -14.88 -24.20
N MET AA 214 40.80 -13.68 -24.02
CA MET AA 214 41.53 -12.52 -23.45
C MET AA 214 41.10 -12.22 -22.00
N ILE AA 215 40.83 -13.25 -21.19
CA ILE AA 215 40.42 -12.99 -19.80
C ILE AA 215 41.75 -12.62 -19.19
N SER AA 216 41.98 -11.30 -19.18
CA SER AA 216 43.24 -10.68 -19.71
C SER AA 216 44.52 -10.72 -18.87
N THR BA 1 -1.00 -27.05 -18.99
CA THR BA 1 -1.36 -27.34 -20.42
C THR BA 1 -0.17 -27.30 -21.30
N THR BA 2 -0.09 -28.27 -22.20
CA THR BA 2 0.79 -28.24 -23.35
C THR BA 2 -0.03 -28.52 -24.63
N ILE BA 3 0.16 -27.69 -25.66
CA ILE BA 3 -0.51 -27.89 -26.95
C ILE BA 3 0.48 -27.75 -28.07
N MET BA 4 0.18 -28.42 -29.17
CA MET BA 4 1.10 -28.49 -30.30
C MET BA 4 0.39 -28.84 -31.60
N ALA BA 5 0.90 -28.30 -32.69
CA ALA BA 5 0.41 -28.59 -34.03
C ALA BA 5 1.54 -28.57 -35.04
N VAL BA 6 1.47 -29.45 -36.03
CA VAL BA 6 2.54 -29.60 -37.01
C VAL BA 6 1.92 -29.71 -38.39
N GLN BA 7 2.51 -28.99 -39.33
CA GLN BA 7 2.15 -29.08 -40.73
C GLN BA 7 2.85 -30.25 -41.38
N PHE BA 8 2.13 -31.01 -42.19
CA PHE BA 8 2.74 -31.88 -43.19
C PHE BA 8 2.12 -31.60 -44.57
N ASP BA 9 2.69 -32.23 -45.60
CA ASP BA 9 2.18 -32.08 -46.97
C ASP BA 9 0.84 -32.80 -47.11
N GLY BA 10 -0.26 -32.04 -47.09
CA GLY BA 10 -1.62 -32.58 -47.17
C GLY BA 10 -2.46 -32.43 -45.94
N GLY BA 11 -1.88 -32.00 -44.84
CA GLY BA 11 -2.66 -31.86 -43.61
C GLY BA 11 -1.90 -31.35 -42.43
N VAL BA 12 -2.52 -31.52 -41.27
CA VAL BA 12 -1.95 -31.14 -40.00
C VAL BA 12 -2.16 -32.21 -38.94
N VAL BA 13 -1.27 -32.17 -37.94
CA VAL BA 13 -1.43 -32.95 -36.73
C VAL BA 13 -1.52 -31.97 -35.58
N LEU BA 14 -2.46 -32.23 -34.68
CA LEU BA 14 -2.64 -31.44 -33.48
C LEU BA 14 -2.55 -32.36 -32.30
N GLY BA 15 -2.06 -31.83 -31.18
CA GLY BA 15 -1.96 -32.57 -29.93
C GLY BA 15 -2.14 -31.68 -28.72
N ALA BA 16 -2.66 -32.30 -27.66
CA ALA BA 16 -2.74 -31.66 -26.36
C ALA BA 16 -2.66 -32.66 -25.23
N ASP BA 17 -2.27 -32.17 -24.06
CA ASP BA 17 -2.42 -32.96 -22.83
C ASP BA 17 -3.87 -32.84 -22.39
N SER BA 18 -4.23 -33.48 -21.29
CA SER BA 18 -5.62 -33.52 -20.86
C SER BA 18 -5.85 -33.00 -19.46
N ARG BA 19 -5.01 -32.10 -18.98
CA ARG BA 19 -5.09 -31.61 -17.60
C ARG BA 19 -5.72 -30.22 -17.44
N THR BA 20 -6.72 -30.11 -16.58
CA THR BA 20 -7.28 -28.82 -16.16
C THR BA 20 -7.00 -28.64 -14.67
N THR BA 21 -6.37 -27.52 -14.28
CA THR BA 21 -6.03 -27.26 -12.88
C THR BA 21 -6.73 -26.04 -12.30
N THR BA 22 -7.00 -26.08 -10.98
CA THR BA 22 -7.29 -24.91 -10.14
C THR BA 22 -6.27 -24.95 -9.03
N GLY BA 23 -5.35 -23.99 -9.01
CA GLY BA 23 -4.23 -24.08 -8.10
C GLY BA 23 -3.50 -25.34 -8.52
N SER BA 24 -3.28 -26.26 -7.58
CA SER BA 24 -2.68 -27.54 -7.93
C SER BA 24 -3.63 -28.76 -7.77
N TYR BA 25 -4.95 -28.52 -7.69
CA TYR BA 25 -5.96 -29.57 -7.85
C TYR BA 25 -6.30 -29.76 -9.32
N ILE BA 26 -6.54 -31.00 -9.72
CA ILE BA 26 -6.80 -31.36 -11.10
C ILE BA 26 -8.31 -31.54 -11.23
N ALA BA 27 -8.97 -30.52 -11.81
CA ALA BA 27 -10.40 -30.51 -11.94
C ALA BA 27 -10.86 -31.43 -13.06
N ASN BA 28 -10.02 -31.66 -14.04
CA ASN BA 28 -10.30 -32.62 -15.07
C ASN BA 28 -9.01 -33.28 -15.52
N ARG BA 29 -8.92 -34.60 -15.39
CA ARG BA 29 -7.76 -35.36 -15.85
C ARG BA 29 -7.82 -35.72 -17.33
N VAL BA 30 -9.01 -35.68 -17.93
CA VAL BA 30 -9.18 -36.19 -19.29
C VAL BA 30 -9.83 -35.14 -20.18
N THR BA 31 -9.49 -33.89 -19.92
CA THR BA 31 -9.92 -32.75 -20.72
C THR BA 31 -9.62 -32.91 -22.21
N ASP BA 32 -10.55 -32.40 -23.01
CA ASP BA 32 -10.40 -32.39 -24.44
C ASP BA 32 -10.16 -30.96 -24.91
N LYS BA 33 -8.89 -30.64 -25.14
CA LYS BA 33 -8.45 -29.29 -25.48
C LYS BA 33 -8.35 -29.05 -26.98
N LEU BA 34 -8.64 -30.06 -27.78
CA LEU BA 34 -8.64 -29.91 -29.21
C LEU BA 34 -10.08 -29.79 -29.66
N THR BA 35 -10.56 -28.56 -29.89
CA THR BA 35 -12.00 -28.39 -30.22
C THR BA 35 -12.24 -28.08 -31.71
N PRO BA 36 -13.23 -28.79 -32.31
CA PRO BA 36 -13.57 -28.53 -33.71
C PRO BA 36 -14.30 -27.19 -33.91
N ILE BA 37 -13.78 -26.37 -34.81
CA ILE BA 37 -14.40 -25.08 -35.20
C ILE BA 37 -15.20 -25.22 -36.52
N HIS BA 38 -14.74 -26.09 -37.43
CA HIS BA 38 -15.49 -26.48 -38.59
C HIS BA 38 -15.13 -27.94 -38.95
N ASP BA 39 -15.74 -28.45 -40.00
CA ASP BA 39 -15.42 -29.77 -40.56
C ASP BA 39 -13.94 -30.15 -40.54
N ARG BA 40 -13.06 -29.21 -40.91
CA ARG BA 40 -11.61 -29.50 -40.99
C ARG BA 40 -10.70 -28.39 -40.43
N ILE BA 41 -11.18 -27.74 -39.37
CA ILE BA 41 -10.45 -26.67 -38.70
C ILE BA 41 -10.64 -26.88 -37.22
N PHE BA 42 -9.54 -27.07 -36.50
CA PHE BA 42 -9.54 -27.23 -35.06
C PHE BA 42 -8.77 -26.06 -34.44
N CYS BA 43 -9.11 -25.78 -33.18
CA CYS BA 43 -8.21 -25.01 -32.31
C CYS BA 43 -7.72 -25.85 -31.12
N CYS BA 44 -6.47 -25.61 -30.73
CA CYS BA 44 -5.94 -26.14 -29.48
C CYS BA 44 -5.99 -25.03 -28.48
N ARG BA 45 -6.50 -25.31 -27.29
CA ARG BA 45 -6.72 -24.28 -26.30
C ARG BA 45 -5.80 -24.38 -25.08
N SER BA 46 -5.19 -23.25 -24.74
CA SER BA 46 -4.49 -23.06 -23.46
C SER BA 46 -4.91 -21.75 -22.80
N GLY BA 47 -4.63 -21.66 -21.50
CA GLY BA 47 -5.02 -20.51 -20.67
C GLY BA 47 -6.31 -20.78 -19.93
N SER BA 48 -7.08 -19.73 -19.70
CA SER BA 48 -8.39 -19.82 -19.03
C SER BA 48 -9.35 -20.75 -19.77
N ALA BA 49 -9.89 -21.74 -19.06
CA ALA BA 49 -10.88 -22.64 -19.62
C ALA BA 49 -12.14 -21.91 -20.02
N ALA BA 50 -12.62 -21.02 -19.16
CA ALA BA 50 -13.82 -20.26 -19.47
C ALA BA 50 -13.60 -19.40 -20.70
N ASP BA 51 -12.47 -18.71 -20.76
CA ASP BA 51 -12.20 -17.80 -21.86
C ASP BA 51 -12.07 -18.52 -23.18
N THR BA 52 -11.27 -19.59 -23.21
CA THR BA 52 -11.04 -20.27 -24.47
C THR BA 52 -12.27 -21.02 -24.99
N GLN BA 53 -13.11 -21.52 -24.08
CA GLN BA 53 -14.38 -22.14 -24.46
C GLN BA 53 -15.37 -21.12 -25.08
N ALA BA 54 -15.50 -19.97 -24.43
CA ALA BA 54 -16.40 -18.91 -24.87
C ALA BA 54 -15.96 -18.35 -26.21
N VAL BA 55 -14.65 -18.13 -26.34
CA VAL BA 55 -14.10 -17.60 -27.59
C VAL BA 55 -14.27 -18.61 -28.73
N ALA BA 56 -13.94 -19.87 -28.46
CA ALA BA 56 -14.11 -20.94 -29.44
C ALA BA 56 -15.56 -21.15 -29.89
N ASP BA 57 -16.51 -21.04 -28.95
CA ASP BA 57 -17.94 -21.10 -29.29
C ASP BA 57 -18.40 -19.94 -30.19
N ALA BA 58 -17.89 -18.75 -29.90
CA ALA BA 58 -18.19 -17.57 -30.66
C ALA BA 58 -17.61 -17.63 -32.06
N VAL BA 59 -16.38 -18.11 -32.22
CA VAL BA 59 -15.76 -18.21 -33.54
C VAL BA 59 -16.45 -19.28 -34.37
N THR BA 60 -16.81 -20.38 -33.73
CA THR BA 60 -17.56 -21.47 -34.38
C THR BA 60 -18.84 -20.90 -35.03
N TYR BA 61 -19.59 -20.12 -34.25
CA TYR BA 61 -20.82 -19.44 -34.74
C TYR BA 61 -20.53 -18.48 -35.90
N GLN BA 62 -19.53 -17.62 -35.74
CA GLN BA 62 -19.12 -16.69 -36.78
C GLN BA 62 -18.76 -17.38 -38.08
N LEU BA 63 -17.91 -18.38 -37.98
CA LEU BA 63 -17.42 -19.14 -39.13
C LEU BA 63 -18.49 -20.01 -39.81
N GLY BA 64 -19.39 -20.61 -39.03
CA GLY BA 64 -20.46 -21.45 -39.58
C GLY BA 64 -21.44 -20.64 -40.43
N PHE BA 65 -21.78 -19.45 -39.94
CA PHE BA 65 -22.66 -18.52 -40.65
C PHE BA 65 -21.94 -18.01 -41.91
N HIS BA 66 -20.67 -17.63 -41.78
CA HIS BA 66 -19.84 -17.17 -42.92
C HIS BA 66 -19.79 -18.19 -44.03
N SER BA 67 -19.55 -19.44 -43.61
CA SER BA 67 -19.45 -20.56 -44.52
C SER BA 67 -20.77 -20.89 -45.27
N ILE BA 68 -21.93 -20.69 -44.64
CA ILE BA 68 -23.23 -20.91 -45.31
C ILE BA 68 -23.52 -19.80 -46.33
N GLU BA 69 -23.20 -18.57 -45.94
CA GLU BA 69 -23.28 -17.40 -46.81
C GLU BA 69 -22.47 -17.51 -48.11
N LEU BA 70 -21.22 -17.94 -47.98
CA LEU BA 70 -20.33 -18.14 -49.14
C LEU BA 70 -20.57 -19.45 -49.87
N ASN BA 71 -21.18 -20.42 -49.18
CA ASN BA 71 -21.46 -21.74 -49.75
C ASN BA 71 -20.17 -22.42 -50.20
N GLU BA 72 -19.15 -22.34 -49.35
CA GLU BA 72 -17.85 -22.96 -49.61
C GLU BA 72 -17.24 -23.33 -48.26
N PRO BA 73 -16.32 -24.33 -48.24
CA PRO BA 73 -15.66 -24.59 -46.95
C PRO BA 73 -14.81 -23.39 -46.54
N PRO BA 74 -14.69 -23.14 -45.22
CA PRO BA 74 -13.95 -21.97 -44.80
C PRO BA 74 -12.45 -22.15 -44.92
N LEU BA 75 -11.76 -21.05 -45.14
CA LEU BA 75 -10.30 -21.03 -45.14
C LEU BA 75 -9.74 -21.17 -43.72
N VAL BA 76 -8.59 -21.80 -43.56
CA VAL BA 76 -8.01 -21.91 -42.20
C VAL BA 76 -7.57 -20.52 -41.73
N HIS BA 77 -7.02 -19.74 -42.66
CA HIS BA 77 -6.61 -18.36 -42.40
C HIS BA 77 -7.76 -17.46 -41.94
N THR BA 78 -8.97 -17.77 -42.38
CA THR BA 78 -10.16 -17.05 -41.93
C THR BA 78 -10.56 -17.41 -40.50
N ALA BA 79 -10.49 -18.70 -40.14
CA ALA BA 79 -10.69 -19.12 -38.74
C ALA BA 79 -9.68 -18.46 -37.82
N ALA BA 80 -8.42 -18.48 -38.22
CA ALA BA 80 -7.35 -17.85 -37.44
C ALA BA 80 -7.58 -16.35 -37.26
N SER BA 81 -8.03 -15.70 -38.34
CA SER BA 81 -8.32 -14.27 -38.32
C SER BA 81 -9.41 -13.93 -37.32
N LEU BA 82 -10.46 -14.74 -37.27
CA LEU BA 82 -11.58 -14.48 -36.35
C LEU BA 82 -11.13 -14.63 -34.92
N PHE BA 83 -10.32 -15.65 -34.65
CA PHE BA 83 -9.69 -15.84 -33.33
C PHE BA 83 -8.84 -14.64 -32.98
N LYS BA 84 -7.98 -14.24 -33.92
CA LYS BA 84 -7.10 -13.08 -33.73
C LYS BA 84 -7.92 -11.83 -33.36
N GLU BA 85 -9.00 -11.57 -34.10
CA GLU BA 85 -9.76 -10.34 -33.91
C GLU BA 85 -10.37 -10.26 -32.54
N MET BA 86 -10.90 -11.38 -32.07
CA MET BA 86 -11.53 -11.42 -30.77
C MET BA 86 -10.48 -11.41 -29.63
N CYS BA 87 -9.43 -12.20 -29.77
CA CYS BA 87 -8.34 -12.24 -28.80
C CYS BA 87 -7.56 -10.94 -28.71
N TYR BA 88 -7.40 -10.23 -29.81
CA TYR BA 88 -6.73 -8.93 -29.78
C TYR BA 88 -7.60 -7.83 -29.17
N ARG BA 89 -8.84 -7.73 -29.63
CA ARG BA 89 -9.78 -6.70 -29.15
C ARG BA 89 -10.05 -6.83 -27.66
N TYR BA 90 -10.21 -8.06 -27.18
CA TYR BA 90 -10.45 -8.34 -25.76
C TYR BA 90 -9.20 -8.87 -25.00
N ARG BA 91 -8.00 -8.44 -25.43
CA ARG BA 91 -6.73 -8.88 -24.83
C ARG BA 91 -6.59 -8.51 -23.37
N GLU BA 92 -7.13 -7.37 -22.96
CA GLU BA 92 -7.11 -7.01 -21.55
C GLU BA 92 -8.10 -7.78 -20.70
N ASP BA 93 -9.02 -8.52 -21.29
CA ASP BA 93 -10.07 -9.22 -20.53
C ASP BA 93 -10.06 -10.72 -20.74
N LEU BA 94 -9.06 -11.24 -21.44
CA LEU BA 94 -8.99 -12.64 -21.80
C LEU BA 94 -7.62 -13.18 -21.47
N MET BA 95 -7.59 -14.47 -21.13
CA MET BA 95 -6.35 -15.19 -20.93
C MET BA 95 -6.41 -16.46 -21.76
N ALA BA 96 -5.86 -16.38 -22.97
CA ALA BA 96 -6.07 -17.40 -23.98
C ALA BA 96 -4.85 -17.48 -24.88
N GLY BA 97 -4.32 -18.69 -25.02
CA GLY BA 97 -3.21 -18.95 -25.91
C GLY BA 97 -3.67 -20.06 -26.83
N ILE BA 98 -3.84 -19.72 -28.11
CA ILE BA 98 -4.55 -20.54 -29.08
C ILE BA 98 -3.63 -20.98 -30.21
N ILE BA 99 -3.81 -22.22 -30.66
CA ILE BA 99 -3.27 -22.67 -31.95
C ILE BA 99 -4.47 -23.05 -32.81
N ILE BA 100 -4.54 -22.49 -34.02
CA ILE BA 100 -5.58 -22.85 -35.00
C ILE BA 100 -4.91 -23.63 -36.11
N ALA BA 101 -5.46 -24.80 -36.42
CA ALA BA 101 -4.87 -25.64 -37.43
C ALA BA 101 -5.94 -26.41 -38.15
N GLY BA 102 -5.72 -26.60 -39.44
CA GLY BA 102 -6.64 -27.40 -40.21
C GLY BA 102 -6.24 -27.52 -41.65
N TRP BA 103 -7.22 -27.84 -42.50
CA TRP BA 103 -7.01 -28.01 -43.93
C TRP BA 103 -8.13 -27.29 -44.67
N ASP BA 104 -7.77 -26.61 -45.76
CA ASP BA 104 -8.74 -26.15 -46.75
C ASP BA 104 -8.19 -26.39 -48.17
N PRO BA 105 -9.09 -26.44 -49.18
CA PRO BA 105 -8.65 -26.76 -50.54
C PRO BA 105 -7.72 -25.74 -51.18
N GLN BA 106 -7.68 -24.52 -50.66
CA GLN BA 106 -6.91 -23.44 -51.25
C GLN BA 106 -5.43 -23.50 -50.84
N GLU BA 107 -5.16 -23.58 -49.53
CA GLU BA 107 -3.80 -23.54 -48.99
C GLU BA 107 -3.33 -24.84 -48.31
N GLY BA 108 -4.17 -25.86 -48.28
CA GLY BA 108 -3.81 -27.14 -47.71
C GLY BA 108 -3.70 -27.11 -46.20
N GLY BA 109 -2.70 -27.82 -45.67
CA GLY BA 109 -2.50 -27.94 -44.24
C GLY BA 109 -1.83 -26.70 -43.69
N GLN BA 110 -2.45 -26.10 -42.67
CA GLN BA 110 -1.91 -24.89 -42.04
C GLN BA 110 -2.03 -24.86 -40.53
N VAL BA 111 -1.01 -24.25 -39.89
CA VAL BA 111 -0.94 -24.04 -38.44
C VAL BA 111 -0.75 -22.54 -38.16
N TYR BA 112 -1.63 -21.94 -37.36
CA TYR BA 112 -1.51 -20.52 -36.96
C TYR BA 112 -1.46 -20.44 -35.46
N SER BA 113 -0.53 -19.64 -34.93
CA SER BA 113 -0.49 -19.34 -33.50
C SER BA 113 -1.18 -18.01 -33.26
N VAL BA 114 -2.10 -17.98 -32.29
CA VAL BA 114 -2.60 -16.74 -31.74
C VAL BA 114 -2.31 -16.77 -30.24
N PRO BA 115 -1.12 -16.29 -29.84
CA PRO BA 115 -0.75 -16.29 -28.42
C PRO BA 115 -1.44 -15.18 -27.66
N MET BA 116 -1.25 -15.13 -26.36
CA MET BA 116 -1.81 -14.04 -25.57
C MET BA 116 -1.35 -12.69 -26.09
N GLY BA 117 -2.26 -11.73 -26.05
CA GLY BA 117 -2.07 -10.46 -26.72
C GLY BA 117 -2.77 -10.39 -28.06
N GLY BA 118 -2.93 -11.52 -28.74
CA GLY BA 118 -3.68 -11.61 -29.98
C GLY BA 118 -2.95 -11.25 -31.26
N MET BA 119 -1.64 -11.46 -31.33
CA MET BA 119 -0.96 -11.51 -32.62
C MET BA 119 -1.35 -12.80 -33.34
N MET BA 120 -1.08 -12.86 -34.63
CA MET BA 120 -1.28 -14.09 -35.41
C MET BA 120 -0.09 -14.28 -36.32
N VAL BA 121 0.41 -15.51 -36.36
CA VAL BA 121 1.55 -15.84 -37.18
C VAL BA 121 1.42 -17.29 -37.61
N ARG BA 122 1.69 -17.54 -38.89
CA ARG BA 122 1.68 -18.87 -39.46
C ARG BA 122 3.02 -19.53 -39.21
N GLN BA 123 2.98 -20.83 -38.90
CA GLN BA 123 4.18 -21.58 -38.56
C GLN BA 123 4.17 -23.02 -39.12
N SER BA 124 5.35 -23.54 -39.42
CA SER BA 124 5.54 -24.96 -39.75
C SER BA 124 4.99 -25.85 -38.65
N PHE BA 125 5.34 -25.53 -37.42
CA PHE BA 125 4.75 -26.16 -36.26
C PHE BA 125 4.68 -25.15 -35.12
N ALA BA 126 3.75 -25.38 -34.21
CA ALA BA 126 3.56 -24.47 -33.09
C ALA BA 126 3.43 -25.26 -31.79
N ILE BA 127 3.88 -24.65 -30.70
CA ILE BA 127 3.67 -25.16 -29.36
C ILE BA 127 3.19 -24.02 -28.47
N GLY BA 128 2.35 -24.37 -27.49
CA GLY BA 128 1.87 -23.39 -26.51
C GLY BA 128 1.48 -24.02 -25.19
N GLY BA 129 1.06 -23.16 -24.25
CA GLY BA 129 0.76 -23.58 -22.89
C GLY BA 129 1.98 -23.59 -21.97
N SER BA 130 1.71 -23.62 -20.67
CA SER BA 130 2.74 -23.61 -19.64
C SER BA 130 3.88 -24.60 -19.93
N GLY BA 131 3.50 -25.84 -20.25
CA GLY BA 131 4.46 -26.91 -20.51
C GLY BA 131 5.36 -26.74 -21.71
N SER BA 132 4.99 -25.88 -22.64
CA SER BA 132 5.78 -25.68 -23.85
C SER BA 132 7.19 -25.17 -23.57
N SER BA 133 7.40 -24.49 -22.46
CA SER BA 133 8.76 -24.05 -22.09
C SER BA 133 9.77 -25.21 -22.07
N TYR BA 134 9.32 -26.38 -21.60
CA TYR BA 134 10.21 -27.51 -21.40
C TYR BA 134 10.53 -28.30 -22.65
N ILE BA 135 9.92 -27.96 -23.78
CA ILE BA 135 10.18 -28.64 -25.05
C ILE BA 135 10.69 -27.77 -26.19
N TYR BA 136 11.00 -26.48 -25.97
CA TYR BA 136 11.55 -25.68 -27.06
C TYR BA 136 12.82 -26.28 -27.61
N GLY BA 137 13.73 -26.63 -26.73
CA GLY BA 137 14.95 -27.27 -27.13
C GLY BA 137 14.69 -28.52 -27.95
N TYR BA 138 13.85 -29.40 -27.42
CA TYR BA 138 13.62 -30.71 -28.01
C TYR BA 138 13.08 -30.57 -29.41
N VAL BA 139 12.04 -29.77 -29.55
CA VAL BA 139 11.43 -29.60 -30.87
C VAL BA 139 12.38 -28.87 -31.82
N ASP BA 140 13.18 -27.93 -31.33
CA ASP BA 140 14.23 -27.30 -32.15
C ASP BA 140 15.27 -28.27 -32.69
N ALA BA 141 15.57 -29.33 -31.93
CA ALA BA 141 16.56 -30.31 -32.31
C ALA BA 141 15.97 -31.44 -33.14
N THR BA 142 14.70 -31.74 -32.94
CA THR BA 142 14.06 -32.88 -33.59
C THR BA 142 13.36 -32.50 -34.91
N TYR BA 143 12.63 -31.39 -34.95
CA TYR BA 143 11.89 -31.02 -36.18
C TYR BA 143 12.74 -31.18 -37.43
N ARG BA 144 12.23 -31.91 -38.42
CA ARG BA 144 12.83 -32.04 -39.76
C ARG BA 144 11.83 -31.49 -40.80
N GLU BA 145 12.34 -30.78 -41.79
CA GLU BA 145 11.55 -30.39 -42.96
C GLU BA 145 11.16 -31.66 -43.74
N GLY BA 146 9.89 -31.76 -44.13
CA GLY BA 146 9.40 -32.85 -44.98
C GLY BA 146 8.88 -34.07 -44.27
N MET BA 147 8.55 -33.95 -42.99
CA MET BA 147 8.06 -35.09 -42.21
CA MET BA 147 8.09 -35.09 -42.21
C MET BA 147 6.75 -35.61 -42.76
N THR BA 148 6.58 -36.92 -42.78
CA THR BA 148 5.31 -37.53 -43.16
C THR BA 148 4.32 -37.32 -42.04
N LYS BA 149 3.08 -37.74 -42.27
CA LYS BA 149 2.02 -37.62 -41.26
C LYS BA 149 2.34 -38.45 -40.01
N GLU BA 150 2.80 -39.66 -40.22
CA GLU BA 150 3.06 -40.60 -39.13
C GLU BA 150 4.24 -40.09 -38.27
N GLU BA 151 5.27 -39.59 -38.93
CA GLU BA 151 6.36 -38.87 -38.29
C GLU BA 151 5.93 -37.65 -37.47
N CYS BA 152 4.97 -36.86 -38.00
CA CYS BA 152 4.39 -35.71 -37.27
C CYS BA 152 3.62 -36.11 -36.01
N LEU BA 153 2.88 -37.22 -36.10
CA LEU BA 153 2.18 -37.81 -34.95
C LEU BA 153 3.14 -38.31 -33.85
N GLN BA 154 4.21 -38.98 -34.27
CA GLN BA 154 5.23 -39.48 -33.37
C GLN BA 154 5.95 -38.31 -32.68
N PHE BA 155 6.38 -37.34 -33.48
CA PHE BA 155 7.03 -36.11 -33.02
C PHE BA 155 6.16 -35.40 -31.98
N THR BA 156 4.88 -35.24 -32.31
CA THR BA 156 3.92 -34.59 -31.41
C THR BA 156 3.73 -35.35 -30.10
N ALA BA 157 3.60 -36.66 -30.16
CA ALA BA 157 3.36 -37.45 -28.95
C ALA BA 157 4.58 -37.46 -28.00
N ASN BA 158 5.78 -37.57 -28.60
CA ASN BA 158 7.04 -37.43 -27.92
C ASN BA 158 7.19 -36.10 -27.18
N ALA BA 159 6.99 -35.02 -27.90
CA ALA BA 159 7.12 -33.68 -27.33
C ALA BA 159 6.17 -33.47 -26.17
N LEU BA 160 4.93 -33.88 -26.34
CA LEU BA 160 3.92 -33.71 -25.30
C LEU BA 160 4.18 -34.62 -24.12
N ALA BA 161 4.74 -35.79 -24.37
CA ALA BA 161 5.06 -36.74 -23.31
C ALA BA 161 6.16 -36.20 -22.41
N LEU BA 162 7.15 -35.56 -23.05
CA LEU BA 162 8.26 -34.91 -22.37
C LEU BA 162 7.79 -33.72 -21.53
N ALA BA 163 6.99 -32.84 -22.11
CA ALA BA 163 6.44 -31.70 -21.37
C ALA BA 163 5.61 -32.17 -20.19
N MET BA 164 4.76 -33.16 -20.41
CA MET BA 164 3.87 -33.70 -19.38
C MET BA 164 4.63 -34.30 -18.21
N GLU BA 165 5.77 -34.90 -18.51
CA GLU BA 165 6.66 -35.45 -17.50
C GLU BA 165 7.16 -34.36 -16.51
N ARG BA 166 7.56 -33.21 -17.04
CA ARG BA 166 8.17 -32.13 -16.27
C ARG BA 166 7.23 -31.06 -15.74
N ASP BA 167 6.21 -30.70 -16.52
CA ASP BA 167 5.26 -29.64 -16.15
C ASP BA 167 4.22 -30.23 -15.23
N GLY BA 168 4.16 -29.72 -14.01
CA GLY BA 168 3.10 -30.08 -13.07
C GLY BA 168 1.73 -29.71 -13.59
N SER BA 169 1.69 -28.63 -14.36
CA SER BA 169 0.46 -28.11 -14.94
C SER BA 169 -0.01 -28.83 -16.21
N SER BA 170 0.79 -29.76 -16.74
CA SER BA 170 0.36 -30.64 -17.84
C SER BA 170 0.28 -32.06 -17.36
N GLY BA 171 -0.41 -32.93 -18.07
CA GLY BA 171 -0.49 -34.33 -17.69
C GLY BA 171 -1.72 -35.05 -18.19
N GLY BA 172 -1.84 -36.32 -17.81
CA GLY BA 172 -3.01 -37.14 -18.12
C GLY BA 172 -2.82 -37.98 -19.36
N VAL BA 173 -3.71 -37.84 -20.34
CA VAL BA 173 -3.61 -38.55 -21.61
C VAL BA 173 -3.15 -37.59 -22.68
N ILE BA 174 -2.54 -38.12 -23.72
CA ILE BA 174 -2.29 -37.34 -24.93
C ILE BA 174 -3.43 -37.56 -25.91
N ARG BA 175 -4.05 -36.46 -26.32
CA ARG BA 175 -5.05 -36.44 -27.41
C ARG BA 175 -4.43 -35.91 -28.68
N LEU BA 176 -4.56 -36.69 -29.75
CA LEU BA 176 -4.08 -36.32 -31.08
C LEU BA 176 -5.22 -36.31 -32.06
N ALA BA 177 -5.03 -35.51 -33.11
CA ALA BA 177 -5.92 -35.45 -34.25
C ALA BA 177 -5.11 -35.17 -35.50
N ALA BA 178 -5.43 -35.85 -36.59
CA ALA BA 178 -4.87 -35.54 -37.90
C ALA BA 178 -5.98 -35.05 -38.83
N ILE BA 179 -5.73 -33.95 -39.54
CA ILE BA 179 -6.73 -33.33 -40.40
C ILE BA 179 -6.15 -33.24 -41.79
N ALA BA 180 -6.87 -33.81 -42.75
CA ALA BA 180 -6.48 -33.74 -44.15
C ALA BA 180 -7.73 -33.63 -45.04
N GLU BA 181 -7.54 -33.59 -46.36
CA GLU BA 181 -8.69 -33.55 -47.27
C GLU BA 181 -9.71 -34.62 -46.94
N SER BA 182 -9.24 -35.83 -46.64
CA SER BA 182 -10.13 -36.98 -46.39
C SER BA 182 -10.92 -36.93 -45.08
N GLY BA 183 -10.56 -36.04 -44.15
CA GLY BA 183 -11.30 -35.89 -42.90
C GLY BA 183 -10.42 -35.78 -41.66
N VAL BA 184 -11.02 -36.11 -40.52
CA VAL BA 184 -10.42 -35.95 -39.22
C VAL BA 184 -10.28 -37.31 -38.53
N GLU BA 185 -9.07 -37.63 -38.08
CA GLU BA 185 -8.77 -38.88 -37.38
C GLU BA 185 -8.28 -38.53 -35.98
N ARG BA 186 -9.06 -38.90 -34.98
CA ARG BA 186 -8.74 -38.61 -33.60
C ARG BA 186 -8.29 -39.86 -32.87
N GLN BA 187 -7.43 -39.69 -31.87
CA GLN BA 187 -7.02 -40.81 -30.99
C GLN BA 187 -6.45 -40.33 -29.65
N VAL BA 188 -6.42 -41.28 -28.71
CA VAL BA 188 -5.89 -41.07 -27.39
C VAL BA 188 -4.71 -42.02 -27.16
N LEU BA 189 -3.57 -41.46 -26.75
CA LEU BA 189 -2.46 -42.23 -26.18
C LEU BA 189 -2.55 -42.16 -24.66
N LEU BA 190 -2.78 -43.30 -24.02
CA LEU BA 190 -2.93 -43.37 -22.56
C LEU BA 190 -2.11 -44.49 -21.93
N GLY BA 191 -1.71 -44.27 -20.68
CA GLY BA 191 -0.91 -45.24 -19.93
C GLY BA 191 0.39 -45.61 -20.63
N ASP BA 192 0.55 -46.91 -20.91
CA ASP BA 192 1.77 -47.44 -21.55
C ASP BA 192 1.94 -47.02 -23.02
N GLN BA 193 0.88 -46.47 -23.63
CA GLN BA 193 0.95 -45.99 -25.01
C GLN BA 193 1.68 -44.66 -25.11
N ILE BA 194 1.78 -43.93 -24.01
CA ILE BA 194 2.50 -42.62 -23.96
C ILE BA 194 4.01 -42.91 -24.00
N PRO BA 195 4.78 -42.23 -24.91
CA PRO BA 195 6.20 -42.49 -25.01
C PRO BA 195 6.91 -42.31 -23.68
N LYS BA 196 7.82 -43.23 -23.39
CA LYS BA 196 8.49 -43.34 -22.09
C LYS BA 196 9.98 -42.99 -22.25
N PHE BA 197 10.51 -42.23 -21.29
CA PHE BA 197 11.95 -41.93 -21.25
C PHE BA 197 12.45 -42.09 -19.81
N ALA BA 198 13.45 -42.95 -19.58
CA ALA BA 198 13.97 -43.24 -18.24
C ALA BA 198 14.29 -41.99 -17.38
N VAL BA 199 13.86 -42.01 -16.11
CA VAL BA 199 14.43 -41.12 -15.08
C VAL BA 199 15.91 -41.56 -14.93
N ALA BA 200 16.81 -40.58 -14.84
CA ALA BA 200 18.26 -40.82 -14.94
C ALA BA 200 18.88 -41.21 -13.61
N THR BA 201 18.50 -42.39 -13.11
CA THR BA 201 19.06 -42.99 -11.89
C THR BA 201 20.58 -43.18 -11.97
N LEU BA 202 21.21 -43.28 -10.80
CA LEU BA 202 22.66 -43.17 -10.68
C LEU BA 202 23.37 -44.51 -10.99
N PRO BA 203 24.42 -44.47 -11.87
CA PRO BA 203 25.39 -45.59 -11.93
C PRO BA 203 26.10 -45.83 -10.59
C ACE CA 1 22.90 15.61 -1.92
O ACE CA 1 23.87 15.86 -1.22
CH3 ACE CA 1 21.84 16.66 -1.98
N IML CA 2 22.74 14.46 -2.64
CA IML CA 2 23.91 13.53 -2.81
C IML CA 2 24.51 13.60 -4.22
O IML CA 2 23.84 13.25 -5.17
CB IML CA 2 23.56 12.07 -2.43
CN IML CA 2 21.45 14.09 -3.29
CG2 IML CA 2 22.88 11.86 -1.04
CG1 IML CA 2 24.86 11.28 -2.55
CD1 IML CA 2 24.82 10.46 -3.79
N ILE CA 3 25.77 14.03 -4.39
CA ILE CA 3 26.32 14.15 -5.73
C ILE CA 3 26.68 12.83 -6.38
N THR CA 4 26.40 12.67 -7.70
CA THR CA 4 26.68 11.46 -8.47
C THR CA 4 27.57 11.74 -9.67
CA 6VO CA 5 29.14 10.71 -11.24
C14 6VO CA 5 30.51 10.24 -10.71
C16 6VO CA 5 31.43 12.42 -9.72
C20 6VO CA 5 32.39 10.23 -9.06
C15 6VO CA 5 31.11 10.96 -9.47
N 6VO CA 5 28.21 10.65 -10.16
C 6VO CA 5 28.69 9.84 -12.42
C22 6VO CA 5 27.33 10.26 -13.10
C23 6VO CA 5 27.12 9.63 -14.51
O6 6VO CA 5 26.23 9.80 -12.27
C24 6VO CA 5 26.97 11.75 -13.18
O 6VO CA 5 28.52 8.53 -11.88
C ACE DA 1 -5.97 -8.64 23.53
O ACE DA 1 -5.87 -7.83 24.43
CH3 ACE DA 1 -4.86 -9.46 22.90
N IML DA 2 -7.19 -8.80 23.07
CA IML DA 2 -8.00 -9.52 24.03
C IML DA 2 -8.94 -8.54 24.68
O IML DA 2 -9.39 -7.62 24.02
CB IML DA 2 -8.61 -10.85 23.44
CN IML DA 2 -7.68 -8.19 21.84
CG2 IML DA 2 -9.24 -10.83 22.07
CG1 IML DA 2 -9.58 -11.46 24.46
CD1 IML DA 2 -10.23 -12.86 24.39
N ILE DA 3 -9.25 -8.70 25.95
CA ILE DA 3 -10.28 -7.89 26.58
C ILE DA 3 -9.94 -6.50 27.05
N THR DA 4 -10.95 -5.64 26.98
CA THR DA 4 -10.87 -4.23 27.35
C THR DA 4 -11.88 -3.88 28.41
CA 6VO DA 5 -12.48 -2.33 30.20
C14 6VO DA 5 -11.67 -2.31 31.50
C16 6VO DA 5 -12.00 -4.80 31.99
C20 6VO DA 5 -10.26 -3.50 33.19
C15 6VO DA 5 -11.02 -3.64 31.86
N 6VO DA 5 -11.62 -2.79 29.13
C 6VO DA 5 -13.10 -0.96 29.85
C22 6VO DA 5 -14.08 -0.96 28.65
C23 6VO DA 5 -14.81 0.38 28.40
O6 6VO DA 5 -13.34 -1.29 27.47
C24 6VO DA 5 -15.12 -2.06 28.71
O 6VO DA 5 -12.05 -0.05 29.62
C ACE EA 1 19.59 -8.26 -9.69
O ACE EA 1 20.31 -9.27 -9.73
CH3 ACE EA 1 18.12 -8.30 -10.00
N IML EA 2 20.10 -7.07 -9.35
CA IML EA 2 21.35 -6.63 -10.04
C IML EA 2 21.92 -7.44 -11.22
O IML EA 2 21.26 -7.68 -12.23
CB IML EA 2 21.29 -5.18 -10.57
CN IML EA 2 19.52 -6.24 -8.26
CG2 IML EA 2 20.01 -4.86 -11.33
CG1 IML EA 2 21.65 -4.14 -9.49
CD1 IML EA 2 22.90 -3.35 -9.84
N ILE EA 3 23.21 -7.82 -11.11
CA ILE EA 3 23.92 -8.50 -12.14
C ILE EA 3 23.84 -9.98 -11.95
N THR EA 4 23.29 -10.70 -12.92
CA THR EA 4 23.10 -12.14 -12.90
C THR EA 4 23.69 -12.85 -14.09
CA 6VO EA 5 24.30 -15.14 -14.82
C14 6VO EA 5 25.47 -15.90 -14.17
C16 6VO EA 5 27.44 -14.36 -14.27
C20 6VO EA 5 27.16 -16.15 -12.49
C15 6VO EA 5 26.48 -15.11 -13.37
N 6VO EA 5 23.79 -14.16 -13.90
C 6VO EA 5 23.17 -16.09 -15.27
C22 6VO EA 5 21.98 -15.48 -16.10
C23 6VO EA 5 21.02 -16.50 -16.76
O6 6VO EA 5 21.15 -14.68 -15.25
C24 6VO EA 5 22.46 -14.51 -17.17
O 6VO EA 5 22.62 -16.67 -14.08
C ACE FA 1 -24.19 -12.62 4.69
O ACE FA 1 -25.38 -12.41 4.49
CH3 ACE FA 1 -23.56 -12.23 6.01
N IML FA 2 -23.37 -13.19 3.78
CA IML FA 2 -24.02 -13.91 2.66
C IML FA 2 -23.92 -15.39 2.93
O IML FA 2 -22.84 -15.88 3.20
CB IML FA 2 -23.57 -13.47 1.21
CN IML FA 2 -21.90 -13.16 3.87
CG2 IML FA 2 -22.65 -14.45 0.49
CG1 IML FA 2 -23.09 -12.01 1.08
CD1 IML FA 2 -22.59 -11.56 -0.31
N ILE FA 3 -25.05 -16.13 2.87
CA ILE FA 3 -24.98 -17.54 3.15
C ILE FA 3 -24.36 -18.30 1.97
N THR FA 4 -23.54 -19.33 2.29
CA THR FA 4 -22.83 -20.18 1.33
C THR FA 4 -23.17 -21.65 1.53
CA 6VO FA 5 -23.24 -23.87 0.44
C14 6VO FA 5 -24.30 -24.08 -0.65
C16 6VO FA 5 -26.28 -23.28 0.85
C20 6VO FA 5 -26.57 -23.57 -1.61
C15 6VO FA 5 -25.57 -23.23 -0.51
N 6VO FA 5 -22.94 -22.45 0.47
C 6VO FA 5 -21.99 -24.71 0.21
C22 6VO FA 5 -20.86 -24.62 1.32
C23 6VO FA 5 -19.82 -25.77 1.22
O6 6VO FA 5 -20.14 -23.38 1.14
C24 6VO FA 5 -21.32 -24.55 2.79
O 6VO FA 5 -21.45 -24.21 -1.03
C ACE GA 1 -1.25 23.40 -11.25
O ACE GA 1 -2.02 24.19 -10.68
CH3 ACE GA 1 -1.56 22.38 -12.32
N IML GA 2 0.02 23.36 -10.93
CA IML GA 2 0.76 24.52 -11.33
C IML GA 2 0.78 25.58 -10.26
O IML GA 2 0.98 25.27 -9.10
CB IML GA 2 2.13 24.16 -11.92
CN IML GA 2 0.58 22.23 -10.20
CG2 IML GA 2 3.23 23.49 -11.05
CG1 IML GA 2 2.71 25.49 -12.40
CD1 IML GA 2 3.87 25.28 -13.30
N ILE GA 3 0.60 26.86 -10.64
CA ILE GA 3 0.76 27.90 -9.69
C ILE GA 3 -0.37 28.21 -8.73
N THR GA 4 0.03 28.67 -7.54
CA THR GA 4 -0.86 29.04 -6.46
C THR GA 4 -0.70 30.47 -6.02
CA 6VO GA 5 -1.73 32.39 -4.87
C14 6VO GA 5 -2.91 33.12 -5.54
C16 6VO GA 5 -1.64 33.63 -7.70
C20 6VO GA 5 -4.12 33.81 -7.65
C15 6VO GA 5 -2.92 33.08 -7.07
N 6VO GA 5 -1.72 31.02 -5.37
C 6VO GA 5 -1.77 32.43 -3.32
C22 6VO GA 5 -0.49 31.85 -2.63
C23 6VO GA 5 -0.49 32.01 -1.09
O6 6VO GA 5 -0.46 30.44 -2.89
C24 6VO GA 5 0.81 32.49 -3.20
O 6VO GA 5 -2.93 31.73 -2.88
C ACE HA 1 -8.17 -17.27 -12.04
O ACE HA 1 -7.24 -16.53 -11.75
CH3 ACE HA 1 -9.59 -16.74 -12.20
N IML HA 2 -7.92 -18.57 -12.23
CA IML HA 2 -8.99 -19.54 -11.91
C IML HA 2 -8.76 -20.94 -12.43
O IML HA 2 -7.76 -21.53 -12.05
CB IML HA 2 -9.24 -19.50 -10.38
CN IML HA 2 -6.60 -18.94 -12.74
CG2 IML HA 2 -8.12 -20.10 -9.51
CG1 IML HA 2 -10.65 -20.03 -10.10
CD1 IML HA 2 -11.20 -19.58 -8.76
N ILE HA 3 -9.65 -21.46 -13.27
CA ILE HA 3 -9.48 -22.81 -13.80
C ILE HA 3 -8.83 -22.68 -15.17
N THR HA 4 -7.62 -23.25 -15.32
CA THR HA 4 -6.78 -23.20 -16.53
C THR HA 4 -6.41 -24.54 -17.09
CA 6VO HA 5 -5.44 -25.58 -19.12
C14 6VO HA 5 -6.23 -25.57 -20.46
C16 6VO HA 5 -8.46 -26.58 -19.89
C20 6VO HA 5 -8.22 -24.95 -21.76
C15 6VO HA 5 -7.74 -25.35 -20.39
N 6VO HA 5 -5.91 -24.48 -18.32
C 6VO HA 5 -3.91 -25.46 -19.35
C22 6VO HA 5 -2.98 -25.63 -18.10
C23 6VO HA 5 -1.47 -25.75 -18.45
O6 6VO HA 5 -3.08 -24.44 -17.31
C24 6VO HA 5 -3.35 -26.70 -17.05
O 6VO HA 5 -3.72 -24.14 -19.98
CL CL IA . 44.21 -9.59 36.59
CL CL JA . 63.05 2.29 0.96
CL CL KA . 54.59 -3.37 8.89
CL CL LA . 51.49 9.22 3.78
CL CL MA . 39.23 26.49 23.01
CL CL NA . 37.30 26.65 25.29
CL CL OA . 36.88 8.99 63.38
CL CL PA . 28.60 1.76 42.80
CL CL QA . 27.01 -16.85 66.63
CL CL RA . 33.30 -40.41 52.82
CL CL SA . 37.49 -39.69 43.20
CL CL TA . 28.61 -25.95 55.05
CL CL UA . 26.86 -33.02 55.74
CL CL VA . 51.88 -43.23 30.36
CL CL WA . 41.89 -18.86 -1.46
CL CL XA . 78.02 -26.45 -2.37
K K YA . 55.16 -14.15 28.33
MG MG ZA . 22.60 -9.81 -1.87
MG MG AB . 26.18 14.87 -21.92
CL CL BB . 39.85 -11.60 -7.33
OH2 1PE CB . 31.21 2.38 12.02
C12 1PE CB . 29.86 2.83 11.95
C22 1PE CB . 29.43 2.94 10.50
OH3 1PE CB . 30.18 3.98 9.83
C13 1PE CB . 30.52 5.14 7.70
C23 1PE CB . 29.61 4.25 8.54
OH4 1PE CB . 30.55 4.65 6.35
C14 1PE CB . 31.61 3.06 4.81
C24 1PE CB . 31.62 3.75 6.18
OH5 1PE CB . 32.88 2.48 4.45
C15 1PE CB . 34.67 0.89 5.13
C25 1PE CB . 33.68 1.97 5.54
OH6 1PE CB . 35.58 0.69 6.21
C16 1PE CB . 35.13 0.85 8.62
C26 1PE CB . 35.09 -0.03 7.35
OH7 1PE CB . 34.92 0.07 9.80
MG MG DB . 12.92 34.98 -0.85
CL CL EB . 31.62 14.80 16.57
OH2 1PE FB . 25.00 10.40 22.66
C12 1PE FB . 25.07 11.47 21.71
C22 1PE FB . 26.10 11.15 20.62
OH3 1PE FB . 25.41 10.63 19.47
C13 1PE FB . 25.81 11.68 17.33
C23 1PE FB . 24.91 11.61 18.55
OH4 1PE FB . 27.17 11.78 17.77
C14 1PE FB . 29.12 10.82 16.78
C24 1PE FB . 28.16 12.00 16.77
OH5 1PE FB . 30.21 11.05 15.87
C15 1PE FB . 30.38 8.59 15.18
C25 1PE FB . 30.65 10.07 14.91
OH6 1PE FB . 29.25 8.18 14.40
C16 1PE FB . 28.02 6.50 13.11
C26 1PE FB . 29.17 6.78 14.09
OH7 1PE FB . 26.70 6.53 13.72
MG MG GB . 9.01 8.08 21.60
MG MG HB . -23.91 0.57 28.30
CL CL IB . -11.91 2.31 27.83
CL CL JB . -18.68 -6.40 40.59
CL CL KB . 12.29 1.92 46.47
CL CL LB . -0.20 18.18 37.40
OH2 1PE MB . 9.55 -9.96 39.02
C12 1PE MB . 8.82 -8.89 38.40
C22 1PE MB . 8.15 -9.45 37.15
OH3 1PE MB . 7.74 -8.38 36.29
C13 1PE MB . 8.57 -8.11 34.01
C23 1PE MB . 8.78 -7.79 35.49
OH4 1PE MB . 7.83 -7.05 33.38
C14 1PE MB . 6.82 -6.41 31.26
C24 1PE MB . 8.10 -6.82 31.99
OH5 1PE MB . 6.55 -7.33 30.20
C15 1PE MB . 7.26 -8.12 28.04
C25 1PE MB . 6.99 -6.89 28.92
OH6 1PE MB . 8.66 -8.43 27.92
C16 1PE MB . 9.03 -6.78 26.08
C26 1PE MB . 9.57 -7.49 27.33
OH7 1PE MB . 10.04 -6.01 25.41
OH2 1PE NB . -6.79 -22.24 -5.76
C12 1PE NB . -7.85 -23.18 -5.63
C22 1PE NB . -7.57 -24.18 -4.51
OH3 1PE NB . -8.46 -25.29 -4.64
C13 1PE NB . -8.48 -26.18 -2.39
C23 1PE NB . -8.12 -26.43 -3.85
OH4 1PE NB . -8.42 -27.42 -1.68
C14 1PE NB . -10.49 -27.60 -0.46
C24 1PE NB . -8.98 -27.36 -0.38
OH5 1PE NB . -11.18 -26.35 -0.34
C15 1PE NB . -11.92 -24.53 1.17
C25 1PE NB . -11.50 -25.99 1.02
OH6 1PE NB . -11.89 -23.79 -0.07
C16 1PE NB . -14.08 -22.81 -0.56
C26 1PE NB . -13.07 -23.91 -0.87
OH7 1PE NB . -15.34 -23.05 -1.22
K K OB . -20.38 -29.25 14.52
CL CL PB . 16.51 -36.53 -8.18
CL CL QB . 18.24 -23.02 -8.68
CL CL RB . 17.35 -42.69 5.67
CL CL SB . 30.60 -14.19 -13.01
CL CL TB . 20.00 -17.93 -13.52
CL CL UB . 20.62 -23.53 -10.78
CL CL VB . 26.29 -12.96 -24.45
OH2 1PE WB . 27.20 -9.63 5.26
C12 1PE WB . 26.77 -9.98 3.93
C22 1PE WB . 26.91 -11.48 3.73
OH3 1PE WB . 25.64 -12.09 3.52
C13 1PE WB . 26.47 -14.33 3.00
C23 1PE WB . 25.64 -13.13 2.55
OH4 1PE WB . 27.72 -14.30 2.32
C14 1PE WB . 29.64 -15.42 1.38
C24 1PE WB . 28.28 -15.60 2.05
OH5 1PE WB . 30.58 -15.04 2.37
C15 1PE WB . 32.66 -13.95 3.04
C25 1PE WB . 31.71 -14.30 1.89
OH6 1PE WB . 33.05 -15.14 3.76
C16 1PE WB . 34.87 -16.38 4.78
C26 1PE WB . 34.21 -15.02 4.59
OH7 1PE WB . 36.30 -16.29 4.65
K K XB . 20.28 -15.92 -26.46
CL CL YB . -44.45 9.99 -36.41
CL CL ZB . -43.15 -7.28 -6.22
CL CL AC . -50.91 -30.04 -23.69
CL CL BC . -44.15 -19.26 -27.42
CL CL CC . -52.42 2.37 1.23
CL CL DC . -36.61 34.43 -0.18
CL CL EC . -58.66 37.25 -24.01
CL CL FC . -39.75 44.38 -43.80
CL CL GC . -31.81 33.18 -49.01
CL CL HC . -27.95 27.95 -63.11
CL CL IC . -27.53 17.35 -61.63
CL CL JC . -27.64 34.07 -54.87
CL CL KC . -22.45 -22.67 -33.20
K K LC . -47.23 -2.85 -42.39
MG MG MC . -18.70 -31.45 8.22
MG MG NC . -11.71 -13.11 -17.13
CL CL OC . -22.08 -26.91 -24.77
MG MG PC . -26.61 -5.95 25.33
CL CL QC . -38.58 -0.36 -4.51
OH2 1PE RC . -26.80 -1.75 -7.46
C12 1PE RC . -26.79 -0.64 -8.36
C22 1PE RC . -27.75 -0.85 -9.53
OH3 1PE RC . -29.13 -0.91 -9.07
C13 1PE RC . -31.26 -2.01 -9.65
C23 1PE RC . -29.81 -2.17 -9.16
OH4 1PE RC . -32.11 -1.52 -8.61
C14 1PE RC . -34.48 -0.92 -8.58
C24 1PE RC . -33.45 -2.05 -8.54
OH5 1PE RC . -34.79 -0.49 -7.25
C15 1PE RC . -34.51 1.19 -5.49
C25 1PE RC . -34.60 0.91 -7.00
OH6 1PE RC . -33.29 1.88 -5.20
C16 1PE RC . -32.31 4.08 -4.87
C26 1PE RC . -33.39 3.08 -4.43
OH7 1PE RC . -32.91 5.18 -5.58
MG MG SC . -19.58 14.98 -2.13
MG MG TC . 6.51 36.48 2.73
CL CL UC . -3.53 30.16 -0.46
CL CL VC . -29.26 35.00 -15.71
CL CL WC . 0.92 44.36 -8.47
CL CL XC . -24.11 33.32 5.94
CL CL YC . -2.88 50.56 11.25
OH2 1PE ZC . -17.97 28.58 -25.33
C12 1PE ZC . -17.56 29.01 -24.03
C22 1PE ZC . -18.70 28.91 -23.02
OH3 1PE ZC . -18.24 29.29 -21.71
C13 1PE ZC . -17.29 27.17 -21.02
C23 1PE ZC . -18.31 28.27 -20.72
OH4 1PE ZC . -16.90 26.51 -19.81
C14 1PE ZC . -17.32 24.91 -18.02
C24 1PE ZC . -17.82 25.51 -19.34
OH5 1PE ZC . -15.97 24.46 -18.17
C15 1PE ZC . -14.93 22.55 -17.12
C25 1PE ZC . -15.33 24.01 -16.96
OH6 1PE ZC . -13.59 22.34 -16.63
C16 1PE ZC . -13.29 20.17 -17.82
C26 1PE ZC . -12.72 21.55 -17.44
OH7 1PE ZC . -14.06 19.57 -16.76
K K AD . 23.70 21.43 -20.68
CL CL BD . 8.29 -16.60 -36.38
CL CL CD . 0.75 -17.50 -25.21
CL CL DD . 5.09 -5.04 -45.89
OH2 1PE ED . 18.57 -1.67 -14.86
C12 1PE ED . 19.63 -2.11 -15.71
C22 1PE ED . 19.46 -1.55 -17.12
OH3 1PE ED . 20.61 -0.76 -17.48
C13 1PE ED . 19.90 0.43 -19.51
C23 1PE ED . 20.83 -0.61 -18.88
OH4 1PE ED . 20.67 1.53 -20.02
C14 1PE ED . 21.27 3.87 -19.83
C24 1PE ED . 20.16 2.83 -19.68
OH5 1PE ED . 21.47 4.55 -18.59
C15 1PE ED . 20.45 5.91 -16.84
C25 1PE ED . 20.52 5.58 -18.33
OH6 1PE ED . 20.54 4.72 -16.05
C16 1PE ED . 21.86 5.19 -14.05
C26 1PE ED . 21.80 4.49 -15.41
OH7 1PE ED . 23.19 5.63 -13.73
CL CL FD . -1.35 -22.38 -20.21
CL CL GD . 0.11 -20.49 -25.83
CL CL HD . -4.37 -34.83 -15.69
CL CL ID . -11.51 -27.06 -21.48
OH2 1PE JD . -22.49 -14.27 -30.86
C12 1PE JD . -21.63 -13.15 -31.10
C22 1PE JD . -20.37 -13.28 -30.27
OH3 1PE JD . -20.67 -13.41 -28.87
C13 1PE JD . -19.64 -13.81 -26.67
C23 1PE JD . -19.59 -13.04 -27.99
OH4 1PE JD . -18.33 -14.31 -26.31
C14 1PE JD . -16.04 -13.44 -26.07
C24 1PE JD . -17.52 -13.33 -25.68
OH5 1PE JD . -15.32 -12.28 -25.60
C15 1PE JD . -14.34 -11.13 -23.60
C25 1PE JD . -15.29 -12.17 -24.16
OH6 1PE JD . -15.04 -10.12 -22.87
C16 1PE JD . -16.78 -9.57 -21.30
C26 1PE JD . -15.57 -10.48 -21.60
OH7 1PE JD . -17.81 -10.22 -20.54
K K KD . 2.83 -33.93 -14.87
CL CL LD . 26.68 6.44 -12.75
CL CL MD . -18.55 -24.24 -1.85
#